data_1YQ2
#
_entry.id   1YQ2
#
_cell.length_a   140.091
_cell.length_b   205.698
_cell.length_c   140.458
_cell.angle_alpha   90.00
_cell.angle_beta   102.34
_cell.angle_gamma   90.00
#
_symmetry.space_group_name_H-M   'P 1 21 1'
#
loop_
_entity.id
_entity.type
_entity.pdbx_description
1 polymer beta-galactosidase
2 non-polymer 'MAGNESIUM ION'
3 non-polymer 'SODIUM ION'
4 non-polymer 'CHLORIDE ION'
5 non-polymer 'SULFATE ION'
6 non-polymer DI(HYDROXYETHYL)ETHER
7 water water
#
_entity_poly.entity_id   1
_entity_poly.type   'polypeptide(L)'
_entity_poly.pdbx_seq_one_letter_code
;HMTTADVSYLTDQGPGSGRRVPARSWLHSDAPALSLNGDWRFRLLPAAPGTAGAGSVLPSGETVEGVAAESYDDAAWDTL
PVPSHWVMGQDGKYGRPIYTNVQYPFPIDPPHVPDANPTGDFRRRFDVPAQWFESTTAALTLRFDGVESRYKVWVNGQEI
GVGSGSRLAQEFDVSDALRAGSNLLVVRVHQWSAASYLEDQDQWWLPGIFRDVTLQARPAGGITDAWLRTGWSARSGAGT
GTIDPEITADATAFPVTLSVPELGVNVTWKSAEEVAPLALENVEPWSAEVPRLYEASVSSAAESISVRLGFRTVRIVGDQ
FLVNGRRVVFHGVNRHETHPDRGRVFDEAGAREDLALMKRFNVNAIRTSHYPPHPRLLDLADEMGFWVILECDLETHGFE
AGGWVENPSDVPAWRDALVDRMERTVERDKNHPSIVMWSLGNESGTGSNLAAMAAWAHARDSSRPVHYEGDYTGAYTDVY
SRMYSSIPETDSIGRNDSHALLLGCDSAESARQRTKPFILCEYVHAMGNGPGAMDQYEALVDKYPRLHGGFVWEWRDHGI
RTRTAEGMEFFAYGGDFGEVVHDSNFVMDGMVLSDSTPTPGLYEFKQIVSPIRLGLSLPAGGKPTLAVANLRHTADASDV
VLRWRVEHDGAVAASGEVAAEGSDGPLRAGESATIALPAMPAAPLGETWLTVEAVLRDATGWAPAGHPLGAVQLDLSAPA
VPTRSPRPATPLDGALPVSLGPATFDAGTLVSLAGQPVSGPRLELWRAPTDNDRGAGFGAYGPGDPWLNSGRGVPAPSSE
AVWKQAGLDRLTRRVEDVAALPDGIRVRTRYAAADSTHSVAVEENWQLDGGELCLRIDITPSAGWNLVWPRIGVRWDLPT
DVDGAAWFGAGPRESYPDSMHATMVARHAASLEELNVPYARPQETGHRSDVRWLELDRAGAPWLRIDAEPDAAGRRPGFS
LARHTAQEIAAAGHPHELPTPSHSYLYVDAAQHGLGSRACGPDVWPDFALRPEARTLKLRISPA
;
_entity_poly.pdbx_strand_id   A,B,C,D,E,F
#
# COMPACT_ATOMS: atom_id res chain seq x y z
N ALA A 5 26.95 12.89 56.53
CA ALA A 5 26.47 11.48 56.51
C ALA A 5 26.22 10.98 55.08
N ASP A 6 26.34 9.67 54.91
CA ASP A 6 26.19 9.11 53.58
C ASP A 6 24.77 8.60 53.35
N VAL A 7 24.12 9.17 52.33
CA VAL A 7 22.75 8.83 51.93
C VAL A 7 22.63 8.03 50.62
N SER A 8 23.76 7.52 50.12
CA SER A 8 23.74 6.68 48.93
C SER A 8 22.87 5.40 49.05
N TYR A 9 22.58 4.95 50.28
CA TYR A 9 21.71 3.77 50.48
C TYR A 9 20.35 3.95 49.84
N LEU A 10 19.92 5.19 49.69
CA LEU A 10 18.57 5.45 49.19
C LEU A 10 18.42 5.04 47.70
N THR A 11 19.49 5.22 46.95
CA THR A 11 19.47 4.97 45.51
C THR A 11 20.31 3.77 45.09
N ASP A 12 20.90 3.09 46.09
CA ASP A 12 21.66 1.87 45.82
C ASP A 12 20.79 0.79 45.20
N GLN A 13 21.32 0.08 44.20
CA GLN A 13 20.53 -0.95 43.48
C GLN A 13 20.73 -2.38 44.01
N GLY A 14 21.47 -2.53 45.11
CA GLY A 14 21.75 -3.82 45.71
C GLY A 14 20.65 -4.27 46.65
N PRO A 15 20.78 -5.48 47.21
CA PRO A 15 19.70 -6.12 47.96
C PRO A 15 19.39 -5.56 49.39
N GLY A 16 20.24 -4.68 49.89
CA GLY A 16 20.21 -4.23 51.29
C GLY A 16 21.65 -4.34 51.77
N SER A 17 21.95 -3.85 52.97
CA SER A 17 23.34 -3.87 53.47
C SER A 17 23.37 -4.07 54.99
N GLY A 18 24.53 -4.27 55.57
CA GLY A 18 24.60 -4.39 57.04
C GLY A 18 24.63 -5.81 57.56
N ARG A 19 24.14 -5.99 58.78
CA ARG A 19 24.26 -7.25 59.51
C ARG A 19 23.14 -8.21 59.10
N ARG A 20 23.11 -8.55 57.82
CA ARG A 20 22.04 -9.37 57.27
C ARG A 20 22.19 -10.86 57.65
N VAL A 21 21.08 -11.48 58.01
CA VAL A 21 21.04 -12.92 58.32
C VAL A 21 20.60 -13.67 57.05
N PRO A 22 21.22 -14.84 56.70
CA PRO A 22 20.76 -15.65 55.54
C PRO A 22 19.26 -15.94 55.57
N ALA A 23 18.62 -15.87 54.41
CA ALA A 23 17.19 -16.16 54.30
C ALA A 23 16.86 -17.56 54.83
N ARG A 24 15.77 -17.66 55.59
CA ARG A 24 15.29 -18.95 56.10
C ARG A 24 13.76 -19.00 56.13
N SER A 25 13.18 -20.13 56.51
CA SER A 25 11.73 -20.25 56.61
C SER A 25 11.14 -19.40 57.73
N TRP A 26 9.88 -18.99 57.56
CA TRP A 26 9.06 -18.52 58.71
C TRP A 26 8.57 -19.77 59.43
N LEU A 27 8.95 -19.91 60.70
CA LEU A 27 8.70 -21.17 61.41
C LEU A 27 8.00 -20.92 62.73
N HIS A 28 7.23 -21.91 63.19
CA HIS A 28 6.66 -21.91 64.56
C HIS A 28 7.66 -22.58 65.51
N SER A 29 8.47 -21.76 66.16
CA SER A 29 9.52 -22.24 67.07
C SER A 29 9.14 -21.88 68.51
N ASP A 30 9.58 -22.69 69.48
CA ASP A 30 9.47 -22.29 70.89
C ASP A 30 10.61 -21.42 71.41
N ALA A 31 11.51 -20.96 70.54
CA ALA A 31 12.60 -20.07 70.96
C ALA A 31 12.05 -18.80 71.66
N PRO A 32 12.81 -18.22 72.63
CA PRO A 32 12.29 -17.00 73.23
C PRO A 32 12.16 -15.89 72.18
N ALA A 33 11.07 -15.16 72.23
CA ALA A 33 10.82 -14.10 71.26
C ALA A 33 10.01 -12.98 71.91
N LEU A 34 10.19 -11.76 71.40
CA LEU A 34 9.32 -10.65 71.77
C LEU A 34 8.81 -9.88 70.56
N SER A 35 7.55 -9.46 70.59
CA SER A 35 6.99 -8.60 69.54
C SER A 35 7.32 -7.15 69.84
N LEU A 36 7.76 -6.42 68.81
CA LEU A 36 8.02 -4.99 68.96
C LEU A 36 6.86 -4.15 68.41
N ASN A 37 5.78 -4.82 68.03
CA ASN A 37 4.57 -4.16 67.56
C ASN A 37 4.01 -3.31 68.70
N GLY A 38 3.36 -2.20 68.35
CA GLY A 38 2.71 -1.34 69.33
C GLY A 38 2.66 0.09 68.86
N ASP A 39 2.67 1.04 69.80
CA ASP A 39 2.68 2.44 69.41
C ASP A 39 4.09 2.99 69.55
N TRP A 40 4.72 3.35 68.41
CA TRP A 40 6.08 3.89 68.42
C TRP A 40 6.02 5.40 68.31
N ARG A 41 7.03 6.09 68.84
CA ARG A 41 7.22 7.50 68.54
C ARG A 41 7.49 7.66 67.04
N PHE A 42 6.84 8.65 66.44
CA PHE A 42 6.85 8.84 64.97
C PHE A 42 6.87 10.31 64.58
N ARG A 43 7.58 10.60 63.49
CA ARG A 43 7.45 11.89 62.83
C ARG A 43 7.61 11.70 61.32
N LEU A 44 6.86 12.50 60.57
CA LEU A 44 6.94 12.48 59.12
C LEU A 44 7.68 13.71 58.62
N LEU A 45 8.68 13.47 57.80
CA LEU A 45 9.46 14.54 57.19
C LEU A 45 9.08 14.53 55.70
N PRO A 46 9.05 15.71 55.05
CA PRO A 46 8.60 15.72 53.65
C PRO A 46 9.71 15.29 52.69
N ALA A 47 10.93 15.08 53.21
CA ALA A 47 12.10 14.78 52.39
C ALA A 47 13.07 13.90 53.16
N ALA A 48 14.00 13.29 52.42
CA ALA A 48 15.03 12.42 52.98
C ALA A 48 16.20 13.27 53.45
N PRO A 49 16.44 13.30 54.78
CA PRO A 49 17.60 14.05 55.33
C PRO A 49 18.94 13.65 54.68
N GLY A 50 19.78 14.65 54.44
CA GLY A 50 21.10 14.40 53.90
C GLY A 50 21.17 14.42 52.38
N THR A 51 20.02 14.39 51.71
CA THR A 51 19.98 14.50 50.24
C THR A 51 20.13 15.97 49.81
N ALA A 52 20.55 16.19 48.57
CA ALA A 52 20.94 17.54 48.12
C ALA A 52 19.79 18.54 48.16
N GLY A 53 18.57 18.08 47.88
CA GLY A 53 17.40 18.94 47.90
C GLY A 53 16.62 18.93 49.19
N ALA A 54 17.29 18.56 50.29
CA ALA A 54 16.67 18.55 51.63
C ALA A 54 17.53 19.29 52.65
N GLY A 55 18.24 20.32 52.18
CA GLY A 55 19.13 21.11 53.04
C GLY A 55 18.63 21.49 54.43
N SER A 56 17.36 21.89 54.54
CA SER A 56 16.80 22.38 55.81
C SER A 56 15.58 21.59 56.29
N VAL A 57 15.55 20.29 56.00
CA VAL A 57 14.39 19.47 56.35
C VAL A 57 14.27 19.21 57.88
N LEU A 58 15.41 19.14 58.55
CA LEU A 58 15.48 18.77 59.98
C LEU A 58 15.47 20.01 60.87
N PRO A 59 14.98 19.88 62.12
CA PRO A 59 15.08 20.98 63.09
C PRO A 59 16.50 21.52 63.20
N SER A 60 16.62 22.84 63.41
CA SER A 60 17.92 23.54 63.57
C SER A 60 19.23 22.80 63.88
C SER A 60 18.62 22.82 64.74
N GLY A 61 19.35 22.27 65.10
N GLY A 61 19.86 22.42 64.53
CA GLY A 61 20.61 21.68 65.54
C GLY A 61 20.78 20.18 65.28
N GLU A 62 19.84 19.57 64.56
CA GLU A 62 19.81 18.10 64.42
C GLU A 62 20.68 17.64 63.24
N THR A 63 21.51 16.63 63.48
CA THR A 63 22.40 16.10 62.44
C THR A 63 21.61 15.12 61.59
N VAL A 64 22.13 14.83 60.39
CA VAL A 64 21.41 14.01 59.40
C VAL A 64 20.87 12.73 60.02
N GLU A 65 21.69 12.02 60.80
CA GLU A 65 21.23 10.76 61.37
C GLU A 65 21.17 10.84 62.91
N GLY A 66 21.06 12.07 63.42
CA GLY A 66 20.99 12.31 64.85
C GLY A 66 19.83 11.62 65.53
N VAL A 67 18.78 11.34 64.78
CA VAL A 67 17.59 10.67 65.30
C VAL A 67 17.92 9.29 65.91
N ALA A 68 19.04 8.71 65.53
CA ALA A 68 19.38 7.34 65.95
C ALA A 68 20.01 7.28 67.34
N ALA A 69 20.48 8.44 67.82
CA ALA A 69 21.30 8.52 69.03
C ALA A 69 20.46 8.29 70.28
N GLU A 70 21.03 7.60 71.27
CA GLU A 70 20.28 7.28 72.51
C GLU A 70 19.92 8.53 73.34
N SER A 71 20.69 9.59 73.20
CA SER A 71 20.46 10.84 73.92
C SER A 71 19.40 11.71 73.27
N TYR A 72 18.96 11.31 72.08
CA TYR A 72 17.99 12.10 71.31
C TYR A 72 16.65 12.30 72.03
N ASP A 73 16.12 13.51 71.95
CA ASP A 73 14.91 13.85 72.63
C ASP A 73 13.70 13.89 71.70
N ASP A 74 12.86 12.86 71.83
CA ASP A 74 11.65 12.72 71.04
C ASP A 74 10.39 12.86 71.92
N ALA A 75 10.55 13.53 73.06
CA ALA A 75 9.45 13.64 74.04
C ALA A 75 8.19 14.31 73.46
N ALA A 76 8.38 15.31 72.61
CA ALA A 76 7.27 16.02 71.97
C ALA A 76 6.66 15.28 70.76
N TRP A 77 7.22 14.13 70.36
CA TRP A 77 6.73 13.41 69.16
C TRP A 77 5.36 12.75 69.31
N ASP A 78 4.59 12.72 68.23
CA ASP A 78 3.37 11.90 68.17
C ASP A 78 3.76 10.42 68.23
N THR A 79 2.76 9.55 68.30
CA THR A 79 3.01 8.11 68.15
C THR A 79 2.19 7.59 66.97
N LEU A 80 2.56 6.41 66.47
CA LEU A 80 1.86 5.77 65.36
C LEU A 80 1.85 4.29 65.65
N PRO A 81 0.72 3.63 65.42
CA PRO A 81 0.73 2.17 65.55
C PRO A 81 1.64 1.46 64.51
N VAL A 82 2.39 0.47 64.99
CA VAL A 82 3.14 -0.48 64.16
C VAL A 82 2.60 -1.87 64.50
N PRO A 83 2.10 -2.62 63.49
CA PRO A 83 2.06 -2.37 62.05
C PRO A 83 0.93 -1.42 61.61
N SER A 84 1.28 -0.47 60.75
CA SER A 84 0.30 0.30 60.00
C SER A 84 0.97 0.99 58.81
N HIS A 85 0.15 1.59 57.97
CA HIS A 85 0.61 2.52 56.93
C HIS A 85 0.33 3.93 57.46
N TRP A 86 1.30 4.83 57.38
CA TRP A 86 1.07 6.16 57.93
C TRP A 86 0.04 6.98 57.14
N VAL A 87 -0.24 6.54 55.92
CA VAL A 87 -1.22 7.24 55.08
C VAL A 87 -2.64 6.69 55.31
N MET A 88 -2.77 5.75 56.25
CA MET A 88 -4.06 5.10 56.56
C MET A 88 -4.43 5.34 58.05
N GLY A 89 -5.72 5.51 58.31
CA GLY A 89 -6.26 5.54 59.68
C GLY A 89 -5.89 6.75 60.51
N GLN A 90 -5.43 7.82 59.85
CA GLN A 90 -4.95 9.01 60.52
C GLN A 90 -5.69 10.26 60.04
N ASP A 91 -6.81 10.04 59.34
CA ASP A 91 -7.62 11.12 58.73
C ASP A 91 -6.80 12.11 57.89
N GLY A 92 -5.86 11.57 57.10
CA GLY A 92 -5.02 12.38 56.23
C GLY A 92 -3.91 13.17 56.91
N LYS A 93 -3.73 13.00 58.21
CA LYS A 93 -2.71 13.74 58.98
C LYS A 93 -1.29 13.64 58.41
N TYR A 94 -0.94 12.47 57.87
CA TYR A 94 0.38 12.24 57.31
C TYR A 94 0.28 11.90 55.83
N GLY A 95 -0.64 12.55 55.11
CA GLY A 95 -0.82 12.27 53.69
C GLY A 95 -1.82 11.16 53.42
N ARG A 96 -1.94 10.79 52.16
CA ARG A 96 -2.97 9.91 51.68
C ARG A 96 -2.41 8.91 50.68
N PRO A 97 -3.14 7.80 50.47
CA PRO A 97 -2.80 6.82 49.45
C PRO A 97 -2.73 7.46 48.06
N ILE A 98 -1.95 6.85 47.15
CA ILE A 98 -1.87 7.30 45.76
C ILE A 98 -2.14 6.07 44.92
N TYR A 99 -3.04 6.14 43.95
CA TYR A 99 -3.31 4.94 43.13
C TYR A 99 -2.79 5.16 41.71
N THR A 100 -1.84 4.33 41.27
CA THR A 100 -1.55 4.21 39.83
C THR A 100 -1.63 2.73 39.43
N ASN A 101 -1.98 2.49 38.17
CA ASN A 101 -2.03 1.16 37.64
C ASN A 101 -0.64 0.86 37.05
N VAL A 102 -0.37 1.38 35.85
CA VAL A 102 0.89 1.11 35.15
C VAL A 102 1.93 2.24 35.36
N GLN A 103 1.47 3.47 35.28
CA GLN A 103 2.38 4.60 35.36
C GLN A 103 3.10 4.71 36.70
N TYR A 104 4.41 4.98 36.68
CA TYR A 104 5.08 5.38 37.93
C TYR A 104 4.63 6.79 38.37
N PRO A 105 4.50 7.03 39.70
CA PRO A 105 4.15 8.38 40.20
C PRO A 105 5.37 9.32 40.37
N PHE A 106 6.52 8.92 39.82
CA PHE A 106 7.74 9.70 39.81
C PHE A 106 8.39 9.52 38.41
N PRO A 107 9.28 10.45 38.01
CA PRO A 107 9.94 10.31 36.70
C PRO A 107 10.68 8.97 36.55
N ILE A 108 10.76 8.46 35.31
CA ILE A 108 11.47 7.20 35.08
C ILE A 108 12.95 7.56 34.86
N ASP A 109 13.72 7.51 35.93
CA ASP A 109 15.05 8.10 35.94
C ASP A 109 15.90 7.25 36.89
N PRO A 110 15.93 5.92 36.67
CA PRO A 110 16.50 4.99 37.66
C PRO A 110 17.98 5.24 37.87
N PRO A 111 18.46 5.12 39.14
CA PRO A 111 17.76 4.78 40.39
C PRO A 111 17.27 6.00 41.22
N HIS A 112 17.22 7.19 40.62
CA HIS A 112 16.79 8.43 41.33
C HIS A 112 15.31 8.53 41.65
N VAL A 113 15.01 9.13 42.80
CA VAL A 113 13.64 9.32 43.26
C VAL A 113 13.40 10.80 43.58
N PRO A 114 12.13 11.23 43.67
CA PRO A 114 11.85 12.67 43.91
C PRO A 114 12.42 13.24 45.24
N ASP A 115 12.63 14.56 45.26
CA ASP A 115 13.00 15.30 46.49
C ASP A 115 11.86 15.30 47.51
N ALA A 116 10.61 15.36 47.04
CA ALA A 116 9.44 15.18 47.87
C ALA A 116 9.31 13.70 48.09
N ASN A 117 9.77 13.29 49.27
CA ASN A 117 9.87 11.89 49.59
C ASN A 117 9.48 11.72 51.04
N PRO A 118 8.18 11.50 51.32
CA PRO A 118 7.75 11.29 52.71
C PRO A 118 8.64 10.27 53.39
N THR A 119 9.25 10.71 54.49
CA THR A 119 10.22 9.91 55.24
C THR A 119 9.77 9.87 56.70
N GLY A 120 9.46 8.66 57.17
CA GLY A 120 8.99 8.44 58.54
C GLY A 120 10.12 7.98 59.47
N ASP A 121 10.31 8.68 60.58
CA ASP A 121 11.23 8.23 61.64
C ASP A 121 10.42 7.54 62.73
N PHE A 122 10.84 6.33 63.11
CA PHE A 122 10.17 5.51 64.11
C PHE A 122 11.17 5.24 65.23
N ARG A 123 10.74 5.40 66.49
CA ARG A 123 11.63 5.15 67.64
C ARG A 123 10.88 4.34 68.70
N ARG A 124 11.54 3.31 69.19
CA ARG A 124 10.89 2.28 70.00
C ARG A 124 11.88 1.92 71.09
N ARG A 125 11.42 1.97 72.34
CA ARG A 125 12.19 1.49 73.49
C ARG A 125 11.64 0.13 73.87
N PHE A 126 12.54 -0.75 74.30
CA PHE A 126 12.14 -2.11 74.63
C PHE A 126 13.11 -2.73 75.63
N ASP A 127 12.62 -3.77 76.29
CA ASP A 127 13.37 -4.46 77.34
C ASP A 127 13.76 -5.83 76.83
N VAL A 128 15.03 -6.16 76.98
CA VAL A 128 15.51 -7.50 76.67
C VAL A 128 15.91 -8.22 77.96
N PRO A 129 15.29 -9.40 78.22
CA PRO A 129 15.59 -10.24 79.39
C PRO A 129 17.07 -10.56 79.50
N ALA A 130 17.60 -10.48 80.71
CA ALA A 130 19.05 -10.68 80.96
C ALA A 130 19.49 -12.08 80.61
N GLN A 131 18.55 -13.02 80.70
CA GLN A 131 18.78 -14.41 80.35
C GLN A 131 19.16 -14.60 78.87
N TRP A 132 18.67 -13.70 78.01
CA TRP A 132 18.97 -13.77 76.56
C TRP A 132 20.45 -13.58 76.29
N PHE A 133 21.18 -13.18 77.32
CA PHE A 133 22.61 -12.94 77.20
C PHE A 133 23.48 -14.05 77.82
N GLU A 134 22.84 -15.07 78.37
CA GLU A 134 23.54 -16.26 78.88
C GLU A 134 23.98 -17.14 77.72
N SER A 135 24.84 -18.12 77.99
CA SER A 135 25.46 -18.93 76.94
C SER A 135 24.47 -19.88 76.25
N THR A 136 23.30 -20.07 76.85
CA THR A 136 22.22 -20.86 76.26
C THR A 136 21.59 -20.18 75.01
N THR A 137 21.97 -18.93 74.75
CA THR A 137 21.55 -18.20 73.56
C THR A 137 22.78 -17.94 72.70
N ALA A 138 22.68 -18.34 71.43
CA ALA A 138 23.76 -18.13 70.47
C ALA A 138 23.75 -16.77 69.79
N ALA A 139 22.57 -16.24 69.48
CA ALA A 139 22.48 -15.00 68.71
C ALA A 139 21.12 -14.36 68.94
N LEU A 140 21.04 -13.07 68.63
CA LEU A 140 19.78 -12.35 68.76
C LEU A 140 19.46 -11.79 67.38
N THR A 141 18.25 -12.08 66.92
CA THR A 141 17.83 -11.65 65.59
C THR A 141 16.66 -10.67 65.66
N LEU A 142 16.76 -9.57 64.92
CA LEU A 142 15.69 -8.61 64.69
C LEU A 142 15.06 -8.89 63.32
N ARG A 143 13.74 -9.06 63.29
CA ARG A 143 13.06 -9.46 62.06
C ARG A 143 12.00 -8.45 61.67
N PHE A 144 12.03 -8.00 60.42
CA PHE A 144 10.98 -7.18 59.81
C PHE A 144 10.24 -8.03 58.77
N ASP A 145 8.94 -8.23 58.95
CA ASP A 145 8.16 -8.94 57.95
C ASP A 145 7.65 -8.11 56.75
N GLY A 146 7.80 -6.77 56.81
CA GLY A 146 7.26 -5.93 55.73
C GLY A 146 7.34 -4.43 56.03
N VAL A 147 8.09 -3.70 55.20
CA VAL A 147 8.23 -2.24 55.33
C VAL A 147 8.23 -1.65 53.92
N GLU A 148 7.45 -0.59 53.69
CA GLU A 148 7.40 0.05 52.36
C GLU A 148 7.94 1.48 52.44
N SER A 149 9.01 1.83 51.72
CA SER A 149 9.76 0.91 50.85
C SER A 149 11.03 0.84 51.70
C SER A 149 11.23 0.52 51.12
N ARG A 150 12.15 1.37 51.25
N ARG A 150 12.05 1.47 51.54
CA ARG A 150 13.44 1.19 51.93
C ARG A 150 13.59 1.75 53.34
N TYR A 151 14.37 1.08 54.19
CA TYR A 151 14.54 1.57 55.57
C TYR A 151 15.93 1.32 56.14
N LYS A 152 16.35 2.17 57.06
CA LYS A 152 17.63 2.02 57.72
C LYS A 152 17.35 1.86 59.21
N VAL A 153 18.15 0.98 59.84
CA VAL A 153 17.92 0.47 61.20
C VAL A 153 19.13 0.77 62.07
N TRP A 154 18.85 1.36 63.24
CA TRP A 154 19.89 1.60 64.24
C TRP A 154 19.39 1.05 65.56
N VAL A 155 20.28 0.41 66.29
CA VAL A 155 19.97 -0.15 67.60
C VAL A 155 21.00 0.41 68.56
N ASN A 156 20.54 1.14 69.57
CA ASN A 156 21.42 1.73 70.60
C ASN A 156 22.46 2.66 69.98
N GLY A 157 22.01 3.41 68.98
CA GLY A 157 22.86 4.35 68.25
C GLY A 157 23.73 3.76 67.15
N GLN A 158 23.78 2.42 67.04
CA GLN A 158 24.64 1.72 66.07
C GLN A 158 23.89 1.34 64.80
N GLU A 159 24.44 1.69 63.66
CA GLU A 159 23.82 1.27 62.41
C GLU A 159 23.84 -0.24 62.27
N ILE A 160 22.66 -0.83 62.09
CA ILE A 160 22.52 -2.27 61.88
C ILE A 160 22.46 -2.61 60.39
N GLY A 161 21.70 -1.85 59.62
CA GLY A 161 21.64 -2.12 58.17
C GLY A 161 20.51 -1.41 57.47
N VAL A 162 20.34 -1.77 56.19
CA VAL A 162 19.36 -1.15 55.32
C VAL A 162 18.58 -2.27 54.65
N GLY A 163 17.24 -2.20 54.72
CA GLY A 163 16.36 -3.23 54.15
C GLY A 163 15.62 -2.72 52.92
N SER A 164 15.27 -3.65 52.03
CA SER A 164 14.55 -3.36 50.77
C SER A 164 13.72 -4.59 50.46
N GLY A 165 12.68 -4.44 49.63
CA GLY A 165 11.82 -5.58 49.25
C GLY A 165 10.62 -5.46 50.15
N SER A 166 9.66 -4.61 49.75
CA SER A 166 8.60 -4.17 50.68
C SER A 166 7.76 -5.29 51.29
N ARG A 167 7.48 -6.35 50.54
CA ARG A 167 6.61 -7.41 51.06
C ARG A 167 7.39 -8.71 51.39
N LEU A 168 8.71 -8.54 51.52
CA LEU A 168 9.62 -9.64 51.79
C LEU A 168 10.18 -9.49 53.21
N ALA A 169 10.41 -10.61 53.89
CA ALA A 169 11.00 -10.59 55.24
C ALA A 169 12.51 -10.31 55.19
N GLN A 170 13.02 -9.61 56.20
CA GLN A 170 14.45 -9.42 56.37
C GLN A 170 14.81 -9.56 57.84
N GLU A 171 15.86 -10.33 58.14
CA GLU A 171 16.41 -10.46 59.49
C GLU A 171 17.78 -9.84 59.57
N PHE A 172 18.05 -9.20 60.72
CA PHE A 172 19.34 -8.63 61.07
C PHE A 172 19.90 -9.25 62.36
N ASP A 173 21.21 -9.37 62.42
CA ASP A 173 21.87 -9.88 63.63
C ASP A 173 22.20 -8.69 64.53
N VAL A 174 21.52 -8.61 65.67
CA VAL A 174 21.65 -7.49 66.60
C VAL A 174 22.37 -7.93 67.90
N SER A 175 22.94 -9.15 67.86
CA SER A 175 23.66 -9.78 68.99
C SER A 175 24.63 -8.84 69.71
N ASP A 176 25.43 -8.10 68.95
CA ASP A 176 26.41 -7.21 69.54
C ASP A 176 25.94 -5.79 69.84
N ALA A 177 24.72 -5.42 69.41
CA ALA A 177 24.24 -4.06 69.65
C ALA A 177 23.29 -3.96 70.85
N LEU A 178 22.65 -5.08 71.17
CA LEU A 178 21.70 -5.13 72.28
C LEU A 178 22.42 -5.27 73.61
N ARG A 179 21.75 -4.87 74.68
CA ARG A 179 22.28 -4.97 76.04
C ARG A 179 21.17 -5.56 76.90
N ALA A 180 21.53 -6.14 78.05
CA ALA A 180 20.49 -6.63 78.96
C ALA A 180 19.76 -5.40 79.48
N GLY A 181 18.44 -5.44 79.51
CA GLY A 181 17.67 -4.31 80.00
C GLY A 181 17.15 -3.39 78.92
N SER A 182 17.45 -2.08 79.06
CA SER A 182 16.88 -1.00 78.24
C SER A 182 17.60 -0.89 76.91
N ASN A 183 16.82 -0.89 75.82
CA ASN A 183 17.36 -0.76 74.46
C ASN A 183 16.50 0.19 73.63
N LEU A 184 17.10 0.70 72.55
CA LEU A 184 16.45 1.64 71.66
C LEU A 184 16.58 1.07 70.25
N LEU A 185 15.48 1.10 69.51
CA LEU A 185 15.43 0.76 68.08
C LEU A 185 14.93 2.00 67.35
N VAL A 186 15.67 2.43 66.32
CA VAL A 186 15.26 3.57 65.49
C VAL A 186 15.21 3.11 64.04
N VAL A 187 14.11 3.39 63.34
CA VAL A 187 13.97 3.00 61.94
C VAL A 187 13.53 4.21 61.12
N ARG A 188 14.26 4.50 60.06
CA ARG A 188 13.90 5.56 59.14
C ARG A 188 13.41 4.90 57.88
N VAL A 189 12.22 5.28 57.45
CA VAL A 189 11.52 4.56 56.37
C VAL A 189 11.19 5.61 55.33
N HIS A 190 11.55 5.34 54.07
CA HIS A 190 11.30 6.28 52.99
C HIS A 190 10.21 5.75 52.12
N GLN A 191 9.29 6.62 51.71
CA GLN A 191 8.25 6.17 50.79
C GLN A 191 8.91 5.78 49.44
N TRP A 192 9.72 6.67 48.90
CA TRP A 192 10.33 6.41 47.59
C TRP A 192 11.81 5.99 47.77
N SER A 193 12.24 5.03 46.99
CA SER A 193 13.67 4.63 46.99
C SER A 193 13.94 3.92 45.66
N ALA A 194 15.20 3.52 45.45
CA ALA A 194 15.53 2.75 44.25
C ALA A 194 14.64 1.54 44.15
N ALA A 195 14.25 0.96 45.30
CA ALA A 195 13.37 -0.22 45.27
C ALA A 195 11.95 0.03 44.67
N SER A 196 11.49 1.29 44.70
CA SER A 196 10.19 1.63 44.15
C SER A 196 10.12 1.30 42.65
N TYR A 197 11.26 1.38 41.96
CA TYR A 197 11.31 0.98 40.52
C TYR A 197 10.93 -0.48 40.34
N LEU A 198 11.15 -1.28 41.38
CA LEU A 198 10.91 -2.73 41.36
C LEU A 198 9.53 -3.12 41.86
N GLU A 199 8.72 -2.14 42.25
CA GLU A 199 7.47 -2.40 42.96
C GLU A 199 6.30 -1.64 42.37
N ASP A 200 6.13 -1.75 41.06
CA ASP A 200 5.11 -0.97 40.35
C ASP A 200 3.81 -1.74 40.19
N GLN A 201 3.41 -2.48 41.24
CA GLN A 201 2.17 -3.25 41.20
C GLN A 201 0.95 -2.32 41.00
N ASP A 202 -0.08 -2.86 40.36
CA ASP A 202 -1.36 -2.14 40.17
C ASP A 202 -2.15 -2.07 41.51
N GLN A 203 -1.95 -1.03 42.28
CA GLN A 203 -2.50 -0.96 43.65
C GLN A 203 -2.18 0.41 44.28
N TRP A 204 -2.73 0.69 45.46
CA TRP A 204 -2.38 1.91 46.18
C TRP A 204 -0.91 1.85 46.65
N TRP A 205 -0.21 2.98 46.56
CA TRP A 205 1.11 3.14 47.18
C TRP A 205 0.83 3.52 48.63
N LEU A 206 1.38 2.74 49.57
CA LEU A 206 1.04 2.82 51.02
C LEU A 206 2.29 2.64 51.91
N PRO A 207 3.01 3.72 52.22
CA PRO A 207 4.25 3.52 52.97
C PRO A 207 4.05 3.24 54.45
N GLY A 208 5.08 2.66 55.10
CA GLY A 208 5.05 2.40 56.52
C GLY A 208 5.56 1.02 56.90
N ILE A 209 5.65 0.77 58.21
CA ILE A 209 6.02 -0.56 58.74
C ILE A 209 4.72 -1.32 58.91
N PHE A 210 4.34 -2.09 57.90
CA PHE A 210 2.97 -2.54 57.79
C PHE A 210 2.83 -4.01 58.13
N ARG A 211 3.95 -4.67 58.44
CA ARG A 211 3.87 -6.02 59.05
C ARG A 211 4.75 -6.01 60.29
N ASP A 212 4.78 -7.15 60.97
CA ASP A 212 5.40 -7.31 62.29
C ASP A 212 6.86 -6.99 62.40
N VAL A 213 7.23 -6.53 63.58
CA VAL A 213 8.63 -6.36 63.96
C VAL A 213 8.84 -7.19 65.20
N THR A 214 9.82 -8.09 65.16
CA THR A 214 9.97 -9.08 66.21
C THR A 214 11.45 -9.32 66.51
N LEU A 215 11.70 -9.80 67.71
CA LEU A 215 13.04 -10.16 68.17
C LEU A 215 12.99 -11.61 68.59
N GLN A 216 14.05 -12.38 68.27
CA GLN A 216 14.09 -13.81 68.63
C GLN A 216 15.48 -14.15 69.18
N ALA A 217 15.53 -14.90 70.28
CA ALA A 217 16.80 -15.31 70.90
C ALA A 217 17.13 -16.67 70.31
N ARG A 218 18.08 -16.73 69.39
CA ARG A 218 18.43 -18.02 68.77
C ARG A 218 19.12 -18.94 69.80
N PRO A 219 18.50 -20.08 70.14
CA PRO A 219 19.16 -20.95 71.14
C PRO A 219 20.48 -21.59 70.66
N ALA A 220 21.47 -21.69 71.56
CA ALA A 220 22.67 -22.47 71.28
C ALA A 220 22.18 -23.90 71.10
N GLY A 221 22.61 -24.57 70.02
CA GLY A 221 22.16 -25.93 69.74
C GLY A 221 20.72 -26.01 69.25
N GLY A 222 20.20 -24.89 68.74
CA GLY A 222 18.85 -24.88 68.23
C GLY A 222 18.86 -25.25 66.76
N ILE A 223 17.71 -25.09 66.10
CA ILE A 223 17.59 -25.45 64.71
C ILE A 223 17.28 -24.15 63.97
N THR A 224 18.23 -23.67 63.17
CA THR A 224 18.06 -22.38 62.49
C THR A 224 16.95 -22.42 61.40
N ASP A 225 16.96 -23.48 60.60
CA ASP A 225 15.99 -23.62 59.54
C ASP A 225 15.74 -25.09 59.36
N ALA A 226 14.55 -25.42 58.85
CA ALA A 226 14.21 -26.80 58.53
C ALA A 226 13.36 -26.76 57.30
N TRP A 227 13.58 -27.72 56.42
CA TRP A 227 12.70 -27.90 55.28
C TRP A 227 12.25 -29.33 55.29
N LEU A 228 10.96 -29.53 55.54
CA LEU A 228 10.37 -30.87 55.49
C LEU A 228 9.65 -31.02 54.15
N ARG A 229 10.44 -31.45 53.17
CA ARG A 229 9.99 -31.59 51.80
C ARG A 229 9.21 -32.90 51.65
N THR A 230 7.97 -32.75 51.28
CA THR A 230 7.02 -33.80 51.33
C THR A 230 6.72 -34.36 49.91
N GLY A 231 6.25 -35.59 49.85
CA GLY A 231 5.81 -36.19 48.59
C GLY A 231 4.80 -37.28 48.86
N TRP A 232 4.14 -37.74 47.81
CA TRP A 232 3.11 -38.76 47.93
C TRP A 232 2.98 -39.50 46.61
N SER A 233 2.75 -40.80 46.70
CA SER A 233 2.50 -41.57 45.49
C SER A 233 1.51 -42.69 45.79
N ALA A 234 0.71 -43.05 44.77
CA ALA A 234 -0.43 -43.92 44.95
C ALA A 234 -0.02 -45.36 45.17
N ARG A 235 -0.72 -46.00 46.11
CA ARG A 235 -0.48 -47.39 46.51
C ARG A 235 -1.83 -48.03 46.86
N SER A 236 -2.06 -49.28 46.43
CA SER A 236 -3.32 -49.92 46.82
C SER A 236 -3.52 -49.64 48.31
N GLY A 237 -4.64 -49.01 48.64
CA GLY A 237 -4.87 -48.45 49.98
C GLY A 237 -4.67 -46.93 49.98
N ALA A 238 -4.24 -46.41 51.13
CA ALA A 238 -4.16 -44.97 51.37
C ALA A 238 -3.10 -44.27 50.50
N GLY A 239 -1.93 -44.92 50.37
CA GLY A 239 -0.81 -44.39 49.58
C GLY A 239 0.43 -44.23 50.44
N THR A 240 1.53 -43.84 49.79
CA THR A 240 2.84 -43.74 50.44
C THR A 240 3.33 -42.29 50.46
N GLY A 241 3.66 -41.80 51.64
CA GLY A 241 4.20 -40.46 51.86
C GLY A 241 5.72 -40.52 51.98
N THR A 242 6.41 -39.50 51.49
CA THR A 242 7.84 -39.39 51.68
C THR A 242 8.19 -38.07 52.34
N ILE A 243 9.23 -38.06 53.16
CA ILE A 243 9.76 -36.81 53.77
C ILE A 243 11.24 -36.75 53.39
N ASP A 244 11.66 -35.63 52.83
CA ASP A 244 13.05 -35.44 52.43
C ASP A 244 13.54 -34.23 53.23
N PRO A 245 14.10 -34.50 54.43
CA PRO A 245 14.36 -33.42 55.37
C PRO A 245 15.68 -32.72 55.10
N GLU A 246 15.70 -31.42 55.38
CA GLU A 246 16.92 -30.66 55.38
C GLU A 246 16.94 -29.91 56.71
N ILE A 247 18.05 -30.04 57.45
CA ILE A 247 18.20 -29.37 58.75
C ILE A 247 19.37 -28.40 58.70
N THR A 248 19.12 -27.14 59.02
CA THR A 248 20.17 -26.15 59.08
C THR A 248 20.39 -25.89 60.58
N ALA A 249 21.48 -26.48 61.09
CA ALA A 249 21.78 -26.42 62.53
C ALA A 249 23.24 -26.71 62.78
N ASP A 250 23.74 -26.08 63.84
CA ASP A 250 25.08 -26.26 64.37
C ASP A 250 25.28 -27.74 64.73
N ALA A 251 26.54 -28.19 64.76
CA ALA A 251 26.85 -29.57 65.18
C ALA A 251 26.34 -29.88 66.60
N THR A 252 26.36 -28.88 67.46
CA THR A 252 25.92 -29.06 68.85
C THR A 252 24.40 -29.27 68.97
N ALA A 253 23.65 -29.11 67.88
CA ALA A 253 22.19 -29.30 67.93
C ALA A 253 21.83 -30.77 68.01
N PHE A 254 22.72 -31.62 67.53
CA PHE A 254 22.42 -33.05 67.44
C PHE A 254 22.46 -33.72 68.84
N PRO A 255 21.55 -34.69 69.11
CA PRO A 255 20.53 -35.35 68.30
C PRO A 255 19.29 -34.49 68.03
N VAL A 256 18.81 -34.54 66.79
CA VAL A 256 17.62 -33.84 66.36
C VAL A 256 16.58 -34.92 66.08
N THR A 257 15.39 -34.78 66.68
CA THR A 257 14.34 -35.77 66.53
C THR A 257 13.19 -35.26 65.67
N LEU A 258 12.76 -36.08 64.72
CA LEU A 258 11.56 -35.81 63.93
C LEU A 258 10.43 -36.67 64.47
N SER A 259 9.33 -36.02 64.82
CA SER A 259 8.16 -36.71 65.33
C SER A 259 6.91 -36.38 64.49
N VAL A 260 6.24 -37.43 63.98
CA VAL A 260 4.94 -37.32 63.34
C VAL A 260 4.05 -38.38 64.04
N PRO A 261 3.52 -38.04 65.25
CA PRO A 261 2.81 -39.01 66.12
C PRO A 261 1.72 -39.80 65.39
N GLU A 262 0.87 -39.12 64.63
CA GLU A 262 -0.26 -39.78 63.97
C GLU A 262 0.20 -40.87 63.00
N LEU A 263 1.43 -40.75 62.49
CA LEU A 263 1.93 -41.74 61.56
C LEU A 263 2.93 -42.68 62.25
N GLY A 264 3.11 -42.56 63.57
CA GLY A 264 4.06 -43.40 64.31
C GLY A 264 5.51 -43.16 63.94
N VAL A 265 5.85 -41.92 63.60
CA VAL A 265 7.23 -41.59 63.21
C VAL A 265 7.92 -40.94 64.39
N ASN A 266 9.05 -41.52 64.77
CA ASN A 266 9.91 -40.91 65.77
C ASN A 266 11.31 -41.32 65.40
N VAL A 267 12.01 -40.44 64.69
CA VAL A 267 13.32 -40.71 64.12
C VAL A 267 14.32 -39.75 64.73
N THR A 268 15.39 -40.30 65.30
CA THR A 268 16.41 -39.46 65.91
C THR A 268 17.67 -39.47 65.03
N TRP A 269 18.05 -38.28 64.59
CA TRP A 269 19.27 -38.09 63.79
C TRP A 269 20.39 -37.72 64.74
N LYS A 270 21.39 -38.61 64.85
CA LYS A 270 22.45 -38.43 65.85
C LYS A 270 23.56 -37.54 65.34
N SER A 271 23.59 -37.30 64.03
CA SER A 271 24.46 -36.29 63.44
C SER A 271 23.92 -35.90 62.05
N ALA A 272 24.49 -34.83 61.50
CA ALA A 272 24.05 -34.26 60.24
C ALA A 272 23.91 -35.30 59.11
N GLU A 273 24.83 -36.29 59.05
CA GLU A 273 24.81 -37.28 57.95
C GLU A 273 23.60 -38.21 58.03
N GLU A 274 23.02 -38.30 59.22
CA GLU A 274 21.87 -39.16 59.43
C GLU A 274 20.56 -38.54 58.93
N VAL A 275 20.53 -37.23 58.75
CA VAL A 275 19.33 -36.55 58.21
C VAL A 275 19.04 -36.99 56.76
N ALA A 276 18.16 -37.97 56.58
CA ALA A 276 17.97 -38.66 55.29
C ALA A 276 16.49 -38.90 54.92
N PRO A 277 16.20 -39.11 53.61
CA PRO A 277 14.80 -39.31 53.18
C PRO A 277 14.15 -40.51 53.88
N LEU A 278 12.87 -40.40 54.22
CA LEU A 278 12.10 -41.55 54.70
C LEU A 278 10.77 -41.74 53.96
N ALA A 279 10.31 -42.99 53.90
CA ALA A 279 9.05 -43.33 53.23
C ALA A 279 8.09 -43.81 54.31
N LEU A 280 6.84 -43.38 54.23
CA LEU A 280 5.83 -43.66 55.25
C LEU A 280 4.63 -44.30 54.54
N GLU A 281 4.23 -45.48 55.00
CA GLU A 281 3.09 -46.21 54.40
C GLU A 281 1.74 -45.71 54.97
N ASN A 282 0.68 -45.88 54.20
CA ASN A 282 -0.68 -45.47 54.57
C ASN A 282 -0.85 -44.01 54.95
N VAL A 283 -0.37 -43.15 54.07
CA VAL A 283 -0.47 -41.70 54.24
C VAL A 283 -1.56 -41.19 53.29
N GLU A 284 -2.44 -40.34 53.81
CA GLU A 284 -3.48 -39.66 53.03
C GLU A 284 -2.90 -38.39 52.38
N PRO A 285 -3.15 -38.19 51.06
CA PRO A 285 -2.54 -37.03 50.35
C PRO A 285 -3.20 -35.67 50.61
N TRP A 286 -2.40 -34.60 50.51
CA TRP A 286 -2.93 -33.24 50.59
C TRP A 286 -3.36 -32.79 49.18
N SER A 287 -4.53 -32.16 49.10
CA SER A 287 -5.01 -31.46 47.92
C SER A 287 -5.88 -30.28 48.36
N ALA A 288 -6.18 -29.36 47.44
CA ALA A 288 -7.08 -28.22 47.73
C ALA A 288 -8.43 -28.77 48.16
N GLU A 289 -8.87 -29.88 47.56
CA GLU A 289 -10.20 -30.44 47.91
C GLU A 289 -10.18 -31.09 49.29
N VAL A 290 -9.08 -31.78 49.59
CA VAL A 290 -8.91 -32.56 50.83
C VAL A 290 -7.55 -32.19 51.43
N PRO A 291 -7.49 -31.06 52.14
CA PRO A 291 -6.26 -30.50 52.69
C PRO A 291 -5.81 -31.23 53.97
N ARG A 292 -5.55 -32.53 53.83
CA ARG A 292 -5.16 -33.40 54.94
C ARG A 292 -3.76 -33.10 55.47
N LEU A 293 -3.68 -32.71 56.74
CA LEU A 293 -2.43 -32.31 57.34
C LEU A 293 -2.10 -33.20 58.51
N TYR A 294 -0.81 -33.46 58.72
CA TYR A 294 -0.31 -34.23 59.86
C TYR A 294 0.60 -33.39 60.74
N GLU A 295 0.35 -33.43 62.05
CA GLU A 295 1.12 -32.63 62.98
C GLU A 295 2.51 -33.25 63.12
N ALA A 296 3.53 -32.41 63.05
CA ALA A 296 4.92 -32.85 63.19
C ALA A 296 5.74 -31.88 64.00
N SER A 297 6.88 -32.35 64.51
CA SER A 297 7.84 -31.45 65.12
C SER A 297 9.23 -31.93 64.77
N VAL A 298 10.16 -30.99 64.67
CA VAL A 298 11.60 -31.33 64.69
C VAL A 298 12.21 -30.60 65.87
N SER A 299 12.98 -31.32 66.69
CA SER A 299 13.42 -30.81 67.98
C SER A 299 14.86 -31.20 68.25
N SER A 300 15.61 -30.26 68.80
CA SER A 300 16.84 -30.56 69.51
C SER A 300 16.50 -30.41 70.99
N ALA A 301 17.44 -30.71 71.88
CA ALA A 301 17.23 -30.37 73.30
C ALA A 301 16.94 -28.86 73.53
N ALA A 302 17.49 -27.95 72.70
CA ALA A 302 17.35 -26.51 72.91
C ALA A 302 16.15 -25.82 72.22
N GLU A 303 15.55 -26.45 71.23
CA GLU A 303 14.50 -25.77 70.46
C GLU A 303 13.61 -26.77 69.76
N SER A 304 12.30 -26.51 69.72
CA SER A 304 11.36 -27.36 68.99
C SER A 304 10.58 -26.55 67.95
N ILE A 305 10.49 -27.09 66.74
CA ILE A 305 9.79 -26.42 65.65
C ILE A 305 8.54 -27.23 65.34
N SER A 306 7.39 -26.58 65.36
CA SER A 306 6.14 -27.28 65.00
C SER A 306 5.71 -26.99 63.54
N VAL A 307 5.38 -28.06 62.82
CA VAL A 307 5.05 -27.97 61.40
C VAL A 307 3.83 -28.83 61.11
N ARG A 308 3.06 -28.47 60.09
CA ARG A 308 1.96 -29.33 59.65
C ARG A 308 2.29 -29.82 58.26
N LEU A 309 2.34 -31.14 58.10
CA LEU A 309 2.76 -31.78 56.86
C LEU A 309 1.57 -32.10 55.98
N GLY A 310 1.62 -31.65 54.73
CA GLY A 310 0.67 -32.10 53.72
C GLY A 310 1.44 -32.88 52.68
N PHE A 311 1.12 -34.14 52.51
CA PHE A 311 1.89 -34.99 51.58
C PHE A 311 1.35 -34.89 50.17
N ARG A 312 2.15 -34.32 49.26
CA ARG A 312 1.72 -34.16 47.85
C ARG A 312 2.92 -33.98 46.93
N THR A 313 2.79 -34.42 45.69
CA THR A 313 3.86 -34.33 44.71
C THR A 313 3.38 -33.59 43.46
N VAL A 314 4.08 -32.51 43.10
CA VAL A 314 3.78 -31.74 41.88
C VAL A 314 4.72 -32.22 40.76
N ARG A 315 4.14 -32.54 39.61
CA ARG A 315 4.94 -32.97 38.46
C ARG A 315 4.35 -32.41 37.17
N ILE A 316 5.21 -31.87 36.31
CA ILE A 316 4.83 -31.59 34.92
C ILE A 316 5.26 -32.78 34.06
N VAL A 317 4.32 -33.32 33.29
CA VAL A 317 4.60 -34.39 32.35
C VAL A 317 4.10 -33.92 30.99
N GLY A 318 5.04 -33.56 30.14
CA GLY A 318 4.69 -32.95 28.86
C GLY A 318 3.90 -31.68 29.10
N ASP A 319 2.67 -31.65 28.57
CA ASP A 319 1.85 -30.44 28.70
C ASP A 319 0.79 -30.55 29.80
N GLN A 320 1.00 -31.43 30.79
CA GLN A 320 0.07 -31.65 31.92
C GLN A 320 0.69 -31.25 33.24
N PHE A 321 -0.03 -30.47 34.03
CA PHE A 321 0.42 -30.08 35.36
C PHE A 321 -0.30 -31.01 36.33
N LEU A 322 0.43 -31.94 36.96
CA LEU A 322 -0.18 -32.96 37.83
C LEU A 322 0.14 -32.70 39.28
N VAL A 323 -0.83 -32.91 40.15
CA VAL A 323 -0.55 -33.00 41.56
C VAL A 323 -1.10 -34.36 41.99
N ASN A 324 -0.28 -35.10 42.71
CA ASN A 324 -0.65 -36.45 43.14
C ASN A 324 -1.09 -37.29 41.98
N GLY A 325 -0.43 -37.07 40.82
CA GLY A 325 -0.67 -37.92 39.65
C GLY A 325 -1.88 -37.58 38.79
N ARG A 326 -2.61 -36.51 39.14
CA ARG A 326 -3.77 -36.09 38.32
C ARG A 326 -3.72 -34.61 37.95
N ARG A 327 -4.16 -34.30 36.73
CA ARG A 327 -4.21 -32.92 36.21
C ARG A 327 -4.98 -31.99 37.15
N VAL A 328 -4.40 -30.85 37.45
CA VAL A 328 -5.09 -29.84 38.24
C VAL A 328 -5.72 -28.77 37.34
N VAL A 329 -7.01 -28.55 37.47
CA VAL A 329 -7.65 -27.37 36.84
C VAL A 329 -7.79 -26.29 37.90
N PHE A 330 -7.24 -25.12 37.61
CA PHE A 330 -7.25 -23.98 38.53
C PHE A 330 -8.49 -23.11 38.30
N HIS A 331 -9.31 -22.96 39.35
CA HIS A 331 -10.45 -22.05 39.35
C HIS A 331 -10.07 -21.01 40.37
N GLY A 332 -9.24 -20.06 39.94
CA GLY A 332 -8.52 -19.25 40.89
C GLY A 332 -8.90 -17.80 40.89
N VAL A 333 -8.36 -17.10 41.86
CA VAL A 333 -8.44 -15.64 41.93
C VAL A 333 -7.08 -15.02 42.23
N ASN A 334 -6.86 -13.83 41.68
CA ASN A 334 -5.78 -12.97 42.12
C ASN A 334 -6.21 -12.25 43.38
N ARG A 335 -5.40 -12.35 44.43
CA ARG A 335 -5.73 -11.75 45.72
C ARG A 335 -4.52 -11.13 46.40
N HIS A 336 -4.70 -9.92 46.93
CA HIS A 336 -3.74 -9.44 47.91
C HIS A 336 -4.49 -8.88 49.11
N GLU A 337 -3.80 -8.77 50.25
CA GLU A 337 -4.48 -8.35 51.49
C GLU A 337 -4.98 -6.95 51.25
N THR A 338 -6.23 -6.74 51.62
CA THR A 338 -6.84 -5.45 51.39
C THR A 338 -7.94 -5.14 52.40
N HIS A 339 -7.97 -3.88 52.81
CA HIS A 339 -8.94 -3.45 53.75
C HIS A 339 -9.12 -1.95 53.66
N PRO A 340 -10.40 -1.50 53.56
CA PRO A 340 -10.71 -0.08 53.34
C PRO A 340 -10.25 0.80 54.49
N ASP A 341 -9.96 0.17 55.63
CA ASP A 341 -9.53 0.89 56.82
C ASP A 341 -8.04 0.75 57.12
N ARG A 342 -7.50 -0.46 56.99
CA ARG A 342 -6.13 -0.74 57.44
C ARG A 342 -5.13 -1.03 56.32
N GLY A 343 -5.59 -0.96 55.06
CA GLY A 343 -4.73 -1.20 53.89
C GLY A 343 -4.25 -2.65 53.78
N ARG A 344 -2.93 -2.82 53.78
CA ARG A 344 -2.36 -4.16 53.58
C ARG A 344 -1.95 -4.89 54.88
N VAL A 345 -2.32 -4.31 56.02
CA VAL A 345 -2.06 -4.90 57.32
C VAL A 345 -2.89 -6.18 57.48
N PHE A 346 -2.22 -7.27 57.89
CA PHE A 346 -2.85 -8.57 58.03
C PHE A 346 -3.72 -8.63 59.28
N ASP A 347 -4.82 -9.35 59.20
CA ASP A 347 -5.66 -9.67 60.33
C ASP A 347 -6.18 -11.08 60.14
N GLU A 348 -5.83 -12.01 61.02
CA GLU A 348 -6.14 -13.43 60.80
C GLU A 348 -7.62 -13.74 60.71
N ALA A 349 -8.42 -13.12 61.58
CA ALA A 349 -9.88 -13.42 61.57
C ALA A 349 -10.49 -12.98 60.24
N GLY A 350 -10.14 -11.78 59.79
CA GLY A 350 -10.56 -11.25 58.49
C GLY A 350 -10.08 -12.10 57.31
N ALA A 351 -8.84 -12.56 57.37
CA ALA A 351 -8.28 -13.36 56.26
C ALA A 351 -8.98 -14.72 56.23
N ARG A 352 -9.27 -15.26 57.39
CA ARG A 352 -9.98 -16.53 57.44
C ARG A 352 -11.42 -16.41 56.86
N GLU A 353 -12.11 -15.31 57.16
CA GLU A 353 -13.45 -15.08 56.60
C GLU A 353 -13.38 -14.88 55.06
N ASP A 354 -12.31 -14.23 54.62
CA ASP A 354 -12.05 -13.97 53.19
C ASP A 354 -11.91 -15.27 52.44
N LEU A 355 -11.06 -16.18 52.93
CA LEU A 355 -10.88 -17.48 52.27
C LEU A 355 -12.12 -18.36 52.34
N ALA A 356 -12.87 -18.23 53.44
CA ALA A 356 -14.16 -18.98 53.53
C ALA A 356 -15.12 -18.47 52.47
N LEU A 357 -15.18 -17.15 52.25
CA LEU A 357 -16.07 -16.58 51.24
C LEU A 357 -15.63 -17.09 49.83
N MET A 358 -14.31 -17.14 49.57
CA MET A 358 -13.81 -17.78 48.33
C MET A 358 -14.32 -19.23 48.14
N LYS A 359 -14.19 -20.04 49.19
CA LYS A 359 -14.62 -21.45 49.09
C LYS A 359 -16.10 -21.57 48.77
N ARG A 360 -16.90 -20.66 49.33
CA ARG A 360 -18.35 -20.62 49.07
C ARG A 360 -18.68 -20.31 47.62
N PHE A 361 -17.73 -19.70 46.90
CA PHE A 361 -17.97 -19.42 45.48
C PHE A 361 -17.13 -20.29 44.53
N ASN A 362 -16.71 -21.47 45.04
CA ASN A 362 -16.05 -22.51 44.26
C ASN A 362 -14.62 -22.16 43.82
N VAL A 363 -14.01 -21.17 44.47
CA VAL A 363 -12.60 -20.83 44.24
C VAL A 363 -11.73 -21.99 44.82
N ASN A 364 -10.82 -22.55 44.02
CA ASN A 364 -9.88 -23.54 44.55
C ASN A 364 -8.40 -23.10 44.55
N ALA A 365 -8.11 -21.87 44.15
CA ALA A 365 -6.72 -21.48 43.93
C ALA A 365 -6.53 -19.99 44.12
N ILE A 366 -5.36 -19.61 44.62
CA ILE A 366 -5.01 -18.21 44.87
C ILE A 366 -3.66 -17.88 44.22
N ARG A 367 -3.59 -16.79 43.46
CA ARG A 367 -2.32 -16.23 43.07
C ARG A 367 -2.14 -14.99 43.93
N THR A 368 -0.99 -14.91 44.60
CA THR A 368 -0.71 -13.78 45.50
C THR A 368 -0.19 -12.59 44.71
N SER A 369 -1.10 -11.78 44.21
CA SER A 369 -0.72 -10.77 43.25
C SER A 369 -0.26 -9.50 43.96
N HIS A 370 0.99 -9.05 43.82
CA HIS A 370 2.07 -9.70 43.06
C HIS A 370 3.29 -9.62 43.95
N TYR A 371 3.21 -10.37 45.06
CA TYR A 371 4.23 -10.38 46.11
C TYR A 371 3.75 -11.36 47.18
N PRO A 372 4.66 -11.81 48.05
CA PRO A 372 4.24 -12.71 49.10
C PRO A 372 3.28 -12.02 50.09
N PRO A 373 2.26 -12.76 50.58
CA PRO A 373 1.33 -12.21 51.58
C PRO A 373 1.97 -12.29 52.97
N HIS A 374 1.26 -11.87 54.02
CA HIS A 374 1.75 -12.11 55.37
C HIS A 374 1.94 -13.63 55.49
N PRO A 375 3.01 -14.10 56.16
CA PRO A 375 3.30 -15.54 56.16
C PRO A 375 2.21 -16.41 56.76
N ARG A 376 1.47 -15.84 57.71
CA ARG A 376 0.35 -16.56 58.34
C ARG A 376 -0.73 -16.96 57.32
N LEU A 377 -0.88 -16.18 56.25
CA LEU A 377 -1.89 -16.50 55.25
C LEU A 377 -1.66 -17.86 54.62
N LEU A 378 -0.41 -18.28 54.45
CA LEU A 378 -0.12 -19.62 53.94
C LEU A 378 -0.52 -20.80 54.84
N ASP A 379 -0.43 -20.62 56.15
CA ASP A 379 -1.02 -21.60 57.10
C ASP A 379 -2.52 -21.75 56.86
N LEU A 380 -3.20 -20.64 56.63
CA LEU A 380 -4.61 -20.70 56.29
C LEU A 380 -4.90 -21.44 54.98
N ALA A 381 -4.07 -21.17 53.95
CA ALA A 381 -4.22 -21.86 52.67
C ALA A 381 -4.01 -23.38 52.79
N ASP A 382 -2.97 -23.78 53.56
CA ASP A 382 -2.70 -25.20 53.87
C ASP A 382 -3.90 -25.89 54.52
N GLU A 383 -4.52 -25.21 55.48
CA GLU A 383 -5.60 -25.76 56.30
C GLU A 383 -6.96 -25.80 55.57
N MET A 384 -7.27 -24.71 54.86
CA MET A 384 -8.57 -24.60 54.18
C MET A 384 -8.61 -25.23 52.80
N GLY A 385 -7.45 -25.26 52.14
CA GLY A 385 -7.35 -26.00 50.89
C GLY A 385 -7.47 -25.08 49.69
N PHE A 386 -6.34 -24.48 49.33
CA PHE A 386 -6.21 -23.76 48.06
C PHE A 386 -4.90 -24.12 47.40
N TRP A 387 -4.89 -24.27 46.08
CA TRP A 387 -3.64 -24.32 45.32
C TRP A 387 -3.07 -22.89 45.29
N VAL A 388 -1.79 -22.71 45.62
CA VAL A 388 -1.25 -21.35 45.65
C VAL A 388 -0.11 -21.15 44.64
N ILE A 389 -0.19 -20.03 43.91
CA ILE A 389 0.94 -19.55 43.13
C ILE A 389 1.54 -18.43 43.95
N LEU A 390 2.75 -18.65 44.48
CA LEU A 390 3.35 -17.70 45.38
C LEU A 390 4.28 -16.86 44.55
N GLU A 391 4.01 -15.56 44.49
CA GLU A 391 4.72 -14.68 43.54
C GLU A 391 5.69 -13.79 44.27
N CYS A 392 6.89 -13.70 43.73
CA CYS A 392 7.93 -12.80 44.20
C CYS A 392 7.52 -11.33 44.04
N ASP A 393 8.02 -10.46 44.94
CA ASP A 393 7.75 -9.03 44.91
C ASP A 393 8.58 -8.32 43.82
N LEU A 394 8.04 -8.24 42.61
CA LEU A 394 8.76 -7.64 41.48
C LEU A 394 7.75 -7.24 40.39
N GLU A 395 7.77 -5.96 40.03
CA GLU A 395 7.00 -5.41 38.91
C GLU A 395 7.63 -4.11 38.43
N THR A 396 8.11 -4.11 37.18
CA THR A 396 8.77 -2.95 36.56
C THR A 396 7.95 -2.50 35.35
N HIS A 397 6.63 -2.74 35.43
CA HIS A 397 5.67 -2.51 34.31
C HIS A 397 5.77 -1.12 33.65
N GLY A 398 6.01 -0.07 34.44
CA GLY A 398 6.18 1.30 33.89
C GLY A 398 7.32 1.51 32.89
N PHE A 399 8.26 0.56 32.80
CA PHE A 399 9.33 0.62 31.79
C PHE A 399 8.90 0.24 30.38
N GLU A 400 7.70 -0.33 30.26
CA GLU A 400 7.20 -0.82 28.98
C GLU A 400 7.07 0.26 27.91
N ALA A 401 6.46 1.38 28.28
CA ALA A 401 6.13 2.44 27.32
C ALA A 401 7.35 2.97 26.59
N GLY A 402 8.49 3.08 27.28
CA GLY A 402 9.74 3.47 26.63
C GLY A 402 10.50 2.30 25.99
N GLY A 403 9.80 1.21 25.68
CA GLY A 403 10.43 0.07 24.99
C GLY A 403 11.37 -0.73 25.89
N TRP A 404 11.08 -0.71 27.19
CA TRP A 404 11.87 -1.47 28.19
C TRP A 404 13.31 -1.00 28.33
N VAL A 405 13.63 0.20 27.87
CA VAL A 405 15.01 0.67 27.98
C VAL A 405 15.31 0.91 29.45
N GLU A 406 16.45 0.40 29.93
CA GLU A 406 16.84 0.49 31.36
C GLU A 406 15.94 -0.32 32.31
N ASN A 407 15.13 -1.23 31.74
CA ASN A 407 14.33 -2.18 32.53
C ASN A 407 15.26 -2.93 33.50
N PRO A 408 15.02 -2.84 34.83
CA PRO A 408 15.87 -3.51 35.82
C PRO A 408 16.00 -5.01 35.57
N SER A 409 15.00 -5.63 34.94
CA SER A 409 15.09 -7.06 34.61
C SER A 409 16.27 -7.47 33.69
N ASP A 410 16.86 -6.52 32.97
CA ASP A 410 17.98 -6.83 32.08
C ASP A 410 19.16 -5.89 32.28
N VAL A 411 19.20 -5.21 33.43
CA VAL A 411 20.31 -4.30 33.77
C VAL A 411 21.14 -4.98 34.86
N PRO A 412 22.45 -5.27 34.57
CA PRO A 412 23.29 -5.98 35.54
C PRO A 412 23.39 -5.33 36.94
N ALA A 413 23.24 -4.02 37.06
CA ALA A 413 23.35 -3.38 38.39
C ALA A 413 22.24 -3.85 39.36
N TRP A 414 21.12 -4.33 38.81
CA TRP A 414 19.99 -4.80 39.63
C TRP A 414 19.94 -6.31 39.87
N ARG A 415 20.90 -7.04 39.31
CA ARG A 415 20.82 -8.50 39.29
C ARG A 415 20.85 -9.12 40.67
N ASP A 416 21.81 -8.74 41.52
CA ASP A 416 21.86 -9.31 42.86
C ASP A 416 20.62 -9.00 43.69
N ALA A 417 20.05 -7.81 43.49
CA ALA A 417 18.77 -7.43 44.15
C ALA A 417 17.62 -8.33 43.74
N LEU A 418 17.52 -8.61 42.44
CA LEU A 418 16.44 -9.46 41.93
C LEU A 418 16.56 -10.92 42.37
N VAL A 419 17.76 -11.49 42.32
CA VAL A 419 17.93 -12.88 42.80
C VAL A 419 17.72 -12.92 44.32
N ASP A 420 18.19 -11.89 45.02
CA ASP A 420 17.95 -11.78 46.48
C ASP A 420 16.46 -11.79 46.82
N ARG A 421 15.65 -11.04 46.05
CA ARG A 421 14.21 -11.11 46.17
C ARG A 421 13.67 -12.53 45.99
N MET A 422 14.11 -13.24 44.95
CA MET A 422 13.63 -14.60 44.72
C MET A 422 14.02 -15.54 45.86
N GLU A 423 15.25 -15.40 46.38
CA GLU A 423 15.74 -16.23 47.45
C GLU A 423 14.89 -16.06 48.73
N ARG A 424 14.62 -14.81 49.10
CA ARG A 424 13.80 -14.51 50.29
C ARG A 424 12.36 -14.98 50.15
N THR A 425 11.83 -14.89 48.93
CA THR A 425 10.51 -15.36 48.61
C THR A 425 10.44 -16.87 48.81
N VAL A 426 11.39 -17.60 48.20
CA VAL A 426 11.38 -19.08 48.26
C VAL A 426 11.69 -19.60 49.66
N GLU A 427 12.71 -19.05 50.30
CA GLU A 427 13.11 -19.59 51.61
C GLU A 427 12.04 -19.38 52.69
N ARG A 428 11.32 -18.25 52.66
CA ARG A 428 10.30 -18.01 53.70
C ARG A 428 9.22 -19.08 53.70
N ASP A 429 8.77 -19.47 52.50
CA ASP A 429 7.54 -20.24 52.33
C ASP A 429 7.68 -21.68 51.83
N LYS A 430 8.91 -22.16 51.72
CA LYS A 430 9.18 -23.45 51.04
C LYS A 430 8.53 -24.66 51.72
N ASN A 431 8.15 -24.52 52.99
CA ASN A 431 7.49 -25.64 53.73
C ASN A 431 5.98 -25.84 53.48
N HIS A 432 5.34 -24.90 52.79
CA HIS A 432 3.86 -24.95 52.65
C HIS A 432 3.37 -25.86 51.50
N PRO A 433 2.57 -26.91 51.82
CA PRO A 433 2.10 -27.80 50.75
C PRO A 433 1.18 -27.09 49.75
N SER A 434 0.52 -26.01 50.18
CA SER A 434 -0.43 -25.33 49.28
C SER A 434 0.27 -24.70 48.06
N ILE A 435 1.54 -24.35 48.23
CA ILE A 435 2.31 -23.69 47.16
C ILE A 435 2.75 -24.73 46.16
N VAL A 436 2.23 -24.62 44.94
CA VAL A 436 2.56 -25.57 43.91
C VAL A 436 3.30 -24.91 42.73
N MET A 437 3.41 -23.59 42.73
CA MET A 437 4.27 -22.89 41.74
C MET A 437 4.89 -21.70 42.41
N TRP A 438 6.13 -21.40 42.02
CA TRP A 438 6.74 -20.11 42.34
C TRP A 438 6.60 -19.20 41.14
N SER A 439 6.30 -17.92 41.35
CA SER A 439 6.25 -16.97 40.25
C SER A 439 7.28 -15.89 40.46
N LEU A 440 7.98 -15.50 39.38
CA LEU A 440 9.08 -14.54 39.43
C LEU A 440 8.64 -13.12 39.71
N GLY A 441 7.38 -12.81 39.44
CA GLY A 441 6.93 -11.44 39.54
C GLY A 441 5.87 -11.23 38.47
N ASN A 442 5.66 -9.98 38.11
CA ASN A 442 4.56 -9.61 37.21
C ASN A 442 4.93 -8.50 36.26
N GLU A 443 4.61 -8.68 34.99
CA GLU A 443 4.71 -7.59 34.02
C GLU A 443 5.99 -6.78 34.14
N SER A 444 7.14 -7.47 34.01
CA SER A 444 8.43 -6.83 34.19
C SER A 444 9.32 -7.06 32.96
N GLY A 445 8.69 -7.22 31.79
CA GLY A 445 9.42 -7.47 30.55
C GLY A 445 10.18 -8.78 30.63
N THR A 446 11.28 -8.87 29.91
CA THR A 446 12.15 -10.06 30.06
C THR A 446 13.62 -9.62 30.17
N GLY A 447 14.49 -10.55 30.53
CA GLY A 447 15.87 -10.16 30.71
C GLY A 447 16.66 -11.24 31.40
N SER A 448 17.97 -11.04 31.40
CA SER A 448 18.90 -12.04 31.96
C SER A 448 18.67 -12.21 33.46
N ASN A 449 18.34 -11.11 34.15
CA ASN A 449 18.10 -11.16 35.60
C ASN A 449 16.90 -12.01 35.98
N LEU A 450 15.83 -11.95 35.19
CA LEU A 450 14.66 -12.84 35.42
C LEU A 450 15.02 -14.31 35.18
N ALA A 451 15.76 -14.56 34.11
CA ALA A 451 16.26 -15.93 33.87
C ALA A 451 17.16 -16.39 35.04
N ALA A 452 17.91 -15.47 35.64
CA ALA A 452 18.74 -15.85 36.80
C ALA A 452 17.90 -16.14 38.03
N MET A 453 16.78 -15.42 38.22
CA MET A 453 15.84 -15.78 39.31
C MET A 453 15.29 -17.20 39.13
N ALA A 454 14.87 -17.53 37.90
CA ALA A 454 14.32 -18.83 37.62
C ALA A 454 15.39 -19.92 37.81
N ALA A 455 16.64 -19.62 37.42
CA ALA A 455 17.76 -20.57 37.58
C ALA A 455 18.03 -20.84 39.06
N TRP A 456 17.92 -19.79 39.88
CA TRP A 456 18.16 -19.96 41.31
C TRP A 456 17.06 -20.86 41.89
N ALA A 457 15.80 -20.61 41.53
CA ALA A 457 14.67 -21.39 42.10
C ALA A 457 14.77 -22.82 41.67
N HIS A 458 15.11 -23.05 40.41
CA HIS A 458 15.32 -24.39 39.88
C HIS A 458 16.44 -25.13 40.64
N ALA A 459 17.50 -24.42 40.99
CA ALA A 459 18.66 -25.03 41.69
C ALA A 459 18.32 -25.30 43.14
N ARG A 460 17.53 -24.41 43.75
CA ARG A 460 17.16 -24.56 45.14
C ARG A 460 16.04 -25.58 45.36
N ASP A 461 14.97 -25.45 44.58
CA ASP A 461 13.74 -26.19 44.85
C ASP A 461 13.23 -26.82 43.57
N SER A 462 13.55 -28.10 43.37
CA SER A 462 13.08 -28.79 42.18
C SER A 462 11.63 -29.26 42.30
N SER A 463 11.00 -29.06 43.46
CA SER A 463 9.66 -29.60 43.70
C SER A 463 8.53 -28.77 43.10
N ARG A 464 8.82 -27.54 42.66
CA ARG A 464 7.77 -26.62 42.20
C ARG A 464 8.23 -25.93 40.92
N PRO A 465 7.39 -25.98 39.88
CA PRO A 465 7.63 -25.33 38.60
C PRO A 465 7.66 -23.81 38.77
N VAL A 466 8.33 -23.14 37.86
CA VAL A 466 8.46 -21.69 37.89
C VAL A 466 7.52 -21.10 36.82
N HIS A 467 6.76 -20.09 37.25
CA HIS A 467 5.78 -19.35 36.42
C HIS A 467 6.29 -17.92 36.21
N TYR A 468 6.07 -17.36 35.01
CA TYR A 468 6.28 -15.92 34.82
C TYR A 468 5.72 -15.54 33.45
N GLU A 469 4.64 -14.75 33.49
CA GLU A 469 3.90 -14.41 32.28
C GLU A 469 4.65 -13.47 31.30
N GLY A 470 5.61 -12.69 31.80
CA GLY A 470 6.44 -11.90 30.87
C GLY A 470 7.40 -12.70 29.98
N ASP A 471 7.52 -14.01 30.22
CA ASP A 471 8.44 -14.82 29.44
C ASP A 471 7.69 -15.33 28.21
N TYR A 472 7.39 -14.42 27.29
CA TYR A 472 6.45 -14.74 26.21
C TYR A 472 6.95 -15.86 25.32
N THR A 473 8.27 -15.88 25.13
CA THR A 473 8.88 -16.86 24.22
C THR A 473 9.28 -18.17 24.89
N GLY A 474 9.03 -18.32 26.20
CA GLY A 474 9.32 -19.58 26.92
C GLY A 474 10.81 -19.84 27.12
N ALA A 475 11.59 -18.79 27.36
CA ALA A 475 13.05 -18.95 27.53
C ALA A 475 13.52 -19.54 28.88
N TYR A 476 12.71 -19.43 29.92
CA TYR A 476 13.13 -19.87 31.27
C TYR A 476 12.00 -20.30 32.22
N THR A 477 10.79 -20.50 31.71
CA THR A 477 9.65 -20.91 32.56
C THR A 477 9.14 -22.31 32.25
N ASP A 478 8.50 -22.95 33.23
CA ASP A 478 8.06 -24.35 33.13
C ASP A 478 6.61 -24.48 32.69
N VAL A 479 5.85 -23.41 32.90
CA VAL A 479 4.46 -23.33 32.40
C VAL A 479 4.35 -22.13 31.48
N TYR A 480 3.45 -22.24 30.50
CA TYR A 480 3.08 -21.13 29.64
C TYR A 480 1.93 -20.37 30.28
N SER A 481 2.16 -19.11 30.59
CA SER A 481 1.14 -18.32 31.26
C SER A 481 0.79 -17.08 30.42
N ARG A 482 -0.51 -16.75 30.33
CA ARG A 482 -0.91 -15.53 29.63
C ARG A 482 -1.93 -14.77 30.48
N MET A 483 -2.16 -13.50 30.14
CA MET A 483 -3.19 -12.73 30.80
C MET A 483 -4.08 -12.17 29.73
N TYR A 484 -5.39 -12.39 29.91
CA TYR A 484 -6.43 -11.86 29.01
C TYR A 484 -6.27 -12.29 27.54
N SER A 485 -5.71 -13.47 27.30
CA SER A 485 -5.63 -13.95 25.91
C SER A 485 -7.09 -14.19 25.44
N SER A 486 -7.38 -13.86 24.19
CA SER A 486 -8.77 -13.92 23.72
C SER A 486 -9.23 -15.38 23.59
N ILE A 487 -10.54 -15.59 23.32
CA ILE A 487 -11.02 -16.98 23.09
C ILE A 487 -10.32 -17.62 21.86
N PRO A 488 -10.26 -16.88 20.71
CA PRO A 488 -9.49 -17.46 19.60
C PRO A 488 -8.03 -17.78 19.88
N GLU A 489 -7.32 -16.91 20.58
CA GLU A 489 -5.91 -17.21 20.85
C GLU A 489 -5.74 -18.37 21.84
N THR A 490 -6.60 -18.42 22.85
CA THR A 490 -6.51 -19.49 23.85
C THR A 490 -6.88 -20.84 23.23
N ASP A 491 -7.86 -20.81 22.34
CA ASP A 491 -8.15 -21.97 21.52
C ASP A 491 -6.91 -22.42 20.71
N SER A 492 -6.22 -21.46 20.10
CA SER A 492 -5.04 -21.77 19.29
C SER A 492 -3.91 -22.34 20.16
N ILE A 493 -3.82 -21.90 21.41
CA ILE A 493 -2.82 -22.44 22.35
C ILE A 493 -3.13 -23.90 22.67
N GLY A 494 -4.40 -24.17 22.96
CA GLY A 494 -4.84 -25.50 23.40
C GLY A 494 -4.83 -26.59 22.33
N ARG A 495 -5.12 -26.21 21.10
CA ARG A 495 -5.25 -27.20 20.05
C ARG A 495 -3.90 -27.66 19.53
N ASN A 496 -3.91 -28.88 18.99
CA ASN A 496 -2.72 -29.52 18.51
C ASN A 496 -2.55 -29.49 16.99
N ASP A 497 -3.40 -28.75 16.30
CA ASP A 497 -3.26 -28.61 14.85
C ASP A 497 -3.10 -27.14 14.42
N SER A 498 -2.49 -26.32 15.26
CA SER A 498 -2.26 -24.94 14.91
C SER A 498 -0.80 -24.57 15.06
N HIS A 499 -0.24 -23.93 14.03
CA HIS A 499 1.09 -23.35 14.11
C HIS A 499 1.06 -21.82 14.13
N ALA A 500 -0.13 -21.26 14.32
CA ALA A 500 -0.34 -19.81 14.49
C ALA A 500 0.61 -19.18 15.49
N LEU A 501 1.11 -17.98 15.17
CA LEU A 501 2.02 -17.25 16.05
C LEU A 501 1.30 -16.76 17.30
N LEU A 502 2.01 -16.84 18.42
CA LEU A 502 1.48 -16.44 19.71
C LEU A 502 2.12 -15.11 20.10
N LEU A 503 1.50 -14.38 21.03
CA LEU A 503 2.01 -13.06 21.46
C LEU A 503 3.50 -13.06 21.74
N GLY A 504 4.22 -12.16 21.07
CA GLY A 504 5.65 -11.97 21.27
C GLY A 504 6.58 -13.04 20.73
N CYS A 505 6.04 -14.01 19.98
CA CYS A 505 6.76 -15.20 19.53
C CYS A 505 6.89 -15.30 18.00
N ASP A 506 8.00 -15.90 17.56
CA ASP A 506 8.11 -16.35 16.19
C ASP A 506 7.55 -17.78 16.14
N SER A 507 7.62 -18.47 15.00
CA SER A 507 6.97 -19.78 14.88
C SER A 507 7.58 -20.83 15.83
N ALA A 508 8.89 -20.75 16.02
CA ALA A 508 9.59 -21.76 16.80
C ALA A 508 9.30 -21.56 18.27
N GLU A 509 9.25 -20.29 18.70
CA GLU A 509 8.90 -19.95 20.09
C GLU A 509 7.42 -20.29 20.41
N SER A 510 6.53 -20.07 19.45
CA SER A 510 5.11 -20.49 19.59
C SER A 510 4.99 -22.00 19.73
N ALA A 511 5.71 -22.75 18.90
CA ALA A 511 5.70 -24.21 19.04
C ALA A 511 6.16 -24.66 20.44
N ARG A 512 7.23 -24.03 20.94
CA ARG A 512 7.88 -24.31 22.22
C ARG A 512 6.84 -24.18 23.37
N GLN A 513 6.12 -23.08 23.31
CA GLN A 513 5.14 -22.76 24.34
C GLN A 513 3.97 -23.73 24.35
N ARG A 514 3.62 -24.25 23.17
CA ARG A 514 2.58 -25.28 23.11
C ARG A 514 2.98 -26.67 23.63
N THR A 515 4.23 -26.84 24.08
CA THR A 515 4.62 -28.12 24.71
C THR A 515 4.42 -28.13 26.24
N LYS A 516 4.03 -26.98 26.81
CA LYS A 516 4.01 -26.82 28.28
C LYS A 516 2.55 -26.72 28.76
N PRO A 517 2.29 -27.01 30.05
CA PRO A 517 0.92 -26.70 30.56
C PRO A 517 0.67 -25.20 30.44
N PHE A 518 -0.58 -24.85 30.21
CA PHE A 518 -1.01 -23.47 30.02
C PHE A 518 -1.93 -23.05 31.18
N ILE A 519 -1.71 -21.86 31.71
CA ILE A 519 -2.64 -21.25 32.67
C ILE A 519 -2.88 -19.76 32.31
N LEU A 520 -4.09 -19.23 32.57
CA LEU A 520 -4.30 -17.79 32.52
C LEU A 520 -4.02 -17.26 33.90
N CYS A 521 -2.93 -16.51 34.10
CA CYS A 521 -2.64 -15.97 35.43
C CYS A 521 -3.56 -14.78 35.77
N GLU A 522 -4.13 -14.15 34.74
CA GLU A 522 -5.18 -13.13 34.91
C GLU A 522 -6.15 -13.30 33.76
N TYR A 523 -7.45 -13.39 34.05
CA TYR A 523 -8.46 -13.35 32.97
C TYR A 523 -9.82 -12.82 33.49
N VAL A 524 -10.77 -12.65 32.54
CA VAL A 524 -12.13 -12.17 32.79
C VAL A 524 -12.16 -11.06 33.81
N HIS A 525 -11.45 -10.01 33.45
CA HIS A 525 -11.34 -8.79 34.22
C HIS A 525 -12.71 -8.38 34.77
N ALA A 526 -12.82 -8.31 36.09
CA ALA A 526 -14.14 -8.30 36.75
C ALA A 526 -14.73 -6.92 37.03
N MET A 527 -14.04 -5.86 36.59
CA MET A 527 -14.38 -4.48 36.94
C MET A 527 -15.81 -4.12 36.51
N GLY A 528 -16.56 -3.51 37.43
CA GLY A 528 -17.93 -3.03 37.16
C GLY A 528 -18.91 -4.14 36.84
N ASN A 529 -19.87 -3.85 35.96
CA ASN A 529 -20.87 -4.85 35.56
C ASN A 529 -20.22 -5.78 34.51
N GLY A 530 -20.08 -7.05 34.88
CA GLY A 530 -19.30 -8.02 34.08
C GLY A 530 -18.54 -8.98 35.01
N PRO A 531 -17.75 -9.90 34.43
CA PRO A 531 -17.40 -10.01 33.01
C PRO A 531 -18.27 -10.98 32.22
N GLY A 532 -18.25 -10.86 30.89
CA GLY A 532 -18.79 -11.92 30.02
C GLY A 532 -17.71 -12.91 29.68
N ALA A 533 -18.10 -14.02 29.04
CA ALA A 533 -17.16 -15.00 28.45
C ALA A 533 -16.57 -16.06 29.38
N MET A 534 -16.88 -16.02 30.68
CA MET A 534 -16.33 -17.06 31.58
C MET A 534 -16.67 -18.46 31.10
N ASP A 535 -17.86 -18.64 30.52
CA ASP A 535 -18.29 -19.94 30.04
C ASP A 535 -17.51 -20.34 28.78
N GLN A 536 -17.15 -19.35 27.95
CA GLN A 536 -16.33 -19.68 26.76
C GLN A 536 -14.92 -20.19 27.16
N TYR A 537 -14.34 -19.58 28.19
CA TYR A 537 -13.03 -19.99 28.68
C TYR A 537 -13.14 -21.37 29.28
N GLU A 538 -14.22 -21.58 30.02
CA GLU A 538 -14.43 -22.89 30.64
C GLU A 538 -14.65 -23.98 29.63
N ALA A 539 -15.37 -23.68 28.55
CA ALA A 539 -15.53 -24.65 27.46
C ALA A 539 -14.19 -25.06 26.84
N LEU A 540 -13.20 -24.14 26.79
CA LEU A 540 -11.87 -24.48 26.26
C LEU A 540 -11.13 -25.45 27.18
N VAL A 541 -11.23 -25.24 28.49
CA VAL A 541 -10.64 -26.16 29.46
C VAL A 541 -11.27 -27.55 29.34
N ASP A 542 -12.58 -27.59 29.09
CA ASP A 542 -13.29 -28.87 28.89
C ASP A 542 -12.69 -29.61 27.68
N LYS A 543 -12.33 -28.86 26.64
CA LYS A 543 -11.97 -29.41 25.35
C LYS A 543 -10.47 -29.78 25.19
N TYR A 544 -9.59 -29.04 25.83
CA TYR A 544 -8.16 -29.18 25.57
C TYR A 544 -7.36 -29.45 26.84
N PRO A 545 -6.82 -30.67 27.01
CA PRO A 545 -6.05 -31.04 28.20
C PRO A 545 -4.90 -30.08 28.58
N ARG A 546 -4.29 -29.42 27.58
CA ARG A 546 -3.17 -28.53 27.85
C ARG A 546 -3.60 -27.27 28.63
N LEU A 547 -4.88 -26.93 28.59
CA LEU A 547 -5.36 -25.71 29.27
C LEU A 547 -5.78 -26.05 30.69
N HIS A 548 -5.18 -25.37 31.67
CA HIS A 548 -5.40 -25.75 33.08
C HIS A 548 -6.21 -24.71 33.88
N GLY A 549 -7.00 -23.90 33.16
CA GLY A 549 -7.86 -22.92 33.81
C GLY A 549 -7.20 -21.57 33.96
N GLY A 550 -7.53 -20.89 35.05
CA GLY A 550 -7.07 -19.51 35.23
C GLY A 550 -7.49 -18.86 36.53
N PHE A 551 -6.93 -17.67 36.75
CA PHE A 551 -7.10 -16.87 37.95
C PHE A 551 -7.78 -15.58 37.55
N VAL A 552 -9.01 -15.40 38.01
CA VAL A 552 -9.80 -14.16 37.75
C VAL A 552 -9.05 -12.94 38.26
N TRP A 553 -9.03 -11.85 37.49
CA TRP A 553 -8.63 -10.53 38.01
C TRP A 553 -9.87 -9.69 38.35
N GLU A 554 -10.16 -9.39 39.64
CA GLU A 554 -9.46 -9.90 40.82
C GLU A 554 -10.48 -10.16 41.91
N TRP A 555 -10.02 -10.51 43.10
CA TRP A 555 -10.95 -10.96 44.12
C TRP A 555 -11.79 -9.79 44.63
N ARG A 556 -11.12 -8.72 45.04
CA ARG A 556 -11.77 -7.68 45.81
C ARG A 556 -11.49 -6.27 45.27
N ASP A 557 -12.51 -5.40 45.28
CA ASP A 557 -12.32 -3.95 45.08
C ASP A 557 -11.45 -3.41 46.21
N HIS A 558 -10.61 -2.42 45.92
CA HIS A 558 -9.76 -1.84 46.94
C HIS A 558 -10.16 -0.41 47.30
N GLY A 559 -11.42 -0.22 47.68
CA GLY A 559 -11.89 1.12 48.07
C GLY A 559 -11.26 1.54 49.38
N ILE A 560 -11.09 2.84 49.58
CA ILE A 560 -10.54 3.36 50.84
C ILE A 560 -11.67 4.11 51.51
N ARG A 561 -12.03 3.72 52.72
CA ARG A 561 -13.14 4.38 53.41
C ARG A 561 -12.73 5.79 53.80
N THR A 562 -13.56 6.76 53.42
CA THR A 562 -13.31 8.16 53.77
C THR A 562 -14.66 8.90 53.83
N ARG A 563 -14.59 10.23 53.97
CA ARG A 563 -15.78 11.06 54.13
C ARG A 563 -15.67 12.31 53.25
N THR A 564 -16.82 12.77 52.74
CA THR A 564 -16.88 14.06 52.02
C THR A 564 -16.64 15.20 53.01
N ALA A 565 -16.55 16.43 52.51
CA ALA A 565 -16.35 17.60 53.38
C ALA A 565 -17.53 17.81 54.33
N GLU A 566 -18.69 17.27 53.95
CA GLU A 566 -19.92 17.33 54.76
C GLU A 566 -20.11 16.09 55.62
N GLY A 567 -19.16 15.15 55.56
CA GLY A 567 -19.17 13.98 56.44
C GLY A 567 -19.87 12.73 55.92
N MET A 568 -20.18 12.71 54.62
CA MET A 568 -20.79 11.56 53.97
C MET A 568 -19.71 10.50 53.69
N GLU A 569 -19.89 9.31 54.25
CA GLU A 569 -18.93 8.22 54.08
C GLU A 569 -19.03 7.55 52.72
N PHE A 570 -17.86 7.27 52.13
CA PHE A 570 -17.80 6.55 50.86
C PHE A 570 -16.50 5.76 50.69
N PHE A 571 -16.47 4.88 49.69
CA PHE A 571 -15.23 4.21 49.29
C PHE A 571 -14.54 5.00 48.19
N ALA A 572 -13.39 5.58 48.53
CA ALA A 572 -12.58 6.35 47.60
C ALA A 572 -11.83 5.45 46.61
N TYR A 573 -11.67 5.94 45.38
CA TYR A 573 -10.77 5.29 44.43
C TYR A 573 -9.74 6.30 43.91
N GLY A 574 -8.96 5.91 42.91
CA GLY A 574 -7.90 6.77 42.37
C GLY A 574 -8.37 8.17 42.04
N GLY A 575 -7.57 9.17 42.43
CA GLY A 575 -7.90 10.57 42.17
C GLY A 575 -8.71 11.28 43.26
N ASP A 576 -9.37 10.52 44.12
CA ASP A 576 -10.18 11.07 45.21
C ASP A 576 -9.33 11.66 46.32
N PHE A 577 -8.03 11.37 46.27
CA PHE A 577 -7.09 11.93 47.25
C PHE A 577 -6.15 12.98 46.65
N GLY A 578 -6.61 13.67 45.60
CA GLY A 578 -5.86 14.75 44.97
C GLY A 578 -4.58 14.34 44.23
N GLU A 579 -4.45 13.06 43.85
CA GLU A 579 -3.23 12.59 43.16
C GLU A 579 -2.99 13.36 41.87
N VAL A 580 -1.71 13.61 41.57
CA VAL A 580 -1.31 14.27 40.34
C VAL A 580 -1.49 13.35 39.12
N VAL A 581 -0.93 12.14 39.20
CA VAL A 581 -1.27 11.08 38.24
C VAL A 581 -1.93 9.94 39.00
N HIS A 582 -2.93 9.34 38.38
CA HIS A 582 -3.69 8.28 39.05
C HIS A 582 -4.45 7.54 37.97
N ASP A 583 -5.00 6.38 38.33
CA ASP A 583 -5.77 5.60 37.38
C ASP A 583 -7.23 5.37 37.81
N SER A 584 -7.79 6.35 38.50
CA SER A 584 -9.24 6.43 38.71
C SER A 584 -9.81 5.15 39.33
N ASN A 585 -10.93 4.66 38.80
CA ASN A 585 -11.61 3.52 39.41
C ASN A 585 -11.08 2.15 38.99
N PHE A 586 -9.93 2.10 38.30
CA PHE A 586 -9.31 0.80 37.98
C PHE A 586 -8.87 -0.02 39.19
N VAL A 587 -8.81 0.63 40.35
CA VAL A 587 -8.53 -0.04 41.59
C VAL A 587 -9.79 -0.77 42.14
N MET A 588 -10.95 -0.54 41.51
CA MET A 588 -12.22 -1.18 41.87
C MET A 588 -12.56 -2.24 40.82
N ASP A 589 -11.80 -3.32 40.83
CA ASP A 589 -11.94 -4.31 39.78
C ASP A 589 -12.18 -5.72 40.29
N GLY A 590 -12.85 -5.81 41.44
CA GLY A 590 -13.08 -7.09 42.07
C GLY A 590 -14.40 -7.80 41.82
N MET A 591 -14.40 -9.10 42.11
CA MET A 591 -15.60 -9.92 42.17
C MET A 591 -16.43 -9.63 43.44
N VAL A 592 -15.78 -9.04 44.42
CA VAL A 592 -16.39 -8.74 45.73
C VAL A 592 -16.19 -7.25 45.94
N LEU A 593 -17.25 -6.57 46.40
CA LEU A 593 -17.20 -5.13 46.63
C LEU A 593 -16.42 -4.83 47.92
N SER A 594 -16.05 -3.57 48.13
CA SER A 594 -15.18 -3.24 49.29
C SER A 594 -15.78 -3.60 50.65
N ASP A 595 -17.10 -3.71 50.74
CA ASP A 595 -17.77 -4.11 51.99
C ASP A 595 -18.02 -5.63 52.08
N SER A 596 -17.37 -6.39 51.20
CA SER A 596 -17.47 -7.85 51.14
C SER A 596 -18.74 -8.41 50.50
N THR A 597 -19.52 -7.59 49.81
CA THR A 597 -20.66 -8.12 49.06
C THR A 597 -20.26 -8.83 47.74
N PRO A 598 -20.66 -10.09 47.54
CA PRO A 598 -20.45 -10.74 46.24
C PRO A 598 -21.28 -10.08 45.14
N THR A 599 -20.64 -9.84 44.01
CA THR A 599 -21.35 -9.27 42.87
C THR A 599 -22.03 -10.40 42.07
N PRO A 600 -22.97 -10.03 41.18
CA PRO A 600 -23.55 -11.06 40.30
C PRO A 600 -22.49 -11.78 39.42
N GLY A 601 -21.37 -11.12 39.10
CA GLY A 601 -20.35 -11.79 38.29
C GLY A 601 -19.74 -12.95 39.07
N LEU A 602 -19.69 -12.82 40.39
CA LEU A 602 -19.16 -13.88 41.25
C LEU A 602 -20.09 -15.11 41.34
N TYR A 603 -21.40 -14.87 41.38
CA TYR A 603 -22.36 -15.98 41.27
C TYR A 603 -22.28 -16.67 39.92
N GLU A 604 -22.03 -15.89 38.86
CA GLU A 604 -21.87 -16.47 37.51
C GLU A 604 -20.60 -17.35 37.43
N PHE A 605 -19.50 -16.82 37.93
CA PHE A 605 -18.25 -17.59 38.06
C PHE A 605 -18.53 -18.90 38.82
N LYS A 606 -19.14 -18.78 40.00
CA LYS A 606 -19.40 -19.95 40.87
C LYS A 606 -20.14 -21.07 40.13
N GLN A 607 -21.19 -20.69 39.39
CA GLN A 607 -21.97 -21.66 38.64
C GLN A 607 -21.14 -22.31 37.52
N ILE A 608 -20.40 -21.49 36.77
CA ILE A 608 -19.62 -21.99 35.60
C ILE A 608 -18.49 -22.96 36.06
N VAL A 609 -17.89 -22.72 37.20
CA VAL A 609 -16.76 -23.58 37.65
C VAL A 609 -17.15 -24.68 38.66
N SER A 610 -18.46 -24.89 38.82
CA SER A 610 -18.92 -25.89 39.82
C SER A 610 -18.27 -27.26 39.59
N PRO A 611 -17.78 -27.89 40.68
CA PRO A 611 -17.08 -29.17 40.60
C PRO A 611 -17.98 -30.34 40.20
N ILE A 612 -19.29 -30.17 40.36
CA ILE A 612 -20.25 -31.20 39.94
C ILE A 612 -21.07 -30.66 38.77
N ARG A 613 -20.79 -31.14 37.57
CA ARG A 613 -21.40 -30.61 36.36
C ARG A 613 -22.72 -31.35 36.15
N LEU A 614 -23.81 -30.58 36.00
CA LEU A 614 -25.16 -31.15 35.81
C LEU A 614 -25.79 -30.84 34.44
N GLY A 615 -26.44 -31.82 33.85
CA GLY A 615 -27.20 -31.62 32.62
C GLY A 615 -28.54 -32.32 32.73
N LEU A 616 -29.56 -31.76 32.10
CA LEU A 616 -30.91 -32.34 32.10
C LEU A 616 -31.42 -32.46 30.69
N SER A 617 -32.11 -33.55 30.41
CA SER A 617 -32.77 -33.76 29.11
C SER A 617 -34.01 -34.61 29.32
N LEU A 618 -34.91 -34.58 28.34
CA LEU A 618 -36.07 -35.46 28.38
C LEU A 618 -36.08 -36.38 27.15
N PRO A 619 -35.68 -37.65 27.35
CA PRO A 619 -35.70 -38.62 26.25
C PRO A 619 -37.14 -38.86 25.76
N ALA A 620 -37.31 -38.94 24.44
CA ALA A 620 -38.62 -39.23 23.84
C ALA A 620 -39.25 -40.48 24.46
N GLY A 621 -40.38 -40.30 25.14
CA GLY A 621 -41.08 -41.39 25.84
C GLY A 621 -40.53 -41.68 27.23
N GLY A 622 -39.42 -41.02 27.57
CA GLY A 622 -38.73 -41.27 28.85
C GLY A 622 -39.11 -40.37 30.01
N LYS A 623 -38.34 -40.46 31.09
CA LYS A 623 -38.50 -39.54 32.21
C LYS A 623 -37.36 -38.53 32.20
N PRO A 624 -37.47 -37.43 32.99
CA PRO A 624 -36.31 -36.52 32.96
C PRO A 624 -35.02 -37.22 33.43
N THR A 625 -33.97 -37.06 32.64
CA THR A 625 -32.68 -37.71 32.86
C THR A 625 -31.64 -36.68 33.28
N LEU A 626 -30.98 -36.96 34.40
CA LEU A 626 -29.94 -36.11 34.97
C LEU A 626 -28.57 -36.70 34.66
N ALA A 627 -27.75 -35.94 33.93
CA ALA A 627 -26.35 -36.30 33.67
C ALA A 627 -25.53 -35.61 34.74
N VAL A 628 -24.69 -36.37 35.44
CA VAL A 628 -23.84 -35.81 36.49
C VAL A 628 -22.39 -36.15 36.17
N ALA A 629 -21.51 -35.16 36.23
CA ALA A 629 -20.08 -35.41 36.06
C ALA A 629 -19.30 -34.85 37.24
N ASN A 630 -18.50 -35.70 37.89
CA ASN A 630 -17.70 -35.24 38.98
C ASN A 630 -16.39 -34.73 38.37
N LEU A 631 -16.24 -33.40 38.33
CA LEU A 631 -15.07 -32.78 37.71
C LEU A 631 -13.95 -32.49 38.71
N ARG A 632 -14.06 -33.03 39.92
CA ARG A 632 -13.05 -32.77 40.95
C ARG A 632 -11.70 -33.42 40.60
N HIS A 633 -10.66 -32.97 41.30
CA HIS A 633 -9.33 -33.51 41.09
C HIS A 633 -9.14 -34.84 41.86
N THR A 634 -9.61 -34.91 43.10
CA THR A 634 -9.43 -36.16 43.88
C THR A 634 -10.69 -36.67 44.59
N ALA A 635 -11.48 -35.76 45.16
CA ALA A 635 -12.64 -36.15 46.01
C ALA A 635 -13.84 -36.76 45.28
N ASP A 636 -14.41 -37.82 45.84
CA ASP A 636 -15.63 -38.40 45.30
C ASP A 636 -16.83 -37.51 45.73
N ALA A 637 -18.02 -37.86 45.25
CA ALA A 637 -19.23 -37.03 45.48
C ALA A 637 -20.08 -37.43 46.68
N SER A 638 -19.48 -38.12 47.66
CA SER A 638 -20.23 -38.59 48.82
C SER A 638 -20.69 -37.43 49.74
N ASP A 639 -20.03 -36.27 49.63
CA ASP A 639 -20.42 -35.07 50.39
C ASP A 639 -21.55 -34.28 49.71
N VAL A 640 -22.01 -34.76 48.57
CA VAL A 640 -22.95 -34.01 47.75
C VAL A 640 -24.27 -34.74 47.70
N VAL A 641 -25.36 -33.99 47.77
CA VAL A 641 -26.69 -34.55 47.46
C VAL A 641 -27.32 -33.74 46.33
N LEU A 642 -28.07 -34.41 45.47
CA LEU A 642 -28.73 -33.73 44.36
C LEU A 642 -30.20 -33.53 44.69
N ARG A 643 -30.60 -32.28 44.91
CA ARG A 643 -31.99 -31.95 45.20
C ARG A 643 -32.71 -31.42 43.97
N TRP A 644 -33.87 -32.00 43.68
CA TRP A 644 -34.69 -31.58 42.54
C TRP A 644 -36.04 -31.03 43.00
N ARG A 645 -36.56 -30.09 42.21
CA ARG A 645 -37.93 -29.62 42.40
C ARG A 645 -38.54 -29.31 41.04
N VAL A 646 -39.86 -29.51 40.94
CA VAL A 646 -40.61 -29.12 39.73
C VAL A 646 -41.61 -28.08 40.15
N GLU A 647 -41.64 -26.98 39.40
CA GLU A 647 -42.48 -25.85 39.73
C GLU A 647 -43.45 -25.59 38.59
N HIS A 648 -44.69 -25.31 38.95
CA HIS A 648 -45.74 -24.91 38.02
C HIS A 648 -45.92 -23.41 38.22
N ASP A 649 -45.55 -22.64 37.20
CA ASP A 649 -45.50 -21.18 37.29
C ASP A 649 -44.81 -20.68 38.54
N GLY A 650 -43.72 -21.34 38.93
CA GLY A 650 -42.93 -20.87 40.06
C GLY A 650 -43.30 -21.48 41.42
N ALA A 651 -44.46 -22.14 41.49
CA ALA A 651 -44.90 -22.82 42.71
C ALA A 651 -44.46 -24.29 42.73
N VAL A 652 -43.82 -24.73 43.82
CA VAL A 652 -43.32 -26.11 43.86
C VAL A 652 -44.44 -27.19 43.85
N ALA A 653 -44.47 -28.01 42.81
CA ALA A 653 -45.43 -29.13 42.66
C ALA A 653 -44.94 -30.45 43.30
N ALA A 654 -43.63 -30.66 43.28
CA ALA A 654 -43.00 -31.92 43.70
C ALA A 654 -41.52 -31.65 43.94
N SER A 655 -40.92 -32.38 44.88
CA SER A 655 -39.49 -32.27 45.12
C SER A 655 -38.91 -33.58 45.68
N GLY A 656 -37.58 -33.67 45.71
CA GLY A 656 -36.91 -34.85 46.19
C GLY A 656 -35.41 -34.71 46.12
N GLU A 657 -34.74 -35.84 46.34
CA GLU A 657 -33.30 -35.91 46.50
C GLU A 657 -32.79 -37.19 45.93
N VAL A 658 -31.63 -37.13 45.28
CA VAL A 658 -30.95 -38.33 44.81
C VAL A 658 -29.47 -38.24 45.24
N ALA A 659 -28.85 -39.40 45.47
CA ALA A 659 -27.42 -39.43 45.76
C ALA A 659 -26.62 -39.36 44.45
N ALA A 660 -25.42 -38.77 44.54
CA ALA A 660 -24.53 -38.68 43.39
C ALA A 660 -23.64 -39.91 43.39
N GLU A 661 -24.09 -40.95 42.70
CA GLU A 661 -23.27 -42.16 42.66
C GLU A 661 -23.03 -42.73 41.28
N GLY A 662 -21.89 -43.40 41.14
CA GLY A 662 -21.49 -43.98 39.89
C GLY A 662 -21.65 -45.50 39.91
N SER A 663 -20.68 -46.18 39.34
CA SER A 663 -20.75 -47.63 39.17
C SER A 663 -20.35 -48.37 40.44
N ASP A 664 -19.48 -47.76 41.25
CA ASP A 664 -19.03 -48.40 42.48
C ASP A 664 -19.16 -47.48 43.71
N GLY A 665 -20.40 -47.18 44.09
CA GLY A 665 -20.68 -46.26 45.19
C GLY A 665 -20.60 -44.82 44.67
N PRO A 666 -20.25 -43.87 45.55
CA PRO A 666 -20.16 -42.42 45.23
C PRO A 666 -19.42 -42.12 43.94
N LEU A 667 -19.96 -41.16 43.18
CA LEU A 667 -19.37 -40.74 41.94
C LEU A 667 -17.94 -40.32 42.22
N ARG A 668 -16.99 -40.98 41.57
CA ARG A 668 -15.57 -40.71 41.75
C ARG A 668 -15.11 -39.47 40.96
N ALA A 669 -14.00 -38.86 41.39
CA ALA A 669 -13.41 -37.74 40.66
C ALA A 669 -13.10 -38.22 39.25
N GLY A 670 -13.65 -37.52 38.26
CA GLY A 670 -13.44 -37.88 36.86
C GLY A 670 -14.46 -38.82 36.25
N GLU A 671 -15.41 -39.27 37.06
CA GLU A 671 -16.47 -40.17 36.62
C GLU A 671 -17.78 -39.42 36.33
N SER A 672 -18.53 -39.91 35.34
CA SER A 672 -19.86 -39.39 35.00
C SER A 672 -20.93 -40.46 35.14
N ALA A 673 -22.17 -40.06 35.43
CA ALA A 673 -23.28 -40.99 35.46
C ALA A 673 -24.55 -40.32 34.95
N THR A 674 -25.57 -41.11 34.66
CA THR A 674 -26.87 -40.54 34.30
C THR A 674 -27.89 -41.22 35.19
N ILE A 675 -28.90 -40.47 35.63
CA ILE A 675 -29.97 -41.02 36.44
C ILE A 675 -31.35 -40.56 35.97
N ALA A 676 -32.29 -41.51 35.89
CA ALA A 676 -33.70 -41.21 35.62
C ALA A 676 -34.38 -40.67 36.87
N LEU A 677 -34.99 -39.49 36.72
CA LEU A 677 -35.75 -38.86 37.79
C LEU A 677 -37.22 -39.33 37.65
N PRO A 678 -38.05 -39.14 38.70
CA PRO A 678 -39.45 -39.59 38.60
C PRO A 678 -40.20 -38.92 37.44
N ALA A 679 -41.34 -39.47 37.05
CA ALA A 679 -42.19 -38.82 36.04
C ALA A 679 -42.61 -37.44 36.51
N MET A 680 -42.60 -36.47 35.59
CA MET A 680 -43.01 -35.10 35.90
C MET A 680 -43.92 -34.55 34.81
N PRO A 681 -45.22 -34.91 34.85
CA PRO A 681 -46.13 -34.50 33.78
C PRO A 681 -46.28 -32.98 33.77
N ALA A 682 -46.23 -32.40 32.58
CA ALA A 682 -46.41 -30.98 32.38
C ALA A 682 -47.77 -30.59 32.89
N ALA A 683 -47.83 -29.50 33.66
CA ALA A 683 -49.11 -28.87 33.96
C ALA A 683 -49.78 -28.51 32.63
N PRO A 684 -51.09 -28.79 32.49
CA PRO A 684 -51.75 -28.46 31.20
C PRO A 684 -51.80 -26.95 30.87
N LEU A 685 -51.75 -26.09 31.87
CA LEU A 685 -51.64 -24.64 31.64
C LEU A 685 -50.40 -24.04 32.33
N GLY A 686 -49.91 -22.94 31.75
CA GLY A 686 -48.74 -22.22 32.27
C GLY A 686 -47.45 -23.01 32.07
N GLU A 687 -46.42 -22.66 32.82
CA GLU A 687 -45.10 -23.24 32.60
C GLU A 687 -44.73 -24.26 33.67
N THR A 688 -43.99 -25.28 33.24
CA THR A 688 -43.47 -26.31 34.14
C THR A 688 -41.95 -26.34 34.04
N TRP A 689 -41.26 -26.12 35.14
CA TRP A 689 -39.80 -26.10 35.14
C TRP A 689 -39.21 -27.04 36.18
N LEU A 690 -38.23 -27.83 35.75
CA LEU A 690 -37.46 -28.71 36.65
C LEU A 690 -36.13 -28.03 36.95
N THR A 691 -35.78 -27.95 38.23
CA THR A 691 -34.48 -27.44 38.71
C THR A 691 -33.81 -28.54 39.54
N VAL A 692 -32.54 -28.84 39.24
CA VAL A 692 -31.75 -29.72 40.10
C VAL A 692 -30.54 -28.93 40.62
N GLU A 693 -30.26 -29.02 41.91
CA GLU A 693 -29.12 -28.37 42.55
C GLU A 693 -28.23 -29.38 43.25
N ALA A 694 -26.91 -29.27 43.05
CA ALA A 694 -25.95 -30.04 43.82
C ALA A 694 -25.66 -29.25 45.07
N VAL A 695 -25.87 -29.85 46.24
CA VAL A 695 -25.61 -29.18 47.51
C VAL A 695 -24.76 -30.05 48.44
N LEU A 696 -24.12 -29.41 49.40
CA LEU A 696 -23.31 -30.08 50.42
C LEU A 696 -24.28 -30.65 51.44
N ARG A 697 -24.15 -31.94 51.73
CA ARG A 697 -24.95 -32.60 52.77
C ARG A 697 -24.74 -31.99 54.15
N ASP A 698 -23.48 -31.75 54.52
CA ASP A 698 -23.15 -31.31 55.87
C ASP A 698 -22.38 -30.01 55.89
N ALA A 699 -22.42 -29.32 57.04
CA ALA A 699 -21.63 -28.13 57.23
C ALA A 699 -20.13 -28.41 57.10
N THR A 700 -19.39 -27.36 56.68
CA THR A 700 -17.94 -27.36 56.72
C THR A 700 -17.61 -26.16 57.60
N GLY A 701 -16.34 -25.88 57.81
CA GLY A 701 -15.97 -24.67 58.55
C GLY A 701 -16.35 -23.39 57.81
N TRP A 702 -16.60 -23.51 56.50
CA TRP A 702 -16.78 -22.33 55.66
C TRP A 702 -18.17 -22.18 55.05
N ALA A 703 -19.06 -23.18 55.25
CA ALA A 703 -20.42 -23.15 54.72
C ALA A 703 -21.41 -23.98 55.54
N PRO A 704 -22.70 -23.59 55.54
CA PRO A 704 -23.75 -24.39 56.22
C PRO A 704 -24.14 -25.65 55.46
N ALA A 705 -24.79 -26.59 56.15
CA ALA A 705 -25.37 -27.75 55.50
C ALA A 705 -26.30 -27.23 54.41
N GLY A 706 -26.37 -27.93 53.28
CA GLY A 706 -27.21 -27.49 52.16
C GLY A 706 -26.68 -26.32 51.31
N HIS A 707 -25.44 -25.93 51.53
CA HIS A 707 -24.76 -24.96 50.65
C HIS A 707 -24.78 -25.42 49.18
N PRO A 708 -25.40 -24.62 48.28
CA PRO A 708 -25.43 -25.03 46.87
C PRO A 708 -24.08 -24.87 46.17
N LEU A 709 -23.75 -25.79 45.27
CA LEU A 709 -22.51 -25.73 44.49
C LEU A 709 -22.79 -25.24 43.08
N GLY A 710 -23.95 -25.63 42.54
CA GLY A 710 -24.35 -25.27 41.19
C GLY A 710 -25.69 -25.90 40.85
N ALA A 711 -26.31 -25.47 39.76
CA ALA A 711 -27.65 -25.95 39.45
C ALA A 711 -27.87 -26.05 37.96
N VAL A 712 -28.97 -26.71 37.57
CA VAL A 712 -29.38 -26.77 36.16
C VAL A 712 -30.91 -26.77 36.09
N GLN A 713 -31.44 -26.33 34.96
CA GLN A 713 -32.89 -26.33 34.75
C GLN A 713 -33.28 -27.01 33.46
N LEU A 714 -34.51 -27.48 33.40
CA LEU A 714 -35.08 -28.00 32.17
C LEU A 714 -36.54 -27.56 32.04
N ASP A 715 -36.86 -27.00 30.88
CA ASP A 715 -38.22 -26.52 30.63
C ASP A 715 -39.06 -27.72 30.21
N LEU A 716 -40.08 -28.03 31.01
CA LEU A 716 -40.97 -29.19 30.74
C LEU A 716 -42.37 -28.77 30.31
N SER A 717 -42.52 -27.49 29.93
CA SER A 717 -43.83 -26.91 29.71
C SER A 717 -44.61 -27.57 28.57
N ALA A 718 -45.92 -27.68 28.77
CA ALA A 718 -46.84 -28.05 27.70
C ALA A 718 -46.75 -26.96 26.63
N PRO A 719 -47.08 -27.30 25.36
CA PRO A 719 -46.98 -26.32 24.28
C PRO A 719 -47.66 -24.97 24.59
N ALA A 720 -47.02 -23.89 24.18
CA ALA A 720 -47.51 -22.54 24.46
C ALA A 720 -48.90 -22.31 23.85
N VAL A 721 -49.78 -21.76 24.67
CA VAL A 721 -51.03 -21.17 24.19
C VAL A 721 -50.68 -19.75 23.77
N PRO A 722 -50.64 -19.49 22.44
CA PRO A 722 -50.33 -18.13 21.98
C PRO A 722 -51.49 -17.16 22.28
N THR A 723 -51.21 -16.16 23.13
CA THR A 723 -52.20 -15.16 23.48
C THR A 723 -52.75 -14.46 22.22
N ARG A 724 -54.06 -14.31 22.17
CA ARG A 724 -54.73 -13.62 21.09
C ARG A 724 -54.61 -12.09 21.28
N SER A 725 -54.31 -11.40 20.20
CA SER A 725 -54.06 -9.97 20.23
C SER A 725 -55.12 -9.20 19.46
N PRO A 726 -55.40 -7.95 19.85
CA PRO A 726 -56.35 -7.19 19.04
C PRO A 726 -55.89 -7.01 17.60
N ARG A 727 -56.82 -7.12 16.67
CA ARG A 727 -56.57 -6.77 15.27
C ARG A 727 -56.10 -5.32 15.17
N PRO A 728 -55.08 -5.03 14.32
CA PRO A 728 -54.65 -3.65 14.05
C PRO A 728 -55.81 -2.80 13.56
N ALA A 729 -55.99 -1.62 14.15
CA ALA A 729 -57.19 -0.80 13.91
C ALA A 729 -56.91 0.42 13.06
N THR A 730 -57.88 0.79 12.21
CA THR A 730 -57.78 2.04 11.47
C THR A 730 -58.17 3.18 12.42
N PRO A 731 -57.36 4.25 12.46
CA PRO A 731 -57.67 5.39 13.31
C PRO A 731 -58.97 6.10 12.92
N LEU A 732 -59.69 6.58 13.93
CA LEU A 732 -60.91 7.34 13.78
C LEU A 732 -60.67 8.85 13.90
N ASP A 733 -61.44 9.62 13.14
CA ASP A 733 -61.62 11.05 13.40
C ASP A 733 -62.40 11.14 14.69
N GLY A 734 -62.06 12.10 15.54
CA GLY A 734 -62.82 12.23 16.76
C GLY A 734 -62.02 12.41 18.01
N ALA A 735 -62.74 12.55 19.12
CA ALA A 735 -62.17 12.83 20.40
C ALA A 735 -61.31 11.65 20.85
N LEU A 736 -60.18 11.95 21.47
CA LEU A 736 -59.35 10.93 22.08
C LEU A 736 -60.03 10.49 23.36
N PRO A 737 -60.02 9.17 23.66
CA PRO A 737 -60.48 8.71 24.97
C PRO A 737 -59.69 9.33 26.12
N VAL A 738 -60.39 9.59 27.22
CA VAL A 738 -59.78 10.15 28.40
C VAL A 738 -59.20 9.02 29.25
N SER A 739 -59.86 7.86 29.22
CA SER A 739 -59.39 6.72 29.99
C SER A 739 -59.63 5.42 29.25
N LEU A 740 -58.76 4.46 29.50
CA LEU A 740 -58.84 3.15 28.90
C LEU A 740 -58.39 2.22 30.01
N GLY A 741 -59.34 1.52 30.61
CA GLY A 741 -59.06 0.67 31.77
C GLY A 741 -58.34 1.45 32.84
N PRO A 742 -57.18 0.95 33.30
CA PRO A 742 -56.43 1.58 34.39
C PRO A 742 -55.65 2.84 33.97
N ALA A 743 -55.61 3.14 32.68
CA ALA A 743 -54.89 4.30 32.16
C ALA A 743 -55.76 5.54 31.98
N THR A 744 -55.23 6.71 32.37
CA THR A 744 -55.85 8.00 32.06
C THR A 744 -54.93 8.88 31.20
N PHE A 745 -55.52 9.51 30.17
CA PHE A 745 -54.82 10.35 29.22
C PHE A 745 -55.35 11.78 29.22
N ASP A 746 -54.46 12.75 28.95
CA ASP A 746 -54.81 14.15 28.78
C ASP A 746 -54.36 14.55 27.39
N ALA A 747 -55.32 14.63 26.47
CA ALA A 747 -55.04 14.95 25.06
C ALA A 747 -54.08 13.96 24.41
N GLY A 748 -54.19 12.69 24.78
CA GLY A 748 -53.35 11.65 24.18
C GLY A 748 -52.09 11.33 24.95
N THR A 749 -51.83 12.10 26.01
CA THR A 749 -50.65 11.90 26.86
C THR A 749 -51.04 11.10 28.11
N LEU A 750 -50.32 10.02 28.38
CA LEU A 750 -50.56 9.24 29.60
C LEU A 750 -50.23 10.10 30.82
N VAL A 751 -51.17 10.18 31.76
CA VAL A 751 -50.94 10.91 33.00
C VAL A 751 -51.06 10.04 34.28
N SER A 752 -51.78 8.92 34.19
CA SER A 752 -51.93 8.05 35.35
C SER A 752 -52.15 6.58 34.99
N LEU A 753 -51.64 5.69 35.84
CA LEU A 753 -51.95 4.26 35.74
C LEU A 753 -52.37 3.74 37.09
N ALA A 754 -53.49 3.03 37.14
CA ALA A 754 -53.98 2.41 38.40
C ALA A 754 -53.86 3.33 39.62
N GLY A 755 -54.39 4.55 39.48
CA GLY A 755 -54.47 5.51 40.58
C GLY A 755 -53.24 6.33 40.92
N GLN A 756 -52.16 6.17 40.16
CA GLN A 756 -50.87 6.83 40.45
C GLN A 756 -50.40 7.64 39.25
N PRO A 757 -49.78 8.81 39.50
CA PRO A 757 -49.27 9.58 38.37
C PRO A 757 -48.11 8.86 37.67
N VAL A 758 -48.18 8.80 36.34
CA VAL A 758 -47.20 8.10 35.51
C VAL A 758 -47.03 8.87 34.20
N SER A 759 -45.77 8.98 33.73
CA SER A 759 -45.45 9.47 32.39
C SER A 759 -44.78 8.36 31.59
N GLY A 760 -44.98 8.38 30.28
CA GLY A 760 -44.35 7.42 29.37
C GLY A 760 -45.38 6.81 28.44
N PRO A 761 -44.98 5.81 27.64
CA PRO A 761 -43.62 5.29 27.53
C PRO A 761 -42.72 6.18 26.67
N ARG A 762 -41.44 6.25 27.02
CA ARG A 762 -40.49 7.05 26.28
C ARG A 762 -39.41 6.08 25.74
N LEU A 763 -39.13 6.12 24.43
CA LEU A 763 -38.05 5.28 23.88
C LEU A 763 -36.73 5.62 24.57
N GLU A 764 -35.95 4.60 24.92
CA GLU A 764 -34.57 4.84 25.37
C GLU A 764 -33.59 3.89 24.67
N LEU A 765 -32.49 4.46 24.17
CA LEU A 765 -31.41 3.67 23.59
C LEU A 765 -30.17 3.78 24.46
N TRP A 766 -30.13 4.77 25.34
CA TRP A 766 -28.95 4.97 26.20
C TRP A 766 -28.96 4.05 27.41
N ARG A 767 -27.80 3.54 27.80
CA ARG A 767 -27.60 2.98 29.17
C ARG A 767 -26.40 3.65 29.81
N ALA A 768 -26.36 3.69 31.15
CA ALA A 768 -25.22 4.28 31.85
C ALA A 768 -24.05 3.35 31.57
N PRO A 769 -23.02 3.82 30.80
CA PRO A 769 -21.98 2.90 30.33
C PRO A 769 -21.27 2.18 31.50
N THR A 770 -21.10 0.88 31.32
CA THR A 770 -20.31 0.06 32.23
C THR A 770 -18.84 0.43 32.10
N ASP A 771 -18.01 -0.03 33.02
CA ASP A 771 -16.57 0.16 32.83
C ASP A 771 -16.07 -0.49 31.53
N ASN A 772 -16.64 -1.64 31.18
CA ASN A 772 -16.30 -2.28 29.92
C ASN A 772 -16.73 -1.47 28.70
N ASP A 773 -17.93 -0.89 28.78
CA ASP A 773 -18.44 0.00 27.72
C ASP A 773 -17.49 1.19 27.48
N ARG A 774 -16.72 1.57 28.50
CA ARG A 774 -15.75 2.68 28.38
C ARG A 774 -14.33 2.21 28.04
N GLY A 775 -14.12 0.90 27.83
CA GLY A 775 -12.76 0.41 27.57
C GLY A 775 -12.39 0.49 26.09
N ALA A 776 -11.09 0.63 25.78
CA ALA A 776 -10.67 0.69 24.37
C ALA A 776 -9.30 0.03 24.03
N GLY A 777 -8.77 -0.79 24.94
CA GLY A 777 -7.46 -1.46 24.74
C GLY A 777 -7.49 -2.57 23.72
N PHE A 778 -8.26 -3.63 23.99
CA PHE A 778 -8.59 -4.57 22.94
C PHE A 778 -9.38 -3.80 21.91
N GLY A 779 -9.33 -4.25 20.68
CA GLY A 779 -10.24 -3.75 19.67
C GLY A 779 -11.66 -4.26 19.84
N ALA A 780 -12.52 -3.72 18.99
CA ALA A 780 -13.92 -4.11 18.96
C ALA A 780 -14.07 -5.32 18.07
N TYR A 781 -15.05 -6.16 18.37
CA TYR A 781 -15.28 -7.31 17.53
C TYR A 781 -16.19 -7.09 16.30
N GLY A 782 -16.87 -5.94 16.24
CA GLY A 782 -17.85 -5.71 15.16
C GLY A 782 -17.32 -5.82 13.73
N PRO A 783 -16.34 -4.97 13.38
CA PRO A 783 -15.88 -4.85 11.99
C PRO A 783 -15.21 -6.04 11.30
N GLY A 784 -15.03 -7.17 11.96
CA GLY A 784 -14.41 -8.29 11.23
C GLY A 784 -14.69 -9.60 11.93
N ASP A 785 -14.27 -10.70 11.29
CA ASP A 785 -14.36 -12.04 11.85
C ASP A 785 -13.56 -12.06 13.14
N PRO A 786 -14.22 -12.33 14.28
CA PRO A 786 -13.54 -12.19 15.58
C PRO A 786 -12.44 -13.22 15.76
N TRP A 787 -12.46 -14.27 14.95
CA TRP A 787 -11.42 -15.30 15.00
C TRP A 787 -10.12 -14.90 14.33
N LEU A 788 -10.16 -13.79 13.58
CA LEU A 788 -8.97 -13.24 12.94
C LEU A 788 -8.14 -12.39 13.91
N ASN A 789 -6.90 -12.06 13.49
CA ASN A 789 -6.03 -11.19 14.29
C ASN A 789 -5.84 -11.69 15.75
N SER A 790 -5.75 -13.02 15.93
CA SER A 790 -5.59 -13.61 17.28
C SER A 790 -6.72 -13.22 18.23
N GLY A 791 -7.89 -12.92 17.66
CA GLY A 791 -9.06 -12.50 18.46
C GLY A 791 -8.88 -11.18 19.18
N ARG A 792 -7.97 -10.34 18.70
CA ARG A 792 -7.73 -9.03 19.32
C ARG A 792 -8.65 -7.92 18.77
N GLY A 793 -9.52 -8.29 17.84
CA GLY A 793 -10.45 -7.33 17.26
C GLY A 793 -9.78 -6.29 16.38
N VAL A 794 -10.50 -5.20 16.13
CA VAL A 794 -10.10 -4.09 15.26
C VAL A 794 -10.02 -2.85 16.12
N PRO A 795 -8.85 -2.17 16.14
CA PRO A 795 -8.70 -0.93 16.94
C PRO A 795 -9.88 0.03 16.73
N ALA A 796 -10.43 0.54 17.82
CA ALA A 796 -11.71 1.29 17.76
C ALA A 796 -11.89 2.08 19.04
N PRO A 797 -12.64 3.18 18.97
CA PRO A 797 -12.91 3.89 20.23
C PRO A 797 -13.78 3.01 21.16
N SER A 798 -13.93 3.43 22.41
CA SER A 798 -14.85 2.75 23.33
C SER A 798 -16.28 2.87 22.81
N SER A 799 -17.15 1.95 23.25
CA SER A 799 -18.58 2.06 23.00
C SER A 799 -19.11 3.39 23.54
N GLU A 800 -18.74 3.79 24.75
CA GLU A 800 -19.23 5.04 25.27
C GLU A 800 -18.94 6.21 24.32
N ALA A 801 -17.72 6.24 23.77
CA ALA A 801 -17.30 7.30 22.86
C ALA A 801 -18.20 7.37 21.64
N VAL A 802 -18.49 6.22 21.03
CA VAL A 802 -19.39 6.19 19.86
C VAL A 802 -20.83 6.51 20.21
N TRP A 803 -21.30 6.05 21.36
CA TRP A 803 -22.67 6.35 21.76
C TRP A 803 -22.84 7.86 22.00
N LYS A 804 -21.89 8.47 22.69
CA LYS A 804 -21.96 9.92 22.92
C LYS A 804 -21.90 10.73 21.63
N GLN A 805 -21.01 10.32 20.73
CA GLN A 805 -20.86 10.97 19.44
C GLN A 805 -22.17 10.92 18.65
N ALA A 806 -22.90 9.82 18.73
CA ALA A 806 -24.18 9.63 18.03
C ALA A 806 -25.34 10.35 18.73
N GLY A 807 -25.10 10.86 19.93
CA GLY A 807 -26.15 11.56 20.70
C GLY A 807 -27.17 10.62 21.38
N LEU A 808 -26.77 9.37 21.61
CA LEU A 808 -27.73 8.38 22.16
C LEU A 808 -28.19 8.74 23.57
N ASP A 809 -27.37 9.51 24.27
CA ASP A 809 -27.74 9.98 25.62
C ASP A 809 -28.73 11.16 25.64
N ARG A 810 -29.00 11.74 24.46
CA ARG A 810 -29.84 12.96 24.36
C ARG A 810 -30.86 12.88 23.22
N LEU A 811 -31.51 11.72 23.07
CA LEU A 811 -32.60 11.59 22.08
C LEU A 811 -33.77 12.51 22.42
N THR A 812 -34.35 13.14 21.41
CA THR A 812 -35.53 13.98 21.57
C THR A 812 -36.73 13.21 21.01
N ARG A 813 -37.91 13.41 21.61
CA ARG A 813 -39.17 12.81 21.17
C ARG A 813 -40.00 13.85 20.40
N ARG A 814 -40.42 13.52 19.18
CA ARG A 814 -41.32 14.37 18.41
C ARG A 814 -42.59 13.58 18.09
N VAL A 815 -43.74 14.13 18.41
CA VAL A 815 -45.02 13.45 18.13
C VAL A 815 -45.41 13.70 16.70
N GLU A 816 -45.60 12.64 15.92
CA GLU A 816 -46.01 12.82 14.54
C GLU A 816 -47.52 12.96 14.49
N ASP A 817 -48.23 12.12 15.22
CA ASP A 817 -49.69 12.17 15.24
C ASP A 817 -50.28 11.35 16.37
N VAL A 818 -51.53 11.68 16.70
CA VAL A 818 -52.29 11.03 17.77
C VAL A 818 -53.69 10.86 17.20
N ALA A 819 -54.26 9.66 17.35
CA ALA A 819 -55.62 9.38 16.87
C ALA A 819 -56.34 8.37 17.74
N ALA A 820 -57.66 8.55 17.84
CA ALA A 820 -58.53 7.57 18.47
C ALA A 820 -58.58 6.28 17.67
N LEU A 821 -58.72 5.17 18.38
CA LEU A 821 -59.08 3.87 17.80
C LEU A 821 -60.41 3.47 18.42
N PRO A 822 -61.15 2.54 17.79
CA PRO A 822 -62.27 1.92 18.52
C PRO A 822 -61.79 1.31 19.85
N ASP A 823 -62.27 1.86 20.96
CA ASP A 823 -61.73 1.54 22.30
C ASP A 823 -60.20 1.58 22.35
N GLY A 824 -59.58 2.66 21.85
CA GLY A 824 -58.13 2.79 21.96
C GLY A 824 -57.56 4.14 21.56
N ILE A 825 -56.24 4.20 21.50
CA ILE A 825 -55.54 5.39 21.01
C ILE A 825 -54.26 4.91 20.32
N ARG A 826 -53.93 5.54 19.20
CA ARG A 826 -52.65 5.32 18.55
C ARG A 826 -51.80 6.60 18.60
N VAL A 827 -50.54 6.47 19.02
CA VAL A 827 -49.62 7.62 19.08
C VAL A 827 -48.38 7.27 18.23
N ARG A 828 -48.04 8.13 17.27
CA ARG A 828 -46.84 7.90 16.45
C ARG A 828 -45.85 9.00 16.73
N THR A 829 -44.63 8.60 17.08
CA THR A 829 -43.55 9.52 17.41
C THR A 829 -42.26 9.14 16.65
N ARG A 830 -41.33 10.08 16.65
CA ARG A 830 -40.01 9.89 16.03
C ARG A 830 -38.95 10.39 17.01
N TYR A 831 -37.92 9.59 17.26
CA TYR A 831 -36.85 9.97 18.16
C TYR A 831 -35.56 10.20 17.38
N ALA A 832 -34.83 11.23 17.75
CA ALA A 832 -33.57 11.59 17.09
C ALA A 832 -32.80 12.54 17.99
N ALA A 833 -31.47 12.52 17.89
CA ALA A 833 -30.63 13.44 18.65
C ALA A 833 -30.48 14.73 17.84
N ALA A 834 -30.29 15.87 18.52
CA ALA A 834 -30.00 17.11 17.81
C ALA A 834 -28.82 16.89 16.88
N ASP A 835 -28.86 17.50 15.68
CA ASP A 835 -27.77 17.45 14.69
C ASP A 835 -27.46 16.07 14.08
N SER A 836 -28.40 15.13 14.24
CA SER A 836 -28.27 13.80 13.65
C SER A 836 -29.27 13.68 12.51
N THR A 837 -28.91 12.93 11.48
CA THR A 837 -29.80 12.65 10.37
C THR A 837 -30.53 11.30 10.58
N HIS A 838 -30.15 10.56 11.62
CA HIS A 838 -30.78 9.27 11.87
C HIS A 838 -31.93 9.41 12.87
N SER A 839 -32.84 8.44 12.88
CA SER A 839 -34.01 8.50 13.73
C SER A 839 -34.54 7.11 14.00
N VAL A 840 -35.46 7.04 14.96
CA VAL A 840 -36.18 5.80 15.25
C VAL A 840 -37.65 6.15 15.33
N ALA A 841 -38.46 5.58 14.46
CA ALA A 841 -39.93 5.80 14.58
C ALA A 841 -40.48 4.84 15.64
N VAL A 842 -41.47 5.29 16.40
CA VAL A 842 -42.12 4.49 17.44
C VAL A 842 -43.65 4.65 17.32
N GLU A 843 -44.40 3.55 17.40
CA GLU A 843 -45.86 3.60 17.33
C GLU A 843 -46.40 2.84 18.53
N GLU A 844 -47.34 3.46 19.25
CA GLU A 844 -48.02 2.83 20.38
C GLU A 844 -49.45 2.64 20.00
N ASN A 845 -49.94 1.40 20.11
CA ASN A 845 -51.36 1.13 19.93
C ASN A 845 -51.91 0.61 21.28
N TRP A 846 -52.67 1.48 21.96
CA TRP A 846 -53.37 1.13 23.21
C TRP A 846 -54.75 0.72 22.82
N GLN A 847 -55.12 -0.51 23.19
CA GLN A 847 -56.42 -1.06 22.80
C GLN A 847 -57.00 -1.86 23.96
N LEU A 848 -58.29 -1.67 24.22
CA LEU A 848 -59.00 -2.54 25.16
C LEU A 848 -59.46 -3.79 24.43
N ASP A 849 -59.08 -4.96 24.92
CA ASP A 849 -59.44 -6.21 24.27
C ASP A 849 -59.62 -7.29 25.34
N GLY A 850 -60.74 -8.00 25.29
CA GLY A 850 -60.96 -9.13 26.20
C GLY A 850 -60.93 -8.64 27.64
N GLY A 851 -61.38 -7.41 27.84
CA GLY A 851 -61.41 -6.80 29.15
C GLY A 851 -60.07 -6.30 29.68
N GLU A 852 -59.01 -6.37 28.86
CA GLU A 852 -57.66 -5.97 29.29
C GLU A 852 -57.13 -4.81 28.46
N LEU A 853 -56.28 -3.99 29.09
CA LEU A 853 -55.59 -2.93 28.35
C LEU A 853 -54.32 -3.49 27.71
N CYS A 854 -54.35 -3.52 26.39
CA CYS A 854 -53.24 -4.03 25.60
C CYS A 854 -52.46 -2.84 25.01
N LEU A 855 -51.14 -2.94 25.05
CA LEU A 855 -50.26 -1.92 24.49
C LEU A 855 -49.22 -2.62 23.62
N ARG A 856 -49.30 -2.36 22.32
CA ARG A 856 -48.27 -2.78 21.37
C ARG A 856 -47.39 -1.58 20.99
N ILE A 857 -46.08 -1.74 21.16
CA ILE A 857 -45.11 -0.69 20.85
C ILE A 857 -44.23 -1.23 19.74
N ASP A 858 -44.28 -0.61 18.57
CA ASP A 858 -43.42 -1.00 17.44
C ASP A 858 -42.31 0.04 17.25
N ILE A 859 -41.06 -0.41 17.28
CA ILE A 859 -39.90 0.46 17.23
C ILE A 859 -39.20 0.12 15.90
N THR A 860 -39.08 1.09 15.00
CA THR A 860 -38.66 0.88 13.59
C THR A 860 -37.61 1.92 13.23
N PRO A 861 -36.34 1.56 13.41
CA PRO A 861 -35.22 2.50 13.16
C PRO A 861 -35.07 2.87 11.67
N SER A 862 -34.60 4.09 11.37
CA SER A 862 -34.15 4.48 10.03
C SER A 862 -32.92 3.64 9.59
N ALA A 863 -32.57 3.76 8.31
CA ALA A 863 -31.51 2.96 7.67
C ALA A 863 -30.05 3.24 8.04
N GLY A 864 -29.72 4.45 8.44
CA GLY A 864 -28.26 4.70 8.54
C GLY A 864 -27.48 4.19 9.76
N TRP A 865 -28.12 3.49 10.71
CA TRP A 865 -27.50 3.31 12.03
C TRP A 865 -26.37 2.28 11.98
N ASN A 866 -25.16 2.68 12.38
CA ASN A 866 -24.01 1.79 12.18
C ASN A 866 -23.12 1.80 13.41
N LEU A 867 -23.69 1.36 14.53
CA LEU A 867 -22.96 1.24 15.76
C LEU A 867 -23.72 0.30 16.66
N VAL A 868 -23.03 -0.28 17.63
CA VAL A 868 -23.67 -1.04 18.69
C VAL A 868 -24.61 -0.11 19.49
N TRP A 869 -25.79 -0.62 19.89
CA TRP A 869 -26.70 0.14 20.76
C TRP A 869 -26.62 -0.43 22.18
N PRO A 870 -26.70 0.43 23.21
CA PRO A 870 -26.64 -0.08 24.58
C PRO A 870 -27.88 -0.91 24.97
N ARG A 871 -29.05 -0.50 24.48
CA ARG A 871 -30.32 -1.15 24.81
C ARG A 871 -31.37 -0.68 23.82
N ILE A 872 -32.48 -1.42 23.74
CA ILE A 872 -33.68 -0.93 23.06
C ILE A 872 -34.82 -1.11 24.04
N GLY A 873 -35.35 -0.03 24.56
CA GLY A 873 -36.46 -0.15 25.52
C GLY A 873 -37.27 1.12 25.67
N VAL A 874 -38.21 1.09 26.61
CA VAL A 874 -39.05 2.24 26.92
C VAL A 874 -39.02 2.51 28.41
N ARG A 875 -39.04 3.79 28.75
CA ARG A 875 -38.97 4.21 30.15
C ARG A 875 -40.35 4.75 30.58
N TRP A 876 -40.73 4.45 31.81
CA TRP A 876 -41.93 5.02 32.42
C TRP A 876 -41.48 5.71 33.71
N ASP A 877 -42.00 6.91 33.95
CA ASP A 877 -41.60 7.71 35.12
C ASP A 877 -42.70 7.52 36.17
N LEU A 878 -42.30 7.06 37.36
CA LEU A 878 -43.25 6.64 38.41
C LEU A 878 -43.04 7.42 39.71
N PRO A 879 -43.98 7.34 40.67
CA PRO A 879 -43.75 7.94 42.00
C PRO A 879 -42.56 7.32 42.71
N THR A 880 -41.86 8.07 43.57
CA THR A 880 -40.69 7.52 44.27
C THR A 880 -41.09 6.38 45.18
N ASP A 881 -42.36 6.31 45.57
CA ASP A 881 -42.77 5.26 46.52
C ASP A 881 -42.95 3.90 45.85
N VAL A 882 -42.78 3.85 44.52
CA VAL A 882 -42.71 2.55 43.84
C VAL A 882 -41.31 2.01 44.09
N ASP A 883 -41.20 0.99 44.95
CA ASP A 883 -39.89 0.64 45.48
C ASP A 883 -39.59 -0.83 45.55
N GLY A 884 -40.32 -1.64 44.80
CA GLY A 884 -40.00 -3.06 44.71
C GLY A 884 -40.70 -3.72 43.55
N ALA A 885 -40.26 -4.95 43.23
CA ALA A 885 -40.83 -5.68 42.12
C ALA A 885 -40.89 -7.18 42.39
N ALA A 886 -41.87 -7.84 41.79
CA ALA A 886 -41.93 -9.29 41.75
C ALA A 886 -42.03 -9.60 40.27
N TRP A 887 -41.44 -10.71 39.83
CA TRP A 887 -41.55 -11.09 38.43
C TRP A 887 -41.43 -12.61 38.27
N PHE A 888 -41.90 -13.12 37.12
CA PHE A 888 -41.65 -14.49 36.74
C PHE A 888 -40.77 -14.39 35.50
N GLY A 889 -39.56 -14.92 35.63
CA GLY A 889 -38.56 -14.89 34.54
C GLY A 889 -37.21 -15.20 35.12
N ALA A 890 -36.13 -14.80 34.44
CA ALA A 890 -34.77 -15.10 34.90
C ALA A 890 -34.37 -14.32 36.15
N GLY A 891 -33.79 -15.02 37.13
CA GLY A 891 -33.33 -14.35 38.35
C GLY A 891 -32.62 -15.31 39.29
N PRO A 892 -32.41 -14.88 40.55
CA PRO A 892 -32.89 -13.65 41.18
C PRO A 892 -32.09 -12.38 40.85
N ARG A 893 -30.87 -12.53 40.33
CA ARG A 893 -29.99 -11.36 40.18
C ARG A 893 -30.08 -10.80 38.76
N GLU A 894 -29.46 -9.64 38.51
CA GLU A 894 -29.40 -9.08 37.15
C GLU A 894 -28.74 -10.08 36.21
N SER A 895 -29.14 -10.02 34.93
CA SER A 895 -28.56 -10.88 33.89
C SER A 895 -28.55 -10.19 32.55
N TYR A 896 -27.55 -10.54 31.74
CA TYR A 896 -27.32 -9.93 30.43
C TYR A 896 -26.98 -11.03 29.42
N PRO A 897 -27.09 -10.73 28.11
CA PRO A 897 -26.98 -11.85 27.17
C PRO A 897 -25.75 -12.75 27.27
N ASP A 898 -24.58 -12.20 27.61
CA ASP A 898 -23.37 -13.03 27.80
C ASP A 898 -23.14 -13.41 29.28
N SER A 899 -24.16 -13.22 30.13
CA SER A 899 -24.07 -13.55 31.56
C SER A 899 -25.45 -14.06 32.06
N MET A 900 -25.81 -15.25 31.63
CA MET A 900 -27.09 -15.91 31.97
C MET A 900 -26.97 -17.20 32.81
N HIS A 901 -25.75 -17.67 33.06
CA HIS A 901 -25.61 -19.03 33.63
C HIS A 901 -26.16 -19.17 35.05
N ALA A 902 -26.03 -18.12 35.86
CA ALA A 902 -26.46 -18.19 37.26
C ALA A 902 -27.91 -17.69 37.45
N THR A 903 -28.73 -17.86 36.44
CA THR A 903 -30.15 -17.51 36.55
C THR A 903 -31.00 -18.79 36.52
N MET A 904 -32.20 -18.68 37.10
CA MET A 904 -33.24 -19.69 37.00
C MET A 904 -34.52 -18.96 36.63
N VAL A 905 -35.35 -19.61 35.81
CA VAL A 905 -36.70 -19.10 35.51
C VAL A 905 -37.62 -19.52 36.65
N ALA A 906 -38.08 -18.55 37.41
CA ALA A 906 -38.93 -18.81 38.61
C ALA A 906 -39.60 -17.50 38.99
N ARG A 907 -40.37 -17.51 40.09
CA ARG A 907 -40.93 -16.29 40.61
C ARG A 907 -39.92 -15.67 41.59
N HIS A 908 -39.60 -14.39 41.41
CA HIS A 908 -38.60 -13.70 42.20
C HIS A 908 -39.23 -12.44 42.74
N ALA A 909 -38.63 -11.87 43.77
CA ALA A 909 -39.08 -10.60 44.29
C ALA A 909 -37.91 -9.89 44.93
N ALA A 910 -37.80 -8.58 44.69
CA ALA A 910 -36.71 -7.79 45.22
C ALA A 910 -37.12 -6.34 45.41
N SER A 911 -36.63 -5.75 46.50
CA SER A 911 -36.75 -4.30 46.71
C SER A 911 -35.75 -3.59 45.80
N LEU A 912 -35.82 -2.25 45.73
CA LEU A 912 -34.83 -1.46 44.94
C LEU A 912 -33.36 -1.71 45.31
N GLU A 913 -33.06 -1.82 46.61
CA GLU A 913 -31.68 -2.11 47.04
C GLU A 913 -31.18 -3.51 46.60
N GLU A 914 -32.08 -4.49 46.56
CA GLU A 914 -31.74 -5.82 46.10
C GLU A 914 -31.72 -5.92 44.58
N LEU A 915 -32.41 -5.01 43.90
CA LEU A 915 -32.48 -5.11 42.45
C LEU A 915 -31.18 -4.65 41.81
N ASN A 916 -30.58 -3.61 42.39
CA ASN A 916 -29.50 -2.89 41.74
C ASN A 916 -28.21 -3.00 42.54
N VAL A 917 -27.10 -3.26 41.83
CA VAL A 917 -25.79 -3.43 42.48
C VAL A 917 -25.11 -2.08 42.66
N PRO A 918 -24.64 -1.78 43.89
CA PRO A 918 -23.91 -0.51 44.10
C PRO A 918 -22.46 -0.56 43.63
N TYR A 919 -22.25 -0.58 42.31
CA TYR A 919 -20.90 -0.57 41.75
C TYR A 919 -20.21 0.74 42.17
N ALA A 920 -18.90 0.67 42.43
CA ALA A 920 -18.13 1.82 42.86
C ALA A 920 -18.36 3.04 41.98
N ARG A 921 -18.40 2.85 40.66
CA ARG A 921 -18.75 3.92 39.72
C ARG A 921 -20.14 3.60 39.20
N PRO A 922 -21.14 4.46 39.48
CA PRO A 922 -22.50 4.11 39.02
C PRO A 922 -22.55 3.81 37.52
N GLN A 923 -23.24 2.73 37.18
CA GLN A 923 -23.36 2.27 35.81
C GLN A 923 -24.59 1.38 35.65
N GLU A 924 -24.84 0.94 34.40
CA GLU A 924 -25.88 -0.06 34.11
C GLU A 924 -25.85 -1.19 35.14
N THR A 925 -27.00 -1.41 35.77
CA THR A 925 -27.18 -2.54 36.70
C THR A 925 -28.68 -2.86 36.82
N GLY A 926 -29.02 -4.07 37.26
CA GLY A 926 -30.39 -4.38 37.65
C GLY A 926 -31.30 -4.97 36.59
N HIS A 927 -30.79 -5.16 35.37
CA HIS A 927 -31.65 -5.74 34.32
C HIS A 927 -32.06 -7.16 34.64
N ARG A 928 -33.37 -7.43 34.67
CA ARG A 928 -33.90 -8.78 34.87
C ARG A 928 -34.39 -9.27 33.51
N SER A 929 -33.81 -10.36 33.01
CA SER A 929 -34.10 -10.92 31.67
C SER A 929 -35.28 -11.89 31.58
N ASP A 930 -35.85 -12.05 30.37
CA ASP A 930 -36.74 -13.17 30.05
C ASP A 930 -38.03 -13.16 30.89
N VAL A 931 -38.65 -11.99 30.94
CA VAL A 931 -39.76 -11.70 31.86
C VAL A 931 -41.12 -12.03 31.26
N ARG A 932 -41.89 -12.86 31.97
CA ARG A 932 -43.26 -13.18 31.60
C ARG A 932 -44.24 -12.10 32.06
N TRP A 933 -44.04 -11.65 33.28
CA TRP A 933 -44.85 -10.62 33.92
C TRP A 933 -44.03 -10.02 35.04
N LEU A 934 -44.30 -8.76 35.33
CA LEU A 934 -43.74 -8.02 36.43
C LEU A 934 -44.88 -7.38 37.24
N GLU A 935 -44.71 -7.28 38.56
CA GLU A 935 -45.62 -6.50 39.41
C GLU A 935 -44.82 -5.49 40.19
N LEU A 936 -45.21 -4.24 40.11
CA LEU A 936 -44.50 -3.19 40.83
C LEU A 936 -45.26 -2.98 42.13
N ASP A 937 -44.49 -2.88 43.21
CA ASP A 937 -45.04 -2.71 44.57
C ASP A 937 -44.77 -1.31 45.13
N ARG A 938 -45.69 -0.82 45.98
CA ARG A 938 -45.48 0.40 46.75
C ARG A 938 -45.41 0.05 48.24
N ALA A 939 -44.19 -0.02 48.76
CA ALA A 939 -43.90 -0.49 50.13
C ALA A 939 -44.49 -1.87 50.38
N GLY A 940 -44.18 -2.81 49.49
CA GLY A 940 -44.71 -4.15 49.63
C GLY A 940 -46.14 -4.34 49.16
N ALA A 941 -46.92 -3.27 49.01
CA ALA A 941 -48.29 -3.39 48.50
C ALA A 941 -48.31 -3.38 46.96
N PRO A 942 -48.75 -4.49 46.34
CA PRO A 942 -48.83 -4.60 44.88
C PRO A 942 -49.66 -3.47 44.26
N TRP A 943 -49.14 -2.85 43.20
CA TRP A 943 -49.77 -1.68 42.56
C TRP A 943 -50.10 -1.91 41.09
N LEU A 944 -49.08 -2.27 40.29
CA LEU A 944 -49.23 -2.45 38.82
C LEU A 944 -48.73 -3.80 38.36
N ARG A 945 -49.48 -4.43 37.47
CA ARG A 945 -49.07 -5.67 36.84
C ARG A 945 -48.87 -5.42 35.33
N ILE A 946 -47.70 -5.79 34.83
CA ILE A 946 -47.47 -5.80 33.39
C ILE A 946 -47.15 -7.23 32.93
N ASP A 947 -47.97 -7.77 32.03
CA ASP A 947 -47.72 -9.02 31.36
C ASP A 947 -47.11 -8.74 29.99
N ALA A 948 -46.10 -9.53 29.66
CA ALA A 948 -45.36 -9.40 28.40
C ALA A 948 -45.52 -10.66 27.56
N GLU A 949 -45.91 -10.50 26.31
CA GLU A 949 -46.00 -11.61 25.38
C GLU A 949 -44.76 -11.66 24.51
N PRO A 950 -44.26 -12.88 24.21
CA PRO A 950 -43.11 -13.02 23.31
C PRO A 950 -43.41 -12.42 21.91
N ASP A 951 -42.38 -11.89 21.25
CA ASP A 951 -42.56 -11.35 19.91
C ASP A 951 -42.58 -12.50 18.89
N ALA A 952 -42.58 -12.18 17.59
CA ALA A 952 -42.71 -13.18 16.53
C ALA A 952 -41.58 -14.21 16.54
N ALA A 953 -40.39 -13.80 16.99
CA ALA A 953 -39.25 -14.71 17.10
C ALA A 953 -39.14 -15.42 18.45
N GLY A 954 -40.09 -15.19 19.36
CA GLY A 954 -40.14 -15.89 20.65
C GLY A 954 -39.39 -15.18 21.76
N ARG A 955 -38.96 -13.95 21.49
CA ARG A 955 -38.14 -13.21 22.43
C ARG A 955 -39.00 -12.54 23.48
N ARG A 956 -38.55 -12.60 24.74
CA ARG A 956 -39.21 -11.90 25.86
C ARG A 956 -38.39 -10.70 26.30
N PRO A 957 -39.08 -9.63 26.75
CA PRO A 957 -38.37 -8.47 27.25
C PRO A 957 -37.82 -8.66 28.68
N GLY A 958 -37.05 -7.69 29.16
CA GLY A 958 -36.60 -7.64 30.55
C GLY A 958 -37.05 -6.31 31.12
N PHE A 959 -36.73 -6.07 32.39
CA PHE A 959 -37.02 -4.81 33.01
C PHE A 959 -35.93 -4.39 34.01
N SER A 960 -35.87 -3.08 34.27
CA SER A 960 -35.06 -2.52 35.35
C SER A 960 -35.91 -1.50 36.08
N LEU A 961 -35.70 -1.39 37.40
CA LEU A 961 -36.34 -0.35 38.22
C LEU A 961 -35.24 0.46 38.89
N ALA A 962 -35.24 1.77 38.67
CA ALA A 962 -34.16 2.61 39.21
C ALA A 962 -34.66 3.90 39.85
N ARG A 963 -33.82 4.51 40.69
CA ARG A 963 -34.17 5.76 41.36
C ARG A 963 -33.77 7.00 40.55
N HIS A 964 -33.04 6.78 39.43
CA HIS A 964 -32.51 7.88 38.59
C HIS A 964 -32.50 7.38 37.15
N THR A 965 -32.42 8.31 36.20
CA THR A 965 -32.39 7.94 34.78
C THR A 965 -31.00 7.43 34.46
N ALA A 966 -30.89 6.67 33.36
CA ALA A 966 -29.57 6.24 32.86
C ALA A 966 -28.63 7.43 32.62
N GLN A 967 -29.19 8.55 32.20
CA GLN A 967 -28.40 9.78 32.03
C GLN A 967 -27.80 10.32 33.33
N GLU A 968 -28.60 10.34 34.40
CA GLU A 968 -28.15 10.85 35.69
C GLU A 968 -27.11 9.92 36.29
N ILE A 969 -27.38 8.63 36.23
CA ILE A 969 -26.45 7.62 36.69
C ILE A 969 -25.10 7.76 35.96
N ALA A 970 -25.14 7.91 34.62
CA ALA A 970 -23.90 8.08 33.85
C ALA A 970 -23.06 9.29 34.31
N ALA A 971 -23.72 10.37 34.72
CA ALA A 971 -23.00 11.58 35.13
C ALA A 971 -22.30 11.50 36.49
N ALA A 972 -22.71 10.54 37.32
CA ALA A 972 -22.21 10.48 38.69
C ALA A 972 -20.95 9.60 38.78
N GLY A 973 -19.92 10.10 39.46
CA GLY A 973 -18.68 9.33 39.64
C GLY A 973 -18.73 8.37 40.82
N HIS A 974 -19.58 8.71 41.79
CA HIS A 974 -19.81 7.91 43.00
C HIS A 974 -21.31 7.94 43.32
N PRO A 975 -21.83 6.86 43.97
CA PRO A 975 -23.23 6.87 44.42
C PRO A 975 -23.67 8.14 45.17
N HIS A 976 -22.81 8.65 46.07
CA HIS A 976 -23.18 9.79 46.93
C HIS A 976 -23.33 11.11 46.17
N GLU A 977 -22.91 11.13 44.90
CA GLU A 977 -23.00 12.32 44.06
C GLU A 977 -24.29 12.35 43.25
N LEU A 978 -25.13 11.34 43.42
CA LEU A 978 -26.45 11.34 42.75
C LEU A 978 -27.45 12.24 43.51
N PRO A 979 -28.33 12.96 42.78
CA PRO A 979 -29.27 13.89 43.44
C PRO A 979 -30.38 13.13 44.18
N THR A 980 -31.11 13.83 45.05
CA THR A 980 -32.26 13.22 45.70
C THR A 980 -33.27 12.82 44.63
N PRO A 981 -33.74 11.55 44.67
CA PRO A 981 -34.71 11.08 43.68
C PRO A 981 -36.00 11.90 43.61
N SER A 982 -36.48 12.10 42.39
CA SER A 982 -37.76 12.76 42.14
C SER A 982 -38.77 11.74 41.57
N HIS A 983 -38.27 10.63 41.03
CA HIS A 983 -39.11 9.56 40.52
C HIS A 983 -38.48 8.23 40.80
N SER A 984 -39.25 7.18 40.57
CA SER A 984 -38.70 5.85 40.30
C SER A 984 -38.90 5.66 38.81
N TYR A 985 -37.99 4.92 38.16
CA TYR A 985 -38.11 4.74 36.71
C TYR A 985 -38.14 3.27 36.36
N LEU A 986 -39.10 2.89 35.53
CA LEU A 986 -39.17 1.54 35.02
C LEU A 986 -38.70 1.58 33.58
N TYR A 987 -37.67 0.80 33.29
CA TYR A 987 -37.24 0.51 31.90
C TYR A 987 -37.73 -0.88 31.52
N VAL A 988 -38.47 -0.97 30.42
CA VAL A 988 -38.85 -2.26 29.85
C VAL A 988 -38.04 -2.42 28.58
N ASP A 989 -37.09 -3.35 28.57
CA ASP A 989 -36.10 -3.45 27.48
C ASP A 989 -36.40 -4.64 26.60
N ALA A 990 -36.59 -4.41 25.31
CA ALA A 990 -36.64 -5.50 24.35
C ALA A 990 -35.26 -6.12 24.30
N ALA A 991 -34.23 -5.29 24.49
CA ALA A 991 -32.84 -5.79 24.30
C ALA A 991 -31.84 -5.02 25.15
N GLN A 992 -30.83 -5.72 25.66
CA GLN A 992 -29.65 -5.11 26.27
C GLN A 992 -28.38 -5.63 25.56
N HIS A 993 -27.40 -4.75 25.41
CA HIS A 993 -26.07 -5.12 24.94
C HIS A 993 -25.41 -6.01 26.01
N GLY A 994 -24.60 -6.96 25.54
CA GLY A 994 -23.75 -7.78 26.42
C GLY A 994 -22.72 -7.01 27.25
N LEU A 995 -21.97 -7.73 28.06
CA LEU A 995 -21.03 -7.08 29.00
C LEU A 995 -19.55 -7.15 28.55
N GLY A 996 -19.13 -8.32 28.09
CA GLY A 996 -17.71 -8.58 27.70
C GLY A 996 -16.75 -8.25 28.82
N SER A 997 -15.53 -7.80 28.48
CA SER A 997 -14.52 -7.38 29.50
C SER A 997 -13.51 -6.41 28.94
N ARG A 998 -13.98 -5.53 28.08
CA ARG A 998 -13.10 -4.64 27.31
C ARG A 998 -12.36 -3.58 28.16
N ALA A 999 -12.76 -3.38 29.40
CA ALA A 999 -11.97 -2.53 30.30
C ALA A 999 -10.55 -3.09 30.35
N CYS A 1000 -10.43 -4.42 30.27
CA CYS A 1000 -9.11 -5.10 30.12
C CYS A 1000 -9.31 -6.53 29.62
N GLY A 1001 -9.40 -6.70 28.30
CA GLY A 1001 -9.72 -8.03 27.75
C GLY A 1001 -10.66 -7.91 26.55
N PRO A 1002 -11.17 -9.05 26.07
CA PRO A 1002 -12.08 -9.09 24.91
C PRO A 1002 -13.32 -8.18 24.97
N ASP A 1003 -13.67 -7.63 23.82
CA ASP A 1003 -14.97 -7.01 23.60
C ASP A 1003 -16.07 -8.09 23.78
N VAL A 1004 -17.32 -7.65 23.90
CA VAL A 1004 -18.47 -8.55 23.92
C VAL A 1004 -18.39 -9.51 22.73
N TRP A 1005 -18.54 -10.81 22.97
CA TRP A 1005 -18.50 -11.77 21.87
C TRP A 1005 -19.66 -11.49 20.92
N PRO A 1006 -19.43 -11.56 19.57
CA PRO A 1006 -20.50 -11.09 18.64
C PRO A 1006 -21.90 -11.67 18.82
N ASP A 1007 -22.03 -12.95 19.21
CA ASP A 1007 -23.36 -13.53 19.50
C ASP A 1007 -24.18 -12.76 20.55
N PHE A 1008 -23.52 -11.93 21.34
CA PHE A 1008 -24.20 -11.26 22.46
C PHE A 1008 -24.13 -9.74 22.34
N ALA A 1009 -23.69 -9.26 21.19
CA ALA A 1009 -23.58 -7.82 20.96
C ALA A 1009 -24.88 -7.29 20.32
N LEU A 1010 -25.39 -6.17 20.84
CA LEU A 1010 -26.62 -5.56 20.31
C LEU A 1010 -26.33 -4.61 19.14
N ARG A 1011 -26.84 -4.94 17.95
CA ARG A 1011 -26.76 -4.03 16.80
C ARG A 1011 -28.18 -3.56 16.45
N PRO A 1012 -28.32 -2.39 15.79
CA PRO A 1012 -29.65 -1.83 15.52
C PRO A 1012 -30.59 -2.85 14.89
N GLU A 1013 -31.82 -2.92 15.38
CA GLU A 1013 -32.86 -3.80 14.84
C GLU A 1013 -34.20 -3.20 15.17
N ALA A 1014 -35.23 -3.59 14.45
CA ALA A 1014 -36.59 -3.20 14.83
C ALA A 1014 -37.07 -4.17 15.91
N ARG A 1015 -37.79 -3.65 16.90
CA ARG A 1015 -38.36 -4.51 17.95
C ARG A 1015 -39.81 -4.13 18.26
N THR A 1016 -40.56 -5.09 18.79
CA THR A 1016 -41.94 -4.87 19.22
C THR A 1016 -42.09 -5.32 20.67
N LEU A 1017 -42.76 -4.50 21.48
CA LEU A 1017 -43.14 -4.89 22.86
C LEU A 1017 -44.64 -5.10 22.91
N LYS A 1018 -45.07 -6.22 23.46
CA LYS A 1018 -46.49 -6.55 23.51
C LYS A 1018 -46.86 -6.73 24.97
N LEU A 1019 -47.51 -5.71 25.53
CA LEU A 1019 -47.76 -5.62 26.95
C LEU A 1019 -49.26 -5.60 27.26
N ARG A 1020 -49.63 -6.09 28.44
CA ARG A 1020 -51.00 -5.95 28.96
C ARG A 1020 -50.86 -5.40 30.36
N ILE A 1021 -51.55 -4.29 30.64
CA ILE A 1021 -51.31 -3.53 31.85
C ILE A 1021 -52.57 -3.52 32.71
N SER A 1022 -52.45 -3.91 33.97
CA SER A 1022 -53.62 -4.01 34.88
C SER A 1022 -53.23 -3.60 36.29
N PRO A 1023 -54.23 -3.25 37.16
CA PRO A 1023 -53.93 -3.05 38.59
C PRO A 1023 -53.58 -4.40 39.21
N ALA A 1024 -52.57 -4.44 40.07
CA ALA A 1024 -52.12 -5.71 40.62
C ALA A 1024 -53.13 -6.21 41.65
N ALA B 5 35.12 -26.89 -46.08
CA ALA B 5 34.25 -27.97 -45.54
C ALA B 5 33.06 -27.36 -44.77
N ASP B 6 31.92 -28.05 -44.84
CA ASP B 6 30.70 -27.62 -44.18
C ASP B 6 30.71 -28.07 -42.71
N VAL B 7 30.72 -27.09 -41.79
CA VAL B 7 30.67 -27.33 -40.33
C VAL B 7 29.35 -26.95 -39.67
N SER B 8 28.31 -26.81 -40.49
CA SER B 8 27.00 -26.44 -39.98
C SER B 8 26.39 -27.54 -39.10
N TYR B 9 26.92 -28.76 -39.20
CA TYR B 9 26.48 -29.84 -38.34
C TYR B 9 26.65 -29.49 -36.85
N LEU B 10 27.60 -28.61 -36.52
CA LEU B 10 27.90 -28.30 -35.09
C LEU B 10 26.75 -27.53 -34.39
N THR B 11 26.10 -26.68 -35.15
CA THR B 11 25.02 -25.82 -34.66
C THR B 11 23.60 -26.21 -35.17
N ASP B 12 23.52 -27.26 -35.97
CA ASP B 12 22.24 -27.72 -36.49
C ASP B 12 21.32 -28.14 -35.34
N GLN B 13 20.04 -27.78 -35.43
CA GLN B 13 19.09 -28.05 -34.34
C GLN B 13 18.33 -29.36 -34.54
N GLY B 14 18.60 -30.05 -35.63
CA GLY B 14 18.00 -31.36 -35.94
C GLY B 14 18.56 -32.55 -35.15
N PRO B 15 17.94 -33.73 -35.31
CA PRO B 15 18.24 -34.91 -34.48
C PRO B 15 19.58 -35.63 -34.77
N GLY B 16 20.25 -35.26 -35.86
CA GLY B 16 21.43 -35.98 -36.33
C GLY B 16 21.26 -36.22 -37.82
N SER B 17 22.30 -36.69 -38.49
CA SER B 17 22.22 -36.88 -39.95
C SER B 17 23.00 -38.12 -40.42
N GLY B 18 22.85 -38.45 -41.70
CA GLY B 18 23.63 -39.53 -42.30
C GLY B 18 22.87 -40.84 -42.35
N ARG B 19 23.61 -41.94 -42.28
CA ARG B 19 23.03 -43.25 -42.50
C ARG B 19 22.47 -43.75 -41.18
N ARG B 20 21.45 -43.06 -40.66
CA ARG B 20 20.86 -43.40 -39.36
C ARG B 20 19.98 -44.63 -39.48
N VAL B 21 20.08 -45.53 -38.50
CA VAL B 21 19.19 -46.70 -38.40
C VAL B 21 18.00 -46.36 -37.50
N PRO B 22 16.77 -46.78 -37.86
CA PRO B 22 15.59 -46.53 -37.02
C PRO B 22 15.78 -47.08 -35.59
N ALA B 23 15.34 -46.33 -34.59
CA ALA B 23 15.54 -46.72 -33.18
C ALA B 23 14.90 -48.07 -32.89
N ARG B 24 15.55 -48.87 -32.05
CA ARG B 24 15.08 -50.22 -31.71
C ARG B 24 15.58 -50.58 -30.32
N SER B 25 15.09 -51.70 -29.79
CA SER B 25 15.49 -52.15 -28.45
C SER B 25 16.96 -52.50 -28.36
N TRP B 26 17.54 -52.36 -27.17
CA TRP B 26 18.84 -52.98 -26.90
C TRP B 26 18.50 -54.40 -26.51
N LEU B 27 19.02 -55.36 -27.26
CA LEU B 27 18.62 -56.76 -27.12
C LEU B 27 19.81 -57.69 -26.96
N HIS B 28 19.62 -58.80 -26.27
CA HIS B 28 20.66 -59.82 -26.21
C HIS B 28 20.42 -60.75 -27.40
N SER B 29 21.23 -60.58 -28.42
CA SER B 29 21.07 -61.37 -29.65
C SER B 29 22.31 -62.23 -29.86
N ASP B 30 22.14 -63.37 -30.51
CA ASP B 30 23.31 -64.13 -30.93
C ASP B 30 23.91 -63.70 -32.29
N ALA B 31 23.39 -62.65 -32.93
CA ALA B 31 24.00 -62.15 -34.17
C ALA B 31 25.50 -61.91 -33.98
N PRO B 32 26.28 -62.09 -35.06
CA PRO B 32 27.71 -61.81 -34.92
C PRO B 32 27.98 -60.35 -34.49
N ALA B 33 28.88 -60.16 -33.55
CA ALA B 33 29.16 -58.81 -33.04
C ALA B 33 30.61 -58.65 -32.61
N LEU B 34 31.10 -57.40 -32.64
CA LEU B 34 32.45 -57.03 -32.27
C LEU B 34 32.41 -55.82 -31.35
N SER B 35 33.25 -55.78 -30.34
CA SER B 35 33.34 -54.59 -29.52
C SER B 35 34.50 -53.80 -30.05
N LEU B 36 34.32 -52.50 -30.25
CA LEU B 36 35.43 -51.68 -30.68
C LEU B 36 36.05 -50.91 -29.52
N ASN B 37 35.62 -51.21 -28.30
CA ASN B 37 36.28 -50.66 -27.12
C ASN B 37 37.76 -51.02 -27.10
N GLY B 38 38.60 -50.17 -26.50
CA GLY B 38 40.05 -50.41 -26.44
C GLY B 38 40.78 -49.09 -26.35
N ASP B 39 42.07 -49.06 -26.74
CA ASP B 39 42.82 -47.80 -26.75
C ASP B 39 42.88 -47.29 -28.18
N TRP B 40 42.35 -46.08 -28.40
CA TRP B 40 42.27 -45.55 -29.75
C TRP B 40 43.32 -44.48 -29.83
N ARG B 41 43.81 -44.20 -31.04
CA ARG B 41 44.61 -42.99 -31.29
C ARG B 41 43.77 -41.76 -30.97
N PHE B 42 44.35 -40.78 -30.29
CA PHE B 42 43.57 -39.61 -29.86
C PHE B 42 44.39 -38.32 -29.88
N ARG B 43 43.75 -37.22 -30.30
CA ARG B 43 44.28 -35.89 -30.04
C ARG B 43 43.19 -34.92 -29.64
N LEU B 44 43.57 -33.91 -28.87
CA LEU B 44 42.65 -32.88 -28.45
C LEU B 44 43.02 -31.56 -29.11
N LEU B 45 42.07 -30.98 -29.85
CA LEU B 45 42.20 -29.65 -30.44
C LEU B 45 41.44 -28.67 -29.57
N PRO B 46 41.94 -27.42 -29.44
CA PRO B 46 41.20 -26.45 -28.60
C PRO B 46 39.95 -25.81 -29.23
N ALA B 47 39.69 -26.09 -30.50
CA ALA B 47 38.59 -25.49 -31.21
C ALA B 47 38.11 -26.43 -32.30
N ALA B 48 36.91 -26.21 -32.81
CA ALA B 48 36.38 -27.04 -33.88
C ALA B 48 36.92 -26.59 -35.27
N PRO B 49 37.69 -27.49 -35.95
CA PRO B 49 38.21 -27.09 -37.27
C PRO B 49 37.12 -26.67 -38.22
N GLY B 50 37.45 -25.69 -39.05
CA GLY B 50 36.52 -25.17 -40.05
C GLY B 50 35.66 -24.02 -39.55
N THR B 51 35.62 -23.82 -38.23
CA THR B 51 34.80 -22.75 -37.70
C THR B 51 35.52 -21.40 -37.88
N ALA B 52 34.74 -20.31 -37.91
CA ALA B 52 35.31 -19.00 -38.30
C ALA B 52 36.41 -18.55 -37.36
N GLY B 53 36.30 -18.85 -36.08
CA GLY B 53 37.33 -18.49 -35.13
C GLY B 53 38.36 -19.57 -34.81
N ALA B 54 38.55 -20.53 -35.73
CA ALA B 54 39.53 -21.62 -35.56
C ALA B 54 40.43 -21.71 -36.80
N GLY B 55 40.76 -20.56 -37.38
CA GLY B 55 41.48 -20.50 -38.64
C GLY B 55 42.83 -21.20 -38.68
N SER B 56 43.49 -21.32 -37.53
CA SER B 56 44.80 -21.98 -37.50
C SER B 56 44.93 -23.08 -36.42
N VAL B 57 43.86 -23.84 -36.23
CA VAL B 57 43.81 -24.88 -35.19
C VAL B 57 44.55 -26.17 -35.57
N LEU B 58 44.52 -26.53 -36.86
CA LEU B 58 45.14 -27.78 -37.36
C LEU B 58 46.59 -27.55 -37.79
N PRO B 59 47.43 -28.62 -37.76
CA PRO B 59 48.78 -28.55 -38.35
C PRO B 59 48.76 -28.05 -39.80
N SER B 60 49.80 -27.33 -40.20
CA SER B 60 49.94 -26.83 -41.57
C SER B 60 49.88 -27.99 -42.57
N GLY B 61 49.12 -27.79 -43.64
CA GLY B 61 48.93 -28.85 -44.61
C GLY B 61 47.70 -29.73 -44.35
N GLU B 62 47.15 -29.71 -43.12
CA GLU B 62 45.98 -30.58 -42.83
C GLU B 62 44.68 -29.92 -43.21
N THR B 63 43.86 -30.64 -43.98
CA THR B 63 42.58 -30.11 -44.39
C THR B 63 41.59 -30.29 -43.22
N VAL B 64 40.49 -29.54 -43.27
CA VAL B 64 39.51 -29.45 -42.16
C VAL B 64 39.09 -30.83 -41.66
N GLU B 65 38.73 -31.70 -42.61
CA GLU B 65 38.32 -33.09 -42.30
C GLU B 65 39.31 -34.17 -42.80
N GLY B 66 40.54 -33.76 -43.04
CA GLY B 66 41.57 -34.68 -43.49
C GLY B 66 41.95 -35.78 -42.49
N VAL B 67 41.55 -35.60 -41.22
CA VAL B 67 41.74 -36.65 -40.23
C VAL B 67 40.99 -37.95 -40.60
N ALA B 68 39.93 -37.84 -41.39
CA ALA B 68 39.14 -39.00 -41.81
C ALA B 68 39.82 -39.93 -42.81
N ALA B 69 40.80 -39.39 -43.54
CA ALA B 69 41.39 -40.08 -44.69
C ALA B 69 42.19 -41.31 -44.30
N GLU B 70 42.03 -42.37 -45.08
CA GLU B 70 42.82 -43.59 -44.87
C GLU B 70 44.34 -43.38 -44.91
N SER B 71 44.79 -42.42 -45.72
CA SER B 71 46.21 -42.10 -45.85
C SER B 71 46.80 -41.28 -44.69
N TYR B 72 45.94 -40.76 -43.82
CA TYR B 72 46.39 -39.87 -42.76
C TYR B 72 47.34 -40.53 -41.80
N ASP B 73 48.43 -39.84 -41.49
CA ASP B 73 49.47 -40.38 -40.62
C ASP B 73 49.29 -39.95 -39.16
N ASP B 74 48.88 -40.90 -38.33
CA ASP B 74 48.68 -40.65 -36.90
C ASP B 74 49.70 -41.41 -36.05
N ALA B 75 50.83 -41.79 -36.65
CA ALA B 75 51.80 -42.58 -35.90
C ALA B 75 52.30 -41.91 -34.63
N ALA B 76 52.35 -40.57 -34.61
CA ALA B 76 52.84 -39.82 -33.45
C ALA B 76 51.80 -39.58 -32.34
N TRP B 77 50.53 -39.88 -32.60
CA TRP B 77 49.47 -39.54 -31.64
C TRP B 77 49.53 -40.36 -30.36
N ASP B 78 49.06 -39.76 -29.26
CA ASP B 78 48.73 -40.48 -28.03
C ASP B 78 47.59 -41.47 -28.26
N THR B 79 47.28 -42.26 -27.23
CA THR B 79 46.09 -43.10 -27.24
C THR B 79 45.22 -42.74 -26.02
N LEU B 80 43.94 -43.09 -26.08
CA LEU B 80 42.98 -42.84 -25.00
C LEU B 80 42.09 -44.07 -24.92
N PRO B 81 41.80 -44.59 -23.71
CA PRO B 81 40.82 -45.66 -23.57
C PRO B 81 39.44 -45.22 -24.05
N VAL B 82 38.76 -46.14 -24.71
CA VAL B 82 37.36 -45.96 -25.08
C VAL B 82 36.68 -47.23 -24.55
N PRO B 83 35.65 -47.08 -23.69
CA PRO B 83 35.04 -45.82 -23.23
C PRO B 83 35.77 -45.07 -22.10
N SER B 84 35.79 -43.74 -22.20
CA SER B 84 36.24 -42.88 -21.10
C SER B 84 35.84 -41.43 -21.43
N HIS B 85 36.05 -40.54 -20.48
CA HIS B 85 35.99 -39.09 -20.71
C HIS B 85 37.42 -38.61 -20.81
N TRP B 86 37.73 -37.75 -21.78
CA TRP B 86 39.10 -37.25 -21.89
C TRP B 86 39.57 -36.32 -20.76
N VAL B 87 38.60 -35.75 -20.03
CA VAL B 87 38.88 -34.87 -18.90
C VAL B 87 39.00 -35.66 -17.59
N MET B 88 38.92 -36.98 -17.67
CA MET B 88 39.03 -37.86 -16.49
C MET B 88 40.20 -38.86 -16.68
N GLY B 89 40.92 -39.12 -15.60
CA GLY B 89 41.93 -40.21 -15.56
C GLY B 89 43.23 -39.99 -16.31
N GLN B 90 43.52 -38.73 -16.64
CA GLN B 90 44.70 -38.36 -17.44
C GLN B 90 45.49 -37.23 -16.78
N ASP B 91 45.27 -37.04 -15.47
CA ASP B 91 45.95 -35.99 -14.68
C ASP B 91 45.81 -34.61 -15.26
N GLY B 92 44.67 -34.32 -15.89
CA GLY B 92 44.45 -32.97 -16.44
C GLY B 92 45.14 -32.72 -17.77
N LYS B 93 45.72 -33.76 -18.36
CA LYS B 93 46.45 -33.62 -19.62
C LYS B 93 45.57 -33.04 -20.70
N TYR B 94 44.31 -33.46 -20.74
CA TYR B 94 43.37 -32.94 -21.73
C TYR B 94 42.26 -32.07 -21.11
N GLY B 95 42.59 -31.29 -20.08
CA GLY B 95 41.62 -30.44 -19.41
C GLY B 95 40.92 -31.16 -18.27
N ARG B 96 39.92 -30.51 -17.69
CA ARG B 96 39.28 -31.00 -16.45
C ARG B 96 37.74 -30.91 -16.55
N PRO B 97 37.04 -31.62 -15.65
CA PRO B 97 35.58 -31.45 -15.50
C PRO B 97 35.19 -29.98 -15.13
N ILE B 98 33.98 -29.58 -15.49
CA ILE B 98 33.42 -28.26 -15.15
C ILE B 98 32.10 -28.56 -14.51
N TYR B 99 31.85 -28.04 -13.30
CA TYR B 99 30.55 -28.25 -12.65
C TYR B 99 29.70 -26.97 -12.64
N THR B 100 28.55 -27.01 -13.30
CA THR B 100 27.51 -26.00 -13.07
C THR B 100 26.23 -26.71 -12.72
N ASN B 101 25.36 -26.03 -11.98
CA ASN B 101 24.08 -26.56 -11.58
C ASN B 101 23.04 -26.12 -12.61
N VAL B 102 22.61 -24.86 -12.55
CA VAL B 102 21.60 -24.36 -13.48
C VAL B 102 22.26 -23.57 -14.62
N GLN B 103 23.28 -22.78 -14.28
CA GLN B 103 23.89 -21.89 -15.26
C GLN B 103 24.61 -22.62 -16.41
N TYR B 104 24.41 -22.16 -17.65
CA TYR B 104 25.17 -22.74 -18.75
C TYR B 104 26.62 -22.21 -18.64
N PRO B 105 27.63 -23.04 -18.97
CA PRO B 105 29.00 -22.53 -18.96
C PRO B 105 29.40 -21.78 -20.25
N PHE B 106 28.41 -21.39 -21.06
CA PHE B 106 28.62 -20.61 -22.27
C PHE B 106 27.47 -19.60 -22.38
N PRO B 107 27.63 -18.57 -23.22
CA PRO B 107 26.52 -17.61 -23.40
C PRO B 107 25.25 -18.28 -23.91
N ILE B 108 24.11 -17.79 -23.45
CA ILE B 108 22.85 -18.29 -23.95
C ILE B 108 22.54 -17.56 -25.24
N ASP B 109 22.97 -18.18 -26.33
CA ASP B 109 22.91 -17.60 -27.65
C ASP B 109 22.62 -18.73 -28.64
N PRO B 110 21.50 -19.47 -28.46
CA PRO B 110 21.23 -20.69 -29.23
C PRO B 110 21.08 -20.39 -30.73
N PRO B 111 21.57 -21.28 -31.61
CA PRO B 111 22.28 -22.53 -31.30
C PRO B 111 23.82 -22.41 -31.25
N HIS B 112 24.36 -21.19 -31.10
CA HIS B 112 25.83 -20.97 -31.20
C HIS B 112 26.60 -21.40 -29.96
N VAL B 113 27.83 -21.87 -30.16
CA VAL B 113 28.67 -22.31 -29.03
C VAL B 113 30.04 -21.60 -29.10
N PRO B 114 30.80 -21.59 -27.99
CA PRO B 114 32.08 -20.88 -27.93
C PRO B 114 33.12 -21.35 -28.95
N ASP B 115 34.02 -20.44 -29.31
CA ASP B 115 35.17 -20.77 -30.15
C ASP B 115 36.11 -21.74 -29.41
N ALA B 116 36.30 -21.52 -28.12
CA ALA B 116 37.07 -22.48 -27.30
C ALA B 116 36.16 -23.68 -27.06
N ASN B 117 36.40 -24.72 -27.84
CA ASN B 117 35.51 -25.85 -27.85
C ASN B 117 36.38 -27.11 -27.98
N PRO B 118 36.82 -27.70 -26.84
CA PRO B 118 37.64 -28.90 -26.86
C PRO B 118 37.07 -29.94 -27.83
N THR B 119 37.87 -30.28 -28.85
CA THR B 119 37.45 -31.20 -29.91
C THR B 119 38.40 -32.40 -29.96
N GLY B 120 37.85 -33.60 -29.75
CA GLY B 120 38.67 -34.80 -29.64
C GLY B 120 38.55 -35.58 -30.93
N ASP B 121 39.69 -35.91 -31.53
CA ASP B 121 39.71 -36.75 -32.73
C ASP B 121 40.14 -38.16 -32.30
N PHE B 122 39.37 -39.18 -32.69
CA PHE B 122 39.61 -40.56 -32.28
C PHE B 122 39.79 -41.39 -33.54
N ARG B 123 40.82 -42.25 -33.57
CA ARG B 123 41.07 -43.14 -34.75
C ARG B 123 41.40 -44.57 -34.29
N ARG B 124 40.67 -45.51 -34.87
CA ARG B 124 40.62 -46.93 -34.44
C ARG B 124 40.76 -47.80 -35.70
N ARG B 125 41.76 -48.69 -35.71
CA ARG B 125 41.80 -49.72 -36.75
C ARG B 125 41.28 -51.04 -36.19
N PHE B 126 40.54 -51.79 -37.01
CA PHE B 126 39.95 -53.05 -36.56
C PHE B 126 39.72 -54.01 -37.73
N ASP B 127 39.51 -55.30 -37.41
CA ASP B 127 39.29 -56.32 -38.44
C ASP B 127 37.86 -56.82 -38.41
N VAL B 128 37.28 -56.98 -39.60
CA VAL B 128 35.95 -57.56 -39.75
C VAL B 128 36.07 -58.88 -40.52
N PRO B 129 35.51 -59.99 -39.96
CA PRO B 129 35.59 -61.28 -40.67
C PRO B 129 34.99 -61.27 -42.07
N ALA B 130 35.62 -62.00 -42.99
CA ALA B 130 35.10 -62.12 -44.35
C ALA B 130 33.70 -62.68 -44.39
N GLN B 131 33.37 -63.55 -43.42
CA GLN B 131 32.07 -64.21 -43.36
C GLN B 131 30.89 -63.20 -43.24
N TRP B 132 31.19 -62.04 -42.64
CA TRP B 132 30.20 -60.95 -42.49
C TRP B 132 29.77 -60.33 -43.81
N PHE B 133 30.45 -60.69 -44.89
CA PHE B 133 30.13 -60.14 -46.22
C PHE B 133 29.43 -61.13 -47.14
N GLU B 134 29.20 -62.33 -46.62
CA GLU B 134 28.38 -63.32 -47.30
C GLU B 134 26.90 -63.01 -47.23
N SER B 135 26.12 -63.70 -48.07
CA SER B 135 24.68 -63.45 -48.20
C SER B 135 23.88 -63.79 -46.93
N THR B 136 24.50 -64.50 -46.00
CA THR B 136 23.86 -64.80 -44.72
C THR B 136 23.68 -63.56 -43.79
N THR B 137 24.45 -62.51 -44.09
CA THR B 137 24.33 -61.20 -43.43
C THR B 137 23.61 -60.19 -44.35
N ALA B 138 22.53 -59.59 -43.85
CA ALA B 138 21.80 -58.58 -44.61
C ALA B 138 22.38 -57.16 -44.51
N ALA B 139 23.00 -56.80 -43.39
CA ALA B 139 23.46 -55.41 -43.20
C ALA B 139 24.44 -55.36 -42.06
N LEU B 140 25.24 -54.28 -41.98
CA LEU B 140 26.21 -54.14 -40.92
C LEU B 140 25.94 -52.83 -40.18
N THR B 141 25.93 -52.89 -38.86
CA THR B 141 25.46 -51.80 -38.00
C THR B 141 26.55 -51.37 -37.03
N LEU B 142 26.83 -50.07 -36.99
CA LEU B 142 27.80 -49.49 -36.06
C LEU B 142 26.96 -48.78 -34.98
N ARG B 143 27.22 -49.07 -33.72
CA ARG B 143 26.38 -48.58 -32.61
C ARG B 143 27.23 -47.81 -31.59
N PHE B 144 26.76 -46.60 -31.24
CA PHE B 144 27.37 -45.81 -30.20
C PHE B 144 26.37 -45.75 -29.06
N ASP B 145 26.72 -46.26 -27.88
CA ASP B 145 25.75 -46.19 -26.78
C ASP B 145 25.84 -44.84 -26.02
N GLY B 146 26.83 -44.00 -26.29
CA GLY B 146 26.98 -42.75 -25.52
C GLY B 146 28.23 -41.94 -25.83
N VAL B 147 28.01 -40.69 -26.23
CA VAL B 147 29.12 -39.79 -26.62
C VAL B 147 28.71 -38.38 -26.25
N GLU B 148 29.57 -37.64 -25.55
CA GLU B 148 29.24 -36.27 -25.13
C GLU B 148 30.19 -35.27 -25.84
N SER B 149 29.68 -34.32 -26.64
CA SER B 149 28.26 -34.19 -26.99
C SER B 149 28.35 -34.62 -28.50
C SER B 149 27.68 -34.29 -28.43
N ARG B 150 28.15 -33.73 -29.43
N ARG B 150 28.44 -33.91 -29.44
CA ARG B 150 28.00 -34.13 -30.84
C ARG B 150 29.24 -34.68 -31.54
N TYR B 151 29.02 -35.61 -32.46
CA TYR B 151 30.16 -36.29 -33.05
C TYR B 151 29.89 -36.62 -34.49
N LYS B 152 30.96 -36.65 -35.26
CA LYS B 152 30.89 -36.98 -36.68
C LYS B 152 31.75 -38.22 -36.90
N VAL B 153 31.27 -39.11 -37.77
CA VAL B 153 31.79 -40.48 -37.92
C VAL B 153 32.16 -40.71 -39.36
N TRP B 154 33.37 -41.21 -39.57
CA TRP B 154 33.83 -41.62 -40.89
C TRP B 154 34.35 -43.04 -40.80
N VAL B 155 34.01 -43.87 -41.78
CA VAL B 155 34.52 -45.24 -41.86
C VAL B 155 35.18 -45.41 -43.24
N ASN B 156 36.46 -45.78 -43.23
CA ASN B 156 37.30 -45.95 -44.43
C ASN B 156 37.25 -44.69 -45.33
N GLY B 157 37.37 -43.54 -44.66
CA GLY B 157 37.27 -42.22 -45.30
C GLY B 157 35.91 -41.78 -45.83
N GLN B 158 34.87 -42.59 -45.70
CA GLN B 158 33.52 -42.21 -46.11
C GLN B 158 32.81 -41.58 -44.91
N GLU B 159 32.16 -40.43 -45.12
CA GLU B 159 31.33 -39.83 -44.06
C GLU B 159 30.10 -40.71 -43.79
N ILE B 160 29.90 -41.07 -42.53
CA ILE B 160 28.79 -41.95 -42.17
C ILE B 160 27.59 -41.18 -41.61
N GLY B 161 27.88 -40.21 -40.75
CA GLY B 161 26.82 -39.48 -40.11
C GLY B 161 27.27 -38.61 -38.96
N VAL B 162 26.31 -37.90 -38.38
CA VAL B 162 26.54 -37.04 -37.22
C VAL B 162 25.56 -37.49 -36.14
N GLY B 163 26.04 -37.74 -34.93
CA GLY B 163 25.15 -38.15 -33.83
C GLY B 163 25.03 -37.06 -32.79
N SER B 164 23.91 -37.08 -32.06
CA SER B 164 23.56 -36.08 -31.06
C SER B 164 22.80 -36.82 -29.97
N GLY B 165 22.66 -36.24 -28.78
CA GLY B 165 21.89 -36.90 -27.68
C GLY B 165 22.85 -37.74 -26.88
N SER B 166 23.49 -37.12 -25.88
CA SER B 166 24.73 -37.66 -25.30
C SER B 166 24.57 -39.01 -24.60
N ARG B 167 23.42 -39.20 -23.95
CA ARG B 167 23.17 -40.43 -23.22
C ARG B 167 22.18 -41.37 -23.92
N LEU B 168 21.98 -41.17 -25.22
CA LEU B 168 21.07 -41.95 -26.03
C LEU B 168 21.83 -42.80 -27.05
N ALA B 169 21.38 -44.01 -27.35
CA ALA B 169 22.10 -44.82 -28.33
C ALA B 169 21.78 -44.33 -29.75
N GLN B 170 22.75 -44.46 -30.65
CA GLN B 170 22.54 -44.20 -32.06
C GLN B 170 23.23 -45.28 -32.86
N GLU B 171 22.52 -45.84 -33.84
CA GLU B 171 23.11 -46.84 -34.75
C GLU B 171 23.18 -46.24 -36.15
N PHE B 172 24.26 -46.57 -36.86
CA PHE B 172 24.47 -46.16 -38.25
C PHE B 172 24.64 -47.39 -39.17
N ASP B 173 24.10 -47.33 -40.38
CA ASP B 173 24.27 -48.41 -41.36
C ASP B 173 25.60 -48.25 -42.09
N VAL B 174 26.57 -49.10 -41.77
CA VAL B 174 27.89 -49.04 -42.38
C VAL B 174 28.08 -50.16 -43.40
N SER B 175 27.00 -50.74 -43.89
CA SER B 175 27.04 -51.88 -44.81
C SER B 175 27.92 -51.57 -46.03
N ASP B 176 27.78 -50.37 -46.58
CA ASP B 176 28.52 -50.01 -47.80
C ASP B 176 29.90 -49.43 -47.56
N ALA B 177 30.28 -49.11 -46.31
CA ALA B 177 31.61 -48.56 -46.08
C ALA B 177 32.62 -49.58 -45.57
N LEU B 178 32.15 -50.59 -44.84
CA LEU B 178 33.06 -51.57 -44.26
C LEU B 178 33.52 -52.55 -45.34
N ARG B 179 34.68 -53.15 -45.10
CA ARG B 179 35.24 -54.20 -45.96
C ARG B 179 35.80 -55.36 -45.12
N ALA B 180 35.99 -56.50 -45.77
CA ALA B 180 36.59 -57.67 -45.14
C ALA B 180 38.03 -57.32 -44.78
N GLY B 181 38.47 -57.75 -43.61
CA GLY B 181 39.83 -57.46 -43.16
C GLY B 181 39.94 -56.13 -42.44
N SER B 182 40.99 -55.37 -42.75
CA SER B 182 41.33 -54.15 -41.97
C SER B 182 40.43 -52.97 -42.32
N ASN B 183 39.98 -52.26 -41.28
CA ASN B 183 39.07 -51.14 -41.43
C ASN B 183 39.52 -49.97 -40.58
N LEU B 184 39.03 -48.77 -40.93
CA LEU B 184 39.37 -47.57 -40.16
C LEU B 184 38.11 -46.86 -39.75
N LEU B 185 38.03 -46.57 -38.45
CA LEU B 185 36.93 -45.75 -37.92
C LEU B 185 37.55 -44.51 -37.33
N VAL B 186 37.03 -43.37 -37.76
CA VAL B 186 37.46 -42.08 -37.23
C VAL B 186 36.20 -41.36 -36.68
N VAL B 187 36.31 -40.82 -35.47
CA VAL B 187 35.20 -40.08 -34.84
C VAL B 187 35.77 -38.78 -34.30
N ARG B 188 35.15 -37.67 -34.69
CA ARG B 188 35.50 -36.35 -34.14
C ARG B 188 34.39 -35.95 -33.18
N VAL B 189 34.76 -35.69 -31.92
CA VAL B 189 33.77 -35.40 -30.84
C VAL B 189 33.96 -33.96 -30.33
N HIS B 190 32.88 -33.18 -30.26
CA HIS B 190 32.98 -31.78 -29.76
C HIS B 190 32.41 -31.70 -28.37
N GLN B 191 33.07 -30.98 -27.47
CA GLN B 191 32.50 -30.78 -26.14
C GLN B 191 31.23 -29.97 -26.26
N TRP B 192 31.29 -28.80 -26.91
CA TRP B 192 30.07 -27.99 -27.05
C TRP B 192 29.47 -28.13 -28.42
N SER B 193 28.14 -28.15 -28.47
CA SER B 193 27.43 -28.19 -29.74
C SER B 193 26.05 -27.63 -29.49
N ALA B 194 25.22 -27.53 -30.51
CA ALA B 194 23.83 -27.16 -30.31
C ALA B 194 23.14 -28.07 -29.28
N ALA B 195 23.51 -29.36 -29.26
CA ALA B 195 22.94 -30.33 -28.30
C ALA B 195 23.15 -29.96 -26.82
N SER B 196 24.23 -29.22 -26.52
CA SER B 196 24.57 -28.80 -25.16
C SER B 196 23.45 -27.93 -24.55
N TYR B 197 22.72 -27.18 -25.38
CA TYR B 197 21.58 -26.40 -24.90
C TYR B 197 20.48 -27.29 -24.32
N LEU B 198 20.44 -28.53 -24.81
CA LEU B 198 19.43 -29.50 -24.41
C LEU B 198 19.88 -30.39 -23.26
N GLU B 199 21.10 -30.16 -22.79
CA GLU B 199 21.76 -31.04 -21.85
C GLU B 199 22.31 -30.31 -20.61
N ASP B 200 21.48 -29.45 -20.02
CA ASP B 200 21.88 -28.63 -18.88
C ASP B 200 21.64 -29.31 -17.52
N GLN B 201 21.87 -30.63 -17.45
CA GLN B 201 21.68 -31.34 -16.18
C GLN B 201 22.61 -30.82 -15.10
N ASP B 202 22.18 -30.93 -13.84
CA ASP B 202 22.97 -30.53 -12.67
C ASP B 202 24.01 -31.60 -12.38
N GLN B 203 25.18 -31.43 -12.99
CA GLN B 203 26.24 -32.43 -12.97
C GLN B 203 27.51 -31.89 -13.63
N TRP B 204 28.61 -32.64 -13.53
CA TRP B 204 29.84 -32.26 -14.24
C TRP B 204 29.63 -32.37 -15.75
N TRP B 205 30.24 -31.45 -16.51
CA TRP B 205 30.31 -31.56 -17.97
C TRP B 205 31.56 -32.38 -18.28
N LEU B 206 31.36 -33.52 -18.96
CA LEU B 206 32.43 -34.54 -19.12
C LEU B 206 32.41 -35.07 -20.56
N PRO B 207 33.17 -34.44 -21.46
CA PRO B 207 33.11 -34.93 -22.85
C PRO B 207 33.85 -36.26 -23.13
N GLY B 208 33.45 -36.97 -24.19
CA GLY B 208 34.20 -38.12 -24.70
C GLY B 208 33.26 -39.24 -25.12
N ILE B 209 33.84 -40.33 -25.62
CA ILE B 209 33.05 -41.53 -25.97
C ILE B 209 33.03 -42.38 -24.70
N PHE B 210 31.97 -42.24 -23.88
CA PHE B 210 32.01 -42.74 -22.50
C PHE B 210 31.19 -44.05 -22.32
N ARG B 211 30.52 -44.52 -23.39
CA ARG B 211 29.84 -45.81 -23.43
C ARG B 211 30.28 -46.56 -24.69
N ASP B 212 29.80 -47.79 -24.83
CA ASP B 212 30.42 -48.73 -25.78
C ASP B 212 30.28 -48.31 -27.23
N VAL B 213 31.22 -48.79 -28.04
CA VAL B 213 31.13 -48.69 -29.51
C VAL B 213 31.23 -50.12 -30.03
N THR B 214 30.23 -50.55 -30.78
CA THR B 214 30.16 -51.95 -31.16
C THR B 214 29.72 -52.08 -32.60
N LEU B 215 30.01 -53.22 -33.21
CA LEU B 215 29.48 -53.54 -34.53
C LEU B 215 28.63 -54.78 -34.44
N GLN B 216 27.61 -54.88 -35.28
CA GLN B 216 26.80 -56.08 -35.33
C GLN B 216 26.48 -56.40 -36.79
N ALA B 217 26.59 -57.70 -37.15
CA ALA B 217 26.19 -58.19 -38.48
C ALA B 217 24.74 -58.64 -38.42
N ARG B 218 23.85 -57.88 -39.04
CA ARG B 218 22.43 -58.16 -39.07
C ARG B 218 22.17 -59.36 -40.03
N PRO B 219 21.70 -60.49 -39.48
CA PRO B 219 21.45 -61.72 -40.26
C PRO B 219 20.31 -61.55 -41.24
N ALA B 220 20.51 -62.05 -42.46
CA ALA B 220 19.42 -62.14 -43.43
C ALA B 220 18.37 -63.05 -42.77
N GLY B 221 17.10 -62.63 -42.75
CA GLY B 221 16.04 -63.42 -42.12
C GLY B 221 16.13 -63.41 -40.59
N GLY B 222 16.81 -62.42 -40.05
CA GLY B 222 16.90 -62.23 -38.59
C GLY B 222 15.74 -61.39 -38.07
N ILE B 223 15.81 -61.06 -36.77
CA ILE B 223 14.75 -60.28 -36.13
C ILE B 223 15.36 -58.95 -35.69
N THR B 224 14.95 -57.86 -36.33
CA THR B 224 15.56 -56.57 -36.08
C THR B 224 15.19 -56.02 -34.69
N ASP B 225 13.91 -56.11 -34.32
CA ASP B 225 13.47 -55.67 -33.00
C ASP B 225 12.35 -56.58 -32.53
N ALA B 226 12.18 -56.65 -31.22
CA ALA B 226 11.05 -57.38 -30.66
C ALA B 226 10.61 -56.65 -29.40
N TRP B 227 9.30 -56.62 -29.19
CA TRP B 227 8.74 -56.08 -27.95
C TRP B 227 7.83 -57.15 -27.39
N LEU B 228 8.27 -57.78 -26.31
CA LEU B 228 7.42 -58.76 -25.62
C LEU B 228 6.73 -58.02 -24.48
N ARG B 229 5.55 -57.49 -24.76
CA ARG B 229 4.84 -56.62 -23.85
C ARG B 229 3.98 -57.50 -22.94
N THR B 230 4.25 -57.43 -21.64
CA THR B 230 3.64 -58.36 -20.70
C THR B 230 2.53 -57.69 -19.89
N GLY B 231 1.75 -58.52 -19.24
CA GLY B 231 0.70 -58.09 -18.36
C GLY B 231 0.43 -59.20 -17.37
N TRP B 232 -0.32 -58.88 -16.32
CA TRP B 232 -0.67 -59.84 -15.26
C TRP B 232 -1.99 -59.41 -14.64
N SER B 233 -2.82 -60.40 -14.29
CA SER B 233 -4.00 -60.11 -13.47
C SER B 233 -4.29 -61.28 -12.54
N ALA B 234 -4.87 -60.93 -11.39
CA ALA B 234 -5.02 -61.87 -10.30
C ALA B 234 -6.08 -62.91 -10.62
N ARG B 235 -5.77 -64.15 -10.18
CA ARG B 235 -6.67 -65.31 -10.14
C ARG B 235 -6.51 -65.99 -8.77
N SER B 236 -7.37 -66.97 -8.47
CA SER B 236 -7.13 -67.81 -7.28
C SER B 236 -5.90 -68.55 -7.87
C SER B 236 -5.75 -68.37 -6.90
N GLY B 237 -4.86 -68.76 -7.06
N GLY B 237 -5.00 -68.89 -7.87
CA GLY B 237 -3.61 -69.33 -7.61
C GLY B 237 -2.62 -68.22 -7.94
N ALA B 238 -1.65 -68.51 -8.82
CA ALA B 238 -0.58 -67.54 -9.12
C ALA B 238 -1.06 -66.29 -9.85
N GLY B 239 -2.00 -66.45 -10.79
CA GLY B 239 -2.48 -65.34 -11.61
C GLY B 239 -2.32 -65.69 -13.08
N THR B 240 -2.80 -64.81 -13.96
CA THR B 240 -2.70 -65.02 -15.41
C THR B 240 -1.76 -63.98 -16.04
N GLY B 241 -0.76 -64.45 -16.77
CA GLY B 241 0.16 -63.58 -17.49
C GLY B 241 -0.29 -63.45 -18.93
N THR B 242 0.06 -62.36 -19.57
CA THR B 242 -0.23 -62.22 -20.99
C THR B 242 1.03 -61.75 -21.67
N ILE B 243 1.21 -62.15 -22.91
CA ILE B 243 2.26 -61.60 -23.75
C ILE B 243 1.59 -61.04 -24.99
N ASP B 244 1.95 -59.80 -25.33
CA ASP B 244 1.46 -59.15 -26.54
C ASP B 244 2.69 -58.80 -27.40
N PRO B 245 3.07 -59.73 -28.30
CA PRO B 245 4.34 -59.60 -29.01
C PRO B 245 4.28 -58.69 -30.24
N GLU B 246 5.37 -58.00 -30.49
CA GLU B 246 5.55 -57.21 -31.70
C GLU B 246 6.89 -57.65 -32.28
N ILE B 247 6.87 -58.15 -33.51
CA ILE B 247 8.07 -58.62 -34.15
C ILE B 247 8.40 -57.71 -35.33
N THR B 248 9.60 -57.15 -35.34
CA THR B 248 10.08 -56.34 -36.44
C THR B 248 11.12 -57.16 -37.23
N ALA B 249 10.69 -57.65 -38.39
CA ALA B 249 11.46 -58.62 -39.16
C ALA B 249 10.99 -58.67 -40.61
N ASP B 250 11.90 -59.06 -41.51
CA ASP B 250 11.53 -59.38 -42.91
C ASP B 250 10.58 -60.55 -43.02
N ALA B 251 9.82 -60.56 -44.11
CA ALA B 251 9.03 -61.72 -44.48
C ALA B 251 9.91 -62.98 -44.50
N THR B 252 11.20 -62.84 -44.78
CA THR B 252 12.09 -64.02 -44.85
C THR B 252 12.45 -64.60 -43.49
N ALA B 253 12.19 -63.83 -42.42
CA ALA B 253 12.48 -64.28 -41.05
C ALA B 253 11.57 -65.43 -40.61
N PHE B 254 10.37 -65.45 -41.15
CA PHE B 254 9.36 -66.41 -40.71
C PHE B 254 9.66 -67.81 -41.26
N PRO B 255 9.37 -68.88 -40.45
CA PRO B 255 8.66 -68.87 -39.16
C PRO B 255 9.49 -68.41 -37.96
N VAL B 256 8.82 -67.68 -37.08
CA VAL B 256 9.43 -67.16 -35.85
C VAL B 256 8.80 -67.87 -34.64
N THR B 257 9.66 -68.31 -33.71
CA THR B 257 9.23 -69.09 -32.56
C THR B 257 9.46 -68.36 -31.24
N LEU B 258 8.39 -68.24 -30.46
CA LEU B 258 8.48 -67.77 -29.07
C LEU B 258 8.52 -68.98 -28.12
N SER B 259 9.57 -69.04 -27.30
CA SER B 259 9.78 -70.13 -26.36
C SER B 259 9.85 -69.51 -24.96
N VAL B 260 9.03 -70.01 -24.04
CA VAL B 260 9.18 -69.72 -22.60
C VAL B 260 9.15 -71.06 -21.84
N PRO B 261 10.30 -71.74 -21.71
CA PRO B 261 10.34 -73.14 -21.24
C PRO B 261 9.64 -73.38 -19.89
N GLU B 262 9.91 -72.51 -18.91
CA GLU B 262 9.36 -72.70 -17.58
C GLU B 262 7.82 -72.67 -17.56
N LEU B 263 7.22 -72.00 -18.54
CA LEU B 263 5.76 -71.87 -18.59
C LEU B 263 5.16 -72.74 -19.70
N GLY B 264 5.99 -73.59 -20.28
CA GLY B 264 5.54 -74.49 -21.35
C GLY B 264 5.11 -73.80 -22.64
N VAL B 265 5.60 -72.60 -22.91
CA VAL B 265 5.19 -71.96 -24.17
C VAL B 265 6.17 -72.24 -25.28
N ASN B 266 5.65 -72.69 -26.42
CA ASN B 266 6.46 -72.83 -27.63
C ASN B 266 5.56 -72.61 -28.81
N VAL B 267 5.53 -71.35 -29.25
CA VAL B 267 4.54 -70.88 -30.21
C VAL B 267 5.28 -70.50 -31.48
N THR B 268 4.88 -71.11 -32.60
CA THR B 268 5.54 -70.80 -33.87
C THR B 268 4.61 -70.01 -34.78
N TRP B 269 5.08 -68.84 -35.21
CA TRP B 269 4.31 -67.97 -36.11
C TRP B 269 4.82 -68.18 -37.52
N LYS B 270 3.93 -68.60 -38.40
CA LYS B 270 4.34 -68.93 -39.77
C LYS B 270 4.44 -67.73 -40.72
N SER B 271 3.88 -66.60 -40.31
CA SER B 271 3.95 -65.35 -41.07
C SER B 271 3.65 -64.20 -40.12
N ALA B 272 3.91 -62.96 -40.54
CA ALA B 272 3.67 -61.78 -39.69
C ALA B 272 2.23 -61.67 -39.25
N GLU B 273 1.31 -62.12 -40.10
CA GLU B 273 -0.11 -62.09 -39.80
C GLU B 273 -0.45 -62.96 -38.59
N GLU B 274 0.35 -63.99 -38.35
CA GLU B 274 0.08 -64.94 -37.25
C GLU B 274 0.52 -64.46 -35.86
N VAL B 275 1.45 -63.53 -35.79
CA VAL B 275 1.89 -63.00 -34.49
C VAL B 275 0.66 -62.46 -33.71
N ALA B 276 0.39 -63.02 -32.53
CA ALA B 276 -0.80 -62.61 -31.75
C ALA B 276 -0.57 -62.75 -30.24
N PRO B 277 -1.38 -62.03 -29.42
CA PRO B 277 -1.25 -62.10 -27.96
C PRO B 277 -1.54 -63.50 -27.44
N LEU B 278 -0.98 -63.82 -26.29
CA LEU B 278 -1.18 -65.10 -25.64
C LEU B 278 -1.46 -64.86 -24.17
N ALA B 279 -2.33 -65.69 -23.60
CA ALA B 279 -2.60 -65.67 -22.17
C ALA B 279 -2.11 -66.98 -21.55
N LEU B 280 -1.46 -66.88 -20.41
CA LEU B 280 -0.71 -67.97 -19.79
C LEU B 280 -1.17 -68.17 -18.35
N GLU B 281 -1.50 -69.42 -18.03
CA GLU B 281 -2.01 -69.74 -16.70
C GLU B 281 -0.89 -69.92 -15.70
N ASN B 282 -1.20 -69.69 -14.43
CA ASN B 282 -0.30 -69.88 -13.28
C ASN B 282 1.05 -69.16 -13.38
N VAL B 283 0.97 -67.85 -13.56
CA VAL B 283 2.14 -66.99 -13.76
C VAL B 283 2.25 -66.12 -12.52
N GLU B 284 3.44 -66.07 -11.95
CA GLU B 284 3.72 -65.25 -10.78
C GLU B 284 4.12 -63.84 -11.24
N PRO B 285 3.56 -62.81 -10.61
CA PRO B 285 3.84 -61.45 -11.10
C PRO B 285 5.23 -60.89 -10.71
N TRP B 286 5.69 -59.93 -11.51
CA TRP B 286 6.90 -59.20 -11.19
C TRP B 286 6.54 -57.93 -10.40
N SER B 287 7.30 -57.66 -9.34
CA SER B 287 7.20 -56.40 -8.60
C SER B 287 8.60 -56.10 -8.05
N ALA B 288 8.82 -54.90 -7.51
CA ALA B 288 10.09 -54.56 -6.91
C ALA B 288 10.42 -55.48 -5.72
N GLU B 289 9.41 -55.87 -4.95
CA GLU B 289 9.61 -56.76 -3.82
C GLU B 289 9.92 -58.17 -4.25
N VAL B 290 9.25 -58.64 -5.30
CA VAL B 290 9.39 -60.03 -5.75
C VAL B 290 9.61 -59.97 -7.28
N PRO B 291 10.84 -59.68 -7.71
CA PRO B 291 11.14 -59.50 -9.14
C PRO B 291 11.24 -60.82 -9.92
N ARG B 292 10.12 -61.53 -9.96
CA ARG B 292 10.06 -62.85 -10.62
C ARG B 292 10.24 -62.68 -12.12
N LEU B 293 11.25 -63.36 -12.67
CA LEU B 293 11.48 -63.34 -14.11
C LEU B 293 11.44 -64.75 -14.68
N TYR B 294 10.98 -64.87 -15.92
CA TYR B 294 10.95 -66.11 -16.70
C TYR B 294 11.86 -65.96 -17.94
N GLU B 295 12.72 -66.95 -18.18
CA GLU B 295 13.62 -66.91 -19.33
C GLU B 295 12.83 -67.20 -20.59
N ALA B 296 13.05 -66.41 -21.64
CA ALA B 296 12.30 -66.60 -22.89
C ALA B 296 13.21 -66.32 -24.07
N SER B 297 12.79 -66.72 -25.27
CA SER B 297 13.51 -66.37 -26.49
C SER B 297 12.54 -66.21 -27.66
N VAL B 298 12.92 -65.37 -28.65
CA VAL B 298 12.22 -65.31 -29.93
C VAL B 298 13.28 -65.53 -30.95
N SER B 299 13.04 -66.46 -31.85
CA SER B 299 14.08 -66.80 -32.78
C SER B 299 13.50 -67.13 -34.14
N SER B 300 14.32 -66.90 -35.15
CA SER B 300 14.05 -67.36 -36.50
C SER B 300 15.22 -68.30 -36.74
N ALA B 301 15.31 -68.86 -37.94
CA ALA B 301 16.42 -69.76 -38.23
C ALA B 301 17.74 -69.02 -38.14
N ALA B 302 17.74 -67.72 -38.45
CA ALA B 302 19.00 -66.97 -38.55
C ALA B 302 19.45 -66.24 -37.29
N GLU B 303 18.53 -66.02 -36.34
CA GLU B 303 18.89 -65.23 -35.16
C GLU B 303 18.01 -65.60 -33.99
N SER B 304 18.59 -65.61 -32.79
CA SER B 304 17.86 -65.87 -31.57
C SER B 304 18.07 -64.73 -30.57
N ILE B 305 16.98 -64.21 -30.03
CA ILE B 305 17.02 -63.14 -29.03
C ILE B 305 16.56 -63.68 -27.66
N SER B 306 17.38 -63.51 -26.64
CA SER B 306 17.05 -63.86 -25.26
C SER B 306 16.49 -62.69 -24.47
N VAL B 307 15.34 -62.90 -23.82
CA VAL B 307 14.68 -61.88 -23.00
C VAL B 307 14.28 -62.49 -21.65
N ARG B 308 14.33 -61.70 -20.58
CA ARG B 308 13.74 -62.12 -19.31
C ARG B 308 12.44 -61.37 -19.07
N LEU B 309 11.35 -62.14 -18.98
CA LEU B 309 10.00 -61.62 -18.88
C LEU B 309 9.58 -61.43 -17.42
N GLY B 310 9.15 -60.21 -17.10
CA GLY B 310 8.49 -59.92 -15.83
C GLY B 310 7.06 -59.58 -16.17
N PHE B 311 6.12 -60.35 -15.64
CA PHE B 311 4.69 -60.15 -15.90
C PHE B 311 4.11 -59.17 -14.90
N ARG B 312 3.69 -58.01 -15.39
CA ARG B 312 3.13 -56.96 -14.53
C ARG B 312 2.37 -55.94 -15.35
N THR B 313 1.35 -55.34 -14.74
CA THR B 313 0.49 -54.37 -15.43
C THR B 313 0.44 -53.09 -14.61
N VAL B 314 0.74 -51.95 -15.26
CA VAL B 314 0.64 -50.63 -14.63
C VAL B 314 -0.71 -50.00 -15.06
N ARG B 315 -1.51 -49.56 -14.10
CA ARG B 315 -2.76 -48.83 -14.40
C ARG B 315 -2.91 -47.64 -13.48
N ILE B 316 -3.32 -46.51 -14.04
CA ILE B 316 -3.78 -45.39 -13.22
C ILE B 316 -5.29 -45.44 -13.20
N VAL B 317 -5.85 -45.39 -12.01
CA VAL B 317 -7.29 -45.39 -11.88
C VAL B 317 -7.60 -44.21 -10.99
N GLY B 318 -8.08 -43.13 -11.60
CA GLY B 318 -8.29 -41.88 -10.89
C GLY B 318 -6.97 -41.36 -10.34
N ASP B 319 -6.91 -41.14 -9.02
CA ASP B 319 -5.68 -40.66 -8.39
C ASP B 319 -4.77 -41.76 -7.81
N GLN B 320 -4.98 -43.00 -8.25
CA GLN B 320 -4.20 -44.15 -7.76
C GLN B 320 -3.29 -44.68 -8.90
N PHE B 321 -2.03 -44.87 -8.59
CA PHE B 321 -1.04 -45.47 -9.49
C PHE B 321 -0.92 -46.91 -9.06
N LEU B 322 -1.43 -47.82 -9.87
CA LEU B 322 -1.46 -49.24 -9.47
C LEU B 322 -0.46 -50.08 -10.26
N VAL B 323 0.20 -51.04 -9.58
CA VAL B 323 0.89 -52.09 -10.35
C VAL B 323 0.37 -53.43 -9.83
N ASN B 324 -0.04 -54.27 -10.76
CA ASN B 324 -0.69 -55.54 -10.42
C ASN B 324 -1.88 -55.35 -9.52
N GLY B 325 -2.59 -54.23 -9.73
CA GLY B 325 -3.85 -53.95 -9.06
C GLY B 325 -3.76 -53.34 -7.67
N ARG B 326 -2.57 -52.98 -7.22
CA ARG B 326 -2.38 -52.42 -5.88
C ARG B 326 -1.51 -51.15 -5.94
N ARG B 327 -1.90 -50.14 -5.18
CA ARG B 327 -1.17 -48.86 -5.10
C ARG B 327 0.31 -49.06 -4.79
N VAL B 328 1.18 -48.42 -5.58
CA VAL B 328 2.61 -48.45 -5.34
C VAL B 328 3.07 -47.18 -4.58
N VAL B 329 3.73 -47.37 -3.45
CA VAL B 329 4.37 -46.24 -2.78
C VAL B 329 5.84 -46.32 -3.12
N PHE B 330 6.34 -45.22 -3.65
CA PHE B 330 7.73 -45.12 -4.10
C PHE B 330 8.63 -44.63 -2.97
N HIS B 331 9.62 -45.45 -2.62
CA HIS B 331 10.68 -45.05 -1.69
C HIS B 331 11.97 -44.99 -2.48
N GLY B 332 12.12 -43.91 -3.25
CA GLY B 332 13.09 -43.89 -4.33
C GLY B 332 14.26 -42.96 -4.10
N VAL B 333 15.20 -43.06 -5.03
CA VAL B 333 16.33 -42.15 -5.07
C VAL B 333 16.53 -41.75 -6.53
N ASN B 334 17.03 -40.53 -6.72
CA ASN B 334 17.53 -40.09 -8.02
C ASN B 334 18.96 -40.59 -8.14
N ARG B 335 19.30 -41.19 -9.24
CA ARG B 335 20.61 -41.80 -9.38
C ARG B 335 21.11 -41.64 -10.81
N HIS B 336 22.36 -41.24 -10.99
CA HIS B 336 23.00 -41.49 -12.29
C HIS B 336 24.38 -42.07 -12.04
N GLU B 337 24.98 -42.65 -13.08
CA GLU B 337 26.31 -43.32 -12.98
C GLU B 337 27.37 -42.33 -12.57
N THR B 338 28.10 -42.68 -11.53
CA THR B 338 29.07 -41.76 -11.02
C THR B 338 30.19 -42.51 -10.35
N HIS B 339 31.40 -42.09 -10.65
CA HIS B 339 32.56 -42.68 -10.04
C HIS B 339 33.67 -41.65 -10.01
N PRO B 340 34.38 -41.53 -8.87
CA PRO B 340 35.38 -40.48 -8.72
C PRO B 340 36.58 -40.63 -9.67
N ASP B 341 36.76 -41.81 -10.24
CA ASP B 341 37.90 -42.04 -11.13
C ASP B 341 37.51 -42.15 -12.61
N ARG B 342 36.27 -42.57 -12.86
CA ARG B 342 35.82 -42.97 -14.20
C ARG B 342 34.73 -42.07 -14.77
N GLY B 343 34.11 -41.23 -13.94
CA GLY B 343 33.01 -40.39 -14.40
C GLY B 343 31.77 -41.23 -14.65
N ARG B 344 31.18 -41.09 -15.83
CA ARG B 344 29.89 -41.71 -16.10
C ARG B 344 30.05 -43.04 -16.85
N VAL B 345 31.28 -43.57 -16.91
CA VAL B 345 31.53 -44.87 -17.53
C VAL B 345 30.88 -45.98 -16.69
N PHE B 346 30.17 -46.89 -17.33
CA PHE B 346 29.48 -47.97 -16.62
C PHE B 346 30.46 -49.07 -16.22
N ASP B 347 30.27 -49.64 -15.03
CA ASP B 347 30.95 -50.89 -14.63
C ASP B 347 29.89 -51.85 -14.02
N GLU B 348 29.66 -53.01 -14.61
CA GLU B 348 28.63 -53.89 -14.12
C GLU B 348 28.81 -54.29 -12.63
N ALA B 349 30.01 -54.70 -12.23
CA ALA B 349 30.27 -55.09 -10.83
C ALA B 349 29.97 -53.94 -9.86
N GLY B 350 30.45 -52.74 -10.22
CA GLY B 350 30.17 -51.52 -9.46
C GLY B 350 28.69 -51.22 -9.33
N ALA B 351 27.96 -51.32 -10.44
CA ALA B 351 26.51 -51.05 -10.46
C ALA B 351 25.74 -52.07 -9.62
N ARG B 352 26.11 -53.35 -9.71
CA ARG B 352 25.45 -54.37 -8.87
C ARG B 352 25.60 -54.05 -7.39
N GLU B 353 26.83 -53.72 -7.00
CA GLU B 353 27.14 -53.33 -5.63
C GLU B 353 26.39 -52.05 -5.20
N ASP B 354 26.35 -51.07 -6.08
CA ASP B 354 25.57 -49.83 -5.88
C ASP B 354 24.09 -50.14 -5.60
N LEU B 355 23.48 -51.00 -6.44
CA LEU B 355 22.07 -51.38 -6.25
C LEU B 355 21.84 -52.22 -5.00
N ALA B 356 22.79 -53.08 -4.63
CA ALA B 356 22.69 -53.84 -3.38
C ALA B 356 22.66 -52.89 -2.19
N LEU B 357 23.48 -51.85 -2.24
CA LEU B 357 23.54 -50.86 -1.15
C LEU B 357 22.19 -50.16 -1.02
N MET B 358 21.57 -49.78 -2.16
CA MET B 358 20.20 -49.24 -2.16
C MET B 358 19.19 -50.17 -1.46
N LYS B 359 19.20 -51.44 -1.83
CA LYS B 359 18.27 -52.40 -1.18
C LYS B 359 18.49 -52.51 0.34
N ARG B 360 19.75 -52.50 0.78
CA ARG B 360 20.05 -52.54 2.21
C ARG B 360 19.52 -51.32 2.97
N PHE B 361 19.16 -50.25 2.26
CA PHE B 361 18.64 -49.03 2.93
C PHE B 361 17.17 -48.77 2.56
N ASN B 362 16.51 -49.86 2.16
CA ASN B 362 15.05 -49.91 1.96
C ASN B 362 14.58 -49.11 0.75
N VAL B 363 15.51 -48.84 -0.18
CA VAL B 363 15.16 -48.15 -1.43
C VAL B 363 14.43 -49.16 -2.31
N ASN B 364 13.31 -48.74 -2.88
CA ASN B 364 12.59 -49.59 -3.85
C ASN B 364 12.42 -49.03 -5.24
N ALA B 365 12.99 -47.86 -5.53
CA ALA B 365 12.71 -47.22 -6.81
C ALA B 365 13.87 -46.32 -7.20
N ILE B 366 14.06 -46.19 -8.50
CA ILE B 366 15.13 -45.34 -9.06
C ILE B 366 14.55 -44.45 -10.15
N ARG B 367 14.82 -43.15 -10.04
CA ARG B 367 14.66 -42.23 -11.15
C ARG B 367 16.05 -41.98 -11.82
N THR B 368 16.13 -42.17 -13.13
CA THR B 368 17.41 -42.09 -13.85
C THR B 368 17.63 -40.62 -14.22
N SER B 369 18.17 -39.86 -13.29
CA SER B 369 18.22 -38.42 -13.44
C SER B 369 19.48 -38.01 -14.21
N HIS B 370 19.36 -37.32 -15.35
CA HIS B 370 18.10 -37.03 -16.05
C HIS B 370 18.31 -37.43 -17.51
N TYR B 371 18.44 -38.74 -17.74
CA TYR B 371 18.77 -39.30 -19.06
C TYR B 371 18.85 -40.80 -18.83
N PRO B 372 18.75 -41.60 -19.91
CA PRO B 372 18.82 -43.04 -19.69
C PRO B 372 20.20 -43.50 -19.20
N PRO B 373 20.24 -44.55 -18.35
CA PRO B 373 21.55 -45.05 -17.94
C PRO B 373 22.16 -45.96 -19.01
N HIS B 374 23.31 -46.55 -18.72
CA HIS B 374 23.82 -47.61 -19.60
C HIS B 374 22.74 -48.67 -19.69
N PRO B 375 22.49 -49.20 -20.90
CA PRO B 375 21.34 -50.09 -21.03
C PRO B 375 21.39 -51.33 -20.09
N ARG B 376 22.60 -51.71 -19.66
CA ARG B 376 22.74 -52.93 -18.84
C ARG B 376 22.22 -52.70 -17.41
N LEU B 377 22.22 -51.44 -16.97
CA LEU B 377 21.61 -51.11 -15.67
C LEU B 377 20.16 -51.59 -15.54
N LEU B 378 19.38 -51.50 -16.62
CA LEU B 378 17.98 -51.95 -16.56
C LEU B 378 17.82 -53.46 -16.35
N ASP B 379 18.76 -54.25 -16.87
CA ASP B 379 18.81 -55.70 -16.56
C ASP B 379 19.03 -55.91 -15.05
N LEU B 380 19.92 -55.14 -14.45
CA LEU B 380 20.07 -55.23 -12.99
C LEU B 380 18.81 -54.79 -12.24
N ALA B 381 18.13 -53.74 -12.68
CA ALA B 381 16.87 -53.32 -12.01
C ALA B 381 15.79 -54.41 -12.12
N ASP B 382 15.68 -55.02 -13.31
CA ASP B 382 14.69 -56.11 -13.50
C ASP B 382 14.95 -57.26 -12.54
N GLU B 383 16.22 -57.63 -12.38
CA GLU B 383 16.59 -58.80 -11.57
C GLU B 383 16.60 -58.50 -10.08
N MET B 384 17.02 -57.31 -9.69
CA MET B 384 17.13 -57.02 -8.23
C MET B 384 15.84 -56.47 -7.65
N GLY B 385 15.03 -55.87 -8.52
CA GLY B 385 13.74 -55.36 -8.13
C GLY B 385 13.72 -53.90 -7.71
N PHE B 386 13.61 -53.00 -8.69
CA PHE B 386 13.38 -51.56 -8.44
C PHE B 386 12.30 -51.11 -9.41
N TRP B 387 11.38 -50.27 -8.93
CA TRP B 387 10.50 -49.53 -9.83
C TRP B 387 11.36 -48.45 -10.50
N VAL B 388 11.26 -48.28 -11.81
CA VAL B 388 12.13 -47.33 -12.49
C VAL B 388 11.28 -46.27 -13.20
N ILE B 389 11.65 -45.01 -13.00
CA ILE B 389 11.16 -43.92 -13.85
C ILE B 389 12.32 -43.64 -14.82
N LEU B 390 12.13 -43.99 -16.09
CA LEU B 390 13.19 -43.88 -17.10
C LEU B 390 13.03 -42.54 -17.78
N GLU B 391 14.05 -41.70 -17.64
CA GLU B 391 13.91 -40.31 -18.04
C GLU B 391 14.70 -40.03 -19.30
N CYS B 392 14.05 -39.36 -20.27
CA CYS B 392 14.68 -38.91 -21.50
C CYS B 392 15.79 -37.84 -21.24
N ASP B 393 16.81 -37.82 -22.09
CA ASP B 393 17.95 -36.91 -21.97
C ASP B 393 17.55 -35.50 -22.46
N LEU B 394 17.04 -34.67 -21.55
CA LEU B 394 16.59 -33.31 -21.90
C LEU B 394 16.54 -32.43 -20.64
N GLU B 395 17.27 -31.33 -20.68
CA GLU B 395 17.23 -30.33 -19.62
C GLU B 395 17.64 -28.96 -20.18
N THR B 396 16.69 -28.02 -20.15
CA THR B 396 16.99 -26.65 -20.69
C THR B 396 16.89 -25.60 -19.57
N HIS B 397 17.24 -26.02 -18.35
CA HIS B 397 16.92 -25.26 -17.13
C HIS B 397 17.49 -23.84 -17.17
N GLY B 398 18.67 -23.70 -17.78
CA GLY B 398 19.31 -22.38 -17.94
C GLY B 398 18.55 -21.30 -18.71
N PHE B 399 17.49 -21.66 -19.43
CA PHE B 399 16.62 -20.69 -20.08
C PHE B 399 15.62 -20.00 -19.11
N GLU B 400 15.52 -20.49 -17.88
CA GLU B 400 14.50 -20.03 -16.95
C GLU B 400 14.72 -18.57 -16.55
N ALA B 401 15.97 -18.22 -16.21
CA ALA B 401 16.25 -16.89 -15.69
C ALA B 401 15.76 -15.84 -16.67
N GLY B 402 15.93 -16.09 -17.96
CA GLY B 402 15.50 -15.15 -19.01
C GLY B 402 14.02 -15.22 -19.36
N GLY B 403 13.21 -15.77 -18.44
CA GLY B 403 11.78 -15.94 -18.66
C GLY B 403 11.42 -16.93 -19.75
N TRP B 404 12.28 -17.91 -19.99
CA TRP B 404 12.09 -19.00 -20.97
C TRP B 404 12.07 -18.55 -22.43
N VAL B 405 12.56 -17.34 -22.69
CA VAL B 405 12.57 -16.85 -24.06
C VAL B 405 13.55 -17.72 -24.86
N GLU B 406 13.14 -18.18 -26.04
CA GLU B 406 13.93 -19.09 -26.91
C GLU B 406 14.16 -20.48 -26.29
N ASN B 407 13.42 -20.82 -25.25
CA ASN B 407 13.49 -22.17 -24.67
C ASN B 407 13.23 -23.24 -25.74
N PRO B 408 14.18 -24.17 -25.96
CA PRO B 408 13.99 -25.21 -26.99
C PRO B 408 12.67 -26.01 -26.89
N SER B 409 12.10 -26.13 -25.68
CA SER B 409 10.82 -26.85 -25.50
C SER B 409 9.64 -26.21 -26.24
N ASP B 410 9.75 -24.93 -26.62
CA ASP B 410 8.64 -24.25 -27.35
C ASP B 410 9.02 -23.61 -28.66
N VAL B 411 10.20 -23.96 -29.18
CA VAL B 411 10.70 -23.45 -30.46
C VAL B 411 10.64 -24.54 -31.54
N PRO B 412 9.86 -24.31 -32.61
CA PRO B 412 9.69 -25.32 -33.69
C PRO B 412 10.98 -25.89 -34.29
N ALA B 413 12.05 -25.09 -34.38
CA ALA B 413 13.31 -25.58 -34.96
C ALA B 413 13.91 -26.76 -34.18
N TRP B 414 13.55 -26.90 -32.89
CA TRP B 414 14.06 -28.02 -32.09
C TRP B 414 13.10 -29.21 -31.95
N ARG B 415 11.92 -29.12 -32.57
CA ARG B 415 10.86 -30.09 -32.32
C ARG B 415 11.24 -31.52 -32.76
N ASP B 416 11.72 -31.68 -33.99
CA ASP B 416 12.14 -33.02 -34.45
C ASP B 416 13.24 -33.63 -33.57
N ALA B 417 14.16 -32.81 -33.07
CA ALA B 417 15.24 -33.28 -32.22
C ALA B 417 14.66 -33.77 -30.89
N LEU B 418 13.68 -33.03 -30.34
CA LEU B 418 13.11 -33.44 -29.05
C LEU B 418 12.31 -34.74 -29.18
N VAL B 419 11.49 -34.84 -30.22
CA VAL B 419 10.69 -36.05 -30.39
C VAL B 419 11.60 -37.25 -30.68
N ASP B 420 12.63 -37.05 -31.51
CA ASP B 420 13.67 -38.07 -31.74
C ASP B 420 14.34 -38.53 -30.45
N ARG B 421 14.70 -37.61 -29.55
CA ARG B 421 15.23 -38.02 -28.23
C ARG B 421 14.22 -38.94 -27.48
N MET B 422 12.94 -38.57 -27.46
CA MET B 422 11.94 -39.41 -26.76
C MET B 422 11.81 -40.79 -27.44
N GLU B 423 11.77 -40.80 -28.77
CA GLU B 423 11.70 -42.04 -29.52
C GLU B 423 12.84 -42.99 -29.17
N ARG B 424 14.07 -42.47 -29.19
CA ARG B 424 15.25 -43.27 -28.85
C ARG B 424 15.22 -43.77 -27.40
N THR B 425 14.71 -42.94 -26.51
CA THR B 425 14.58 -43.29 -25.09
C THR B 425 13.61 -44.48 -24.94
N VAL B 426 12.42 -44.36 -25.54
CA VAL B 426 11.39 -45.38 -25.37
C VAL B 426 11.81 -46.67 -26.07
N GLU B 427 12.29 -46.55 -27.32
CA GLU B 427 12.58 -47.75 -28.11
C GLU B 427 13.65 -48.63 -27.47
N ARG B 428 14.69 -48.01 -26.94
CA ARG B 428 15.80 -48.77 -26.39
C ARG B 428 15.38 -49.68 -25.23
N ASP B 429 14.52 -49.17 -24.35
CA ASP B 429 14.24 -49.79 -23.05
C ASP B 429 12.84 -50.37 -22.84
N LYS B 430 12.01 -50.36 -23.89
CA LYS B 430 10.58 -50.70 -23.80
C LYS B 430 10.32 -52.14 -23.27
N ASN B 431 11.34 -53.00 -23.30
CA ASN B 431 11.15 -54.40 -22.84
C ASN B 431 11.31 -54.65 -21.34
N HIS B 432 11.76 -53.64 -20.61
CA HIS B 432 12.10 -53.89 -19.21
C HIS B 432 10.88 -53.75 -18.29
N PRO B 433 10.54 -54.81 -17.51
CA PRO B 433 9.39 -54.75 -16.61
C PRO B 433 9.54 -53.70 -15.46
N SER B 434 10.78 -53.41 -15.06
CA SER B 434 11.08 -52.47 -13.94
C SER B 434 10.65 -51.03 -14.29
N ILE B 435 10.69 -50.71 -15.59
CA ILE B 435 10.22 -49.38 -16.02
C ILE B 435 8.71 -49.28 -15.97
N VAL B 436 8.21 -48.41 -15.08
CA VAL B 436 6.77 -48.24 -14.92
C VAL B 436 6.30 -46.83 -15.29
N MET B 437 7.22 -45.89 -15.54
CA MET B 437 6.88 -44.56 -16.12
C MET B 437 7.98 -44.07 -17.05
N TRP B 438 7.59 -43.34 -18.10
CA TRP B 438 8.56 -42.61 -18.91
C TRP B 438 8.54 -41.17 -18.45
N SER B 439 9.70 -40.52 -18.36
CA SER B 439 9.73 -39.11 -18.05
C SER B 439 10.32 -38.38 -19.25
N LEU B 440 9.76 -37.20 -19.54
CA LEU B 440 10.13 -36.37 -20.71
C LEU B 440 11.48 -35.72 -20.58
N GLY B 441 11.94 -35.56 -19.33
CA GLY B 441 13.16 -34.81 -19.07
C GLY B 441 12.96 -34.08 -17.76
N ASN B 442 13.68 -32.98 -17.56
CA ASN B 442 13.72 -32.31 -16.25
C ASN B 442 13.93 -30.81 -16.44
N GLU B 443 13.16 -30.03 -15.67
CA GLU B 443 13.38 -28.57 -15.56
C GLU B 443 13.62 -27.92 -16.93
N SER B 444 12.68 -28.15 -17.85
CA SER B 444 12.80 -27.61 -19.22
C SER B 444 11.63 -26.71 -19.58
N GLY B 445 10.98 -26.17 -18.54
CA GLY B 445 9.81 -25.30 -18.74
C GLY B 445 8.68 -26.10 -19.38
N THR B 446 7.89 -25.44 -20.21
CA THR B 446 6.81 -26.11 -20.91
C THR B 446 6.72 -25.60 -22.34
N GLY B 447 5.97 -26.30 -23.18
CA GLY B 447 5.87 -25.86 -24.56
C GLY B 447 5.35 -26.98 -25.41
N SER B 448 5.05 -26.65 -26.66
CA SER B 448 4.45 -27.56 -27.61
C SER B 448 5.31 -28.81 -27.90
N ASN B 449 6.62 -28.66 -27.86
CA ASN B 449 7.53 -29.77 -28.16
C ASN B 449 7.53 -30.82 -27.07
N LEU B 450 7.43 -30.39 -25.81
CA LEU B 450 7.23 -31.37 -24.69
C LEU B 450 5.91 -32.10 -24.83
N ALA B 451 4.83 -31.35 -25.09
CA ALA B 451 3.55 -31.96 -25.39
C ALA B 451 3.63 -32.93 -26.59
N ALA B 452 4.41 -32.60 -27.63
CA ALA B 452 4.66 -33.53 -28.74
C ALA B 452 5.38 -34.82 -28.30
N MET B 453 6.37 -34.70 -27.40
CA MET B 453 7.07 -35.87 -26.90
C MET B 453 6.10 -36.78 -26.13
N ALA B 454 5.24 -36.18 -25.29
CA ALA B 454 4.25 -36.96 -24.55
C ALA B 454 3.29 -37.64 -25.49
N ALA B 455 2.88 -36.94 -26.55
CA ALA B 455 1.91 -37.49 -27.50
C ALA B 455 2.48 -38.70 -28.24
N TRP B 456 3.76 -38.60 -28.61
CA TRP B 456 4.47 -39.70 -29.23
C TRP B 456 4.53 -40.91 -28.28
N ALA B 457 4.96 -40.71 -27.04
CA ALA B 457 4.99 -41.78 -26.04
C ALA B 457 3.62 -42.42 -25.83
N HIS B 458 2.58 -41.61 -25.70
CA HIS B 458 1.21 -42.17 -25.57
C HIS B 458 0.85 -43.02 -26.78
N ALA B 459 1.20 -42.53 -27.97
CA ALA B 459 0.86 -43.25 -29.21
C ALA B 459 1.65 -44.53 -29.36
N ARG B 460 2.90 -44.55 -28.89
CA ARG B 460 3.73 -45.74 -29.07
C ARG B 460 3.45 -46.79 -27.98
N ASP B 461 3.38 -46.33 -26.72
CA ASP B 461 3.42 -47.23 -25.59
C ASP B 461 2.39 -46.80 -24.57
N SER B 462 1.20 -47.38 -24.68
CA SER B 462 0.14 -47.10 -23.73
C SER B 462 0.32 -47.81 -22.36
N SER B 463 1.37 -48.59 -22.20
CA SER B 463 1.56 -49.41 -20.99
C SER B 463 2.16 -48.67 -19.80
N ARG B 464 2.69 -47.46 -20.03
CA ARG B 464 3.41 -46.73 -18.97
C ARG B 464 3.02 -45.26 -18.98
N PRO B 465 2.60 -44.72 -17.83
CA PRO B 465 2.24 -43.30 -17.71
C PRO B 465 3.43 -42.37 -18.01
N VAL B 466 3.12 -41.14 -18.39
CA VAL B 466 4.14 -40.12 -18.74
C VAL B 466 4.25 -39.10 -17.57
N HIS B 467 5.50 -38.91 -17.14
CA HIS B 467 5.91 -38.04 -16.05
C HIS B 467 6.67 -36.84 -16.61
N TYR B 468 6.39 -35.65 -16.12
CA TYR B 468 7.25 -34.46 -16.38
C TYR B 468 6.90 -33.35 -15.40
N GLU B 469 7.81 -33.08 -14.47
CA GLU B 469 7.53 -32.14 -13.40
C GLU B 469 7.34 -30.68 -13.87
N GLY B 470 7.89 -30.32 -15.02
CA GLY B 470 7.73 -28.93 -15.52
C GLY B 470 6.33 -28.63 -16.05
N ASP B 471 5.48 -29.64 -16.19
CA ASP B 471 4.09 -29.48 -16.64
C ASP B 471 3.23 -29.12 -15.41
N TYR B 472 3.47 -27.93 -14.86
CA TYR B 472 2.78 -27.50 -13.61
C TYR B 472 1.27 -27.53 -13.72
N THR B 473 0.74 -27.25 -14.91
CA THR B 473 -0.70 -27.13 -15.08
C THR B 473 -1.38 -28.43 -15.48
N GLY B 474 -0.59 -29.48 -15.69
CA GLY B 474 -1.10 -30.80 -16.07
C GLY B 474 -1.66 -30.84 -17.48
N ALA B 475 -1.02 -30.12 -18.40
CA ALA B 475 -1.48 -30.04 -19.77
C ALA B 475 -1.25 -31.32 -20.63
N TYR B 476 -0.27 -32.15 -20.26
CA TYR B 476 0.07 -33.32 -21.10
C TYR B 476 0.66 -34.54 -20.35
N THR B 477 0.65 -34.52 -19.02
CA THR B 477 1.24 -35.62 -18.22
C THR B 477 0.15 -36.42 -17.50
N ASP B 478 0.47 -37.65 -17.08
CA ASP B 478 -0.50 -38.56 -16.46
C ASP B 478 -0.44 -38.61 -14.93
N VAL B 479 0.72 -38.21 -14.39
CA VAL B 479 0.90 -38.05 -12.94
C VAL B 479 1.23 -36.61 -12.62
N TYR B 480 0.90 -36.18 -11.41
CA TYR B 480 1.29 -34.86 -10.94
C TYR B 480 2.59 -35.02 -10.19
N SER B 481 3.65 -34.35 -10.65
CA SER B 481 4.95 -34.50 -10.05
C SER B 481 5.46 -33.14 -9.59
N ARG B 482 6.00 -33.10 -8.39
CA ARG B 482 6.63 -31.89 -7.90
C ARG B 482 8.02 -32.16 -7.37
N MET B 483 8.82 -31.11 -7.22
CA MET B 483 10.07 -31.24 -6.52
C MET B 483 10.12 -30.28 -5.34
N TYR B 484 10.51 -30.81 -4.17
CA TYR B 484 10.69 -30.02 -2.96
C TYR B 484 9.43 -29.23 -2.54
N SER B 485 8.23 -29.70 -2.88
CA SER B 485 7.02 -29.06 -2.34
C SER B 485 7.05 -29.15 -0.81
N SER B 486 6.66 -28.06 -0.12
CA SER B 486 6.75 -27.99 1.35
C SER B 486 5.75 -28.97 1.97
N ILE B 487 5.84 -29.20 3.28
CA ILE B 487 4.84 -30.00 3.96
C ILE B 487 3.41 -29.42 3.79
N PRO B 488 3.21 -28.11 4.07
CA PRO B 488 1.90 -27.48 3.83
C PRO B 488 1.36 -27.67 2.41
N GLU B 489 2.19 -27.46 1.38
CA GLU B 489 1.72 -27.59 -0.01
C GLU B 489 1.42 -29.03 -0.38
N THR B 490 2.28 -29.93 0.07
CA THR B 490 2.06 -31.37 -0.23
C THR B 490 0.78 -31.88 0.48
N ASP B 491 0.55 -31.44 1.73
CA ASP B 491 -0.71 -31.69 2.45
C ASP B 491 -1.89 -31.18 1.61
N SER B 492 -1.76 -29.96 1.07
CA SER B 492 -2.85 -29.36 0.25
C SER B 492 -3.12 -30.17 -1.03
N ILE B 493 -2.07 -30.79 -1.57
CA ILE B 493 -2.20 -31.61 -2.74
C ILE B 493 -2.95 -32.88 -2.41
N GLY B 494 -2.61 -33.53 -1.28
CA GLY B 494 -3.15 -34.86 -0.95
C GLY B 494 -4.59 -34.82 -0.45
N ARG B 495 -4.94 -33.73 0.22
CA ARG B 495 -6.29 -33.62 0.82
C ARG B 495 -7.40 -33.33 -0.19
N ASN B 496 -8.60 -33.81 0.15
CA ASN B 496 -9.77 -33.65 -0.71
C ASN B 496 -10.68 -32.48 -0.37
N ASP B 497 -10.26 -31.62 0.55
CA ASP B 497 -11.08 -30.48 0.93
C ASP B 497 -10.34 -29.16 0.77
N SER B 498 -9.49 -29.05 -0.23
CA SER B 498 -8.74 -27.81 -0.45
C SER B 498 -8.79 -27.40 -1.92
N HIS B 499 -9.07 -26.12 -2.16
CA HIS B 499 -9.03 -25.54 -3.51
C HIS B 499 -7.88 -24.53 -3.67
N ALA B 500 -6.99 -24.48 -2.68
CA ALA B 500 -5.79 -23.63 -2.69
C ALA B 500 -5.05 -23.81 -4.02
N LEU B 501 -4.50 -22.72 -4.53
CA LEU B 501 -3.75 -22.75 -5.78
C LEU B 501 -2.39 -23.43 -5.59
N LEU B 502 -2.00 -24.21 -6.59
CA LEU B 502 -0.74 -24.91 -6.55
C LEU B 502 0.25 -24.14 -7.43
N LEU B 503 1.54 -24.40 -7.26
CA LEU B 503 2.60 -23.75 -8.06
C LEU B 503 2.31 -23.71 -9.56
N GLY B 504 2.27 -22.49 -10.11
CA GLY B 504 2.14 -22.28 -11.55
C GLY B 504 0.72 -22.40 -12.10
N CYS B 505 -0.27 -22.55 -11.21
CA CYS B 505 -1.62 -22.97 -11.57
C CYS B 505 -2.65 -21.93 -11.17
N ASP B 506 -3.69 -21.78 -11.99
CA ASP B 506 -4.91 -21.11 -11.55
C ASP B 506 -5.81 -22.14 -10.86
N SER B 507 -7.03 -21.76 -10.41
CA SER B 507 -7.83 -22.71 -9.62
C SER B 507 -8.24 -23.96 -10.42
N ALA B 508 -8.49 -23.79 -11.72
CA ALA B 508 -8.89 -24.93 -12.55
C ALA B 508 -7.76 -25.90 -12.76
N GLU B 509 -6.57 -25.37 -12.99
CA GLU B 509 -5.40 -26.21 -13.22
C GLU B 509 -5.01 -26.92 -11.91
N SER B 510 -5.19 -26.22 -10.79
CA SER B 510 -4.95 -26.81 -9.46
C SER B 510 -5.90 -27.96 -9.23
N ALA B 511 -7.19 -27.78 -9.58
CA ALA B 511 -8.21 -28.84 -9.42
C ALA B 511 -7.87 -30.09 -10.26
N ARG B 512 -7.51 -29.86 -11.52
CA ARG B 512 -7.10 -30.91 -12.46
C ARG B 512 -5.92 -31.75 -11.91
N GLN B 513 -4.91 -31.07 -11.39
CA GLN B 513 -3.74 -31.78 -10.89
C GLN B 513 -4.08 -32.67 -9.70
N ARG B 514 -5.04 -32.25 -8.89
CA ARG B 514 -5.53 -33.07 -7.74
C ARG B 514 -6.35 -34.29 -8.15
N THR B 515 -6.61 -34.48 -9.45
CA THR B 515 -7.30 -35.68 -9.91
C THR B 515 -6.34 -36.81 -10.24
N LYS B 516 -5.03 -36.57 -10.14
CA LYS B 516 -4.00 -37.50 -10.66
C LYS B 516 -3.19 -38.09 -9.50
N PRO B 517 -2.53 -39.26 -9.71
CA PRO B 517 -1.58 -39.70 -8.71
C PRO B 517 -0.46 -38.66 -8.58
N PHE B 518 -0.01 -38.44 -7.34
CA PHE B 518 1.08 -37.52 -7.06
C PHE B 518 2.36 -38.23 -6.63
N ILE B 519 3.51 -37.72 -7.09
CA ILE B 519 4.82 -38.17 -6.64
C ILE B 519 5.80 -36.98 -6.51
N LEU B 520 6.73 -37.06 -5.57
CA LEU B 520 7.79 -36.08 -5.50
C LEU B 520 8.93 -36.66 -6.34
N CYS B 521 9.21 -36.05 -7.48
CA CYS B 521 10.32 -36.55 -8.27
C CYS B 521 11.68 -36.20 -7.66
N GLU B 522 11.74 -35.13 -6.85
CA GLU B 522 12.93 -34.83 -5.98
C GLU B 522 12.39 -34.30 -4.67
N TYR B 523 12.97 -34.73 -3.56
CA TYR B 523 12.59 -34.18 -2.23
C TYR B 523 13.72 -34.48 -1.24
N VAL B 524 13.63 -33.86 -0.06
CA VAL B 524 14.57 -34.01 1.05
C VAL B 524 16.03 -33.98 0.59
N HIS B 525 16.34 -32.87 -0.05
CA HIS B 525 17.68 -32.58 -0.54
C HIS B 525 18.74 -32.98 0.50
N ALA B 526 19.60 -33.91 0.12
CA ALA B 526 20.44 -34.64 1.07
C ALA B 526 21.82 -34.01 1.31
N MET B 527 22.08 -32.86 0.69
CA MET B 527 23.37 -32.19 0.80
C MET B 527 23.87 -32.00 2.25
N GLY B 528 25.08 -32.47 2.53
CA GLY B 528 25.74 -32.20 3.82
C GLY B 528 24.98 -32.86 4.97
N ASN B 529 24.99 -32.22 6.14
CA ASN B 529 24.30 -32.74 7.32
C ASN B 529 22.83 -32.47 7.18
N GLY B 530 22.03 -33.54 7.09
CA GLY B 530 20.60 -33.40 6.77
C GLY B 530 20.21 -34.59 5.89
N PRO B 531 18.94 -34.67 5.49
CA PRO B 531 17.90 -33.70 5.68
C PRO B 531 16.95 -33.99 6.86
N GLY B 532 16.30 -32.95 7.34
CA GLY B 532 15.12 -33.07 8.20
C GLY B 532 13.87 -33.27 7.36
N ALA B 533 12.77 -33.56 8.06
CA ALA B 533 11.41 -33.65 7.49
C ALA B 533 11.03 -34.96 6.79
N MET B 534 11.95 -35.91 6.63
CA MET B 534 11.55 -37.18 5.97
C MET B 534 10.34 -37.82 6.65
N ASP B 535 10.27 -37.70 7.97
CA ASP B 535 9.12 -38.28 8.68
C ASP B 535 7.80 -37.53 8.39
N GLN B 536 7.89 -36.21 8.21
CA GLN B 536 6.70 -35.43 7.87
C GLN B 536 6.16 -35.82 6.51
N TYR B 537 7.05 -35.98 5.52
CA TYR B 537 6.60 -36.45 4.19
C TYR B 537 5.99 -37.83 4.26
N GLU B 538 6.61 -38.71 5.04
CA GLU B 538 6.09 -40.08 5.20
C GLU B 538 4.70 -40.12 5.85
N ALA B 539 4.51 -39.28 6.87
CA ALA B 539 3.19 -39.14 7.50
C ALA B 539 2.10 -38.70 6.50
N LEU B 540 2.44 -37.85 5.52
CA LEU B 540 1.45 -37.46 4.50
C LEU B 540 1.09 -38.64 3.63
N VAL B 541 2.08 -39.45 3.28
CA VAL B 541 1.85 -40.63 2.45
C VAL B 541 0.91 -41.64 3.20
N ASP B 542 1.11 -41.80 4.52
CA ASP B 542 0.26 -42.62 5.39
C ASP B 542 -1.19 -42.14 5.32
N LYS B 543 -1.37 -40.82 5.22
CA LYS B 543 -2.65 -40.19 5.45
C LYS B 543 -3.49 -40.01 4.16
N TYR B 544 -2.83 -39.72 3.04
CA TYR B 544 -3.53 -39.35 1.80
C TYR B 544 -3.17 -40.31 0.67
N PRO B 545 -4.13 -41.15 0.26
CA PRO B 545 -3.88 -42.17 -0.77
C PRO B 545 -3.39 -41.62 -2.11
N ARG B 546 -3.75 -40.38 -2.42
CA ARG B 546 -3.28 -39.71 -3.65
C ARG B 546 -1.75 -39.49 -3.71
N LEU B 547 -1.12 -39.44 -2.55
CA LEU B 547 0.31 -39.23 -2.42
C LEU B 547 1.07 -40.58 -2.46
N HIS B 548 1.95 -40.72 -3.45
CA HIS B 548 2.64 -42.02 -3.68
C HIS B 548 4.10 -42.05 -3.32
N GLY B 549 4.54 -41.09 -2.50
CA GLY B 549 5.90 -41.09 -2.04
C GLY B 549 6.79 -40.19 -2.88
N GLY B 550 8.02 -40.64 -3.13
CA GLY B 550 8.99 -39.71 -3.70
C GLY B 550 10.41 -40.24 -3.80
N PHE B 551 11.24 -39.47 -4.49
CA PHE B 551 12.61 -39.84 -4.82
C PHE B 551 13.56 -38.82 -4.23
N VAL B 552 14.41 -39.28 -3.31
CA VAL B 552 15.35 -38.43 -2.61
C VAL B 552 16.34 -37.83 -3.62
N TRP B 553 16.63 -36.53 -3.52
CA TRP B 553 17.79 -35.94 -4.25
C TRP B 553 19.01 -35.86 -3.32
N GLU B 554 20.08 -36.63 -3.55
CA GLU B 554 20.14 -37.71 -4.54
C GLU B 554 20.97 -38.87 -3.94
N TRP B 555 21.22 -39.92 -4.71
CA TRP B 555 21.85 -41.10 -4.12
C TRP B 555 23.29 -40.86 -3.66
N ARG B 556 24.14 -40.27 -4.52
CA ARG B 556 25.59 -40.23 -4.32
C ARG B 556 26.22 -38.87 -4.55
N ASP B 557 27.17 -38.49 -3.69
CA ASP B 557 28.02 -37.31 -3.93
C ASP B 557 28.81 -37.59 -5.22
N HIS B 558 29.17 -36.56 -5.98
CA HIS B 558 29.95 -36.74 -7.20
C HIS B 558 31.36 -36.13 -7.13
N GLY B 559 32.13 -36.48 -6.10
CA GLY B 559 33.48 -36.00 -5.96
C GLY B 559 34.39 -36.55 -7.06
N ILE B 560 35.39 -35.79 -7.44
CA ILE B 560 36.35 -36.28 -8.42
C ILE B 560 37.67 -36.41 -7.69
N ARG B 561 38.24 -37.61 -7.71
CA ARG B 561 39.46 -37.87 -6.98
C ARG B 561 40.59 -37.14 -7.69
N THR B 562 41.32 -36.34 -6.92
CA THR B 562 42.48 -35.66 -7.45
C THR B 562 43.51 -35.45 -6.32
N ARG B 563 44.62 -34.78 -6.62
CA ARG B 563 45.68 -34.54 -5.63
C ARG B 563 46.04 -33.06 -5.57
N THR B 564 46.44 -32.60 -4.39
CA THR B 564 46.99 -31.26 -4.23
C THR B 564 48.39 -31.25 -4.88
N ALA B 565 48.98 -30.06 -5.03
CA ALA B 565 50.35 -29.92 -5.55
C ALA B 565 51.34 -30.77 -4.75
N GLU B 566 51.14 -30.84 -3.43
CA GLU B 566 52.01 -31.62 -2.55
C GLU B 566 51.67 -33.12 -2.59
N GLY B 567 50.65 -33.50 -3.37
CA GLY B 567 50.31 -34.92 -3.59
C GLY B 567 49.23 -35.53 -2.72
N MET B 568 48.60 -34.69 -1.89
CA MET B 568 47.53 -35.09 -0.99
C MET B 568 46.22 -35.35 -1.76
N GLU B 569 45.69 -36.57 -1.65
CA GLU B 569 44.49 -36.98 -2.36
C GLU B 569 43.20 -36.43 -1.73
N PHE B 570 42.25 -36.02 -2.56
CA PHE B 570 40.97 -35.51 -2.06
C PHE B 570 39.87 -35.64 -3.12
N PHE B 571 38.62 -35.53 -2.70
CA PHE B 571 37.51 -35.47 -3.66
C PHE B 571 37.19 -34.01 -3.97
N ALA B 572 37.38 -33.64 -5.23
CA ALA B 572 37.16 -32.27 -5.68
C ALA B 572 35.70 -32.01 -5.99
N TYR B 573 35.30 -30.77 -5.76
CA TYR B 573 33.98 -30.35 -6.20
C TYR B 573 34.06 -29.10 -7.08
N GLY B 574 32.91 -28.50 -7.38
CA GLY B 574 32.88 -27.38 -8.31
C GLY B 574 33.84 -26.27 -7.95
N GLY B 575 34.58 -25.77 -8.95
CA GLY B 575 35.49 -24.63 -8.73
C GLY B 575 36.92 -25.07 -8.38
N ASP B 576 37.07 -26.35 -8.01
CA ASP B 576 38.40 -26.92 -7.74
C ASP B 576 39.24 -27.18 -9.00
N PHE B 577 38.64 -27.06 -10.17
CA PHE B 577 39.42 -27.20 -11.42
C PHE B 577 39.51 -25.88 -12.19
N GLY B 578 39.60 -24.77 -11.46
CA GLY B 578 39.72 -23.44 -12.02
C GLY B 578 38.58 -22.97 -12.94
N GLU B 579 37.37 -23.53 -12.76
CA GLU B 579 36.22 -23.11 -13.57
C GLU B 579 35.97 -21.60 -13.44
N VAL B 580 35.62 -20.97 -14.57
CA VAL B 580 35.20 -19.56 -14.58
C VAL B 580 33.85 -19.32 -13.89
N VAL B 581 32.84 -20.12 -14.24
CA VAL B 581 31.56 -20.15 -13.51
C VAL B 581 31.31 -21.59 -13.07
N HIS B 582 30.79 -21.74 -11.85
CA HIS B 582 30.60 -23.08 -11.27
C HIS B 582 29.65 -22.97 -10.08
N ASP B 583 29.24 -24.12 -9.55
CA ASP B 583 28.34 -24.12 -8.42
C ASP B 583 28.88 -24.87 -7.23
N SER B 584 30.20 -24.79 -7.05
CA SER B 584 30.83 -25.18 -5.78
C SER B 584 30.45 -26.59 -5.34
N ASN B 585 30.12 -26.79 -4.06
CA ASN B 585 29.81 -28.15 -3.56
C ASN B 585 28.39 -28.65 -3.79
N PHE B 586 27.61 -27.96 -4.61
CA PHE B 586 26.28 -28.48 -4.93
C PHE B 586 26.28 -29.83 -5.66
N VAL B 587 27.43 -30.20 -6.23
CA VAL B 587 27.63 -31.53 -6.83
C VAL B 587 27.78 -32.63 -5.72
N MET B 588 27.96 -32.20 -4.47
CA MET B 588 28.14 -33.10 -3.30
C MET B 588 26.86 -33.13 -2.46
N ASP B 589 25.87 -33.84 -2.97
CA ASP B 589 24.54 -33.79 -2.38
C ASP B 589 23.85 -35.14 -2.28
N GLY B 590 24.64 -36.17 -1.97
CA GLY B 590 24.09 -37.51 -1.88
C GLY B 590 23.89 -38.03 -0.47
N MET B 591 23.06 -39.05 -0.38
CA MET B 591 22.89 -39.89 0.81
C MET B 591 24.13 -40.77 1.10
N VAL B 592 24.94 -40.99 0.08
CA VAL B 592 26.14 -41.81 0.16
C VAL B 592 27.34 -40.91 -0.23
N LEU B 593 28.45 -40.97 0.53
CA LEU B 593 29.64 -40.19 0.20
C LEU B 593 30.36 -40.75 -1.03
N SER B 594 31.29 -39.97 -1.59
CA SER B 594 32.01 -40.39 -2.81
C SER B 594 32.76 -41.74 -2.68
N ASP B 595 33.13 -42.13 -1.45
CA ASP B 595 33.75 -43.46 -1.20
C ASP B 595 32.74 -44.59 -0.85
N SER B 596 31.46 -44.35 -1.13
CA SER B 596 30.36 -45.32 -0.92
C SER B 596 29.92 -45.46 0.54
N THR B 597 30.38 -44.57 1.41
CA THR B 597 29.97 -44.60 2.83
C THR B 597 28.56 -44.06 3.01
N PRO B 598 27.64 -44.87 3.58
CA PRO B 598 26.34 -44.29 3.90
C PRO B 598 26.44 -43.23 5.02
N THR B 599 25.67 -42.14 4.85
CA THR B 599 25.62 -41.05 5.83
C THR B 599 24.53 -41.32 6.87
N PRO B 600 24.56 -40.60 8.00
CA PRO B 600 23.45 -40.69 8.97
C PRO B 600 22.07 -40.39 8.36
N GLY B 601 22.01 -39.54 7.33
CA GLY B 601 20.74 -39.23 6.69
C GLY B 601 20.14 -40.45 5.99
N LEU B 602 21.00 -41.32 5.44
CA LEU B 602 20.54 -42.55 4.82
C LEU B 602 19.98 -43.55 5.82
N TYR B 603 20.64 -43.68 6.98
CA TYR B 603 20.10 -44.52 8.05
C TYR B 603 18.75 -43.98 8.55
N GLU B 604 18.62 -42.65 8.59
CA GLU B 604 17.35 -42.01 8.98
C GLU B 604 16.26 -42.32 7.94
N PHE B 605 16.61 -42.19 6.66
CA PHE B 605 15.71 -42.52 5.55
C PHE B 605 15.23 -43.97 5.68
N LYS B 606 16.18 -44.85 5.92
CA LYS B 606 15.92 -46.29 5.95
C LYS B 606 14.85 -46.67 7.02
N GLN B 607 15.04 -46.11 8.21
CA GLN B 607 14.17 -46.37 9.35
C GLN B 607 12.79 -45.82 9.03
N ILE B 608 12.73 -44.60 8.50
CA ILE B 608 11.44 -43.95 8.22
C ILE B 608 10.62 -44.69 7.15
N VAL B 609 11.29 -45.22 6.14
CA VAL B 609 10.55 -45.93 5.05
C VAL B 609 10.46 -47.45 5.19
N SER B 610 10.81 -47.98 6.36
CA SER B 610 10.82 -49.46 6.57
C SER B 610 9.47 -50.09 6.17
N PRO B 611 9.51 -51.23 5.46
CA PRO B 611 8.24 -51.83 5.01
C PRO B 611 7.44 -52.46 6.15
N ILE B 612 8.08 -52.69 7.29
CA ILE B 612 7.40 -53.24 8.47
C ILE B 612 7.40 -52.16 9.54
N ARG B 613 6.24 -51.60 9.80
CA ARG B 613 6.08 -50.47 10.68
C ARG B 613 5.81 -51.03 12.06
N LEU B 614 6.57 -50.58 13.05
CA LEU B 614 6.47 -51.11 14.42
C LEU B 614 6.07 -50.02 15.40
N GLY B 615 5.20 -50.35 16.35
CA GLY B 615 4.83 -49.39 17.41
C GLY B 615 4.86 -50.10 18.75
N LEU B 616 5.24 -49.39 19.81
CA LEU B 616 5.24 -49.99 21.15
C LEU B 616 4.45 -49.15 22.14
N SER B 617 3.76 -49.82 23.05
CA SER B 617 3.01 -49.13 24.11
C SER B 617 2.84 -50.04 25.31
N LEU B 618 2.55 -49.44 26.45
CA LEU B 618 2.36 -50.18 27.67
C LEU B 618 0.97 -49.83 28.19
N PRO B 619 -0.05 -50.64 27.84
CA PRO B 619 -1.41 -50.39 28.33
C PRO B 619 -1.43 -50.55 29.85
N ALA B 620 -2.15 -49.65 30.54
CA ALA B 620 -2.19 -49.61 32.02
C ALA B 620 -2.36 -51.00 32.67
N GLY B 621 -1.45 -51.33 33.58
CA GLY B 621 -1.48 -52.65 34.26
C GLY B 621 -1.24 -53.83 33.31
N GLY B 622 -1.15 -53.53 32.01
CA GLY B 622 -0.92 -54.54 30.99
C GLY B 622 0.55 -54.83 30.75
N LYS B 623 0.84 -55.64 29.73
CA LYS B 623 2.21 -55.92 29.32
C LYS B 623 2.56 -55.23 27.99
N PRO B 624 3.86 -55.12 27.66
CA PRO B 624 4.21 -54.30 26.48
C PRO B 624 3.52 -54.80 25.21
N THR B 625 2.91 -53.88 24.47
CA THR B 625 2.14 -54.25 23.30
C THR B 625 2.82 -53.73 22.00
N LEU B 626 3.08 -54.65 21.08
CA LEU B 626 3.71 -54.31 19.81
C LEU B 626 2.67 -54.27 18.70
N ALA B 627 2.55 -53.11 18.05
CA ALA B 627 1.72 -52.92 16.87
C ALA B 627 2.62 -53.15 15.68
N VAL B 628 2.14 -53.92 14.70
CA VAL B 628 2.94 -54.26 13.51
C VAL B 628 2.09 -54.02 12.28
N ALA B 629 2.59 -53.25 11.30
CA ALA B 629 1.89 -53.15 10.01
C ALA B 629 2.81 -53.57 8.88
N ASN B 630 2.34 -54.46 8.03
CA ASN B 630 3.06 -54.78 6.82
C ASN B 630 2.60 -53.78 5.74
N LEU B 631 3.46 -52.81 5.45
CA LEU B 631 3.12 -51.76 4.50
C LEU B 631 3.64 -52.04 3.08
N ARG B 632 4.05 -53.27 2.83
CA ARG B 632 4.51 -53.68 1.50
C ARG B 632 3.40 -53.64 0.43
N HIS B 633 3.83 -53.65 -0.82
CA HIS B 633 2.94 -53.62 -1.96
C HIS B 633 2.39 -55.03 -2.23
N THR B 634 3.26 -56.04 -2.14
CA THR B 634 2.83 -57.42 -2.42
C THR B 634 3.23 -58.54 -1.43
N ALA B 635 4.47 -58.54 -0.92
CA ALA B 635 4.97 -59.69 -0.16
C ALA B 635 4.47 -59.69 1.27
N ASP B 636 4.14 -60.89 1.78
CA ASP B 636 3.78 -61.05 3.20
C ASP B 636 5.05 -60.92 4.05
N ALA B 637 4.89 -61.02 5.37
CA ALA B 637 6.01 -60.83 6.28
C ALA B 637 6.72 -62.12 6.72
N SER B 638 6.54 -63.21 5.97
CA SER B 638 7.18 -64.49 6.29
C SER B 638 8.71 -64.44 6.27
N ASP B 639 9.28 -63.48 5.53
CA ASP B 639 10.74 -63.32 5.46
C ASP B 639 11.34 -62.57 6.64
N VAL B 640 10.49 -62.04 7.52
CA VAL B 640 10.92 -61.16 8.60
C VAL B 640 10.75 -61.83 9.96
N VAL B 641 11.66 -61.56 10.88
CA VAL B 641 11.47 -61.96 12.27
C VAL B 641 11.53 -60.72 13.15
N LEU B 642 10.68 -60.67 14.18
CA LEU B 642 10.70 -59.54 15.11
C LEU B 642 11.52 -59.92 16.35
N ARG B 643 12.67 -59.28 16.56
CA ARG B 643 13.51 -59.58 17.72
C ARG B 643 13.33 -58.51 18.77
N TRP B 644 13.23 -58.92 20.04
CA TRP B 644 13.13 -57.97 21.14
C TRP B 644 14.21 -58.21 22.19
N ARG B 645 14.58 -57.15 22.89
CA ARG B 645 15.50 -57.24 24.00
C ARG B 645 15.12 -56.16 25.00
N VAL B 646 15.33 -56.46 26.28
CA VAL B 646 15.17 -55.49 27.36
C VAL B 646 16.55 -55.30 27.93
N GLU B 647 16.94 -54.04 28.15
CA GLU B 647 18.26 -53.70 28.68
C GLU B 647 18.11 -52.85 29.93
N HIS B 648 18.91 -53.20 30.95
CA HIS B 648 18.94 -52.42 32.18
C HIS B 648 20.23 -51.62 32.12
N ASP B 649 20.10 -50.29 32.00
CA ASP B 649 21.24 -49.41 31.77
C ASP B 649 22.15 -49.91 30.64
N GLY B 650 21.55 -50.42 29.57
CA GLY B 650 22.31 -50.90 28.41
C GLY B 650 22.75 -52.35 28.40
N ALA B 651 22.61 -53.04 29.54
CA ALA B 651 22.97 -54.45 29.61
C ALA B 651 21.74 -55.32 29.42
N VAL B 652 21.83 -56.29 28.50
CA VAL B 652 20.68 -57.14 28.19
C VAL B 652 20.23 -57.94 29.40
N ALA B 653 18.93 -57.87 29.69
CA ALA B 653 18.32 -58.55 30.81
C ALA B 653 17.49 -59.75 30.35
N ALA B 654 16.84 -59.62 29.18
CA ALA B 654 16.03 -60.68 28.59
C ALA B 654 15.91 -60.37 27.10
N SER B 655 15.60 -61.38 26.29
CA SER B 655 15.47 -61.19 24.85
C SER B 655 14.74 -62.35 24.22
N GLY B 656 14.19 -62.14 23.03
CA GLY B 656 13.43 -63.17 22.35
C GLY B 656 13.09 -62.76 20.93
N GLU B 657 12.27 -63.59 20.31
CA GLU B 657 11.84 -63.41 18.93
C GLU B 657 10.37 -63.73 18.83
N VAL B 658 9.66 -63.00 17.98
CA VAL B 658 8.31 -63.37 17.59
C VAL B 658 8.17 -63.27 16.06
N ALA B 659 7.15 -63.93 15.50
CA ALA B 659 6.92 -63.89 14.06
C ALA B 659 5.91 -62.81 13.74
N ALA B 660 6.04 -62.27 12.54
CA ALA B 660 5.10 -61.27 12.05
C ALA B 660 3.87 -61.98 11.44
N GLU B 661 2.89 -62.29 12.30
CA GLU B 661 1.70 -63.07 11.93
C GLU B 661 0.45 -62.21 11.93
N GLY B 662 -0.45 -62.47 10.99
CA GLY B 662 -1.76 -61.85 10.92
C GLY B 662 -2.87 -62.85 11.22
N SER B 663 -4.07 -62.57 10.75
CA SER B 663 -5.23 -63.40 11.09
C SER B 663 -5.23 -64.75 10.36
N ASP B 664 -4.37 -64.89 9.35
CA ASP B 664 -4.27 -66.14 8.59
C ASP B 664 -2.86 -66.42 8.09
N GLY B 665 -1.94 -66.72 9.00
CA GLY B 665 -0.55 -66.99 8.63
C GLY B 665 0.26 -65.71 8.64
N PRO B 666 1.39 -65.68 7.89
CA PRO B 666 2.26 -64.47 7.84
C PRO B 666 1.48 -63.18 7.52
N LEU B 667 1.84 -62.08 8.19
CA LEU B 667 1.12 -60.83 8.07
C LEU B 667 1.16 -60.38 6.62
N ARG B 668 -0.01 -60.16 6.03
CA ARG B 668 -0.10 -59.93 4.60
C ARG B 668 0.19 -58.47 4.26
N ALA B 669 0.63 -58.22 3.03
CA ALA B 669 0.79 -56.84 2.55
C ALA B 669 -0.51 -56.08 2.79
N GLY B 670 -0.42 -55.00 3.55
CA GLY B 670 -1.58 -54.18 3.86
C GLY B 670 -2.23 -54.55 5.20
N GLU B 671 -1.76 -55.61 5.84
CA GLU B 671 -2.38 -56.10 7.08
C GLU B 671 -1.62 -55.59 8.30
N SER B 672 -2.34 -55.41 9.42
CA SER B 672 -1.68 -55.04 10.66
C SER B 672 -2.14 -55.96 11.79
N ALA B 673 -1.34 -56.04 12.85
CA ALA B 673 -1.64 -56.93 13.97
C ALA B 673 -1.10 -56.29 15.23
N THR B 674 -1.58 -56.73 16.40
CA THR B 674 -0.96 -56.31 17.65
C THR B 674 -0.60 -57.53 18.44
N ILE B 675 0.58 -57.52 19.04
CA ILE B 675 1.01 -58.67 19.82
C ILE B 675 1.51 -58.28 21.23
N ALA B 676 1.02 -59.03 22.23
CA ALA B 676 1.46 -58.83 23.61
C ALA B 676 2.78 -59.55 23.78
N LEU B 677 3.79 -58.82 24.25
CA LEU B 677 5.11 -59.38 24.51
C LEU B 677 5.16 -59.87 25.96
N PRO B 678 6.19 -60.65 26.34
CA PRO B 678 6.33 -61.09 27.75
C PRO B 678 6.37 -59.93 28.73
N ALA B 679 5.97 -60.18 29.98
CA ALA B 679 6.02 -59.13 31.00
C ALA B 679 7.48 -58.72 31.17
N MET B 680 7.72 -57.44 31.42
CA MET B 680 9.09 -56.93 31.55
C MET B 680 9.16 -55.93 32.69
N PRO B 681 9.16 -56.43 33.95
CA PRO B 681 9.19 -55.48 35.08
C PRO B 681 10.43 -54.58 35.06
N ALA B 682 10.24 -53.32 35.39
CA ALA B 682 11.31 -52.35 35.45
C ALA B 682 12.37 -52.77 36.47
N ALA B 683 13.64 -52.57 36.13
CA ALA B 683 14.68 -52.60 37.15
C ALA B 683 14.32 -51.55 38.19
N PRO B 684 14.46 -51.90 39.49
CA PRO B 684 14.13 -50.90 40.53
C PRO B 684 15.06 -49.68 40.49
N LEU B 685 16.30 -49.88 40.09
CA LEU B 685 17.27 -48.79 39.92
C LEU B 685 17.72 -48.66 38.47
N GLY B 686 18.00 -47.43 38.06
CA GLY B 686 18.43 -47.17 36.69
C GLY B 686 17.30 -47.22 35.68
N GLU B 687 17.67 -47.36 34.42
CA GLU B 687 16.73 -47.28 33.32
C GLU B 687 16.49 -48.64 32.70
N THR B 688 15.28 -48.85 32.21
CA THR B 688 14.90 -50.08 31.52
C THR B 688 14.28 -49.75 30.16
N TRP B 689 14.88 -50.30 29.12
CA TRP B 689 14.48 -49.99 27.74
C TRP B 689 14.21 -51.26 26.98
N LEU B 690 13.08 -51.26 26.29
CA LEU B 690 12.76 -52.33 25.37
C LEU B 690 13.06 -51.89 23.94
N THR B 691 13.71 -52.76 23.17
CA THR B 691 13.97 -52.52 21.74
C THR B 691 13.38 -53.68 20.97
N VAL B 692 12.60 -53.39 19.93
CA VAL B 692 12.13 -54.38 18.95
C VAL B 692 12.65 -53.97 17.55
N GLU B 693 13.19 -54.94 16.83
CA GLU B 693 13.66 -54.75 15.44
C GLU B 693 13.14 -55.82 14.50
N ALA B 694 12.72 -55.39 13.31
CA ALA B 694 12.35 -56.29 12.25
C ALA B 694 13.61 -56.58 11.46
N VAL B 695 13.97 -57.87 11.34
CA VAL B 695 15.21 -58.27 10.65
C VAL B 695 14.89 -59.38 9.66
N LEU B 696 15.74 -59.53 8.65
CA LEU B 696 15.54 -60.59 7.68
C LEU B 696 15.92 -61.95 8.26
N ARG B 697 15.07 -62.95 8.06
CA ARG B 697 15.38 -64.30 8.54
C ARG B 697 16.54 -64.89 7.78
N ASP B 698 16.58 -64.65 6.48
CA ASP B 698 17.54 -65.30 5.59
C ASP B 698 18.30 -64.29 4.74
N ALA B 699 19.53 -64.64 4.38
CA ALA B 699 20.31 -63.82 3.46
C ALA B 699 19.61 -63.71 2.11
N THR B 700 19.90 -62.61 1.43
CA THR B 700 19.43 -62.42 0.06
C THR B 700 20.73 -62.26 -0.73
N GLY B 701 20.65 -61.97 -2.01
CA GLY B 701 21.89 -61.66 -2.73
C GLY B 701 22.55 -60.36 -2.26
N TRP B 702 21.79 -59.50 -1.58
CA TRP B 702 22.25 -58.13 -1.27
C TRP B 702 22.36 -57.82 0.20
N ALA B 703 21.94 -58.74 1.06
CA ALA B 703 22.04 -58.53 2.52
C ALA B 703 22.21 -59.86 3.27
N PRO B 704 22.86 -59.81 4.44
CA PRO B 704 23.09 -60.98 5.26
C PRO B 704 21.85 -61.39 6.07
N ALA B 705 21.79 -62.65 6.46
CA ALA B 705 20.83 -63.12 7.44
C ALA B 705 20.88 -62.16 8.63
N GLY B 706 19.71 -61.77 9.15
CA GLY B 706 19.61 -60.92 10.34
C GLY B 706 19.81 -59.45 10.03
N HIS B 707 19.80 -59.09 8.76
CA HIS B 707 19.89 -57.69 8.34
C HIS B 707 18.68 -56.89 8.88
N PRO B 708 18.95 -55.79 9.63
CA PRO B 708 17.77 -55.05 10.14
C PRO B 708 17.03 -54.20 9.10
N LEU B 709 15.72 -54.11 9.24
CA LEU B 709 14.88 -53.29 8.38
C LEU B 709 14.48 -51.98 9.07
N GLY B 710 14.28 -52.04 10.38
CA GLY B 710 13.84 -50.88 11.15
C GLY B 710 13.58 -51.32 12.58
N ALA B 711 13.51 -50.37 13.50
CA ALA B 711 13.43 -50.72 14.93
C ALA B 711 12.64 -49.67 15.72
N VAL B 712 12.20 -50.03 16.93
CA VAL B 712 11.40 -49.12 17.76
C VAL B 712 11.81 -49.38 19.22
N GLN B 713 11.69 -48.35 20.04
CA GLN B 713 11.97 -48.53 21.47
C GLN B 713 10.82 -48.08 22.36
N LEU B 714 10.81 -48.56 23.60
CA LEU B 714 9.87 -48.10 24.62
C LEU B 714 10.59 -48.02 25.96
N ASP B 715 10.40 -46.90 26.64
CA ASP B 715 11.03 -46.65 27.94
C ASP B 715 10.12 -47.33 28.97
N LEU B 716 10.67 -48.31 29.67
CA LEU B 716 9.94 -49.03 30.71
C LEU B 716 10.41 -48.70 32.14
N SER B 717 11.31 -47.74 32.26
CA SER B 717 12.02 -47.45 33.51
C SER B 717 11.09 -47.12 34.69
N ALA B 718 11.53 -47.52 35.89
CA ALA B 718 10.84 -47.17 37.13
C ALA B 718 10.93 -45.66 37.29
N PRO B 719 9.98 -45.04 38.04
CA PRO B 719 10.04 -43.59 38.25
C PRO B 719 11.44 -43.15 38.67
N ALA B 720 11.98 -42.11 38.03
CA ALA B 720 13.36 -41.68 38.28
C ALA B 720 13.58 -41.17 39.71
N VAL B 721 14.76 -41.48 40.24
CA VAL B 721 15.24 -40.86 41.48
C VAL B 721 16.26 -39.81 41.04
N PRO B 722 15.82 -38.55 40.88
CA PRO B 722 16.81 -37.53 40.48
C PRO B 722 17.88 -37.41 41.56
N THR B 723 19.15 -37.36 41.17
CA THR B 723 20.22 -37.22 42.17
C THR B 723 20.05 -35.89 42.90
N ARG B 724 20.44 -35.87 44.18
CA ARG B 724 20.30 -34.67 45.01
C ARG B 724 21.50 -33.72 44.81
N SER B 725 21.26 -32.59 44.17
CA SER B 725 22.30 -31.61 43.91
C SER B 725 22.65 -30.80 45.16
N PRO B 726 23.91 -30.33 45.26
CA PRO B 726 24.29 -29.46 46.39
C PRO B 726 23.45 -28.18 46.44
N ARG B 727 23.07 -27.79 47.65
CA ARG B 727 22.40 -26.52 47.89
C ARG B 727 23.18 -25.35 47.27
N PRO B 728 22.47 -24.42 46.61
CA PRO B 728 23.11 -23.17 46.19
C PRO B 728 23.78 -22.50 47.40
N ALA B 729 24.99 -22.00 47.19
CA ALA B 729 25.79 -21.50 48.30
C ALA B 729 26.14 -20.04 48.11
N THR B 730 26.27 -19.31 49.21
CA THR B 730 26.68 -17.93 49.19
C THR B 730 28.19 -17.81 49.06
N PRO B 731 28.66 -16.90 48.20
CA PRO B 731 30.11 -16.80 48.03
C PRO B 731 30.80 -16.32 49.30
N LEU B 732 32.05 -16.72 49.47
CA LEU B 732 32.85 -16.37 50.63
C LEU B 732 33.94 -15.37 50.26
N ASP B 733 34.47 -14.66 51.25
CA ASP B 733 35.68 -13.87 51.08
C ASP B 733 36.91 -14.78 51.08
N GLY B 734 38.04 -14.26 50.61
CA GLY B 734 39.29 -14.99 50.69
C GLY B 734 39.60 -15.96 49.55
N ALA B 735 40.49 -16.91 49.84
CA ALA B 735 41.24 -17.62 48.82
C ALA B 735 40.41 -18.64 48.07
N LEU B 736 40.63 -18.67 46.77
CA LEU B 736 40.01 -19.63 45.88
C LEU B 736 40.63 -21.00 46.05
N PRO B 737 39.84 -22.09 45.90
CA PRO B 737 40.50 -23.38 45.95
C PRO B 737 41.39 -23.58 44.71
N VAL B 738 42.47 -24.34 44.90
CA VAL B 738 43.42 -24.55 43.84
C VAL B 738 43.11 -25.89 43.19
N SER B 739 42.39 -26.74 43.93
CA SER B 739 41.95 -28.02 43.42
C SER B 739 40.58 -28.44 43.98
N LEU B 740 39.80 -29.16 43.18
CA LEU B 740 38.51 -29.68 43.60
C LEU B 740 38.29 -31.00 42.91
N GLY B 741 38.34 -32.09 43.65
CA GLY B 741 38.10 -33.43 43.07
C GLY B 741 39.17 -33.68 42.01
N PRO B 742 38.76 -34.03 40.77
CA PRO B 742 39.76 -34.18 39.70
C PRO B 742 40.23 -32.89 38.99
N ALA B 743 39.71 -31.73 39.39
CA ALA B 743 40.02 -30.46 38.74
C ALA B 743 41.06 -29.62 39.47
N THR B 744 41.92 -28.97 38.71
CA THR B 744 42.84 -28.00 39.28
C THR B 744 42.68 -26.65 38.60
N PHE B 745 42.86 -25.61 39.41
CA PHE B 745 42.58 -24.25 39.03
C PHE B 745 43.80 -23.39 39.34
N ASP B 746 44.01 -22.37 38.50
CA ASP B 746 45.06 -21.38 38.72
C ASP B 746 44.36 -20.05 38.75
N ALA B 747 44.20 -19.52 39.97
CA ALA B 747 43.43 -18.31 40.24
C ALA B 747 42.00 -18.39 39.68
N GLY B 748 41.36 -19.54 39.85
CA GLY B 748 39.98 -19.73 39.44
C GLY B 748 39.76 -20.20 38.00
N THR B 749 40.84 -20.27 37.22
CA THR B 749 40.82 -20.78 35.82
C THR B 749 41.15 -22.27 35.82
N LEU B 750 40.32 -23.08 35.16
CA LEU B 750 40.60 -24.51 35.06
C LEU B 750 41.88 -24.73 34.23
N VAL B 751 42.76 -25.58 34.75
CA VAL B 751 44.00 -25.92 34.05
C VAL B 751 44.22 -27.43 33.85
N SER B 752 43.52 -28.26 34.61
CA SER B 752 43.66 -29.70 34.43
C SER B 752 42.43 -30.44 34.92
N LEU B 753 42.16 -31.61 34.33
CA LEU B 753 41.16 -32.57 34.83
C LEU B 753 41.76 -33.96 34.78
N ALA B 754 41.72 -34.67 35.92
CA ALA B 754 42.15 -36.08 35.96
C ALA B 754 43.52 -36.28 35.30
N GLY B 755 44.49 -35.46 35.70
CA GLY B 755 45.89 -35.64 35.30
C GLY B 755 46.31 -35.07 33.96
N GLN B 756 45.39 -34.42 33.23
CA GLN B 756 45.68 -33.91 31.88
C GLN B 756 45.38 -32.43 31.77
N PRO B 757 46.17 -31.69 30.96
CA PRO B 757 45.90 -30.25 30.76
C PRO B 757 44.55 -30.05 30.05
N VAL B 758 43.70 -29.17 30.60
CA VAL B 758 42.35 -28.92 30.06
C VAL B 758 42.02 -27.45 30.26
N SER B 759 41.33 -26.82 29.30
CA SER B 759 40.80 -25.44 29.47
C SER B 759 39.28 -25.48 29.29
N GLY B 760 38.57 -24.52 29.88
CA GLY B 760 37.12 -24.47 29.79
C GLY B 760 36.49 -24.39 31.18
N PRO B 761 35.14 -24.40 31.23
CA PRO B 761 34.32 -24.48 30.00
C PRO B 761 34.14 -23.11 29.36
N ARG B 762 33.91 -23.08 28.05
CA ARG B 762 33.73 -21.81 27.34
C ARG B 762 32.39 -21.87 26.61
N LEU B 763 31.51 -20.91 26.85
CA LEU B 763 30.22 -20.87 26.12
C LEU B 763 30.47 -20.84 24.61
N GLU B 764 29.75 -21.67 23.84
CA GLU B 764 29.78 -21.50 22.39
C GLU B 764 28.34 -21.44 21.86
N LEU B 765 28.09 -20.46 20.99
CA LEU B 765 26.81 -20.39 20.27
C LEU B 765 26.99 -20.72 18.79
N TRP B 766 28.22 -20.72 18.33
CA TRP B 766 28.52 -20.99 16.92
C TRP B 766 28.56 -22.49 16.63
N ARG B 767 28.06 -22.91 15.46
CA ARG B 767 28.42 -24.22 14.90
C ARG B 767 28.90 -23.99 13.47
N ALA B 768 29.77 -24.87 12.98
CA ALA B 768 30.25 -24.82 11.59
C ALA B 768 29.03 -24.96 10.67
N PRO B 769 28.62 -23.88 9.98
CA PRO B 769 27.36 -23.93 9.26
C PRO B 769 27.24 -25.15 8.34
N THR B 770 26.15 -25.90 8.46
CA THR B 770 25.83 -26.94 7.49
C THR B 770 25.52 -26.34 6.11
N ASP B 771 25.52 -27.14 5.05
CA ASP B 771 25.03 -26.62 3.76
C ASP B 771 23.60 -26.05 3.82
N ASN B 772 22.73 -26.68 4.61
CA ASN B 772 21.40 -26.10 4.80
C ASN B 772 21.43 -24.76 5.53
N ASP B 773 22.32 -24.63 6.52
CA ASP B 773 22.47 -23.38 7.27
C ASP B 773 22.89 -22.25 6.30
N ARG B 774 23.48 -22.65 5.16
CA ARG B 774 23.93 -21.66 4.17
C ARG B 774 22.93 -21.39 3.05
N GLY B 775 21.79 -22.07 3.05
CA GLY B 775 20.81 -21.91 2.00
C GLY B 775 19.86 -20.74 2.20
N ALA B 776 19.39 -20.17 1.09
CA ALA B 776 18.48 -19.01 1.10
C ALA B 776 17.34 -19.04 0.06
N GLY B 777 17.15 -20.19 -0.61
CA GLY B 777 16.11 -20.39 -1.63
C GLY B 777 14.69 -20.32 -1.15
N PHE B 778 14.23 -21.36 -0.45
CA PHE B 778 13.02 -21.23 0.36
C PHE B 778 13.26 -20.11 1.34
N GLY B 779 12.18 -19.52 1.83
CA GLY B 779 12.29 -18.56 2.90
C GLY B 779 12.44 -19.26 4.23
N ALA B 780 12.64 -18.45 5.26
CA ALA B 780 12.77 -18.92 6.62
C ALA B 780 11.38 -19.12 7.18
N TYR B 781 11.25 -20.04 8.13
CA TYR B 781 9.96 -20.29 8.77
C TYR B 781 9.67 -19.47 10.04
N GLY B 782 10.68 -18.83 10.61
CA GLY B 782 10.51 -18.11 11.87
C GLY B 782 9.42 -17.04 11.90
N PRO B 783 9.49 -16.05 10.98
CA PRO B 783 8.60 -14.89 11.00
C PRO B 783 7.10 -15.08 10.76
N GLY B 784 6.60 -16.27 10.51
CA GLY B 784 5.16 -16.37 10.21
C GLY B 784 4.69 -17.78 10.46
N ASP B 785 3.37 -17.96 10.44
CA ASP B 785 2.80 -19.30 10.52
C ASP B 785 3.34 -20.08 9.30
N PRO B 786 4.02 -21.24 9.54
CA PRO B 786 4.64 -21.96 8.41
C PRO B 786 3.62 -22.54 7.44
N TRP B 787 2.37 -22.66 7.86
CA TRP B 787 1.34 -23.13 6.96
C TRP B 787 0.87 -22.11 5.92
N LEU B 788 1.25 -20.86 6.11
CA LEU B 788 0.87 -19.78 5.19
C LEU B 788 1.77 -19.79 3.97
N ASN B 789 1.36 -19.07 2.92
CA ASN B 789 2.21 -18.87 1.74
C ASN B 789 2.65 -20.21 1.13
N SER B 790 1.75 -21.19 1.12
CA SER B 790 2.08 -22.52 0.57
C SER B 790 3.29 -23.16 1.25
N GLY B 791 3.60 -22.76 2.49
CA GLY B 791 4.74 -23.35 3.22
C GLY B 791 6.12 -22.94 2.69
N ARG B 792 6.13 -21.85 1.94
CA ARG B 792 7.38 -21.33 1.31
C ARG B 792 8.18 -20.40 2.21
N GLY B 793 7.66 -20.12 3.40
CA GLY B 793 8.42 -19.31 4.35
C GLY B 793 8.32 -17.83 4.01
N VAL B 794 9.13 -17.03 4.71
CA VAL B 794 9.24 -15.61 4.37
C VAL B 794 10.65 -15.34 3.90
N PRO B 795 10.79 -14.69 2.74
CA PRO B 795 12.11 -14.40 2.17
C PRO B 795 13.06 -13.83 3.24
N ALA B 796 14.28 -14.35 3.29
CA ALA B 796 15.20 -14.03 4.37
C ALA B 796 16.63 -14.46 3.99
N PRO B 797 17.66 -13.87 4.63
CA PRO B 797 19.03 -14.35 4.42
C PRO B 797 19.23 -15.78 4.96
N SER B 798 20.35 -16.41 4.62
CA SER B 798 20.69 -17.72 5.20
C SER B 798 20.91 -17.58 6.70
N SER B 799 20.71 -18.68 7.45
CA SER B 799 21.15 -18.69 8.87
C SER B 799 22.60 -18.25 9.04
N GLU B 800 23.51 -18.77 8.19
CA GLU B 800 24.91 -18.43 8.30
C GLU B 800 25.14 -16.92 8.20
N ALA B 801 24.44 -16.27 7.26
CA ALA B 801 24.52 -14.81 7.09
C ALA B 801 24.12 -14.06 8.35
N VAL B 802 22.99 -14.41 8.95
CA VAL B 802 22.58 -13.71 10.17
C VAL B 802 23.48 -14.04 11.37
N TRP B 803 23.96 -15.28 11.46
CA TRP B 803 24.89 -15.66 12.55
C TRP B 803 26.19 -14.87 12.47
N LYS B 804 26.74 -14.72 11.27
CA LYS B 804 27.96 -13.96 11.08
C LYS B 804 27.72 -12.47 11.30
N GLN B 805 26.58 -11.95 10.86
CA GLN B 805 26.25 -10.54 11.11
C GLN B 805 26.13 -10.24 12.61
N ALA B 806 25.59 -11.19 13.38
CA ALA B 806 25.48 -11.08 14.84
C ALA B 806 26.81 -11.33 15.58
N GLY B 807 27.82 -11.80 14.87
CA GLY B 807 29.16 -12.06 15.45
C GLY B 807 29.19 -13.33 16.31
N LEU B 808 28.28 -14.28 16.02
CA LEU B 808 28.19 -15.51 16.82
C LEU B 808 29.44 -16.37 16.75
N ASP B 809 30.20 -16.21 15.67
CA ASP B 809 31.47 -16.94 15.50
C ASP B 809 32.64 -16.34 16.29
N ARG B 810 32.46 -15.15 16.90
CA ARG B 810 33.54 -14.45 17.56
C ARG B 810 33.10 -13.85 18.90
N LEU B 811 32.37 -14.65 19.69
CA LEU B 811 32.02 -14.26 21.07
C LEU B 811 33.29 -14.10 21.87
N THR B 812 33.31 -13.12 22.79
CA THR B 812 34.43 -12.90 23.70
C THR B 812 33.93 -13.19 25.10
N ARG B 813 34.81 -13.68 25.97
CA ARG B 813 34.53 -14.05 27.36
C ARG B 813 35.08 -12.97 28.30
N ARG B 814 34.20 -12.34 29.09
CA ARG B 814 34.62 -11.41 30.12
C ARG B 814 34.23 -11.91 31.51
N VAL B 815 35.22 -12.02 32.40
CA VAL B 815 34.97 -12.47 33.77
C VAL B 815 34.44 -11.31 34.60
N GLU B 816 33.24 -11.50 35.14
CA GLU B 816 32.63 -10.51 36.01
C GLU B 816 33.15 -10.62 37.44
N ASP B 817 33.21 -11.86 37.95
CA ASP B 817 33.73 -12.10 39.30
C ASP B 817 34.03 -13.58 39.52
N VAL B 818 34.92 -13.85 40.49
CA VAL B 818 35.30 -15.21 40.89
C VAL B 818 35.30 -15.25 42.41
N ALA B 819 34.70 -16.28 43.02
CA ALA B 819 34.63 -16.33 44.48
C ALA B 819 34.63 -17.76 45.02
N ALA B 820 35.26 -17.96 46.18
CA ALA B 820 35.19 -19.24 46.87
C ALA B 820 33.75 -19.49 47.36
N LEU B 821 33.36 -20.74 47.34
CA LEU B 821 32.14 -21.21 47.97
C LEU B 821 32.59 -22.12 49.11
N PRO B 822 31.72 -22.38 50.11
CA PRO B 822 32.14 -23.28 51.20
C PRO B 822 32.66 -24.58 50.62
N ASP B 823 32.01 -25.05 49.56
CA ASP B 823 32.32 -26.33 49.00
C ASP B 823 32.98 -26.27 47.59
N GLY B 824 33.49 -25.10 47.18
CA GLY B 824 33.96 -24.97 45.79
C GLY B 824 34.31 -23.59 45.34
N ILE B 825 33.83 -23.22 44.14
CA ILE B 825 34.18 -21.97 43.51
C ILE B 825 33.02 -21.55 42.59
N ARG B 826 32.70 -20.27 42.61
CA ARG B 826 31.75 -19.68 41.66
C ARG B 826 32.46 -18.73 40.70
N VAL B 827 32.21 -18.92 39.40
CA VAL B 827 32.74 -18.00 38.37
C VAL B 827 31.58 -17.43 37.58
N ARG B 828 31.52 -16.10 37.48
CA ARG B 828 30.47 -15.46 36.66
C ARG B 828 31.13 -14.74 35.51
N THR B 829 30.66 -15.05 34.30
CA THR B 829 31.21 -14.44 33.07
C THR B 829 30.08 -13.87 32.21
N ARG B 830 30.47 -13.06 31.22
CA ARG B 830 29.56 -12.47 30.28
C ARG B 830 30.17 -12.64 28.88
N TYR B 831 29.38 -13.15 27.94
CA TYR B 831 29.84 -13.36 26.57
C TYR B 831 29.12 -12.42 25.62
N ALA B 832 29.87 -11.86 24.66
CA ALA B 832 29.31 -10.93 23.68
C ALA B 832 30.34 -10.77 22.54
N ALA B 833 29.85 -10.43 21.36
CA ALA B 833 30.70 -10.15 20.21
C ALA B 833 31.14 -8.67 20.26
N ALA B 834 32.28 -8.36 19.67
CA ALA B 834 32.67 -6.98 19.48
C ALA B 834 31.59 -6.21 18.73
N ASP B 835 31.36 -4.97 19.15
CA ASP B 835 30.36 -4.08 18.53
C ASP B 835 28.90 -4.59 18.63
N SER B 836 28.62 -5.47 19.57
CA SER B 836 27.23 -5.92 19.80
C SER B 836 26.77 -5.39 21.15
N THR B 837 25.48 -5.05 21.25
CA THR B 837 24.85 -4.66 22.51
C THR B 837 24.23 -5.85 23.22
N HIS B 838 24.26 -7.03 22.60
CA HIS B 838 23.63 -8.20 23.21
C HIS B 838 24.66 -9.06 23.92
N SER B 839 24.22 -9.86 24.88
CA SER B 839 25.17 -10.65 25.68
C SER B 839 24.50 -11.90 26.23
N VAL B 840 25.30 -12.83 26.76
CA VAL B 840 24.80 -14.03 27.47
C VAL B 840 25.62 -14.11 28.76
N ALA B 841 24.95 -14.05 29.90
CA ALA B 841 25.63 -14.27 31.18
C ALA B 841 25.74 -15.77 31.44
N VAL B 842 26.86 -16.17 32.04
CA VAL B 842 27.08 -17.56 32.38
C VAL B 842 27.60 -17.62 33.84
N GLU B 843 27.06 -18.54 34.62
CA GLU B 843 27.53 -18.76 35.99
C GLU B 843 27.92 -20.23 36.12
N GLU B 844 29.13 -20.48 36.60
CA GLU B 844 29.55 -21.83 36.92
C GLU B 844 29.63 -21.96 38.42
N ASN B 845 28.91 -22.95 38.96
CA ASN B 845 29.06 -23.31 40.38
C ASN B 845 29.69 -24.70 40.47
N TRP B 846 30.96 -24.73 40.89
CA TRP B 846 31.69 -25.96 41.04
C TRP B 846 31.64 -26.28 42.52
N GLN B 847 31.13 -27.45 42.87
CA GLN B 847 30.90 -27.85 44.27
C GLN B 847 31.20 -29.32 44.51
N LEU B 848 31.95 -29.61 45.57
CA LEU B 848 32.14 -30.99 46.03
C LEU B 848 30.98 -31.44 46.90
N ASP B 849 30.38 -32.55 46.50
CA ASP B 849 29.22 -33.11 47.17
C ASP B 849 29.64 -34.53 47.51
N GLY B 850 30.00 -34.73 48.79
CA GLY B 850 30.49 -36.03 49.25
C GLY B 850 31.66 -36.53 48.41
N GLY B 851 32.65 -35.66 48.21
CA GLY B 851 33.83 -36.02 47.42
C GLY B 851 33.67 -36.12 45.92
N GLU B 852 32.43 -35.98 45.41
CA GLU B 852 32.08 -35.89 43.96
C GLU B 852 32.03 -34.43 43.46
N LEU B 853 32.67 -34.16 42.32
CA LEU B 853 32.70 -32.82 41.77
C LEU B 853 31.45 -32.58 40.92
N CYS B 854 30.69 -31.59 41.37
CA CYS B 854 29.45 -31.17 40.73
C CYS B 854 29.73 -29.81 40.07
N LEU B 855 29.26 -29.66 38.83
CA LEU B 855 29.35 -28.39 38.13
C LEU B 855 27.96 -28.08 37.56
N ARG B 856 27.37 -26.98 38.05
CA ARG B 856 26.11 -26.45 37.50
C ARG B 856 26.46 -25.21 36.67
N ILE B 857 25.98 -25.14 35.43
CA ILE B 857 26.30 -24.03 34.53
C ILE B 857 24.97 -23.46 34.12
N ASP B 858 24.73 -22.22 34.53
CA ASP B 858 23.50 -21.50 34.17
C ASP B 858 23.80 -20.47 33.10
N ILE B 859 23.07 -20.55 32.00
CA ILE B 859 23.32 -19.70 30.85
C ILE B 859 22.08 -18.84 30.71
N THR B 860 22.25 -17.52 30.86
CA THR B 860 21.13 -16.59 30.90
C THR B 860 21.29 -15.42 29.90
N PRO B 861 20.72 -15.59 28.70
CA PRO B 861 20.87 -14.53 27.69
C PRO B 861 20.21 -13.20 28.06
N SER B 862 20.77 -12.10 27.55
CA SER B 862 20.10 -10.81 27.58
C SER B 862 18.82 -10.82 26.72
N ALA B 863 18.02 -9.76 26.85
CA ALA B 863 16.71 -9.63 26.19
C ALA B 863 16.64 -9.44 24.67
N GLY B 864 17.64 -8.83 24.06
CA GLY B 864 17.37 -8.43 22.67
C GLY B 864 17.52 -9.43 21.52
N TRP B 865 17.91 -10.68 21.83
CA TRP B 865 18.34 -11.61 20.77
C TRP B 865 17.17 -12.05 19.91
N ASN B 866 17.26 -11.82 18.61
CA ASN B 866 16.14 -12.10 17.73
C ASN B 866 16.63 -12.84 16.49
N LEU B 867 17.26 -14.00 16.67
CA LEU B 867 17.62 -14.85 15.55
C LEU B 867 17.68 -16.29 16.06
N VAL B 868 17.63 -17.24 15.13
CA VAL B 868 17.96 -18.64 15.41
C VAL B 868 19.41 -18.74 15.91
N TRP B 869 19.63 -19.54 16.95
CA TRP B 869 21.00 -19.84 17.42
C TRP B 869 21.42 -21.21 16.90
N PRO B 870 22.70 -21.37 16.50
CA PRO B 870 23.15 -22.69 16.00
C PRO B 870 23.18 -23.78 17.09
N ARG B 871 23.58 -23.38 18.31
CA ARG B 871 23.65 -24.28 19.44
C ARG B 871 23.72 -23.46 20.72
N ILE B 872 23.53 -24.14 21.85
CA ILE B 872 23.84 -23.57 23.16
C ILE B 872 24.63 -24.64 23.92
N GLY B 873 25.90 -24.41 24.18
CA GLY B 873 26.72 -25.44 24.81
C GLY B 873 28.00 -24.85 25.34
N VAL B 874 28.87 -25.71 25.85
CA VAL B 874 30.17 -25.29 26.37
C VAL B 874 31.25 -26.15 25.77
N ARG B 875 32.42 -25.52 25.55
CA ARG B 875 33.55 -26.19 24.95
C ARG B 875 34.64 -26.39 25.97
N TRP B 876 35.24 -27.57 25.93
CA TRP B 876 36.41 -27.91 26.77
C TRP B 876 37.56 -28.22 25.82
N ASP B 877 38.74 -27.67 26.09
CA ASP B 877 39.93 -27.91 25.24
C ASP B 877 40.80 -29.01 25.90
N LEU B 878 41.03 -30.08 25.17
CA LEU B 878 41.66 -31.28 25.71
C LEU B 878 42.93 -31.63 24.92
N PRO B 879 43.77 -32.56 25.45
CA PRO B 879 44.91 -33.07 24.70
C PRO B 879 44.46 -33.79 23.44
N THR B 880 45.29 -33.77 22.40
CA THR B 880 44.96 -34.48 21.15
C THR B 880 44.87 -35.98 21.31
N ASP B 881 45.47 -36.53 22.36
CA ASP B 881 45.37 -37.98 22.55
C ASP B 881 44.05 -38.45 23.14
N VAL B 882 43.16 -37.51 23.45
CA VAL B 882 41.77 -37.88 23.77
C VAL B 882 41.06 -38.14 22.46
N ASP B 883 40.76 -39.39 22.13
CA ASP B 883 40.39 -39.74 20.75
C ASP B 883 39.26 -40.76 20.57
N GLY B 884 38.41 -40.83 21.58
CA GLY B 884 37.35 -41.84 21.59
C GLY B 884 36.38 -41.53 22.71
N ALA B 885 35.15 -41.99 22.55
CA ALA B 885 34.13 -41.78 23.55
C ALA B 885 33.20 -42.96 23.67
N ALA B 886 32.76 -43.24 24.89
CA ALA B 886 31.68 -44.17 25.13
C ALA B 886 30.57 -43.37 25.83
N TRP B 887 29.32 -43.75 25.63
CA TRP B 887 28.22 -43.00 26.22
C TRP B 887 26.96 -43.83 26.35
N PHE B 888 26.09 -43.42 27.26
CA PHE B 888 24.76 -43.99 27.31
C PHE B 888 23.80 -42.88 26.91
N GLY B 889 23.07 -43.09 25.83
CA GLY B 889 22.29 -42.00 25.25
C GLY B 889 21.88 -42.42 23.84
N ALA B 890 21.49 -41.46 23.00
CA ALA B 890 20.97 -41.80 21.68
C ALA B 890 22.13 -42.09 20.76
N GLY B 891 22.00 -43.12 19.93
CA GLY B 891 23.08 -43.44 19.00
C GLY B 891 22.66 -44.58 18.14
N PRO B 892 23.63 -45.23 17.44
CA PRO B 892 25.08 -45.03 17.59
C PRO B 892 25.60 -43.81 16.82
N ARG B 893 24.81 -43.27 15.89
CA ARG B 893 25.27 -42.20 15.00
C ARG B 893 24.82 -40.83 15.50
N GLU B 894 25.26 -39.76 14.83
CA GLU B 894 24.90 -38.39 15.19
C GLU B 894 23.40 -38.20 15.04
N SER B 895 22.80 -37.33 15.87
CA SER B 895 21.35 -37.09 15.76
C SER B 895 21.05 -35.65 16.13
N TYR B 896 19.98 -35.11 15.55
CA TYR B 896 19.64 -33.69 15.66
C TYR B 896 18.12 -33.59 15.88
N PRO B 897 17.61 -32.46 16.40
CA PRO B 897 16.17 -32.45 16.78
C PRO B 897 15.17 -32.97 15.71
N ASP B 898 15.42 -32.66 14.43
CA ASP B 898 14.56 -33.13 13.35
C ASP B 898 15.06 -34.41 12.67
N SER B 899 16.05 -35.05 13.30
CA SER B 899 16.66 -36.28 12.77
C SER B 899 16.99 -37.22 13.93
N MET B 900 15.95 -37.76 14.55
CA MET B 900 16.09 -38.67 15.68
C MET B 900 15.59 -40.09 15.44
N HIS B 901 14.99 -40.38 14.28
CA HIS B 901 14.29 -41.66 14.16
C HIS B 901 15.18 -42.91 14.21
N ALA B 902 16.40 -42.76 13.71
CA ALA B 902 17.29 -43.91 13.59
C ALA B 902 18.25 -44.03 14.79
N THR B 903 17.83 -43.55 15.95
CA THR B 903 18.62 -43.65 17.18
C THR B 903 17.96 -44.65 18.15
N MET B 904 18.78 -45.20 19.03
CA MET B 904 18.34 -46.00 20.15
C MET B 904 19.06 -45.49 21.36
N VAL B 905 18.36 -45.43 22.48
CA VAL B 905 18.98 -45.19 23.77
C VAL B 905 19.62 -46.52 24.23
N ALA B 906 20.94 -46.49 24.41
CA ALA B 906 21.69 -47.70 24.75
C ALA B 906 23.12 -47.29 25.02
N ARG B 907 23.98 -48.27 25.31
CA ARG B 907 25.40 -47.97 25.46
C ARG B 907 26.09 -48.07 24.08
N HIS B 908 26.88 -47.05 23.72
CA HIS B 908 27.52 -46.95 22.41
C HIS B 908 28.97 -46.53 22.62
N ALA B 909 29.82 -46.79 21.65
CA ALA B 909 31.19 -46.28 21.74
C ALA B 909 31.73 -46.04 20.34
N ALA B 910 32.61 -45.06 20.18
CA ALA B 910 33.10 -44.74 18.85
C ALA B 910 34.42 -44.01 18.98
N SER B 911 35.34 -44.24 18.04
CA SER B 911 36.54 -43.44 17.93
C SER B 911 36.19 -42.11 17.28
N LEU B 912 37.13 -41.17 17.29
CA LEU B 912 36.95 -39.90 16.55
C LEU B 912 36.43 -40.05 15.10
N GLU B 913 37.03 -40.97 14.33
CA GLU B 913 36.63 -41.21 12.93
C GLU B 913 35.23 -41.79 12.78
N GLU B 914 34.81 -42.60 13.75
CA GLU B 914 33.45 -43.11 13.79
C GLU B 914 32.46 -42.08 14.33
N LEU B 915 32.94 -41.13 15.13
CA LEU B 915 32.07 -40.09 15.66
C LEU B 915 31.62 -39.09 14.61
N ASN B 916 32.58 -38.63 13.80
CA ASN B 916 32.35 -37.53 12.86
C ASN B 916 32.29 -37.95 11.40
N VAL B 917 31.33 -37.41 10.66
CA VAL B 917 31.15 -37.75 9.25
C VAL B 917 32.03 -36.86 8.39
N PRO B 918 32.84 -37.45 7.49
CA PRO B 918 33.64 -36.56 6.63
C PRO B 918 32.83 -36.03 5.43
N TYR B 919 31.93 -35.11 5.73
CA TYR B 919 31.21 -34.38 4.68
C TYR B 919 32.22 -33.68 3.77
N ALA B 920 31.84 -33.57 2.49
CA ALA B 920 32.73 -33.02 1.47
C ALA B 920 33.20 -31.60 1.81
N ARG B 921 32.29 -30.76 2.30
CA ARG B 921 32.67 -29.46 2.87
C ARG B 921 32.55 -29.59 4.40
N PRO B 922 33.65 -29.38 5.14
CA PRO B 922 33.57 -29.54 6.59
C PRO B 922 32.46 -28.69 7.25
N GLN B 923 31.69 -29.31 8.14
CA GLN B 923 30.57 -28.66 8.80
C GLN B 923 30.21 -29.39 10.10
N GLU B 924 29.23 -28.84 10.82
CA GLU B 924 28.67 -29.49 11.98
C GLU B 924 28.43 -30.96 11.70
N THR B 925 29.04 -31.79 12.53
CA THR B 925 28.81 -33.22 12.51
C THR B 925 29.11 -33.79 13.87
N GLY B 926 28.56 -34.97 14.17
CA GLY B 926 29.01 -35.78 15.32
C GLY B 926 28.28 -35.57 16.65
N HIS B 927 27.23 -34.74 16.66
CA HIS B 927 26.45 -34.50 17.89
C HIS B 927 25.73 -35.79 18.31
N ARG B 928 25.94 -36.23 19.55
CA ARG B 928 25.22 -37.36 20.14
C ARG B 928 24.25 -36.82 21.17
N SER B 929 22.96 -37.10 21.00
CA SER B 929 21.89 -36.45 21.77
C SER B 929 21.49 -37.25 23.00
N ASP B 930 20.86 -36.57 23.96
CA ASP B 930 20.13 -37.26 25.07
C ASP B 930 21.05 -38.15 25.92
N VAL B 931 22.16 -37.56 26.32
CA VAL B 931 23.24 -38.30 26.94
C VAL B 931 23.07 -38.35 28.46
N ARG B 932 23.17 -39.56 29.02
CA ARG B 932 23.08 -39.77 30.48
C ARG B 932 24.47 -39.61 31.07
N TRP B 933 25.44 -40.19 30.36
CA TRP B 933 26.85 -40.09 30.74
C TRP B 933 27.70 -40.32 29.53
N LEU B 934 28.88 -39.73 29.56
CA LEU B 934 29.88 -39.96 28.54
C LEU B 934 31.23 -40.26 29.19
N GLU B 935 31.99 -41.12 28.53
CA GLU B 935 33.34 -41.44 28.94
C GLU B 935 34.32 -41.14 27.81
N LEU B 936 35.31 -40.32 28.09
CA LEU B 936 36.34 -40.01 27.10
C LEU B 936 37.54 -40.92 27.35
N ASP B 937 38.07 -41.47 26.28
CA ASP B 937 39.19 -42.42 26.30
C ASP B 937 40.43 -41.79 25.63
N ARG B 938 41.60 -42.23 26.08
CA ARG B 938 42.88 -41.88 25.46
C ARG B 938 43.52 -43.16 24.94
N ALA B 939 43.43 -43.38 23.62
CA ALA B 939 43.93 -44.61 22.99
C ALA B 939 43.24 -45.84 23.60
N GLY B 940 41.92 -45.76 23.72
CA GLY B 940 41.15 -46.88 24.26
C GLY B 940 41.15 -47.01 25.78
N ALA B 941 42.01 -46.26 26.47
CA ALA B 941 42.05 -46.26 27.93
C ALA B 941 41.13 -45.16 28.51
N PRO B 942 40.11 -45.54 29.33
CA PRO B 942 39.21 -44.56 29.96
C PRO B 942 39.95 -43.48 30.75
N TRP B 943 39.59 -42.22 30.52
CA TRP B 943 40.25 -41.11 31.17
C TRP B 943 39.23 -40.32 32.01
N LEU B 944 38.15 -39.85 31.38
CA LEU B 944 37.25 -38.97 32.10
C LEU B 944 35.79 -39.38 31.94
N ARG B 945 35.04 -39.25 33.03
CA ARG B 945 33.64 -39.59 33.00
C ARG B 945 32.84 -38.34 33.38
N ILE B 946 31.83 -38.03 32.58
CA ILE B 946 30.90 -36.93 32.89
C ILE B 946 29.50 -37.49 32.90
N ASP B 947 28.83 -37.37 34.05
CA ASP B 947 27.44 -37.74 34.19
C ASP B 947 26.60 -36.48 34.09
N ALA B 948 25.50 -36.54 33.34
CA ALA B 948 24.63 -35.37 33.17
C ALA B 948 23.24 -35.63 33.69
N GLU B 949 22.74 -34.66 34.45
CA GLU B 949 21.40 -34.78 35.01
C GLU B 949 20.44 -33.95 34.18
N PRO B 950 19.21 -34.48 33.98
CA PRO B 950 18.22 -33.70 33.26
C PRO B 950 17.92 -32.37 33.97
N ASP B 951 17.58 -31.35 33.19
CA ASP B 951 17.19 -30.07 33.77
C ASP B 951 15.75 -30.14 34.29
N ALA B 952 15.21 -29.01 34.75
CA ALA B 952 13.84 -28.98 35.31
C ALA B 952 12.79 -29.50 34.33
N ALA B 953 12.98 -29.23 33.05
CA ALA B 953 12.03 -29.69 32.04
C ALA B 953 12.26 -31.16 31.62
N GLY B 954 13.27 -31.82 32.21
CA GLY B 954 13.60 -33.21 31.85
C GLY B 954 14.47 -33.36 30.61
N ARG B 955 15.04 -32.25 30.15
CA ARG B 955 15.91 -32.27 28.96
C ARG B 955 17.33 -32.68 29.33
N ARG B 956 17.93 -33.47 28.47
CA ARG B 956 19.29 -33.97 28.66
C ARG B 956 20.21 -33.35 27.61
N PRO B 957 21.48 -33.15 27.94
CA PRO B 957 22.35 -32.54 26.95
C PRO B 957 22.88 -33.55 25.94
N GLY B 958 23.68 -33.06 24.99
CA GLY B 958 24.45 -33.95 24.09
C GLY B 958 25.93 -33.58 24.11
N PHE B 959 26.74 -34.31 23.36
CA PHE B 959 28.15 -33.94 23.20
C PHE B 959 28.65 -34.20 21.78
N SER B 960 29.75 -33.54 21.47
CA SER B 960 30.57 -33.83 20.29
C SER B 960 32.02 -33.84 20.71
N LEU B 961 32.80 -34.65 20.00
CA LEU B 961 34.25 -34.62 20.17
C LEU B 961 34.88 -34.38 18.80
N ALA B 962 35.69 -33.33 18.70
CA ALA B 962 36.24 -32.87 17.41
C ALA B 962 37.72 -32.59 17.53
N ARG B 963 38.41 -32.58 16.38
CA ARG B 963 39.84 -32.34 16.33
C ARG B 963 40.12 -30.86 16.09
N HIS B 964 39.07 -30.08 15.83
CA HIS B 964 39.21 -28.65 15.54
C HIS B 964 37.99 -27.90 16.11
N THR B 965 38.09 -26.59 16.24
CA THR B 965 36.95 -25.79 16.75
C THR B 965 35.92 -25.64 15.61
N ALA B 966 34.67 -25.34 15.98
CA ALA B 966 33.61 -25.02 15.02
C ALA B 966 34.05 -23.90 14.08
N GLN B 967 34.82 -22.94 14.59
CA GLN B 967 35.33 -21.82 13.77
C GLN B 967 36.35 -22.25 12.71
N GLU B 968 37.32 -23.09 13.09
CA GLU B 968 38.28 -23.66 12.15
C GLU B 968 37.61 -24.53 11.10
N ILE B 969 36.64 -25.34 11.52
CA ILE B 969 35.93 -26.21 10.58
C ILE B 969 35.19 -25.34 9.57
N ALA B 970 34.49 -24.32 10.07
CA ALA B 970 33.72 -23.45 9.19
C ALA B 970 34.59 -22.76 8.14
N ALA B 971 35.85 -22.48 8.50
CA ALA B 971 36.78 -21.81 7.61
C ALA B 971 37.35 -22.71 6.48
N ALA B 972 37.33 -24.04 6.63
CA ALA B 972 37.99 -24.91 5.63
C ALA B 972 37.03 -25.36 4.54
N GLY B 973 37.46 -25.28 3.28
CA GLY B 973 36.62 -25.71 2.17
C GLY B 973 36.60 -27.20 1.97
N HIS B 974 37.67 -27.87 2.40
CA HIS B 974 37.83 -29.32 2.25
C HIS B 974 38.50 -29.87 3.50
N PRO B 975 38.26 -31.15 3.83
CA PRO B 975 38.93 -31.71 5.01
C PRO B 975 40.44 -31.50 5.02
N HIS B 976 41.10 -31.62 3.87
CA HIS B 976 42.56 -31.56 3.82
C HIS B 976 43.12 -30.15 4.11
N GLU B 977 42.25 -29.14 4.09
CA GLU B 977 42.67 -27.76 4.37
C GLU B 977 42.67 -27.35 5.86
N LEU B 978 42.29 -28.27 6.74
CA LEU B 978 42.35 -28.00 8.19
C LEU B 978 43.79 -28.10 8.71
N PRO B 979 44.18 -27.28 9.71
CA PRO B 979 45.56 -27.44 10.21
C PRO B 979 45.78 -28.71 11.03
N THR B 980 47.04 -29.07 11.27
CA THR B 980 47.35 -30.19 12.14
C THR B 980 46.68 -29.89 13.48
N PRO B 981 45.91 -30.86 14.03
CA PRO B 981 45.25 -30.60 15.33
C PRO B 981 46.21 -30.23 16.46
N SER B 982 45.83 -29.22 17.23
CA SER B 982 46.58 -28.88 18.43
C SER B 982 45.88 -29.35 19.71
N HIS B 983 44.56 -29.58 19.65
CA HIS B 983 43.74 -30.10 20.77
C HIS B 983 42.69 -31.05 20.22
N SER B 984 42.08 -31.82 21.12
CA SER B 984 40.77 -32.39 20.91
C SER B 984 39.80 -31.47 21.65
N TYR B 985 38.59 -31.31 21.12
CA TYR B 985 37.57 -30.41 21.73
C TYR B 985 36.32 -31.16 22.04
N LEU B 986 35.88 -31.02 23.30
CA LEU B 986 34.64 -31.56 23.73
C LEU B 986 33.61 -30.42 23.82
N TYR B 987 32.53 -30.60 23.08
CA TYR B 987 31.36 -29.72 23.16
C TYR B 987 30.27 -30.43 23.95
N VAL B 988 29.84 -29.84 25.06
CA VAL B 988 28.67 -30.36 25.73
C VAL B 988 27.54 -29.40 25.44
N ASP B 989 26.54 -29.87 24.68
CA ASP B 989 25.50 -28.99 24.16
C ASP B 989 24.17 -29.25 24.85
N ALA B 990 23.65 -28.18 25.49
CA ALA B 990 22.27 -28.14 25.95
C ALA B 990 21.29 -28.24 24.78
N ALA B 991 21.62 -27.60 23.65
CA ALA B 991 20.71 -27.55 22.51
C ALA B 991 21.49 -27.47 21.22
N GLN B 992 20.97 -28.06 20.14
CA GLN B 992 21.45 -27.84 18.78
C GLN B 992 20.24 -27.46 17.88
N HIS B 993 20.49 -26.63 16.89
CA HIS B 993 19.47 -26.28 15.91
C HIS B 993 19.22 -27.55 15.03
N GLY B 994 18.00 -27.67 14.51
CA GLY B 994 17.66 -28.75 13.57
C GLY B 994 18.37 -28.58 12.22
N LEU B 995 18.06 -29.46 11.26
CA LEU B 995 18.83 -29.48 9.99
C LEU B 995 18.03 -28.96 8.81
N GLY B 996 16.76 -29.31 8.74
CA GLY B 996 15.89 -28.94 7.62
C GLY B 996 16.46 -29.39 6.28
N SER B 997 16.18 -28.64 5.22
CA SER B 997 16.81 -28.91 3.93
C SER B 997 16.90 -27.63 3.08
N ARG B 998 17.19 -26.51 3.73
CA ARG B 998 17.10 -25.21 3.05
C ARG B 998 18.10 -24.97 1.92
N ALA B 999 19.14 -25.79 1.84
CA ALA B 999 20.06 -25.73 0.69
C ALA B 999 19.23 -25.84 -0.58
N CYS B 1000 18.13 -26.61 -0.52
CA CYS B 1000 17.17 -26.73 -1.62
C CYS B 1000 15.89 -27.41 -1.06
N GLY B 1001 15.01 -26.59 -0.50
CA GLY B 1001 13.86 -27.14 0.17
C GLY B 1001 13.51 -26.31 1.40
N PRO B 1002 12.54 -26.82 2.17
CA PRO B 1002 12.05 -26.12 3.38
C PRO B 1002 13.16 -25.86 4.42
N ASP B 1003 12.98 -24.75 5.14
CA ASP B 1003 13.75 -24.45 6.32
C ASP B 1003 13.45 -25.50 7.42
N VAL B 1004 14.24 -25.48 8.49
CA VAL B 1004 13.93 -26.28 9.70
C VAL B 1004 12.48 -26.05 10.14
N TRP B 1005 11.71 -27.13 10.28
CA TRP B 1005 10.33 -27.02 10.75
C TRP B 1005 10.37 -26.39 12.16
N PRO B 1006 9.50 -25.39 12.44
CA PRO B 1006 9.58 -24.62 13.69
C PRO B 1006 9.71 -25.43 14.98
N ASP B 1007 9.08 -26.62 15.04
CA ASP B 1007 9.14 -27.46 16.23
C ASP B 1007 10.59 -27.85 16.59
N PHE B 1008 11.51 -27.75 15.63
CA PHE B 1008 12.87 -28.26 15.79
C PHE B 1008 13.94 -27.16 15.62
N ALA B 1009 13.48 -25.92 15.51
CA ALA B 1009 14.36 -24.76 15.34
C ALA B 1009 14.73 -24.16 16.71
N LEU B 1010 16.01 -23.84 16.90
CA LEU B 1010 16.51 -23.36 18.18
C LEU B 1010 16.42 -21.86 18.26
N ARG B 1011 15.63 -21.34 19.20
CA ARG B 1011 15.60 -19.89 19.40
C ARG B 1011 16.21 -19.57 20.78
N PRO B 1012 16.68 -18.33 21.00
CA PRO B 1012 17.36 -18.01 22.26
C PRO B 1012 16.51 -18.44 23.47
N GLU B 1013 17.16 -19.11 24.42
CA GLU B 1013 16.53 -19.58 25.66
C GLU B 1013 17.62 -19.67 26.71
N ALA B 1014 17.23 -19.64 27.98
CA ALA B 1014 18.15 -19.87 29.09
C ALA B 1014 18.27 -21.36 29.26
N ARG B 1015 19.47 -21.86 29.54
CA ARG B 1015 19.64 -23.30 29.75
C ARG B 1015 20.59 -23.54 30.92
N THR B 1016 20.46 -24.71 31.51
CA THR B 1016 21.30 -25.12 32.61
C THR B 1016 21.91 -26.48 32.26
N LEU B 1017 23.20 -26.63 32.55
CA LEU B 1017 23.88 -27.93 32.47
C LEU B 1017 24.21 -28.38 33.89
N LYS B 1018 23.87 -29.60 34.22
CA LYS B 1018 24.11 -30.13 35.57
C LYS B 1018 25.00 -31.35 35.42
N LEU B 1019 26.27 -31.20 35.74
CA LEU B 1019 27.27 -32.21 35.47
C LEU B 1019 27.94 -32.72 36.74
N ARG B 1020 28.38 -33.98 36.72
CA ARG B 1020 29.32 -34.54 37.73
C ARG B 1020 30.52 -35.10 36.98
N ILE B 1021 31.71 -34.68 37.38
CA ILE B 1021 32.90 -35.01 36.62
C ILE B 1021 33.82 -35.86 37.50
N SER B 1022 34.32 -36.97 36.97
CA SER B 1022 35.17 -37.87 37.75
C SER B 1022 36.17 -38.60 36.87
N PRO B 1023 37.26 -39.13 37.47
CA PRO B 1023 38.19 -39.91 36.66
C PRO B 1023 37.47 -41.18 36.27
N ALA B 1024 37.69 -41.67 35.04
CA ALA B 1024 36.95 -42.86 34.59
C ALA B 1024 37.51 -44.17 35.15
N ALA C 5 -58.27 22.15 -13.10
CA ALA C 5 -58.56 20.83 -12.47
C ALA C 5 -57.31 20.30 -11.78
N ASP C 6 -57.52 19.61 -10.67
CA ASP C 6 -56.41 19.13 -9.85
C ASP C 6 -55.79 17.85 -10.44
N VAL C 7 -54.52 17.96 -10.83
CA VAL C 7 -53.81 16.80 -11.36
C VAL C 7 -52.66 16.32 -10.42
N SER C 8 -52.66 16.84 -9.19
CA SER C 8 -51.65 16.45 -8.20
C SER C 8 -51.72 14.95 -7.82
N TYR C 9 -52.86 14.30 -8.04
CA TYR C 9 -52.99 12.86 -7.80
C TYR C 9 -51.94 12.02 -8.54
N LEU C 10 -51.39 12.55 -9.63
CA LEU C 10 -50.48 11.76 -10.48
C LEU C 10 -49.14 11.55 -9.76
N THR C 11 -48.73 12.56 -8.99
CA THR C 11 -47.47 12.53 -8.24
C THR C 11 -47.61 12.35 -6.73
N ASP C 12 -48.84 12.22 -6.24
CA ASP C 12 -49.06 12.01 -4.80
C ASP C 12 -48.38 10.72 -4.32
N GLN C 13 -47.73 10.78 -3.16
CA GLN C 13 -47.00 9.60 -2.64
C GLN C 13 -47.81 8.74 -1.67
N GLY C 14 -49.09 9.11 -1.51
CA GLY C 14 -50.02 8.40 -0.62
C GLY C 14 -50.56 7.16 -1.30
N PRO C 15 -51.38 6.37 -0.57
CA PRO C 15 -51.92 5.07 -0.99
C PRO C 15 -53.08 5.09 -2.03
N GLY C 16 -53.66 6.25 -2.26
CA GLY C 16 -54.81 6.35 -3.17
C GLY C 16 -55.76 7.32 -2.50
N SER C 17 -56.88 7.64 -3.15
CA SER C 17 -57.82 8.57 -2.54
C SER C 17 -59.26 8.28 -2.95
N GLY C 18 -60.19 8.98 -2.27
CA GLY C 18 -61.60 8.94 -2.63
C GLY C 18 -62.37 7.97 -1.77
N ARG C 19 -63.37 7.33 -2.37
CA ARG C 19 -64.29 6.45 -1.65
C ARG C 19 -63.70 5.04 -1.55
N ARG C 20 -62.56 4.92 -0.86
CA ARG C 20 -61.84 3.65 -0.75
C ARG C 20 -62.52 2.73 0.26
N VAL C 21 -62.67 1.45 -0.08
CA VAL C 21 -63.25 0.46 0.83
C VAL C 21 -62.06 -0.19 1.58
N PRO C 22 -62.17 -0.43 2.92
CA PRO C 22 -61.12 -1.19 3.63
C PRO C 22 -60.75 -2.52 2.98
N ALA C 23 -59.46 -2.84 2.99
CA ALA C 23 -58.93 -4.07 2.42
C ALA C 23 -59.56 -5.31 3.05
N ARG C 24 -59.86 -6.31 2.22
CA ARG C 24 -60.46 -7.57 2.72
C ARG C 24 -60.08 -8.74 1.79
N SER C 25 -60.51 -9.97 2.14
CA SER C 25 -60.19 -11.16 1.34
C SER C 25 -60.92 -11.15 0.00
N TRP C 26 -60.29 -11.75 -1.01
CA TRP C 26 -60.99 -12.19 -2.20
C TRP C 26 -61.70 -13.49 -1.82
N LEU C 27 -63.04 -13.47 -1.88
CA LEU C 27 -63.89 -14.54 -1.32
C LEU C 27 -64.84 -15.03 -2.37
N HIS C 28 -65.12 -16.34 -2.33
CA HIS C 28 -66.21 -16.90 -3.10
C HIS C 28 -67.51 -16.67 -2.34
N SER C 29 -68.26 -15.63 -2.72
CA SER C 29 -69.53 -15.29 -2.09
C SER C 29 -70.71 -15.46 -3.06
N ASP C 30 -71.90 -15.77 -2.54
CA ASP C 30 -73.10 -15.75 -3.38
C ASP C 30 -73.77 -14.37 -3.49
N ALA C 31 -73.14 -13.31 -2.98
CA ALA C 31 -73.67 -11.95 -3.15
C ALA C 31 -73.89 -11.62 -4.64
N PRO C 32 -74.93 -10.82 -4.98
CA PRO C 32 -75.07 -10.57 -6.43
C PRO C 32 -73.84 -9.83 -6.97
N ALA C 33 -73.42 -10.19 -8.17
CA ALA C 33 -72.23 -9.56 -8.75
C ALA C 33 -72.32 -9.49 -10.26
N LEU C 34 -71.54 -8.59 -10.85
CA LEU C 34 -71.42 -8.63 -12.29
C LEU C 34 -70.01 -8.28 -12.73
N SER C 35 -69.61 -8.79 -13.88
CA SER C 35 -68.28 -8.51 -14.45
C SER C 35 -68.44 -7.39 -15.46
N LEU C 36 -67.56 -6.40 -15.35
CA LEU C 36 -67.52 -5.31 -16.30
C LEU C 36 -66.44 -5.55 -17.39
N ASN C 37 -65.83 -6.74 -17.39
CA ASN C 37 -64.92 -7.15 -18.47
C ASN C 37 -65.62 -7.09 -19.84
N GLY C 38 -64.88 -6.76 -20.89
CA GLY C 38 -65.47 -6.71 -22.23
C GLY C 38 -64.71 -5.77 -23.13
N ASP C 39 -65.33 -5.31 -24.22
CA ASP C 39 -64.67 -4.30 -25.05
C ASP C 39 -65.13 -2.90 -24.66
N TRP C 40 -64.22 -2.07 -24.15
CA TRP C 40 -64.58 -0.74 -23.68
C TRP C 40 -64.17 0.25 -24.74
N ARG C 41 -64.82 1.44 -24.78
CA ARG C 41 -64.31 2.54 -25.62
C ARG C 41 -62.98 2.97 -25.03
N PHE C 42 -62.00 3.24 -25.90
CA PHE C 42 -60.65 3.53 -25.48
C PHE C 42 -60.00 4.59 -26.36
N ARG C 43 -59.25 5.50 -25.75
CA ARG C 43 -58.31 6.31 -26.55
C ARG C 43 -56.99 6.43 -25.80
N LEU C 44 -55.91 6.63 -26.55
CA LEU C 44 -54.57 6.78 -25.95
C LEU C 44 -54.12 8.19 -26.18
N LEU C 45 -53.84 8.89 -25.08
CA LEU C 45 -53.22 10.22 -25.14
C LEU C 45 -51.72 10.10 -24.90
N PRO C 46 -50.91 10.95 -25.58
CA PRO C 46 -49.47 10.88 -25.36
C PRO C 46 -48.96 11.50 -24.03
N ALA C 47 -49.84 12.16 -23.27
CA ALA C 47 -49.45 12.86 -22.04
C ALA C 47 -50.68 12.96 -21.15
N ALA C 48 -50.43 13.28 -19.88
CA ALA C 48 -51.47 13.37 -18.84
C ALA C 48 -52.15 14.74 -18.92
N PRO C 49 -53.43 14.80 -19.32
CA PRO C 49 -54.14 16.07 -19.41
C PRO C 49 -54.10 16.85 -18.10
N GLY C 50 -53.94 18.16 -18.20
CA GLY C 50 -53.87 19.01 -17.01
C GLY C 50 -52.47 19.26 -16.47
N THR C 51 -51.46 18.55 -16.96
CA THR C 51 -50.11 18.78 -16.47
C THR C 51 -49.46 19.91 -17.28
N ALA C 52 -48.44 20.54 -16.71
CA ALA C 52 -47.83 21.74 -17.32
C ALA C 52 -47.34 21.48 -18.73
N GLY C 53 -46.76 20.30 -18.97
CA GLY C 53 -46.21 20.00 -20.31
C GLY C 53 -47.19 19.28 -21.25
N ALA C 54 -48.48 19.33 -20.90
CA ALA C 54 -49.58 18.71 -21.70
C ALA C 54 -50.63 19.75 -22.15
N GLY C 55 -50.22 21.00 -22.28
CA GLY C 55 -51.14 22.09 -22.61
C GLY C 55 -52.13 21.87 -23.76
N SER C 56 -51.77 21.12 -24.78
CA SER C 56 -52.75 20.94 -25.88
C SER C 56 -52.98 19.49 -26.29
N VAL C 57 -52.98 18.60 -25.30
CA VAL C 57 -53.11 17.16 -25.54
C VAL C 57 -54.55 16.73 -25.94
N LEU C 58 -55.55 17.51 -25.50
CA LEU C 58 -56.96 17.13 -25.70
C LEU C 58 -57.50 17.82 -26.95
N PRO C 59 -58.61 17.30 -27.53
CA PRO C 59 -59.28 17.98 -28.65
C PRO C 59 -59.75 19.35 -28.18
N SER C 60 -59.82 20.30 -29.11
CA SER C 60 -60.29 21.65 -28.81
C SER C 60 -61.61 21.66 -28.05
N GLY C 61 -61.68 22.52 -27.03
CA GLY C 61 -62.89 22.64 -26.21
C GLY C 61 -63.08 21.57 -25.15
N GLU C 62 -62.31 20.48 -25.20
CA GLU C 62 -62.42 19.47 -24.15
C GLU C 62 -61.75 19.91 -22.86
N THR C 63 -62.50 19.87 -21.77
CA THR C 63 -61.96 20.18 -20.43
C THR C 63 -61.06 19.03 -19.93
N VAL C 64 -60.21 19.33 -18.94
CA VAL C 64 -59.20 18.36 -18.46
C VAL C 64 -59.80 17.01 -18.10
N GLU C 65 -60.92 17.06 -17.36
CA GLU C 65 -61.62 15.86 -16.90
C GLU C 65 -63.01 15.71 -17.55
N GLY C 66 -63.19 16.34 -18.71
CA GLY C 66 -64.47 16.25 -19.46
C GLY C 66 -64.87 14.86 -19.93
N VAL C 67 -63.89 13.99 -20.09
CA VAL C 67 -64.13 12.60 -20.51
C VAL C 67 -65.05 11.85 -19.53
N ALA C 68 -65.14 12.34 -18.29
CA ALA C 68 -65.90 11.70 -17.24
C ALA C 68 -67.41 11.92 -17.39
N ALA C 69 -67.80 13.00 -18.09
CA ALA C 69 -69.20 13.47 -18.09
C ALA C 69 -70.13 12.48 -18.79
N GLU C 70 -71.36 12.32 -18.27
CA GLU C 70 -72.33 11.48 -18.94
C GLU C 70 -72.69 12.04 -20.33
N SER C 71 -72.53 13.33 -20.56
CA SER C 71 -72.88 13.90 -21.88
C SER C 71 -71.73 13.79 -22.90
N TYR C 72 -70.55 13.30 -22.47
CA TYR C 72 -69.38 13.25 -23.34
C TYR C 72 -69.58 12.34 -24.54
N ASP C 73 -69.14 12.80 -25.70
CA ASP C 73 -69.36 12.07 -26.94
C ASP C 73 -68.12 11.24 -27.33
N ASP C 74 -68.22 9.93 -27.14
CA ASP C 74 -67.13 8.98 -27.50
C ASP C 74 -67.54 8.03 -28.64
N ALA C 75 -68.56 8.42 -29.41
CA ALA C 75 -69.10 7.52 -30.43
C ALA C 75 -68.06 7.15 -31.50
N ALA C 76 -67.09 8.02 -31.74
CA ALA C 76 -66.07 7.73 -32.75
C ALA C 76 -64.83 6.98 -32.20
N TRP C 77 -64.83 6.63 -30.91
CA TRP C 77 -63.65 6.00 -30.31
C TRP C 77 -63.49 4.55 -30.69
N ASP C 78 -62.24 4.10 -30.78
CA ASP C 78 -61.98 2.65 -30.94
C ASP C 78 -62.32 1.92 -29.64
N THR C 79 -62.30 0.59 -29.65
CA THR C 79 -62.49 -0.18 -28.41
C THR C 79 -61.24 -1.01 -28.11
N LEU C 80 -61.11 -1.42 -26.86
CA LEU C 80 -59.96 -2.19 -26.40
C LEU C 80 -60.53 -3.23 -25.43
N PRO C 81 -60.03 -4.47 -25.51
CA PRO C 81 -60.48 -5.50 -24.53
C PRO C 81 -60.01 -5.18 -23.11
N VAL C 82 -60.91 -5.37 -22.13
CA VAL C 82 -60.55 -5.32 -20.72
C VAL C 82 -60.95 -6.67 -20.13
N PRO C 83 -59.97 -7.41 -19.51
CA PRO C 83 -58.57 -7.04 -19.32
C PRO C 83 -57.60 -7.25 -20.50
N SER C 84 -56.63 -6.33 -20.58
CA SER C 84 -55.52 -6.41 -21.53
C SER C 84 -54.48 -5.35 -21.13
N HIS C 85 -53.30 -5.39 -21.77
CA HIS C 85 -52.39 -4.28 -21.75
C HIS C 85 -52.52 -3.61 -23.12
N TRP C 86 -52.58 -2.29 -23.17
CA TRP C 86 -52.76 -1.64 -24.47
C TRP C 86 -51.56 -1.76 -25.38
N VAL C 87 -50.41 -2.12 -24.79
CA VAL C 87 -49.16 -2.35 -25.54
C VAL C 87 -49.04 -3.79 -26.08
N MET C 88 -50.06 -4.63 -25.89
CA MET C 88 -50.06 -6.03 -26.38
C MET C 88 -51.26 -6.35 -27.26
N GLY C 89 -51.04 -7.23 -28.24
CA GLY C 89 -52.14 -7.71 -29.08
C GLY C 89 -52.81 -6.68 -29.96
N GLN C 90 -52.15 -5.53 -30.18
CA GLN C 90 -52.70 -4.48 -31.03
C GLN C 90 -51.76 -4.10 -32.18
N ASP C 91 -50.80 -4.99 -32.48
CA ASP C 91 -49.78 -4.76 -33.52
C ASP C 91 -49.08 -3.40 -33.41
N GLY C 92 -48.83 -2.95 -32.18
CA GLY C 92 -48.08 -1.73 -31.93
C GLY C 92 -48.86 -0.43 -32.10
N LYS C 93 -50.16 -0.55 -32.34
CA LYS C 93 -51.03 0.63 -32.57
C LYS C 93 -50.98 1.63 -31.41
N TYR C 94 -50.86 1.12 -30.17
CA TYR C 94 -50.81 1.94 -28.99
C TYR C 94 -49.45 1.82 -28.30
N GLY C 95 -48.38 1.70 -29.07
CA GLY C 95 -47.05 1.56 -28.45
C GLY C 95 -46.67 0.13 -28.13
N ARG C 96 -45.47 -0.02 -27.56
CA ARG C 96 -44.90 -1.34 -27.37
C ARG C 96 -44.39 -1.49 -25.93
N PRO C 97 -44.20 -2.74 -25.50
CA PRO C 97 -43.56 -2.99 -24.19
C PRO C 97 -42.15 -2.38 -24.13
N ILE C 98 -41.68 -2.12 -22.91
CA ILE C 98 -40.34 -1.62 -22.63
C ILE C 98 -39.74 -2.57 -21.62
N TYR C 99 -38.56 -3.10 -21.89
CA TYR C 99 -37.93 -3.98 -20.89
C TYR C 99 -36.76 -3.32 -20.20
N THR C 100 -36.84 -3.16 -18.89
CA THR C 100 -35.60 -2.84 -18.13
C THR C 100 -35.50 -3.81 -16.98
N ASN C 101 -34.26 -4.03 -16.53
CA ASN C 101 -33.98 -4.90 -15.40
C ASN C 101 -33.95 -4.07 -14.12
N VAL C 102 -32.84 -3.37 -13.86
CA VAL C 102 -32.69 -2.49 -12.70
C VAL C 102 -32.99 -1.01 -13.04
N GLN C 103 -32.56 -0.59 -14.22
CA GLN C 103 -32.66 0.82 -14.52
C GLN C 103 -34.12 1.28 -14.65
N TYR C 104 -34.45 2.42 -14.05
CA TYR C 104 -35.75 3.02 -14.34
C TYR C 104 -35.74 3.60 -15.76
N PRO C 105 -36.86 3.49 -16.51
CA PRO C 105 -36.89 4.11 -17.85
C PRO C 105 -37.29 5.59 -17.82
N PHE C 106 -37.23 6.23 -16.65
CA PHE C 106 -37.45 7.66 -16.49
C PHE C 106 -36.40 8.23 -15.50
N PRO C 107 -36.18 9.56 -15.48
CA PRO C 107 -35.21 10.13 -14.52
C PRO C 107 -35.56 9.74 -13.07
N ILE C 108 -34.56 9.52 -12.22
CA ILE C 108 -34.80 9.23 -10.81
C ILE C 108 -34.97 10.60 -10.15
N ASP C 109 -36.22 11.09 -10.18
CA ASP C 109 -36.53 12.45 -9.76
C ASP C 109 -37.86 12.40 -8.97
N PRO C 110 -37.91 11.60 -7.89
CA PRO C 110 -39.20 11.34 -7.27
C PRO C 110 -39.83 12.60 -6.65
N PRO C 111 -41.17 12.72 -6.67
CA PRO C 111 -42.14 11.76 -7.23
C PRO C 111 -42.55 12.07 -8.70
N HIS C 112 -41.72 12.81 -9.44
CA HIS C 112 -42.13 13.32 -10.77
C HIS C 112 -41.94 12.28 -11.84
N VAL C 113 -42.74 12.36 -12.89
CA VAL C 113 -42.64 11.45 -14.03
C VAL C 113 -42.57 12.22 -15.34
N PRO C 114 -42.17 11.56 -16.46
CA PRO C 114 -42.00 12.31 -17.70
C PRO C 114 -43.29 12.92 -18.25
N ASP C 115 -43.13 13.96 -19.07
CA ASP C 115 -44.24 14.53 -19.83
C ASP C 115 -44.80 13.55 -20.87
N ALA C 116 -43.92 12.73 -21.45
CA ALA C 116 -44.34 11.71 -22.39
C ALA C 116 -44.85 10.54 -21.54
N ASN C 117 -46.16 10.52 -21.35
CA ASN C 117 -46.75 9.66 -20.37
C ASN C 117 -48.04 9.08 -20.96
N PRO C 118 -47.91 7.94 -21.64
CA PRO C 118 -49.07 7.33 -22.31
C PRO C 118 -50.22 7.15 -21.33
N THR C 119 -51.36 7.74 -21.67
CA THR C 119 -52.50 7.83 -20.75
C THR C 119 -53.70 7.32 -21.53
N GLY C 120 -54.34 6.28 -20.99
CA GLY C 120 -55.47 5.63 -21.62
C GLY C 120 -56.78 5.98 -20.93
N ASP C 121 -57.74 6.49 -21.71
CA ASP C 121 -59.08 6.75 -21.23
C ASP C 121 -59.97 5.58 -21.65
N PHE C 122 -60.68 5.03 -20.69
CA PHE C 122 -61.51 3.85 -20.90
C PHE C 122 -62.94 4.27 -20.51
N ARG C 123 -63.94 3.91 -21.30
CA ARG C 123 -65.33 4.23 -21.00
C ARG C 123 -66.24 3.03 -21.26
N ARG C 124 -67.04 2.68 -20.26
CA ARG C 124 -67.84 1.45 -20.23
C ARG C 124 -69.29 1.82 -19.84
N ARG C 125 -70.26 1.37 -20.64
CA ARG C 125 -71.67 1.47 -20.21
C ARG C 125 -72.13 0.09 -19.77
N PHE C 126 -72.98 0.04 -18.75
CA PHE C 126 -73.41 -1.24 -18.20
C PHE C 126 -74.74 -1.08 -17.49
N ASP C 127 -75.46 -2.18 -17.38
CA ASP C 127 -76.74 -2.16 -16.68
C ASP C 127 -76.63 -2.75 -15.28
N VAL C 128 -77.30 -2.12 -14.34
CA VAL C 128 -77.38 -2.64 -12.96
C VAL C 128 -78.84 -2.95 -12.64
N PRO C 129 -79.14 -4.18 -12.15
CA PRO C 129 -80.52 -4.54 -11.78
C PRO C 129 -81.15 -3.59 -10.75
N ALA C 130 -82.43 -3.26 -10.94
CA ALA C 130 -83.20 -2.43 -10.02
C ALA C 130 -83.19 -2.97 -8.58
N GLN C 131 -83.16 -4.29 -8.46
CA GLN C 131 -83.22 -4.96 -7.15
C GLN C 131 -82.02 -4.62 -6.25
N TRP C 132 -80.88 -4.24 -6.87
CA TRP C 132 -79.67 -3.83 -6.15
C TRP C 132 -79.84 -2.52 -5.38
N PHE C 133 -80.95 -1.83 -5.59
CA PHE C 133 -81.20 -0.56 -4.91
C PHE C 133 -82.30 -0.67 -3.85
N GLU C 134 -82.78 -1.89 -3.63
CA GLU C 134 -83.74 -2.17 -2.55
C GLU C 134 -83.05 -2.31 -1.20
N SER C 135 -83.81 -2.22 -0.12
CA SER C 135 -83.26 -2.20 1.24
C SER C 135 -82.45 -3.48 1.61
N THR C 136 -82.66 -4.56 0.86
CA THR C 136 -81.86 -5.79 1.02
C THR C 136 -80.37 -5.69 0.61
N THR C 137 -79.99 -4.63 -0.11
CA THR C 137 -78.58 -4.36 -0.43
C THR C 137 -78.12 -3.17 0.38
N ALA C 138 -76.97 -3.27 1.06
CA ALA C 138 -76.47 -2.19 1.93
C ALA C 138 -75.53 -1.22 1.20
N ALA C 139 -74.84 -1.70 0.17
CA ALA C 139 -73.81 -0.89 -0.49
C ALA C 139 -73.46 -1.54 -1.81
N LEU C 140 -72.89 -0.77 -2.73
CA LEU C 140 -72.45 -1.27 -4.02
C LEU C 140 -70.94 -1.00 -4.13
N THR C 141 -70.21 -2.04 -4.50
CA THR C 141 -68.75 -2.04 -4.49
C THR C 141 -68.22 -2.26 -5.89
N LEU C 142 -67.34 -1.35 -6.32
CA LEU C 142 -66.61 -1.49 -7.57
C LEU C 142 -65.19 -2.01 -7.24
N ARG C 143 -64.76 -3.09 -7.88
CA ARG C 143 -63.49 -3.72 -7.59
C ARG C 143 -62.57 -3.76 -8.81
N PHE C 144 -61.34 -3.28 -8.63
CA PHE C 144 -60.26 -3.47 -9.60
C PHE C 144 -59.27 -4.46 -9.04
N ASP C 145 -58.98 -5.52 -9.77
CA ASP C 145 -57.98 -6.49 -9.33
C ASP C 145 -56.55 -6.22 -9.84
N GLY C 146 -56.42 -5.28 -10.79
CA GLY C 146 -55.08 -4.86 -11.28
C GLY C 146 -55.10 -3.86 -12.45
N VAL C 147 -54.37 -2.76 -12.27
CA VAL C 147 -54.28 -1.68 -13.26
C VAL C 147 -52.86 -1.11 -13.16
N GLU C 148 -52.13 -1.04 -14.26
CA GLU C 148 -50.78 -0.45 -14.26
C GLU C 148 -50.77 0.91 -15.02
N SER C 149 -50.40 2.03 -14.38
CA SER C 149 -50.03 2.09 -12.94
C SER C 149 -50.79 2.92 -11.87
C SER C 149 -51.27 2.87 -12.42
N ARG C 150 -51.37 4.04 -12.25
N ARG C 150 -51.13 4.11 -12.03
CA ARG C 150 -52.21 4.83 -11.35
C ARG C 150 -53.43 5.18 -12.17
N TYR C 151 -54.61 5.18 -11.55
CA TYR C 151 -55.82 5.45 -12.32
C TYR C 151 -56.81 6.29 -11.55
N LYS C 152 -57.64 7.04 -12.28
CA LYS C 152 -58.71 7.81 -11.67
C LYS C 152 -60.03 7.31 -12.23
N VAL C 153 -61.03 7.22 -11.35
CA VAL C 153 -62.33 6.56 -11.61
C VAL C 153 -63.50 7.54 -11.47
N TRP C 154 -64.36 7.61 -12.48
CA TRP C 154 -65.62 8.33 -12.34
C TRP C 154 -66.79 7.44 -12.70
N VAL C 155 -67.89 7.61 -11.97
CA VAL C 155 -69.10 6.83 -12.24
C VAL C 155 -70.26 7.82 -12.41
N ASN C 156 -70.90 7.78 -13.58
CA ASN C 156 -72.00 8.70 -13.90
C ASN C 156 -71.59 10.15 -13.67
N GLY C 157 -70.34 10.46 -14.03
CA GLY C 157 -69.78 11.80 -13.93
C GLY C 157 -69.25 12.18 -12.57
N GLN C 158 -69.46 11.36 -11.55
CA GLN C 158 -68.99 11.67 -10.20
C GLN C 158 -67.59 11.09 -10.01
N GLU C 159 -66.65 11.87 -9.45
CA GLU C 159 -65.33 11.32 -9.13
C GLU C 159 -65.44 10.34 -7.97
N ILE C 160 -64.90 9.13 -8.16
CA ILE C 160 -65.00 8.08 -7.14
C ILE C 160 -63.70 7.96 -6.34
N GLY C 161 -62.57 8.04 -7.04
CA GLY C 161 -61.29 7.91 -6.35
C GLY C 161 -60.14 7.72 -7.31
N VAL C 162 -58.97 7.45 -6.70
CA VAL C 162 -57.71 7.25 -7.40
C VAL C 162 -57.06 5.99 -6.81
N GLY C 163 -56.63 5.09 -7.69
CA GLY C 163 -56.00 3.83 -7.27
C GLY C 163 -54.52 3.76 -7.62
N SER C 164 -53.77 3.03 -6.80
CA SER C 164 -52.34 2.77 -6.95
C SER C 164 -52.03 1.35 -6.52
N GLY C 165 -50.84 0.85 -6.88
CA GLY C 165 -50.45 -0.54 -6.51
C GLY C 165 -50.88 -1.43 -7.63
N SER C 166 -50.02 -1.60 -8.63
CA SER C 166 -50.48 -2.12 -9.92
C SER C 166 -51.03 -3.55 -9.85
N ARG C 167 -50.46 -4.39 -8.97
CA ARG C 167 -50.90 -5.77 -8.91
C ARG C 167 -51.71 -6.08 -7.63
N LEU C 168 -52.18 -5.03 -6.95
CA LEU C 168 -52.98 -5.16 -5.73
C LEU C 168 -54.43 -4.85 -6.06
N ALA C 169 -55.37 -5.46 -5.35
CA ALA C 169 -56.77 -5.14 -5.59
C ALA C 169 -57.15 -3.87 -4.87
N GLN C 170 -58.13 -3.16 -5.42
CA GLN C 170 -58.68 -1.98 -4.76
C GLN C 170 -60.18 -1.94 -5.01
N GLU C 171 -60.96 -1.72 -3.95
CA GLU C 171 -62.43 -1.54 -4.08
C GLU C 171 -62.82 -0.12 -3.71
N PHE C 172 -63.86 0.39 -4.38
CA PHE C 172 -64.39 1.73 -4.11
C PHE C 172 -65.90 1.59 -3.84
N ASP C 173 -66.44 2.51 -3.05
CA ASP C 173 -67.87 2.47 -2.72
C ASP C 173 -68.62 3.35 -3.74
N VAL C 174 -69.40 2.71 -4.61
CA VAL C 174 -70.11 3.46 -5.65
C VAL C 174 -71.62 3.53 -5.35
N SER C 175 -72.01 3.24 -4.10
CA SER C 175 -73.42 3.23 -3.67
C SER C 175 -74.16 4.48 -4.09
N ASP C 176 -73.57 5.66 -3.86
CA ASP C 176 -74.28 6.91 -4.17
C ASP C 176 -74.25 7.33 -5.64
N ALA C 177 -73.40 6.72 -6.46
CA ALA C 177 -73.24 7.17 -7.85
C ALA C 177 -74.02 6.33 -8.85
N LEU C 178 -74.19 5.05 -8.58
CA LEU C 178 -74.94 4.15 -9.48
C LEU C 178 -76.47 4.38 -9.46
N ARG C 179 -77.14 3.96 -10.54
CA ARG C 179 -78.60 4.04 -10.66
C ARG C 179 -79.08 2.73 -11.18
N ALA C 180 -80.37 2.42 -11.01
CA ALA C 180 -80.95 1.25 -11.71
C ALA C 180 -80.95 1.50 -13.23
N GLY C 181 -80.68 0.48 -14.02
CA GLY C 181 -80.63 0.60 -15.47
C GLY C 181 -79.24 0.94 -15.97
N SER C 182 -79.16 1.88 -16.91
CA SER C 182 -77.90 2.25 -17.56
C SER C 182 -76.98 3.11 -16.70
N ASN C 183 -75.71 2.70 -16.65
CA ASN C 183 -74.66 3.44 -15.94
C ASN C 183 -73.39 3.62 -16.81
N LEU C 184 -72.58 4.61 -16.43
CA LEU C 184 -71.32 4.93 -17.13
C LEU C 184 -70.18 4.81 -16.12
N LEU C 185 -69.12 4.09 -16.51
CA LEU C 185 -67.87 4.05 -15.77
C LEU C 185 -66.77 4.56 -16.67
N VAL C 186 -66.02 5.57 -16.18
CA VAL C 186 -64.89 6.13 -16.90
C VAL C 186 -63.64 5.94 -16.04
N VAL C 187 -62.59 5.40 -16.64
CA VAL C 187 -61.30 5.19 -15.95
C VAL C 187 -60.18 5.78 -16.79
N ARG C 188 -59.38 6.65 -16.16
CA ARG C 188 -58.22 7.19 -16.83
C ARG C 188 -56.97 6.54 -16.25
N VAL C 189 -56.19 5.88 -17.08
CA VAL C 189 -55.03 5.10 -16.58
C VAL C 189 -53.74 5.77 -17.10
N HIS C 190 -52.78 5.99 -16.20
CA HIS C 190 -51.49 6.53 -16.59
C HIS C 190 -50.42 5.48 -16.59
N GLN C 191 -49.58 5.45 -17.63
CA GLN C 191 -48.45 4.53 -17.59
C GLN C 191 -47.49 4.89 -16.45
N TRP C 192 -47.04 6.15 -16.40
CA TRP C 192 -46.09 6.57 -15.35
C TRP C 192 -46.83 7.33 -14.29
N SER C 193 -46.45 7.11 -13.03
CA SER C 193 -47.00 7.91 -11.94
C SER C 193 -46.02 7.79 -10.78
N ALA C 194 -46.30 8.44 -9.66
CA ALA C 194 -45.41 8.30 -8.52
C ALA C 194 -45.22 6.83 -8.15
N ALA C 195 -46.26 6.02 -8.37
CA ALA C 195 -46.23 4.62 -8.01
C ALA C 195 -45.22 3.81 -8.84
N SER C 196 -44.86 4.31 -10.01
CA SER C 196 -43.88 3.62 -10.84
C SER C 196 -42.54 3.49 -10.10
N TYR C 197 -42.24 4.45 -9.21
CA TYR C 197 -40.98 4.38 -8.44
C TYR C 197 -40.95 3.15 -7.51
N LEU C 198 -42.13 2.65 -7.15
CA LEU C 198 -42.28 1.50 -6.24
C LEU C 198 -42.41 0.19 -6.99
N GLU C 199 -42.35 0.28 -8.31
CA GLU C 199 -42.62 -0.88 -9.16
C GLU C 199 -41.52 -1.13 -10.18
N ASP C 200 -40.27 -1.21 -9.70
CA ASP C 200 -39.12 -1.38 -10.60
C ASP C 200 -38.74 -2.87 -10.73
N GLN C 201 -39.74 -3.75 -10.84
CA GLN C 201 -39.44 -5.18 -11.02
C GLN C 201 -38.74 -5.45 -12.35
N ASP C 202 -37.91 -6.49 -12.36
CA ASP C 202 -37.19 -7.01 -13.55
C ASP C 202 -38.17 -7.72 -14.48
N GLN C 203 -38.76 -6.95 -15.40
CA GLN C 203 -39.87 -7.41 -16.27
C GLN C 203 -40.25 -6.34 -17.29
N TRP C 204 -41.13 -6.66 -18.24
CA TRP C 204 -41.63 -5.63 -19.19
C TRP C 204 -42.51 -4.65 -18.43
N TRP C 205 -42.42 -3.37 -18.78
CA TRP C 205 -43.42 -2.37 -18.35
C TRP C 205 -44.63 -2.48 -19.30
N LEU C 206 -45.81 -2.81 -18.75
CA LEU C 206 -47.00 -3.12 -19.58
C LEU C 206 -48.26 -2.44 -19.01
N PRO C 207 -48.56 -1.19 -19.45
CA PRO C 207 -49.69 -0.45 -18.86
C PRO C 207 -51.06 -0.97 -19.29
N GLY C 208 -52.11 -0.66 -18.51
CA GLY C 208 -53.48 -1.01 -18.86
C GLY C 208 -54.26 -1.62 -17.69
N ILE C 209 -55.55 -1.85 -17.92
CA ILE C 209 -56.43 -2.55 -16.96
C ILE C 209 -56.31 -4.06 -17.25
N PHE C 210 -55.37 -4.71 -16.58
CA PHE C 210 -54.94 -6.03 -17.03
C PHE C 210 -55.53 -7.16 -16.18
N ARG C 211 -56.28 -6.84 -15.12
CA ARG C 211 -57.09 -7.85 -14.42
C ARG C 211 -58.53 -7.38 -14.33
N ASP C 212 -59.39 -8.21 -13.73
CA ASP C 212 -60.86 -7.99 -13.72
C ASP C 212 -61.35 -6.67 -13.14
N VAL C 213 -62.47 -6.20 -13.68
CA VAL C 213 -63.25 -5.11 -13.12
C VAL C 213 -64.66 -5.69 -12.84
N THR C 214 -65.10 -5.63 -11.58
CA THR C 214 -66.36 -6.27 -11.19
C THR C 214 -67.17 -5.34 -10.30
N LEU C 215 -68.48 -5.58 -10.23
CA LEU C 215 -69.34 -4.89 -9.28
C LEU C 215 -69.97 -5.91 -8.33
N GLN C 216 -70.07 -5.58 -7.04
CA GLN C 216 -70.74 -6.46 -6.11
C GLN C 216 -71.75 -5.69 -5.27
N ALA C 217 -72.93 -6.29 -5.10
CA ALA C 217 -73.98 -5.73 -4.26
C ALA C 217 -73.84 -6.35 -2.88
N ARG C 218 -73.29 -5.59 -1.96
CA ARG C 218 -73.11 -5.98 -0.58
C ARG C 218 -74.49 -6.14 0.08
N PRO C 219 -74.87 -7.38 0.44
CA PRO C 219 -76.18 -7.59 1.11
C PRO C 219 -76.24 -6.91 2.50
N ALA C 220 -77.41 -6.34 2.83
CA ALA C 220 -77.68 -5.84 4.17
C ALA C 220 -77.63 -7.04 5.13
N GLY C 221 -76.89 -6.93 6.23
CA GLY C 221 -76.65 -8.11 7.07
C GLY C 221 -75.77 -9.19 6.43
N GLY C 222 -74.93 -8.77 5.48
CA GLY C 222 -74.02 -9.73 4.84
C GLY C 222 -72.75 -9.85 5.65
N ILE C 223 -71.83 -10.67 5.14
CA ILE C 223 -70.50 -10.83 5.74
C ILE C 223 -69.45 -10.21 4.81
N THR C 224 -68.92 -9.07 5.20
CA THR C 224 -67.96 -8.34 4.39
C THR C 224 -66.67 -9.13 4.23
N ASP C 225 -66.16 -9.70 5.32
CA ASP C 225 -64.91 -10.42 5.24
C ASP C 225 -64.90 -11.51 6.28
N ALA C 226 -64.15 -12.57 5.98
CA ALA C 226 -63.98 -13.68 6.93
C ALA C 226 -62.54 -14.17 6.81
N TRP C 227 -61.99 -14.59 7.94
CA TRP C 227 -60.70 -15.27 7.95
C TRP C 227 -60.88 -16.54 8.78
N LEU C 228 -60.81 -17.68 8.13
CA LEU C 228 -60.87 -18.94 8.83
C LEU C 228 -59.45 -19.43 8.98
N ARG C 229 -58.84 -19.02 10.08
CA ARG C 229 -57.44 -19.34 10.32
C ARG C 229 -57.37 -20.77 10.84
N THR C 230 -56.64 -21.63 10.14
CA THR C 230 -56.60 -23.03 10.50
C THR C 230 -55.27 -23.36 11.21
N GLY C 231 -55.22 -24.53 11.82
CA GLY C 231 -54.01 -24.99 12.49
C GLY C 231 -54.14 -26.48 12.59
N TRP C 232 -53.03 -27.17 12.83
CA TRP C 232 -53.05 -28.61 12.92
C TRP C 232 -51.92 -29.00 13.86
N SER C 233 -52.15 -30.08 14.60
CA SER C 233 -51.20 -30.59 15.58
C SER C 233 -51.32 -32.12 15.63
N ALA C 234 -50.17 -32.80 15.68
CA ALA C 234 -50.13 -34.26 15.56
C ALA C 234 -50.67 -34.92 16.80
N ARG C 235 -51.43 -35.98 16.56
CA ARG C 235 -52.14 -36.73 17.59
C ARG C 235 -51.96 -38.22 17.29
N SER C 236 -52.66 -39.05 18.03
CA SER C 236 -52.88 -40.42 17.58
C SER C 236 -54.05 -40.34 16.58
N GLY C 237 -54.02 -41.19 15.56
CA GLY C 237 -54.99 -41.09 14.46
C GLY C 237 -54.60 -39.99 13.48
N ALA C 238 -55.58 -39.28 12.93
CA ALA C 238 -55.32 -38.24 11.91
C ALA C 238 -54.65 -36.96 12.44
N GLY C 239 -55.02 -36.50 13.64
CA GLY C 239 -54.51 -35.24 14.20
C GLY C 239 -55.63 -34.30 14.59
N THR C 240 -55.29 -33.19 15.25
CA THR C 240 -56.26 -32.22 15.75
C THR C 240 -56.21 -30.92 14.92
N GLY C 241 -57.34 -30.54 14.32
CA GLY C 241 -57.43 -29.25 13.62
C GLY C 241 -57.98 -28.14 14.51
N THR C 242 -57.54 -26.90 14.29
CA THR C 242 -58.14 -25.76 14.98
C THR C 242 -58.66 -24.76 13.95
N ILE C 243 -59.76 -24.08 14.27
CA ILE C 243 -60.19 -22.91 13.46
C ILE C 243 -60.30 -21.74 14.37
N ASP C 244 -59.67 -20.63 14.00
CA ASP C 244 -59.74 -19.40 14.78
C ASP C 244 -60.44 -18.36 13.89
N PRO C 245 -61.77 -18.29 14.00
CA PRO C 245 -62.50 -17.49 13.00
C PRO C 245 -62.50 -16.00 13.29
N GLU C 246 -62.45 -15.21 12.21
CA GLU C 246 -62.64 -13.81 12.33
C GLU C 246 -63.72 -13.41 11.32
N ILE C 247 -64.76 -12.72 11.79
CA ILE C 247 -65.88 -12.31 10.93
C ILE C 247 -65.93 -10.80 10.94
N THR C 248 -65.76 -10.17 9.79
CA THR C 248 -65.96 -8.73 9.67
C THR C 248 -67.34 -8.48 9.04
N ALA C 249 -68.25 -7.87 9.81
CA ALA C 249 -69.63 -7.72 9.40
C ALA C 249 -70.32 -6.72 10.31
N ASP C 250 -71.40 -6.11 9.83
CA ASP C 250 -72.24 -5.29 10.69
C ASP C 250 -72.92 -6.20 11.75
N ALA C 251 -73.24 -5.65 12.93
CA ALA C 251 -73.97 -6.41 13.96
C ALA C 251 -75.24 -7.08 13.40
N THR C 252 -75.86 -6.45 12.40
CA THR C 252 -77.05 -7.02 11.76
C THR C 252 -76.85 -8.33 10.98
N ALA C 253 -75.60 -8.71 10.72
CA ALA C 253 -75.33 -9.97 10.02
C ALA C 253 -75.69 -11.18 10.90
N PHE C 254 -75.62 -11.00 12.20
CA PHE C 254 -75.78 -12.12 13.12
C PHE C 254 -77.23 -12.53 13.27
N PRO C 255 -77.50 -13.84 13.43
CA PRO C 255 -76.56 -14.95 13.64
C PRO C 255 -75.79 -15.44 12.41
N VAL C 256 -74.55 -15.83 12.62
CA VAL C 256 -73.67 -16.36 11.58
C VAL C 256 -73.32 -17.82 11.92
N THR C 257 -73.34 -18.66 10.90
CA THR C 257 -73.09 -20.09 11.05
C THR C 257 -71.85 -20.53 10.28
N LEU C 258 -70.93 -21.17 11.00
CA LEU C 258 -69.83 -21.86 10.37
C LEU C 258 -70.20 -23.34 10.20
N SER C 259 -70.05 -23.84 8.98
CA SER C 259 -70.36 -25.22 8.69
C SER C 259 -69.20 -25.87 7.97
N VAL C 260 -68.71 -26.99 8.49
CA VAL C 260 -67.74 -27.83 7.81
C VAL C 260 -68.32 -29.25 7.85
N PRO C 261 -69.17 -29.59 6.85
CA PRO C 261 -69.96 -30.84 6.88
C PRO C 261 -69.11 -32.12 7.06
N GLU C 262 -68.00 -32.23 6.33
CA GLU C 262 -67.17 -33.42 6.40
C GLU C 262 -66.59 -33.65 7.81
N LEU C 263 -66.47 -32.60 8.62
CA LEU C 263 -65.90 -32.72 9.96
C LEU C 263 -66.98 -32.59 11.07
N GLY C 264 -68.23 -32.58 10.64
CA GLY C 264 -69.37 -32.49 11.56
C GLY C 264 -69.52 -31.17 12.28
N VAL C 265 -68.98 -30.08 11.71
CA VAL C 265 -69.01 -28.77 12.36
C VAL C 265 -70.23 -28.00 11.89
N ASN C 266 -71.01 -27.51 12.82
CA ASN C 266 -72.10 -26.58 12.55
C ASN C 266 -72.31 -25.73 13.79
N VAL C 267 -71.71 -24.56 13.76
CA VAL C 267 -71.62 -23.72 14.93
C VAL C 267 -72.26 -22.39 14.57
N THR C 268 -73.14 -21.90 15.44
CA THR C 268 -73.82 -20.64 15.20
C THR C 268 -73.47 -19.59 16.24
N TRP C 269 -73.10 -18.41 15.78
CA TRP C 269 -72.78 -17.31 16.68
C TRP C 269 -73.91 -16.28 16.68
N LYS C 270 -74.44 -15.94 17.85
CA LYS C 270 -75.65 -15.09 17.89
C LYS C 270 -75.36 -13.60 17.83
N SER C 271 -74.10 -13.25 17.97
CA SER C 271 -73.66 -11.87 17.91
C SER C 271 -72.15 -11.90 17.70
N ALA C 272 -71.59 -10.76 17.32
CA ALA C 272 -70.17 -10.64 17.06
C ALA C 272 -69.31 -11.09 18.24
N GLU C 273 -69.79 -10.80 19.46
CA GLU C 273 -69.06 -11.10 20.69
C GLU C 273 -68.88 -12.59 20.96
N GLU C 274 -69.72 -13.41 20.33
CA GLU C 274 -69.68 -14.87 20.50
C GLU C 274 -68.69 -15.61 19.60
N VAL C 275 -68.19 -14.96 18.55
CA VAL C 275 -67.29 -15.63 17.60
C VAL C 275 -66.03 -16.06 18.37
N ALA C 276 -65.68 -17.33 18.25
CA ALA C 276 -64.61 -17.93 19.07
C ALA C 276 -63.95 -19.16 18.41
N PRO C 277 -62.67 -19.45 18.80
CA PRO C 277 -61.92 -20.60 18.23
C PRO C 277 -62.61 -21.94 18.53
N LEU C 278 -62.42 -22.91 17.64
CA LEU C 278 -62.85 -24.31 17.80
C LEU C 278 -61.68 -25.26 17.57
N ALA C 279 -61.73 -26.43 18.23
CA ALA C 279 -60.82 -27.55 17.97
C ALA C 279 -61.61 -28.75 17.47
N LEU C 280 -61.00 -29.53 16.58
CA LEU C 280 -61.66 -30.63 15.87
C LEU C 280 -60.76 -31.87 15.86
N GLU C 281 -61.30 -33.03 16.21
CA GLU C 281 -60.50 -34.27 16.19
C GLU C 281 -60.56 -34.94 14.84
N ASN C 282 -59.55 -35.78 14.57
CA ASN C 282 -59.51 -36.60 13.35
C ASN C 282 -59.44 -35.78 12.05
N VAL C 283 -58.57 -34.77 12.07
CA VAL C 283 -58.38 -33.87 10.91
C VAL C 283 -57.06 -34.24 10.19
N GLU C 284 -57.15 -34.41 8.88
CA GLU C 284 -55.99 -34.72 8.05
C GLU C 284 -55.35 -33.38 7.61
N PRO C 285 -54.01 -33.27 7.70
CA PRO C 285 -53.33 -31.99 7.45
C PRO C 285 -53.09 -31.69 5.97
N TRP C 286 -52.96 -30.40 5.69
CA TRP C 286 -52.58 -29.89 4.37
C TRP C 286 -51.05 -29.76 4.27
N SER C 287 -50.48 -30.27 3.17
CA SER C 287 -49.09 -29.98 2.81
C SER C 287 -48.98 -29.90 1.28
N ALA C 288 -47.84 -29.42 0.76
CA ALA C 288 -47.62 -29.41 -0.68
C ALA C 288 -47.76 -30.82 -1.26
N GLU C 289 -47.24 -31.84 -0.55
CA GLU C 289 -47.34 -33.26 -1.00
C GLU C 289 -48.74 -33.86 -0.92
N VAL C 290 -49.50 -33.48 0.11
CA VAL C 290 -50.85 -34.01 0.31
C VAL C 290 -51.75 -32.80 0.60
N PRO C 291 -52.21 -32.12 -0.46
CA PRO C 291 -52.98 -30.88 -0.28
C PRO C 291 -54.44 -31.18 0.13
N ARG C 292 -54.62 -31.78 1.30
CA ARG C 292 -55.97 -32.16 1.79
C ARG C 292 -56.81 -30.92 2.14
N LEU C 293 -57.96 -30.74 1.49
CA LEU C 293 -58.85 -29.59 1.75
C LEU C 293 -60.24 -30.03 2.21
N TYR C 294 -60.87 -29.25 3.09
CA TYR C 294 -62.23 -29.52 3.54
C TYR C 294 -63.17 -28.39 3.11
N GLU C 295 -64.33 -28.71 2.56
CA GLU C 295 -65.27 -27.66 2.18
C GLU C 295 -65.92 -27.06 3.42
N ALA C 296 -65.97 -25.74 3.47
CA ALA C 296 -66.63 -25.04 4.57
C ALA C 296 -67.46 -23.88 4.00
N SER C 297 -68.36 -23.37 4.84
CA SER C 297 -69.03 -22.10 4.55
C SER C 297 -69.24 -21.31 5.83
N VAL C 298 -69.22 -19.99 5.69
CA VAL C 298 -69.70 -19.13 6.74
C VAL C 298 -70.83 -18.30 6.14
N SER C 299 -71.95 -18.27 6.86
CA SER C 299 -73.19 -17.72 6.31
C SER C 299 -74.01 -16.92 7.32
N SER C 300 -74.61 -15.85 6.83
CA SER C 300 -75.70 -15.18 7.52
C SER C 300 -76.98 -15.48 6.72
N ALA C 301 -78.13 -14.99 7.18
CA ALA C 301 -79.36 -15.10 6.38
C ALA C 301 -79.19 -14.54 4.95
N ALA C 302 -78.44 -13.44 4.83
CA ALA C 302 -78.29 -12.66 3.60
C ALA C 302 -77.13 -13.09 2.67
N GLU C 303 -76.16 -13.83 3.19
CA GLU C 303 -74.95 -14.09 2.39
C GLU C 303 -74.21 -15.34 2.86
N SER C 304 -73.69 -16.08 1.90
CA SER C 304 -72.90 -17.26 2.18
C SER C 304 -71.56 -17.21 1.46
N ILE C 305 -70.52 -17.52 2.22
CA ILE C 305 -69.14 -17.54 1.72
C ILE C 305 -68.57 -18.94 1.75
N SER C 306 -68.04 -19.41 0.62
CA SER C 306 -67.47 -20.75 0.52
C SER C 306 -65.94 -20.66 0.58
N VAL C 307 -65.36 -21.52 1.41
CA VAL C 307 -63.92 -21.53 1.64
C VAL C 307 -63.48 -22.99 1.71
N ARG C 308 -62.31 -23.27 1.19
CA ARG C 308 -61.75 -24.60 1.31
C ARG C 308 -60.66 -24.52 2.36
N LEU C 309 -60.81 -25.30 3.43
CA LEU C 309 -59.87 -25.27 4.55
C LEU C 309 -58.73 -26.27 4.38
N GLY C 310 -57.49 -25.81 4.48
CA GLY C 310 -56.35 -26.73 4.62
C GLY C 310 -55.80 -26.50 6.02
N PHE C 311 -55.80 -27.56 6.83
CA PHE C 311 -55.33 -27.48 8.20
C PHE C 311 -53.82 -27.69 8.28
N ARG C 312 -53.11 -26.64 8.65
CA ARG C 312 -51.65 -26.71 8.69
C ARG C 312 -51.07 -25.63 9.60
N THR C 313 -49.94 -25.93 10.25
CA THR C 313 -49.34 -24.95 11.17
C THR C 313 -47.88 -24.69 10.77
N VAL C 314 -47.54 -23.41 10.60
CA VAL C 314 -46.17 -23.02 10.24
C VAL C 314 -45.50 -22.52 11.52
N ARG C 315 -44.37 -23.11 11.90
CA ARG C 315 -43.63 -22.68 13.07
C ARG C 315 -42.13 -22.60 12.76
N ILE C 316 -41.51 -21.51 13.15
CA ILE C 316 -40.07 -21.49 13.17
C ILE C 316 -39.63 -21.81 14.58
N VAL C 317 -38.76 -22.82 14.69
CA VAL C 317 -38.14 -23.17 15.97
C VAL C 317 -36.63 -23.10 15.79
N GLY C 318 -36.00 -22.12 16.41
CA GLY C 318 -34.56 -21.85 16.20
C GLY C 318 -34.26 -21.58 14.73
N ASP C 319 -33.36 -22.38 14.14
CA ASP C 319 -33.02 -22.26 12.74
C ASP C 319 -33.83 -23.19 11.82
N GLN C 320 -34.97 -23.70 12.30
CA GLN C 320 -35.78 -24.65 11.51
C GLN C 320 -37.13 -24.10 11.08
N PHE C 321 -37.41 -24.20 9.79
CA PHE C 321 -38.71 -23.78 9.29
C PHE C 321 -39.63 -25.02 9.20
N LEU C 322 -40.63 -25.10 10.07
CA LEU C 322 -41.48 -26.30 10.15
C LEU C 322 -42.89 -26.03 9.64
N VAL C 323 -43.43 -27.00 8.91
CA VAL C 323 -44.86 -27.04 8.66
C VAL C 323 -45.38 -28.41 9.16
N ASN C 324 -46.39 -28.36 10.03
CA ASN C 324 -46.95 -29.55 10.66
C ASN C 324 -45.88 -30.32 11.41
N GLY C 325 -44.96 -29.57 12.02
CA GLY C 325 -43.91 -30.11 12.89
C GLY C 325 -42.70 -30.68 12.18
N ARG C 326 -42.63 -30.55 10.86
CA ARG C 326 -41.49 -31.13 10.14
C ARG C 326 -40.86 -30.08 9.22
N ARG C 327 -39.52 -30.10 9.14
CA ARG C 327 -38.75 -29.20 8.27
C ARG C 327 -39.19 -29.26 6.82
N VAL C 328 -39.40 -28.08 6.23
CA VAL C 328 -39.75 -27.98 4.82
C VAL C 328 -38.50 -27.62 4.01
N VAL C 329 -38.18 -28.43 3.01
CA VAL C 329 -37.17 -28.02 2.03
C VAL C 329 -37.91 -27.54 0.78
N PHE C 330 -37.58 -26.32 0.35
CA PHE C 330 -38.24 -25.70 -0.80
C PHE C 330 -37.45 -26.03 -2.05
N HIS C 331 -38.09 -26.72 -2.98
CA HIS C 331 -37.60 -26.90 -4.34
C HIS C 331 -38.48 -26.04 -5.22
N GLY C 332 -38.17 -24.74 -5.29
CA GLY C 332 -39.10 -23.78 -5.80
C GLY C 332 -38.66 -23.08 -7.06
N VAL C 333 -39.56 -22.25 -7.59
CA VAL C 333 -39.28 -21.40 -8.75
C VAL C 333 -39.88 -20.04 -8.48
N ASN C 334 -39.21 -19.00 -8.98
CA ASN C 334 -39.81 -17.68 -9.08
C ASN C 334 -40.71 -17.67 -10.31
N ARG C 335 -41.95 -17.27 -10.13
CA ARG C 335 -42.86 -17.25 -11.27
C ARG C 335 -43.74 -15.98 -11.23
N HIS C 336 -43.95 -15.33 -12.37
CA HIS C 336 -45.12 -14.44 -12.48
C HIS C 336 -45.87 -14.75 -13.76
N GLU C 337 -47.05 -14.16 -13.92
CA GLU C 337 -47.91 -14.48 -15.06
C GLU C 337 -47.24 -13.98 -16.30
N THR C 338 -47.24 -14.82 -17.31
CA THR C 338 -46.58 -14.42 -18.53
C THR C 338 -47.09 -15.19 -19.72
N HIS C 339 -47.33 -14.45 -20.79
CA HIS C 339 -47.74 -15.07 -22.00
C HIS C 339 -47.26 -14.20 -23.14
N PRO C 340 -46.67 -14.83 -24.20
CA PRO C 340 -46.11 -14.07 -25.31
C PRO C 340 -47.13 -13.24 -26.08
N ASP C 341 -48.42 -13.61 -25.98
CA ASP C 341 -49.48 -12.87 -26.66
C ASP C 341 -50.26 -11.91 -25.76
N ARG C 342 -50.35 -12.23 -24.47
CA ARG C 342 -51.30 -11.59 -23.55
C ARG C 342 -50.63 -10.83 -22.41
N GLY C 343 -49.32 -11.01 -22.23
CA GLY C 343 -48.63 -10.30 -21.17
C GLY C 343 -48.99 -10.89 -19.81
N ARG C 344 -49.37 -10.06 -18.84
CA ARG C 344 -49.65 -10.51 -17.48
C ARG C 344 -51.12 -10.82 -17.20
N VAL C 345 -51.92 -10.86 -18.25
CA VAL C 345 -53.35 -11.21 -18.13
C VAL C 345 -53.52 -12.70 -17.75
N PHE C 346 -54.33 -12.97 -16.72
CA PHE C 346 -54.54 -14.32 -16.21
C PHE C 346 -55.52 -15.14 -17.06
N ASP C 347 -55.21 -16.41 -17.23
CA ASP C 347 -56.07 -17.40 -17.89
C ASP C 347 -56.03 -18.70 -17.06
N GLU C 348 -57.17 -19.12 -16.51
CA GLU C 348 -57.16 -20.28 -15.60
C GLU C 348 -56.64 -21.58 -16.24
N ALA C 349 -57.11 -21.94 -17.44
CA ALA C 349 -56.64 -23.17 -18.06
C ALA C 349 -55.13 -23.12 -18.31
N GLY C 350 -54.62 -21.94 -18.67
CA GLY C 350 -53.19 -21.79 -18.92
C GLY C 350 -52.43 -21.93 -17.62
N ALA C 351 -52.99 -21.37 -16.54
CA ALA C 351 -52.32 -21.43 -15.24
C ALA C 351 -52.27 -22.86 -14.69
N ARG C 352 -53.36 -23.61 -14.87
CA ARG C 352 -53.40 -25.01 -14.42
C ARG C 352 -52.35 -25.83 -15.15
N GLU C 353 -52.27 -25.64 -16.47
CA GLU C 353 -51.23 -26.30 -17.25
C GLU C 353 -49.80 -25.94 -16.83
N ASP C 354 -49.56 -24.67 -16.54
CA ASP C 354 -48.27 -24.16 -16.03
C ASP C 354 -47.91 -24.88 -14.74
N LEU C 355 -48.84 -24.96 -13.78
CA LEU C 355 -48.54 -25.56 -12.50
C LEU C 355 -48.34 -27.07 -12.65
N ALA C 356 -49.07 -27.68 -13.59
CA ALA C 356 -48.91 -29.13 -13.81
C ALA C 356 -47.50 -29.40 -14.35
N LEU C 357 -47.04 -28.54 -15.25
CA LEU C 357 -45.69 -28.65 -15.79
C LEU C 357 -44.66 -28.56 -14.65
N MET C 358 -44.80 -27.58 -13.75
CA MET C 358 -43.96 -27.50 -12.57
C MET C 358 -43.93 -28.82 -11.79
N LYS C 359 -45.10 -29.38 -11.54
CA LYS C 359 -45.15 -30.63 -10.76
C LYS C 359 -44.42 -31.77 -11.46
N ARG C 360 -44.54 -31.83 -12.80
CA ARG C 360 -43.81 -32.85 -13.58
C ARG C 360 -42.27 -32.73 -13.52
N PHE C 361 -41.75 -31.57 -13.13
CA PHE C 361 -40.32 -31.38 -12.92
C PHE C 361 -39.89 -31.23 -11.46
N ASN C 362 -40.72 -31.78 -10.54
CA ASN C 362 -40.42 -31.88 -9.11
C ASN C 362 -40.39 -30.54 -8.36
N VAL C 363 -41.03 -29.53 -8.93
CA VAL C 363 -41.17 -28.23 -8.28
C VAL C 363 -42.21 -28.38 -7.17
N ASN C 364 -41.83 -27.99 -5.95
CA ASN C 364 -42.83 -28.03 -4.85
C ASN C 364 -43.21 -26.66 -4.26
N ALA C 365 -42.72 -25.56 -4.86
CA ALA C 365 -42.89 -24.23 -4.25
C ALA C 365 -42.83 -23.12 -5.27
N ILE C 366 -43.52 -22.01 -4.98
CA ILE C 366 -43.60 -20.86 -5.88
C ILE C 366 -43.35 -19.61 -5.07
N ARG C 367 -42.43 -18.76 -5.54
CA ARG C 367 -42.34 -17.38 -5.04
C ARG C 367 -42.96 -16.49 -6.11
N THR C 368 -43.94 -15.67 -5.71
CA THR C 368 -44.71 -14.84 -6.68
C THR C 368 -43.91 -13.55 -6.94
N SER C 369 -43.01 -13.63 -7.90
CA SER C 369 -42.02 -12.57 -8.02
C SER C 369 -42.51 -11.45 -8.95
N HIS C 370 -42.66 -10.17 -8.49
CA HIS C 370 -42.44 -9.69 -7.12
C HIS C 370 -43.65 -8.84 -6.72
N TYR C 371 -44.77 -9.54 -6.67
CA TYR C 371 -46.09 -8.97 -6.37
C TYR C 371 -47.08 -10.13 -6.34
N PRO C 372 -48.29 -9.89 -5.81
CA PRO C 372 -49.32 -10.90 -5.78
C PRO C 372 -49.80 -11.24 -7.20
N PRO C 373 -50.09 -12.53 -7.44
CA PRO C 373 -50.63 -12.96 -8.72
C PRO C 373 -52.14 -12.68 -8.75
N HIS C 374 -52.80 -13.05 -9.84
CA HIS C 374 -54.26 -12.97 -9.91
C HIS C 374 -54.74 -13.85 -8.74
N PRO C 375 -55.77 -13.41 -7.99
CA PRO C 375 -56.14 -14.14 -6.77
C PRO C 375 -56.54 -15.60 -7.06
N ARG C 376 -57.05 -15.88 -8.25
CA ARG C 376 -57.45 -17.26 -8.57
C ARG C 376 -56.25 -18.26 -8.56
N LEU C 377 -55.04 -17.79 -8.87
CA LEU C 377 -53.84 -18.67 -8.83
C LEU C 377 -53.66 -19.37 -7.48
N LEU C 378 -54.06 -18.71 -6.40
CA LEU C 378 -53.87 -19.26 -5.07
C LEU C 378 -54.84 -20.40 -4.76
N ASP C 379 -56.04 -20.34 -5.36
CA ASP C 379 -56.94 -21.50 -5.34
C ASP C 379 -56.26 -22.70 -6.00
N LEU C 380 -55.58 -22.47 -7.12
CA LEU C 380 -54.88 -23.57 -7.80
C LEU C 380 -53.71 -24.10 -6.97
N ALA C 381 -52.96 -23.21 -6.31
CA ALA C 381 -51.89 -23.65 -5.43
C ALA C 381 -52.42 -24.48 -4.25
N ASP C 382 -53.54 -24.06 -3.65
CA ASP C 382 -54.15 -24.78 -2.55
C ASP C 382 -54.57 -26.20 -2.97
N GLU C 383 -55.08 -26.32 -4.18
CA GLU C 383 -55.63 -27.59 -4.69
C GLU C 383 -54.55 -28.53 -5.22
N MET C 384 -53.56 -27.97 -5.91
CA MET C 384 -52.52 -28.76 -6.57
C MET C 384 -51.33 -29.06 -5.65
N GLY C 385 -51.10 -28.22 -4.66
CA GLY C 385 -50.08 -28.52 -3.67
C GLY C 385 -48.74 -27.87 -3.99
N PHE C 386 -48.61 -26.59 -3.62
CA PHE C 386 -47.35 -25.84 -3.67
C PHE C 386 -47.20 -25.06 -2.36
N TRP C 387 -45.99 -25.02 -1.80
CA TRP C 387 -45.71 -24.02 -0.77
C TRP C 387 -45.54 -22.65 -1.45
N VAL C 388 -46.18 -21.59 -0.95
CA VAL C 388 -46.09 -20.29 -1.64
C VAL C 388 -45.49 -19.21 -0.77
N ILE C 389 -44.53 -18.45 -1.32
CA ILE C 389 -44.10 -17.21 -0.69
C ILE C 389 -44.84 -16.13 -1.46
N LEU C 390 -45.75 -15.43 -0.78
CA LEU C 390 -46.59 -14.45 -1.43
C LEU C 390 -45.95 -13.09 -1.18
N GLU C 391 -45.52 -12.45 -2.26
CA GLU C 391 -44.71 -11.24 -2.15
C GLU C 391 -45.50 -9.97 -2.46
N CYS C 392 -45.32 -8.94 -1.64
CA CYS C 392 -45.97 -7.65 -1.84
C CYS C 392 -45.43 -6.93 -3.10
N ASP C 393 -46.25 -6.09 -3.72
CA ASP C 393 -45.86 -5.33 -4.92
C ASP C 393 -44.98 -4.15 -4.53
N LEU C 394 -43.66 -4.36 -4.44
CA LEU C 394 -42.70 -3.29 -4.06
C LEU C 394 -41.31 -3.65 -4.53
N GLU C 395 -40.72 -2.75 -5.31
CA GLU C 395 -39.31 -2.90 -5.75
C GLU C 395 -38.79 -1.50 -6.10
N THR C 396 -37.78 -1.06 -5.37
CA THR C 396 -37.20 0.29 -5.59
C THR C 396 -35.71 0.16 -5.98
N HIS C 397 -35.40 -0.94 -6.66
CA HIS C 397 -34.04 -1.38 -6.96
C HIS C 397 -33.20 -0.32 -7.67
N GLY C 398 -33.84 0.48 -8.53
CA GLY C 398 -33.12 1.54 -9.26
C GLY C 398 -32.50 2.64 -8.40
N PHE C 399 -32.91 2.71 -7.14
CA PHE C 399 -32.31 3.69 -6.19
C PHE C 399 -30.92 3.26 -5.68
N GLU C 400 -30.55 2.01 -5.93
CA GLU C 400 -29.30 1.44 -5.41
C GLU C 400 -28.04 2.15 -5.90
N ALA C 401 -27.94 2.38 -7.21
CA ALA C 401 -26.75 3.03 -7.80
C ALA C 401 -26.38 4.34 -7.12
N GLY C 402 -27.37 5.16 -6.77
CA GLY C 402 -27.13 6.42 -6.07
C GLY C 402 -27.00 6.34 -4.56
N GLY C 403 -26.65 5.15 -4.08
CA GLY C 403 -26.41 4.94 -2.64
C GLY C 403 -27.69 4.99 -1.85
N TRP C 404 -28.82 4.67 -2.51
CA TRP C 404 -30.15 4.61 -1.89
C TRP C 404 -30.67 5.95 -1.37
N VAL C 405 -30.11 7.05 -1.89
CA VAL C 405 -30.53 8.37 -1.42
C VAL C 405 -31.94 8.58 -1.94
N GLU C 406 -32.85 9.01 -1.08
CA GLU C 406 -34.28 9.18 -1.41
C GLU C 406 -35.04 7.88 -1.69
N ASN C 407 -34.44 6.75 -1.34
CA ASN C 407 -35.11 5.45 -1.43
C ASN C 407 -36.45 5.47 -0.69
N PRO C 408 -37.58 5.20 -1.39
CA PRO C 408 -38.91 5.20 -0.73
C PRO C 408 -38.98 4.37 0.55
N SER C 409 -38.19 3.31 0.65
CA SER C 409 -38.21 2.42 1.86
C SER C 409 -37.82 3.12 3.15
N ASP C 410 -37.12 4.26 3.06
CA ASP C 410 -36.74 5.02 4.26
C ASP C 410 -37.12 6.49 4.21
N VAL C 411 -38.07 6.86 3.34
CA VAL C 411 -38.53 8.24 3.27
C VAL C 411 -39.97 8.32 3.83
N PRO C 412 -40.19 9.16 4.86
CA PRO C 412 -41.50 9.24 5.55
C PRO C 412 -42.71 9.55 4.63
N ALA C 413 -42.52 10.37 3.60
CA ALA C 413 -43.62 10.71 2.68
C ALA C 413 -44.22 9.47 2.02
N TRP C 414 -43.45 8.38 1.91
CA TRP C 414 -43.93 7.13 1.28
C TRP C 414 -44.45 6.07 2.26
N ARG C 415 -44.33 6.33 3.56
CA ARG C 415 -44.63 5.31 4.55
C ARG C 415 -46.08 4.79 4.47
N ASP C 416 -47.08 5.69 4.37
CA ASP C 416 -48.48 5.21 4.35
C ASP C 416 -48.73 4.33 3.13
N ALA C 417 -48.16 4.71 1.99
CA ALA C 417 -48.27 3.91 0.78
C ALA C 417 -47.65 2.54 0.94
N LEU C 418 -46.47 2.44 1.56
CA LEU C 418 -45.85 1.13 1.68
C LEU C 418 -46.65 0.24 2.62
N VAL C 419 -47.07 0.80 3.75
CA VAL C 419 -47.88 0.00 4.72
C VAL C 419 -49.21 -0.41 4.07
N ASP C 420 -49.82 0.50 3.33
CA ASP C 420 -51.08 0.21 2.59
C ASP C 420 -50.87 -0.96 1.62
N ARG C 421 -49.73 -0.98 0.90
CA ARG C 421 -49.47 -2.09 -0.03
C ARG C 421 -49.39 -3.43 0.75
N MET C 422 -48.72 -3.42 1.89
CA MET C 422 -48.61 -4.66 2.69
C MET C 422 -49.99 -5.11 3.17
N GLU C 423 -50.79 -4.15 3.63
CA GLU C 423 -52.11 -4.49 4.16
C GLU C 423 -52.98 -5.08 3.06
N ARG C 424 -52.95 -4.49 1.88
CA ARG C 424 -53.68 -5.06 0.73
C ARG C 424 -53.20 -6.44 0.29
N THR C 425 -51.89 -6.66 0.33
CA THR C 425 -51.31 -7.99 0.06
C THR C 425 -51.82 -9.04 1.04
N VAL C 426 -51.65 -8.77 2.33
CA VAL C 426 -52.04 -9.73 3.36
C VAL C 426 -53.56 -9.98 3.39
N GLU C 427 -54.35 -8.91 3.38
CA GLU C 427 -55.82 -9.06 3.50
C GLU C 427 -56.43 -9.86 2.36
N ARG C 428 -55.93 -9.66 1.13
CA ARG C 428 -56.54 -10.31 -0.01
C ARG C 428 -56.41 -11.82 0.10
N ASP C 429 -55.22 -12.28 0.53
CA ASP C 429 -54.83 -13.70 0.39
C ASP C 429 -54.70 -14.51 1.71
N LYS C 430 -55.02 -13.90 2.84
CA LYS C 430 -54.84 -14.51 4.17
C LYS C 430 -55.51 -15.88 4.39
N ASN C 431 -56.52 -16.21 3.60
CA ASN C 431 -57.23 -17.50 3.77
C ASN C 431 -56.57 -18.74 3.13
N HIS C 432 -55.49 -18.56 2.36
CA HIS C 432 -54.93 -19.67 1.57
C HIS C 432 -53.86 -20.44 2.35
N PRO C 433 -54.09 -21.76 2.56
CA PRO C 433 -53.13 -22.59 3.31
C PRO C 433 -51.80 -22.75 2.59
N SER C 434 -51.82 -22.64 1.25
CA SER C 434 -50.61 -22.72 0.46
C SER C 434 -49.59 -21.64 0.83
N ILE C 435 -50.07 -20.49 1.31
CA ILE C 435 -49.15 -19.37 1.63
C ILE C 435 -48.56 -19.64 2.98
N VAL C 436 -47.24 -19.80 3.03
CA VAL C 436 -46.55 -20.08 4.29
C VAL C 436 -45.56 -19.00 4.74
N MET C 437 -45.33 -18.00 3.86
CA MET C 437 -44.56 -16.79 4.19
C MET C 437 -45.09 -15.61 3.42
N TRP C 438 -45.10 -14.46 4.08
CA TRP C 438 -45.26 -13.18 3.42
C TRP C 438 -43.89 -12.58 3.12
N SER C 439 -43.77 -11.94 1.94
CA SER C 439 -42.56 -11.26 1.62
C SER C 439 -42.88 -9.79 1.40
N LEU C 440 -42.02 -8.92 1.91
CA LEU C 440 -42.24 -7.48 1.89
C LEU C 440 -42.11 -6.86 0.50
N GLY C 441 -41.45 -7.55 -0.41
CA GLY C 441 -41.06 -6.94 -1.67
C GLY C 441 -39.71 -7.49 -2.08
N ASN C 442 -39.03 -6.76 -2.96
CA ASN C 442 -37.80 -7.28 -3.57
C ASN C 442 -36.85 -6.14 -3.81
N GLU C 443 -35.59 -6.35 -3.41
CA GLU C 443 -34.49 -5.44 -3.78
C GLU C 443 -34.86 -3.95 -3.61
N SER C 444 -35.28 -3.60 -2.40
CA SER C 444 -35.70 -2.21 -2.11
C SER C 444 -34.86 -1.57 -1.00
N GLY C 445 -33.63 -2.07 -0.84
CA GLY C 445 -32.71 -1.62 0.23
C GLY C 445 -33.37 -1.87 1.57
N THR C 446 -33.11 -0.98 2.53
CA THR C 446 -33.71 -1.13 3.85
C THR C 446 -34.16 0.24 4.38
N GLY C 447 -34.93 0.25 5.45
CA GLY C 447 -35.45 1.51 5.94
C GLY C 447 -36.58 1.29 6.90
N SER C 448 -36.94 2.35 7.60
CA SER C 448 -37.95 2.27 8.65
C SER C 448 -39.32 1.85 8.09
N ASN C 449 -39.62 2.26 6.85
CA ASN C 449 -40.92 1.89 6.23
C ASN C 449 -41.03 0.39 5.94
N LEU C 450 -39.92 -0.26 5.57
CA LEU C 450 -39.93 -1.72 5.41
C LEU C 450 -40.13 -2.39 6.76
N ALA C 451 -39.40 -1.90 7.76
CA ALA C 451 -39.62 -2.42 9.13
C ALA C 451 -41.09 -2.24 9.57
N ALA C 452 -41.74 -1.16 9.13
CA ALA C 452 -43.15 -0.91 9.49
C ALA C 452 -44.10 -1.89 8.80
N MET C 453 -43.78 -2.25 7.55
CA MET C 453 -44.57 -3.26 6.85
C MET C 453 -44.48 -4.60 7.58
N ALA C 454 -43.27 -4.99 7.97
CA ALA C 454 -43.05 -6.19 8.79
C ALA C 454 -43.77 -6.12 10.13
N ALA C 455 -43.74 -4.98 10.80
CA ALA C 455 -44.44 -4.83 12.12
C ALA C 455 -45.94 -4.98 11.95
N TRP C 456 -46.47 -4.46 10.84
CA TRP C 456 -47.91 -4.57 10.59
C TRP C 456 -48.28 -6.03 10.31
N ALA C 457 -47.50 -6.73 9.48
CA ALA C 457 -47.82 -8.14 9.18
C ALA C 457 -47.73 -9.04 10.41
N HIS C 458 -46.73 -8.81 11.26
CA HIS C 458 -46.60 -9.52 12.55
C HIS C 458 -47.81 -9.27 13.47
N ALA C 459 -48.29 -8.05 13.53
CA ALA C 459 -49.44 -7.71 14.36
C ALA C 459 -50.75 -8.28 13.82
N ARG C 460 -50.84 -8.37 12.50
CA ARG C 460 -52.05 -8.86 11.85
C ARG C 460 -52.09 -10.39 11.82
N ASP C 461 -50.97 -11.00 11.44
CA ASP C 461 -50.97 -12.42 11.11
C ASP C 461 -49.79 -13.10 11.78
N SER C 462 -50.03 -13.64 12.98
CA SER C 462 -49.00 -14.37 13.70
C SER C 462 -48.77 -15.76 13.09
N SER C 463 -49.52 -16.12 12.04
CA SER C 463 -49.46 -17.51 11.54
C SER C 463 -48.39 -17.76 10.47
N ARG C 464 -47.81 -16.67 9.93
CA ARG C 464 -46.87 -16.80 8.82
C ARG C 464 -45.65 -15.89 9.03
N PRO C 465 -44.43 -16.45 8.89
CA PRO C 465 -43.20 -15.66 8.99
C PRO C 465 -43.04 -14.64 7.87
N VAL C 466 -42.25 -13.62 8.14
CA VAL C 466 -42.01 -12.53 7.20
C VAL C 466 -40.61 -12.67 6.55
N HIS C 467 -40.60 -12.55 5.23
CA HIS C 467 -39.42 -12.69 4.39
C HIS C 467 -39.10 -11.36 3.69
N TYR C 468 -37.82 -11.02 3.63
CA TYR C 468 -37.36 -9.90 2.81
C TYR C 468 -35.84 -9.97 2.70
N GLU C 469 -35.37 -10.26 1.49
CA GLU C 469 -33.95 -10.43 1.25
C GLU C 469 -33.09 -9.15 1.43
N GLY C 470 -33.66 -7.98 1.25
CA GLY C 470 -32.88 -6.75 1.43
C GLY C 470 -32.54 -6.46 2.89
N ASP C 471 -33.16 -7.18 3.83
CA ASP C 471 -32.86 -7.04 5.25
C ASP C 471 -31.56 -7.82 5.57
N TYR C 472 -30.43 -7.33 5.06
CA TYR C 472 -29.16 -8.05 5.20
C TYR C 472 -28.76 -8.32 6.63
N THR C 473 -28.98 -7.32 7.49
CA THR C 473 -28.58 -7.44 8.89
C THR C 473 -29.61 -8.14 9.77
N GLY C 474 -30.77 -8.49 9.20
CA GLY C 474 -31.81 -9.25 9.95
C GLY C 474 -32.48 -8.39 11.00
N ALA C 475 -32.72 -7.13 10.67
CA ALA C 475 -33.32 -6.17 11.60
C ALA C 475 -34.86 -6.34 11.83
N TYR C 476 -35.55 -7.05 10.93
CA TYR C 476 -37.03 -7.15 11.02
C TYR C 476 -37.64 -8.34 10.29
N THR C 477 -36.83 -9.31 9.89
CA THR C 477 -37.36 -10.50 9.18
C THR C 477 -37.14 -11.79 10.00
N ASP C 478 -37.98 -12.81 9.76
CA ASP C 478 -37.98 -14.06 10.55
C ASP C 478 -37.12 -15.18 9.93
N VAL C 479 -36.87 -15.09 8.62
CA VAL C 479 -36.01 -16.02 7.93
C VAL C 479 -34.82 -15.24 7.33
N TYR C 480 -33.69 -15.90 7.16
CA TYR C 480 -32.56 -15.22 6.51
C TYR C 480 -32.63 -15.64 5.04
N SER C 481 -32.74 -14.67 4.15
CA SER C 481 -32.90 -14.97 2.75
C SER C 481 -31.78 -14.31 1.95
N ARG C 482 -31.24 -15.04 0.96
CA ARG C 482 -30.24 -14.46 0.11
C ARG C 482 -30.58 -14.77 -1.32
N MET C 483 -29.95 -14.04 -2.24
CA MET C 483 -30.03 -14.42 -3.64
C MET C 483 -28.62 -14.58 -4.22
N TYR C 484 -28.43 -15.69 -4.92
CA TYR C 484 -27.17 -16.01 -5.60
C TYR C 484 -25.94 -16.04 -4.68
N SER C 485 -26.12 -16.31 -3.39
CA SER C 485 -24.94 -16.52 -2.57
C SER C 485 -24.15 -17.71 -3.11
N SER C 486 -22.83 -17.58 -3.11
CA SER C 486 -21.94 -18.59 -3.69
C SER C 486 -21.97 -19.86 -2.88
N ILE C 487 -21.40 -20.93 -3.43
CA ILE C 487 -21.28 -22.15 -2.66
C ILE C 487 -20.49 -21.93 -1.34
N PRO C 488 -19.28 -21.29 -1.40
CA PRO C 488 -18.55 -20.96 -0.18
C PRO C 488 -19.34 -20.11 0.84
N GLU C 489 -20.06 -19.10 0.39
CA GLU C 489 -20.78 -18.24 1.35
C GLU C 489 -21.97 -19.02 1.93
N THR C 490 -22.66 -19.79 1.09
CA THR C 490 -23.83 -20.56 1.58
C THR C 490 -23.37 -21.62 2.59
N ASP C 491 -22.25 -22.27 2.27
CA ASP C 491 -21.61 -23.20 3.22
C ASP C 491 -21.36 -22.49 4.55
N SER C 492 -20.83 -21.28 4.48
CA SER C 492 -20.51 -20.51 5.67
C SER C 492 -21.79 -20.19 6.47
N ILE C 493 -22.90 -19.94 5.77
CA ILE C 493 -24.18 -19.65 6.46
C ILE C 493 -24.70 -20.89 7.21
N GLY C 494 -24.60 -22.05 6.55
CA GLY C 494 -25.15 -23.33 7.04
C GLY C 494 -24.37 -23.96 8.19
N ARG C 495 -23.05 -23.73 8.21
CA ARG C 495 -22.18 -24.35 9.22
C ARG C 495 -22.21 -23.64 10.58
N ASN C 496 -22.03 -24.42 11.65
CA ASN C 496 -22.09 -23.88 13.01
C ASN C 496 -20.72 -23.52 13.61
N ASP C 497 -19.66 -23.59 12.81
CA ASP C 497 -18.30 -23.27 13.30
C ASP C 497 -17.64 -22.13 12.52
N SER C 498 -18.42 -21.22 11.96
CA SER C 498 -17.87 -20.08 11.21
C SER C 498 -18.42 -18.80 11.79
N HIS C 499 -17.53 -17.84 12.03
CA HIS C 499 -17.94 -16.50 12.41
C HIS C 499 -17.63 -15.51 11.28
N ALA C 500 -17.37 -16.02 10.09
CA ALA C 500 -17.09 -15.18 8.90
C ALA C 500 -18.21 -14.19 8.60
N LEU C 501 -17.89 -12.98 8.11
CA LEU C 501 -18.89 -11.93 7.93
C LEU C 501 -19.77 -12.24 6.72
N LEU C 502 -21.05 -11.95 6.82
CA LEU C 502 -21.95 -12.22 5.72
C LEU C 502 -22.23 -10.88 5.02
N LEU C 503 -22.71 -10.94 3.78
CA LEU C 503 -23.01 -9.72 3.00
C LEU C 503 -23.76 -8.66 3.81
N GLY C 504 -23.18 -7.46 3.84
CA GLY C 504 -23.80 -6.30 4.45
C GLY C 504 -23.84 -6.30 5.98
N CYS C 505 -23.11 -7.21 6.62
CA CYS C 505 -23.22 -7.40 8.09
C CYS C 505 -21.88 -7.25 8.78
N ASP C 506 -21.89 -6.67 9.98
CA ASP C 506 -20.75 -6.86 10.87
C ASP C 506 -20.84 -8.23 11.56
N SER C 507 -19.96 -8.49 12.51
CA SER C 507 -19.91 -9.84 13.09
C SER C 507 -21.13 -10.18 13.95
N ALA C 508 -21.69 -9.20 14.67
CA ALA C 508 -22.92 -9.44 15.49
C ALA C 508 -24.12 -9.69 14.61
N GLU C 509 -24.21 -8.93 13.53
CA GLU C 509 -25.32 -9.12 12.57
C GLU C 509 -25.21 -10.46 11.82
N SER C 510 -23.97 -10.86 11.49
CA SER C 510 -23.73 -12.17 10.87
C SER C 510 -24.18 -13.29 11.80
N ALA C 511 -23.84 -13.18 13.08
CA ALA C 511 -24.19 -14.19 14.08
C ALA C 511 -25.72 -14.31 14.19
N ARG C 512 -26.38 -13.16 14.25
CA ARG C 512 -27.84 -13.02 14.32
C ARG C 512 -28.51 -13.77 13.17
N GLN C 513 -28.01 -13.54 11.95
CA GLN C 513 -28.59 -14.16 10.76
C GLN C 513 -28.44 -15.70 10.77
N ARG C 514 -27.36 -16.20 11.37
CA ARG C 514 -27.12 -17.64 11.45
C ARG C 514 -28.01 -18.33 12.50
N THR C 515 -28.84 -17.59 13.24
CA THR C 515 -29.80 -18.22 14.19
C THR C 515 -31.15 -18.55 13.55
N LYS C 516 -31.35 -18.12 12.30
CA LYS C 516 -32.64 -18.22 11.59
C LYS C 516 -32.60 -19.26 10.49
N PRO C 517 -33.79 -19.77 10.08
CA PRO C 517 -33.83 -20.63 8.89
C PRO C 517 -33.39 -19.81 7.69
N PHE C 518 -32.67 -20.46 6.80
CA PHE C 518 -32.12 -19.84 5.58
C PHE C 518 -32.81 -20.37 4.32
N ILE C 519 -33.09 -19.44 3.39
CA ILE C 519 -33.58 -19.83 2.07
C ILE C 519 -32.89 -18.99 1.00
N LEU C 520 -32.72 -19.56 -0.18
CA LEU C 520 -32.30 -18.78 -1.33
C LEU C 520 -33.55 -18.31 -2.08
N CYS C 521 -33.90 -17.03 -1.99
CA CYS C 521 -35.12 -16.60 -2.70
C CYS C 521 -34.95 -16.55 -4.23
N GLU C 522 -33.69 -16.47 -4.67
CA GLU C 522 -33.29 -16.66 -6.09
C GLU C 522 -31.93 -17.33 -6.11
N TYR C 523 -31.78 -18.35 -6.93
CA TYR C 523 -30.45 -18.93 -7.14
C TYR C 523 -30.43 -19.61 -8.51
N VAL C 524 -29.26 -20.17 -8.86
CA VAL C 524 -28.97 -20.82 -10.13
C VAL C 524 -29.70 -20.19 -11.33
N HIS C 525 -29.35 -18.93 -11.57
CA HIS C 525 -29.93 -18.15 -12.60
C HIS C 525 -29.92 -18.94 -13.94
N ALA C 526 -31.09 -19.15 -14.52
CA ALA C 526 -31.25 -20.16 -15.58
C ALA C 526 -31.08 -19.65 -17.01
N MET C 527 -30.66 -18.39 -17.15
CA MET C 527 -30.59 -17.76 -18.48
C MET C 527 -29.69 -18.54 -19.46
N GLY C 528 -30.18 -18.76 -20.67
CA GLY C 528 -29.38 -19.36 -21.74
C GLY C 528 -29.05 -20.79 -21.43
N ASN C 529 -27.87 -21.24 -21.87
CA ASN C 529 -27.41 -22.60 -21.63
C ASN C 529 -26.78 -22.68 -20.24
N GLY C 530 -27.45 -23.41 -19.33
CA GLY C 530 -27.05 -23.46 -17.92
C GLY C 530 -28.33 -23.60 -17.10
N PRO C 531 -28.21 -23.59 -15.77
CA PRO C 531 -27.02 -23.29 -14.97
C PRO C 531 -26.22 -24.50 -14.50
N GLY C 532 -24.97 -24.30 -14.14
CA GLY C 532 -24.22 -25.31 -13.38
C GLY C 532 -24.48 -25.16 -11.89
N ALA C 533 -23.98 -26.11 -11.09
CA ALA C 533 -23.91 -26.02 -9.62
C ALA C 533 -25.17 -26.32 -8.86
N MET C 534 -26.26 -26.68 -9.54
CA MET C 534 -27.48 -27.06 -8.78
C MET C 534 -27.20 -28.20 -7.81
N ASP C 535 -26.32 -29.11 -8.21
CA ASP C 535 -25.93 -30.24 -7.35
C ASP C 535 -25.12 -29.82 -6.12
N GLN C 536 -24.28 -28.80 -6.29
CA GLN C 536 -23.53 -28.25 -5.16
C GLN C 536 -24.45 -27.63 -4.12
N TYR C 537 -25.45 -26.87 -4.57
CA TYR C 537 -26.38 -26.24 -3.63
C TYR C 537 -27.20 -27.31 -2.92
N GLU C 538 -27.61 -28.33 -3.67
CA GLU C 538 -28.37 -29.43 -3.07
C GLU C 538 -27.56 -30.23 -2.04
N ALA C 539 -26.28 -30.42 -2.32
CA ALA C 539 -25.41 -31.09 -1.35
C ALA C 539 -25.34 -30.32 -0.04
N LEU C 540 -25.38 -29.00 -0.11
CA LEU C 540 -25.38 -28.15 1.08
C LEU C 540 -26.66 -28.33 1.90
N VAL C 541 -27.80 -28.39 1.22
CA VAL C 541 -29.09 -28.68 1.87
C VAL C 541 -29.05 -30.06 2.55
N ASP C 542 -28.45 -31.06 1.91
CA ASP C 542 -28.27 -32.41 2.53
C ASP C 542 -27.43 -32.33 3.80
N LYS C 543 -26.46 -31.41 3.82
CA LYS C 543 -25.47 -31.37 4.87
C LYS C 543 -25.87 -30.52 6.09
N TYR C 544 -26.56 -29.38 5.88
CA TYR C 544 -26.79 -28.38 6.93
C TYR C 544 -28.29 -28.15 7.12
N PRO C 545 -28.85 -28.56 8.29
CA PRO C 545 -30.30 -28.40 8.54
C PRO C 545 -30.82 -26.95 8.47
N ARG C 546 -29.96 -25.97 8.77
CA ARG C 546 -30.35 -24.55 8.69
C ARG C 546 -30.72 -24.14 7.26
N LEU C 547 -30.23 -24.87 6.27
CA LEU C 547 -30.47 -24.50 4.88
C LEU C 547 -31.73 -25.18 4.38
N HIS C 548 -32.68 -24.40 3.90
CA HIS C 548 -33.98 -24.97 3.53
C HIS C 548 -34.25 -24.96 2.04
N GLY C 549 -33.21 -24.84 1.22
CA GLY C 549 -33.40 -24.89 -0.24
C GLY C 549 -33.50 -23.52 -0.85
N GLY C 550 -34.31 -23.39 -1.91
CA GLY C 550 -34.21 -22.19 -2.71
C GLY C 550 -35.15 -22.20 -3.89
N PHE C 551 -35.31 -21.03 -4.50
CA PHE C 551 -36.24 -20.78 -5.59
C PHE C 551 -35.40 -20.38 -6.80
N VAL C 552 -35.47 -21.19 -7.85
CA VAL C 552 -34.71 -20.95 -9.09
C VAL C 552 -35.18 -19.64 -9.74
N TRP C 553 -34.22 -18.81 -10.20
CA TRP C 553 -34.56 -17.69 -11.07
C TRP C 553 -34.34 -18.09 -12.53
N GLU C 554 -35.38 -18.20 -13.37
CA GLU C 554 -36.80 -18.18 -12.95
C GLU C 554 -37.55 -19.23 -13.79
N TRP C 555 -38.87 -19.29 -13.68
CA TRP C 555 -39.62 -20.38 -14.31
C TRP C 555 -39.63 -20.26 -15.85
N ARG C 556 -40.02 -19.09 -16.36
CA ARG C 556 -40.24 -18.91 -17.80
C ARG C 556 -39.51 -17.73 -18.41
N ASP C 557 -39.03 -17.87 -19.66
CA ASP C 557 -38.60 -16.74 -20.54
C ASP C 557 -39.84 -15.89 -20.79
N HIS C 558 -39.67 -14.57 -20.91
CA HIS C 558 -40.78 -13.67 -21.19
C HIS C 558 -40.69 -13.06 -22.59
N GLY C 559 -40.64 -13.93 -23.58
CA GLY C 559 -40.64 -13.51 -24.97
C GLY C 559 -41.99 -12.93 -25.34
N ILE C 560 -41.95 -11.92 -26.20
CA ILE C 560 -43.16 -11.30 -26.74
C ILE C 560 -43.23 -11.61 -28.23
N ARG C 561 -44.25 -12.35 -28.64
CA ARG C 561 -44.41 -12.74 -30.02
C ARG C 561 -44.71 -11.55 -30.91
N THR C 562 -43.93 -11.42 -31.98
CA THR C 562 -44.05 -10.31 -32.93
C THR C 562 -43.52 -10.79 -34.28
N ARG C 563 -43.47 -9.91 -35.27
CA ARG C 563 -43.05 -10.31 -36.61
C ARG C 563 -42.07 -9.29 -37.15
N THR C 564 -41.15 -9.76 -37.99
CA THR C 564 -40.27 -8.85 -38.74
C THR C 564 -41.08 -8.13 -39.83
N ALA C 565 -40.48 -7.08 -40.39
CA ALA C 565 -41.00 -6.41 -41.61
C ALA C 565 -41.45 -7.41 -42.68
N GLU C 566 -40.63 -8.44 -42.95
CA GLU C 566 -40.99 -9.51 -43.90
C GLU C 566 -42.01 -10.54 -43.36
N GLY C 567 -42.50 -10.33 -42.13
CA GLY C 567 -43.51 -11.24 -41.56
C GLY C 567 -43.00 -12.55 -40.96
N MET C 568 -41.71 -12.63 -40.67
CA MET C 568 -41.18 -13.76 -39.95
C MET C 568 -41.51 -13.55 -38.47
N GLU C 569 -42.21 -14.52 -37.88
CA GLU C 569 -42.58 -14.49 -36.48
C GLU C 569 -41.41 -14.88 -35.57
N PHE C 570 -41.27 -14.18 -34.43
CA PHE C 570 -40.23 -14.49 -33.46
C PHE C 570 -40.62 -14.01 -32.06
N PHE C 571 -39.87 -14.45 -31.06
CA PHE C 571 -40.05 -13.96 -29.69
C PHE C 571 -39.07 -12.84 -29.44
N ALA C 572 -39.60 -11.64 -29.30
CA ALA C 572 -38.81 -10.44 -29.04
C ALA C 572 -38.35 -10.33 -27.57
N TYR C 573 -37.17 -9.72 -27.39
CA TYR C 573 -36.68 -9.40 -26.06
C TYR C 573 -36.33 -7.91 -25.97
N GLY C 574 -35.77 -7.48 -24.85
CA GLY C 574 -35.39 -6.07 -24.66
C GLY C 574 -34.66 -5.44 -25.81
N GLY C 575 -35.11 -4.24 -26.20
CA GLY C 575 -34.47 -3.47 -27.27
C GLY C 575 -35.05 -3.74 -28.65
N ASP C 576 -35.81 -4.83 -28.79
CA ASP C 576 -36.45 -5.17 -30.07
C ASP C 576 -37.64 -4.24 -30.38
N PHE C 577 -38.06 -3.46 -29.39
CA PHE C 577 -39.18 -2.52 -29.58
C PHE C 577 -38.71 -1.07 -29.53
N GLY C 578 -37.45 -0.87 -29.94
CA GLY C 578 -36.87 0.46 -30.06
C GLY C 578 -36.64 1.21 -28.74
N GLU C 579 -36.54 0.50 -27.62
CA GLU C 579 -36.46 1.20 -26.31
C GLU C 579 -35.20 2.05 -26.26
N VAL C 580 -35.29 3.21 -25.60
CA VAL C 580 -34.13 4.10 -25.44
C VAL C 580 -33.13 3.50 -24.45
N VAL C 581 -33.62 3.04 -23.29
CA VAL C 581 -32.79 2.23 -22.40
C VAL C 581 -33.49 0.87 -22.19
N HIS C 582 -32.69 -0.18 -22.11
CA HIS C 582 -33.26 -1.53 -21.95
C HIS C 582 -32.16 -2.50 -21.51
N ASP C 583 -32.56 -3.72 -21.17
CA ASP C 583 -31.61 -4.73 -20.74
C ASP C 583 -31.65 -5.99 -21.61
N SER C 584 -31.94 -5.79 -22.90
CA SER C 584 -31.71 -6.82 -23.89
C SER C 584 -32.34 -8.16 -23.49
N ASN C 585 -31.60 -9.27 -23.58
CA ASN C 585 -32.21 -10.59 -23.35
C ASN C 585 -32.22 -11.10 -21.92
N PHE C 586 -31.95 -10.21 -20.96
CA PHE C 586 -32.09 -10.58 -19.56
C PHE C 586 -33.53 -10.94 -19.17
N VAL C 587 -34.51 -10.58 -20.02
CA VAL C 587 -35.92 -10.98 -19.80
C VAL C 587 -36.14 -12.48 -20.21
N MET C 588 -35.17 -13.04 -20.91
CA MET C 588 -35.22 -14.46 -21.33
C MET C 588 -34.35 -15.31 -20.38
N ASP C 589 -34.83 -15.53 -19.16
CA ASP C 589 -34.00 -16.21 -18.16
C ASP C 589 -34.69 -17.39 -17.47
N GLY C 590 -35.54 -18.08 -18.22
CA GLY C 590 -36.30 -19.21 -17.67
C GLY C 590 -35.75 -20.61 -17.89
N MET C 591 -36.18 -21.51 -17.01
CA MET C 591 -36.10 -22.96 -17.17
C MET C 591 -36.96 -23.48 -18.33
N VAL C 592 -38.02 -22.74 -18.66
CA VAL C 592 -38.95 -23.06 -19.72
C VAL C 592 -38.89 -21.93 -20.79
N LEU C 593 -38.85 -22.33 -22.05
CA LEU C 593 -38.88 -21.39 -23.17
C LEU C 593 -40.26 -20.70 -23.35
N SER C 594 -40.30 -19.64 -24.16
CA SER C 594 -41.53 -18.87 -24.33
C SER C 594 -42.71 -19.68 -24.85
N ASP C 595 -42.41 -20.75 -25.57
CA ASP C 595 -43.43 -21.66 -26.11
C ASP C 595 -43.71 -22.88 -25.22
N SER C 596 -43.24 -22.82 -23.96
CA SER C 596 -43.51 -23.86 -22.95
C SER C 596 -42.63 -25.12 -23.03
N THR C 597 -41.56 -25.08 -23.82
CA THR C 597 -40.64 -26.20 -23.89
C THR C 597 -39.70 -26.20 -22.71
N PRO C 598 -39.65 -27.31 -21.92
CA PRO C 598 -38.58 -27.48 -20.90
C PRO C 598 -37.16 -27.48 -21.49
N THR C 599 -36.25 -26.77 -20.83
CA THR C 599 -34.86 -26.76 -21.29
C THR C 599 -34.09 -27.92 -20.66
N PRO C 600 -32.90 -28.25 -21.20
CA PRO C 600 -32.09 -29.26 -20.50
C PRO C 600 -31.78 -28.91 -19.03
N GLY C 601 -31.69 -27.63 -18.68
CA GLY C 601 -31.45 -27.25 -17.30
C GLY C 601 -32.60 -27.68 -16.42
N LEU C 602 -33.82 -27.68 -16.94
CA LEU C 602 -34.97 -28.03 -16.09
C LEU C 602 -34.98 -29.54 -15.77
N TYR C 603 -34.61 -30.36 -16.76
CA TYR C 603 -34.39 -31.82 -16.53
C TYR C 603 -33.28 -32.10 -15.52
N GLU C 604 -32.23 -31.29 -15.58
CA GLU C 604 -31.14 -31.35 -14.59
C GLU C 604 -31.66 -31.02 -13.18
N PHE C 605 -32.43 -29.93 -13.07
CA PHE C 605 -33.05 -29.55 -11.82
C PHE C 605 -33.89 -30.71 -11.29
N LYS C 606 -34.79 -31.20 -12.15
CA LYS C 606 -35.74 -32.26 -11.80
C LYS C 606 -35.04 -33.47 -11.14
N GLN C 607 -33.97 -33.92 -11.79
CA GLN C 607 -33.17 -35.06 -11.31
C GLN C 607 -32.54 -34.76 -9.96
N ILE C 608 -31.94 -33.58 -9.84
CA ILE C 608 -31.24 -33.20 -8.59
C ILE C 608 -32.17 -33.06 -7.38
N VAL C 609 -33.39 -32.56 -7.61
CA VAL C 609 -34.37 -32.36 -6.52
C VAL C 609 -35.37 -33.51 -6.33
N SER C 610 -35.17 -34.62 -7.03
CA SER C 610 -36.08 -35.77 -6.90
C SER C 610 -36.33 -36.13 -5.43
N PRO C 611 -37.61 -36.30 -5.05
CA PRO C 611 -37.94 -36.62 -3.66
C PRO C 611 -37.57 -38.05 -3.24
N ILE C 612 -37.31 -38.93 -4.22
CA ILE C 612 -36.88 -40.30 -3.95
C ILE C 612 -35.44 -40.48 -4.46
N ARG C 613 -34.50 -40.39 -3.53
CA ARG C 613 -33.08 -40.36 -3.85
C ARG C 613 -32.60 -41.80 -4.03
N LEU C 614 -31.96 -42.06 -5.17
CA LEU C 614 -31.51 -43.41 -5.52
C LEU C 614 -29.98 -43.50 -5.67
N GLY C 615 -29.40 -44.58 -5.15
CA GLY C 615 -27.97 -44.82 -5.25
C GLY C 615 -27.76 -46.29 -5.60
N LEU C 616 -26.74 -46.59 -6.38
CA LEU C 616 -26.42 -47.98 -6.77
C LEU C 616 -24.97 -48.30 -6.50
N SER C 617 -24.71 -49.52 -6.03
CA SER C 617 -23.37 -50.03 -5.84
C SER C 617 -23.35 -51.55 -6.04
N LEU C 618 -22.16 -52.10 -6.24
CA LEU C 618 -22.01 -53.55 -6.32
C LEU C 618 -21.01 -53.95 -5.23
N PRO C 619 -21.50 -54.47 -4.10
CA PRO C 619 -20.57 -54.89 -3.06
C PRO C 619 -19.78 -56.10 -3.55
N ALA C 620 -18.50 -56.18 -3.17
CA ALA C 620 -17.63 -57.30 -3.53
C ALA C 620 -18.37 -58.64 -3.44
N GLY C 621 -18.41 -59.36 -4.57
CA GLY C 621 -19.07 -60.66 -4.64
C GLY C 621 -20.56 -60.66 -4.34
N GLY C 622 -21.15 -59.47 -4.21
CA GLY C 622 -22.60 -59.33 -3.99
C GLY C 622 -23.36 -59.11 -5.27
N LYS C 623 -24.65 -58.79 -5.15
CA LYS C 623 -25.44 -58.37 -6.31
C LYS C 623 -25.70 -56.86 -6.28
N PRO C 624 -26.12 -56.27 -7.42
CA PRO C 624 -26.41 -54.82 -7.43
C PRO C 624 -27.28 -54.41 -6.24
N THR C 625 -26.79 -53.45 -5.45
CA THR C 625 -27.52 -52.96 -4.29
C THR C 625 -28.07 -51.56 -4.51
N LEU C 626 -29.37 -51.42 -4.35
CA LEU C 626 -30.09 -50.16 -4.53
C LEU C 626 -30.33 -49.52 -3.16
N ALA C 627 -29.81 -48.30 -2.99
CA ALA C 627 -30.11 -47.48 -1.80
C ALA C 627 -31.26 -46.53 -2.12
N VAL C 628 -32.26 -46.45 -1.23
CA VAL C 628 -33.44 -45.62 -1.49
C VAL C 628 -33.68 -44.75 -0.26
N ALA C 629 -33.78 -43.44 -0.46
CA ALA C 629 -34.15 -42.52 0.63
C ALA C 629 -35.40 -41.74 0.23
N ASN C 630 -36.42 -41.76 1.08
CA ASN C 630 -37.62 -40.96 0.86
C ASN C 630 -37.33 -39.62 1.52
N LEU C 631 -37.10 -38.60 0.71
CA LEU C 631 -36.73 -37.30 1.19
C LEU C 631 -37.92 -36.35 1.33
N ARG C 632 -39.12 -36.89 1.24
CA ARG C 632 -40.35 -36.08 1.33
C ARG C 632 -40.61 -35.52 2.72
N HIS C 633 -41.50 -34.53 2.78
CA HIS C 633 -41.85 -33.85 4.00
C HIS C 633 -42.84 -34.71 4.78
N THR C 634 -43.84 -35.25 4.10
CA THR C 634 -44.90 -36.02 4.78
C THR C 634 -45.26 -37.36 4.15
N ALA C 635 -45.29 -37.44 2.82
CA ALA C 635 -45.85 -38.64 2.18
C ALA C 635 -44.89 -39.84 2.16
N ASP C 636 -45.43 -41.03 2.39
CA ASP C 636 -44.63 -42.26 2.21
C ASP C 636 -44.48 -42.57 0.72
N ALA C 637 -43.71 -43.60 0.41
CA ALA C 637 -43.37 -43.93 -0.98
C ALA C 637 -44.34 -44.92 -1.62
N SER C 638 -45.55 -45.05 -1.06
CA SER C 638 -46.51 -46.04 -1.58
C SER C 638 -46.98 -45.75 -3.02
N ASP C 639 -46.89 -44.49 -3.45
CA ASP C 639 -47.26 -44.12 -4.82
C ASP C 639 -46.16 -44.37 -5.86
N VAL C 640 -44.99 -44.83 -5.39
CA VAL C 640 -43.81 -44.95 -6.25
C VAL C 640 -43.52 -46.43 -6.46
N VAL C 641 -43.04 -46.74 -7.66
CA VAL C 641 -42.43 -48.05 -7.89
C VAL C 641 -41.07 -47.86 -8.54
N LEU C 642 -40.13 -48.74 -8.21
CA LEU C 642 -38.77 -48.64 -8.69
C LEU C 642 -38.59 -49.62 -9.81
N ARG C 643 -38.40 -49.10 -11.04
CA ARG C 643 -38.26 -49.93 -12.23
C ARG C 643 -36.79 -50.03 -12.62
N TRP C 644 -36.27 -51.25 -12.74
CA TRP C 644 -34.88 -51.46 -13.16
C TRP C 644 -34.81 -52.17 -14.50
N ARG C 645 -33.72 -51.91 -15.24
CA ARG C 645 -33.43 -52.60 -16.48
C ARG C 645 -31.92 -52.73 -16.62
N VAL C 646 -31.46 -53.85 -17.19
CA VAL C 646 -30.05 -54.01 -17.56
C VAL C 646 -29.93 -54.04 -19.06
N GLU C 647 -29.00 -53.24 -19.60
CA GLU C 647 -28.84 -53.02 -21.03
C GLU C 647 -27.45 -53.46 -21.49
N HIS C 648 -27.39 -54.27 -22.54
CA HIS C 648 -26.11 -54.67 -23.13
C HIS C 648 -25.95 -53.86 -24.40
N ASP C 649 -24.98 -52.95 -24.41
CA ASP C 649 -24.81 -51.99 -25.51
C ASP C 649 -26.11 -51.26 -25.88
N GLY C 650 -26.87 -50.88 -24.86
CA GLY C 650 -28.10 -50.13 -25.07
C GLY C 650 -29.36 -50.97 -25.20
N ALA C 651 -29.21 -52.29 -25.39
CA ALA C 651 -30.36 -53.18 -25.63
C ALA C 651 -30.77 -53.91 -24.35
N VAL C 652 -32.06 -53.83 -24.01
CA VAL C 652 -32.55 -54.42 -22.75
C VAL C 652 -32.34 -55.93 -22.77
N ALA C 653 -31.74 -56.44 -21.71
CA ALA C 653 -31.47 -57.87 -21.53
C ALA C 653 -32.38 -58.48 -20.44
N ALA C 654 -32.62 -57.70 -19.38
CA ALA C 654 -33.42 -58.11 -18.23
C ALA C 654 -34.04 -56.84 -17.64
N SER C 655 -35.19 -56.99 -17.00
CA SER C 655 -35.85 -55.87 -16.36
C SER C 655 -36.82 -56.35 -15.31
N GLY C 656 -37.20 -55.46 -14.41
CA GLY C 656 -38.06 -55.81 -13.30
C GLY C 656 -38.56 -54.59 -12.56
N GLU C 657 -39.34 -54.85 -11.51
CA GLU C 657 -39.91 -53.82 -10.65
C GLU C 657 -39.74 -54.23 -9.23
N VAL C 658 -39.51 -53.25 -8.37
CA VAL C 658 -39.44 -53.45 -6.93
C VAL C 658 -40.27 -52.38 -6.18
N ALA C 659 -40.84 -52.73 -5.02
CA ALA C 659 -41.56 -51.76 -4.20
C ALA C 659 -40.59 -50.92 -3.37
N ALA C 660 -40.95 -49.66 -3.14
CA ALA C 660 -40.17 -48.78 -2.27
C ALA C 660 -40.57 -49.00 -0.80
N GLU C 661 -39.89 -49.93 -0.13
CA GLU C 661 -40.32 -50.38 1.20
C GLU C 661 -39.29 -50.07 2.29
N GLY C 662 -39.80 -49.80 3.48
CA GLY C 662 -38.95 -49.54 4.64
C GLY C 662 -39.13 -50.66 5.64
N SER C 663 -38.85 -50.34 6.91
CA SER C 663 -38.91 -51.32 8.01
C SER C 663 -40.34 -51.71 8.36
N ASP C 664 -41.31 -50.86 8.02
CA ASP C 664 -42.71 -51.15 8.31
C ASP C 664 -43.64 -50.62 7.22
N GLY C 665 -43.82 -51.42 6.16
CA GLY C 665 -44.62 -51.02 5.01
C GLY C 665 -43.89 -50.07 4.05
N PRO C 666 -44.64 -49.23 3.31
CA PRO C 666 -44.04 -48.25 2.36
C PRO C 666 -42.99 -47.39 3.06
N LEU C 667 -41.91 -47.08 2.34
CA LEU C 667 -40.85 -46.28 2.90
C LEU C 667 -41.39 -44.90 3.33
N ARG C 668 -41.18 -44.53 4.59
CA ARG C 668 -41.81 -43.34 5.15
C ARG C 668 -40.95 -42.10 4.82
N ALA C 669 -41.55 -40.91 4.88
CA ALA C 669 -40.79 -39.66 4.71
C ALA C 669 -39.64 -39.61 5.71
N GLY C 670 -38.43 -39.32 5.22
CA GLY C 670 -37.24 -39.30 6.07
C GLY C 670 -36.61 -40.67 6.34
N GLU C 671 -37.18 -41.74 5.80
CA GLU C 671 -36.63 -43.08 5.99
C GLU C 671 -35.78 -43.46 4.77
N SER C 672 -34.73 -44.24 5.02
CA SER C 672 -33.90 -44.87 3.99
C SER C 672 -33.97 -46.39 4.07
N ALA C 673 -33.64 -47.07 2.97
CA ALA C 673 -33.59 -48.52 2.92
C ALA C 673 -32.64 -49.00 1.81
N THR C 674 -32.24 -50.26 1.89
CA THR C 674 -31.47 -50.88 0.81
C THR C 674 -32.19 -52.14 0.33
N ILE C 675 -32.05 -52.44 -0.97
CA ILE C 675 -32.70 -53.56 -1.61
C ILE C 675 -31.64 -54.20 -2.50
N ALA C 676 -31.49 -55.52 -2.42
CA ALA C 676 -30.56 -56.24 -3.32
C ALA C 676 -31.35 -56.66 -4.54
N LEU C 677 -30.85 -56.31 -5.72
CA LEU C 677 -31.52 -56.67 -6.95
C LEU C 677 -30.99 -58.03 -7.40
N PRO C 678 -31.62 -58.66 -8.43
CA PRO C 678 -31.11 -59.96 -8.90
C PRO C 678 -29.68 -59.85 -9.45
N ALA C 679 -28.91 -60.95 -9.45
CA ALA C 679 -27.58 -60.94 -10.08
C ALA C 679 -27.74 -60.51 -11.53
N MET C 680 -26.80 -59.69 -12.00
CA MET C 680 -26.83 -59.26 -13.40
C MET C 680 -25.46 -59.45 -14.04
N PRO C 681 -25.17 -60.69 -14.50
CA PRO C 681 -23.86 -60.97 -15.09
C PRO C 681 -23.53 -59.98 -16.22
N ALA C 682 -22.31 -59.46 -16.19
CA ALA C 682 -21.78 -58.62 -17.26
C ALA C 682 -21.67 -59.41 -18.56
N ALA C 683 -22.15 -58.82 -19.65
CA ALA C 683 -21.95 -59.42 -20.97
C ALA C 683 -20.44 -59.55 -21.20
N PRO C 684 -19.99 -60.72 -21.69
CA PRO C 684 -18.57 -60.95 -22.02
C PRO C 684 -17.93 -59.81 -22.85
N LEU C 685 -18.66 -59.30 -23.84
CA LEU C 685 -18.16 -58.21 -24.69
C LEU C 685 -19.07 -57.00 -24.61
N GLY C 686 -18.55 -55.83 -24.97
CA GLY C 686 -19.32 -54.59 -24.93
C GLY C 686 -19.61 -54.16 -23.50
N GLU C 687 -20.54 -53.21 -23.37
CA GLU C 687 -20.81 -52.58 -22.08
C GLU C 687 -22.11 -53.10 -21.48
N THR C 688 -22.13 -53.19 -20.15
CA THR C 688 -23.33 -53.54 -19.41
C THR C 688 -23.68 -52.46 -18.39
N TRP C 689 -24.88 -51.89 -18.54
CA TRP C 689 -25.36 -50.80 -17.68
C TRP C 689 -26.71 -51.13 -17.04
N LEU C 690 -26.79 -50.98 -15.72
CA LEU C 690 -28.06 -51.05 -14.99
C LEU C 690 -28.60 -49.64 -14.78
N THR C 691 -29.88 -49.45 -15.12
CA THR C 691 -30.63 -48.21 -14.86
C THR C 691 -31.78 -48.53 -13.90
N VAL C 692 -31.99 -47.67 -12.90
CA VAL C 692 -33.18 -47.72 -12.03
C VAL C 692 -33.86 -46.36 -12.00
N GLU C 693 -35.18 -46.36 -12.20
CA GLU C 693 -36.01 -45.14 -12.13
C GLU C 693 -37.09 -45.29 -11.07
N ALA C 694 -37.30 -44.24 -10.27
CA ALA C 694 -38.49 -44.15 -9.42
C ALA C 694 -39.59 -43.52 -10.27
N VAL C 695 -40.69 -44.25 -10.48
CA VAL C 695 -41.82 -43.73 -11.25
C VAL C 695 -43.10 -43.72 -10.43
N LEU C 696 -44.05 -42.87 -10.81
CA LEU C 696 -45.39 -42.90 -10.24
C LEU C 696 -46.18 -44.09 -10.77
N ARG C 697 -46.78 -44.86 -9.86
CA ARG C 697 -47.60 -46.05 -10.23
C ARG C 697 -48.88 -45.65 -10.95
N ASP C 698 -49.54 -44.60 -10.45
CA ASP C 698 -50.85 -44.20 -10.98
C ASP C 698 -50.80 -42.78 -11.53
N ALA C 699 -51.75 -42.48 -12.41
CA ALA C 699 -51.94 -41.14 -12.94
C ALA C 699 -52.32 -40.17 -11.82
N THR C 700 -51.88 -38.92 -11.93
CA THR C 700 -52.39 -37.85 -11.09
C THR C 700 -53.09 -36.90 -12.06
N GLY C 701 -53.56 -35.76 -11.56
CA GLY C 701 -54.19 -34.78 -12.44
C GLY C 701 -53.17 -34.15 -13.36
N TRP C 702 -51.89 -34.29 -13.01
CA TRP C 702 -50.84 -33.55 -13.70
C TRP C 702 -49.80 -34.41 -14.40
N ALA C 703 -49.90 -35.74 -14.25
CA ALA C 703 -48.95 -36.68 -14.89
C ALA C 703 -49.60 -38.03 -15.16
N PRO C 704 -49.17 -38.73 -16.23
CA PRO C 704 -49.70 -40.08 -16.49
C PRO C 704 -49.08 -41.14 -15.60
N ALA C 705 -49.67 -42.33 -15.60
CA ALA C 705 -49.12 -43.49 -14.92
C ALA C 705 -47.72 -43.69 -15.47
N GLY C 706 -46.77 -44.02 -14.59
CA GLY C 706 -45.40 -44.27 -15.02
C GLY C 706 -44.52 -43.03 -15.15
N HIS C 707 -45.04 -41.87 -14.77
CA HIS C 707 -44.22 -40.63 -14.80
C HIS C 707 -42.97 -40.80 -13.94
N PRO C 708 -41.77 -40.57 -14.54
CA PRO C 708 -40.51 -40.70 -13.79
C PRO C 708 -40.22 -39.53 -12.87
N LEU C 709 -39.73 -39.84 -11.68
CA LEU C 709 -39.30 -38.82 -10.72
C LEU C 709 -37.79 -38.56 -10.76
N GLY C 710 -37.01 -39.61 -11.04
CA GLY C 710 -35.55 -39.52 -11.06
C GLY C 710 -34.97 -40.89 -11.30
N ALA C 711 -33.69 -40.96 -11.64
CA ALA C 711 -33.05 -42.21 -12.03
C ALA C 711 -31.60 -42.25 -11.57
N VAL C 712 -31.01 -43.45 -11.64
CA VAL C 712 -29.62 -43.68 -11.29
C VAL C 712 -29.09 -44.80 -12.23
N GLN C 713 -27.78 -44.80 -12.49
CA GLN C 713 -27.13 -45.89 -13.24
C GLN C 713 -25.94 -46.48 -12.52
N LEU C 714 -25.58 -47.70 -12.92
CA LEU C 714 -24.37 -48.35 -12.45
C LEU C 714 -23.74 -49.08 -13.64
N ASP C 715 -22.45 -48.87 -13.83
CA ASP C 715 -21.72 -49.51 -14.92
C ASP C 715 -21.28 -50.88 -14.43
N LEU C 716 -21.79 -51.92 -15.08
CA LEU C 716 -21.52 -53.31 -14.72
C LEU C 716 -20.64 -53.98 -15.76
N SER C 717 -20.03 -53.18 -16.64
CA SER C 717 -19.32 -53.72 -17.79
C SER C 717 -18.14 -54.62 -17.39
N ALA C 718 -17.93 -55.68 -18.18
CA ALA C 718 -16.71 -56.51 -18.11
C ALA C 718 -15.47 -55.64 -18.42
N PRO C 719 -14.29 -56.00 -17.88
CA PRO C 719 -13.06 -55.19 -18.13
C PRO C 719 -12.80 -54.85 -19.60
N ALA C 720 -12.46 -53.59 -19.86
CA ALA C 720 -12.33 -53.06 -21.23
C ALA C 720 -11.22 -53.74 -22.03
N VAL C 721 -11.53 -54.09 -23.26
CA VAL C 721 -10.52 -54.52 -24.24
C VAL C 721 -10.22 -53.34 -25.17
N PRO C 722 -9.09 -52.63 -24.93
CA PRO C 722 -8.74 -51.46 -25.77
C PRO C 722 -8.36 -51.86 -27.21
N THR C 723 -8.77 -51.03 -28.17
CA THR C 723 -8.41 -51.27 -29.56
C THR C 723 -6.89 -51.18 -29.68
N ARG C 724 -6.35 -51.91 -30.66
CA ARG C 724 -4.93 -51.92 -30.93
C ARG C 724 -4.65 -50.85 -31.98
N SER C 725 -4.07 -49.74 -31.55
CA SER C 725 -3.76 -48.61 -32.43
C SER C 725 -2.58 -48.90 -33.35
N PRO C 726 -2.57 -48.34 -34.58
CA PRO C 726 -1.38 -48.51 -35.43
C PRO C 726 -0.13 -47.89 -34.76
N ARG C 727 1.00 -48.57 -34.90
CA ARG C 727 2.29 -48.06 -34.44
C ARG C 727 2.60 -46.71 -35.12
N PRO C 728 3.09 -45.70 -34.37
CA PRO C 728 3.51 -44.46 -35.06
C PRO C 728 4.51 -44.73 -36.20
N ALA C 729 4.34 -44.04 -37.33
CA ALA C 729 5.16 -44.33 -38.53
C ALA C 729 6.00 -43.13 -38.96
N THR C 730 7.21 -43.41 -39.48
CA THR C 730 8.05 -42.37 -40.06
C THR C 730 7.49 -42.01 -41.45
N PRO C 731 7.38 -40.70 -41.75
CA PRO C 731 6.95 -40.29 -43.08
C PRO C 731 7.85 -40.86 -44.18
N LEU C 732 7.26 -41.10 -45.35
CA LEU C 732 8.00 -41.53 -46.53
C LEU C 732 8.10 -40.35 -47.47
N ASP C 733 9.13 -40.35 -48.31
CA ASP C 733 9.22 -39.38 -49.40
C ASP C 733 8.25 -39.79 -50.51
N GLY C 734 7.88 -38.85 -51.36
CA GLY C 734 7.08 -39.21 -52.52
C GLY C 734 5.56 -39.07 -52.39
N ALA C 735 4.85 -39.71 -53.33
CA ALA C 735 3.46 -39.37 -53.63
C ALA C 735 2.49 -39.68 -52.48
N LEU C 736 1.56 -38.78 -52.28
CA LEU C 736 0.54 -38.93 -51.25
C LEU C 736 -0.56 -39.84 -51.79
N PRO C 737 -1.18 -40.64 -50.90
CA PRO C 737 -2.32 -41.45 -51.32
C PRO C 737 -3.49 -40.56 -51.70
N VAL C 738 -4.24 -41.04 -52.68
CA VAL C 738 -5.43 -40.38 -53.18
C VAL C 738 -6.65 -40.85 -52.39
N SER C 739 -6.63 -42.09 -51.93
CA SER C 739 -7.70 -42.60 -51.09
C SER C 739 -7.22 -43.59 -50.03
N LEU C 740 -7.87 -43.55 -48.88
CA LEU C 740 -7.60 -44.41 -47.75
C LEU C 740 -8.97 -44.82 -47.24
N GLY C 741 -9.34 -46.07 -47.51
CA GLY C 741 -10.67 -46.54 -47.15
C GLY C 741 -11.75 -45.60 -47.66
N PRO C 742 -12.64 -45.15 -46.77
CA PRO C 742 -13.74 -44.29 -47.19
C PRO C 742 -13.35 -42.82 -47.46
N ALA C 743 -12.08 -42.48 -47.25
CA ALA C 743 -11.64 -41.09 -47.41
C ALA C 743 -10.94 -40.85 -48.75
N THR C 744 -11.27 -39.75 -49.43
CA THR C 744 -10.52 -39.30 -50.60
C THR C 744 -9.80 -37.97 -50.34
N PHE C 745 -8.58 -37.86 -50.85
CA PHE C 745 -7.76 -36.68 -50.63
C PHE C 745 -7.37 -36.04 -51.95
N ASP C 746 -7.20 -34.73 -51.94
CA ASP C 746 -6.62 -34.01 -53.08
C ASP C 746 -5.32 -33.37 -52.63
N ALA C 747 -4.20 -34.01 -52.99
CA ALA C 747 -2.87 -33.57 -52.55
C ALA C 747 -2.81 -33.31 -51.03
N GLY C 748 -3.27 -34.29 -50.25
CA GLY C 748 -3.27 -34.19 -48.79
C GLY C 748 -4.50 -33.58 -48.15
N THR C 749 -5.39 -32.98 -48.95
CA THR C 749 -6.57 -32.30 -48.38
C THR C 749 -7.76 -33.24 -48.51
N LEU C 750 -8.44 -33.51 -47.39
CA LEU C 750 -9.64 -34.35 -47.43
C LEU C 750 -10.71 -33.68 -48.29
N VAL C 751 -11.29 -34.44 -49.22
CA VAL C 751 -12.38 -33.90 -50.04
C VAL C 751 -13.68 -34.68 -49.93
N SER C 752 -13.59 -35.96 -49.57
CA SER C 752 -14.81 -36.71 -49.34
C SER C 752 -14.66 -37.82 -48.31
N LEU C 753 -15.78 -38.22 -47.73
CA LEU C 753 -15.83 -39.42 -46.90
C LEU C 753 -17.08 -40.22 -47.26
N ALA C 754 -16.89 -41.51 -47.51
CA ALA C 754 -18.01 -42.44 -47.78
C ALA C 754 -18.98 -41.82 -48.78
N GLY C 755 -18.42 -41.36 -49.89
CA GLY C 755 -19.18 -40.89 -51.05
C GLY C 755 -19.81 -39.53 -50.98
N GLN C 756 -19.50 -38.75 -49.94
CA GLN C 756 -20.05 -37.40 -49.79
C GLN C 756 -18.93 -36.39 -49.64
N PRO C 757 -19.10 -35.18 -50.20
CA PRO C 757 -18.07 -34.15 -50.10
C PRO C 757 -17.92 -33.66 -48.64
N VAL C 758 -16.69 -33.66 -48.11
CA VAL C 758 -16.42 -33.28 -46.71
C VAL C 758 -15.13 -32.45 -46.66
N SER C 759 -15.09 -31.43 -45.80
CA SER C 759 -13.83 -30.73 -45.49
C SER C 759 -13.52 -30.93 -44.02
N GLY C 760 -12.23 -30.99 -43.69
CA GLY C 760 -11.78 -31.04 -42.31
C GLY C 760 -10.74 -32.12 -42.12
N PRO C 761 -10.29 -32.35 -40.88
CA PRO C 761 -10.71 -31.66 -39.66
C PRO C 761 -10.03 -30.29 -39.50
N ARG C 762 -10.74 -29.34 -38.91
CA ARG C 762 -10.20 -28.01 -38.65
C ARG C 762 -10.24 -27.81 -37.14
N LEU C 763 -9.13 -27.43 -36.51
CA LEU C 763 -9.16 -27.16 -35.07
C LEU C 763 -10.14 -26.04 -34.76
N GLU C 764 -10.94 -26.20 -33.71
CA GLU C 764 -11.69 -25.07 -33.21
C GLU C 764 -11.56 -24.92 -31.71
N LEU C 765 -11.28 -23.68 -31.27
CA LEU C 765 -11.25 -23.34 -29.85
C LEU C 765 -12.45 -22.47 -29.48
N TRP C 766 -13.07 -21.84 -30.47
CA TRP C 766 -14.21 -20.96 -30.22
C TRP C 766 -15.50 -21.75 -29.98
N ARG C 767 -16.33 -21.24 -29.08
CA ARG C 767 -17.75 -21.65 -29.05
C ARG C 767 -18.59 -20.39 -29.02
N ALA C 768 -19.82 -20.48 -29.54
CA ALA C 768 -20.76 -19.36 -29.48
C ALA C 768 -21.06 -19.07 -27.98
N PRO C 769 -20.58 -17.92 -27.44
CA PRO C 769 -20.66 -17.69 -25.99
C PRO C 769 -22.07 -17.83 -25.43
N THR C 770 -22.18 -18.58 -24.35
CA THR C 770 -23.46 -18.68 -23.65
C THR C 770 -23.75 -17.32 -22.98
N ASP C 771 -24.96 -17.13 -22.47
CA ASP C 771 -25.24 -15.93 -21.70
C ASP C 771 -24.29 -15.82 -20.50
N ASN C 772 -24.00 -16.93 -19.86
CA ASN C 772 -23.02 -16.92 -18.77
C ASN C 772 -21.59 -16.57 -19.19
N ASP C 773 -21.18 -17.01 -20.38
CA ASP C 773 -19.86 -16.67 -20.92
C ASP C 773 -19.73 -15.14 -21.11
N ARG C 774 -20.87 -14.46 -21.25
CA ARG C 774 -20.94 -13.01 -21.40
C ARG C 774 -21.12 -12.20 -20.10
N GLY C 775 -21.32 -12.90 -18.99
CA GLY C 775 -21.50 -12.26 -17.69
C GLY C 775 -20.21 -11.83 -17.03
N ALA C 776 -20.28 -10.74 -16.27
CA ALA C 776 -19.10 -10.20 -15.58
C ALA C 776 -19.37 -9.56 -14.20
N GLY C 777 -20.52 -9.88 -13.60
CA GLY C 777 -20.95 -9.36 -12.26
C GLY C 777 -20.19 -10.00 -11.12
N PHE C 778 -20.41 -11.30 -10.88
CA PHE C 778 -19.48 -12.06 -10.03
C PHE C 778 -18.12 -11.98 -10.70
N GLY C 779 -17.08 -12.12 -9.88
CA GLY C 779 -15.75 -12.30 -10.40
C GLY C 779 -15.56 -13.71 -10.95
N ALA C 780 -14.46 -13.87 -11.63
CA ALA C 780 -13.99 -15.13 -12.15
C ALA C 780 -13.34 -15.93 -11.02
N TYR C 781 -13.46 -17.25 -11.11
CA TYR C 781 -12.84 -18.14 -10.14
C TYR C 781 -11.39 -18.56 -10.44
N GLY C 782 -10.95 -18.45 -11.69
CA GLY C 782 -9.55 -18.78 -12.03
C GLY C 782 -8.38 -18.29 -11.18
N PRO C 783 -8.23 -16.96 -11.01
CA PRO C 783 -7.05 -16.38 -10.36
C PRO C 783 -6.91 -16.54 -8.86
N GLY C 784 -7.83 -17.21 -8.19
CA GLY C 784 -7.63 -17.38 -6.75
C GLY C 784 -8.37 -18.57 -6.25
N ASP C 785 -8.12 -18.93 -4.99
CA ASP C 785 -8.84 -20.00 -4.29
C ASP C 785 -10.31 -19.56 -4.22
N PRO C 786 -11.22 -20.35 -4.83
CA PRO C 786 -12.64 -19.98 -4.94
C PRO C 786 -13.30 -19.87 -3.59
N TRP C 787 -12.72 -20.50 -2.57
CA TRP C 787 -13.28 -20.42 -1.24
C TRP C 787 -12.98 -19.08 -0.53
N LEU C 788 -12.07 -18.29 -1.08
CA LEU C 788 -11.76 -16.99 -0.51
C LEU C 788 -12.75 -15.89 -0.96
N ASN C 789 -12.72 -14.74 -0.29
CA ASN C 789 -13.56 -13.61 -0.71
C ASN C 789 -15.06 -13.96 -0.78
N SER C 790 -15.53 -14.77 0.18
CA SER C 790 -16.91 -15.26 0.22
C SER C 790 -17.39 -15.93 -1.07
N GLY C 791 -16.47 -16.59 -1.79
CA GLY C 791 -16.77 -17.20 -3.08
C GLY C 791 -17.21 -16.25 -4.19
N ARG C 792 -16.88 -14.98 -4.07
CA ARG C 792 -17.25 -13.98 -5.07
C ARG C 792 -16.23 -13.84 -6.19
N GLY C 793 -15.14 -14.60 -6.12
CA GLY C 793 -14.14 -14.62 -7.19
C GLY C 793 -13.31 -13.35 -7.22
N VAL C 794 -12.66 -13.12 -8.36
CA VAL C 794 -11.74 -12.01 -8.57
C VAL C 794 -12.32 -11.18 -9.70
N PRO C 795 -12.59 -9.86 -9.49
CA PRO C 795 -13.11 -9.02 -10.58
C PRO C 795 -12.33 -9.23 -11.88
N ALA C 796 -13.07 -9.37 -12.97
CA ALA C 796 -12.50 -9.80 -14.25
C ALA C 796 -13.49 -9.54 -15.37
N PRO C 797 -13.00 -9.43 -16.62
CA PRO C 797 -13.86 -9.31 -17.79
C PRO C 797 -14.69 -10.60 -17.99
N SER C 798 -15.72 -10.54 -18.84
CA SER C 798 -16.45 -11.76 -19.20
C SER C 798 -15.51 -12.71 -19.96
N SER C 799 -15.83 -14.01 -19.97
CA SER C 799 -15.08 -14.98 -20.80
C SER C 799 -15.15 -14.59 -22.27
N GLU C 800 -16.31 -14.14 -22.74
CA GLU C 800 -16.42 -13.71 -24.12
C GLU C 800 -15.43 -12.58 -24.46
N ALA C 801 -15.32 -11.58 -23.56
CA ALA C 801 -14.37 -10.46 -23.77
C ALA C 801 -12.94 -10.95 -23.91
N VAL C 802 -12.51 -11.86 -23.02
CA VAL C 802 -11.14 -12.40 -23.10
C VAL C 802 -10.90 -13.28 -24.32
N TRP C 803 -11.92 -14.06 -24.71
CA TRP C 803 -11.83 -14.89 -25.91
C TRP C 803 -11.68 -14.07 -27.19
N LYS C 804 -12.50 -13.02 -27.31
CA LYS C 804 -12.40 -12.11 -28.46
C LYS C 804 -11.06 -11.38 -28.52
N GLN C 805 -10.60 -10.91 -27.37
CA GLN C 805 -9.31 -10.24 -27.28
C GLN C 805 -8.15 -11.11 -27.77
N ALA C 806 -8.19 -12.40 -27.44
CA ALA C 806 -7.20 -13.38 -27.86
C ALA C 806 -7.40 -13.87 -29.30
N GLY C 807 -8.48 -13.48 -29.97
CA GLY C 807 -8.71 -13.86 -31.36
C GLY C 807 -9.17 -15.31 -31.54
N LEU C 808 -9.76 -15.93 -30.50
CA LEU C 808 -10.18 -17.33 -30.56
C LEU C 808 -11.25 -17.54 -31.62
N ASP C 809 -12.02 -16.51 -31.93
CA ASP C 809 -13.05 -16.62 -32.99
C ASP C 809 -12.51 -16.60 -34.43
N ARG C 810 -11.25 -16.22 -34.58
CA ARG C 810 -10.63 -15.99 -35.89
C ARG C 810 -9.26 -16.70 -36.01
N LEU C 811 -9.15 -17.93 -35.52
CA LEU C 811 -7.91 -18.72 -35.72
C LEU C 811 -7.66 -18.95 -37.21
N THR C 812 -6.43 -18.84 -37.65
CA THR C 812 -6.07 -19.15 -39.05
C THR C 812 -5.30 -20.46 -39.06
N ARG C 813 -5.39 -21.20 -40.16
CA ARG C 813 -4.75 -22.52 -40.26
C ARG C 813 -3.59 -22.37 -41.25
N ARG C 814 -2.38 -22.77 -40.81
CA ARG C 814 -1.20 -22.81 -41.67
C ARG C 814 -0.61 -24.22 -41.78
N VAL C 815 -0.49 -24.73 -42.99
CA VAL C 815 0.04 -26.08 -43.19
C VAL C 815 1.57 -26.05 -43.06
N GLU C 816 2.10 -26.82 -42.10
CA GLU C 816 3.54 -26.95 -41.95
C GLU C 816 4.08 -27.93 -42.95
N ASP C 817 3.54 -29.14 -42.96
CA ASP C 817 4.03 -30.15 -43.90
C ASP C 817 3.00 -31.24 -44.10
N VAL C 818 3.09 -31.93 -45.25
CA VAL C 818 2.23 -33.07 -45.56
C VAL C 818 3.13 -34.18 -46.07
N ALA C 819 2.93 -35.41 -45.60
CA ALA C 819 3.80 -36.50 -46.00
C ALA C 819 3.06 -37.83 -46.05
N ALA C 820 3.48 -38.69 -46.98
CA ALA C 820 2.96 -40.04 -47.04
C ALA C 820 3.48 -40.87 -45.86
N LEU C 821 2.65 -41.79 -45.39
CA LEU C 821 3.08 -42.81 -44.47
C LEU C 821 2.88 -44.14 -45.19
N PRO C 822 3.49 -45.22 -44.69
CA PRO C 822 3.07 -46.55 -45.19
C PRO C 822 1.54 -46.72 -44.99
N ASP C 823 0.78 -46.87 -46.08
CA ASP C 823 -0.71 -46.85 -46.02
C ASP C 823 -1.34 -45.68 -45.20
N GLY C 824 -0.84 -44.48 -45.38
CA GLY C 824 -1.44 -43.34 -44.71
C GLY C 824 -0.90 -42.00 -45.16
N ILE C 825 -1.22 -40.99 -44.37
CA ILE C 825 -0.81 -39.62 -44.61
C ILE C 825 -0.70 -38.91 -43.25
N ARG C 826 0.35 -38.12 -43.10
CA ARG C 826 0.51 -37.27 -41.94
C ARG C 826 0.41 -35.81 -42.39
N VAL C 827 -0.47 -35.06 -41.74
CA VAL C 827 -0.56 -33.62 -41.97
C VAL C 827 -0.24 -32.86 -40.67
N ARG C 828 0.71 -31.91 -40.74
CA ARG C 828 1.04 -31.03 -39.61
C ARG C 828 0.67 -29.60 -39.93
N THR C 829 -0.07 -29.00 -39.02
CA THR C 829 -0.62 -27.66 -39.20
C THR C 829 -0.36 -26.86 -37.92
N ARG C 830 -0.46 -25.54 -38.04
CA ARG C 830 -0.29 -24.62 -36.92
C ARG C 830 -1.43 -23.61 -36.96
N TYR C 831 -2.11 -23.43 -35.82
CA TYR C 831 -3.24 -22.50 -35.75
C TYR C 831 -2.88 -21.30 -34.90
N ALA C 832 -3.31 -20.13 -35.34
CA ALA C 832 -3.02 -18.90 -34.59
C ALA C 832 -3.88 -17.76 -35.12
N ALA C 833 -4.19 -16.82 -34.23
CA ALA C 833 -4.91 -15.61 -34.64
C ALA C 833 -3.96 -14.57 -35.20
N ALA C 834 -4.45 -13.73 -36.11
CA ALA C 834 -3.71 -12.57 -36.56
C ALA C 834 -3.27 -11.70 -35.36
N ASP C 835 -2.04 -11.20 -35.44
CA ASP C 835 -1.45 -10.35 -34.41
C ASP C 835 -1.26 -11.05 -33.06
N SER C 836 -1.31 -12.38 -33.03
CA SER C 836 -1.04 -13.12 -31.79
C SER C 836 0.32 -13.80 -31.85
N THR C 837 0.98 -13.92 -30.69
CA THR C 837 2.24 -14.64 -30.64
C THR C 837 2.03 -16.08 -30.18
N HIS C 838 0.80 -16.41 -29.82
CA HIS C 838 0.49 -17.77 -29.38
C HIS C 838 -0.01 -18.66 -30.51
N SER C 839 0.10 -19.97 -30.32
CA SER C 839 -0.33 -20.87 -31.39
C SER C 839 -0.68 -22.25 -30.85
N VAL C 840 -1.28 -23.05 -31.72
CA VAL C 840 -1.59 -24.44 -31.38
C VAL C 840 -1.16 -25.34 -32.52
N ALA C 841 -0.25 -26.27 -32.23
CA ALA C 841 0.17 -27.24 -33.24
C ALA C 841 -0.79 -28.41 -33.30
N VAL C 842 -1.06 -28.90 -34.51
CA VAL C 842 -1.98 -30.02 -34.69
C VAL C 842 -1.34 -31.01 -35.69
N GLU C 843 -1.37 -32.29 -35.36
CA GLU C 843 -0.85 -33.35 -36.24
C GLU C 843 -1.97 -34.35 -36.47
N GLU C 844 -2.18 -34.72 -37.71
CA GLU C 844 -3.16 -35.73 -38.07
C GLU C 844 -2.36 -36.92 -38.61
N ASN C 845 -2.59 -38.11 -38.07
CA ASN C 845 -2.03 -39.34 -38.65
C ASN C 845 -3.17 -40.21 -39.09
N TRP C 846 -3.36 -40.27 -40.41
CA TRP C 846 -4.38 -41.11 -41.01
C TRP C 846 -3.70 -42.41 -41.44
N GLN C 847 -4.17 -43.56 -40.95
CA GLN C 847 -3.50 -44.83 -41.20
C GLN C 847 -4.55 -45.91 -41.34
N LEU C 848 -4.43 -46.68 -42.43
CA LEU C 848 -5.24 -47.88 -42.61
C LEU C 848 -4.65 -48.99 -41.77
N ASP C 849 -5.45 -49.53 -40.87
CA ASP C 849 -4.99 -50.62 -40.02
C ASP C 849 -5.99 -51.76 -40.12
N GLY C 850 -5.55 -52.85 -40.76
CA GLY C 850 -6.41 -54.01 -41.02
C GLY C 850 -7.72 -53.63 -41.69
N GLY C 851 -7.63 -52.89 -42.78
CA GLY C 851 -8.84 -52.47 -43.49
C GLY C 851 -9.69 -51.39 -42.82
N GLU C 852 -9.32 -50.97 -41.60
CA GLU C 852 -9.98 -49.84 -40.93
C GLU C 852 -9.19 -48.52 -41.07
N LEU C 853 -9.92 -47.42 -41.33
CA LEU C 853 -9.30 -46.10 -41.39
C LEU C 853 -9.25 -45.47 -39.98
N CYS C 854 -8.02 -45.39 -39.45
CA CYS C 854 -7.74 -44.76 -38.18
C CYS C 854 -7.21 -43.34 -38.37
N LEU C 855 -7.64 -42.44 -37.49
CA LEU C 855 -7.19 -41.06 -37.52
C LEU C 855 -6.88 -40.66 -36.09
N ARG C 856 -5.61 -40.36 -35.84
CA ARG C 856 -5.16 -39.82 -34.56
C ARG C 856 -4.85 -38.34 -34.76
N ILE C 857 -5.45 -37.47 -33.94
CA ILE C 857 -5.18 -36.03 -34.00
C ILE C 857 -4.60 -35.64 -32.67
N ASP C 858 -3.38 -35.09 -32.69
CA ASP C 858 -2.68 -34.63 -31.50
C ASP C 858 -2.64 -33.11 -31.56
N ILE C 859 -3.18 -32.50 -30.52
CA ILE C 859 -3.30 -31.06 -30.40
C ILE C 859 -2.36 -30.59 -29.29
N THR C 860 -1.36 -29.76 -29.64
CA THR C 860 -0.25 -29.43 -28.72
C THR C 860 -0.04 -27.91 -28.68
N PRO C 861 -0.69 -27.24 -27.72
CA PRO C 861 -0.56 -25.78 -27.64
C PRO C 861 0.83 -25.29 -27.31
N SER C 862 1.14 -24.06 -27.75
CA SER C 862 2.35 -23.34 -27.31
C SER C 862 2.23 -23.00 -25.82
N ALA C 863 3.33 -22.50 -25.26
CA ALA C 863 3.40 -22.13 -23.85
C ALA C 863 2.59 -20.97 -23.20
C ALA C 863 2.78 -20.73 -24.00
N GLY C 864 2.39 -19.86 -23.87
N GLY C 864 2.42 -20.06 -22.92
CA GLY C 864 1.90 -18.70 -23.11
C GLY C 864 0.39 -18.57 -22.89
N TRP C 865 -0.41 -19.59 -23.23
CA TRP C 865 -1.86 -19.40 -23.22
C TRP C 865 -2.33 -19.27 -21.77
N ASN C 866 -2.97 -18.17 -21.45
CA ASN C 866 -3.33 -17.92 -20.07
C ASN C 866 -4.78 -17.45 -19.99
N LEU C 867 -5.71 -18.26 -20.45
CA LEU C 867 -7.14 -17.92 -20.30
C LEU C 867 -7.92 -19.21 -20.40
N VAL C 868 -9.16 -19.18 -19.93
CA VAL C 868 -10.13 -20.26 -20.16
C VAL C 868 -10.37 -20.39 -21.66
N TRP C 869 -10.42 -21.64 -22.11
CA TRP C 869 -10.79 -21.96 -23.48
C TRP C 869 -12.23 -22.45 -23.54
N PRO C 870 -13.01 -22.03 -24.55
CA PRO C 870 -14.40 -22.46 -24.71
C PRO C 870 -14.52 -23.97 -25.01
N ARG C 871 -13.64 -24.52 -25.85
CA ARG C 871 -13.72 -25.95 -26.23
C ARG C 871 -12.38 -26.34 -26.81
N ILE C 872 -12.12 -27.63 -26.92
CA ILE C 872 -10.97 -28.07 -27.75
C ILE C 872 -11.53 -29.15 -28.65
N GLY C 873 -11.53 -28.90 -29.95
CA GLY C 873 -12.20 -29.84 -30.84
C GLY C 873 -11.81 -29.65 -32.28
N VAL C 874 -12.46 -30.41 -33.16
CA VAL C 874 -12.23 -30.32 -34.61
C VAL C 874 -13.59 -30.26 -35.26
N ARG C 875 -13.65 -29.53 -36.37
CA ARG C 875 -14.87 -29.32 -37.09
C ARG C 875 -14.73 -29.97 -38.46
N TRP C 876 -15.80 -30.62 -38.87
CA TRP C 876 -15.90 -31.17 -40.21
C TRP C 876 -17.08 -30.50 -40.90
N ASP C 877 -16.88 -30.14 -42.17
CA ASP C 877 -17.90 -29.44 -42.95
C ASP C 877 -18.56 -30.44 -43.89
N LEU C 878 -19.89 -30.54 -43.80
CA LEU C 878 -20.63 -31.66 -44.39
C LEU C 878 -21.74 -31.11 -45.28
N PRO C 879 -22.32 -32.00 -46.13
CA PRO C 879 -23.49 -31.53 -46.87
C PRO C 879 -24.65 -31.22 -45.92
N THR C 880 -25.48 -30.25 -46.30
CA THR C 880 -26.64 -29.88 -45.48
C THR C 880 -27.64 -31.02 -45.30
N ASP C 881 -27.62 -32.04 -46.16
CA ASP C 881 -28.59 -33.12 -45.93
C ASP C 881 -28.21 -34.09 -44.78
N VAL C 882 -27.02 -33.92 -44.18
CA VAL C 882 -26.72 -34.67 -42.95
C VAL C 882 -27.49 -34.01 -41.82
N ASP C 883 -28.53 -34.66 -41.33
CA ASP C 883 -29.48 -33.96 -40.48
C ASP C 883 -29.96 -34.77 -39.24
N GLY C 884 -29.17 -35.76 -38.84
CA GLY C 884 -29.48 -36.51 -37.63
C GLY C 884 -28.28 -37.28 -37.18
N ALA C 885 -28.33 -37.74 -35.94
CA ALA C 885 -27.25 -38.53 -35.38
C ALA C 885 -27.78 -39.59 -34.41
N ALA C 886 -27.12 -40.73 -34.38
CA ALA C 886 -27.33 -41.70 -33.31
C ALA C 886 -25.99 -41.85 -32.60
N TRP C 887 -26.01 -42.10 -31.29
CA TRP C 887 -24.75 -42.33 -30.59
C TRP C 887 -24.93 -43.23 -29.41
N PHE C 888 -23.83 -43.82 -28.93
CA PHE C 888 -23.85 -44.49 -27.66
C PHE C 888 -22.99 -43.66 -26.73
N GLY C 889 -23.61 -43.15 -25.67
CA GLY C 889 -22.88 -42.34 -24.69
C GLY C 889 -23.92 -41.60 -23.86
N ALA C 890 -23.56 -40.43 -23.33
CA ALA C 890 -24.48 -39.70 -22.44
C ALA C 890 -25.60 -39.01 -23.22
N GLY C 891 -26.83 -39.12 -22.71
CA GLY C 891 -27.98 -38.52 -23.38
C GLY C 891 -29.24 -38.67 -22.55
N PRO C 892 -30.40 -38.39 -23.16
CA PRO C 892 -30.54 -38.01 -24.58
C PRO C 892 -30.25 -36.55 -24.93
N ARG C 893 -30.17 -35.68 -23.93
CA ARG C 893 -30.06 -34.23 -24.20
C ARG C 893 -28.60 -33.78 -24.11
N GLU C 894 -28.34 -32.52 -24.47
CA GLU C 894 -27.01 -31.92 -24.30
C GLU C 894 -26.52 -32.01 -22.85
N SER C 895 -25.21 -32.09 -22.67
CA SER C 895 -24.62 -32.16 -21.33
C SER C 895 -23.23 -31.53 -21.35
N TYR C 896 -22.82 -30.97 -20.21
CA TYR C 896 -21.56 -30.21 -20.10
C TYR C 896 -20.94 -30.60 -18.77
N PRO C 897 -19.64 -30.36 -18.59
CA PRO C 897 -18.93 -30.83 -17.37
C PRO C 897 -19.65 -30.58 -16.05
N ASP C 898 -20.28 -29.41 -15.86
CA ASP C 898 -21.00 -29.15 -14.59
C ASP C 898 -22.53 -29.38 -14.66
N SER C 899 -22.96 -30.11 -15.69
CA SER C 899 -24.39 -30.39 -15.90
C SER C 899 -24.53 -31.79 -16.53
N MET C 900 -24.35 -32.83 -15.71
CA MET C 900 -24.32 -34.22 -16.19
C MET C 900 -25.37 -35.09 -15.52
N HIS C 901 -26.07 -34.56 -14.52
CA HIS C 901 -26.86 -35.46 -13.65
C HIS C 901 -28.04 -36.09 -14.35
N ALA C 902 -28.64 -35.38 -15.31
CA ALA C 902 -29.81 -35.91 -16.00
C ALA C 902 -29.42 -36.68 -17.27
N THR C 903 -28.22 -37.26 -17.30
CA THR C 903 -27.82 -38.07 -18.48
C THR C 903 -27.82 -39.55 -18.11
N MET C 904 -28.00 -40.41 -19.10
CA MET C 904 -27.83 -41.85 -18.97
C MET C 904 -26.94 -42.28 -20.12
N VAL C 905 -26.09 -43.29 -19.88
CA VAL C 905 -25.28 -43.89 -20.92
C VAL C 905 -26.14 -44.98 -21.54
N ALA C 906 -26.38 -44.83 -22.83
CA ALA C 906 -27.31 -45.70 -23.55
C ALA C 906 -27.17 -45.37 -25.03
N ARG C 907 -27.95 -46.04 -25.87
CA ARG C 907 -27.98 -45.72 -27.29
C ARG C 907 -29.08 -44.66 -27.49
N HIS C 908 -28.76 -43.54 -28.13
CA HIS C 908 -29.71 -42.44 -28.28
C HIS C 908 -29.74 -42.04 -29.74
N ALA C 909 -30.79 -41.34 -30.16
CA ALA C 909 -30.88 -40.82 -31.52
C ALA C 909 -31.67 -39.51 -31.57
N ALA C 910 -31.27 -38.57 -32.43
CA ALA C 910 -31.96 -37.30 -32.54
C ALA C 910 -31.79 -36.65 -33.91
N SER C 911 -32.82 -35.98 -34.39
CA SER C 911 -32.69 -35.07 -35.55
C SER C 911 -31.95 -33.79 -35.13
N LEU C 912 -31.56 -32.95 -36.09
CA LEU C 912 -31.00 -31.60 -35.77
C LEU C 912 -31.86 -30.80 -34.80
N GLU C 913 -33.16 -30.71 -35.07
CA GLU C 913 -34.10 -30.05 -34.17
C GLU C 913 -34.12 -30.59 -32.73
N GLU C 914 -33.94 -31.89 -32.57
CA GLU C 914 -33.92 -32.45 -31.23
C GLU C 914 -32.55 -32.33 -30.58
N LEU C 915 -31.50 -32.15 -31.40
CA LEU C 915 -30.14 -32.09 -30.84
C LEU C 915 -29.89 -30.73 -30.18
N ASN C 916 -30.38 -29.68 -30.84
CA ASN C 916 -30.05 -28.31 -30.45
C ASN C 916 -31.20 -27.54 -29.80
N VAL C 917 -30.92 -26.79 -28.74
CA VAL C 917 -31.97 -26.04 -28.04
C VAL C 917 -32.13 -24.62 -28.66
N PRO C 918 -33.35 -24.24 -29.06
CA PRO C 918 -33.48 -22.87 -29.56
C PRO C 918 -33.55 -21.79 -28.45
N TYR C 919 -32.41 -21.54 -27.80
CA TYR C 919 -32.33 -20.44 -26.82
C TYR C 919 -32.65 -19.14 -27.52
N ALA C 920 -33.26 -18.19 -26.77
CA ALA C 920 -33.71 -16.95 -27.36
C ALA C 920 -32.58 -16.21 -28.07
N ARG C 921 -31.38 -16.26 -27.49
CA ARG C 921 -30.20 -15.69 -28.15
C ARG C 921 -29.33 -16.87 -28.54
N PRO C 922 -29.08 -17.04 -29.85
CA PRO C 922 -28.29 -18.19 -30.34
C PRO C 922 -26.94 -18.29 -29.64
N GLN C 923 -26.62 -19.48 -29.15
CA GLN C 923 -25.40 -19.73 -28.36
C GLN C 923 -25.03 -21.21 -28.40
N GLU C 924 -23.93 -21.57 -27.73
CA GLU C 924 -23.52 -22.96 -27.62
C GLU C 924 -24.68 -23.81 -27.11
N THR C 925 -24.92 -24.90 -27.82
CA THR C 925 -25.98 -25.86 -27.47
C THR C 925 -25.69 -27.17 -28.19
N GLY C 926 -26.20 -28.29 -27.67
CA GLY C 926 -26.22 -29.51 -28.48
C GLY C 926 -25.06 -30.49 -28.27
N HIS C 927 -24.11 -30.13 -27.41
CA HIS C 927 -22.99 -31.02 -27.10
C HIS C 927 -23.44 -32.32 -26.42
N ARG C 928 -23.10 -33.45 -27.05
CA ARG C 928 -23.34 -34.76 -26.43
C ARG C 928 -22.01 -35.32 -25.91
N SER C 929 -21.95 -35.62 -24.62
CA SER C 929 -20.72 -36.06 -23.93
C SER C 929 -20.52 -37.57 -23.86
N ASP C 930 -19.29 -37.97 -23.53
CA ASP C 930 -18.93 -39.38 -23.22
C ASP C 930 -19.31 -40.38 -24.32
N VAL C 931 -18.95 -40.04 -25.56
CA VAL C 931 -19.39 -40.76 -26.73
C VAL C 931 -18.42 -41.89 -27.08
N ARG C 932 -18.96 -43.10 -27.19
CA ARG C 932 -18.22 -44.31 -27.65
C ARG C 932 -18.16 -44.34 -29.18
N TRP C 933 -19.30 -44.01 -29.79
CA TRP C 933 -19.45 -43.96 -31.24
C TRP C 933 -20.60 -43.07 -31.63
N LEU C 934 -20.52 -42.51 -32.83
CA LEU C 934 -21.60 -41.73 -33.39
C LEU C 934 -21.86 -42.17 -34.82
N GLU C 935 -23.11 -42.04 -35.25
CA GLU C 935 -23.46 -42.35 -36.60
C GLU C 935 -24.20 -41.15 -37.13
N LEU C 936 -23.80 -40.67 -38.29
CA LEU C 936 -24.48 -39.57 -38.91
C LEU C 936 -25.42 -40.10 -40.00
N ASP C 937 -26.63 -39.57 -40.00
CA ASP C 937 -27.67 -39.97 -40.93
C ASP C 937 -27.96 -38.86 -41.94
N ARG C 938 -28.37 -39.26 -43.14
CA ARG C 938 -28.94 -38.33 -44.11
C ARG C 938 -30.40 -38.67 -44.36
N ALA C 939 -31.30 -37.85 -43.83
CA ALA C 939 -32.74 -38.15 -43.88
C ALA C 939 -33.03 -39.55 -43.33
N GLY C 940 -32.52 -39.82 -42.13
CA GLY C 940 -32.72 -41.12 -41.48
C GLY C 940 -31.84 -42.24 -42.00
N ALA C 941 -31.28 -42.11 -43.21
CA ALA C 941 -30.38 -43.13 -43.75
C ALA C 941 -28.97 -42.95 -43.20
N PRO C 942 -28.48 -43.95 -42.43
CA PRO C 942 -27.13 -43.87 -41.83
C PRO C 942 -26.04 -43.75 -42.90
N TRP C 943 -25.15 -42.78 -42.73
CA TRP C 943 -24.12 -42.48 -43.71
C TRP C 943 -22.71 -42.77 -43.19
N LEU C 944 -22.35 -42.24 -42.03
CA LEU C 944 -20.96 -42.31 -41.58
C LEU C 944 -20.95 -42.71 -40.13
N ARG C 945 -20.00 -43.57 -39.77
CA ARG C 945 -19.84 -43.98 -38.39
C ARG C 945 -18.46 -43.57 -37.91
N ILE C 946 -18.40 -43.03 -36.71
CA ILE C 946 -17.10 -42.67 -36.15
C ILE C 946 -17.02 -43.31 -34.78
N ASP C 947 -16.01 -44.17 -34.57
CA ASP C 947 -15.80 -44.75 -33.24
C ASP C 947 -14.65 -44.02 -32.59
N ALA C 948 -14.80 -43.71 -31.31
CA ALA C 948 -13.79 -42.94 -30.60
C ALA C 948 -13.23 -43.80 -29.49
N GLU C 949 -11.92 -43.88 -29.43
CA GLU C 949 -11.22 -44.60 -28.38
C GLU C 949 -10.85 -43.62 -27.26
N PRO C 950 -11.02 -44.02 -25.97
CA PRO C 950 -10.61 -43.14 -24.86
C PRO C 950 -9.11 -42.80 -24.91
N ASP C 951 -8.74 -41.59 -24.48
CA ASP C 951 -7.32 -41.19 -24.51
C ASP C 951 -6.56 -41.86 -23.35
N ALA C 952 -5.30 -41.51 -23.18
CA ALA C 952 -4.45 -42.13 -22.14
C ALA C 952 -5.03 -42.03 -20.73
N ALA C 953 -5.75 -40.94 -20.45
CA ALA C 953 -6.38 -40.71 -19.15
C ALA C 953 -7.81 -41.30 -19.05
N GLY C 954 -8.26 -42.02 -20.08
CA GLY C 954 -9.62 -42.60 -20.05
C GLY C 954 -10.74 -41.66 -20.48
N ARG C 955 -10.39 -40.45 -20.94
CA ARG C 955 -11.37 -39.47 -21.35
C ARG C 955 -11.96 -39.75 -22.72
N ARG C 956 -13.27 -39.55 -22.85
CA ARG C 956 -13.96 -39.76 -24.13
C ARG C 956 -14.39 -38.42 -24.67
N PRO C 957 -14.43 -38.28 -26.01
CA PRO C 957 -14.84 -37.03 -26.64
C PRO C 957 -16.35 -36.91 -26.67
N GLY C 958 -16.85 -35.75 -27.07
CA GLY C 958 -18.27 -35.57 -27.34
C GLY C 958 -18.44 -35.02 -28.74
N PHE C 959 -19.68 -34.72 -29.13
CA PHE C 959 -19.93 -34.15 -30.45
C PHE C 959 -21.15 -33.21 -30.43
N SER C 960 -21.21 -32.32 -31.42
CA SER C 960 -22.40 -31.52 -31.75
C SER C 960 -22.57 -31.52 -33.27
N LEU C 961 -23.80 -31.37 -33.73
CA LEU C 961 -24.07 -31.25 -35.15
C LEU C 961 -24.89 -29.98 -35.27
N ALA C 962 -24.46 -29.09 -36.17
CA ALA C 962 -25.06 -27.77 -36.26
C ALA C 962 -25.29 -27.39 -37.72
N ARG C 963 -26.18 -26.44 -37.95
CA ARG C 963 -26.46 -26.00 -39.31
C ARG C 963 -25.61 -24.78 -39.68
N HIS C 964 -24.92 -24.23 -38.68
CA HIS C 964 -24.05 -23.06 -38.85
C HIS C 964 -22.79 -23.20 -38.00
N THR C 965 -21.76 -22.44 -38.32
CA THR C 965 -20.54 -22.51 -37.53
C THR C 965 -20.73 -21.76 -36.21
N ALA C 966 -19.86 -22.02 -35.24
CA ALA C 966 -19.94 -21.34 -33.95
C ALA C 966 -19.79 -19.81 -34.10
N GLN C 967 -19.03 -19.39 -35.12
CA GLN C 967 -18.82 -17.97 -35.41
C GLN C 967 -20.12 -17.31 -35.90
N GLU C 968 -20.83 -18.00 -36.79
CA GLU C 968 -22.09 -17.51 -37.34
C GLU C 968 -23.16 -17.43 -36.27
N ILE C 969 -23.26 -18.48 -35.46
CA ILE C 969 -24.16 -18.50 -34.29
C ILE C 969 -23.90 -17.35 -33.32
N ALA C 970 -22.65 -17.15 -32.94
CA ALA C 970 -22.25 -16.03 -32.06
C ALA C 970 -22.69 -14.67 -32.59
N ALA C 971 -22.74 -14.51 -33.91
CA ALA C 971 -22.99 -13.21 -34.53
C ALA C 971 -24.49 -12.87 -34.60
N ALA C 972 -25.37 -13.84 -34.38
CA ALA C 972 -26.83 -13.65 -34.55
C ALA C 972 -27.53 -13.36 -33.21
N GLY C 973 -28.34 -12.30 -33.16
CA GLY C 973 -29.11 -11.90 -31.97
C GLY C 973 -30.34 -12.78 -31.71
N HIS C 974 -30.93 -13.28 -32.79
CA HIS C 974 -32.13 -14.16 -32.75
C HIS C 974 -31.97 -15.28 -33.77
N PRO C 975 -32.62 -16.42 -33.52
CA PRO C 975 -32.56 -17.51 -34.51
C PRO C 975 -32.89 -17.07 -35.93
N HIS C 976 -33.91 -16.24 -36.11
CA HIS C 976 -34.32 -15.85 -37.47
C HIS C 976 -33.28 -15.00 -38.19
N GLU C 977 -32.26 -14.49 -37.48
CA GLU C 977 -31.21 -13.70 -38.13
C GLU C 977 -30.07 -14.54 -38.77
N LEU C 978 -30.09 -15.85 -38.56
CA LEU C 978 -29.07 -16.72 -39.18
C LEU C 978 -29.30 -16.88 -40.69
N PRO C 979 -28.22 -16.96 -41.50
CA PRO C 979 -28.36 -17.17 -42.96
C PRO C 979 -28.89 -18.56 -43.34
N THR C 980 -29.36 -18.72 -44.59
CA THR C 980 -29.70 -20.06 -45.10
C THR C 980 -28.45 -20.92 -44.97
N PRO C 981 -28.57 -22.11 -44.35
CA PRO C 981 -27.44 -23.04 -44.20
C PRO C 981 -26.84 -23.47 -45.53
N SER C 982 -25.52 -23.57 -45.56
CA SER C 982 -24.82 -24.06 -46.74
C SER C 982 -24.05 -25.36 -46.49
N HIS C 983 -23.90 -25.69 -45.20
CA HIS C 983 -23.33 -26.95 -44.75
C HIS C 983 -24.02 -27.40 -43.49
N SER C 984 -23.82 -28.67 -43.15
CA SER C 984 -23.99 -29.12 -41.78
C SER C 984 -22.57 -29.22 -41.23
N TYR C 985 -22.40 -28.97 -39.94
CA TYR C 985 -21.09 -28.97 -39.30
C TYR C 985 -21.09 -29.98 -38.17
N LEU C 986 -20.13 -30.89 -38.18
CA LEU C 986 -19.89 -31.77 -37.07
C LEU C 986 -18.69 -31.23 -36.31
N TYR C 987 -18.88 -30.99 -35.02
CA TYR C 987 -17.77 -30.71 -34.11
C TYR C 987 -17.56 -31.94 -33.23
N VAL C 988 -16.33 -32.45 -33.21
CA VAL C 988 -15.92 -33.48 -32.28
C VAL C 988 -15.01 -32.84 -31.27
N ASP C 989 -15.49 -32.74 -30.03
CA ASP C 989 -14.77 -32.02 -28.99
C ASP C 989 -14.10 -32.97 -28.04
N ALA C 990 -12.79 -32.80 -27.84
CA ALA C 990 -12.13 -33.43 -26.71
C ALA C 990 -12.61 -32.82 -25.40
N ALA C 991 -12.92 -31.52 -25.41
CA ALA C 991 -13.36 -30.82 -24.19
C ALA C 991 -14.31 -29.67 -24.47
N GLN C 992 -15.22 -29.42 -23.52
CA GLN C 992 -16.04 -28.20 -23.47
C GLN C 992 -15.89 -27.52 -22.12
N HIS C 993 -15.91 -26.20 -22.13
CA HIS C 993 -15.92 -25.43 -20.90
C HIS C 993 -17.28 -25.65 -20.20
N GLY C 994 -17.29 -25.61 -18.86
CA GLY C 994 -18.52 -25.72 -18.10
C GLY C 994 -19.48 -24.55 -18.26
N LEU C 995 -20.62 -24.60 -17.57
CA LEU C 995 -21.66 -23.58 -17.79
C LEU C 995 -21.70 -22.48 -16.72
N GLY C 996 -21.66 -22.86 -15.47
CA GLY C 996 -21.73 -21.94 -14.33
C GLY C 996 -23.05 -21.19 -14.34
N SER C 997 -23.06 -19.97 -13.80
CA SER C 997 -24.25 -19.08 -13.90
C SER C 997 -23.85 -17.62 -13.83
N ARG C 998 -22.71 -17.28 -14.45
CA ARG C 998 -22.10 -15.94 -14.30
C ARG C 998 -22.92 -14.77 -14.87
N ALA C 999 -23.93 -15.03 -15.71
CA ALA C 999 -24.82 -13.92 -16.12
C ALA C 999 -25.40 -13.27 -14.86
N CYS C 1000 -25.64 -14.08 -13.82
CA CYS C 1000 -26.07 -13.55 -12.50
C CYS C 1000 -25.79 -14.61 -11.44
N GLY C 1001 -24.56 -14.67 -10.95
CA GLY C 1001 -24.22 -15.73 -10.02
C GLY C 1001 -22.78 -16.17 -10.23
N PRO C 1002 -22.37 -17.23 -9.52
CA PRO C 1002 -20.97 -17.68 -9.53
C PRO C 1002 -20.53 -18.09 -10.93
N ASP C 1003 -19.25 -17.90 -11.22
CA ASP C 1003 -18.55 -18.44 -12.38
C ASP C 1003 -18.59 -19.98 -12.33
N VAL C 1004 -18.20 -20.63 -13.42
CA VAL C 1004 -18.01 -22.08 -13.47
C VAL C 1004 -17.10 -22.52 -12.31
N TRP C 1005 -17.53 -23.52 -11.55
CA TRP C 1005 -16.71 -24.01 -10.44
C TRP C 1005 -15.42 -24.59 -11.02
N PRO C 1006 -14.26 -24.29 -10.39
CA PRO C 1006 -12.97 -24.65 -11.04
C PRO C 1006 -12.83 -26.12 -11.52
N ASP C 1007 -13.44 -27.07 -10.81
CA ASP C 1007 -13.41 -28.48 -11.24
C ASP C 1007 -13.92 -28.71 -12.66
N PHE C 1008 -14.69 -27.75 -13.17
CA PHE C 1008 -15.44 -27.93 -14.43
C PHE C 1008 -15.07 -26.90 -15.50
N ALA C 1009 -14.04 -26.09 -15.19
CA ALA C 1009 -13.60 -25.01 -16.07
C ALA C 1009 -12.48 -25.51 -16.99
N LEU C 1010 -12.53 -25.15 -18.27
CA LEU C 1010 -11.52 -25.60 -19.23
C LEU C 1010 -10.31 -24.66 -19.35
N ARG C 1011 -9.11 -25.14 -18.99
CA ARG C 1011 -7.89 -24.35 -19.17
C ARG C 1011 -7.04 -25.00 -20.25
N PRO C 1012 -6.15 -24.24 -20.91
CA PRO C 1012 -5.35 -24.80 -22.01
C PRO C 1012 -4.71 -26.15 -21.66
N GLU C 1013 -4.80 -27.10 -22.57
CA GLU C 1013 -4.18 -28.42 -22.39
C GLU C 1013 -3.98 -29.05 -23.76
N ALA C 1014 -3.09 -30.03 -23.81
CA ALA C 1014 -2.85 -30.79 -25.02
C ALA C 1014 -3.87 -31.92 -24.99
N ARG C 1015 -4.46 -32.26 -26.15
CA ARG C 1015 -5.45 -33.34 -26.18
C ARG C 1015 -5.20 -34.18 -27.42
N THR C 1016 -5.65 -35.45 -27.38
CA THR C 1016 -5.59 -36.36 -28.51
C THR C 1016 -6.99 -36.88 -28.80
N LEU C 1017 -7.32 -36.96 -30.08
CA LEU C 1017 -8.53 -37.66 -30.51
C LEU C 1017 -8.11 -38.94 -31.24
N LYS C 1018 -8.73 -40.08 -30.90
CA LYS C 1018 -8.39 -41.35 -31.57
C LYS C 1018 -9.66 -41.89 -32.19
N LEU C 1019 -9.75 -41.76 -33.51
CA LEU C 1019 -10.98 -42.05 -34.22
C LEU C 1019 -10.78 -43.17 -35.24
N ARG C 1020 -11.85 -43.92 -35.49
CA ARG C 1020 -11.95 -44.89 -36.61
C ARG C 1020 -13.18 -44.50 -37.40
N ILE C 1021 -13.01 -44.30 -38.71
CA ILE C 1021 -14.06 -43.73 -39.52
C ILE C 1021 -14.44 -44.75 -40.57
N SER C 1022 -15.74 -45.00 -40.70
CA SER C 1022 -16.22 -46.00 -41.66
C SER C 1022 -17.58 -45.63 -42.25
N PRO C 1023 -17.95 -46.26 -43.40
CA PRO C 1023 -19.33 -46.06 -43.88
C PRO C 1023 -20.29 -46.78 -42.92
N ALA C 1024 -21.42 -46.16 -42.61
CA ALA C 1024 -22.34 -46.70 -41.63
C ALA C 1024 -23.09 -47.93 -42.17
N ALA D 5 10.74 -27.72 -56.83
CA ALA D 5 10.88 -26.24 -56.86
C ALA D 5 11.05 -25.70 -55.44
N ASP D 6 12.06 -24.84 -55.28
CA ASP D 6 12.43 -24.30 -53.98
C ASP D 6 11.74 -22.96 -53.75
N VAL D 7 10.84 -22.91 -52.75
CA VAL D 7 10.11 -21.67 -52.40
C VAL D 7 10.53 -21.11 -51.03
N SER D 8 11.73 -21.50 -50.58
CA SER D 8 12.29 -20.97 -49.35
C SER D 8 12.55 -19.44 -49.44
N TYR D 9 12.62 -18.90 -50.66
CA TYR D 9 12.80 -17.45 -50.87
C TYR D 9 11.67 -16.63 -50.23
N LEU D 10 10.49 -17.22 -50.11
CA LEU D 10 9.33 -16.53 -49.58
C LEU D 10 9.50 -16.18 -48.08
N THR D 11 10.21 -17.02 -47.33
CA THR D 11 10.41 -16.84 -45.89
C THR D 11 11.86 -16.51 -45.48
N ASP D 12 12.74 -16.40 -46.47
CA ASP D 12 14.13 -16.04 -46.21
C ASP D 12 14.26 -14.65 -45.57
N GLN D 13 15.13 -14.54 -44.57
CA GLN D 13 15.26 -13.28 -43.83
C GLN D 13 16.39 -12.40 -44.38
N GLY D 14 17.03 -12.84 -45.46
CA GLY D 14 18.15 -12.06 -46.08
C GLY D 14 17.65 -10.94 -46.97
N PRO D 15 18.56 -10.12 -47.53
CA PRO D 15 18.21 -8.89 -48.28
C PRO D 15 17.59 -9.11 -49.67
N GLY D 16 17.64 -10.35 -50.16
CA GLY D 16 17.27 -10.64 -51.55
C GLY D 16 18.35 -11.53 -52.17
N SER D 17 18.13 -12.00 -53.38
CA SER D 17 19.09 -12.88 -54.01
C SER D 17 19.14 -12.69 -55.52
N GLY D 18 20.14 -13.34 -56.12
CA GLY D 18 20.27 -13.37 -57.56
C GLY D 18 21.30 -12.39 -58.08
N ARG D 19 21.08 -11.89 -59.29
CA ARG D 19 22.05 -11.03 -59.96
C ARG D 19 21.90 -9.57 -59.50
N ARG D 20 22.10 -9.34 -58.20
CA ARG D 20 21.91 -8.03 -57.60
C ARG D 20 23.06 -7.07 -57.97
N VAL D 21 22.71 -5.82 -58.31
CA VAL D 21 23.69 -4.77 -58.65
C VAL D 21 23.89 -3.90 -57.37
N PRO D 22 25.16 -3.51 -57.05
CA PRO D 22 25.41 -2.66 -55.86
C PRO D 22 24.53 -1.41 -55.89
N ALA D 23 23.97 -1.05 -54.74
CA ALA D 23 23.14 0.15 -54.62
C ALA D 23 23.89 1.40 -55.08
N ARG D 24 23.18 2.30 -55.75
CA ARG D 24 23.77 3.56 -56.24
C ARG D 24 22.70 4.64 -56.29
N SER D 25 23.08 5.87 -56.65
CA SER D 25 22.10 6.95 -56.79
C SER D 25 21.12 6.75 -57.92
N TRP D 26 19.95 7.36 -57.76
CA TRP D 26 19.00 7.59 -58.84
C TRP D 26 19.47 8.87 -59.49
N LEU D 27 19.85 8.74 -60.76
CA LEU D 27 20.58 9.81 -61.45
C LEU D 27 19.94 10.18 -62.76
N HIS D 28 20.03 11.45 -63.13
CA HIS D 28 19.57 11.84 -64.47
C HIS D 28 20.73 11.64 -65.44
N SER D 29 20.72 10.50 -66.13
CA SER D 29 21.82 10.15 -67.06
C SER D 29 21.28 10.19 -68.50
N ASP D 30 22.15 10.50 -69.46
CA ASP D 30 21.77 10.34 -70.87
C ASP D 30 21.96 8.90 -71.45
N ALA D 31 22.33 7.94 -70.59
CA ALA D 31 22.46 6.53 -71.00
C ALA D 31 21.16 6.01 -71.63
N PRO D 32 21.27 5.12 -72.65
CA PRO D 32 20.04 4.57 -73.26
C PRO D 32 19.16 3.88 -72.20
N ALA D 33 17.86 4.12 -72.24
CA ALA D 33 16.96 3.55 -71.25
C ALA D 33 15.59 3.37 -71.85
N LEU D 34 14.86 2.41 -71.31
CA LEU D 34 13.49 2.30 -71.69
C LEU D 34 12.61 1.90 -70.51
N SER D 35 11.36 2.36 -70.58
CA SER D 35 10.37 2.10 -69.56
C SER D 35 9.64 0.82 -69.92
N LEU D 36 9.51 -0.08 -68.97
CA LEU D 36 8.63 -1.26 -69.13
C LEU D 36 7.21 -1.06 -68.54
N ASN D 37 6.90 0.16 -68.10
CA ASN D 37 5.53 0.48 -67.67
C ASN D 37 4.53 0.25 -68.80
N GLY D 38 3.29 -0.10 -68.44
CA GLY D 38 2.23 -0.39 -69.44
C GLY D 38 1.23 -1.40 -68.91
N ASP D 39 0.49 -2.04 -69.81
CA ASP D 39 -0.49 -3.05 -69.42
C ASP D 39 0.15 -4.41 -69.58
N TRP D 40 0.39 -5.08 -68.46
CA TRP D 40 1.06 -6.38 -68.52
C TRP D 40 -0.01 -7.45 -68.44
N ARG D 41 0.27 -8.65 -68.93
CA ARG D 41 -0.57 -9.83 -68.65
C ARG D 41 -0.51 -10.14 -67.15
N PHE D 42 -1.65 -10.46 -66.54
CA PHE D 42 -1.73 -10.64 -65.08
C PHE D 42 -2.73 -11.71 -64.69
N ARG D 43 -2.37 -12.53 -63.68
CA ARG D 43 -3.38 -13.31 -62.95
C ARG D 43 -3.12 -13.27 -61.45
N LEU D 44 -4.20 -13.35 -60.66
CA LEU D 44 -4.04 -13.39 -59.20
C LEU D 44 -4.32 -14.83 -58.74
N LEU D 45 -3.38 -15.39 -57.98
CA LEU D 45 -3.56 -16.68 -57.33
C LEU D 45 -3.84 -16.45 -55.85
N PRO D 46 -4.65 -17.31 -55.22
CA PRO D 46 -4.99 -17.14 -53.79
C PRO D 46 -3.89 -17.57 -52.83
N ALA D 47 -2.87 -18.24 -53.35
CA ALA D 47 -1.79 -18.77 -52.53
C ALA D 47 -0.49 -18.82 -53.32
N ALA D 48 0.64 -19.00 -52.64
CA ALA D 48 1.96 -19.07 -53.30
C ALA D 48 2.20 -20.50 -53.80
N PRO D 49 2.34 -20.68 -55.13
CA PRO D 49 2.63 -22.00 -55.66
C PRO D 49 3.84 -22.64 -55.00
N GLY D 50 3.74 -23.96 -54.74
CA GLY D 50 4.87 -24.72 -54.23
C GLY D 50 4.97 -24.73 -52.71
N THR D 51 4.15 -23.93 -52.02
CA THR D 51 4.07 -23.99 -50.54
C THR D 51 3.20 -25.19 -50.10
N ALA D 52 3.43 -25.70 -48.89
CA ALA D 52 2.78 -26.93 -48.41
C ALA D 52 1.24 -26.86 -48.41
N GLY D 53 0.70 -25.70 -48.09
CA GLY D 53 -0.74 -25.48 -48.08
C GLY D 53 -1.33 -24.95 -49.36
N ALA D 54 -0.64 -25.15 -50.49
CA ALA D 54 -1.09 -24.69 -51.82
C ALA D 54 -0.99 -25.80 -52.87
N GLY D 55 -1.32 -27.03 -52.48
CA GLY D 55 -1.13 -28.21 -53.35
C GLY D 55 -1.81 -28.19 -54.71
N SER D 56 -2.97 -27.53 -54.82
CA SER D 56 -3.66 -27.45 -56.11
C SER D 56 -4.05 -26.00 -56.49
N VAL D 57 -3.14 -25.07 -56.27
CA VAL D 57 -3.39 -23.66 -56.62
C VAL D 57 -3.33 -23.38 -58.13
N LEU D 58 -2.42 -24.06 -58.84
CA LEU D 58 -2.23 -23.82 -60.28
C LEU D 58 -3.15 -24.71 -61.16
N PRO D 59 -3.38 -24.31 -62.43
CA PRO D 59 -4.14 -25.19 -63.34
C PRO D 59 -3.45 -26.52 -63.53
N SER D 60 -4.24 -27.57 -63.75
CA SER D 60 -3.70 -28.91 -63.98
C SER D 60 -2.59 -28.89 -65.04
N GLY D 61 -1.45 -29.52 -64.73
CA GLY D 61 -0.35 -29.62 -65.67
C GLY D 61 0.67 -28.49 -65.63
N GLU D 62 0.35 -27.37 -64.95
CA GLU D 62 1.35 -26.29 -64.80
C GLU D 62 2.32 -26.58 -63.65
N THR D 63 3.62 -26.47 -63.89
CA THR D 63 4.63 -26.64 -62.83
C THR D 63 4.75 -25.38 -61.93
N VAL D 64 5.39 -25.52 -60.77
CA VAL D 64 5.39 -24.45 -59.74
C VAL D 64 5.90 -23.15 -60.33
N GLU D 65 6.97 -23.23 -61.13
CA GLU D 65 7.51 -22.05 -61.80
C GLU D 65 7.40 -22.04 -63.33
N GLY D 66 6.46 -22.84 -63.86
CA GLY D 66 6.14 -22.88 -65.29
C GLY D 66 5.79 -21.56 -65.96
N VAL D 67 5.19 -20.63 -65.19
CA VAL D 67 4.83 -19.29 -65.67
C VAL D 67 6.00 -18.50 -66.30
N ALA D 68 7.21 -18.84 -65.90
CA ALA D 68 8.41 -18.14 -66.33
C ALA D 68 8.80 -18.45 -67.78
N ALA D 69 8.32 -19.60 -68.26
CA ALA D 69 8.79 -20.16 -69.53
C ALA D 69 8.38 -19.35 -70.75
N GLU D 70 9.28 -19.23 -71.72
CA GLU D 70 8.94 -18.52 -72.96
C GLU D 70 7.80 -19.21 -73.74
N SER D 71 7.71 -20.53 -73.56
CA SER D 71 6.69 -21.39 -74.17
C SER D 71 5.30 -21.28 -73.52
N TYR D 72 5.21 -20.64 -72.35
CA TYR D 72 3.96 -20.52 -71.62
C TYR D 72 2.91 -19.69 -72.35
N ASP D 73 1.69 -20.19 -72.41
CA ASP D 73 0.63 -19.50 -73.10
C ASP D 73 -0.28 -18.75 -72.14
N ASP D 74 -0.28 -17.43 -72.23
CA ASP D 74 -1.08 -16.57 -71.35
C ASP D 74 -2.09 -15.76 -72.17
N ALA D 75 -2.41 -16.29 -73.34
CA ALA D 75 -3.34 -15.62 -74.26
C ALA D 75 -4.67 -15.26 -73.63
N ALA D 76 -5.18 -16.13 -72.76
CA ALA D 76 -6.48 -15.85 -72.14
C ALA D 76 -6.42 -14.92 -70.91
N TRP D 77 -5.22 -14.55 -70.46
CA TRP D 77 -5.07 -13.73 -69.24
C TRP D 77 -5.60 -12.32 -69.36
N ASP D 78 -6.08 -11.77 -68.25
CA ASP D 78 -6.40 -10.35 -68.17
C ASP D 78 -5.10 -9.53 -68.25
N THR D 79 -5.23 -8.20 -68.29
CA THR D 79 -4.07 -7.33 -68.17
C THR D 79 -4.26 -6.38 -66.98
N LEU D 80 -3.17 -5.85 -66.45
CA LEU D 80 -3.21 -4.94 -65.31
C LEU D 80 -2.22 -3.83 -65.59
N PRO D 81 -2.58 -2.57 -65.31
CA PRO D 81 -1.57 -1.50 -65.46
C PRO D 81 -0.40 -1.71 -64.50
N VAL D 82 0.79 -1.39 -64.98
CA VAL D 82 2.00 -1.32 -64.18
C VAL D 82 2.60 0.07 -64.49
N PRO D 83 2.82 0.90 -63.46
CA PRO D 83 2.61 0.68 -62.03
C PRO D 83 1.16 0.78 -61.56
N SER D 84 0.77 -0.12 -60.66
CA SER D 84 -0.50 0.02 -59.89
C SER D 84 -0.46 -0.95 -58.72
N HIS D 85 -1.48 -0.88 -57.85
CA HIS D 85 -1.68 -1.96 -56.88
C HIS D 85 -2.83 -2.81 -57.43
N TRP D 86 -2.73 -4.13 -57.34
CA TRP D 86 -3.84 -4.93 -57.88
C TRP D 86 -5.16 -4.81 -57.11
N VAL D 87 -5.10 -4.34 -55.85
CA VAL D 87 -6.28 -4.14 -55.03
C VAL D 87 -6.94 -2.75 -55.18
N MET D 88 -6.45 -1.99 -56.17
CA MET D 88 -6.95 -0.62 -56.45
C MET D 88 -7.36 -0.48 -57.90
N GLY D 89 -8.42 0.29 -58.15
CA GLY D 89 -8.83 0.67 -59.50
C GLY D 89 -9.41 -0.45 -60.36
N GLN D 90 -9.85 -1.53 -59.72
CA GLN D 90 -10.35 -2.70 -60.42
C GLN D 90 -11.72 -3.14 -59.89
N ASP D 91 -12.40 -2.27 -59.14
CA ASP D 91 -13.72 -2.61 -58.54
C ASP D 91 -13.75 -3.86 -57.64
N GLY D 92 -12.64 -4.15 -56.97
CA GLY D 92 -12.58 -5.31 -56.09
C GLY D 92 -12.31 -6.64 -56.77
N LYS D 93 -12.07 -6.62 -58.08
CA LYS D 93 -11.88 -7.86 -58.86
C LYS D 93 -10.76 -8.73 -58.29
N TYR D 94 -9.67 -8.09 -57.84
CA TYR D 94 -8.53 -8.81 -57.30
C TYR D 94 -8.37 -8.55 -55.78
N GLY D 95 -9.50 -8.43 -55.10
CA GLY D 95 -9.49 -8.15 -53.66
C GLY D 95 -9.44 -6.68 -53.33
N ARG D 96 -9.29 -6.41 -52.04
CA ARG D 96 -9.34 -5.05 -51.53
C ARG D 96 -8.19 -4.70 -50.59
N PRO D 97 -7.95 -3.40 -50.39
CA PRO D 97 -7.02 -2.92 -49.38
C PRO D 97 -7.40 -3.42 -47.98
N ILE D 98 -6.43 -3.51 -47.08
CA ILE D 98 -6.69 -3.92 -45.69
C ILE D 98 -6.01 -2.85 -44.86
N TYR D 99 -6.74 -2.21 -43.93
CA TYR D 99 -6.06 -1.22 -43.08
C TYR D 99 -5.79 -1.72 -41.65
N THR D 100 -4.53 -1.75 -41.24
CA THR D 100 -4.24 -1.92 -39.81
C THR D 100 -3.31 -0.81 -39.39
N ASN D 101 -3.38 -0.45 -38.13
CA ASN D 101 -2.50 0.56 -37.59
C ASN D 101 -1.24 -0.16 -37.03
N VAL D 102 -1.35 -0.73 -35.83
CA VAL D 102 -0.21 -1.46 -35.22
C VAL D 102 -0.30 -2.98 -35.45
N GLN D 103 -1.49 -3.55 -35.33
CA GLN D 103 -1.63 -5.01 -35.40
C GLN D 103 -1.23 -5.59 -36.75
N TYR D 104 -0.50 -6.71 -36.75
CA TYR D 104 -0.25 -7.37 -38.03
C TYR D 104 -1.54 -8.09 -38.46
N PRO D 105 -1.80 -8.11 -39.78
CA PRO D 105 -2.96 -8.86 -40.27
C PRO D 105 -2.70 -10.38 -40.42
N PHE D 106 -1.61 -10.90 -39.83
CA PHE D 106 -1.28 -12.33 -39.89
C PHE D 106 -0.69 -12.68 -38.52
N PRO D 107 -0.66 -13.98 -38.18
CA PRO D 107 -0.06 -14.33 -36.90
C PRO D 107 1.38 -13.85 -36.75
N ILE D 108 1.77 -13.55 -35.52
CA ILE D 108 3.14 -13.13 -35.29
C ILE D 108 3.98 -14.38 -35.12
N ASP D 109 4.46 -14.92 -36.24
CA ASP D 109 5.18 -16.17 -36.24
C ASP D 109 6.38 -16.10 -37.21
N PRO D 110 7.34 -15.16 -36.98
CA PRO D 110 8.38 -14.89 -38.01
C PRO D 110 9.27 -16.12 -38.24
N PRO D 111 9.67 -16.38 -39.49
CA PRO D 111 9.39 -15.61 -40.72
C PRO D 111 8.18 -16.09 -41.51
N HIS D 112 7.27 -16.83 -40.88
CA HIS D 112 6.19 -17.51 -41.63
C HIS D 112 5.05 -16.59 -41.93
N VAL D 113 4.39 -16.84 -43.06
CA VAL D 113 3.22 -16.07 -43.48
C VAL D 113 2.06 -17.02 -43.80
N PRO D 114 0.83 -16.47 -43.90
CA PRO D 114 -0.34 -17.32 -44.08
C PRO D 114 -0.39 -18.02 -45.44
N ASP D 115 -1.15 -19.12 -45.46
CA ASP D 115 -1.39 -19.88 -46.66
C ASP D 115 -2.21 -19.05 -47.65
N ALA D 116 -3.19 -18.29 -47.15
CA ALA D 116 -3.98 -17.39 -47.99
C ALA D 116 -3.10 -16.15 -48.24
N ASN D 117 -2.48 -16.12 -49.42
CA ASN D 117 -1.40 -15.17 -49.68
C ASN D 117 -1.51 -14.81 -51.13
N PRO D 118 -2.30 -13.75 -51.44
CA PRO D 118 -2.54 -13.31 -52.80
C PRO D 118 -1.20 -13.13 -53.52
N THR D 119 -1.06 -13.82 -54.65
CA THR D 119 0.18 -13.88 -55.40
C THR D 119 -0.13 -13.50 -56.85
N GLY D 120 0.52 -12.43 -57.32
CA GLY D 120 0.23 -11.89 -58.66
C GLY D 120 1.33 -12.29 -59.61
N ASP D 121 0.97 -12.91 -60.74
CA ASP D 121 1.94 -13.21 -61.79
C ASP D 121 1.79 -12.18 -62.91
N PHE D 122 2.91 -11.59 -63.29
CA PHE D 122 2.93 -10.51 -64.29
C PHE D 122 3.81 -10.94 -65.46
N ARG D 123 3.35 -10.75 -66.69
CA ARG D 123 4.11 -11.17 -67.88
C ARG D 123 4.13 -10.07 -68.96
N ARG D 124 5.33 -9.74 -69.42
CA ARG D 124 5.55 -8.59 -70.29
C ARG D 124 6.53 -8.95 -71.40
N ARG D 125 6.14 -8.68 -72.66
CA ARG D 125 7.07 -8.76 -73.81
C ARG D 125 7.52 -7.35 -74.15
N PHE D 126 8.77 -7.23 -74.58
CA PHE D 126 9.34 -5.93 -74.90
C PHE D 126 10.51 -6.09 -75.87
N ASP D 127 10.81 -5.03 -76.61
CA ASP D 127 11.93 -5.04 -77.55
C ASP D 127 13.16 -4.35 -77.00
N VAL D 128 14.33 -4.95 -77.23
CA VAL D 128 15.59 -4.32 -76.87
C VAL D 128 16.38 -4.03 -78.18
N PRO D 129 16.78 -2.76 -78.40
CA PRO D 129 17.60 -2.47 -79.62
C PRO D 129 18.85 -3.32 -79.77
N ALA D 130 19.14 -3.71 -81.00
CA ALA D 130 20.38 -4.43 -81.30
C ALA D 130 21.59 -3.61 -80.85
N GLN D 131 21.48 -2.29 -80.94
CA GLN D 131 22.56 -1.37 -80.55
C GLN D 131 23.02 -1.53 -79.10
N TRP D 132 22.12 -2.00 -78.23
CA TRP D 132 22.43 -2.14 -76.81
C TRP D 132 23.36 -3.31 -76.57
N PHE D 133 23.59 -4.11 -77.62
CA PHE D 133 24.51 -5.22 -77.49
C PHE D 133 25.87 -4.94 -78.12
N GLU D 134 26.02 -3.74 -78.69
CA GLU D 134 27.32 -3.29 -79.18
C GLU D 134 28.30 -3.03 -78.03
N SER D 135 29.59 -3.06 -78.35
CA SER D 135 30.66 -2.91 -77.35
C SER D 135 30.59 -1.55 -76.63
N THR D 136 29.80 -0.61 -77.14
CA THR D 136 29.60 0.70 -76.47
C THR D 136 28.78 0.58 -75.16
N THR D 137 28.12 -0.57 -75.00
CA THR D 137 27.34 -0.90 -73.81
C THR D 137 28.06 -1.98 -73.00
N ALA D 138 28.32 -1.70 -71.73
CA ALA D 138 29.05 -2.62 -70.87
C ALA D 138 28.15 -3.64 -70.15
N ALA D 139 26.93 -3.23 -69.82
CA ALA D 139 25.99 -4.06 -69.04
C ALA D 139 24.58 -3.58 -69.28
N LEU D 140 23.62 -4.45 -69.00
CA LEU D 140 22.22 -4.14 -69.11
C LEU D 140 21.58 -4.33 -67.72
N THR D 141 20.87 -3.31 -67.26
CA THR D 141 20.31 -3.26 -65.91
C THR D 141 18.79 -3.15 -65.92
N LEU D 142 18.14 -4.00 -65.13
CA LEU D 142 16.70 -3.97 -64.95
C LEU D 142 16.42 -3.41 -63.54
N ARG D 143 15.61 -2.37 -63.50
CA ARG D 143 15.40 -1.60 -62.25
C ARG D 143 13.94 -1.64 -61.82
N PHE D 144 13.70 -1.95 -60.54
CA PHE D 144 12.38 -1.88 -59.95
C PHE D 144 12.43 -0.80 -58.90
N ASP D 145 11.61 0.22 -59.03
CA ASP D 145 11.64 1.28 -58.02
C ASP D 145 10.70 0.97 -56.82
N GLY D 146 9.84 -0.04 -56.93
CA GLY D 146 8.87 -0.32 -55.85
C GLY D 146 7.91 -1.49 -56.13
N VAL D 147 7.98 -2.53 -55.30
CA VAL D 147 7.10 -3.72 -55.41
C VAL D 147 6.73 -4.20 -54.00
N GLU D 148 5.43 -4.38 -53.75
CA GLU D 148 4.94 -4.87 -52.43
C GLU D 148 4.32 -6.28 -52.53
N SER D 149 4.90 -7.31 -51.88
CA SER D 149 6.12 -7.17 -51.04
C SER D 149 7.11 -7.95 -51.92
C SER D 149 7.45 -7.91 -51.32
N ARG D 150 7.51 -9.14 -51.52
N ARG D 150 7.38 -9.12 -51.83
CA ARG D 150 8.58 -9.86 -52.21
C ARG D 150 8.25 -10.40 -53.59
N TYR D 151 9.25 -10.41 -54.47
CA TYR D 151 9.00 -10.76 -55.86
C TYR D 151 10.16 -11.55 -56.44
N LYS D 152 9.86 -12.43 -57.38
CA LYS D 152 10.90 -13.20 -58.08
C LYS D 152 10.82 -12.87 -59.56
N VAL D 153 11.96 -12.77 -60.21
CA VAL D 153 12.06 -12.20 -61.54
C VAL D 153 12.68 -13.23 -62.47
N TRP D 154 12.06 -13.46 -63.62
CA TRP D 154 12.67 -14.29 -64.70
C TRP D 154 12.69 -13.49 -65.99
N VAL D 155 13.78 -13.58 -66.74
CA VAL D 155 13.89 -12.94 -68.05
C VAL D 155 14.25 -14.03 -69.07
N ASN D 156 13.41 -14.18 -70.10
CA ASN D 156 13.58 -15.24 -71.12
C ASN D 156 13.75 -16.62 -70.49
N GLY D 157 12.92 -16.86 -69.47
CA GLY D 157 12.93 -18.08 -68.73
C GLY D 157 14.04 -18.26 -67.72
N GLN D 158 15.04 -17.37 -67.67
CA GLN D 158 16.12 -17.56 -66.71
C GLN D 158 15.77 -16.82 -65.42
N GLU D 159 15.94 -17.51 -64.29
CA GLU D 159 15.77 -16.86 -62.98
C GLU D 159 16.84 -15.76 -62.79
N ILE D 160 16.40 -14.55 -62.46
CA ILE D 160 17.30 -13.40 -62.34
C ILE D 160 17.55 -13.08 -60.85
N GLY D 161 16.50 -13.07 -60.06
CA GLY D 161 16.70 -12.92 -58.61
C GLY D 161 15.41 -12.66 -57.88
N VAL D 162 15.56 -12.31 -56.60
CA VAL D 162 14.41 -12.10 -55.74
C VAL D 162 14.64 -10.74 -55.07
N GLY D 163 13.60 -9.90 -55.06
CA GLY D 163 13.69 -8.59 -54.37
C GLY D 163 12.82 -8.50 -53.13
N SER D 164 13.19 -7.57 -52.24
CA SER D 164 12.51 -7.28 -50.98
C SER D 164 12.75 -5.82 -50.68
N GLY D 165 11.92 -5.23 -49.82
CA GLY D 165 12.10 -3.84 -49.44
C GLY D 165 11.13 -3.09 -50.30
N SER D 166 9.86 -3.06 -49.87
CA SER D 166 8.79 -2.67 -50.79
C SER D 166 8.96 -1.28 -51.41
N ARG D 167 9.52 -0.33 -50.66
CA ARG D 167 9.59 1.06 -51.16
C ARG D 167 11.04 1.45 -51.50
N LEU D 168 11.90 0.44 -51.63
CA LEU D 168 13.31 0.62 -51.89
C LEU D 168 13.59 0.16 -53.34
N ALA D 169 14.49 0.84 -54.04
CA ALA D 169 14.80 0.45 -55.42
C ALA D 169 15.72 -0.77 -55.42
N GLN D 170 15.60 -1.62 -56.45
CA GLN D 170 16.49 -2.76 -56.61
C GLN D 170 16.81 -2.90 -58.10
N GLU D 171 18.10 -3.03 -58.40
CA GLU D 171 18.56 -3.28 -59.77
C GLU D 171 19.15 -4.68 -59.89
N PHE D 172 18.91 -5.33 -61.04
CA PHE D 172 19.49 -6.66 -61.33
C PHE D 172 20.24 -6.57 -62.66
N ASP D 173 21.29 -7.37 -62.78
CA ASP D 173 22.08 -7.43 -64.01
C ASP D 173 21.45 -8.47 -64.97
N VAL D 174 20.86 -8.00 -66.06
CA VAL D 174 20.23 -8.88 -67.03
C VAL D 174 21.06 -9.00 -68.32
N SER D 175 22.33 -8.60 -68.23
CA SER D 175 23.27 -8.63 -69.37
C SER D 175 23.23 -9.95 -70.13
N ASP D 176 23.30 -11.05 -69.40
CA ASP D 176 23.38 -12.36 -70.02
C ASP D 176 22.06 -12.98 -70.46
N ALA D 177 20.93 -12.43 -70.01
CA ALA D 177 19.63 -13.02 -70.29
C ALA D 177 18.90 -12.38 -71.45
N LEU D 178 19.11 -11.09 -71.68
CA LEU D 178 18.43 -10.36 -72.74
C LEU D 178 19.04 -10.67 -74.10
N ARG D 179 18.25 -10.47 -75.15
CA ARG D 179 18.72 -10.66 -76.52
C ARG D 179 18.22 -9.46 -77.33
N ALA D 180 18.79 -9.23 -78.52
CA ALA D 180 18.26 -8.18 -79.39
C ALA D 180 16.90 -8.60 -79.93
N GLY D 181 15.98 -7.66 -80.07
CA GLY D 181 14.61 -7.98 -80.49
C GLY D 181 13.70 -8.26 -79.31
N SER D 182 12.86 -9.28 -79.43
CA SER D 182 11.80 -9.50 -78.47
C SER D 182 12.27 -10.34 -77.29
N ASN D 183 11.85 -9.93 -76.10
CA ASN D 183 12.25 -10.54 -74.84
C ASN D 183 11.03 -10.74 -73.97
N LEU D 184 11.16 -11.58 -72.96
CA LEU D 184 10.09 -11.83 -72.01
C LEU D 184 10.53 -11.50 -70.59
N LEU D 185 9.70 -10.75 -69.86
CA LEU D 185 9.91 -10.56 -68.42
C LEU D 185 8.69 -11.09 -67.68
N VAL D 186 8.94 -11.91 -66.67
CA VAL D 186 7.87 -12.47 -65.85
C VAL D 186 8.25 -12.15 -64.40
N VAL D 187 7.32 -11.54 -63.67
CA VAL D 187 7.54 -11.23 -62.24
C VAL D 187 6.42 -11.88 -61.40
N ARG D 188 6.81 -12.57 -60.34
CA ARG D 188 5.79 -13.15 -59.45
C ARG D 188 5.85 -12.40 -58.14
N VAL D 189 4.74 -11.81 -57.75
CA VAL D 189 4.72 -10.87 -56.60
C VAL D 189 3.83 -11.46 -55.52
N HIS D 190 4.35 -11.58 -54.30
CA HIS D 190 3.56 -12.05 -53.16
C HIS D 190 3.12 -10.88 -52.27
N GLN D 191 1.84 -10.87 -51.88
CA GLN D 191 1.40 -9.88 -50.90
C GLN D 191 2.14 -10.07 -49.56
N TRP D 192 2.12 -11.29 -49.01
CA TRP D 192 2.82 -11.54 -47.73
C TRP D 192 4.16 -12.26 -47.96
N SER D 193 5.16 -11.88 -47.19
CA SER D 193 6.46 -12.55 -47.23
C SER D 193 7.15 -12.28 -45.90
N ALA D 194 8.34 -12.81 -45.70
CA ALA D 194 9.08 -12.51 -44.48
C ALA D 194 9.30 -10.99 -44.34
N ALA D 195 9.42 -10.30 -45.48
CA ALA D 195 9.54 -8.85 -45.52
C ALA D 195 8.35 -8.09 -44.91
N SER D 196 7.17 -8.72 -44.82
CA SER D 196 6.00 -8.05 -44.28
C SER D 196 6.18 -7.76 -42.78
N TYR D 197 6.97 -8.59 -42.10
CA TYR D 197 7.30 -8.34 -40.69
C TYR D 197 8.04 -7.01 -40.49
N LEU D 198 8.79 -6.61 -41.52
CA LEU D 198 9.61 -5.37 -41.50
C LEU D 198 8.84 -4.16 -41.98
N GLU D 199 7.58 -4.38 -42.38
CA GLU D 199 6.81 -3.34 -43.05
C GLU D 199 5.44 -3.08 -42.43
N ASP D 200 5.42 -2.89 -41.10
CA ASP D 200 4.16 -2.72 -40.37
C ASP D 200 3.77 -1.24 -40.20
N GLN D 201 4.02 -0.43 -41.23
CA GLN D 201 3.58 0.96 -41.19
C GLN D 201 2.05 1.11 -40.99
N ASP D 202 1.66 2.21 -40.36
CA ASP D 202 0.26 2.58 -40.13
C ASP D 202 -0.32 3.12 -41.44
N GLN D 203 -0.86 2.22 -42.27
CA GLN D 203 -1.34 2.58 -43.61
C GLN D 203 -2.04 1.36 -44.19
N TRP D 204 -2.63 1.52 -45.36
CA TRP D 204 -3.26 0.41 -46.08
C TRP D 204 -2.18 -0.58 -46.53
N TRP D 205 -2.50 -1.87 -46.47
CA TRP D 205 -1.66 -2.89 -47.14
C TRP D 205 -2.12 -2.99 -48.61
N LEU D 206 -1.21 -2.76 -49.54
CA LEU D 206 -1.53 -2.55 -50.99
C LEU D 206 -0.50 -3.27 -51.87
N PRO D 207 -0.74 -4.55 -52.21
CA PRO D 207 0.28 -5.29 -52.99
C PRO D 207 0.34 -4.85 -54.47
N GLY D 208 1.49 -5.03 -55.10
CA GLY D 208 1.60 -4.92 -56.55
C GLY D 208 2.89 -4.23 -56.96
N ILE D 209 3.11 -4.09 -58.27
CA ILE D 209 4.28 -3.36 -58.79
C ILE D 209 3.83 -1.91 -58.95
N PHE D 210 4.06 -1.10 -57.91
CA PHE D 210 3.41 0.21 -57.77
C PHE D 210 4.36 1.40 -58.14
N ARG D 211 5.63 1.11 -58.43
CA ARG D 211 6.54 2.10 -59.00
C ARG D 211 7.13 1.58 -60.32
N ASP D 212 7.93 2.41 -60.98
CA ASP D 212 8.45 2.12 -62.35
C ASP D 212 9.28 0.87 -62.48
N VAL D 213 9.15 0.24 -63.65
CA VAL D 213 10.06 -0.82 -64.06
C VAL D 213 10.78 -0.31 -65.31
N THR D 214 12.12 -0.24 -65.25
CA THR D 214 12.87 0.28 -66.38
C THR D 214 14.12 -0.56 -66.72
N LEU D 215 14.61 -0.40 -67.95
CA LEU D 215 15.89 -0.99 -68.36
C LEU D 215 16.86 0.11 -68.71
N GLN D 216 18.11 -0.01 -68.30
CA GLN D 216 19.13 0.93 -68.70
C GLN D 216 20.31 0.19 -69.32
N ALA D 217 20.90 0.76 -70.37
CA ALA D 217 22.12 0.22 -70.98
C ALA D 217 23.31 0.99 -70.47
N ARG D 218 24.11 0.37 -69.60
CA ARG D 218 25.26 1.00 -68.99
C ARG D 218 26.36 1.17 -70.04
N PRO D 219 26.75 2.44 -70.33
CA PRO D 219 27.81 2.74 -71.31
C PRO D 219 29.15 2.20 -70.86
N ALA D 220 29.91 1.63 -71.81
CA ALA D 220 31.28 1.26 -71.55
C ALA D 220 32.03 2.57 -71.33
N GLY D 221 32.82 2.66 -70.26
CA GLY D 221 33.44 3.95 -69.89
C GLY D 221 32.46 5.04 -69.42
N GLY D 222 31.30 4.60 -68.96
CA GLY D 222 30.33 5.51 -68.33
C GLY D 222 30.64 5.72 -66.86
N ILE D 223 29.77 6.48 -66.20
CA ILE D 223 29.90 6.76 -64.76
C ILE D 223 28.77 6.02 -64.06
N THR D 224 29.11 5.02 -63.26
CA THR D 224 28.09 4.21 -62.61
C THR D 224 27.35 4.98 -61.52
N ASP D 225 28.08 5.81 -60.79
CA ASP D 225 27.51 6.60 -59.72
C ASP D 225 28.37 7.81 -59.50
N ALA D 226 27.75 8.86 -58.98
CA ALA D 226 28.49 10.04 -58.59
C ALA D 226 27.81 10.58 -57.34
N TRP D 227 28.59 11.20 -56.49
CA TRP D 227 28.04 11.91 -55.34
C TRP D 227 28.78 13.22 -55.32
N LEU D 228 28.07 14.29 -55.64
CA LEU D 228 28.64 15.62 -55.56
C LEU D 228 28.23 16.20 -54.20
N ARG D 229 29.08 15.99 -53.21
CA ARG D 229 28.78 16.38 -51.86
C ARG D 229 29.12 17.85 -51.72
N THR D 230 28.11 18.65 -51.40
CA THR D 230 28.29 20.08 -51.41
C THR D 230 28.38 20.60 -49.98
N GLY D 231 28.82 21.83 -49.85
CA GLY D 231 28.96 22.51 -48.56
C GLY D 231 28.96 24.00 -48.80
N TRP D 232 28.85 24.77 -47.73
CA TRP D 232 28.76 26.21 -47.86
C TRP D 232 29.19 26.82 -46.54
N SER D 233 29.97 27.91 -46.61
CA SER D 233 30.25 28.69 -45.41
C SER D 233 30.29 30.18 -45.74
N ALA D 234 30.01 31.01 -44.74
CA ALA D 234 29.74 32.44 -44.93
C ALA D 234 31.01 33.24 -45.12
N ARG D 235 30.94 34.16 -46.09
CA ARG D 235 31.99 35.13 -46.42
C ARG D 235 31.36 36.51 -46.41
N SER D 236 32.11 37.52 -46.85
CA SER D 236 31.45 38.73 -47.30
C SER D 236 31.01 38.46 -48.75
N GLY D 237 29.93 39.10 -49.18
CA GLY D 237 29.34 38.77 -50.48
C GLY D 237 28.52 37.50 -50.32
N ALA D 238 28.51 36.66 -51.36
CA ALA D 238 27.64 35.47 -51.39
C ALA D 238 28.02 34.38 -50.38
N GLY D 239 29.32 34.08 -50.27
CA GLY D 239 29.81 32.98 -49.44
C GLY D 239 30.60 31.99 -50.28
N THR D 240 31.20 30.99 -49.63
CA THR D 240 32.06 30.02 -50.32
C THR D 240 31.40 28.63 -50.40
N GLY D 241 31.28 28.11 -51.62
CA GLY D 241 30.79 26.76 -51.84
C GLY D 241 31.93 25.77 -51.95
N THR D 242 31.65 24.51 -51.60
CA THR D 242 32.60 23.42 -51.82
C THR D 242 31.88 22.25 -52.49
N ILE D 243 32.63 21.53 -53.34
CA ILE D 243 32.20 20.25 -53.90
C ILE D 243 33.27 19.24 -53.52
N ASP D 244 32.84 18.13 -52.91
CA ASP D 244 33.71 17.01 -52.61
C ASP D 244 33.20 15.81 -53.42
N PRO D 245 33.69 15.66 -54.68
CA PRO D 245 33.11 14.68 -55.58
C PRO D 245 33.57 13.24 -55.31
N GLU D 246 32.65 12.30 -55.47
CA GLU D 246 32.97 10.88 -55.46
C GLU D 246 32.48 10.35 -56.80
N ILE D 247 33.38 9.72 -57.55
CA ILE D 247 33.06 9.20 -58.88
C ILE D 247 33.24 7.71 -58.87
N THR D 248 32.18 6.96 -59.20
CA THR D 248 32.29 5.52 -59.29
C THR D 248 32.29 5.15 -60.77
N ALA D 249 33.44 4.69 -61.24
CA ALA D 249 33.59 4.38 -62.68
C ALA D 249 34.82 3.52 -62.95
N ASP D 250 34.78 2.81 -64.08
CA ASP D 250 35.92 2.06 -64.62
C ASP D 250 37.03 3.05 -65.01
N ALA D 251 38.27 2.58 -64.99
CA ALA D 251 39.43 3.36 -65.47
C ALA D 251 39.27 3.88 -66.90
N THR D 252 38.62 3.10 -67.77
CA THR D 252 38.33 3.53 -69.14
C THR D 252 37.44 4.79 -69.21
N ALA D 253 36.80 5.16 -68.10
CA ALA D 253 35.91 6.33 -68.10
C ALA D 253 36.67 7.67 -68.17
N PHE D 254 37.90 7.68 -67.66
CA PHE D 254 38.67 8.91 -67.57
C PHE D 254 39.26 9.28 -68.94
N PRO D 255 39.23 10.59 -69.31
CA PRO D 255 38.93 11.77 -68.46
C PRO D 255 37.45 12.03 -68.13
N VAL D 256 37.22 12.46 -66.89
CA VAL D 256 35.88 12.83 -66.42
C VAL D 256 35.87 14.34 -66.16
N THR D 257 34.86 15.02 -66.65
CA THR D 257 34.74 16.46 -66.49
C THR D 257 33.53 16.86 -65.63
N LEU D 258 33.77 17.72 -64.65
CA LEU D 258 32.73 18.38 -63.87
C LEU D 258 32.53 19.79 -64.41
N SER D 259 31.31 20.09 -64.80
CA SER D 259 30.97 21.42 -65.30
C SER D 259 29.84 22.07 -64.49
N VAL D 260 30.09 23.29 -64.00
CA VAL D 260 29.06 24.13 -63.35
C VAL D 260 29.14 25.54 -63.99
N PRO D 261 28.53 25.69 -65.19
CA PRO D 261 28.68 26.91 -65.99
C PRO D 261 28.48 28.22 -65.23
N GLU D 262 27.37 28.35 -64.51
CA GLU D 262 27.06 29.57 -63.78
C GLU D 262 28.17 29.93 -62.80
N LEU D 263 28.88 28.93 -62.32
CA LEU D 263 29.91 29.24 -61.36
C LEU D 263 31.27 29.27 -62.04
N GLY D 264 31.27 29.14 -63.37
CA GLY D 264 32.51 29.06 -64.15
C GLY D 264 33.41 27.87 -63.85
N VAL D 265 32.87 26.76 -63.33
CA VAL D 265 33.74 25.60 -63.13
C VAL D 265 33.71 24.65 -64.33
N ASN D 266 34.91 24.25 -64.73
CA ASN D 266 35.08 23.21 -65.72
C ASN D 266 36.38 22.51 -65.41
N VAL D 267 36.26 21.40 -64.69
CA VAL D 267 37.41 20.67 -64.17
C VAL D 267 37.45 19.27 -64.77
N THR D 268 38.58 18.93 -65.40
CA THR D 268 38.76 17.61 -66.02
C THR D 268 39.73 16.78 -65.20
N TRP D 269 39.26 15.64 -64.71
CA TRP D 269 40.11 14.67 -64.04
C TRP D 269 40.57 13.61 -65.04
N LYS D 270 41.88 13.36 -65.08
CA LYS D 270 42.48 12.46 -66.07
C LYS D 270 42.65 11.05 -65.53
N SER D 271 42.58 10.91 -64.21
CA SER D 271 42.50 9.61 -63.61
C SER D 271 41.69 9.70 -62.33
N ALA D 272 41.40 8.53 -61.78
CA ALA D 272 40.67 8.40 -60.52
C ALA D 272 41.38 9.17 -59.41
N GLU D 273 42.72 9.13 -59.43
CA GLU D 273 43.54 9.80 -58.42
C GLU D 273 43.47 11.32 -58.48
N GLU D 274 43.08 11.90 -59.62
CA GLU D 274 42.93 13.37 -59.70
C GLU D 274 41.60 13.90 -59.12
N VAL D 275 40.59 13.05 -58.96
CA VAL D 275 39.29 13.49 -58.42
C VAL D 275 39.49 14.05 -57.00
N ALA D 276 39.20 15.33 -56.83
CA ALA D 276 39.54 16.03 -55.58
C ALA D 276 38.53 17.16 -55.26
N PRO D 277 38.43 17.55 -53.96
CA PRO D 277 37.54 18.64 -53.53
C PRO D 277 37.88 19.99 -54.16
N LEU D 278 36.87 20.84 -54.37
CA LEU D 278 37.00 22.17 -54.97
C LEU D 278 36.31 23.19 -54.07
N ALA D 279 36.87 24.40 -53.99
CA ALA D 279 36.20 25.51 -53.30
C ALA D 279 35.86 26.59 -54.30
N LEU D 280 34.64 27.10 -54.22
CA LEU D 280 34.08 28.00 -55.22
C LEU D 280 33.61 29.27 -54.54
N GLU D 281 34.05 30.42 -55.05
CA GLU D 281 33.71 31.69 -54.41
C GLU D 281 32.42 32.24 -55.00
N ASN D 282 31.77 33.14 -54.25
CA ASN D 282 30.50 33.73 -54.66
C ASN D 282 29.37 32.76 -55.00
N VAL D 283 29.12 31.89 -54.03
CA VAL D 283 28.07 30.90 -54.14
C VAL D 283 26.94 31.27 -53.18
N GLU D 284 25.70 31.31 -53.69
CA GLU D 284 24.53 31.56 -52.87
C GLU D 284 24.07 30.22 -52.25
N PRO D 285 23.79 30.20 -50.93
CA PRO D 285 23.45 28.89 -50.32
C PRO D 285 22.02 28.36 -50.59
N TRP D 286 21.83 27.04 -50.49
CA TRP D 286 20.50 26.42 -50.55
C TRP D 286 19.87 26.37 -49.15
N SER D 287 18.60 26.76 -49.03
CA SER D 287 17.80 26.51 -47.81
C SER D 287 16.35 26.29 -48.21
N ALA D 288 15.50 25.83 -47.29
CA ALA D 288 14.08 25.62 -47.62
C ALA D 288 13.43 26.95 -48.04
N GLU D 289 13.83 28.05 -47.39
CA GLU D 289 13.31 29.40 -47.72
C GLU D 289 13.81 29.88 -49.08
N VAL D 290 15.07 29.59 -49.40
CA VAL D 290 15.70 30.08 -50.63
C VAL D 290 16.42 28.89 -51.28
N PRO D 291 15.68 28.05 -52.03
CA PRO D 291 16.23 26.81 -52.58
C PRO D 291 17.07 27.00 -53.86
N ARG D 292 18.13 27.79 -53.74
CA ARG D 292 19.03 28.14 -54.86
C ARG D 292 19.75 26.91 -55.40
N LEU D 293 19.47 26.55 -56.65
CA LEU D 293 20.14 25.42 -57.28
C LEU D 293 21.04 25.92 -58.41
N TYR D 294 22.20 25.27 -58.58
CA TYR D 294 23.12 25.49 -59.72
C TYR D 294 23.16 24.25 -60.61
N GLU D 295 22.89 24.41 -61.90
CA GLU D 295 22.98 23.28 -62.85
C GLU D 295 24.42 22.82 -63.01
N ALA D 296 24.64 21.51 -62.99
CA ALA D 296 25.96 20.94 -63.13
C ALA D 296 25.88 19.65 -63.95
N SER D 297 27.01 19.18 -64.45
CA SER D 297 27.07 17.87 -65.06
C SER D 297 28.40 17.22 -64.77
N VAL D 298 28.41 15.88 -64.71
CA VAL D 298 29.65 15.13 -64.62
C VAL D 298 29.59 14.19 -65.82
N SER D 299 30.64 14.22 -66.64
CA SER D 299 30.59 13.47 -67.90
C SER D 299 31.92 12.82 -68.23
N SER D 300 31.84 11.64 -68.83
CA SER D 300 32.92 11.04 -69.59
C SER D 300 32.50 11.11 -71.07
N ALA D 301 33.38 10.71 -71.97
CA ALA D 301 33.02 10.69 -73.39
C ALA D 301 31.75 9.86 -73.63
N ALA D 302 31.54 8.84 -72.80
CA ALA D 302 30.44 7.89 -73.00
C ALA D 302 29.12 8.21 -72.29
N GLU D 303 29.14 9.07 -71.26
CA GLU D 303 27.93 9.29 -70.46
C GLU D 303 27.96 10.66 -69.78
N SER D 304 26.79 11.31 -69.72
CA SER D 304 26.70 12.60 -69.01
C SER D 304 25.61 12.48 -67.95
N ILE D 305 25.93 12.89 -66.73
CA ILE D 305 24.99 12.97 -65.59
C ILE D 305 24.73 14.43 -65.27
N SER D 306 23.45 14.80 -65.23
CA SER D 306 22.99 16.13 -64.84
C SER D 306 22.54 16.11 -63.38
N VAL D 307 23.08 17.05 -62.61
CA VAL D 307 22.75 17.20 -61.20
C VAL D 307 22.36 18.67 -60.98
N ARG D 308 21.46 18.94 -60.04
CA ARG D 308 21.28 20.32 -59.59
C ARG D 308 21.88 20.45 -58.19
N LEU D 309 22.87 21.32 -58.06
CA LEU D 309 23.61 21.46 -56.81
C LEU D 309 22.99 22.53 -55.94
N GLY D 310 22.73 22.18 -54.68
CA GLY D 310 22.31 23.12 -53.65
C GLY D 310 23.44 23.06 -52.63
N PHE D 311 24.08 24.20 -52.40
CA PHE D 311 25.23 24.27 -51.51
C PHE D 311 24.74 24.58 -50.11
N ARG D 312 25.00 23.66 -49.18
CA ARG D 312 24.50 23.83 -47.81
C ARG D 312 25.24 22.89 -46.91
N THR D 313 25.44 23.29 -45.66
CA THR D 313 26.17 22.48 -44.68
C THR D 313 25.31 22.25 -43.44
N VAL D 314 25.15 20.98 -43.05
CA VAL D 314 24.39 20.59 -41.87
C VAL D 314 25.39 20.29 -40.73
N ARG D 315 25.26 20.96 -39.59
CA ARG D 315 26.14 20.69 -38.45
C ARG D 315 25.33 20.70 -37.17
N ILE D 316 25.58 19.73 -36.30
CA ILE D 316 25.09 19.77 -34.93
C ILE D 316 26.21 20.32 -34.04
N VAL D 317 25.89 21.35 -33.27
CA VAL D 317 26.84 21.92 -32.31
C VAL D 317 26.16 21.91 -30.96
N GLY D 318 26.59 21.01 -30.08
CA GLY D 318 25.92 20.75 -28.81
C GLY D 318 24.45 20.41 -29.10
N ASP D 319 23.54 21.20 -28.53
CA ASP D 319 22.10 20.92 -28.70
C ASP D 319 21.43 21.72 -29.82
N GLN D 320 22.21 22.25 -30.75
CA GLN D 320 21.69 23.03 -31.88
C GLN D 320 21.84 22.31 -33.20
N PHE D 321 20.76 22.25 -33.98
CA PHE D 321 20.79 21.67 -35.32
C PHE D 321 20.91 22.86 -36.28
N LEU D 322 22.10 23.01 -36.87
CA LEU D 322 22.39 24.15 -37.77
C LEU D 322 22.39 23.73 -39.23
N VAL D 323 21.84 24.58 -40.08
CA VAL D 323 22.10 24.46 -41.51
C VAL D 323 22.62 25.84 -41.96
N ASN D 324 23.77 25.85 -42.65
CA ASN D 324 24.41 27.14 -43.07
C ASN D 324 24.69 28.07 -41.89
N GLY D 325 25.03 27.48 -40.75
CA GLY D 325 25.42 28.22 -39.55
C GLY D 325 24.30 28.75 -38.70
N ARG D 326 23.05 28.48 -39.09
CA ARG D 326 21.90 28.99 -38.33
C ARG D 326 20.92 27.89 -37.93
N ARG D 327 20.43 27.96 -36.69
CA ARG D 327 19.44 27.01 -36.16
C ARG D 327 18.22 26.84 -37.08
N VAL D 328 17.83 25.59 -37.35
CA VAL D 328 16.63 25.35 -38.18
C VAL D 328 15.43 24.98 -37.30
N VAL D 329 14.34 25.74 -37.40
CA VAL D 329 13.10 25.31 -36.77
C VAL D 329 12.24 24.62 -37.83
N PHE D 330 11.88 23.36 -37.56
CA PHE D 330 11.09 22.58 -38.50
C PHE D 330 9.59 22.79 -38.23
N HIS D 331 8.90 23.26 -39.26
CA HIS D 331 7.47 23.35 -39.27
C HIS D 331 7.04 22.32 -40.30
N GLY D 332 7.02 21.04 -39.89
CA GLY D 332 6.85 20.00 -40.90
C GLY D 332 5.58 19.19 -40.85
N VAL D 333 5.44 18.32 -41.85
CA VAL D 333 4.33 17.36 -41.87
C VAL D 333 4.92 15.97 -42.18
N ASN D 334 4.28 14.94 -41.65
CA ASN D 334 4.55 13.55 -42.07
C ASN D 334 3.71 13.32 -43.32
N ARG D 335 4.35 12.85 -44.39
CA ARG D 335 3.66 12.68 -45.64
C ARG D 335 4.12 11.38 -46.30
N HIS D 336 3.17 10.64 -46.86
CA HIS D 336 3.52 9.66 -47.88
C HIS D 336 2.54 9.76 -49.05
N GLU D 337 2.89 9.15 -50.19
CA GLU D 337 2.09 9.30 -51.40
C GLU D 337 0.77 8.62 -51.13
N THR D 338 -0.30 9.31 -51.48
CA THR D 338 -1.60 8.79 -51.19
C THR D 338 -2.56 9.36 -52.20
N HIS D 339 -3.41 8.49 -52.73
CA HIS D 339 -4.41 8.93 -53.63
C HIS D 339 -5.62 8.02 -53.55
N PRO D 340 -6.84 8.60 -53.46
CA PRO D 340 -8.03 7.76 -53.25
C PRO D 340 -8.35 6.80 -54.38
N ASP D 341 -7.74 7.03 -55.56
CA ASP D 341 -7.96 6.19 -56.73
C ASP D 341 -6.78 5.30 -57.07
N ARG D 342 -5.57 5.76 -56.73
CA ARG D 342 -4.33 5.15 -57.23
C ARG D 342 -3.44 4.55 -56.14
N GLY D 343 -3.76 4.77 -54.87
CA GLY D 343 -2.92 4.24 -53.80
C GLY D 343 -1.63 5.05 -53.69
N ARG D 344 -0.50 4.36 -53.65
CA ARG D 344 0.81 4.98 -53.43
C ARG D 344 1.60 5.16 -54.73
N VAL D 345 0.90 5.03 -55.87
CA VAL D 345 1.48 5.32 -57.20
C VAL D 345 1.78 6.81 -57.39
N PHE D 346 2.99 7.13 -57.86
CA PHE D 346 3.43 8.54 -57.96
C PHE D 346 2.88 9.18 -59.22
N ASP D 347 2.48 10.44 -59.11
CA ASP D 347 2.08 11.27 -60.27
C ASP D 347 2.77 12.63 -60.08
N GLU D 348 3.65 13.02 -61.00
CA GLU D 348 4.43 14.23 -60.77
C GLU D 348 3.56 15.49 -60.64
N ALA D 349 2.57 15.64 -61.52
CA ALA D 349 1.69 16.80 -61.48
C ALA D 349 0.93 16.90 -60.14
N GLY D 350 0.43 15.75 -59.67
CA GLY D 350 -0.19 15.64 -58.34
C GLY D 350 0.74 15.95 -57.17
N ALA D 351 1.96 15.43 -57.22
CA ALA D 351 2.99 15.73 -56.21
C ALA D 351 3.35 17.21 -56.13
N ARG D 352 3.51 17.85 -57.29
CA ARG D 352 3.83 19.28 -57.35
C ARG D 352 2.73 20.11 -56.67
N GLU D 353 1.48 19.83 -57.03
CA GLU D 353 0.33 20.49 -56.40
C GLU D 353 0.25 20.23 -54.89
N ASP D 354 0.54 19.01 -54.48
CA ASP D 354 0.55 18.64 -53.06
C ASP D 354 1.57 19.51 -52.30
N LEU D 355 2.79 19.58 -52.81
CA LEU D 355 3.86 20.38 -52.19
C LEU D 355 3.55 21.87 -52.24
N ALA D 356 2.88 22.32 -53.31
CA ALA D 356 2.47 23.73 -53.43
C ALA D 356 1.45 24.07 -52.34
N LEU D 357 0.48 23.17 -52.12
CA LEU D 357 -0.49 23.34 -51.06
C LEU D 357 0.22 23.43 -49.68
N MET D 358 1.22 22.56 -49.44
CA MET D 358 2.03 22.63 -48.20
C MET D 358 2.64 24.01 -48.00
N LYS D 359 3.28 24.51 -49.05
CA LYS D 359 3.92 25.83 -48.97
C LYS D 359 2.93 26.97 -48.63
N ARG D 360 1.72 26.88 -49.19
CA ARG D 360 0.64 27.84 -48.94
C ARG D 360 0.17 27.84 -47.48
N PHE D 361 0.43 26.76 -46.76
CA PHE D 361 0.08 26.69 -45.33
C PHE D 361 1.32 26.77 -44.40
N ASN D 362 2.40 27.38 -44.90
CA ASN D 362 3.65 27.62 -44.13
C ASN D 362 4.44 26.37 -43.71
N VAL D 363 4.20 25.25 -44.39
CA VAL D 363 4.99 24.03 -44.15
C VAL D 363 6.38 24.24 -44.75
N ASN D 364 7.45 24.00 -43.98
CA ASN D 364 8.80 24.07 -44.52
C ASN D 364 9.59 22.76 -44.46
N ALA D 365 8.94 21.67 -44.06
CA ALA D 365 9.66 20.41 -43.86
C ALA D 365 8.76 19.21 -44.07
N ILE D 366 9.37 18.11 -44.51
CA ILE D 366 8.64 16.85 -44.77
C ILE D 366 9.43 15.70 -44.19
N ARG D 367 8.73 14.85 -43.43
CA ARG D 367 9.26 13.55 -43.00
C ARG D 367 8.56 12.51 -43.86
N THR D 368 9.33 11.64 -44.53
CA THR D 368 8.78 10.67 -45.47
C THR D 368 8.35 9.42 -44.68
N SER D 369 7.14 9.46 -44.15
CA SER D 369 6.69 8.44 -43.21
C SER D 369 6.15 7.22 -43.96
N HIS D 370 6.71 6.02 -43.79
CA HIS D 370 7.95 5.71 -43.05
C HIS D 370 8.79 4.84 -43.97
N TYR D 371 9.22 5.46 -45.07
CA TYR D 371 9.97 4.80 -46.14
C TYR D 371 10.29 5.89 -47.18
N PRO D 372 11.25 5.63 -48.08
CA PRO D 372 11.57 6.61 -49.11
C PRO D 372 10.40 6.79 -50.08
N PRO D 373 10.18 8.02 -50.56
CA PRO D 373 9.14 8.21 -51.56
C PRO D 373 9.67 7.85 -52.96
N HIS D 374 8.87 8.08 -53.98
CA HIS D 374 9.33 7.90 -55.36
C HIS D 374 10.50 8.85 -55.49
N PRO D 375 11.60 8.44 -56.17
CA PRO D 375 12.77 9.31 -56.18
C PRO D 375 12.52 10.70 -56.76
N ARG D 376 11.53 10.84 -57.63
CA ARG D 376 11.26 12.12 -58.26
C ARG D 376 10.79 13.17 -57.25
N LEU D 377 10.17 12.71 -56.17
CA LEU D 377 9.71 13.62 -55.12
C LEU D 377 10.85 14.48 -54.56
N LEU D 378 12.05 13.90 -54.47
CA LEU D 378 13.19 14.62 -53.93
C LEU D 378 13.68 15.75 -54.83
N ASP D 379 13.53 15.60 -56.14
CA ASP D 379 13.79 16.73 -57.07
C ASP D 379 12.82 17.87 -56.79
N LEU D 380 11.57 17.54 -56.50
CA LEU D 380 10.59 18.60 -56.22
C LEU D 380 10.90 19.30 -54.91
N ALA D 381 11.38 18.55 -53.89
CA ALA D 381 11.72 19.14 -52.59
C ALA D 381 12.95 20.05 -52.71
N ASP D 382 13.93 19.64 -53.52
CA ASP D 382 15.12 20.46 -53.80
C ASP D 382 14.75 21.78 -54.47
N GLU D 383 13.81 21.73 -55.41
CA GLU D 383 13.40 22.87 -56.21
C GLU D 383 12.41 23.78 -55.46
N MET D 384 11.46 23.19 -54.76
CA MET D 384 10.44 23.99 -54.05
C MET D 384 10.85 24.48 -52.67
N GLY D 385 11.76 23.77 -52.01
CA GLY D 385 12.32 24.20 -50.75
C GLY D 385 11.62 23.61 -49.53
N PHE D 386 12.00 22.38 -49.20
CA PHE D 386 11.59 21.72 -47.94
C PHE D 386 12.79 21.07 -47.34
N TRP D 387 12.97 21.22 -46.05
CA TRP D 387 13.90 20.36 -45.32
C TRP D 387 13.32 18.93 -45.26
N VAL D 388 14.14 17.92 -45.54
CA VAL D 388 13.58 16.56 -45.59
C VAL D 388 14.28 15.63 -44.63
N ILE D 389 13.48 14.84 -43.90
CA ILE D 389 13.96 13.70 -43.12
C ILE D 389 13.59 12.47 -43.95
N LEU D 390 14.58 11.82 -44.51
CA LEU D 390 14.37 10.72 -45.45
C LEU D 390 14.48 9.46 -44.63
N GLU D 391 13.39 8.70 -44.60
CA GLU D 391 13.29 7.61 -43.67
C GLU D 391 13.35 6.26 -44.37
N CYS D 392 14.17 5.37 -43.82
CA CYS D 392 14.29 3.99 -44.31
C CYS D 392 12.99 3.18 -44.14
N ASP D 393 12.77 2.23 -45.04
CA ASP D 393 11.58 1.38 -45.04
C ASP D 393 11.69 0.25 -43.96
N LEU D 394 11.27 0.60 -42.75
CA LEU D 394 11.40 -0.33 -41.61
C LEU D 394 10.42 0.06 -40.52
N GLU D 395 9.53 -0.88 -40.17
CA GLU D 395 8.63 -0.70 -39.01
C GLU D 395 8.21 -2.06 -38.51
N THR D 396 8.57 -2.37 -37.26
CA THR D 396 8.22 -3.67 -36.66
C THR D 396 7.32 -3.48 -35.44
N HIS D 397 6.47 -2.46 -35.50
CA HIS D 397 5.65 -2.02 -34.36
C HIS D 397 4.80 -3.12 -33.69
N GLY D 398 4.28 -4.04 -34.50
CA GLY D 398 3.50 -5.14 -34.00
C GLY D 398 4.18 -6.08 -33.00
N PHE D 399 5.51 -6.04 -32.90
CA PHE D 399 6.23 -6.87 -31.91
C PHE D 399 6.17 -6.28 -30.50
N GLU D 400 5.69 -5.04 -30.38
CA GLU D 400 5.72 -4.37 -29.08
C GLU D 400 4.86 -5.10 -28.03
N ALA D 401 3.63 -5.45 -28.40
CA ALA D 401 2.68 -6.01 -27.44
C ALA D 401 3.24 -7.22 -26.69
N GLY D 402 3.99 -8.07 -27.39
CA GLY D 402 4.63 -9.24 -26.74
C GLY D 402 6.00 -8.94 -26.15
N GLY D 403 6.22 -7.68 -25.76
CA GLY D 403 7.48 -7.28 -25.16
C GLY D 403 8.72 -7.36 -26.06
N TRP D 404 8.52 -7.19 -27.38
CA TRP D 404 9.60 -7.15 -28.37
C TRP D 404 10.35 -8.49 -28.51
N VAL D 405 9.76 -9.59 -28.04
CA VAL D 405 10.38 -10.92 -28.20
C VAL D 405 10.41 -11.22 -29.68
N GLU D 406 11.58 -11.62 -30.19
CA GLU D 406 11.80 -11.89 -31.64
C GLU D 406 11.74 -10.64 -32.55
N ASN D 407 11.76 -9.46 -31.94
CA ASN D 407 11.82 -8.22 -32.73
C ASN D 407 12.99 -8.30 -33.72
N PRO D 408 12.69 -8.24 -35.04
CA PRO D 408 13.78 -8.29 -36.04
C PRO D 408 14.94 -7.28 -35.77
N SER D 409 14.64 -6.15 -35.14
CA SER D 409 15.68 -5.16 -34.83
C SER D 409 16.79 -5.71 -33.94
N ASP D 410 16.53 -6.77 -33.19
CA ASP D 410 17.60 -7.32 -32.33
C ASP D 410 17.85 -8.80 -32.57
N VAL D 411 17.44 -9.31 -33.73
CA VAL D 411 17.64 -10.72 -34.05
C VAL D 411 18.68 -10.82 -35.16
N PRO D 412 19.81 -11.54 -34.92
CA PRO D 412 20.90 -11.58 -35.89
C PRO D 412 20.51 -12.08 -37.30
N ALA D 413 19.55 -13.01 -37.44
CA ALA D 413 19.07 -13.50 -38.75
C ALA D 413 18.57 -12.39 -39.68
N TRP D 414 18.12 -11.27 -39.11
CA TRP D 414 17.60 -10.17 -39.91
C TRP D 414 18.61 -9.04 -40.15
N ARG D 415 19.81 -9.17 -39.58
CA ARG D 415 20.77 -8.06 -39.57
C ARG D 415 21.19 -7.63 -41.00
N ASP D 416 21.57 -8.61 -41.82
CA ASP D 416 21.98 -8.31 -43.21
C ASP D 416 20.88 -7.57 -43.94
N ALA D 417 19.63 -8.00 -43.76
CA ALA D 417 18.47 -7.40 -44.42
C ALA D 417 18.29 -5.94 -43.98
N LEU D 418 18.43 -5.67 -42.69
CA LEU D 418 18.19 -4.29 -42.19
C LEU D 418 19.27 -3.32 -42.66
N VAL D 419 20.54 -3.76 -42.60
CA VAL D 419 21.66 -2.91 -43.04
C VAL D 419 21.57 -2.64 -44.56
N ASP D 420 21.18 -3.67 -45.33
CA ASP D 420 20.95 -3.54 -46.77
C ASP D 420 19.84 -2.54 -47.08
N ARG D 421 18.77 -2.54 -46.28
CA ARG D 421 17.72 -1.53 -46.41
C ARG D 421 18.30 -0.11 -46.21
N MET D 422 19.15 0.09 -45.21
CA MET D 422 19.70 1.44 -44.95
C MET D 422 20.61 1.83 -46.12
N GLU D 423 21.42 0.88 -46.57
CA GLU D 423 22.34 1.13 -47.68
C GLU D 423 21.58 1.55 -48.93
N ARG D 424 20.49 0.85 -49.25
CA ARG D 424 19.69 1.23 -50.43
C ARG D 424 18.98 2.58 -50.26
N THR D 425 18.54 2.88 -49.04
CA THR D 425 17.95 4.20 -48.73
C THR D 425 18.94 5.36 -48.95
N VAL D 426 20.12 5.22 -48.35
CA VAL D 426 21.14 6.29 -48.37
C VAL D 426 21.70 6.44 -49.77
N GLU D 427 22.00 5.31 -50.43
CA GLU D 427 22.67 5.44 -51.75
C GLU D 427 21.79 6.06 -52.81
N ARG D 428 20.51 5.70 -52.82
CA ARG D 428 19.58 6.23 -53.85
C ARG D 428 19.53 7.76 -53.79
N ASP D 429 19.46 8.31 -52.58
CA ASP D 429 19.08 9.72 -52.39
C ASP D 429 20.15 10.70 -51.89
N LYS D 430 21.37 10.21 -51.68
CA LYS D 430 22.49 10.97 -51.09
C LYS D 430 22.82 12.32 -51.78
N ASN D 431 22.47 12.46 -53.06
CA ASN D 431 22.76 13.71 -53.78
C ASN D 431 21.84 14.90 -53.50
N HIS D 432 20.72 14.69 -52.80
CA HIS D 432 19.73 15.77 -52.68
C HIS D 432 20.03 16.71 -51.52
N PRO D 433 20.14 18.02 -51.78
CA PRO D 433 20.40 18.99 -50.72
C PRO D 433 19.23 19.11 -49.70
N SER D 434 17.99 18.86 -50.14
CA SER D 434 16.82 18.98 -49.25
C SER D 434 16.93 18.02 -48.06
N ILE D 435 17.59 16.88 -48.25
CA ILE D 435 17.74 15.89 -47.19
C ILE D 435 18.78 16.32 -46.17
N VAL D 436 18.36 16.50 -44.92
CA VAL D 436 19.23 16.99 -43.87
C VAL D 436 19.36 16.02 -42.71
N MET D 437 18.55 14.95 -42.74
CA MET D 437 18.64 13.85 -41.79
C MET D 437 18.27 12.54 -42.45
N TRP D 438 18.97 11.48 -42.08
CA TRP D 438 18.54 10.13 -42.42
C TRP D 438 17.81 9.60 -41.20
N SER D 439 16.75 8.82 -41.40
CA SER D 439 16.06 8.21 -40.29
C SER D 439 16.07 6.68 -40.50
N LEU D 440 16.27 5.92 -39.42
CA LEU D 440 16.41 4.45 -39.53
C LEU D 440 15.11 3.70 -39.82
N GLY D 441 13.99 4.36 -39.55
CA GLY D 441 12.68 3.76 -39.66
C GLY D 441 11.78 4.27 -38.55
N ASN D 442 10.77 3.49 -38.19
CA ASN D 442 9.78 3.97 -37.25
C ASN D 442 9.26 2.88 -36.33
N GLU D 443 9.20 3.19 -35.03
CA GLU D 443 8.54 2.33 -34.04
C GLU D 443 8.90 0.84 -34.21
N SER D 444 10.20 0.56 -34.15
CA SER D 444 10.71 -0.82 -34.30
C SER D 444 11.51 -1.23 -33.08
N GLY D 445 11.18 -0.64 -31.94
CA GLY D 445 11.91 -0.93 -30.70
C GLY D 445 13.37 -0.53 -30.81
N THR D 446 14.24 -1.28 -30.14
CA THR D 446 15.68 -1.02 -30.23
C THR D 446 16.44 -2.32 -30.37
N GLY D 447 17.71 -2.27 -30.79
CA GLY D 447 18.44 -3.52 -30.98
C GLY D 447 19.75 -3.27 -31.65
N SER D 448 20.60 -4.30 -31.64
CA SER D 448 21.93 -4.22 -32.25
C SER D 448 21.86 -3.90 -33.76
N ASN D 449 20.82 -4.36 -34.44
CA ASN D 449 20.68 -4.22 -35.88
C ASN D 449 20.38 -2.78 -36.24
N LEU D 450 19.59 -2.09 -35.40
CA LEU D 450 19.31 -0.66 -35.59
C LEU D 450 20.57 0.14 -35.37
N ALA D 451 21.30 -0.21 -34.33
CA ALA D 451 22.61 0.43 -34.11
C ALA D 451 23.57 0.17 -35.31
N ALA D 452 23.49 -1.02 -35.90
CA ALA D 452 24.33 -1.32 -37.07
C ALA D 452 23.90 -0.48 -38.29
N MET D 453 22.61 -0.26 -38.49
CA MET D 453 22.15 0.68 -39.55
C MET D 453 22.73 2.09 -39.35
N ALA D 454 22.70 2.56 -38.10
CA ALA D 454 23.23 3.89 -37.77
C ALA D 454 24.74 3.95 -37.99
N ALA D 455 25.45 2.91 -37.58
CA ALA D 455 26.93 2.82 -37.76
C ALA D 455 27.29 2.84 -39.26
N TRP D 456 26.49 2.15 -40.06
CA TRP D 456 26.75 2.15 -41.49
C TRP D 456 26.56 3.57 -42.09
N ALA D 457 25.43 4.20 -41.76
CA ALA D 457 25.13 5.56 -42.24
C ALA D 457 26.21 6.56 -41.83
N HIS D 458 26.69 6.44 -40.60
CA HIS D 458 27.74 7.33 -40.08
C HIS D 458 29.03 7.09 -40.87
N ALA D 459 29.32 5.84 -41.20
CA ALA D 459 30.56 5.49 -41.92
C ALA D 459 30.46 5.97 -43.36
N ARG D 460 29.27 5.87 -43.94
CA ARG D 460 29.05 6.25 -45.34
C ARG D 460 28.92 7.76 -45.56
N ASP D 461 28.11 8.41 -44.73
CA ASP D 461 27.74 9.80 -44.98
C ASP D 461 27.81 10.61 -43.70
N SER D 462 28.92 11.31 -43.48
CA SER D 462 29.06 12.15 -42.28
C SER D 462 28.35 13.50 -42.43
N SER D 463 27.73 13.75 -43.59
CA SER D 463 27.13 15.06 -43.85
C SER D 463 25.73 15.26 -43.24
N ARG D 464 25.08 14.16 -42.82
CA ARG D 464 23.70 14.19 -42.34
C ARG D 464 23.54 13.38 -41.05
N PRO D 465 22.99 14.00 -40.00
CA PRO D 465 22.72 13.25 -38.78
C PRO D 465 21.68 12.13 -38.89
N VAL D 466 21.76 11.22 -37.93
CA VAL D 466 20.90 10.06 -37.90
C VAL D 466 19.80 10.23 -36.82
N HIS D 467 18.55 10.04 -37.25
CA HIS D 467 17.33 10.20 -36.49
C HIS D 467 16.68 8.83 -36.29
N TYR D 468 16.22 8.52 -35.07
CA TYR D 468 15.38 7.34 -34.85
C TYR D 468 14.70 7.43 -33.48
N GLU D 469 13.39 7.59 -33.50
CA GLU D 469 12.65 7.93 -32.28
C GLU D 469 12.56 6.74 -31.31
N GLY D 470 12.73 5.52 -31.82
CA GLY D 470 12.68 4.34 -30.92
C GLY D 470 13.94 4.21 -30.06
N ASP D 471 14.98 5.01 -30.37
CA ASP D 471 16.21 5.02 -29.57
C ASP D 471 16.00 5.89 -28.33
N TYR D 472 15.15 5.45 -27.40
CA TYR D 472 14.75 6.35 -26.30
C TYR D 472 15.93 6.78 -25.47
N THR D 473 16.91 5.88 -25.30
CA THR D 473 18.04 6.18 -24.41
C THR D 473 19.20 6.89 -25.12
N GLY D 474 19.05 7.13 -26.41
CA GLY D 474 20.05 7.81 -27.21
C GLY D 474 21.35 7.01 -27.34
N ALA D 475 21.23 5.71 -27.52
CA ALA D 475 22.41 4.84 -27.71
C ALA D 475 23.13 4.99 -29.08
N TYR D 476 22.46 5.48 -30.12
CA TYR D 476 23.07 5.49 -31.47
C TYR D 476 22.53 6.57 -32.43
N THR D 477 21.80 7.56 -31.89
CA THR D 477 21.20 8.60 -32.75
C THR D 477 21.81 9.97 -32.41
N ASP D 478 21.77 10.89 -33.38
CA ASP D 478 22.39 12.21 -33.24
C ASP D 478 21.42 13.30 -32.77
N VAL D 479 20.12 13.07 -32.95
CA VAL D 479 19.12 13.98 -32.45
C VAL D 479 18.23 13.21 -31.51
N TYR D 480 17.63 13.92 -30.56
CA TYR D 480 16.62 13.32 -29.69
C TYR D 480 15.28 13.58 -30.34
N SER D 481 14.57 12.50 -30.62
CA SER D 481 13.31 12.60 -31.30
C SER D 481 12.22 11.94 -30.43
N ARG D 482 11.06 12.58 -30.34
CA ARG D 482 9.89 11.98 -29.63
C ARG D 482 8.63 12.13 -30.47
N MET D 483 7.61 11.34 -30.16
CA MET D 483 6.31 11.55 -30.77
C MET D 483 5.29 11.79 -29.66
N TYR D 484 4.50 12.86 -29.83
CA TYR D 484 3.38 13.16 -28.93
C TYR D 484 3.80 13.33 -27.47
N SER D 485 5.02 13.81 -27.22
CA SER D 485 5.41 14.10 -25.83
C SER D 485 4.52 15.26 -25.39
N SER D 486 3.98 15.20 -24.16
CA SER D 486 3.08 16.23 -23.70
C SER D 486 3.78 17.60 -23.56
N ILE D 487 3.01 18.65 -23.28
CA ILE D 487 3.59 19.97 -23.03
C ILE D 487 4.54 19.90 -21.81
N PRO D 488 4.09 19.32 -20.68
CA PRO D 488 5.04 19.21 -19.55
C PRO D 488 6.34 18.45 -19.83
N GLU D 489 6.26 17.33 -20.53
CA GLU D 489 7.49 16.59 -20.83
C GLU D 489 8.41 17.29 -21.80
N THR D 490 7.82 17.93 -22.81
CA THR D 490 8.55 18.70 -23.82
C THR D 490 9.22 19.90 -23.17
N ASP D 491 8.50 20.56 -22.27
CA ASP D 491 9.11 21.64 -21.48
C ASP D 491 10.32 21.11 -20.67
N SER D 492 10.16 19.95 -20.06
CA SER D 492 11.21 19.30 -19.27
C SER D 492 12.44 18.97 -20.13
N ILE D 493 12.21 18.59 -21.38
CA ILE D 493 13.28 18.29 -22.32
C ILE D 493 14.07 19.56 -22.70
N GLY D 494 13.36 20.68 -22.89
CA GLY D 494 13.97 21.88 -23.43
C GLY D 494 14.71 22.70 -22.41
N ARG D 495 14.27 22.61 -21.16
CA ARG D 495 14.84 23.44 -20.09
C ARG D 495 16.10 22.85 -19.48
N ASN D 496 16.93 23.75 -18.95
CA ASN D 496 18.27 23.41 -18.47
C ASN D 496 18.41 23.22 -16.96
N ASP D 497 17.28 23.28 -16.25
CA ASP D 497 17.25 23.06 -14.81
C ASP D 497 16.36 21.87 -14.40
N SER D 498 16.27 20.87 -15.26
CA SER D 498 15.46 19.69 -14.97
C SER D 498 16.26 18.43 -15.15
N HIS D 499 16.24 17.57 -14.14
CA HIS D 499 16.81 16.24 -14.22
C HIS D 499 15.72 15.13 -14.16
N ALA D 500 14.48 15.49 -14.47
CA ALA D 500 13.34 14.55 -14.49
C ALA D 500 13.59 13.43 -15.50
N LEU D 501 13.11 12.21 -15.23
CA LEU D 501 13.29 11.08 -16.14
C LEU D 501 12.46 11.26 -17.39
N LEU D 502 13.03 10.87 -18.53
CA LEU D 502 12.33 10.95 -19.79
C LEU D 502 11.89 9.53 -20.15
N LEU D 503 10.97 9.43 -21.12
CA LEU D 503 10.38 8.14 -21.46
C LEU D 503 11.46 7.09 -21.75
N GLY D 504 11.39 5.93 -21.06
CA GLY D 504 12.29 4.80 -21.29
C GLY D 504 13.73 4.93 -20.80
N CYS D 505 14.02 5.98 -20.02
CA CYS D 505 15.37 6.37 -19.61
C CYS D 505 15.53 6.39 -18.11
N ASP D 506 16.72 5.99 -17.67
CA ASP D 506 17.13 6.28 -16.32
C ASP D 506 17.70 7.72 -16.27
N SER D 507 18.24 8.16 -15.13
CA SER D 507 18.67 9.58 -15.03
C SER D 507 19.86 9.96 -15.92
N ALA D 508 20.81 9.03 -16.11
CA ALA D 508 21.97 9.28 -17.01
C ALA D 508 21.56 9.33 -18.48
N GLU D 509 20.66 8.42 -18.86
CA GLU D 509 20.18 8.44 -20.23
C GLU D 509 19.34 9.69 -20.50
N SER D 510 18.59 10.14 -19.50
CA SER D 510 17.78 11.34 -19.67
C SER D 510 18.71 12.51 -19.86
N ALA D 511 19.77 12.58 -19.05
CA ALA D 511 20.75 13.69 -19.16
C ALA D 511 21.39 13.75 -20.56
N ARG D 512 21.75 12.59 -21.10
CA ARG D 512 22.41 12.59 -22.39
C ARG D 512 21.49 12.96 -23.54
N GLN D 513 20.20 12.61 -23.44
CA GLN D 513 19.25 13.04 -24.46
C GLN D 513 19.10 14.56 -24.45
N ARG D 514 19.16 15.15 -23.26
CA ARG D 514 19.10 16.61 -23.17
C ARG D 514 20.35 17.34 -23.68
N THR D 515 21.39 16.61 -24.13
CA THR D 515 22.58 17.26 -24.68
C THR D 515 22.48 17.45 -26.21
N LYS D 516 21.41 16.91 -26.82
CA LYS D 516 21.24 16.87 -28.28
C LYS D 516 20.10 17.78 -28.76
N PRO D 517 20.10 18.15 -30.07
CA PRO D 517 18.91 18.83 -30.60
C PRO D 517 17.66 17.95 -30.49
N PHE D 518 16.53 18.58 -30.18
CA PHE D 518 15.27 17.88 -30.05
C PHE D 518 14.33 18.21 -31.18
N ILE D 519 13.63 17.18 -31.70
CA ILE D 519 12.51 17.36 -32.62
C ILE D 519 11.36 16.41 -32.25
N LEU D 520 10.14 16.88 -32.53
CA LEU D 520 8.98 15.99 -32.47
C LEU D 520 8.82 15.39 -33.86
N CYS D 521 9.10 14.10 -34.03
CA CYS D 521 8.95 13.52 -35.36
C CYS D 521 7.47 13.31 -35.73
N GLU D 522 6.60 13.25 -34.71
CA GLU D 522 5.12 13.24 -34.89
C GLU D 522 4.53 14.02 -33.72
N TYR D 523 3.62 14.94 -34.00
CA TYR D 523 2.91 15.64 -32.90
C TYR D 523 1.56 16.22 -33.38
N VAL D 524 0.76 16.75 -32.44
CA VAL D 524 -0.58 17.33 -32.70
C VAL D 524 -1.36 16.51 -33.73
N HIS D 525 -1.56 15.24 -33.39
CA HIS D 525 -2.33 14.26 -34.15
C HIS D 525 -3.61 14.94 -34.67
N ALA D 526 -3.76 14.97 -36.00
CA ALA D 526 -4.70 15.88 -36.62
C ALA D 526 -6.07 15.27 -36.94
N MET D 527 -6.27 14.03 -36.53
CA MET D 527 -7.50 13.26 -36.82
C MET D 527 -8.83 13.96 -36.41
N GLY D 528 -9.77 14.03 -37.35
CA GLY D 528 -11.07 14.64 -37.09
C GLY D 528 -10.99 16.12 -36.77
N ASN D 529 -11.84 16.55 -35.83
CA ASN D 529 -11.88 17.95 -35.42
C ASN D 529 -10.80 18.17 -34.38
N GLY D 530 -9.80 18.97 -34.76
CA GLY D 530 -8.62 19.22 -33.93
C GLY D 530 -7.42 19.40 -34.86
N PRO D 531 -6.21 19.53 -34.30
CA PRO D 531 -5.86 19.38 -32.88
C PRO D 531 -5.81 20.70 -32.10
N GLY D 532 -6.00 20.63 -30.78
CA GLY D 532 -5.58 21.76 -29.91
C GLY D 532 -4.08 21.67 -29.56
N ALA D 533 -3.56 22.70 -28.90
CA ALA D 533 -2.20 22.75 -28.33
C ALA D 533 -1.09 23.16 -29.25
N MET D 534 -1.38 23.34 -30.54
CA MET D 534 -0.31 23.73 -31.46
C MET D 534 0.40 25.00 -31.00
N ASP D 535 -0.36 25.94 -30.41
CA ASP D 535 0.22 27.15 -29.85
C ASP D 535 1.11 26.89 -28.63
N GLN D 536 0.74 25.92 -27.80
CA GLN D 536 1.57 25.58 -26.65
C GLN D 536 2.90 25.02 -27.08
N TYR D 537 2.89 24.14 -28.09
CA TYR D 537 4.14 23.56 -28.60
C TYR D 537 5.03 24.65 -29.21
N GLU D 538 4.42 25.57 -29.96
CA GLU D 538 5.17 26.67 -30.58
C GLU D 538 5.78 27.60 -29.56
N ALA D 539 5.08 27.83 -28.44
CA ALA D 539 5.62 28.65 -27.35
C ALA D 539 6.84 28.01 -26.68
N LEU D 540 6.90 26.68 -26.62
CA LEU D 540 8.09 26.01 -26.14
C LEU D 540 9.28 26.23 -27.08
N VAL D 541 9.02 26.15 -28.38
CA VAL D 541 10.08 26.35 -29.38
C VAL D 541 10.61 27.80 -29.27
N ASP D 542 9.72 28.76 -29.04
CA ASP D 542 10.10 30.17 -28.84
C ASP D 542 11.03 30.31 -27.63
N LYS D 543 10.79 29.49 -26.61
CA LYS D 543 11.40 29.67 -25.31
C LYS D 543 12.76 28.95 -25.14
N TYR D 544 12.91 27.79 -25.80
CA TYR D 544 14.00 26.85 -25.50
C TYR D 544 14.71 26.53 -26.79
N PRO D 545 15.95 27.01 -26.96
CA PRO D 545 16.81 26.78 -28.13
C PRO D 545 16.99 25.30 -28.51
N ARG D 546 16.98 24.41 -27.53
CA ARG D 546 17.17 22.95 -27.80
C ARG D 546 16.02 22.34 -28.63
N LEU D 547 14.84 22.94 -28.56
CA LEU D 547 13.65 22.44 -29.22
C LEU D 547 13.57 22.98 -30.64
N HIS D 548 13.56 22.09 -31.62
CA HIS D 548 13.64 22.51 -33.02
C HIS D 548 12.36 22.33 -33.80
N GLY D 549 11.24 22.14 -33.08
CA GLY D 549 9.94 22.15 -33.73
C GLY D 549 9.48 20.72 -33.95
N GLY D 550 8.75 20.49 -35.03
CA GLY D 550 8.24 19.15 -35.26
C GLY D 550 7.41 19.00 -36.49
N PHE D 551 6.89 17.78 -36.65
CA PHE D 551 6.25 17.32 -37.87
C PHE D 551 4.84 16.87 -37.48
N VAL D 552 3.83 17.55 -38.02
CA VAL D 552 2.44 17.18 -37.71
C VAL D 552 2.13 15.75 -38.22
N TRP D 553 1.40 14.96 -37.42
CA TRP D 553 0.81 13.70 -37.94
C TRP D 553 -0.68 13.91 -38.26
N GLU D 554 -1.08 13.87 -39.54
CA GLU D 554 -0.20 13.77 -40.71
C GLU D 554 -0.81 14.65 -41.80
N TRP D 555 -0.19 14.70 -42.98
CA TRP D 555 -0.63 15.64 -44.00
C TRP D 555 -2.05 15.34 -44.55
N ARG D 556 -2.32 14.12 -44.97
CA ARG D 556 -3.56 13.80 -45.68
C ARG D 556 -4.31 12.61 -45.10
N ASP D 557 -5.65 12.68 -45.14
CA ASP D 557 -6.53 11.52 -44.92
C ASP D 557 -6.27 10.53 -46.06
N HIS D 558 -6.22 9.23 -45.77
CA HIS D 558 -6.05 8.23 -46.83
C HIS D 558 -7.33 7.49 -47.19
N GLY D 559 -8.38 8.21 -47.57
CA GLY D 559 -9.65 7.58 -47.91
C GLY D 559 -9.57 6.86 -49.24
N ILE D 560 -10.29 5.76 -49.37
CA ILE D 560 -10.29 5.01 -50.65
C ILE D 560 -11.65 5.21 -51.32
N ARG D 561 -11.67 5.79 -52.52
CA ARG D 561 -12.94 6.07 -53.18
C ARG D 561 -13.59 4.78 -53.62
N THR D 562 -14.85 4.63 -53.25
CA THR D 562 -15.59 3.42 -53.60
C THR D 562 -17.07 3.78 -53.63
N ARG D 563 -17.92 2.80 -53.87
CA ARG D 563 -19.36 3.03 -53.99
C ARG D 563 -20.12 2.09 -53.10
N THR D 564 -21.27 2.54 -52.59
CA THR D 564 -22.20 1.66 -51.92
C THR D 564 -22.82 0.70 -52.96
N ALA D 565 -23.42 -0.40 -52.50
CA ALA D 565 -24.16 -1.34 -53.37
C ALA D 565 -25.18 -0.64 -54.30
N GLU D 566 -25.73 0.48 -53.84
CA GLU D 566 -26.66 1.32 -54.63
C GLU D 566 -25.94 2.37 -55.50
N GLY D 567 -24.61 2.35 -55.51
CA GLY D 567 -23.82 3.25 -56.36
C GLY D 567 -23.52 4.64 -55.82
N MET D 568 -23.68 4.83 -54.50
CA MET D 568 -23.33 6.10 -53.87
C MET D 568 -21.81 6.14 -53.57
N GLU D 569 -21.14 7.19 -54.05
CA GLU D 569 -19.69 7.28 -53.89
C GLU D 569 -19.32 7.81 -52.52
N PHE D 570 -18.26 7.27 -51.95
CA PHE D 570 -17.76 7.71 -50.64
C PHE D 570 -16.30 7.35 -50.46
N PHE D 571 -15.65 7.99 -49.48
CA PHE D 571 -14.30 7.64 -49.08
C PHE D 571 -14.32 6.58 -47.98
N ALA D 572 -13.93 5.36 -48.34
CA ALA D 572 -13.88 4.24 -47.41
C ALA D 572 -12.69 4.32 -46.44
N TYR D 573 -12.88 3.81 -45.22
CA TYR D 573 -11.78 3.66 -44.30
C TYR D 573 -11.68 2.23 -43.75
N GLY D 574 -10.77 2.01 -42.79
CA GLY D 574 -10.57 0.68 -42.19
C GLY D 574 -11.86 -0.04 -41.85
N GLY D 575 -11.99 -1.26 -42.33
CA GLY D 575 -13.16 -2.08 -42.02
C GLY D 575 -14.26 -2.06 -43.07
N ASP D 576 -14.20 -1.08 -43.96
CA ASP D 576 -15.22 -0.91 -45.02
C ASP D 576 -15.03 -1.95 -46.12
N PHE D 577 -13.92 -2.69 -46.08
CA PHE D 577 -13.63 -3.71 -47.11
C PHE D 577 -13.66 -5.12 -46.52
N GLY D 578 -14.44 -5.29 -45.45
CA GLY D 578 -14.65 -6.59 -44.84
C GLY D 578 -13.43 -7.19 -44.14
N GLU D 579 -12.49 -6.35 -43.71
CA GLU D 579 -11.29 -6.87 -43.06
C GLU D 579 -11.68 -7.66 -41.81
N VAL D 580 -10.96 -8.76 -41.55
CA VAL D 580 -11.05 -9.50 -40.29
C VAL D 580 -10.57 -8.62 -39.11
N VAL D 581 -9.33 -8.12 -39.19
CA VAL D 581 -8.84 -7.14 -38.20
C VAL D 581 -8.47 -5.85 -38.95
N HIS D 582 -8.77 -4.73 -38.32
CA HIS D 582 -8.61 -3.41 -38.93
C HIS D 582 -8.64 -2.38 -37.83
N ASP D 583 -8.23 -1.16 -38.18
CA ASP D 583 -8.24 -0.05 -37.22
C ASP D 583 -9.12 1.14 -37.68
N SER D 584 -10.18 0.81 -38.41
CA SER D 584 -11.31 1.72 -38.60
C SER D 584 -10.83 3.07 -39.20
N ASN D 585 -11.26 4.20 -38.66
CA ASN D 585 -10.94 5.51 -39.29
C ASN D 585 -9.63 6.15 -38.83
N PHE D 586 -8.75 5.36 -38.20
CA PHE D 586 -7.42 5.87 -37.88
C PHE D 586 -6.53 6.19 -39.09
N VAL D 587 -6.92 5.69 -40.25
CA VAL D 587 -6.27 6.05 -41.50
C VAL D 587 -6.72 7.46 -42.02
N MET D 588 -7.74 8.03 -41.37
CA MET D 588 -8.29 9.36 -41.70
C MET D 588 -7.79 10.39 -40.69
N ASP D 589 -6.49 10.67 -40.72
CA ASP D 589 -5.91 11.47 -39.66
C ASP D 589 -5.09 12.62 -40.21
N GLY D 590 -5.56 13.19 -41.33
CA GLY D 590 -4.87 14.29 -41.97
C GLY D 590 -5.36 15.72 -41.69
N MET D 591 -4.46 16.66 -41.91
CA MET D 591 -4.75 18.10 -41.94
C MET D 591 -5.50 18.53 -43.21
N VAL D 592 -5.38 17.68 -44.24
CA VAL D 592 -6.06 17.83 -45.52
C VAL D 592 -6.99 16.61 -45.75
N LEU D 593 -8.22 16.85 -46.22
CA LEU D 593 -9.18 15.76 -46.45
C LEU D 593 -8.80 14.99 -47.71
N SER D 594 -9.47 13.87 -47.97
CA SER D 594 -9.12 12.98 -49.10
C SER D 594 -9.26 13.65 -50.47
N ASP D 595 -10.17 14.62 -50.58
CA ASP D 595 -10.35 15.38 -51.84
C ASP D 595 -9.51 16.68 -51.89
N SER D 596 -8.52 16.77 -50.99
CA SER D 596 -7.55 17.87 -50.95
C SER D 596 -8.05 19.16 -50.30
N THR D 597 -9.19 19.11 -49.61
CA THR D 597 -9.67 20.30 -48.88
C THR D 597 -8.91 20.47 -47.58
N PRO D 598 -8.30 21.65 -47.37
CA PRO D 598 -7.65 21.97 -46.09
C PRO D 598 -8.70 22.08 -44.98
N THR D 599 -8.42 21.47 -43.83
CA THR D 599 -9.31 21.56 -42.68
C THR D 599 -9.04 22.83 -41.85
N PRO D 600 -9.99 23.23 -40.97
CA PRO D 600 -9.70 24.36 -40.07
C PRO D 600 -8.43 24.19 -39.24
N GLY D 601 -8.04 22.94 -38.91
CA GLY D 601 -6.82 22.68 -38.14
C GLY D 601 -5.58 23.11 -38.93
N LEU D 602 -5.64 23.01 -40.25
CA LEU D 602 -4.50 23.43 -41.09
C LEU D 602 -4.36 24.96 -41.13
N TYR D 603 -5.48 25.69 -41.19
CA TYR D 603 -5.44 27.16 -41.10
C TYR D 603 -4.88 27.61 -39.74
N GLU D 604 -5.26 26.87 -38.70
CA GLU D 604 -4.73 27.10 -37.35
C GLU D 604 -3.20 26.89 -37.32
N PHE D 605 -2.72 25.78 -37.89
CA PHE D 605 -1.28 25.49 -37.99
C PHE D 605 -0.58 26.67 -38.68
N LYS D 606 -1.11 27.05 -39.84
CA LYS D 606 -0.52 28.08 -40.70
C LYS D 606 -0.25 29.40 -39.91
N GLN D 607 -1.29 29.87 -39.23
CA GLN D 607 -1.20 31.10 -38.43
C GLN D 607 -0.19 30.98 -37.33
N ILE D 608 -0.22 29.85 -36.62
CA ILE D 608 0.69 29.64 -35.50
C ILE D 608 2.16 29.57 -35.94
N VAL D 609 2.43 28.95 -37.09
CA VAL D 609 3.84 28.85 -37.54
C VAL D 609 4.30 29.91 -38.55
N SER D 610 3.52 30.99 -38.71
CA SER D 610 3.86 32.03 -39.68
C SER D 610 5.28 32.54 -39.38
N PRO D 611 6.11 32.65 -40.44
CA PRO D 611 7.53 33.10 -40.42
C PRO D 611 7.64 34.60 -40.07
N ILE D 612 6.55 35.33 -40.24
CA ILE D 612 6.50 36.76 -39.87
C ILE D 612 5.50 36.96 -38.74
N ARG D 613 6.01 37.10 -37.54
CA ARG D 613 5.19 37.13 -36.33
C ARG D 613 4.78 38.57 -36.01
N LEU D 614 3.48 38.78 -35.88
CA LEU D 614 2.92 40.11 -35.72
C LEU D 614 2.25 40.29 -34.36
N GLY D 615 2.44 41.45 -33.75
CA GLY D 615 1.80 41.79 -32.48
C GLY D 615 1.22 43.19 -32.61
N LEU D 616 0.07 43.45 -31.99
CA LEU D 616 -0.50 44.81 -31.98
C LEU D 616 -0.75 45.31 -30.55
N SER D 617 -0.46 46.59 -30.31
CA SER D 617 -0.81 47.24 -29.04
C SER D 617 -1.13 48.73 -29.21
N LEU D 618 -1.73 49.30 -28.17
CA LEU D 618 -2.06 50.72 -28.15
C LEU D 618 -1.50 51.31 -26.87
N PRO D 619 -0.31 51.93 -26.96
CA PRO D 619 0.31 52.56 -25.79
C PRO D 619 -0.53 53.77 -25.36
N ALA D 620 -0.71 53.95 -24.05
CA ALA D 620 -1.47 55.09 -23.52
C ALA D 620 -1.15 56.37 -24.30
N GLY D 621 -2.18 57.01 -24.85
CA GLY D 621 -2.00 58.24 -25.64
C GLY D 621 -1.26 58.10 -26.98
N GLY D 622 -0.63 56.95 -27.22
CA GLY D 622 0.06 56.70 -28.50
C GLY D 622 -0.85 56.31 -29.66
N LYS D 623 -0.22 55.89 -30.75
CA LYS D 623 -0.94 55.37 -31.93
C LYS D 623 -0.83 53.84 -31.92
N PRO D 624 -1.71 53.13 -32.69
CA PRO D 624 -1.58 51.67 -32.73
C PRO D 624 -0.16 51.28 -33.14
N THR D 625 0.45 50.40 -32.35
CA THR D 625 1.83 50.00 -32.57
C THR D 625 1.94 48.53 -32.99
N LEU D 626 2.59 48.34 -34.12
CA LEU D 626 2.81 47.02 -34.71
C LEU D 626 4.21 46.50 -34.38
N ALA D 627 4.29 45.36 -33.72
CA ALA D 627 5.54 44.64 -33.50
C ALA D 627 5.69 43.58 -34.60
N VAL D 628 6.88 43.48 -35.19
CA VAL D 628 7.06 42.54 -36.29
C VAL D 628 8.35 41.79 -36.02
N ALA D 629 8.32 40.46 -36.06
CA ALA D 629 9.56 39.70 -35.92
C ALA D 629 9.71 38.75 -37.11
N ASN D 630 10.85 38.82 -37.77
CA ASN D 630 11.19 37.90 -38.84
C ASN D 630 11.83 36.66 -38.21
N LEU D 631 11.04 35.58 -38.12
CA LEU D 631 11.49 34.32 -37.48
C LEU D 631 12.05 33.33 -38.49
N ARG D 632 12.31 33.82 -39.69
CA ARG D 632 12.88 32.99 -40.72
C ARG D 632 14.31 32.52 -40.42
N HIS D 633 14.75 31.50 -41.15
CA HIS D 633 16.05 30.91 -40.98
C HIS D 633 17.09 31.75 -41.70
N THR D 634 16.82 32.14 -42.94
CA THR D 634 17.78 32.98 -43.69
C THR D 634 17.21 34.23 -44.36
N ALA D 635 16.01 34.15 -44.93
CA ALA D 635 15.51 35.20 -45.85
C ALA D 635 15.05 36.45 -45.12
N ASP D 636 15.42 37.62 -45.64
CA ASP D 636 14.91 38.88 -45.09
C ASP D 636 13.44 39.07 -45.50
N ALA D 637 12.80 40.12 -45.00
CA ALA D 637 11.38 40.28 -45.25
C ALA D 637 10.99 41.17 -46.43
N SER D 638 11.87 41.29 -47.44
CA SER D 638 11.61 42.17 -48.58
C SER D 638 10.48 41.66 -49.50
N ASP D 639 10.23 40.36 -49.45
CA ASP D 639 9.16 39.73 -50.23
C ASP D 639 7.77 39.95 -49.61
N VAL D 640 7.73 40.55 -48.43
CA VAL D 640 6.52 40.61 -47.60
C VAL D 640 6.00 42.06 -47.48
N VAL D 641 4.69 42.23 -47.55
CA VAL D 641 4.13 43.56 -47.27
C VAL D 641 3.10 43.46 -46.12
N LEU D 642 3.02 44.47 -45.27
CA LEU D 642 2.13 44.45 -44.13
C LEU D 642 0.91 45.31 -44.41
N ARG D 643 -0.25 44.69 -44.62
CA ARG D 643 -1.46 45.42 -45.00
C ARG D 643 -2.35 45.56 -43.79
N TRP D 644 -2.78 46.78 -43.49
CA TRP D 644 -3.63 47.03 -42.32
C TRP D 644 -4.98 47.55 -42.80
N ARG D 645 -6.03 47.31 -42.00
CA ARG D 645 -7.35 47.90 -42.23
C ARG D 645 -8.08 48.06 -40.90
N VAL D 646 -8.84 49.15 -40.77
CA VAL D 646 -9.74 49.31 -39.62
C VAL D 646 -11.16 49.19 -40.13
N GLU D 647 -11.97 48.41 -39.40
CA GLU D 647 -13.35 48.16 -39.73
C GLU D 647 -14.25 48.62 -38.59
N HIS D 648 -15.34 49.29 -38.94
CA HIS D 648 -16.36 49.68 -37.98
C HIS D 648 -17.49 48.72 -38.21
N ASP D 649 -17.81 47.94 -37.17
CA ASP D 649 -18.71 46.80 -37.33
C ASP D 649 -18.51 46.04 -38.64
N GLY D 650 -17.26 45.71 -38.95
CA GLY D 650 -16.98 44.86 -40.08
C GLY D 650 -16.75 45.56 -41.41
N ALA D 651 -17.18 46.82 -41.51
CA ALA D 651 -17.04 47.58 -42.75
C ALA D 651 -15.78 48.44 -42.76
N VAL D 652 -14.97 48.30 -43.81
CA VAL D 652 -13.67 48.99 -43.87
C VAL D 652 -13.84 50.52 -43.83
N ALA D 653 -13.19 51.15 -42.87
CA ALA D 653 -13.20 52.60 -42.67
C ALA D 653 -11.93 53.25 -43.20
N ALA D 654 -10.79 52.55 -43.12
CA ALA D 654 -9.49 53.04 -43.61
C ALA D 654 -8.58 51.84 -43.77
N SER D 655 -7.61 51.96 -44.68
CA SER D 655 -6.64 50.89 -44.96
C SER D 655 -5.33 51.42 -45.51
N GLY D 656 -4.29 50.60 -45.43
CA GLY D 656 -2.95 51.03 -45.81
C GLY D 656 -1.98 49.86 -45.87
N GLU D 657 -0.75 50.16 -46.30
CA GLU D 657 0.34 49.16 -46.40
C GLU D 657 1.59 49.73 -45.77
N VAL D 658 2.41 48.85 -45.22
CA VAL D 658 3.65 49.24 -44.57
C VAL D 658 4.73 48.19 -44.93
N ALA D 659 5.96 48.63 -45.22
CA ALA D 659 7.04 47.68 -45.50
C ALA D 659 7.56 47.05 -44.19
N ALA D 660 8.01 45.80 -44.26
CA ALA D 660 8.65 45.17 -43.10
C ALA D 660 10.14 45.55 -43.12
N GLU D 661 10.49 46.62 -42.40
CA GLU D 661 11.85 47.19 -42.41
C GLU D 661 12.46 47.09 -41.04
N GLY D 662 13.77 46.85 -40.99
CA GLY D 662 14.51 46.78 -39.74
C GLY D 662 15.43 47.98 -39.59
N SER D 663 16.54 47.80 -38.88
CA SER D 663 17.50 48.90 -38.68
C SER D 663 18.29 49.26 -39.94
N ASP D 664 18.38 48.33 -40.90
CA ASP D 664 19.13 48.56 -42.13
C ASP D 664 18.45 47.91 -43.33
N GLY D 665 17.41 48.57 -43.84
CA GLY D 665 16.63 48.03 -44.95
C GLY D 665 15.66 46.95 -44.46
N PRO D 666 15.31 45.99 -45.34
CA PRO D 666 14.38 44.89 -45.02
C PRO D 666 14.71 44.17 -43.70
N LEU D 667 13.66 43.83 -42.95
CA LEU D 667 13.80 43.11 -41.67
C LEU D 667 14.52 41.78 -41.89
N ARG D 668 15.68 41.65 -41.28
CA ARG D 668 16.53 40.47 -41.49
C ARG D 668 16.02 39.26 -40.68
N ALA D 669 16.40 38.05 -41.10
CA ALA D 669 16.06 36.83 -40.35
C ALA D 669 16.61 36.94 -38.94
N GLY D 670 15.72 36.81 -37.96
CA GLY D 670 16.09 36.93 -36.55
C GLY D 670 15.98 38.35 -35.99
N GLU D 671 15.58 39.29 -36.83
CA GLU D 671 15.47 40.69 -36.41
C GLU D 671 14.01 41.03 -36.12
N SER D 672 13.80 41.92 -35.13
CA SER D 672 12.51 42.47 -34.72
C SER D 672 12.47 44.00 -34.85
N ALA D 673 11.27 44.54 -35.09
CA ALA D 673 11.07 45.97 -35.27
C ALA D 673 9.69 46.37 -34.75
N THR D 674 9.50 47.64 -34.44
CA THR D 674 8.15 48.17 -34.16
C THR D 674 7.84 49.35 -35.07
N ILE D 675 6.57 49.52 -35.39
CA ILE D 675 6.17 50.64 -36.25
C ILE D 675 4.85 51.23 -35.78
N ALA D 676 4.81 52.56 -35.62
CA ALA D 676 3.57 53.25 -35.28
C ALA D 676 2.74 53.37 -36.55
N LEU D 677 1.50 52.91 -36.49
CA LEU D 677 0.56 53.06 -37.60
C LEU D 677 -0.18 54.39 -37.44
N PRO D 678 -0.93 54.82 -38.48
CA PRO D 678 -1.74 56.05 -38.29
C PRO D 678 -2.68 55.99 -37.07
N ALA D 679 -3.13 57.16 -36.61
CA ALA D 679 -4.15 57.22 -35.57
C ALA D 679 -5.44 56.66 -36.14
N MET D 680 -6.14 55.88 -35.34
CA MET D 680 -7.38 55.22 -35.78
C MET D 680 -8.43 55.44 -34.70
N PRO D 681 -9.13 56.60 -34.75
CA PRO D 681 -10.04 56.88 -33.65
C PRO D 681 -11.23 55.92 -33.69
N ALA D 682 -11.73 55.57 -32.51
CA ALA D 682 -12.85 54.64 -32.40
C ALA D 682 -14.11 55.23 -33.01
N ALA D 683 -14.92 54.40 -33.69
CA ALA D 683 -16.27 54.84 -33.98
C ALA D 683 -16.97 55.06 -32.62
N PRO D 684 -17.81 56.11 -32.52
CA PRO D 684 -18.45 56.40 -31.24
C PRO D 684 -19.43 55.28 -30.87
N LEU D 685 -20.04 54.67 -31.89
CA LEU D 685 -20.94 53.56 -31.70
C LEU D 685 -20.40 52.29 -32.35
N GLY D 686 -20.67 51.14 -31.74
CA GLY D 686 -20.35 49.85 -32.35
C GLY D 686 -18.91 49.54 -32.07
N GLU D 687 -18.36 48.61 -32.83
CA GLU D 687 -17.04 48.10 -32.58
C GLU D 687 -16.09 48.59 -33.66
N THR D 688 -14.85 48.82 -33.25
CA THR D 688 -13.77 49.17 -34.16
C THR D 688 -12.60 48.20 -34.00
N TRP D 689 -12.28 47.51 -35.09
CA TRP D 689 -11.24 46.47 -35.14
C TRP D 689 -10.15 46.80 -36.16
N LEU D 690 -8.91 46.78 -35.69
CA LEU D 690 -7.73 46.85 -36.58
C LEU D 690 -7.23 45.44 -36.92
N THR D 691 -7.07 45.15 -38.21
CA THR D 691 -6.47 43.89 -38.66
C THR D 691 -5.21 44.22 -39.45
N VAL D 692 -4.10 43.51 -39.17
CA VAL D 692 -2.87 43.60 -39.98
C VAL D 692 -2.53 42.21 -40.52
N GLU D 693 -2.29 42.11 -41.82
CA GLU D 693 -1.86 40.82 -42.41
C GLU D 693 -0.49 40.94 -43.06
N ALA D 694 0.37 39.95 -42.83
CA ALA D 694 1.62 39.85 -43.58
C ALA D 694 1.31 39.09 -44.87
N VAL D 695 1.56 39.70 -46.02
CA VAL D 695 1.26 39.03 -47.31
C VAL D 695 2.45 39.03 -48.27
N LEU D 696 2.51 38.05 -49.18
CA LEU D 696 3.52 38.09 -50.24
C LEU D 696 3.23 39.21 -51.26
N ARG D 697 4.22 40.06 -51.53
CA ARG D 697 4.08 41.12 -52.53
C ARG D 697 3.81 40.51 -53.91
N ASP D 698 4.64 39.53 -54.28
CA ASP D 698 4.57 38.95 -55.65
C ASP D 698 4.21 37.47 -55.63
N ALA D 699 3.78 36.98 -56.79
CA ALA D 699 3.47 35.56 -56.99
C ALA D 699 4.72 34.69 -56.87
N THR D 700 4.52 33.42 -56.49
CA THR D 700 5.60 32.44 -56.50
C THR D 700 5.12 31.30 -57.41
N GLY D 701 5.91 30.24 -57.54
CA GLY D 701 5.43 29.07 -58.28
C GLY D 701 4.18 28.47 -57.64
N TRP D 702 4.00 28.70 -56.33
CA TRP D 702 2.99 27.99 -55.53
C TRP D 702 1.86 28.86 -54.94
N ALA D 703 1.92 30.18 -55.16
CA ALA D 703 0.93 31.10 -54.60
C ALA D 703 0.81 32.40 -55.39
N PRO D 704 -0.41 32.99 -55.43
CA PRO D 704 -0.64 34.29 -56.06
C PRO D 704 -0.06 35.46 -55.28
N ALA D 705 0.06 36.60 -55.95
CA ALA D 705 0.39 37.83 -55.26
C ALA D 705 -0.65 38.10 -54.18
N GLY D 706 -0.19 38.63 -53.05
CA GLY D 706 -1.11 38.97 -51.95
C GLY D 706 -1.48 37.77 -51.07
N HIS D 707 -0.84 36.63 -51.34
CA HIS D 707 -1.04 35.42 -50.50
C HIS D 707 -0.74 35.76 -49.05
N PRO D 708 -1.72 35.56 -48.14
CA PRO D 708 -1.45 35.85 -46.73
C PRO D 708 -0.58 34.80 -46.00
N LEU D 709 0.31 35.28 -45.13
CA LEU D 709 1.13 34.38 -44.32
C LEU D 709 0.59 34.21 -42.90
N GLY D 710 -0.01 35.28 -42.38
CA GLY D 710 -0.54 35.31 -41.00
C GLY D 710 -1.07 36.71 -40.73
N ALA D 711 -1.84 36.84 -39.64
CA ALA D 711 -2.51 38.13 -39.30
C ALA D 711 -2.59 38.30 -37.79
N VAL D 712 -2.99 39.50 -37.36
CA VAL D 712 -3.20 39.81 -35.94
C VAL D 712 -4.31 40.89 -35.91
N GLN D 713 -5.06 40.97 -34.82
CA GLN D 713 -6.10 41.99 -34.68
C GLN D 713 -5.91 42.73 -33.38
N LEU D 714 -6.49 43.92 -33.31
CA LEU D 714 -6.51 44.70 -32.07
C LEU D 714 -7.88 45.34 -32.00
N ASP D 715 -8.52 45.19 -30.86
CA ASP D 715 -9.81 45.80 -30.60
C ASP D 715 -9.56 47.24 -30.16
N LEU D 716 -10.10 48.18 -30.91
CA LEU D 716 -9.94 49.60 -30.60
C LEU D 716 -11.30 50.21 -30.23
N SER D 717 -12.29 49.36 -29.94
CA SER D 717 -13.68 49.83 -29.80
C SER D 717 -13.85 50.86 -28.70
N ALA D 718 -14.84 51.74 -28.88
CA ALA D 718 -15.25 52.67 -27.81
C ALA D 718 -15.78 51.86 -26.64
N PRO D 719 -15.72 52.40 -25.41
CA PRO D 719 -16.22 51.65 -24.25
C PRO D 719 -17.63 51.13 -24.51
N ALA D 720 -17.90 49.90 -24.07
CA ALA D 720 -19.15 49.19 -24.39
C ALA D 720 -20.37 49.86 -23.78
N VAL D 721 -21.46 49.91 -24.54
CA VAL D 721 -22.75 50.36 -23.99
C VAL D 721 -23.61 49.12 -23.68
N PRO D 722 -23.74 48.77 -22.38
CA PRO D 722 -24.56 47.62 -22.02
C PRO D 722 -26.05 47.87 -22.30
N THR D 723 -26.69 46.94 -22.98
CA THR D 723 -28.11 47.09 -23.31
C THR D 723 -28.99 46.96 -22.05
N ARG D 724 -30.16 47.57 -22.11
CA ARG D 724 -31.08 47.61 -20.98
C ARG D 724 -32.06 46.43 -21.02
N SER D 725 -31.79 45.45 -20.17
CA SER D 725 -32.61 44.25 -20.12
C SER D 725 -33.88 44.51 -19.33
N PRO D 726 -34.99 43.81 -19.68
CA PRO D 726 -36.23 43.98 -18.93
C PRO D 726 -36.04 43.55 -17.48
N ARG D 727 -36.67 44.27 -16.56
CA ARG D 727 -36.64 43.89 -15.15
C ARG D 727 -37.25 42.50 -14.98
N PRO D 728 -36.63 41.64 -14.16
CA PRO D 728 -37.28 40.36 -13.84
C PRO D 728 -38.73 40.61 -13.35
N ALA D 729 -39.67 39.84 -13.88
CA ALA D 729 -41.11 40.04 -13.62
C ALA D 729 -41.70 38.92 -12.77
N THR D 730 -42.66 39.27 -11.91
CA THR D 730 -43.42 38.25 -11.18
C THR D 730 -44.47 37.63 -12.07
N PRO D 731 -44.54 36.30 -12.10
CA PRO D 731 -45.57 35.67 -12.94
C PRO D 731 -46.99 35.97 -12.49
N LEU D 732 -47.90 36.08 -13.45
CA LEU D 732 -49.32 36.39 -13.19
C LEU D 732 -50.18 35.17 -13.38
N ASP D 733 -51.32 35.12 -12.68
CA ASP D 733 -52.33 34.08 -12.95
C ASP D 733 -53.02 34.35 -14.28
N GLY D 734 -53.71 33.35 -14.79
CA GLY D 734 -54.48 33.61 -16.01
C GLY D 734 -53.76 33.29 -17.31
N ALA D 735 -54.43 33.65 -18.41
CA ALA D 735 -54.14 33.12 -19.74
C ALA D 735 -52.73 33.45 -20.22
N LEU D 736 -52.08 32.45 -20.81
CA LEU D 736 -50.76 32.66 -21.39
C LEU D 736 -50.89 33.47 -22.66
N PRO D 737 -49.85 34.25 -23.01
CA PRO D 737 -49.94 34.92 -24.29
C PRO D 737 -49.77 33.93 -25.44
N VAL D 738 -50.34 34.30 -26.57
CA VAL D 738 -50.20 33.53 -27.78
C VAL D 738 -49.12 34.18 -28.65
N SER D 739 -49.15 35.50 -28.70
CA SER D 739 -48.30 36.23 -29.66
C SER D 739 -47.34 37.16 -28.91
N LEU D 740 -46.03 36.95 -29.05
CA LEU D 740 -45.06 37.88 -28.52
C LEU D 740 -44.14 38.30 -29.62
N GLY D 741 -44.52 39.33 -30.37
CA GLY D 741 -43.69 39.81 -31.48
C GLY D 741 -43.56 38.74 -32.54
N PRO D 742 -42.30 38.40 -32.97
CA PRO D 742 -42.12 37.35 -33.99
C PRO D 742 -42.42 35.92 -33.50
N ALA D 743 -42.61 35.74 -32.19
CA ALA D 743 -42.87 34.39 -31.64
C ALA D 743 -44.35 34.14 -31.42
N THR D 744 -44.79 32.94 -31.76
CA THR D 744 -46.14 32.49 -31.45
C THR D 744 -46.06 31.23 -30.59
N PHE D 745 -46.94 31.17 -29.61
CA PHE D 745 -46.98 30.07 -28.65
C PHE D 745 -48.33 29.36 -28.72
N ASP D 746 -48.31 28.05 -28.55
CA ASP D 746 -49.52 27.29 -28.33
C ASP D 746 -49.44 26.73 -26.92
N ALA D 747 -50.31 27.21 -26.04
CA ALA D 747 -50.29 26.82 -24.62
C ALA D 747 -48.89 26.83 -24.00
N GLY D 748 -48.14 27.92 -24.26
CA GLY D 748 -46.77 28.05 -23.76
C GLY D 748 -45.66 27.37 -24.54
N THR D 749 -45.99 26.56 -25.54
CA THR D 749 -44.99 25.91 -26.41
C THR D 749 -44.75 26.76 -27.66
N LEU D 750 -43.50 27.13 -27.94
CA LEU D 750 -43.17 27.87 -29.16
C LEU D 750 -43.52 27.02 -30.40
N VAL D 751 -44.22 27.63 -31.34
CA VAL D 751 -44.64 26.95 -32.58
C VAL D 751 -44.15 27.66 -33.84
N SER D 752 -43.85 28.95 -33.74
CA SER D 752 -43.30 29.68 -34.90
C SER D 752 -42.46 30.87 -34.52
N LEU D 753 -41.54 31.24 -35.42
CA LEU D 753 -40.80 32.49 -35.31
C LEU D 753 -40.76 33.14 -36.69
N ALA D 754 -41.08 34.43 -36.76
CA ALA D 754 -41.01 35.20 -37.99
C ALA D 754 -41.55 34.43 -39.19
N GLY D 755 -42.79 33.94 -39.04
CA GLY D 755 -43.53 33.33 -40.14
C GLY D 755 -43.23 31.90 -40.51
N GLN D 756 -42.38 31.21 -39.73
CA GLN D 756 -41.91 29.84 -40.04
C GLN D 756 -42.11 28.94 -38.82
N PRO D 757 -42.49 27.67 -39.03
CA PRO D 757 -42.64 26.74 -37.93
C PRO D 757 -41.28 26.48 -37.26
N VAL D 758 -41.24 26.55 -35.93
CA VAL D 758 -40.00 26.39 -35.16
C VAL D 758 -40.36 25.71 -33.83
N SER D 759 -39.49 24.81 -33.35
CA SER D 759 -39.59 24.23 -32.01
C SER D 759 -38.35 24.64 -31.21
N GLY D 760 -38.48 24.74 -29.90
CA GLY D 760 -37.34 25.09 -29.05
C GLY D 760 -37.69 26.21 -28.10
N PRO D 761 -36.73 26.65 -27.27
CA PRO D 761 -35.38 26.07 -27.25
C PRO D 761 -35.32 24.81 -26.37
N ARG D 762 -34.42 23.91 -26.71
CA ARG D 762 -34.26 22.62 -26.03
C ARG D 762 -32.84 22.58 -25.49
N LEU D 763 -32.68 22.36 -24.20
CA LEU D 763 -31.31 22.23 -23.66
C LEU D 763 -30.59 21.08 -24.31
N GLU D 764 -29.30 21.28 -24.58
CA GLU D 764 -28.47 20.19 -25.07
C GLU D 764 -27.10 20.23 -24.46
N LEU D 765 -26.67 19.07 -23.94
CA LEU D 765 -25.32 18.90 -23.39
C LEU D 765 -24.48 17.96 -24.26
N TRP D 766 -25.16 17.21 -25.13
CA TRP D 766 -24.47 16.27 -25.99
C TRP D 766 -23.84 16.98 -27.19
N ARG D 767 -22.63 16.55 -27.60
CA ARG D 767 -22.17 16.86 -28.95
C ARG D 767 -21.77 15.54 -29.62
N ALA D 768 -21.83 15.49 -30.94
CA ALA D 768 -21.41 14.31 -31.67
C ALA D 768 -19.88 14.16 -31.45
N PRO D 769 -19.45 13.13 -30.70
CA PRO D 769 -18.05 13.03 -30.22
C PRO D 769 -17.03 13.14 -31.36
N THR D 770 -16.03 13.99 -31.16
CA THR D 770 -14.91 14.04 -32.06
C THR D 770 -14.08 12.74 -31.95
N ASP D 771 -13.18 12.49 -32.89
CA ASP D 771 -12.27 11.37 -32.70
C ASP D 771 -11.49 11.48 -31.40
N ASN D 772 -11.05 12.70 -31.10
CA ASN D 772 -10.40 12.93 -29.80
C ASN D 772 -11.28 12.61 -28.58
N ASP D 773 -12.57 12.96 -28.66
CA ASP D 773 -13.54 12.62 -27.58
C ASP D 773 -13.63 11.11 -27.37
N ARG D 774 -13.25 10.34 -28.39
CA ARG D 774 -13.32 8.86 -28.34
C ARG D 774 -11.99 8.21 -27.99
N GLY D 775 -10.95 9.01 -27.82
CA GLY D 775 -9.62 8.48 -27.52
C GLY D 775 -9.43 8.21 -26.04
N ALA D 776 -8.66 7.17 -25.71
CA ALA D 776 -8.31 6.88 -24.31
C ALA D 776 -6.84 6.46 -24.01
N GLY D 777 -5.94 6.73 -24.96
CA GLY D 777 -4.47 6.45 -24.86
C GLY D 777 -3.71 7.17 -23.77
N PHE D 778 -3.49 8.48 -23.93
CA PHE D 778 -3.08 9.33 -22.81
C PHE D 778 -4.20 9.30 -21.80
N GLY D 779 -3.89 9.67 -20.56
CA GLY D 779 -4.90 9.81 -19.53
C GLY D 779 -5.63 11.12 -19.75
N ALA D 780 -6.63 11.34 -18.93
CA ALA D 780 -7.40 12.54 -18.93
C ALA D 780 -6.67 13.53 -18.04
N TYR D 781 -6.82 14.82 -18.33
CA TYR D 781 -6.21 15.85 -17.48
C TYR D 781 -7.01 16.31 -16.24
N GLY D 782 -8.30 16.01 -16.18
CA GLY D 782 -9.13 16.46 -15.04
C GLY D 782 -8.67 16.17 -13.61
N PRO D 783 -8.51 14.88 -13.25
CA PRO D 783 -8.29 14.45 -11.87
C PRO D 783 -6.94 14.81 -11.22
N GLY D 784 -6.05 15.51 -11.91
CA GLY D 784 -4.79 15.86 -11.26
C GLY D 784 -4.11 17.03 -11.94
N ASP D 785 -3.07 17.57 -11.28
CA ASP D 785 -2.25 18.66 -11.84
C ASP D 785 -1.67 18.11 -13.14
N PRO D 786 -1.95 18.77 -14.27
CA PRO D 786 -1.54 18.24 -15.58
C PRO D 786 -0.01 18.18 -15.74
N TRP D 787 0.69 18.89 -14.87
CA TRP D 787 2.16 18.92 -14.92
C TRP D 787 2.81 17.69 -14.23
N LEU D 788 2.03 16.93 -13.48
CA LEU D 788 2.50 15.67 -12.89
C LEU D 788 2.56 14.52 -13.90
N ASN D 789 3.25 13.44 -13.52
CA ASN D 789 3.28 12.21 -14.31
C ASN D 789 3.72 12.46 -15.78
N SER D 790 4.65 13.39 -15.97
CA SER D 790 5.21 13.76 -17.30
C SER D 790 4.14 14.29 -18.26
N GLY D 791 3.07 14.85 -17.71
CA GLY D 791 1.96 15.36 -18.52
C GLY D 791 1.14 14.24 -19.18
N ARG D 792 1.22 13.02 -18.65
CA ARG D 792 0.51 11.88 -19.25
C ARG D 792 -0.93 11.70 -18.77
N GLY D 793 -1.37 12.59 -17.87
CA GLY D 793 -2.72 12.53 -17.34
C GLY D 793 -2.94 11.37 -16.38
N VAL D 794 -4.21 11.11 -16.09
CA VAL D 794 -4.63 10.02 -15.19
C VAL D 794 -5.40 8.99 -16.02
N PRO D 795 -4.97 7.71 -16.04
CA PRO D 795 -5.68 6.70 -16.85
C PRO D 795 -7.19 6.79 -16.65
N ALA D 796 -7.97 6.77 -17.72
CA ALA D 796 -9.42 7.06 -17.64
C ALA D 796 -10.09 6.64 -18.93
N PRO D 797 -11.40 6.36 -18.92
CA PRO D 797 -12.14 6.08 -20.18
C PRO D 797 -12.12 7.30 -21.11
N SER D 798 -12.53 7.10 -22.36
CA SER D 798 -12.74 8.23 -23.26
C SER D 798 -13.87 9.15 -22.76
N SER D 799 -13.85 10.41 -23.21
CA SER D 799 -14.95 11.31 -22.91
C SER D 799 -16.27 10.73 -23.40
N GLU D 800 -16.28 10.15 -24.60
CA GLU D 800 -17.50 9.58 -25.14
C GLU D 800 -18.08 8.49 -24.23
N ALA D 801 -17.21 7.61 -23.69
CA ALA D 801 -17.66 6.56 -22.76
C ALA D 801 -18.37 7.12 -21.53
N VAL D 802 -17.78 8.13 -20.90
CA VAL D 802 -18.37 8.74 -19.70
C VAL D 802 -19.64 9.52 -20.03
N TRP D 803 -19.68 10.19 -21.19
CA TRP D 803 -20.88 10.90 -21.64
C TRP D 803 -22.05 9.95 -21.86
N LYS D 804 -21.80 8.81 -22.51
CA LYS D 804 -22.86 7.83 -22.78
C LYS D 804 -23.35 7.14 -21.50
N GLN D 805 -22.42 6.80 -20.62
CA GLN D 805 -22.74 6.24 -19.32
C GLN D 805 -23.63 7.19 -18.51
N ALA D 806 -23.35 8.48 -18.60
CA ALA D 806 -24.16 9.51 -17.95
C ALA D 806 -25.48 9.79 -18.66
N GLY D 807 -25.68 9.23 -19.85
CA GLY D 807 -26.93 9.48 -20.59
C GLY D 807 -27.04 10.86 -21.23
N LEU D 808 -25.91 11.54 -21.44
CA LEU D 808 -25.93 12.89 -21.99
C LEU D 808 -26.52 12.96 -23.39
N ASP D 809 -26.48 11.84 -24.12
CA ASP D 809 -27.08 11.77 -25.46
C ASP D 809 -28.59 11.59 -25.46
N ARG D 810 -29.18 11.31 -24.28
CA ARG D 810 -30.62 11.02 -24.17
C ARG D 810 -31.30 11.80 -23.02
N LEU D 811 -31.00 13.10 -22.91
CA LEU D 811 -31.68 13.94 -21.90
C LEU D 811 -33.15 14.04 -22.24
N THR D 812 -34.00 13.98 -21.22
CA THR D 812 -35.45 14.15 -21.37
C THR D 812 -35.83 15.53 -20.83
N ARG D 813 -36.85 16.17 -21.42
CA ARG D 813 -37.34 17.50 -20.99
C ARG D 813 -38.64 17.36 -20.20
N ARG D 814 -38.70 17.87 -18.97
CA ARG D 814 -39.90 17.88 -18.19
C ARG D 814 -40.31 19.30 -17.85
N VAL D 815 -41.53 19.68 -18.21
CA VAL D 815 -42.02 21.02 -17.88
C VAL D 815 -42.50 21.06 -16.43
N GLU D 816 -41.90 21.96 -15.65
CA GLU D 816 -42.28 22.14 -14.25
C GLU D 816 -43.45 23.13 -14.19
N ASP D 817 -43.34 24.26 -14.89
CA ASP D 817 -44.44 25.23 -14.89
C ASP D 817 -44.33 26.23 -16.02
N VAL D 818 -45.45 26.90 -16.31
CA VAL D 818 -45.58 27.90 -17.37
C VAL D 818 -46.50 28.99 -16.82
N ALA D 819 -46.10 30.26 -16.94
CA ALA D 819 -46.85 31.35 -16.37
C ALA D 819 -46.71 32.57 -17.26
N ALA D 820 -47.79 33.33 -17.37
CA ALA D 820 -47.76 34.65 -18.00
C ALA D 820 -46.91 35.62 -17.17
N LEU D 821 -46.29 36.55 -17.88
CA LEU D 821 -45.69 37.73 -17.30
C LEU D 821 -46.42 38.92 -17.95
N PRO D 822 -46.28 40.12 -17.38
CA PRO D 822 -46.66 41.35 -18.13
C PRO D 822 -45.90 41.41 -19.48
N ASP D 823 -46.63 41.38 -20.59
CA ASP D 823 -46.00 41.24 -21.93
C ASP D 823 -44.90 40.14 -22.05
N GLY D 824 -45.18 38.96 -21.51
CA GLY D 824 -44.32 37.80 -21.76
C GLY D 824 -44.80 36.50 -21.16
N ILE D 825 -43.86 35.55 -21.11
CA ILE D 825 -44.15 34.23 -20.61
C ILE D 825 -42.88 33.63 -19.98
N ARG D 826 -43.07 32.89 -18.88
CA ARG D 826 -41.98 32.19 -18.24
C ARG D 826 -42.24 30.69 -18.32
N VAL D 827 -41.21 29.96 -18.74
CA VAL D 827 -41.30 28.52 -18.84
C VAL D 827 -40.17 27.94 -17.98
N ARG D 828 -40.52 27.08 -17.05
CA ARG D 828 -39.49 26.40 -16.27
C ARG D 828 -39.52 24.91 -16.54
N THR D 829 -38.36 24.35 -16.88
CA THR D 829 -38.24 22.95 -17.25
C THR D 829 -37.07 22.35 -16.50
N ARG D 830 -37.01 21.02 -16.57
CA ARG D 830 -35.96 20.25 -15.91
C ARG D 830 -35.55 19.10 -16.84
N TYR D 831 -34.24 18.94 -17.00
CA TYR D 831 -33.66 17.97 -17.91
C TYR D 831 -32.87 16.94 -17.14
N ALA D 832 -33.00 15.68 -17.58
CA ALA D 832 -32.36 14.55 -16.91
C ALA D 832 -32.45 13.33 -17.81
N ALA D 833 -31.45 12.44 -17.71
CA ALA D 833 -31.47 11.18 -18.42
C ALA D 833 -32.29 10.17 -17.62
N ALA D 834 -32.93 9.24 -18.32
CA ALA D 834 -33.51 8.06 -17.66
C ALA D 834 -32.47 7.38 -16.77
N ASP D 835 -32.91 7.01 -15.57
CA ASP D 835 -32.08 6.32 -14.58
C ASP D 835 -30.95 7.14 -13.93
N SER D 836 -31.00 8.47 -14.06
CA SER D 836 -29.99 9.35 -13.46
C SER D 836 -30.61 10.15 -12.35
N THR D 837 -29.83 10.43 -11.30
CA THR D 837 -30.28 11.23 -10.17
C THR D 837 -29.88 12.71 -10.34
N HIS D 838 -29.20 13.02 -11.44
CA HIS D 838 -28.72 14.36 -11.69
C HIS D 838 -29.65 15.06 -12.70
N SER D 839 -29.70 16.39 -12.65
CA SER D 839 -30.58 17.14 -13.55
C SER D 839 -30.03 18.53 -13.86
N VAL D 840 -30.67 19.21 -14.80
CA VAL D 840 -30.36 20.61 -15.07
C VAL D 840 -31.69 21.36 -15.16
N ALA D 841 -31.86 22.37 -14.32
CA ALA D 841 -33.02 23.27 -14.37
C ALA D 841 -32.78 24.35 -15.41
N VAL D 842 -33.83 24.69 -16.15
CA VAL D 842 -33.76 25.67 -17.21
C VAL D 842 -34.97 26.60 -17.05
N GLU D 843 -34.72 27.89 -17.09
CA GLU D 843 -35.80 28.88 -17.03
C GLU D 843 -35.73 29.78 -18.25
N GLU D 844 -36.86 29.94 -18.94
CA GLU D 844 -36.90 30.86 -20.09
C GLU D 844 -37.80 32.01 -19.69
N ASN D 845 -37.31 33.23 -19.82
CA ASN D 845 -38.15 34.42 -19.62
C ASN D 845 -38.17 35.14 -20.96
N TRP D 846 -39.30 35.01 -21.66
CA TRP D 846 -39.57 35.76 -22.90
C TRP D 846 -40.32 37.04 -22.53
N GLN D 847 -39.80 38.18 -22.93
CA GLN D 847 -40.42 39.45 -22.55
C GLN D 847 -40.31 40.44 -23.70
N LEU D 848 -41.41 41.13 -24.01
CA LEU D 848 -41.38 42.27 -24.93
C LEU D 848 -40.92 43.52 -24.18
N ASP D 849 -39.88 44.17 -24.68
CA ASP D 849 -39.29 45.34 -24.05
C ASP D 849 -39.10 46.38 -25.15
N GLY D 850 -39.94 47.41 -25.14
CA GLY D 850 -39.95 48.44 -26.18
C GLY D 850 -40.11 47.87 -27.59
N GLY D 851 -41.08 46.97 -27.76
CA GLY D 851 -41.25 46.26 -29.04
C GLY D 851 -40.17 45.27 -29.45
N GLU D 852 -39.12 45.06 -28.64
CA GLU D 852 -38.11 44.05 -28.95
C GLU D 852 -38.43 42.79 -28.14
N LEU D 853 -38.35 41.61 -28.76
CA LEU D 853 -38.52 40.34 -28.06
C LEU D 853 -37.19 39.92 -27.41
N CYS D 854 -37.17 39.91 -26.09
CA CYS D 854 -36.01 39.51 -25.28
C CYS D 854 -36.25 38.14 -24.71
N LEU D 855 -35.25 37.27 -24.80
CA LEU D 855 -35.32 35.94 -24.25
C LEU D 855 -34.09 35.73 -23.34
N ARG D 856 -34.32 35.53 -22.05
CA ARG D 856 -33.24 35.20 -21.12
C ARG D 856 -33.39 33.74 -20.78
N ILE D 857 -32.32 32.95 -20.97
CA ILE D 857 -32.38 31.51 -20.63
C ILE D 857 -31.37 31.24 -19.53
N ASP D 858 -31.84 30.82 -18.36
CA ASP D 858 -30.95 30.52 -17.22
C ASP D 858 -30.87 29.02 -17.03
N ILE D 859 -29.64 28.51 -17.03
CA ILE D 859 -29.38 27.10 -16.99
C ILE D 859 -28.68 26.83 -15.66
N THR D 860 -29.31 26.06 -14.79
CA THR D 860 -28.85 25.89 -13.40
C THR D 860 -28.73 24.36 -13.02
N PRO D 861 -27.55 23.79 -13.21
CA PRO D 861 -27.33 22.35 -12.94
C PRO D 861 -27.52 21.96 -11.46
N SER D 862 -28.00 20.74 -11.22
CA SER D 862 -28.00 20.15 -9.89
C SER D 862 -26.54 19.97 -9.40
N ALA D 863 -26.34 19.59 -8.14
N ALA D 863 -26.37 19.72 -8.10
CA ALA D 863 -24.97 19.53 -7.55
CA ALA D 863 -25.07 19.41 -7.55
C ALA D 863 -24.03 18.37 -7.95
C ALA D 863 -24.70 17.98 -7.92
N GLY D 864 -24.59 17.23 -8.30
N GLY D 864 -23.41 17.68 -7.92
CA GLY D 864 -23.80 16.00 -8.37
CA GLY D 864 -22.96 16.32 -8.08
C GLY D 864 -23.10 15.67 -9.68
C GLY D 864 -22.54 15.89 -9.47
N TRP D 865 -22.85 16.68 -10.51
CA TRP D 865 -22.35 16.40 -11.86
C TRP D 865 -20.83 16.35 -11.80
N ASN D 866 -20.23 15.23 -12.17
CA ASN D 866 -18.77 15.18 -11.99
C ASN D 866 -18.10 14.61 -13.23
N LEU D 867 -18.29 15.25 -14.38
CA LEU D 867 -17.61 14.82 -15.61
C LEU D 867 -17.54 16.02 -16.51
N VAL D 868 -16.67 15.95 -17.49
CA VAL D 868 -16.60 16.97 -18.52
C VAL D 868 -17.92 16.98 -19.29
N TRP D 869 -18.40 18.16 -19.67
CA TRP D 869 -19.55 18.27 -20.57
C TRP D 869 -19.14 18.65 -22.00
N PRO D 870 -19.78 18.06 -23.03
CA PRO D 870 -19.39 18.37 -24.41
C PRO D 870 -19.73 19.81 -24.79
N ARG D 871 -20.88 20.29 -24.32
CA ARG D 871 -21.35 21.63 -24.66
C ARG D 871 -22.39 22.07 -23.63
N ILE D 872 -22.69 23.36 -23.59
CA ILE D 872 -23.90 23.82 -22.91
C ILE D 872 -24.59 24.76 -23.91
N GLY D 873 -25.78 24.40 -24.34
CA GLY D 873 -26.42 25.15 -25.42
C GLY D 873 -27.90 24.85 -25.47
N VAL D 874 -28.59 25.52 -26.37
CA VAL D 874 -30.00 25.20 -26.62
C VAL D 874 -30.13 24.98 -28.13
N ARG D 875 -31.06 24.11 -28.50
CA ARG D 875 -31.28 23.74 -29.89
C ARG D 875 -32.66 24.27 -30.33
N TRP D 876 -32.71 24.77 -31.54
CA TRP D 876 -33.97 25.16 -32.18
C TRP D 876 -34.17 24.33 -33.45
N ASP D 877 -35.37 23.80 -33.66
CA ASP D 877 -35.67 22.98 -34.84
C ASP D 877 -36.34 23.87 -35.89
N LEU D 878 -35.74 23.96 -37.06
CA LEU D 878 -36.14 24.91 -38.09
C LEU D 878 -36.54 24.20 -39.40
N PRO D 879 -37.17 24.93 -40.35
CA PRO D 879 -37.40 24.38 -41.70
C PRO D 879 -36.10 24.00 -42.39
N THR D 880 -36.10 22.97 -43.22
CA THR D 880 -34.90 22.57 -43.97
C THR D 880 -34.42 23.64 -44.91
N ASP D 881 -35.32 24.53 -45.34
CA ASP D 881 -34.86 25.61 -46.25
C ASP D 881 -34.05 26.73 -45.57
N VAL D 882 -33.90 26.66 -44.25
CA VAL D 882 -32.92 27.52 -43.55
C VAL D 882 -31.50 26.96 -43.81
N ASP D 883 -30.71 27.65 -44.63
CA ASP D 883 -29.52 27.00 -45.20
C ASP D 883 -28.26 27.84 -45.31
N GLY D 884 -28.17 28.90 -44.50
CA GLY D 884 -27.02 29.78 -44.52
C GLY D 884 -27.09 30.70 -43.31
N ALA D 885 -25.96 31.29 -42.95
CA ALA D 885 -25.90 32.25 -41.86
C ALA D 885 -24.91 33.35 -42.14
N ALA D 886 -25.20 34.52 -41.59
CA ALA D 886 -24.24 35.61 -41.50
C ALA D 886 -24.08 35.87 -40.01
N TRP D 887 -22.90 36.31 -39.59
CA TRP D 887 -22.71 36.69 -38.20
C TRP D 887 -21.59 37.70 -38.05
N PHE D 888 -21.59 38.38 -36.91
CA PHE D 888 -20.48 39.21 -36.53
C PHE D 888 -19.87 38.56 -35.30
N GLY D 889 -18.62 38.14 -35.43
CA GLY D 889 -17.94 37.37 -34.37
C GLY D 889 -16.70 36.69 -34.95
N ALA D 890 -16.21 35.66 -34.27
CA ALA D 890 -15.01 34.98 -34.76
C ALA D 890 -15.30 34.14 -36.01
N GLY D 891 -14.40 34.24 -37.00
CA GLY D 891 -14.54 33.52 -38.25
C GLY D 891 -13.32 33.67 -39.14
N PRO D 892 -13.40 33.18 -40.37
CA PRO D 892 -14.66 32.70 -40.95
C PRO D 892 -14.96 31.22 -40.71
N ARG D 893 -13.99 30.46 -40.21
CA ARG D 893 -14.17 29.01 -40.06
C ARG D 893 -14.60 28.66 -38.62
N GLU D 894 -14.95 27.39 -38.39
CA GLU D 894 -15.27 26.92 -37.03
C GLU D 894 -14.10 27.21 -36.08
N SER D 895 -14.41 27.40 -34.79
CA SER D 895 -13.39 27.60 -33.78
C SER D 895 -13.86 27.08 -32.42
N TYR D 896 -12.91 26.62 -31.60
CA TYR D 896 -13.18 25.97 -30.32
C TYR D 896 -12.20 26.57 -29.34
N PRO D 897 -12.46 26.42 -28.03
CA PRO D 897 -11.64 27.15 -27.04
C PRO D 897 -10.12 26.99 -27.15
N ASP D 898 -9.61 25.80 -27.51
CA ASP D 898 -8.15 25.60 -27.68
C ASP D 898 -7.70 25.76 -29.15
N SER D 899 -8.60 26.28 -30.00
CA SER D 899 -8.31 26.47 -31.43
C SER D 899 -8.95 27.79 -31.92
N MET D 900 -8.36 28.91 -31.51
CA MET D 900 -8.89 30.25 -31.83
C MET D 900 -7.93 31.12 -32.64
N HIS D 901 -6.70 30.66 -32.87
CA HIS D 901 -5.69 31.57 -33.46
C HIS D 901 -5.99 32.06 -34.89
N ALA D 902 -6.58 31.21 -35.71
CA ALA D 902 -6.85 31.57 -37.11
C ALA D 902 -8.26 32.17 -37.29
N THR D 903 -8.78 32.84 -36.26
CA THR D 903 -10.06 33.54 -36.37
C THR D 903 -9.85 35.04 -36.41
N MET D 904 -10.77 35.76 -37.05
CA MET D 904 -10.79 37.21 -36.97
C MET D 904 -12.20 37.62 -36.53
N VAL D 905 -12.30 38.69 -35.75
CA VAL D 905 -13.61 39.26 -35.44
C VAL D 905 -14.01 40.20 -36.58
N ALA D 906 -15.10 39.88 -37.26
CA ALA D 906 -15.55 40.64 -38.42
C ALA D 906 -16.91 40.15 -38.81
N ARG D 907 -17.43 40.63 -39.93
CA ARG D 907 -18.72 40.15 -40.41
C ARG D 907 -18.43 39.02 -41.39
N HIS D 908 -19.05 37.86 -41.15
CA HIS D 908 -18.81 36.67 -41.94
C HIS D 908 -20.11 36.12 -42.48
N ALA D 909 -20.07 35.37 -43.57
CA ALA D 909 -21.27 34.73 -44.09
C ALA D 909 -20.93 33.36 -44.69
N ALA D 910 -21.82 32.38 -44.55
CA ALA D 910 -21.52 31.03 -45.04
C ALA D 910 -22.79 30.23 -45.24
N SER D 911 -22.84 29.47 -46.33
CA SER D 911 -23.90 28.47 -46.53
C SER D 911 -23.65 27.28 -45.61
N LEU D 912 -24.60 26.37 -45.51
CA LEU D 912 -24.43 25.11 -44.75
C LEU D 912 -23.18 24.30 -45.10
N GLU D 913 -22.87 24.13 -46.39
CA GLU D 913 -21.64 23.43 -46.82
C GLU D 913 -20.36 24.15 -46.44
N GLU D 914 -20.39 25.48 -46.38
CA GLU D 914 -19.24 26.21 -45.93
C GLU D 914 -19.11 26.22 -44.41
N LEU D 915 -20.24 26.12 -43.71
CA LEU D 915 -20.24 26.15 -42.24
C LEU D 915 -19.60 24.89 -41.64
N ASN D 916 -19.96 23.74 -42.18
CA ASN D 916 -19.65 22.45 -41.56
C ASN D 916 -18.61 21.69 -42.36
N VAL D 917 -17.67 21.05 -41.66
CA VAL D 917 -16.59 20.32 -42.34
C VAL D 917 -16.99 18.85 -42.52
N PRO D 918 -16.89 18.31 -43.75
CA PRO D 918 -17.23 16.90 -44.00
C PRO D 918 -16.11 15.93 -43.53
N TYR D 919 -15.88 15.84 -42.22
CA TYR D 919 -14.90 14.89 -41.70
C TYR D 919 -15.33 13.47 -42.10
N ALA D 920 -14.36 12.58 -42.34
CA ALA D 920 -14.64 11.24 -42.83
C ALA D 920 -15.60 10.49 -41.89
N ARG D 921 -15.44 10.65 -40.58
CA ARG D 921 -16.42 10.13 -39.63
C ARG D 921 -17.20 11.32 -39.05
N PRO D 922 -18.53 11.38 -39.31
CA PRO D 922 -19.35 12.51 -38.86
C PRO D 922 -19.20 12.81 -37.36
N GLN D 923 -19.01 14.09 -37.05
CA GLN D 923 -18.72 14.50 -35.69
C GLN D 923 -18.96 16.00 -35.51
N GLU D 924 -18.78 16.47 -34.27
CA GLU D 924 -18.89 17.91 -33.97
C GLU D 924 -18.09 18.70 -34.98
N THR D 925 -18.74 19.70 -35.60
CA THR D 925 -18.12 20.63 -36.54
C THR D 925 -18.99 21.88 -36.67
N GLY D 926 -18.41 23.00 -37.06
CA GLY D 926 -19.20 24.13 -37.47
C GLY D 926 -19.48 25.18 -36.42
N HIS D 927 -18.99 24.97 -35.20
CA HIS D 927 -19.18 25.98 -34.12
C HIS D 927 -18.48 27.30 -34.44
N ARG D 928 -19.25 28.41 -34.50
CA ARG D 928 -18.69 29.78 -34.63
C ARG D 928 -18.74 30.50 -33.28
N SER D 929 -17.60 31.00 -32.82
CA SER D 929 -17.42 31.56 -31.47
C SER D 929 -17.59 33.07 -31.37
N ASP D 930 -17.78 33.55 -30.14
CA ASP D 930 -17.72 34.98 -29.78
C ASP D 930 -18.72 35.79 -30.62
N VAL D 931 -19.94 35.27 -30.72
CA VAL D 931 -20.92 35.86 -31.63
C VAL D 931 -21.64 37.05 -30.97
N ARG D 932 -21.61 38.18 -31.67
CA ARG D 932 -22.43 39.36 -31.32
C ARG D 932 -23.87 39.19 -31.82
N TRP D 933 -24.00 38.81 -33.08
CA TRP D 933 -25.31 38.58 -33.66
C TRP D 933 -25.16 37.56 -34.76
N LEU D 934 -26.26 36.88 -35.04
CA LEU D 934 -26.35 35.94 -36.14
C LEU D 934 -27.64 36.19 -36.89
N GLU D 935 -27.60 35.96 -38.18
CA GLU D 935 -28.77 36.08 -39.02
C GLU D 935 -28.85 34.83 -39.86
N LEU D 936 -29.98 34.14 -39.80
CA LEU D 936 -30.19 32.94 -40.59
C LEU D 936 -30.88 33.31 -41.89
N ASP D 937 -30.44 32.68 -42.97
CA ASP D 937 -30.97 32.97 -44.29
C ASP D 937 -31.72 31.77 -44.80
N ARG D 938 -32.74 32.03 -45.61
CA ARG D 938 -33.48 30.99 -46.31
C ARG D 938 -33.21 31.16 -47.80
N ALA D 939 -32.27 30.35 -48.30
CA ALA D 939 -31.75 30.45 -49.68
C ALA D 939 -31.20 31.83 -50.02
N GLY D 940 -30.35 32.38 -49.15
CA GLY D 940 -29.72 33.67 -49.40
C GLY D 940 -30.52 34.87 -48.93
N ALA D 941 -31.82 34.67 -48.71
CA ALA D 941 -32.68 35.74 -48.18
C ALA D 941 -32.79 35.68 -46.64
N PRO D 942 -32.36 36.78 -45.97
CA PRO D 942 -32.39 36.94 -44.51
C PRO D 942 -33.76 36.66 -43.91
N TRP D 943 -33.78 35.81 -42.87
CA TRP D 943 -35.04 35.39 -42.25
C TRP D 943 -35.11 35.83 -40.79
N LEU D 944 -34.16 35.38 -39.96
CA LEU D 944 -34.23 35.61 -38.50
C LEU D 944 -32.94 36.22 -37.99
N ARG D 945 -33.02 37.26 -37.18
CA ARG D 945 -31.83 37.73 -36.53
C ARG D 945 -31.90 37.48 -35.03
N ILE D 946 -30.77 37.03 -34.47
CA ILE D 946 -30.62 36.88 -33.02
C ILE D 946 -29.44 37.74 -32.57
N ASP D 947 -29.67 38.72 -31.70
CA ASP D 947 -28.58 39.46 -31.11
C ASP D 947 -28.29 38.85 -29.74
N ALA D 948 -27.03 38.65 -29.40
CA ALA D 948 -26.69 38.09 -28.09
C ALA D 948 -25.92 39.10 -27.24
N GLU D 949 -26.30 39.24 -25.98
CA GLU D 949 -25.63 40.15 -25.07
C GLU D 949 -24.63 39.30 -24.25
N PRO D 950 -23.42 39.83 -23.96
CA PRO D 950 -22.49 39.04 -23.10
C PRO D 950 -23.06 38.84 -21.69
N ASP D 951 -22.65 37.75 -21.02
CA ASP D 951 -23.20 37.44 -19.71
C ASP D 951 -22.48 38.29 -18.65
N ALA D 952 -22.77 38.04 -17.38
CA ALA D 952 -22.15 38.82 -16.32
C ALA D 952 -20.64 38.81 -16.41
N ALA D 953 -20.05 37.68 -16.79
CA ALA D 953 -18.60 37.52 -16.91
C ALA D 953 -17.99 38.06 -18.24
N GLY D 954 -18.82 38.62 -19.11
CA GLY D 954 -18.34 39.13 -20.41
C GLY D 954 -18.27 38.09 -21.53
N ARG D 955 -18.79 36.89 -21.28
CA ARG D 955 -18.71 35.81 -22.27
C ARG D 955 -19.84 35.94 -23.28
N ARG D 956 -19.50 35.68 -24.54
CA ARG D 956 -20.44 35.68 -25.63
C ARG D 956 -20.67 34.25 -26.08
N PRO D 957 -21.89 33.94 -26.54
CA PRO D 957 -22.20 32.59 -27.03
C PRO D 957 -21.62 32.37 -28.43
N GLY D 958 -21.72 31.13 -28.94
CA GLY D 958 -21.45 30.80 -30.34
C GLY D 958 -22.66 30.09 -30.95
N PHE D 959 -22.60 29.73 -32.22
CA PHE D 959 -23.69 29.01 -32.81
C PHE D 959 -23.19 27.98 -33.80
N SER D 960 -24.03 27.00 -34.11
CA SER D 960 -23.81 26.04 -35.22
C SER D 960 -25.13 25.92 -35.93
N LEU D 961 -25.10 25.58 -37.22
CA LEU D 961 -26.30 25.29 -37.98
C LEU D 961 -26.07 23.96 -38.67
N ALA D 962 -26.98 23.02 -38.48
CA ALA D 962 -26.76 21.65 -38.98
C ALA D 962 -27.99 21.09 -39.66
N ARG D 963 -27.80 20.07 -40.49
CA ARG D 963 -28.92 19.38 -41.14
C ARG D 963 -29.48 18.21 -40.31
N HIS D 964 -28.82 17.89 -39.19
CA HIS D 964 -29.16 16.72 -38.39
C HIS D 964 -28.82 17.05 -36.94
N THR D 965 -29.43 16.33 -36.00
CA THR D 965 -29.07 16.52 -34.59
C THR D 965 -27.67 15.96 -34.31
N ALA D 966 -27.05 16.45 -33.23
CA ALA D 966 -25.82 15.84 -32.70
C ALA D 966 -25.96 14.33 -32.45
N GLN D 967 -27.16 13.87 -32.08
CA GLN D 967 -27.41 12.46 -31.86
C GLN D 967 -27.40 11.63 -33.14
N GLU D 968 -28.06 12.13 -34.20
CA GLU D 968 -28.02 11.46 -35.51
C GLU D 968 -26.63 11.47 -36.11
N ILE D 969 -25.92 12.59 -35.97
CA ILE D 969 -24.56 12.68 -36.48
C ILE D 969 -23.64 11.63 -35.81
N ALA D 970 -23.75 11.51 -34.48
CA ALA D 970 -22.96 10.56 -33.71
C ALA D 970 -23.19 9.11 -34.12
N ALA D 971 -24.40 8.80 -34.58
CA ALA D 971 -24.76 7.43 -34.94
C ALA D 971 -24.29 7.03 -36.34
N ALA D 972 -23.87 7.98 -37.16
CA ALA D 972 -23.50 7.69 -38.56
C ALA D 972 -21.99 7.48 -38.73
N GLY D 973 -21.56 6.36 -39.33
CA GLY D 973 -20.14 6.10 -39.52
C GLY D 973 -19.52 6.86 -40.70
N HIS D 974 -20.36 7.26 -41.64
CA HIS D 974 -19.96 8.01 -42.84
C HIS D 974 -21.04 9.02 -43.14
N PRO D 975 -20.66 10.15 -43.78
CA PRO D 975 -21.67 11.14 -44.21
C PRO D 975 -22.85 10.53 -45.00
N HIS D 976 -22.60 9.58 -45.90
CA HIS D 976 -23.69 9.03 -46.73
C HIS D 976 -24.69 8.18 -45.95
N GLU D 977 -24.37 7.84 -44.70
CA GLU D 977 -25.27 7.04 -43.87
C GLU D 977 -26.31 7.86 -43.11
N LEU D 978 -26.20 9.17 -43.21
CA LEU D 978 -27.18 10.04 -42.55
C LEU D 978 -28.49 10.07 -43.33
N PRO D 979 -29.62 10.13 -42.61
CA PRO D 979 -30.91 10.14 -43.28
C PRO D 979 -31.20 11.46 -44.00
N THR D 980 -32.25 11.47 -44.81
CA THR D 980 -32.67 12.68 -45.50
C THR D 980 -33.12 13.67 -44.43
N PRO D 981 -32.61 14.92 -44.49
CA PRO D 981 -32.98 15.89 -43.45
C PRO D 981 -34.47 16.20 -43.39
N SER D 982 -34.98 16.39 -42.19
CA SER D 982 -36.36 16.81 -41.98
C SER D 982 -36.44 18.19 -41.33
N HIS D 983 -35.31 18.65 -40.77
CA HIS D 983 -35.18 19.99 -40.20
C HIS D 983 -33.80 20.55 -40.47
N SER D 984 -33.64 21.85 -40.33
CA SER D 984 -32.33 22.41 -40.01
C SER D 984 -32.33 22.67 -38.50
N TYR D 985 -31.18 22.56 -37.85
CA TYR D 985 -31.10 22.73 -36.41
C TYR D 985 -30.12 23.85 -36.08
N LEU D 986 -30.53 24.81 -35.27
CA LEU D 986 -29.63 25.87 -34.86
C LEU D 986 -29.28 25.51 -33.44
N TYR D 987 -28.00 25.40 -33.13
CA TYR D 987 -27.59 25.29 -31.74
C TYR D 987 -26.99 26.62 -31.31
N VAL D 988 -27.49 27.25 -30.26
CA VAL D 988 -26.84 28.43 -29.69
C VAL D 988 -26.11 27.94 -28.44
N ASP D 989 -24.79 27.99 -28.45
CA ASP D 989 -24.01 27.39 -27.35
C ASP D 989 -23.41 28.46 -26.45
N ALA D 990 -23.70 28.38 -25.17
CA ALA D 990 -22.98 29.16 -24.18
C ALA D 990 -21.55 28.67 -24.09
N ALA D 991 -21.35 27.35 -24.24
CA ALA D 991 -19.98 26.80 -24.07
C ALA D 991 -19.79 25.60 -24.95
N GLN D 992 -18.56 25.41 -25.43
CA GLN D 992 -18.17 24.14 -26.09
C GLN D 992 -16.89 23.63 -25.40
N HIS D 993 -16.76 22.31 -25.27
CA HIS D 993 -15.52 21.66 -24.82
C HIS D 993 -14.42 21.86 -25.89
N GLY D 994 -13.17 21.91 -25.43
CA GLY D 994 -12.01 22.05 -26.34
C GLY D 994 -11.77 20.77 -27.13
N LEU D 995 -10.73 20.79 -27.99
CA LEU D 995 -10.50 19.67 -28.91
C LEU D 995 -9.40 18.71 -28.46
N GLY D 996 -8.28 19.26 -27.98
CA GLY D 996 -7.12 18.47 -27.55
C GLY D 996 -6.60 17.60 -28.68
N SER D 997 -6.02 16.46 -28.33
CA SER D 997 -5.61 15.46 -29.37
C SER D 997 -5.57 14.04 -28.82
N ARG D 998 -6.54 13.72 -27.96
CA ARG D 998 -6.48 12.47 -27.20
C ARG D 998 -6.63 11.20 -28.04
N ALA D 999 -7.07 11.32 -29.31
CA ALA D 999 -7.07 10.11 -30.17
C ALA D 999 -5.65 9.54 -30.25
N CYS D 1000 -4.64 10.42 -30.21
CA CYS D 1000 -3.24 9.99 -30.05
C CYS D 1000 -2.41 11.18 -29.56
N GLY D 1001 -2.35 11.37 -28.25
CA GLY D 1001 -1.75 12.60 -27.72
C GLY D 1001 -2.49 13.11 -26.50
N PRO D 1002 -2.07 14.28 -25.99
CA PRO D 1002 -2.64 14.85 -24.78
C PRO D 1002 -4.15 15.13 -24.87
N ASP D 1003 -4.82 14.98 -23.74
CA ASP D 1003 -6.18 15.43 -23.54
C ASP D 1003 -6.22 16.95 -23.71
N VAL D 1004 -7.43 17.49 -23.77
CA VAL D 1004 -7.65 18.92 -23.78
C VAL D 1004 -6.97 19.56 -22.56
N TRP D 1005 -6.20 20.62 -22.81
CA TRP D 1005 -5.46 21.26 -21.75
C TRP D 1005 -6.52 21.86 -20.82
N PRO D 1006 -6.35 21.76 -19.47
CA PRO D 1006 -7.43 22.12 -18.51
C PRO D 1006 -8.07 23.48 -18.69
N ASP D 1007 -7.29 24.47 -19.13
CA ASP D 1007 -7.81 25.80 -19.36
C ASP D 1007 -8.95 25.83 -20.38
N PHE D 1008 -9.04 24.80 -21.21
CA PHE D 1008 -9.97 24.77 -22.34
C PHE D 1008 -11.01 23.64 -22.25
N ALA D 1009 -11.00 22.95 -21.12
CA ALA D 1009 -11.90 21.82 -20.86
C ALA D 1009 -13.18 22.35 -20.20
N LEU D 1010 -14.32 21.84 -20.66
CA LEU D 1010 -15.61 22.28 -20.15
C LEU D 1010 -16.07 21.43 -18.99
N ARG D 1011 -16.19 22.03 -17.81
CA ARG D 1011 -16.77 21.34 -16.64
C ARG D 1011 -18.15 21.92 -16.30
N PRO D 1012 -19.01 21.13 -15.62
CA PRO D 1012 -20.37 21.59 -15.32
C PRO D 1012 -20.38 23.02 -14.71
N GLU D 1013 -21.21 23.88 -15.28
CA GLU D 1013 -21.36 25.24 -14.77
C GLU D 1013 -22.76 25.74 -15.09
N ALA D 1014 -23.20 26.77 -14.35
CA ALA D 1014 -24.47 27.42 -14.66
C ALA D 1014 -24.18 28.48 -15.71
N ARG D 1015 -25.09 28.68 -16.66
CA ARG D 1015 -24.85 29.64 -17.75
C ARG D 1015 -26.15 30.35 -18.05
N THR D 1016 -26.05 31.58 -18.54
CA THR D 1016 -27.21 32.36 -18.97
C THR D 1016 -27.03 32.79 -20.43
N LEU D 1017 -28.06 32.61 -21.27
CA LEU D 1017 -28.06 33.25 -22.57
C LEU D 1017 -28.99 34.46 -22.56
N LYS D 1018 -28.53 35.59 -23.12
CA LYS D 1018 -29.37 36.76 -23.22
C LYS D 1018 -29.51 37.13 -24.68
N LEU D 1019 -30.68 36.86 -25.22
CA LEU D 1019 -30.92 37.01 -26.63
C LEU D 1019 -32.05 37.99 -26.91
N ARG D 1020 -31.93 38.69 -28.05
CA ARG D 1020 -33.04 39.44 -28.67
C ARG D 1020 -33.29 38.82 -30.03
N ILE D 1021 -34.55 38.51 -30.33
CA ILE D 1021 -34.90 37.83 -31.54
C ILE D 1021 -35.82 38.71 -32.38
N SER D 1022 -35.46 38.91 -33.64
CA SER D 1022 -36.24 39.77 -34.54
C SER D 1022 -36.23 39.22 -35.97
N PRO D 1023 -37.24 39.60 -36.78
CA PRO D 1023 -37.21 39.26 -38.21
C PRO D 1023 -36.06 40.02 -38.85
N ALA D 1024 -35.37 39.42 -39.82
CA ALA D 1024 -34.14 40.03 -40.32
C ALA D 1024 -34.41 41.15 -41.32
N ALA E 5 43.43 -4.57 46.37
CA ALA E 5 43.90 -3.41 45.55
C ALA E 5 42.77 -2.99 44.62
N ASP E 6 42.44 -1.70 44.66
CA ASP E 6 41.26 -1.17 43.96
C ASP E 6 41.62 -0.80 42.51
N VAL E 7 41.04 -1.52 41.55
CA VAL E 7 41.22 -1.21 40.12
C VAL E 7 39.94 -0.76 39.41
N SER E 8 39.01 -0.20 40.19
CA SER E 8 37.83 0.44 39.63
C SER E 8 38.14 1.70 38.80
N TYR E 9 39.37 2.21 38.88
CA TYR E 9 39.77 3.35 38.05
C TYR E 9 39.65 3.02 36.56
N LEU E 10 39.73 1.73 36.23
CA LEU E 10 39.74 1.32 34.84
C LEU E 10 38.38 1.53 34.17
N THR E 11 37.30 1.34 34.92
CA THR E 11 35.93 1.47 34.41
C THR E 11 35.19 2.73 34.87
N ASP E 12 35.80 3.52 35.75
CA ASP E 12 35.23 4.77 36.21
C ASP E 12 34.87 5.72 35.04
N GLN E 13 33.70 6.34 35.13
CA GLN E 13 33.24 7.22 34.05
C GLN E 13 33.54 8.67 34.32
N GLY E 14 34.30 8.97 35.38
CA GLY E 14 34.67 10.35 35.71
C GLY E 14 35.86 10.83 34.90
N PRO E 15 36.25 12.10 35.10
CA PRO E 15 37.28 12.82 34.33
C PRO E 15 38.75 12.39 34.60
N GLY E 16 38.98 11.65 35.68
CA GLY E 16 40.31 11.18 36.11
C GLY E 16 40.40 11.55 37.57
N SER E 17 41.47 11.16 38.28
CA SER E 17 41.51 11.39 39.72
C SER E 17 42.92 11.73 40.20
N GLY E 18 43.05 12.05 41.48
CA GLY E 18 44.34 12.27 42.11
C GLY E 18 44.68 13.74 42.16
N ARG E 19 45.98 14.02 42.11
CA ARG E 19 46.50 15.38 42.33
C ARG E 19 46.43 16.21 41.05
N ARG E 20 45.21 16.40 40.52
CA ARG E 20 45.03 17.08 39.25
C ARG E 20 45.26 18.59 39.36
N VAL E 21 45.97 19.16 38.39
CA VAL E 21 46.15 20.60 38.33
C VAL E 21 45.03 21.19 37.44
N PRO E 22 44.41 22.32 37.82
CA PRO E 22 43.45 23.00 36.92
C PRO E 22 43.98 23.22 35.49
N ALA E 23 43.09 23.03 34.52
CA ALA E 23 43.44 23.17 33.11
C ALA E 23 43.95 24.57 32.79
N ARG E 24 44.98 24.67 31.95
CA ARG E 24 45.49 25.99 31.56
C ARG E 24 46.05 25.95 30.15
N SER E 25 46.55 27.09 29.66
CA SER E 25 47.20 27.13 28.34
C SER E 25 48.53 26.38 28.30
N TRP E 26 48.86 25.90 27.12
CA TRP E 26 50.23 25.47 26.84
C TRP E 26 50.95 26.75 26.45
N LEU E 27 51.95 27.12 27.25
CA LEU E 27 52.60 28.42 27.10
C LEU E 27 54.09 28.24 26.93
N HIS E 28 54.70 29.17 26.21
CA HIS E 28 56.15 29.25 26.13
C HIS E 28 56.65 30.11 27.31
N SER E 29 57.05 29.46 28.38
CA SER E 29 57.49 30.14 29.58
C SER E 29 58.99 29.88 29.82
N ASP E 30 59.65 30.79 30.56
CA ASP E 30 61.03 30.54 30.93
C ASP E 30 61.21 29.80 32.27
N ALA E 31 60.11 29.35 32.89
CA ALA E 31 60.20 28.54 34.11
C ALA E 31 61.14 27.35 33.90
N PRO E 32 61.85 26.91 34.96
CA PRO E 32 62.68 25.72 34.77
C PRO E 32 61.84 24.49 34.40
N ALA E 33 62.34 23.70 33.46
CA ALA E 33 61.58 22.54 32.99
C ALA E 33 62.53 21.45 32.55
N LEU E 34 62.05 20.22 32.55
CA LEU E 34 62.80 19.15 31.93
C LEU E 34 61.93 18.16 31.20
N SER E 35 62.49 17.58 30.15
CA SER E 35 61.78 16.58 29.38
C SER E 35 62.14 15.20 29.93
N LEU E 36 61.10 14.41 30.20
CA LEU E 36 61.26 13.02 30.59
C LEU E 36 61.26 12.04 29.40
N ASN E 37 61.15 12.59 28.19
CA ASN E 37 61.22 11.81 26.94
C ASN E 37 62.53 11.01 26.86
N GLY E 38 62.50 9.83 26.24
CA GLY E 38 63.72 9.01 26.08
C GLY E 38 63.38 7.54 26.04
N ASP E 39 64.37 6.69 26.37
CA ASP E 39 64.14 5.24 26.37
C ASP E 39 63.79 4.81 27.79
N TRP E 40 62.54 4.37 28.00
CA TRP E 40 62.05 3.97 29.32
C TRP E 40 61.99 2.46 29.43
N ARG E 41 62.16 1.93 30.63
CA ARG E 41 61.94 0.50 30.86
C ARG E 41 60.45 0.19 30.66
N PHE E 42 60.15 -0.90 29.96
CA PHE E 42 58.79 -1.22 29.49
C PHE E 42 58.54 -2.70 29.55
N ARG E 43 57.34 -3.08 29.95
CA ARG E 43 56.84 -4.42 29.69
C ARG E 43 55.38 -4.39 29.27
N LEU E 44 54.99 -5.34 28.45
CA LEU E 44 53.60 -5.47 28.04
C LEU E 44 52.95 -6.67 28.71
N LEU E 45 51.83 -6.43 29.39
CA LEU E 45 51.03 -7.47 30.00
C LEU E 45 49.78 -7.66 29.13
N PRO E 46 49.28 -8.91 29.02
CA PRO E 46 48.09 -9.18 28.19
C PRO E 46 46.74 -8.77 28.81
N ALA E 47 46.74 -8.44 30.10
CA ALA E 47 45.51 -8.13 30.84
C ALA E 47 45.82 -7.09 31.89
N ALA E 48 44.76 -6.45 32.43
CA ALA E 48 44.94 -5.44 33.49
C ALA E 48 45.06 -6.13 34.88
N PRO E 49 46.24 -6.02 35.56
CA PRO E 49 46.37 -6.66 36.88
C PRO E 49 45.26 -6.25 37.87
N GLY E 50 44.80 -7.21 38.66
CA GLY E 50 43.83 -6.94 39.72
C GLY E 50 42.39 -7.07 39.26
N THR E 51 42.18 -7.31 37.96
CA THR E 51 40.81 -7.48 37.45
C THR E 51 40.43 -8.96 37.59
N ALA E 52 39.14 -9.27 37.57
CA ALA E 52 38.68 -10.62 37.91
C ALA E 52 39.19 -11.68 36.93
N GLY E 53 39.40 -11.27 35.69
CA GLY E 53 39.87 -12.19 34.67
C GLY E 53 41.38 -12.21 34.47
N ALA E 54 42.14 -11.56 35.35
CA ALA E 54 43.61 -11.46 35.21
C ALA E 54 44.35 -12.08 36.42
N GLY E 55 43.81 -13.17 36.97
CA GLY E 55 44.31 -13.72 38.24
C GLY E 55 45.79 -14.12 38.22
N SER E 56 46.30 -14.49 37.06
CA SER E 56 47.71 -14.90 37.01
C SER E 56 48.54 -14.18 35.95
N VAL E 57 48.20 -12.93 35.68
CA VAL E 57 48.91 -12.14 34.68
C VAL E 57 50.31 -11.70 35.12
N LEU E 58 50.47 -11.46 36.42
CA LEU E 58 51.77 -10.96 36.92
C LEU E 58 52.76 -12.08 37.30
N PRO E 59 54.07 -11.77 37.31
CA PRO E 59 55.05 -12.76 37.78
C PRO E 59 54.80 -13.17 39.24
N SER E 60 55.17 -14.40 39.59
CA SER E 60 55.07 -14.94 40.97
C SER E 60 55.51 -13.93 42.02
N GLY E 61 54.64 -13.69 43.00
CA GLY E 61 54.96 -12.82 44.11
C GLY E 61 54.67 -11.36 43.94
N GLU E 62 54.63 -10.89 42.68
CA GLU E 62 54.34 -9.48 42.43
C GLU E 62 52.91 -9.12 42.82
N THR E 63 52.76 -8.05 43.59
CA THR E 63 51.46 -7.56 43.99
C THR E 63 50.82 -6.73 42.86
N VAL E 64 49.50 -6.62 42.87
CA VAL E 64 48.74 -5.94 41.82
C VAL E 64 49.39 -4.64 41.37
N GLU E 65 49.73 -3.77 42.32
CA GLU E 65 50.36 -2.50 41.99
C GLU E 65 51.81 -2.39 42.51
N GLY E 66 52.46 -3.54 42.75
CA GLY E 66 53.88 -3.55 43.15
C GLY E 66 54.87 -2.94 42.17
N VAL E 67 54.45 -2.80 40.90
CA VAL E 67 55.31 -2.14 39.90
C VAL E 67 55.65 -0.69 40.25
N ALA E 68 54.88 -0.08 41.18
CA ALA E 68 55.05 1.32 41.56
C ALA E 68 56.27 1.53 42.45
N ALA E 69 56.67 0.46 43.14
CA ALA E 69 57.63 0.54 44.23
C ALA E 69 59.03 0.92 43.73
N GLU E 70 59.77 1.66 44.55
CA GLU E 70 61.16 1.96 44.22
C GLU E 70 62.00 0.71 44.35
N SER E 71 61.60 -0.19 45.26
CA SER E 71 62.20 -1.52 45.47
C SER E 71 61.54 -2.51 44.51
N TYR E 72 62.05 -2.57 43.29
CA TYR E 72 61.38 -3.40 42.27
C TYR E 72 62.42 -3.98 41.33
N ASP E 73 62.30 -5.27 41.00
CA ASP E 73 63.24 -5.87 40.08
C ASP E 73 62.77 -5.73 38.62
N ASP E 74 63.22 -4.68 37.92
CA ASP E 74 62.94 -4.51 36.46
C ASP E 74 64.17 -4.75 35.57
N ALA E 75 65.16 -5.47 36.12
CA ALA E 75 66.48 -5.61 35.46
C ALA E 75 66.35 -6.16 34.05
N ALA E 76 65.44 -7.10 33.91
CA ALA E 76 65.23 -7.87 32.70
C ALA E 76 64.28 -7.17 31.71
N TRP E 77 63.74 -6.02 32.08
CA TRP E 77 62.76 -5.35 31.18
C TRP E 77 63.43 -4.78 29.94
N ASP E 78 62.69 -4.82 28.84
CA ASP E 78 63.09 -4.18 27.59
C ASP E 78 62.98 -2.68 27.75
N THR E 79 63.45 -1.92 26.77
CA THR E 79 63.22 -0.47 26.77
C THR E 79 62.37 -0.07 25.55
N LEU E 80 61.62 1.01 25.68
CA LEU E 80 60.72 1.49 24.64
C LEU E 80 60.88 3.01 24.56
N PRO E 81 60.99 3.56 23.34
CA PRO E 81 61.05 5.00 23.20
C PRO E 81 59.74 5.62 23.71
N VAL E 82 59.85 6.76 24.39
CA VAL E 82 58.70 7.58 24.76
C VAL E 82 59.07 9.00 24.29
N PRO E 83 58.21 9.63 23.45
CA PRO E 83 56.91 9.16 22.95
C PRO E 83 56.98 8.11 21.83
N SER E 84 56.08 7.13 21.91
CA SER E 84 55.85 6.17 20.81
C SER E 84 54.55 5.45 21.09
N HIS E 85 54.08 4.68 20.12
CA HIS E 85 53.05 3.70 20.35
C HIS E 85 53.72 2.33 20.45
N TRP E 86 53.38 1.51 21.46
CA TRP E 86 54.04 0.19 21.56
C TRP E 86 53.71 -0.77 20.41
N VAL E 87 52.65 -0.46 19.64
CA VAL E 87 52.26 -1.30 18.53
C VAL E 87 52.89 -0.81 17.22
N MET E 88 53.73 0.23 17.28
CA MET E 88 54.47 0.76 16.10
C MET E 88 56.00 0.68 16.33
N GLY E 89 56.74 0.42 15.24
CA GLY E 89 58.22 0.48 15.28
C GLY E 89 58.92 -0.64 16.00
N GLN E 90 58.23 -1.75 16.25
CA GLN E 90 58.81 -2.82 17.06
C GLN E 90 58.65 -4.17 16.36
N ASP E 91 58.44 -4.15 15.04
CA ASP E 91 58.23 -5.37 14.23
C ASP E 91 57.19 -6.35 14.83
N GLY E 92 56.14 -5.80 15.44
CA GLY E 92 55.08 -6.61 16.03
C GLY E 92 55.36 -7.25 17.37
N LYS E 93 56.51 -6.93 17.97
CA LYS E 93 56.90 -7.57 19.24
C LYS E 93 55.82 -7.37 20.31
N TYR E 94 55.19 -6.19 20.31
CA TYR E 94 54.13 -5.90 21.28
C TYR E 94 52.75 -5.73 20.66
N GLY E 95 52.40 -6.57 19.68
CA GLY E 95 51.12 -6.42 19.03
C GLY E 95 51.16 -5.45 17.86
N ARG E 96 49.99 -5.27 17.24
CA ARG E 96 49.87 -4.49 16.03
C ARG E 96 48.68 -3.55 16.16
N PRO E 97 48.67 -2.47 15.36
CA PRO E 97 47.50 -1.58 15.25
C PRO E 97 46.25 -2.39 14.81
N ILE E 98 45.08 -1.86 15.15
CA ILE E 98 43.77 -2.44 14.81
C ILE E 98 43.01 -1.30 14.17
N TYR E 99 42.48 -1.52 12.97
CA TYR E 99 41.70 -0.47 12.32
C TYR E 99 40.22 -0.79 12.34
N THR E 100 39.41 0.01 13.04
CA THR E 100 37.95 0.03 12.80
C THR E 100 37.49 1.43 12.41
N ASN E 101 36.41 1.49 11.65
CA ASN E 101 35.82 2.75 11.25
C ASN E 101 34.77 3.13 12.30
N VAL E 102 33.56 2.56 12.21
CA VAL E 102 32.49 2.85 13.18
C VAL E 102 32.48 1.82 14.30
N GLN E 103 32.61 0.54 13.94
CA GLN E 103 32.39 -0.50 14.94
C GLN E 103 33.42 -0.38 16.07
N TYR E 104 33.01 -0.60 17.31
CA TYR E 104 33.96 -0.77 18.40
C TYR E 104 34.60 -2.16 18.30
N PRO E 105 35.88 -2.29 18.64
CA PRO E 105 36.54 -3.60 18.62
C PRO E 105 36.33 -4.39 19.91
N PHE E 106 35.34 -4.01 20.71
CA PHE E 106 34.98 -4.72 21.92
C PHE E 106 33.46 -4.65 22.04
N PRO E 107 32.85 -5.51 22.89
CA PRO E 107 31.39 -5.43 23.09
C PRO E 107 30.91 -4.06 23.54
N ILE E 108 29.72 -3.66 23.08
CA ILE E 108 29.13 -2.41 23.56
C ILE E 108 28.46 -2.73 24.91
N ASP E 109 29.22 -2.57 25.98
CA ASP E 109 28.73 -2.93 27.32
C ASP E 109 29.30 -1.91 28.31
N PRO E 110 28.96 -0.61 28.13
CA PRO E 110 29.68 0.40 28.91
C PRO E 110 29.40 0.23 30.40
N PRO E 111 30.38 0.52 31.25
CA PRO E 111 31.74 0.97 30.96
C PRO E 111 32.79 -0.16 30.95
N HIS E 112 32.34 -1.40 30.82
CA HIS E 112 33.20 -2.57 30.83
C HIS E 112 34.06 -2.76 29.59
N VAL E 113 35.27 -3.29 29.81
CA VAL E 113 36.20 -3.55 28.71
C VAL E 113 36.66 -5.03 28.72
N PRO E 114 37.21 -5.53 27.59
CA PRO E 114 37.64 -6.91 27.51
C PRO E 114 38.72 -7.32 28.54
N ASP E 115 38.74 -8.60 28.88
CA ASP E 115 39.84 -9.17 29.68
C ASP E 115 41.20 -9.09 28.95
N ALA E 116 41.19 -9.39 27.64
CA ALA E 116 42.37 -9.20 26.81
C ALA E 116 42.55 -7.71 26.58
N ASN E 117 43.41 -7.13 27.40
CA ASN E 117 43.58 -5.68 27.47
C ASN E 117 45.06 -5.39 27.64
N PRO E 118 45.76 -5.18 26.50
CA PRO E 118 47.18 -4.86 26.55
C PRO E 118 47.46 -3.70 27.49
N THR E 119 48.27 -3.99 28.48
CA THR E 119 48.58 -3.05 29.55
C THR E 119 50.10 -2.87 29.62
N GLY E 120 50.54 -1.65 29.35
CA GLY E 120 51.96 -1.31 29.31
C GLY E 120 52.43 -0.65 30.61
N ASP E 121 53.46 -1.23 31.24
CA ASP E 121 54.06 -0.65 32.44
C ASP E 121 55.36 0.04 32.00
N PHE E 122 55.57 1.26 32.45
CA PHE E 122 56.70 2.10 32.08
C PHE E 122 57.39 2.52 33.38
N ARG E 123 58.73 2.45 33.42
CA ARG E 123 59.49 2.86 34.61
C ARG E 123 60.62 3.76 34.12
N ARG E 124 60.69 4.94 34.71
CA ARG E 124 61.65 5.97 34.28
C ARG E 124 62.32 6.57 35.52
N ARG E 125 63.64 6.41 35.59
CA ARG E 125 64.45 7.11 36.58
C ARG E 125 64.96 8.44 36.01
N PHE E 126 64.95 9.48 36.82
CA PHE E 126 65.40 10.80 36.40
C PHE E 126 65.93 11.61 37.59
N ASP E 127 66.67 12.67 37.30
CA ASP E 127 67.23 13.55 38.33
C ASP E 127 66.54 14.89 38.31
N VAL E 128 66.34 15.46 39.50
CA VAL E 128 65.73 16.77 39.62
C VAL E 128 66.74 17.65 40.39
N PRO E 129 67.06 18.85 39.87
CA PRO E 129 67.96 19.79 40.55
C PRO E 129 67.53 20.16 41.97
N ALA E 130 68.51 20.15 42.89
CA ALA E 130 68.30 20.58 44.26
C ALA E 130 67.62 21.95 44.36
N GLN E 131 67.92 22.82 43.40
CA GLN E 131 67.43 24.19 43.42
C GLN E 131 65.90 24.31 43.24
N TRP E 132 65.29 23.26 42.70
CA TRP E 132 63.85 23.23 42.49
C TRP E 132 63.09 23.08 43.80
N PHE E 133 63.82 22.85 44.90
CA PHE E 133 63.16 22.66 46.18
C PHE E 133 63.36 23.85 47.10
N GLU E 134 64.02 24.87 46.57
CA GLU E 134 64.18 26.13 47.27
C GLU E 134 62.91 26.95 47.14
N SER E 135 62.75 27.93 48.04
CA SER E 135 61.54 28.76 48.14
C SER E 135 61.23 29.63 46.90
N THR E 136 62.19 29.75 45.98
CA THR E 136 61.94 30.41 44.71
C THR E 136 60.96 29.60 43.80
N THR E 137 60.73 28.34 44.12
CA THR E 137 59.79 27.46 43.41
C THR E 137 58.60 27.20 44.32
N ALA E 138 57.39 27.48 43.82
CA ALA E 138 56.15 27.22 44.58
C ALA E 138 55.58 25.80 44.45
N ALA E 139 55.76 25.16 43.29
CA ALA E 139 55.19 23.84 43.07
C ALA E 139 55.89 23.12 41.93
N LEU E 140 55.74 21.80 41.88
CA LEU E 140 56.34 21.01 40.81
C LEU E 140 55.23 20.29 40.04
N THR E 141 55.24 20.45 38.72
CA THR E 141 54.15 19.96 37.90
C THR E 141 54.64 18.89 36.91
N LEU E 142 53.98 17.74 36.89
CA LEU E 142 54.24 16.71 35.88
C LEU E 142 53.15 16.79 34.79
N ARG E 143 53.56 16.91 33.53
CA ARG E 143 52.62 17.09 32.42
C ARG E 143 52.68 15.93 31.40
N PHE E 144 51.53 15.37 31.07
CA PHE E 144 51.40 14.39 29.98
C PHE E 144 50.61 15.07 28.87
N ASP E 145 51.19 15.18 27.70
CA ASP E 145 50.46 15.74 26.57
C ASP E 145 49.58 14.76 25.78
N GLY E 146 49.67 13.45 26.05
CA GLY E 146 48.89 12.45 25.28
C GLY E 146 49.30 11.02 25.60
N VAL E 147 48.32 10.24 26.09
CA VAL E 147 48.48 8.81 26.43
C VAL E 147 47.20 8.10 26.01
N GLU E 148 47.33 6.99 25.28
CA GLU E 148 46.19 6.18 24.82
C GLU E 148 46.18 4.82 25.55
N SER E 149 45.14 4.52 26.36
CA SER E 149 44.01 5.42 26.68
C SER E 149 44.34 5.71 28.17
C SER E 149 43.71 5.95 28.10
N ARG E 150 43.59 5.18 29.10
N ARG E 150 43.91 5.11 29.12
CA ARG E 150 43.77 5.54 30.52
C ARG E 150 45.07 5.08 31.18
N TYR E 151 45.57 5.88 32.12
CA TYR E 151 46.84 5.54 32.77
C TYR E 151 46.86 5.96 34.24
N LYS E 152 47.66 5.25 35.02
CA LYS E 152 47.83 5.61 36.41
C LYS E 152 49.30 5.89 36.63
N VAL E 153 49.58 6.84 37.52
CA VAL E 153 50.89 7.45 37.69
C VAL E 153 51.31 7.30 39.14
N TRP E 154 52.55 6.87 39.35
CA TRP E 154 53.17 6.87 40.68
C TRP E 154 54.53 7.54 40.61
N VAL E 155 54.87 8.30 41.64
CA VAL E 155 56.17 8.99 41.70
C VAL E 155 56.77 8.61 43.04
N ASN E 156 57.99 8.06 42.98
CA ASN E 156 58.73 7.59 44.18
C ASN E 156 57.88 6.72 45.07
N GLY E 157 57.05 5.90 44.40
CA GLY E 157 56.19 4.94 45.06
C GLY E 157 54.82 5.45 45.46
N GLN E 158 54.59 6.76 45.35
CA GLN E 158 53.31 7.37 45.78
C GLN E 158 52.36 7.48 44.60
N GLU E 159 51.12 7.06 44.79
CA GLU E 159 50.09 7.27 43.75
C GLU E 159 49.82 8.74 43.57
N ILE E 160 49.91 9.21 42.31
CA ILE E 160 49.74 10.61 41.99
C ILE E 160 48.35 10.83 41.40
N GLY E 161 47.93 9.92 40.52
CA GLY E 161 46.59 10.01 39.97
C GLY E 161 46.36 9.17 38.74
N VAL E 162 45.21 9.40 38.12
CA VAL E 162 44.78 8.61 36.98
C VAL E 162 44.35 9.59 35.89
N GLY E 163 44.81 9.38 34.67
CA GLY E 163 44.48 10.30 33.57
C GLY E 163 43.61 9.63 32.53
N SER E 164 42.75 10.42 31.86
CA SER E 164 41.86 10.01 30.76
C SER E 164 41.82 11.11 29.69
N GLY E 165 41.45 10.77 28.46
CA GLY E 165 41.34 11.77 27.40
C GLY E 165 42.63 11.68 26.62
N SER E 166 42.64 10.80 25.62
CA SER E 166 43.87 10.30 25.04
C SER E 166 44.66 11.38 24.32
N ARG E 167 43.97 12.32 23.68
CA ARG E 167 44.68 13.39 23.00
C ARG E 167 44.61 14.73 23.77
N LEU E 168 44.28 14.66 25.06
CA LEU E 168 44.14 15.89 25.86
C LEU E 168 45.29 15.96 26.85
N ALA E 169 45.78 17.17 27.15
CA ALA E 169 46.86 17.31 28.12
C ALA E 169 46.35 17.19 29.56
N GLN E 170 47.19 16.67 30.45
CA GLN E 170 46.82 16.55 31.88
C GLN E 170 48.05 16.84 32.72
N GLU E 171 47.91 17.75 33.68
CA GLU E 171 48.99 18.05 34.59
C GLU E 171 48.63 17.53 35.98
N PHE E 172 49.66 17.03 36.69
CA PHE E 172 49.56 16.60 38.08
C PHE E 172 50.58 17.33 38.97
N ASP E 173 50.22 17.52 40.24
CA ASP E 173 51.03 18.25 41.21
C ASP E 173 51.89 17.22 41.91
N VAL E 174 53.18 17.25 41.65
CA VAL E 174 54.08 16.23 42.21
C VAL E 174 55.01 16.88 43.25
N SER E 175 54.62 18.04 43.76
CA SER E 175 55.43 18.82 44.71
C SER E 175 55.85 17.97 45.89
N ASP E 176 54.92 17.17 46.42
CA ASP E 176 55.20 16.42 47.64
C ASP E 176 55.87 15.05 47.40
N ALA E 177 55.94 14.60 46.16
CA ALA E 177 56.45 13.27 45.89
C ALA E 177 57.91 13.30 45.42
N LEU E 178 58.30 14.38 44.74
CA LEU E 178 59.66 14.53 44.22
C LEU E 178 60.68 14.85 45.32
N ARG E 179 61.94 14.60 45.01
CA ARG E 179 63.06 14.89 45.92
C ARG E 179 64.24 15.35 45.06
N ALA E 180 65.20 16.05 45.67
CA ALA E 180 66.39 16.44 44.93
C ALA E 180 67.20 15.18 44.59
N GLY E 181 67.81 15.16 43.41
CA GLY E 181 68.58 14.00 42.96
C GLY E 181 67.70 13.00 42.23
N SER E 182 67.93 11.72 42.52
CA SER E 182 67.29 10.62 41.80
C SER E 182 65.82 10.34 42.18
N ASN E 183 64.99 10.16 41.15
CA ASN E 183 63.53 9.97 41.29
C ASN E 183 63.08 8.83 40.37
N LEU E 184 61.93 8.23 40.71
CA LEU E 184 61.30 7.19 39.90
C LEU E 184 59.89 7.66 39.48
N LEU E 185 59.59 7.55 38.18
CA LEU E 185 58.22 7.71 37.66
C LEU E 185 57.77 6.39 37.09
N VAL E 186 56.58 5.94 37.48
CA VAL E 186 56.03 4.71 37.00
C VAL E 186 54.65 5.03 36.42
N VAL E 187 54.41 4.58 35.20
CA VAL E 187 53.11 4.84 34.57
C VAL E 187 52.59 3.52 34.06
N ARG E 188 51.35 3.16 34.41
CA ARG E 188 50.70 1.98 33.86
C ARG E 188 49.63 2.45 32.86
N VAL E 189 49.71 1.93 31.63
CA VAL E 189 48.85 2.42 30.54
C VAL E 189 47.99 1.26 30.02
N HIS E 190 46.67 1.44 29.94
CA HIS E 190 45.81 0.39 29.40
C HIS E 190 45.35 0.75 28.02
N GLN E 191 45.40 -0.21 27.09
CA GLN E 191 44.84 0.03 25.79
C GLN E 191 43.33 0.34 25.86
N TRP E 192 42.55 -0.52 26.53
CA TRP E 192 41.10 -0.35 26.68
C TRP E 192 40.74 0.11 28.10
N SER E 193 39.82 1.06 28.20
CA SER E 193 39.34 1.56 29.48
C SER E 193 37.97 2.12 29.21
N ALA E 194 37.30 2.60 30.25
CA ALA E 194 36.00 3.29 30.04
C ALA E 194 36.13 4.42 29.02
N ALA E 195 37.30 5.09 28.98
CA ALA E 195 37.54 6.17 28.03
C ALA E 195 37.46 5.72 26.56
N SER E 196 37.71 4.44 26.30
CA SER E 196 37.66 3.93 24.92
C SER E 196 36.28 4.13 24.29
N TYR E 197 35.22 4.07 25.11
CA TYR E 197 33.87 4.33 24.62
C TYR E 197 33.69 5.76 24.08
N LEU E 198 34.49 6.70 24.58
CA LEU E 198 34.46 8.10 24.15
C LEU E 198 35.42 8.41 23.00
N GLU E 199 36.10 7.38 22.51
CA GLU E 199 37.20 7.57 21.58
C GLU E 199 37.11 6.66 20.37
N ASP E 200 35.93 6.65 19.74
CA ASP E 200 35.67 5.76 18.60
C ASP E 200 35.94 6.42 17.24
N GLN E 201 36.99 7.24 17.16
CA GLN E 201 37.33 7.91 15.90
C GLN E 201 37.67 6.88 14.81
N ASP E 202 37.43 7.25 13.55
CA ASP E 202 37.71 6.42 12.38
C ASP E 202 39.20 6.48 12.11
N GLN E 203 39.94 5.57 12.73
CA GLN E 203 41.40 5.58 12.67
C GLN E 203 41.96 4.31 13.30
N TRP E 204 43.28 4.14 13.26
CA TRP E 204 43.89 2.99 13.93
C TRP E 204 43.82 3.15 15.44
N TRP E 205 43.57 2.06 16.17
CA TRP E 205 43.72 2.05 17.63
C TRP E 205 45.20 1.81 17.92
N LEU E 206 45.83 2.78 18.58
CA LEU E 206 47.31 2.82 18.80
C LEU E 206 47.66 3.18 20.24
N PRO E 207 47.78 2.17 21.12
CA PRO E 207 48.05 2.54 22.52
C PRO E 207 49.52 2.99 22.81
N GLY E 208 49.71 3.72 23.91
CA GLY E 208 51.05 4.12 24.37
C GLY E 208 51.14 5.58 24.82
N ILE E 209 52.29 5.95 25.39
CA ILE E 209 52.61 7.35 25.72
C ILE E 209 53.20 8.01 24.46
N PHE E 210 52.36 8.68 23.66
CA PHE E 210 52.71 9.05 22.27
C PHE E 210 52.95 10.54 22.09
N ARG E 211 52.82 11.29 23.18
CA ARG E 211 53.24 12.70 23.23
C ARG E 211 54.12 12.93 24.49
N ASP E 212 54.68 14.12 24.60
CA ASP E 212 55.68 14.44 25.62
C ASP E 212 55.29 14.24 27.06
N VAL E 213 56.30 13.93 27.88
CA VAL E 213 56.15 13.85 29.33
C VAL E 213 57.18 14.83 29.87
N THR E 214 56.74 15.84 30.60
CA THR E 214 57.61 16.94 31.01
C THR E 214 57.38 17.30 32.47
N LEU E 215 58.37 17.95 33.07
CA LEU E 215 58.28 18.48 34.42
C LEU E 215 58.53 19.97 34.38
N GLN E 216 57.83 20.76 35.20
CA GLN E 216 58.03 22.20 35.25
C GLN E 216 58.07 22.64 36.71
N ALA E 217 59.00 23.55 37.02
CA ALA E 217 59.09 24.15 38.34
C ALA E 217 58.37 25.49 38.29
N ARG E 218 57.19 25.53 38.88
CA ARG E 218 56.35 26.71 38.92
C ARG E 218 57.00 27.74 39.86
N PRO E 219 57.44 28.88 39.31
CA PRO E 219 58.14 29.87 40.15
C PRO E 219 57.22 30.52 41.20
N ALA E 220 57.74 30.80 42.40
CA ALA E 220 56.92 31.60 43.35
C ALA E 220 56.80 33.00 42.75
N GLY E 221 55.59 33.54 42.73
CA GLY E 221 55.34 34.81 42.08
C GLY E 221 55.31 34.69 40.57
N GLY E 222 55.09 33.49 40.06
CA GLY E 222 55.00 33.30 38.61
C GLY E 222 53.61 33.59 38.07
N ILE E 223 53.44 33.37 36.77
CA ILE E 223 52.15 33.48 36.10
C ILE E 223 51.74 32.09 35.64
N THR E 224 50.74 31.52 36.30
CA THR E 224 50.24 30.19 35.98
C THR E 224 49.65 30.13 34.56
N ASP E 225 48.79 31.10 34.25
CA ASP E 225 48.10 31.11 32.96
C ASP E 225 47.91 32.55 32.56
N ALA E 226 47.80 32.77 31.25
CA ALA E 226 47.48 34.07 30.68
C ALA E 226 46.65 33.83 29.44
N TRP E 227 45.65 34.65 29.24
CA TRP E 227 44.95 34.62 27.96
C TRP E 227 45.00 36.03 27.44
N LEU E 228 45.71 36.20 26.33
CA LEU E 228 45.80 37.49 25.72
C LEU E 228 44.81 37.45 24.57
N ARG E 229 43.59 37.86 24.86
CA ARG E 229 42.47 37.75 23.93
C ARG E 229 42.48 38.96 23.01
N THR E 230 42.66 38.74 21.70
CA THR E 230 42.82 39.85 20.76
C THR E 230 41.57 40.12 19.93
N GLY E 231 41.56 41.26 19.28
CA GLY E 231 40.50 41.61 18.37
C GLY E 231 40.99 42.69 17.46
N TRP E 232 40.19 42.98 16.44
CA TRP E 232 40.59 43.94 15.43
C TRP E 232 39.35 44.53 14.79
N SER E 233 39.48 45.78 14.39
CA SER E 233 38.39 46.51 13.80
C SER E 233 38.98 47.49 12.78
N ALA E 234 38.29 47.65 11.64
CA ALA E 234 38.83 48.42 10.52
C ALA E 234 38.78 49.91 10.78
N ARG E 235 39.84 50.61 10.34
CA ARG E 235 40.03 52.05 10.49
C ARG E 235 40.87 52.54 9.30
N SER E 236 40.77 53.82 8.93
CA SER E 236 41.69 54.32 7.90
C SER E 236 43.14 54.25 8.44
N GLY E 237 44.01 53.58 7.70
CA GLY E 237 45.27 53.10 8.24
C GLY E 237 45.14 51.59 8.42
N ALA E 238 46.07 50.98 9.16
CA ALA E 238 46.12 49.52 9.35
C ALA E 238 44.89 48.99 10.08
N GLY E 239 44.33 49.82 10.97
CA GLY E 239 43.17 49.45 11.80
C GLY E 239 43.53 49.45 13.27
N THR E 240 42.55 49.12 14.10
CA THR E 240 42.71 49.13 15.55
C THR E 240 42.71 47.72 16.16
N GLY E 241 43.75 47.39 16.91
CA GLY E 241 43.81 46.14 17.67
C GLY E 241 43.41 46.33 19.12
N THR E 242 42.84 45.28 19.72
CA THR E 242 42.47 45.29 21.12
C THR E 242 43.07 44.07 21.79
N ILE E 243 43.52 44.22 23.02
CA ILE E 243 43.93 43.09 23.85
C ILE E 243 43.07 43.12 25.10
N ASP E 244 42.42 41.99 25.41
CA ASP E 244 41.67 41.81 26.65
C ASP E 244 42.33 40.74 27.52
N PRO E 245 43.30 41.14 28.37
CA PRO E 245 44.11 40.17 29.08
C PRO E 245 43.45 39.56 30.32
N GLU E 246 43.71 38.28 30.51
CA GLU E 246 43.35 37.56 31.73
C GLU E 246 44.66 36.97 32.27
N ILE E 247 44.95 37.26 33.53
CA ILE E 247 46.18 36.79 34.17
C ILE E 247 45.80 35.92 35.35
N THR E 248 46.23 34.66 35.33
CA THR E 248 46.03 33.78 36.46
C THR E 248 47.36 33.72 37.22
N ALA E 249 47.39 34.40 38.37
CA ALA E 249 48.60 34.57 39.15
C ALA E 249 48.25 34.88 40.60
N ASP E 250 49.15 34.49 41.50
CA ASP E 250 49.08 34.77 42.92
C ASP E 250 49.31 36.28 43.11
N ALA E 251 48.83 36.82 44.24
CA ALA E 251 49.05 38.24 44.58
C ALA E 251 50.52 38.63 44.54
N THR E 252 51.40 37.70 44.95
CA THR E 252 52.86 37.95 44.97
C THR E 252 53.46 38.18 43.57
N ALA E 253 52.73 37.77 42.51
CA ALA E 253 53.23 37.92 41.14
C ALA E 253 53.32 39.37 40.69
N PHE E 254 52.44 40.22 41.21
CA PHE E 254 52.40 41.62 40.79
C PHE E 254 53.58 42.37 41.37
N PRO E 255 54.15 43.33 40.60
CA PRO E 255 53.72 43.88 39.29
C PRO E 255 53.94 42.96 38.07
N VAL E 256 52.98 42.95 37.15
CA VAL E 256 53.04 42.19 35.89
C VAL E 256 53.04 43.14 34.69
N THR E 257 53.95 42.90 33.76
CA THR E 257 54.10 43.78 32.64
C THR E 257 53.75 43.08 31.33
N LEU E 258 52.90 43.73 30.55
CA LEU E 258 52.66 43.33 29.16
C LEU E 258 53.53 44.18 28.24
N SER E 259 54.29 43.53 27.38
CA SER E 259 55.15 44.22 26.44
C SER E 259 54.84 43.74 25.02
N VAL E 260 54.52 44.67 24.14
CA VAL E 260 54.42 44.38 22.71
C VAL E 260 55.31 45.38 21.99
N PRO E 261 56.63 45.10 21.90
CA PRO E 261 57.61 46.11 21.48
C PRO E 261 57.29 46.73 20.13
N GLU E 262 56.97 45.89 19.14
CA GLU E 262 56.67 46.41 17.79
C GLU E 262 55.51 47.41 17.77
N LEU E 263 54.65 47.35 18.78
CA LEU E 263 53.48 48.21 18.79
C LEU E 263 53.58 49.30 19.86
N GLY E 264 54.78 49.50 20.39
CA GLY E 264 55.03 50.51 21.42
C GLY E 264 54.33 50.26 22.73
N VAL E 265 53.86 49.03 22.95
CA VAL E 265 53.14 48.70 24.18
C VAL E 265 54.06 48.24 25.31
N ASN E 266 53.94 48.92 26.45
CA ASN E 266 54.60 48.47 27.67
C ASN E 266 53.76 48.94 28.84
N VAL E 267 52.91 48.04 29.34
CA VAL E 267 51.94 48.37 30.36
C VAL E 267 52.24 47.53 31.59
N THR E 268 52.31 48.21 32.73
CA THR E 268 52.57 47.53 33.99
C THR E 268 51.34 47.58 34.89
N TRP E 269 50.89 46.41 35.35
CA TRP E 269 49.75 46.29 36.26
C TRP E 269 50.27 46.06 37.67
N LYS E 270 49.98 47.00 38.58
CA LYS E 270 50.55 46.95 39.94
C LYS E 270 49.79 45.98 40.84
N SER E 271 48.58 45.61 40.42
CA SER E 271 47.77 44.62 41.15
C SER E 271 46.83 43.90 40.17
N ALA E 272 46.18 42.85 40.63
CA ALA E 272 45.16 42.13 39.86
C ALA E 272 44.04 43.02 39.31
N GLU E 273 43.59 43.99 40.10
CA GLU E 273 42.48 44.87 39.70
C GLU E 273 42.84 45.89 38.63
N GLU E 274 44.13 46.11 38.39
CA GLU E 274 44.54 47.00 37.32
C GLU E 274 44.54 46.33 35.96
N VAL E 275 44.49 45.00 35.93
CA VAL E 275 44.56 44.28 34.64
C VAL E 275 43.30 44.67 33.86
N ALA E 276 43.49 45.23 32.66
CA ALA E 276 42.40 45.86 31.89
C ALA E 276 42.65 45.81 30.37
N PRO E 277 41.56 45.92 29.58
CA PRO E 277 41.68 45.95 28.11
C PRO E 277 42.41 47.18 27.58
N LEU E 278 43.11 47.01 26.45
CA LEU E 278 43.79 48.08 25.74
C LEU E 278 43.37 48.11 24.29
N ALA E 279 43.34 49.31 23.72
CA ALA E 279 43.19 49.50 22.31
C ALA E 279 44.50 50.03 21.78
N LEU E 280 44.95 49.47 20.66
CA LEU E 280 46.22 49.82 20.03
C LEU E 280 45.92 50.30 18.62
N GLU E 281 46.40 51.50 18.28
CA GLU E 281 46.21 52.05 16.94
C GLU E 281 47.21 51.44 15.96
N ASN E 282 46.86 51.48 14.67
CA ASN E 282 47.76 51.06 13.58
C ASN E 282 48.26 49.61 13.65
N VAL E 283 47.31 48.69 13.78
CA VAL E 283 47.61 47.26 13.90
C VAL E 283 47.15 46.58 12.62
N GLU E 284 48.00 45.76 12.03
CA GLU E 284 47.60 44.94 10.88
C GLU E 284 46.95 43.64 11.39
N PRO E 285 45.84 43.22 10.75
CA PRO E 285 45.08 42.06 11.20
C PRO E 285 45.66 40.71 10.76
N TRP E 286 45.39 39.67 11.55
CA TRP E 286 45.75 38.29 11.24
C TRP E 286 44.61 37.66 10.42
N SER E 287 44.99 36.95 9.35
CA SER E 287 44.10 36.09 8.59
C SER E 287 44.87 34.89 8.01
N ALA E 288 44.17 33.88 7.47
CA ALA E 288 44.89 32.74 6.88
C ALA E 288 45.76 33.21 5.69
N GLU E 289 45.29 34.21 4.95
CA GLU E 289 46.04 34.73 3.80
C GLU E 289 47.23 35.55 4.23
N VAL E 290 47.06 36.35 5.27
CA VAL E 290 48.09 37.28 5.78
C VAL E 290 48.17 37.05 7.30
N PRO E 291 48.93 36.03 7.74
CA PRO E 291 49.02 35.68 9.16
C PRO E 291 50.00 36.56 9.95
N ARG E 292 49.66 37.84 10.03
CA ARG E 292 50.52 38.84 10.69
C ARG E 292 50.55 38.58 12.19
N LEU E 293 51.73 38.39 12.75
CA LEU E 293 51.87 38.14 14.20
C LEU E 293 52.80 39.17 14.83
N TYR E 294 52.48 39.56 16.07
CA TYR E 294 53.28 40.50 16.84
C TYR E 294 53.83 39.78 18.07
N GLU E 295 55.14 39.87 18.26
CA GLU E 295 55.78 39.29 19.43
C GLU E 295 55.40 40.05 20.68
N ALA E 296 54.99 39.31 21.72
CA ALA E 296 54.61 39.93 22.97
C ALA E 296 55.06 39.08 24.14
N SER E 297 55.07 39.69 25.32
CA SER E 297 55.49 38.98 26.50
C SER E 297 54.64 39.45 27.67
N VAL E 298 54.34 38.55 28.59
CA VAL E 298 53.80 38.95 29.88
C VAL E 298 54.72 38.43 30.95
N SER E 299 55.15 39.33 31.82
CA SER E 299 56.14 38.92 32.80
C SER E 299 55.95 39.45 34.21
N SER E 300 56.40 38.64 35.17
CA SER E 300 56.59 39.08 36.53
C SER E 300 58.10 39.00 36.76
N ALA E 301 58.57 39.43 37.92
CA ALA E 301 59.96 39.29 38.28
C ALA E 301 60.42 37.84 38.16
N ALA E 302 59.53 36.90 38.48
CA ALA E 302 59.90 35.48 38.54
C ALA E 302 59.73 34.68 37.23
N GLU E 303 58.97 35.22 36.27
CA GLU E 303 58.56 34.40 35.11
C GLU E 303 58.13 35.28 33.95
N SER E 304 58.51 34.88 32.74
CA SER E 304 58.15 35.56 31.52
C SER E 304 57.56 34.54 30.55
N ILE E 305 56.48 34.93 29.90
CA ILE E 305 55.72 34.08 29.00
C ILE E 305 55.77 34.78 27.65
N SER E 306 56.20 34.10 26.61
CA SER E 306 56.24 34.67 25.27
C SER E 306 55.03 34.21 24.47
N VAL E 307 54.41 35.15 23.77
CA VAL E 307 53.21 34.87 22.96
C VAL E 307 53.30 35.59 21.62
N ARG E 308 52.77 35.00 20.56
CA ARG E 308 52.69 35.74 19.31
C ARG E 308 51.22 36.08 19.11
N LEU E 309 50.97 37.37 18.91
CA LEU E 309 49.62 37.91 18.85
C LEU E 309 49.16 38.05 17.42
N GLY E 310 48.00 37.50 17.12
CA GLY E 310 47.35 37.76 15.84
C GLY E 310 46.08 38.49 16.16
N PHE E 311 45.92 39.69 15.63
CA PHE E 311 44.73 40.48 15.94
C PHE E 311 43.66 40.17 14.93
N ARG E 312 42.54 39.62 15.41
CA ARG E 312 41.45 39.21 14.52
C ARG E 312 40.17 39.03 15.33
N THR E 313 39.03 39.28 14.71
CA THR E 313 37.74 39.15 15.38
C THR E 313 36.78 38.27 14.59
N VAL E 314 36.23 37.26 15.27
CA VAL E 314 35.28 36.33 14.66
C VAL E 314 33.88 36.76 15.08
N ARG E 315 33.00 36.95 14.11
CA ARG E 315 31.60 37.27 14.42
C ARG E 315 30.65 36.54 13.47
N ILE E 316 29.59 35.97 14.02
CA ILE E 316 28.47 35.54 13.21
C ILE E 316 27.37 36.59 13.23
N VAL E 317 26.97 36.99 12.04
CA VAL E 317 25.91 37.97 11.82
C VAL E 317 24.90 37.31 10.91
N GLY E 318 23.75 36.96 11.47
CA GLY E 318 22.72 36.23 10.73
C GLY E 318 23.34 34.93 10.23
N ASP E 319 23.22 34.69 8.92
CA ASP E 319 23.77 33.44 8.37
C ASP E 319 25.19 33.62 7.79
N GLN E 320 25.90 34.65 8.27
CA GLN E 320 27.27 34.91 7.81
C GLN E 320 28.31 34.71 8.89
N PHE E 321 29.39 34.02 8.53
CA PHE E 321 30.56 33.79 9.40
C PHE E 321 31.66 34.75 8.96
N LEU E 322 31.91 35.78 9.77
CA LEU E 322 32.86 36.83 9.44
C LEU E 322 34.12 36.70 10.28
N VAL E 323 35.27 36.98 9.65
CA VAL E 323 36.51 37.25 10.39
C VAL E 323 36.99 38.61 9.86
N ASN E 324 37.32 39.52 10.78
CA ASN E 324 37.68 40.89 10.44
C ASN E 324 36.66 41.54 9.52
N GLY E 325 35.37 41.23 9.75
CA GLY E 325 34.29 41.92 9.09
C GLY E 325 33.95 41.40 7.71
N ARG E 326 34.61 40.32 7.26
CA ARG E 326 34.37 39.78 5.91
C ARG E 326 34.12 38.28 5.96
N ARG E 327 33.21 37.81 5.12
CA ARG E 327 32.80 36.40 5.07
C ARG E 327 33.99 35.46 4.75
N VAL E 328 34.14 34.41 5.55
CA VAL E 328 35.20 33.42 5.31
C VAL E 328 34.63 32.21 4.54
N VAL E 329 35.23 31.93 3.40
CA VAL E 329 34.98 30.65 2.71
C VAL E 329 36.10 29.67 3.08
N PHE E 330 35.71 28.51 3.59
CA PHE E 330 36.68 27.50 4.03
C PHE E 330 36.97 26.53 2.90
N HIS E 331 38.23 26.49 2.46
CA HIS E 331 38.71 25.44 1.55
C HIS E 331 39.61 24.53 2.39
N GLY E 332 39.01 23.60 3.12
CA GLY E 332 39.72 22.97 4.21
C GLY E 332 39.97 21.48 3.99
N VAL E 333 40.72 20.90 4.91
CA VAL E 333 40.93 19.44 4.92
C VAL E 333 40.79 19.02 6.37
N ASN E 334 40.28 17.81 6.54
CA ASN E 334 40.32 17.12 7.80
C ASN E 334 41.71 16.50 7.92
N ARG E 335 42.36 16.74 9.05
CA ARG E 335 43.74 16.28 9.21
C ARG E 335 44.03 15.81 10.62
N HIS E 336 44.68 14.66 10.78
CA HIS E 336 45.38 14.40 12.05
C HIS E 336 46.78 13.87 11.81
N GLU E 337 47.60 13.81 12.87
CA GLU E 337 49.00 13.39 12.74
C GLU E 337 49.03 11.92 12.34
N THR E 338 49.81 11.65 11.31
CA THR E 338 49.87 10.31 10.78
C THR E 338 51.21 10.12 10.13
N HIS E 339 51.80 8.98 10.43
CA HIS E 339 53.03 8.62 9.78
C HIS E 339 53.12 7.11 9.72
N PRO E 340 53.52 6.57 8.54
CA PRO E 340 53.60 5.12 8.34
C PRO E 340 54.54 4.39 9.31
N ASP E 341 55.47 5.12 9.93
CA ASP E 341 56.45 4.53 10.85
C ASP E 341 56.24 4.89 12.32
N ARG E 342 55.66 6.06 12.58
CA ARG E 342 55.59 6.62 13.93
C ARG E 342 54.15 6.70 14.49
N GLY E 343 53.16 6.47 13.65
CA GLY E 343 51.77 6.61 14.11
C GLY E 343 51.39 8.08 14.33
N ARG E 344 50.88 8.40 15.51
CA ARG E 344 50.41 9.75 15.80
C ARG E 344 51.40 10.60 16.58
N VAL E 345 52.66 10.16 16.62
CA VAL E 345 53.73 10.91 17.27
C VAL E 345 54.11 12.13 16.41
N PHE E 346 54.17 13.28 17.08
CA PHE E 346 54.45 14.54 16.42
C PHE E 346 55.92 14.73 16.08
N ASP E 347 56.16 15.23 14.88
CA ASP E 347 57.51 15.63 14.46
C ASP E 347 57.39 17.03 13.84
N GLU E 348 58.09 18.01 14.42
CA GLU E 348 57.89 19.38 13.95
C GLU E 348 58.23 19.57 12.47
N ALA E 349 59.39 19.10 12.04
CA ALA E 349 59.83 19.26 10.63
C ALA E 349 58.84 18.62 9.67
N GLY E 350 58.39 17.40 10.02
CA GLY E 350 57.40 16.69 9.22
C GLY E 350 56.08 17.42 9.16
N ALA E 351 55.63 17.98 10.28
CA ALA E 351 54.38 18.75 10.30
C ALA E 351 54.51 20.05 9.51
N ARG E 352 55.65 20.71 9.60
CA ARG E 352 55.84 21.93 8.81
C ARG E 352 55.77 21.62 7.33
N GLU E 353 56.37 20.50 6.91
CA GLU E 353 56.38 20.13 5.51
C GLU E 353 54.96 19.78 5.04
N ASP E 354 54.18 19.15 5.94
CA ASP E 354 52.82 18.72 5.68
C ASP E 354 51.98 19.96 5.44
N LEU E 355 52.11 20.98 6.30
CA LEU E 355 51.33 22.21 6.13
C LEU E 355 51.76 23.00 4.93
N ALA E 356 53.06 22.97 4.64
CA ALA E 356 53.57 23.60 3.41
C ALA E 356 52.96 22.92 2.18
N LEU E 357 52.88 21.59 2.17
CA LEU E 357 52.20 20.89 1.06
C LEU E 357 50.71 21.32 0.92
N MET E 358 50.00 21.42 2.07
CA MET E 358 48.62 21.95 2.04
C MET E 358 48.50 23.30 1.37
N LYS E 359 49.37 24.24 1.77
CA LYS E 359 49.36 25.56 1.17
C LYS E 359 49.58 25.55 -0.36
N ARG E 360 50.44 24.66 -0.83
CA ARG E 360 50.71 24.52 -2.28
C ARG E 360 49.50 24.03 -3.08
N PHE E 361 48.55 23.43 -2.38
CA PHE E 361 47.31 22.95 -3.01
C PHE E 361 46.06 23.79 -2.64
N ASN E 362 46.30 25.03 -2.21
CA ASN E 362 45.24 26.06 -1.97
C ASN E 362 44.33 25.73 -0.78
N VAL E 363 44.83 24.91 0.14
CA VAL E 363 44.14 24.65 1.41
C VAL E 363 44.31 25.90 2.27
N ASN E 364 43.21 26.36 2.87
CA ASN E 364 43.26 27.53 3.77
C ASN E 364 42.75 27.23 5.18
N ALA E 365 42.38 25.96 5.44
CA ALA E 365 41.73 25.64 6.70
C ALA E 365 41.92 24.19 7.08
N ILE E 366 42.00 23.94 8.38
CA ILE E 366 42.17 22.59 8.90
C ILE E 366 41.13 22.31 9.98
N ARG E 367 40.49 21.15 9.88
CA ARG E 367 39.69 20.63 10.98
C ARG E 367 40.49 19.49 11.60
N THR E 368 40.73 19.58 12.92
CA THR E 368 41.58 18.63 13.65
C THR E 368 40.73 17.39 14.01
N SER E 369 40.65 16.44 13.08
CA SER E 369 39.71 15.32 13.17
C SER E 369 40.33 14.16 13.92
N HIS E 370 39.80 13.75 15.08
CA HIS E 370 38.68 14.39 15.78
C HIS E 370 39.07 14.53 17.26
N TYR E 371 40.03 15.42 17.49
CA TYR E 371 40.68 15.64 18.80
C TYR E 371 41.77 16.71 18.58
N PRO E 372 42.25 17.32 19.68
CA PRO E 372 43.28 18.33 19.55
C PRO E 372 44.62 17.71 19.08
N PRO E 373 45.37 18.41 18.23
CA PRO E 373 46.65 17.84 17.84
C PRO E 373 47.71 18.14 18.90
N HIS E 374 48.95 17.76 18.65
CA HIS E 374 50.05 18.18 19.50
C HIS E 374 50.03 19.72 19.56
N PRO E 375 50.24 20.32 20.76
CA PRO E 375 50.04 21.78 20.84
C PRO E 375 50.92 22.59 19.91
N ARG E 376 52.07 22.02 19.55
CA ARG E 376 53.03 22.74 18.71
C ARG E 376 52.46 22.93 17.29
N LEU E 377 51.56 22.04 16.87
CA LEU E 377 50.96 22.23 15.55
C LEU E 377 50.22 23.58 15.43
N LEU E 378 49.59 24.05 16.50
CA LEU E 378 48.86 25.32 16.41
C LEU E 378 49.81 26.50 16.24
N ASP E 379 51.00 26.40 16.82
CA ASP E 379 52.03 27.45 16.52
C ASP E 379 52.28 27.48 15.00
N LEU E 380 52.36 26.32 14.38
CA LEU E 380 52.58 26.30 12.93
C LEU E 380 51.39 26.89 12.16
N ALA E 381 50.15 26.60 12.59
CA ALA E 381 48.97 27.17 11.91
C ALA E 381 48.93 28.71 12.03
N ASP E 382 49.31 29.23 13.21
CA ASP E 382 49.35 30.69 13.49
C ASP E 382 50.32 31.37 12.51
N GLU E 383 51.47 30.72 12.29
CA GLU E 383 52.56 31.26 11.50
C GLU E 383 52.31 31.12 10.00
N MET E 384 51.87 29.94 9.58
CA MET E 384 51.74 29.65 8.14
C MET E 384 50.40 30.13 7.55
N GLY E 385 49.37 30.16 8.39
CA GLY E 385 48.12 30.83 8.05
C GLY E 385 47.08 29.82 7.59
N PHE E 386 46.37 29.25 8.55
CA PHE E 386 45.20 28.36 8.34
C PHE E 386 44.10 28.77 9.33
N TRP E 387 42.86 28.78 8.86
CA TRP E 387 41.70 28.83 9.77
C TRP E 387 41.59 27.45 10.38
N VAL E 388 41.44 27.38 11.70
CA VAL E 388 41.38 26.08 12.36
C VAL E 388 40.05 25.89 13.09
N ILE E 389 39.44 24.72 12.86
CA ILE E 389 38.40 24.20 13.71
C ILE E 389 39.08 23.20 14.65
N LEU E 390 39.16 23.58 15.92
CA LEU E 390 39.81 22.75 16.94
C LEU E 390 38.73 21.91 17.64
N GLU E 391 38.79 20.61 17.42
CA GLU E 391 37.76 19.68 17.88
C GLU E 391 38.18 18.97 19.14
N CYS E 392 37.25 18.86 20.09
CA CYS E 392 37.44 18.12 21.33
C CYS E 392 37.51 16.61 21.03
N ASP E 393 38.24 15.89 21.90
CA ASP E 393 38.43 14.44 21.81
C ASP E 393 37.18 13.67 22.29
N LEU E 394 36.25 13.45 21.37
CA LEU E 394 35.01 12.76 21.71
C LEU E 394 34.41 12.18 20.46
N GLU E 395 34.16 10.86 20.46
CA GLU E 395 33.39 10.22 19.40
C GLU E 395 32.76 8.95 19.92
N THR E 396 31.44 8.89 19.87
CA THR E 396 30.72 7.71 20.41
C THR E 396 29.93 6.98 19.32
N HIS E 397 30.40 7.12 18.10
CA HIS E 397 29.71 6.68 16.89
C HIS E 397 29.15 5.25 16.88
N GLY E 398 29.87 4.33 17.52
CA GLY E 398 29.47 2.93 17.55
C GLY E 398 28.16 2.71 18.30
N PHE E 399 27.69 3.72 19.05
CA PHE E 399 26.39 3.58 19.73
C PHE E 399 25.17 3.73 18.79
N GLU E 400 25.43 4.20 17.56
CA GLU E 400 24.35 4.54 16.63
C GLU E 400 23.48 3.34 16.24
N ALA E 401 24.12 2.22 15.88
CA ALA E 401 23.41 1.05 15.33
C ALA E 401 22.35 0.54 16.27
N GLY E 402 22.59 0.65 17.59
CA GLY E 402 21.60 0.30 18.61
C GLY E 402 20.65 1.43 18.99
N GLY E 403 20.47 2.42 18.12
CA GLY E 403 19.54 3.55 18.36
C GLY E 403 19.98 4.49 19.47
N TRP E 404 21.30 4.55 19.70
CA TRP E 404 21.93 5.46 20.69
C TRP E 404 21.61 5.14 22.15
N VAL E 405 21.13 3.92 22.42
CA VAL E 405 20.82 3.53 23.79
C VAL E 405 22.16 3.47 24.55
N GLU E 406 22.21 4.14 25.70
CA GLU E 406 23.40 4.25 26.58
C GLU E 406 24.51 5.12 25.97
N ASN E 407 24.16 5.85 24.92
CA ASN E 407 25.07 6.86 24.36
C ASN E 407 25.59 7.76 25.49
N PRO E 408 26.92 7.76 25.74
CA PRO E 408 27.55 8.62 26.77
C PRO E 408 27.16 10.10 26.64
N SER E 409 26.87 10.56 25.43
CA SER E 409 26.41 11.94 25.25
C SER E 409 25.12 12.29 25.98
N ASP E 410 24.31 11.31 26.35
CA ASP E 410 23.06 11.57 27.09
C ASP E 410 22.90 10.81 28.40
N VAL E 411 23.99 10.22 28.92
CA VAL E 411 23.95 9.45 30.17
C VAL E 411 24.63 10.31 31.24
N PRO E 412 23.89 10.66 32.33
CA PRO E 412 24.47 11.55 33.36
C PRO E 412 25.81 11.11 33.98
N ALA E 413 26.04 9.80 34.10
CA ALA E 413 27.31 9.29 34.64
C ALA E 413 28.55 9.78 33.89
N TRP E 414 28.39 10.15 32.64
CA TRP E 414 29.55 10.61 31.86
C TRP E 414 29.62 12.14 31.76
N ARG E 415 28.68 12.85 32.35
CA ARG E 415 28.57 14.29 32.11
C ARG E 415 29.84 15.05 32.51
N ASP E 416 30.37 14.74 33.69
CA ASP E 416 31.56 15.46 34.17
C ASP E 416 32.81 15.21 33.33
N ALA E 417 32.95 13.95 32.90
CA ALA E 417 34.01 13.56 31.96
C ALA E 417 33.91 14.35 30.68
N LEU E 418 32.71 14.45 30.11
CA LEU E 418 32.57 15.16 28.85
C LEU E 418 32.86 16.68 28.98
N VAL E 419 32.33 17.30 30.03
CA VAL E 419 32.55 18.73 30.20
C VAL E 419 34.04 18.97 30.48
N ASP E 420 34.67 18.07 31.23
CA ASP E 420 36.13 18.15 31.51
C ASP E 420 36.97 18.03 30.24
N ARG E 421 36.60 17.11 29.33
CA ARG E 421 37.23 17.11 28.01
C ARG E 421 37.12 18.45 27.29
N MET E 422 35.95 19.09 27.32
CA MET E 422 35.80 20.38 26.62
C MET E 422 36.67 21.45 27.29
N GLU E 423 36.72 21.43 28.61
CA GLU E 423 37.52 22.38 29.39
C GLU E 423 38.99 22.31 29.06
N ARG E 424 39.53 21.10 29.05
CA ARG E 424 40.94 20.85 28.70
C ARG E 424 41.24 21.22 27.25
N THR E 425 40.29 20.98 26.34
CA THR E 425 40.44 21.35 24.92
C THR E 425 40.58 22.86 24.78
N VAL E 426 39.64 23.58 25.38
CA VAL E 426 39.56 25.04 25.27
C VAL E 426 40.69 25.71 26.05
N GLU E 427 40.93 25.33 27.29
CA GLU E 427 41.97 26.02 28.05
C GLU E 427 43.34 25.84 27.41
N ARG E 428 43.63 24.67 26.85
CA ARG E 428 45.00 24.47 26.31
C ARG E 428 45.32 25.45 25.19
N ASP E 429 44.33 25.68 24.33
CA ASP E 429 44.56 26.32 23.04
C ASP E 429 43.95 27.71 22.83
N LYS E 430 43.31 28.24 23.86
CA LYS E 430 42.60 29.52 23.77
C LYS E 430 43.42 30.70 23.22
N ASN E 431 44.75 30.64 23.31
CA ASN E 431 45.57 31.78 22.85
C ASN E 431 45.82 31.85 21.34
N HIS E 432 45.47 30.79 20.61
CA HIS E 432 45.86 30.78 19.17
C HIS E 432 44.87 31.51 18.24
N PRO E 433 45.37 32.51 17.46
CA PRO E 433 44.46 33.25 16.57
C PRO E 433 43.92 32.40 15.41
N SER E 434 44.61 31.31 15.03
CA SER E 434 44.17 30.49 13.90
C SER E 434 42.86 29.75 14.24
N ILE E 435 42.64 29.53 15.53
CA ILE E 435 41.43 28.82 15.94
C ILE E 435 40.26 29.77 15.90
N VAL E 436 39.33 29.53 14.96
CA VAL E 436 38.14 30.35 14.83
C VAL E 436 36.82 29.64 15.25
N MET E 437 36.87 28.33 15.50
CA MET E 437 35.71 27.62 16.04
C MET E 437 36.17 26.50 16.95
N TRP E 438 35.39 26.23 18.00
CA TRP E 438 35.58 25.06 18.83
C TRP E 438 34.56 24.03 18.35
N SER E 439 34.95 22.77 18.24
CA SER E 439 34.00 21.69 17.92
C SER E 439 33.93 20.73 19.10
N LEU E 440 32.73 20.22 19.36
CA LEU E 440 32.42 19.39 20.53
C LEU E 440 32.95 17.99 20.39
N GLY E 441 33.15 17.56 19.15
CA GLY E 441 33.59 16.21 18.88
C GLY E 441 32.94 15.81 17.57
N ASN E 442 32.76 14.49 17.37
CA ASN E 442 32.32 13.99 16.08
C ASN E 442 31.41 12.78 16.23
N GLU E 443 30.28 12.80 15.50
CA GLU E 443 29.42 11.62 15.36
C GLU E 443 29.13 10.93 16.69
N SER E 444 28.63 11.72 17.64
CA SER E 444 28.35 11.23 18.97
C SER E 444 26.86 11.35 19.32
N GLY E 445 26.00 11.41 18.30
CA GLY E 445 24.55 11.52 18.51
C GLY E 445 24.24 12.87 19.11
N THR E 446 23.20 12.92 19.93
CA THR E 446 22.93 14.19 20.64
C THR E 446 22.55 13.91 22.08
N GLY E 447 22.49 14.93 22.93
CA GLY E 447 22.11 14.69 24.31
C GLY E 447 22.47 15.83 25.21
N SER E 448 22.04 15.73 26.46
CA SER E 448 22.21 16.81 27.43
C SER E 448 23.69 17.10 27.68
N ASN E 449 24.55 16.07 27.68
CA ASN E 449 25.98 16.29 27.99
C ASN E 449 26.70 17.10 26.90
N LEU E 450 26.31 16.92 25.64
CA LEU E 450 26.88 17.70 24.55
C LEU E 450 26.42 19.17 24.66
N ALA E 451 25.16 19.35 24.97
CA ALA E 451 24.65 20.69 25.19
C ALA E 451 25.37 21.34 26.39
N ALA E 452 25.73 20.56 27.41
CA ALA E 452 26.49 21.10 28.57
C ALA E 452 27.90 21.54 28.14
N MET E 453 28.53 20.76 27.26
CA MET E 453 29.84 21.15 26.68
C MET E 453 29.74 22.48 25.94
N ALA E 454 28.71 22.62 25.09
CA ALA E 454 28.48 23.85 24.34
C ALA E 454 28.21 25.03 25.30
N ALA E 455 27.42 24.80 26.34
CA ALA E 455 27.14 25.86 27.34
C ALA E 455 28.41 26.30 28.07
N TRP E 456 29.23 25.32 28.46
CA TRP E 456 30.51 25.64 29.12
C TRP E 456 31.38 26.48 28.21
N ALA E 457 31.57 26.04 26.96
CA ALA E 457 32.37 26.82 25.99
C ALA E 457 31.83 28.24 25.79
N HIS E 458 30.52 28.37 25.58
CA HIS E 458 29.90 29.70 25.47
C HIS E 458 30.23 30.60 26.66
N ALA E 459 30.17 30.03 27.86
CA ALA E 459 30.38 30.79 29.10
C ALA E 459 31.86 31.16 29.26
N ARG E 460 32.77 30.29 28.81
CA ARG E 460 34.21 30.58 28.95
C ARG E 460 34.75 31.52 27.88
N ASP E 461 34.39 31.24 26.62
CA ASP E 461 35.02 31.89 25.48
C ASP E 461 33.95 32.33 24.49
N SER E 462 33.53 33.58 24.57
CA SER E 462 32.50 34.09 23.66
C SER E 462 33.11 34.53 22.33
N SER E 463 34.42 34.34 22.17
CA SER E 463 35.13 34.84 20.99
C SER E 463 35.07 33.90 19.79
N ARG E 464 34.65 32.64 20.02
CA ARG E 464 34.67 31.58 18.99
C ARG E 464 33.38 30.74 18.98
N PRO E 465 32.71 30.65 17.83
CA PRO E 465 31.49 29.85 17.72
C PRO E 465 31.71 28.35 17.98
N VAL E 466 30.64 27.69 18.40
CA VAL E 466 30.64 26.26 18.68
C VAL E 466 30.05 25.48 17.51
N HIS E 467 30.78 24.44 17.13
CA HIS E 467 30.48 23.60 16.00
C HIS E 467 30.23 22.18 16.50
N TYR E 468 29.22 21.50 15.94
CA TYR E 468 29.04 20.07 16.21
C TYR E 468 28.03 19.52 15.23
N GLU E 469 28.49 18.65 14.31
CA GLU E 469 27.61 18.19 13.23
C GLU E 469 26.49 17.22 13.71
N GLY E 470 26.64 16.59 14.86
CA GLY E 470 25.60 15.69 15.40
C GLY E 470 24.35 16.43 15.90
N ASP E 471 24.43 17.76 16.03
CA ASP E 471 23.33 18.60 16.47
C ASP E 471 22.43 18.89 15.26
N TYR E 472 21.75 17.85 14.74
CA TYR E 472 21.00 18.00 13.49
C TYR E 472 19.94 19.06 13.59
N THR E 473 19.31 19.14 14.76
CA THR E 473 18.18 20.08 14.92
C THR E 473 18.59 21.49 15.36
N GLY E 474 19.90 21.72 15.52
CA GLY E 474 20.41 23.03 15.95
C GLY E 474 19.97 23.42 17.37
N ALA E 475 20.00 22.48 18.30
CA ALA E 475 19.62 22.78 19.68
C ALA E 475 20.71 23.51 20.51
N TYR E 476 21.97 23.49 20.10
CA TYR E 476 23.04 24.10 20.94
C TYR E 476 24.31 24.58 20.18
N THR E 477 24.26 24.58 18.86
CA THR E 477 25.42 24.99 18.06
C THR E 477 25.19 26.33 17.34
N ASP E 478 26.28 27.01 17.00
CA ASP E 478 26.22 28.33 16.39
C ASP E 478 26.25 28.33 14.85
N VAL E 479 26.76 27.25 14.28
CA VAL E 479 26.82 27.09 12.81
C VAL E 479 26.11 25.77 12.48
N TYR E 480 25.52 25.67 11.29
CA TYR E 480 24.93 24.42 10.85
C TYR E 480 26.00 23.65 10.09
N SER E 481 26.30 22.44 10.52
CA SER E 481 27.36 21.68 9.91
C SER E 481 26.81 20.35 9.42
N ARG E 482 27.21 19.95 8.22
CA ARG E 482 26.81 18.63 7.71
C ARG E 482 27.99 17.89 7.17
N MET E 483 27.84 16.58 7.00
CA MET E 483 28.84 15.79 6.31
C MET E 483 28.20 15.06 5.13
N TYR E 484 28.78 15.23 3.93
CA TYR E 484 28.40 14.46 2.73
C TYR E 484 26.94 14.74 2.33
N SER E 485 26.44 15.92 2.64
CA SER E 485 25.13 16.31 2.14
C SER E 485 25.24 16.34 0.62
N SER E 486 24.23 15.80 -0.06
CA SER E 486 24.21 15.73 -1.52
C SER E 486 24.12 17.14 -2.12
N ILE E 487 24.37 17.26 -3.43
CA ILE E 487 24.23 18.55 -4.10
C ILE E 487 22.76 19.11 -3.97
N PRO E 488 21.73 18.28 -4.24
CA PRO E 488 20.36 18.76 -3.98
C PRO E 488 20.09 19.24 -2.53
N GLU E 489 20.54 18.50 -1.52
CA GLU E 489 20.28 18.92 -0.13
C GLU E 489 21.02 20.20 0.25
N THR E 490 22.29 20.30 -0.15
CA THR E 490 23.12 21.51 0.08
C THR E 490 22.51 22.73 -0.61
N ASP E 491 22.09 22.56 -1.86
CA ASP E 491 21.29 23.59 -2.54
C ASP E 491 20.09 24.03 -1.68
N SER E 492 19.30 23.08 -1.19
CA SER E 492 18.12 23.40 -0.38
C SER E 492 18.48 24.10 0.92
N ILE E 493 19.67 23.84 1.44
CA ILE E 493 20.15 24.53 2.64
C ILE E 493 20.51 25.98 2.34
N GLY E 494 21.16 26.20 1.20
CA GLY E 494 21.70 27.53 0.82
C GLY E 494 20.61 28.50 0.38
N ARG E 495 19.58 27.98 -0.28
CA ARG E 495 18.52 28.82 -0.87
C ARG E 495 17.50 29.34 0.14
N ASN E 496 16.91 30.50 -0.16
CA ASN E 496 15.98 31.17 0.74
C ASN E 496 14.51 30.94 0.40
N ASP E 497 14.23 30.06 -0.56
CA ASP E 497 12.87 29.80 -0.96
C ASP E 497 12.49 28.33 -0.82
N SER E 498 13.15 27.60 0.10
CA SER E 498 12.85 26.18 0.30
C SER E 498 12.49 25.91 1.75
N HIS E 499 11.37 25.21 1.97
CA HIS E 499 10.99 24.80 3.30
C HIS E 499 11.11 23.27 3.44
N ALA E 500 11.80 22.66 2.48
CA ALA E 500 12.05 21.23 2.48
C ALA E 500 12.76 20.78 3.77
N LEU E 501 12.37 19.60 4.26
CA LEU E 501 12.94 19.08 5.51
C LEU E 501 14.40 18.71 5.37
N LEU E 502 15.15 18.97 6.44
CA LEU E 502 16.56 18.64 6.47
C LEU E 502 16.83 17.38 7.31
N LEU E 503 18.00 16.75 7.15
CA LEU E 503 18.33 15.52 7.88
C LEU E 503 18.04 15.66 9.36
N GLY E 504 17.25 14.71 9.88
CA GLY E 504 16.88 14.63 11.28
C GLY E 504 15.99 15.73 11.86
N CYS E 505 15.43 16.58 10.99
CA CYS E 505 14.66 17.76 11.40
C CYS E 505 13.18 17.68 11.00
N ASP E 506 12.30 18.24 11.84
CA ASP E 506 10.95 18.61 11.38
C ASP E 506 11.01 19.98 10.70
N SER E 507 9.87 20.54 10.26
CA SER E 507 9.94 21.79 9.48
C SER E 507 10.49 23.00 10.27
N ALA E 508 10.17 23.06 11.57
CA ALA E 508 10.65 24.18 12.38
C ALA E 508 12.15 24.09 12.61
N GLU E 509 12.64 22.89 12.89
CA GLU E 509 14.07 22.67 13.10
C GLU E 509 14.85 22.91 11.79
N SER E 510 14.25 22.52 10.67
CA SER E 510 14.83 22.81 9.35
C SER E 510 14.92 24.31 9.13
N ALA E 511 13.87 25.07 9.48
CA ALA E 511 13.92 26.53 9.29
C ALA E 511 15.00 27.17 10.15
N ARG E 512 15.08 26.72 11.40
CA ARG E 512 16.09 27.18 12.39
C ARG E 512 17.54 27.03 11.83
N GLN E 513 17.82 25.84 11.28
CA GLN E 513 19.16 25.57 10.75
C GLN E 513 19.49 26.47 9.57
N ARG E 514 18.47 26.89 8.82
CA ARG E 514 18.69 27.78 7.65
C ARG E 514 18.95 29.24 8.07
N THR E 515 18.94 29.53 9.36
CA THR E 515 19.27 30.89 9.79
C THR E 515 20.73 31.08 10.17
N LYS E 516 21.52 30.00 10.12
CA LYS E 516 22.91 29.99 10.60
C LYS E 516 23.88 29.87 9.43
N PRO E 517 25.17 30.27 9.62
CA PRO E 517 26.16 29.96 8.56
C PRO E 517 26.28 28.42 8.44
N PHE E 518 26.47 27.94 7.21
CA PHE E 518 26.59 26.51 6.93
C PHE E 518 28.03 26.18 6.52
N ILE E 519 28.55 25.06 7.02
CA ILE E 519 29.75 24.45 6.47
C ILE E 519 29.61 22.93 6.33
N LEU E 520 30.34 22.34 5.38
CA LEU E 520 30.47 20.88 5.34
C LEU E 520 31.71 20.52 6.14
N CYS E 521 31.55 19.89 7.30
CA CYS E 521 32.73 19.51 8.08
C CYS E 521 33.50 18.35 7.44
N GLU E 522 32.81 17.57 6.59
CA GLU E 522 33.42 16.52 5.77
C GLU E 522 32.64 16.48 4.46
N TYR E 523 33.36 16.46 3.34
CA TYR E 523 32.68 16.26 2.07
C TYR E 523 33.69 15.71 1.07
N VAL E 524 33.19 15.39 -0.13
CA VAL E 524 33.94 14.78 -1.23
C VAL E 524 34.98 13.78 -0.74
N HIS E 525 34.48 12.71 -0.11
CA HIS E 525 35.26 11.63 0.41
C HIS E 525 36.29 11.16 -0.66
N ALA E 526 37.59 11.23 -0.33
CA ALA E 526 38.65 11.18 -1.36
C ALA E 526 39.23 9.78 -1.64
N MET E 527 38.67 8.75 -1.01
CA MET E 527 39.19 7.39 -1.07
C MET E 527 39.31 6.87 -2.52
N GLY E 528 40.45 6.25 -2.81
CA GLY E 528 40.72 5.68 -4.13
C GLY E 528 40.67 6.71 -5.24
N ASN E 529 40.24 6.27 -6.41
CA ASN E 529 40.14 7.10 -7.58
C ASN E 529 38.88 7.97 -7.47
N GLY E 530 39.09 9.27 -7.29
CA GLY E 530 37.99 10.19 -7.02
C GLY E 530 38.50 11.29 -6.10
N PRO E 531 37.62 12.22 -5.71
CA PRO E 531 36.19 12.22 -5.90
C PRO E 531 35.70 13.05 -7.10
N GLY E 532 34.49 12.76 -7.58
CA GLY E 532 33.78 13.78 -8.38
C GLY E 532 33.00 14.80 -7.55
N ALA E 533 32.42 15.79 -8.25
CA ALA E 533 31.42 16.73 -7.70
C ALA E 533 32.02 17.91 -6.94
N MET E 534 33.35 17.96 -6.79
CA MET E 534 33.93 19.15 -6.12
C MET E 534 33.52 20.47 -6.75
N ASP E 535 33.45 20.48 -8.08
CA ASP E 535 33.00 21.65 -8.80
C ASP E 535 31.53 21.98 -8.55
N GLN E 536 30.68 20.97 -8.37
CA GLN E 536 29.27 21.23 -8.05
C GLN E 536 29.13 21.90 -6.65
N TYR E 537 29.87 21.39 -5.66
CA TYR E 537 29.85 22.01 -4.34
C TYR E 537 30.36 23.45 -4.41
N GLU E 538 31.41 23.66 -5.19
CA GLU E 538 31.98 25.01 -5.29
C GLU E 538 31.02 26.00 -5.98
N ALA E 539 30.28 25.52 -6.98
CA ALA E 539 29.24 26.35 -7.62
C ALA E 539 28.14 26.80 -6.62
N LEU E 540 27.87 25.97 -5.62
CA LEU E 540 26.89 26.31 -4.60
C LEU E 540 27.40 27.40 -3.67
N VAL E 541 28.68 27.31 -3.30
CA VAL E 541 29.31 28.36 -2.50
C VAL E 541 29.32 29.68 -3.29
N ASP E 542 29.58 29.63 -4.59
CA ASP E 542 29.51 30.84 -5.45
C ASP E 542 28.11 31.47 -5.41
N LYS E 543 27.09 30.61 -5.36
CA LYS E 543 25.71 31.06 -5.58
C LYS E 543 24.99 31.52 -4.29
N TYR E 544 25.28 30.87 -3.16
CA TYR E 544 24.54 31.08 -1.91
C TYR E 544 25.44 31.53 -0.77
N PRO E 545 25.31 32.82 -0.36
CA PRO E 545 26.12 33.39 0.73
C PRO E 545 26.12 32.59 2.03
N ARG E 546 25.02 31.90 2.33
CA ARG E 546 24.93 31.10 3.55
C ARG E 546 25.90 29.89 3.58
N LEU E 547 26.29 29.42 2.40
CA LEU E 547 27.24 28.31 2.29
C LEU E 547 28.68 28.83 2.39
N HIS E 548 29.44 28.31 3.37
CA HIS E 548 30.80 28.78 3.63
C HIS E 548 31.89 27.79 3.25
N GLY E 549 31.53 26.78 2.46
CA GLY E 549 32.52 25.84 1.95
C GLY E 549 32.57 24.56 2.76
N GLY E 550 33.75 23.96 2.85
CA GLY E 550 33.84 22.63 3.48
C GLY E 550 35.24 22.12 3.65
N PHE E 551 35.35 21.01 4.37
CA PHE E 551 36.60 20.39 4.70
C PHE E 551 36.63 18.99 4.04
N VAL E 552 37.55 18.80 3.12
CA VAL E 552 37.67 17.48 2.45
C VAL E 552 37.97 16.36 3.44
N TRP E 553 37.28 15.20 3.27
CA TRP E 553 37.69 13.99 3.99
C TRP E 553 38.51 13.08 3.08
N GLU E 554 39.82 12.90 3.30
CA GLU E 554 40.61 13.61 4.32
C GLU E 554 41.97 13.89 3.70
N TRP E 555 42.88 14.48 4.46
CA TRP E 555 44.17 14.89 3.89
C TRP E 555 45.03 13.72 3.42
N ARG E 556 45.27 12.78 4.33
CA ARG E 556 46.24 11.70 4.11
C ARG E 556 45.72 10.29 4.32
N ASP E 557 46.15 9.36 3.45
CA ASP E 557 46.01 7.91 3.67
C ASP E 557 46.80 7.55 4.91
N HIS E 558 46.31 6.60 5.71
CA HIS E 558 47.04 6.20 6.92
C HIS E 558 47.59 4.79 6.83
N GLY E 559 48.41 4.52 5.83
CA GLY E 559 49.06 3.22 5.75
C GLY E 559 50.13 3.04 6.79
N ILE E 560 50.35 1.81 7.19
CA ILE E 560 51.40 1.46 8.14
C ILE E 560 52.43 0.65 7.37
N ARG E 561 53.67 1.11 7.36
CA ARG E 561 54.75 0.37 6.69
C ARG E 561 55.04 -0.96 7.37
N THR E 562 55.09 -2.02 6.57
CA THR E 562 55.41 -3.34 7.07
C THR E 562 56.01 -4.17 5.93
N ARG E 563 56.30 -5.43 6.18
CA ARG E 563 56.91 -6.29 5.16
C ARG E 563 56.13 -7.56 5.05
N THR E 564 56.14 -8.19 3.87
CA THR E 564 55.61 -9.55 3.73
C THR E 564 56.59 -10.55 4.40
N ALA E 565 56.14 -11.78 4.62
CA ALA E 565 57.01 -12.87 5.11
C ALA E 565 58.30 -12.97 4.29
N GLU E 566 58.20 -12.77 2.98
CA GLU E 566 59.39 -12.78 2.12
C GLU E 566 60.04 -11.40 1.98
N GLY E 567 59.77 -10.50 2.93
CA GLY E 567 60.50 -9.23 3.06
C GLY E 567 60.15 -8.08 2.12
N MET E 568 59.05 -8.22 1.40
CA MET E 568 58.55 -7.17 0.51
C MET E 568 57.84 -6.08 1.33
N GLU E 569 58.31 -4.84 1.21
CA GLU E 569 57.70 -3.70 1.93
C GLU E 569 56.37 -3.23 1.30
N PHE E 570 55.39 -2.92 2.14
CA PHE E 570 54.11 -2.39 1.64
C PHE E 570 53.43 -1.54 2.71
N PHE E 571 52.41 -0.78 2.33
CA PHE E 571 51.59 -0.05 3.29
C PHE E 571 50.36 -0.90 3.62
N ALA E 572 50.32 -1.35 4.86
CA ALA E 572 49.23 -2.17 5.36
C ALA E 572 47.99 -1.31 5.66
N TYR E 573 46.80 -1.88 5.41
CA TYR E 573 45.55 -1.25 5.83
C TYR E 573 44.77 -2.23 6.76
N GLY E 574 43.53 -1.88 7.10
CA GLY E 574 42.71 -2.70 8.01
C GLY E 574 42.66 -4.16 7.60
N GLY E 575 42.85 -5.03 8.58
CA GLY E 575 42.76 -6.51 8.33
C GLY E 575 44.09 -7.18 8.00
N ASP E 576 45.08 -6.35 7.62
CA ASP E 576 46.46 -6.82 7.36
C ASP E 576 47.21 -7.27 8.61
N PHE E 577 46.73 -6.89 9.78
CA PHE E 577 47.39 -7.26 11.03
C PHE E 577 46.56 -8.29 11.81
N GLY E 578 45.76 -9.06 11.08
CA GLY E 578 44.96 -10.12 11.67
C GLY E 578 43.81 -9.70 12.57
N GLU E 579 43.28 -8.48 12.41
CA GLU E 579 42.18 -8.04 13.26
C GLU E 579 40.98 -8.97 13.12
N VAL E 580 40.31 -9.23 14.25
CA VAL E 580 39.05 -9.95 14.23
C VAL E 580 37.94 -9.17 13.51
N VAL E 581 37.74 -7.91 13.90
CA VAL E 581 36.84 -7.02 13.19
C VAL E 581 37.66 -5.80 12.71
N HIS E 582 37.40 -5.37 11.47
CA HIS E 582 38.15 -4.24 10.90
C HIS E 582 37.39 -3.64 9.72
N ASP E 583 37.87 -2.51 9.21
CA ASP E 583 37.23 -1.85 8.09
C ASP E 583 38.16 -1.69 6.90
N SER E 584 39.08 -2.63 6.76
CA SER E 584 39.77 -2.82 5.51
C SER E 584 40.46 -1.54 5.04
N ASN E 585 40.33 -1.16 3.77
CA ASN E 585 41.08 -0.01 3.27
C ASN E 585 40.37 1.34 3.44
N PHE E 586 39.33 1.38 4.28
CA PHE E 586 38.69 2.67 4.58
C PHE E 586 39.61 3.64 5.30
N VAL E 587 40.71 3.11 5.86
CA VAL E 587 41.75 3.94 6.45
C VAL E 587 42.63 4.64 5.36
N MET E 588 42.49 4.20 4.11
CA MET E 588 43.24 4.79 2.99
C MET E 588 42.32 5.73 2.19
N ASP E 589 42.03 6.89 2.77
CA ASP E 589 41.03 7.77 2.20
C ASP E 589 41.49 9.19 2.05
N GLY E 590 42.77 9.40 1.71
CA GLY E 590 43.31 10.74 1.66
C GLY E 590 43.50 11.27 0.27
N MET E 591 43.70 12.58 0.22
CA MET E 591 44.03 13.30 -0.98
C MET E 591 45.52 13.10 -1.32
N VAL E 592 46.29 12.71 -0.30
CA VAL E 592 47.74 12.49 -0.37
C VAL E 592 48.02 11.06 0.05
N LEU E 593 48.85 10.35 -0.71
CA LEU E 593 49.17 8.95 -0.41
C LEU E 593 50.12 8.84 0.79
N SER E 594 50.31 7.62 1.30
CA SER E 594 51.08 7.41 2.54
C SER E 594 52.53 7.86 2.43
N ASP E 595 53.05 7.92 1.20
CA ASP E 595 54.43 8.39 0.99
C ASP E 595 54.51 9.89 0.62
N SER E 596 53.44 10.64 0.88
CA SER E 596 53.34 12.10 0.57
C SER E 596 53.07 12.54 -0.86
N THR E 597 52.73 11.61 -1.75
CA THR E 597 52.44 11.94 -3.13
C THR E 597 51.02 12.46 -3.28
N PRO E 598 50.87 13.67 -3.86
CA PRO E 598 49.55 14.20 -4.20
C PRO E 598 48.89 13.32 -5.25
N THR E 599 47.62 12.98 -5.01
CA THR E 599 46.79 12.27 -6.00
C THR E 599 46.21 13.23 -7.07
N PRO E 600 45.76 12.69 -8.22
CA PRO E 600 45.02 13.53 -9.18
C PRO E 600 43.82 14.28 -8.57
N GLY E 601 43.13 13.68 -7.60
CA GLY E 601 42.06 14.39 -6.89
C GLY E 601 42.50 15.68 -6.19
N LEU E 602 43.71 15.69 -5.66
CA LEU E 602 44.18 16.88 -4.98
C LEU E 602 44.50 18.01 -5.96
N TYR E 603 45.00 17.66 -7.15
CA TYR E 603 45.24 18.68 -8.15
C TYR E 603 43.88 19.21 -8.62
N GLU E 604 42.89 18.33 -8.70
CA GLU E 604 41.53 18.75 -9.07
C GLU E 604 40.96 19.75 -8.04
N PHE E 605 41.10 19.42 -6.75
CA PHE E 605 40.67 20.29 -5.66
C PHE E 605 41.33 21.66 -5.82
N LYS E 606 42.65 21.64 -5.95
CA LYS E 606 43.47 22.87 -6.06
C LYS E 606 42.94 23.83 -7.11
N GLN E 607 42.70 23.31 -8.30
CA GLN E 607 42.19 24.08 -9.41
C GLN E 607 40.80 24.66 -9.07
N ILE E 608 39.93 23.83 -8.50
CA ILE E 608 38.52 24.23 -8.30
C ILE E 608 38.44 25.28 -7.20
N VAL E 609 39.30 25.19 -6.18
CA VAL E 609 39.29 26.20 -5.10
C VAL E 609 40.29 27.37 -5.24
N SER E 610 40.87 27.54 -6.42
CA SER E 610 41.87 28.60 -6.61
C SER E 610 41.33 29.96 -6.18
N PRO E 611 42.13 30.74 -5.42
CA PRO E 611 41.66 32.06 -4.93
C PRO E 611 41.54 33.11 -6.04
N ILE E 612 42.15 32.87 -7.20
CA ILE E 612 42.04 33.78 -8.34
C ILE E 612 41.28 33.07 -9.44
N ARG E 613 40.03 33.47 -9.68
CA ARG E 613 39.17 32.80 -10.67
C ARG E 613 39.38 33.39 -12.07
N LEU E 614 39.70 32.54 -13.04
CA LEU E 614 40.02 33.01 -14.40
C LEU E 614 39.00 32.47 -15.39
N GLY E 615 38.57 33.31 -16.33
CA GLY E 615 37.73 32.89 -17.45
C GLY E 615 38.25 33.46 -18.74
N LEU E 616 38.01 32.75 -19.84
CA LEU E 616 38.46 33.22 -21.16
C LEU E 616 37.33 33.15 -22.15
N SER E 617 37.26 34.15 -23.03
CA SER E 617 36.24 34.15 -24.08
C SER E 617 36.79 34.90 -25.27
N LEU E 618 36.22 34.68 -26.44
CA LEU E 618 36.62 35.47 -27.60
C LEU E 618 35.41 36.18 -28.20
N PRO E 619 35.18 37.46 -27.82
CA PRO E 619 34.06 38.23 -28.36
C PRO E 619 34.14 38.32 -29.89
N ALA E 620 32.99 38.17 -30.54
CA ALA E 620 32.88 38.23 -31.99
C ALA E 620 33.53 39.52 -32.50
N GLY E 621 34.65 39.36 -33.21
CA GLY E 621 35.42 40.49 -33.73
C GLY E 621 36.50 41.03 -32.80
N GLY E 622 36.53 40.56 -31.55
CA GLY E 622 37.47 41.08 -30.56
C GLY E 622 38.78 40.32 -30.43
N LYS E 623 39.48 40.60 -29.33
CA LYS E 623 40.67 39.86 -28.91
C LYS E 623 40.29 38.92 -27.75
N PRO E 624 41.14 37.90 -27.46
CA PRO E 624 40.83 37.02 -26.31
C PRO E 624 40.71 37.87 -25.04
N THR E 625 39.65 37.64 -24.28
CA THR E 625 39.31 38.46 -23.13
C THR E 625 39.40 37.63 -21.87
N LEU E 626 40.25 38.08 -20.95
CA LEU E 626 40.47 37.39 -19.69
C LEU E 626 39.66 38.03 -18.58
N ALA E 627 38.75 37.24 -17.98
CA ALA E 627 38.04 37.71 -16.80
C ALA E 627 38.81 37.22 -15.58
N VAL E 628 39.05 38.11 -14.61
CA VAL E 628 39.78 37.80 -13.37
C VAL E 628 38.92 38.21 -12.16
N ALA E 629 38.68 37.27 -11.24
CA ALA E 629 38.00 37.59 -9.98
C ALA E 629 38.92 37.22 -8.85
N ASN E 630 39.21 38.19 -7.98
CA ASN E 630 39.97 37.91 -6.78
C ASN E 630 39.00 37.42 -5.69
N LEU E 631 39.01 36.11 -5.43
CA LEU E 631 38.02 35.54 -4.50
C LEU E 631 38.55 35.45 -3.08
N ARG E 632 39.66 36.10 -2.83
CA ARG E 632 40.23 36.03 -1.49
C ARG E 632 39.42 36.77 -0.44
N HIS E 633 39.71 36.44 0.82
CA HIS E 633 39.07 37.05 1.96
C HIS E 633 39.61 38.46 2.28
N THR E 634 40.93 38.66 2.20
CA THR E 634 41.51 39.99 2.50
C THR E 634 42.56 40.49 1.50
N ALA E 635 43.49 39.64 1.11
CA ALA E 635 44.65 40.07 0.34
C ALA E 635 44.32 40.45 -1.09
N ASP E 636 44.94 41.53 -1.55
CA ASP E 636 44.81 41.91 -2.95
C ASP E 636 45.70 41.02 -3.81
N ALA E 637 45.61 41.18 -5.13
CA ALA E 637 46.30 40.28 -6.05
C ALA E 637 47.72 40.74 -6.41
N SER E 638 48.31 41.65 -5.62
CA SER E 638 49.62 42.19 -5.96
C SER E 638 50.73 41.13 -5.96
N ASP E 639 50.52 40.00 -5.27
CA ASP E 639 51.53 38.93 -5.23
C ASP E 639 51.43 37.98 -6.42
N VAL E 640 50.45 38.22 -7.29
CA VAL E 640 50.09 37.29 -8.34
C VAL E 640 50.44 37.92 -9.67
N VAL E 641 50.94 37.12 -10.59
CA VAL E 641 51.07 37.59 -11.96
C VAL E 641 50.33 36.58 -12.88
N LEU E 642 49.74 37.08 -13.97
CA LEU E 642 49.00 36.23 -14.89
C LEU E 642 49.81 35.98 -16.14
N ARG E 643 50.24 34.73 -16.34
CA ARG E 643 51.07 34.37 -17.47
C ARG E 643 50.23 33.64 -18.50
N TRP E 644 50.38 34.05 -19.76
CA TRP E 644 49.60 33.43 -20.85
C TRP E 644 50.54 32.85 -21.90
N ARG E 645 50.11 31.81 -22.59
CA ARG E 645 50.89 31.27 -23.70
C ARG E 645 49.90 30.83 -24.75
N VAL E 646 50.28 30.90 -26.01
CA VAL E 646 49.46 30.30 -27.06
C VAL E 646 50.30 29.20 -27.69
N GLU E 647 49.70 28.01 -27.83
CA GLU E 647 50.42 26.88 -28.35
C GLU E 647 49.78 26.39 -29.63
N HIS E 648 50.62 26.04 -30.60
CA HIS E 648 50.20 25.46 -31.88
C HIS E 648 50.59 24.00 -31.83
N ASP E 649 49.59 23.13 -31.78
CA ASP E 649 49.81 21.71 -31.59
C ASP E 649 50.74 21.43 -30.40
N GLY E 650 50.58 22.20 -29.33
CA GLY E 650 51.36 21.91 -28.14
C GLY E 650 52.65 22.69 -27.98
N ALA E 651 53.14 23.31 -29.07
CA ALA E 651 54.38 24.09 -29.04
C ALA E 651 54.10 25.59 -28.87
N VAL E 652 54.81 26.23 -27.94
CA VAL E 652 54.56 27.63 -27.61
C VAL E 652 54.89 28.49 -28.81
N ALA E 653 53.91 29.27 -29.30
CA ALA E 653 54.06 30.19 -30.43
C ALA E 653 54.22 31.64 -29.99
N ALA E 654 53.65 31.99 -28.83
CA ALA E 654 53.80 33.32 -28.26
C ALA E 654 53.41 33.23 -26.79
N SER E 655 53.93 34.15 -25.97
CA SER E 655 53.59 34.16 -24.54
C SER E 655 53.82 35.54 -23.92
N GLY E 656 53.31 35.75 -22.72
CA GLY E 656 53.53 37.00 -22.05
C GLY E 656 52.93 36.93 -20.68
N GLU E 657 52.85 38.08 -20.02
CA GLU E 657 52.28 38.13 -18.70
C GLU E 657 51.69 39.49 -18.44
N VAL E 658 50.59 39.51 -17.69
CA VAL E 658 49.90 40.74 -17.30
C VAL E 658 49.73 40.77 -15.75
N ALA E 659 49.68 41.98 -15.19
CA ALA E 659 49.41 42.15 -13.76
C ALA E 659 47.93 41.96 -13.49
N ALA E 660 47.57 41.53 -12.29
CA ALA E 660 46.17 41.40 -11.91
C ALA E 660 45.70 42.72 -11.25
N GLU E 661 45.13 43.62 -12.06
CA GLU E 661 44.76 44.95 -11.59
C GLU E 661 43.27 45.19 -11.74
N GLY E 662 42.74 46.03 -10.86
CA GLY E 662 41.35 46.41 -10.90
C GLY E 662 41.27 47.88 -11.24
N SER E 663 40.23 48.54 -10.73
CA SER E 663 39.96 49.95 -10.99
C SER E 663 40.90 50.88 -10.24
N ASP E 664 41.59 50.37 -9.23
CA ASP E 664 42.45 51.20 -8.38
C ASP E 664 43.69 50.46 -7.88
N GLY E 665 44.58 50.10 -8.81
CA GLY E 665 45.79 49.34 -8.49
C GLY E 665 45.54 47.83 -8.49
N PRO E 666 46.27 47.09 -7.63
CA PRO E 666 46.08 45.63 -7.61
C PRO E 666 44.62 45.23 -7.36
N LEU E 667 44.18 44.14 -8.00
CA LEU E 667 42.82 43.63 -7.85
C LEU E 667 42.53 43.30 -6.39
N ARG E 668 41.53 43.97 -5.80
CA ARG E 668 41.24 43.82 -4.38
C ARG E 668 40.46 42.53 -4.11
N ALA E 669 40.57 42.00 -2.89
CA ALA E 669 39.71 40.90 -2.42
C ALA E 669 38.26 41.22 -2.74
N GLY E 670 37.59 40.35 -3.49
CA GLY E 670 36.18 40.54 -3.81
C GLY E 670 35.93 41.38 -5.07
N GLU E 671 36.99 41.80 -5.73
CA GLU E 671 36.90 42.60 -6.95
C GLU E 671 37.10 41.72 -8.19
N SER E 672 36.45 42.11 -9.28
CA SER E 672 36.61 41.48 -10.60
C SER E 672 37.11 42.49 -11.63
N ALA E 673 37.80 42.00 -12.65
CA ALA E 673 38.18 42.84 -13.79
C ALA E 673 38.24 41.99 -15.07
N THR E 674 38.31 42.67 -16.22
CA THR E 674 38.55 41.98 -17.49
C THR E 674 39.71 42.67 -18.19
N ILE E 675 40.49 41.87 -18.90
CA ILE E 675 41.73 42.30 -19.55
C ILE E 675 41.68 41.74 -20.97
N ALA E 676 41.89 42.59 -21.97
CA ALA E 676 42.03 42.10 -23.35
C ALA E 676 43.48 41.71 -23.55
N LEU E 677 43.69 40.50 -24.06
CA LEU E 677 45.04 40.05 -24.36
C LEU E 677 45.34 40.39 -25.83
N PRO E 678 46.63 40.28 -26.24
CA PRO E 678 47.05 40.50 -27.64
C PRO E 678 46.27 39.61 -28.61
N ALA E 679 46.14 40.04 -29.85
CA ALA E 679 45.51 39.21 -30.87
C ALA E 679 46.33 37.92 -30.99
N MET E 680 45.64 36.80 -31.18
CA MET E 680 46.29 35.51 -31.31
C MET E 680 45.67 34.74 -32.45
N PRO E 681 46.03 35.14 -33.70
CA PRO E 681 45.46 34.49 -34.88
C PRO E 681 45.65 32.96 -34.83
N ALA E 682 44.61 32.24 -35.22
CA ALA E 682 44.66 30.79 -35.27
C ALA E 682 45.68 30.31 -36.31
N ALA E 683 46.49 29.32 -35.95
CA ALA E 683 47.31 28.63 -36.94
C ALA E 683 46.39 28.01 -38.01
N PRO E 684 46.77 28.15 -39.30
CA PRO E 684 46.00 27.62 -40.44
C PRO E 684 45.69 26.11 -40.36
N LEU E 685 46.65 25.33 -39.88
CA LEU E 685 46.45 23.90 -39.75
C LEU E 685 46.62 23.50 -38.27
N GLY E 686 46.02 22.37 -37.88
CA GLY E 686 46.15 21.88 -36.52
C GLY E 686 45.41 22.71 -35.49
N GLU E 687 45.83 22.61 -34.24
CA GLU E 687 45.07 23.21 -33.16
C GLU E 687 45.80 24.36 -32.51
N THR E 688 45.03 25.32 -32.04
CA THR E 688 45.58 26.51 -31.39
C THR E 688 44.90 26.70 -30.06
N TRP E 689 45.68 26.65 -29.00
CA TRP E 689 45.16 26.72 -27.64
C TRP E 689 45.83 27.85 -26.85
N LEU E 690 45.01 28.69 -26.21
CA LEU E 690 45.45 29.71 -25.25
C LEU E 690 45.34 29.16 -23.82
N THR E 691 46.41 29.26 -23.03
CA THR E 691 46.36 28.93 -21.60
C THR E 691 46.76 30.17 -20.79
N VAL E 692 46.02 30.44 -19.73
CA VAL E 692 46.40 31.50 -18.79
C VAL E 692 46.51 30.87 -17.39
N GLU E 693 47.61 31.15 -16.69
CA GLU E 693 47.86 30.68 -15.34
C GLU E 693 48.12 31.86 -14.42
N ALA E 694 47.46 31.88 -13.27
CA ALA E 694 47.79 32.76 -12.15
C ALA E 694 48.91 32.10 -11.34
N VAL E 695 50.03 32.81 -11.17
CA VAL E 695 51.16 32.26 -10.42
C VAL E 695 51.64 33.26 -9.40
N LEU E 696 52.32 32.79 -8.34
CA LEU E 696 52.92 33.71 -7.37
C LEU E 696 54.19 34.32 -7.96
N ARG E 697 54.34 35.64 -7.87
CA ARG E 697 55.56 36.33 -8.37
C ARG E 697 56.80 35.83 -7.62
N ASP E 698 56.70 35.74 -6.29
CA ASP E 698 57.85 35.51 -5.43
C ASP E 698 57.73 34.27 -4.57
N ALA E 699 58.87 33.70 -4.19
CA ALA E 699 58.89 32.55 -3.31
C ALA E 699 58.33 32.93 -1.95
N THR E 700 57.71 31.94 -1.30
CA THR E 700 57.25 32.08 0.08
C THR E 700 58.03 31.00 0.84
N GLY E 701 57.76 30.86 2.14
CA GLY E 701 58.38 29.81 2.91
C GLY E 701 57.90 28.41 2.55
N TRP E 702 56.90 28.32 1.68
CA TRP E 702 56.27 27.06 1.35
C TRP E 702 56.17 26.78 -0.14
N ALA E 703 56.52 27.76 -0.98
CA ALA E 703 56.55 27.53 -2.44
C ALA E 703 57.61 28.36 -3.17
N PRO E 704 58.10 27.88 -4.33
CA PRO E 704 59.03 28.66 -5.15
C PRO E 704 58.35 29.79 -5.89
N ALA E 705 59.14 30.77 -6.34
CA ALA E 705 58.61 31.79 -7.22
C ALA E 705 58.00 31.07 -8.43
N GLY E 706 56.87 31.56 -8.92
CA GLY E 706 56.26 30.99 -10.13
C GLY E 706 55.29 29.86 -9.80
N HIS E 707 55.06 29.62 -8.50
CA HIS E 707 54.11 28.57 -8.07
C HIS E 707 52.72 28.85 -8.66
N PRO E 708 52.14 27.90 -9.42
CA PRO E 708 50.81 28.15 -10.01
C PRO E 708 49.67 28.01 -8.99
N LEU E 709 48.66 28.87 -9.11
CA LEU E 709 47.49 28.81 -8.24
C LEU E 709 46.34 28.12 -8.97
N GLY E 710 46.24 28.34 -10.29
CA GLY E 710 45.17 27.78 -11.10
C GLY E 710 45.23 28.33 -12.53
N ALA E 711 44.50 27.70 -13.46
CA ALA E 711 44.66 27.99 -14.88
C ALA E 711 43.33 27.86 -15.64
N VAL E 712 43.33 28.31 -16.89
CA VAL E 712 42.15 28.20 -17.75
C VAL E 712 42.64 28.13 -19.19
N GLN E 713 41.87 27.49 -20.05
CA GLN E 713 42.20 27.38 -21.47
C GLN E 713 41.08 27.85 -22.35
N LEU E 714 41.43 28.25 -23.59
CA LEU E 714 40.46 28.65 -24.59
C LEU E 714 40.93 28.06 -25.91
N ASP E 715 40.05 27.30 -26.56
CA ASP E 715 40.38 26.76 -27.86
C ASP E 715 40.17 27.84 -28.93
N LEU E 716 41.25 28.18 -29.62
CA LEU E 716 41.20 29.20 -30.66
C LEU E 716 41.40 28.61 -32.05
N SER E 717 41.22 27.29 -32.16
CA SER E 717 41.63 26.57 -33.37
C SER E 717 40.84 27.02 -34.59
N ALA E 718 41.51 27.03 -35.74
CA ALA E 718 40.89 27.18 -37.04
C ALA E 718 39.88 26.05 -37.26
N PRO E 719 38.83 26.29 -38.07
CA PRO E 719 37.85 25.20 -38.35
C PRO E 719 38.49 23.83 -38.71
N ALA E 720 38.00 22.77 -38.08
CA ALA E 720 38.55 21.41 -38.28
C ALA E 720 38.50 20.94 -39.73
N VAL E 721 39.60 20.35 -40.19
CA VAL E 721 39.63 19.65 -41.50
C VAL E 721 39.49 18.14 -41.22
N PRO E 722 38.28 17.59 -41.45
CA PRO E 722 38.09 16.17 -41.10
C PRO E 722 38.91 15.30 -42.04
N THR E 723 39.47 14.21 -41.53
CA THR E 723 40.13 13.26 -42.42
C THR E 723 39.05 12.55 -43.21
N ARG E 724 39.38 12.20 -44.44
CA ARG E 724 38.45 11.52 -45.31
C ARG E 724 38.63 10.04 -45.04
N SER E 725 37.59 9.41 -44.53
CA SER E 725 37.66 8.00 -44.17
C SER E 725 37.36 7.11 -45.39
N PRO E 726 37.92 5.89 -45.42
CA PRO E 726 37.57 4.98 -46.52
C PRO E 726 36.06 4.68 -46.60
N ARG E 727 35.55 4.58 -47.83
CA ARG E 727 34.18 4.19 -48.06
C ARG E 727 33.95 2.77 -47.49
N PRO E 728 32.82 2.52 -46.80
CA PRO E 728 32.46 1.15 -46.40
C PRO E 728 32.49 0.22 -47.62
N ALA E 729 33.05 -0.97 -47.44
CA ALA E 729 33.32 -1.88 -48.56
C ALA E 729 32.57 -3.19 -48.41
N THR E 730 32.12 -3.74 -49.53
CA THR E 730 31.53 -5.06 -49.57
C THR E 730 32.64 -6.10 -49.43
N PRO E 731 32.48 -7.07 -48.51
CA PRO E 731 33.41 -8.17 -48.39
C PRO E 731 33.53 -8.99 -49.68
N LEU E 732 34.70 -9.61 -49.87
CA LEU E 732 34.95 -10.41 -51.04
C LEU E 732 35.13 -11.85 -50.60
N ASP E 733 34.93 -12.76 -51.56
CA ASP E 733 35.34 -14.16 -51.43
C ASP E 733 36.85 -14.23 -51.63
N GLY E 734 37.50 -15.18 -50.99
CA GLY E 734 38.92 -15.38 -51.28
C GLY E 734 39.84 -15.12 -50.12
N ALA E 735 41.14 -15.24 -50.37
CA ALA E 735 42.14 -15.30 -49.33
C ALA E 735 42.19 -14.00 -48.55
N LEU E 736 42.43 -14.13 -47.26
CA LEU E 736 42.61 -12.98 -46.41
C LEU E 736 44.02 -12.44 -46.65
N PRO E 737 44.18 -11.11 -46.57
CA PRO E 737 45.54 -10.60 -46.63
C PRO E 737 46.37 -11.01 -45.41
N VAL E 738 47.67 -11.10 -45.62
CA VAL E 738 48.62 -11.50 -44.60
C VAL E 738 49.12 -10.25 -43.89
N SER E 739 49.36 -9.20 -44.67
CA SER E 739 49.82 -7.96 -44.08
C SER E 739 49.10 -6.78 -44.69
N LEU E 740 48.89 -5.76 -43.86
CA LEU E 740 48.25 -4.53 -44.25
C LEU E 740 49.09 -3.45 -43.58
N GLY E 741 49.95 -2.79 -44.35
CA GLY E 741 50.83 -1.77 -43.80
C GLY E 741 51.64 -2.39 -42.66
N PRO E 742 51.60 -1.79 -41.46
CA PRO E 742 52.40 -2.29 -40.35
C PRO E 742 51.79 -3.52 -39.63
N ALA E 743 50.60 -3.94 -40.05
CA ALA E 743 49.91 -5.07 -39.40
C ALA E 743 50.13 -6.39 -40.13
N THR E 744 50.35 -7.45 -39.35
CA THR E 744 50.38 -8.83 -39.86
C THR E 744 49.30 -9.69 -39.22
N PHE E 745 48.64 -10.49 -40.05
CA PHE E 745 47.54 -11.33 -39.62
C PHE E 745 47.85 -12.79 -39.93
N ASP E 746 47.29 -13.68 -39.11
CA ASP E 746 47.36 -15.13 -39.34
C ASP E 746 45.90 -15.55 -39.42
N ALA E 747 45.45 -15.95 -40.59
CA ALA E 747 44.04 -16.30 -40.82
C ALA E 747 43.06 -15.27 -40.23
N GLY E 748 43.37 -13.99 -40.43
CA GLY E 748 42.51 -12.92 -39.92
C GLY E 748 42.76 -12.45 -38.49
N THR E 749 43.56 -13.20 -37.74
CA THR E 749 43.94 -12.84 -36.38
C THR E 749 45.17 -11.94 -36.40
N LEU E 750 45.08 -10.75 -35.82
CA LEU E 750 46.27 -9.88 -35.68
C LEU E 750 47.34 -10.58 -34.88
N VAL E 751 48.57 -10.62 -35.42
CA VAL E 751 49.70 -11.20 -34.71
C VAL E 751 50.87 -10.27 -34.44
N SER E 752 51.02 -9.22 -35.24
CA SER E 752 52.09 -8.25 -34.99
C SER E 752 51.75 -6.88 -35.51
N LEU E 753 52.30 -5.87 -34.87
CA LEU E 753 52.21 -4.49 -35.34
C LEU E 753 53.60 -3.87 -35.30
N ALA E 754 54.03 -3.32 -36.42
CA ALA E 754 55.29 -2.57 -36.50
C ALA E 754 56.44 -3.35 -35.85
N GLY E 755 56.55 -4.63 -36.23
CA GLY E 755 57.68 -5.45 -35.87
C GLY E 755 57.62 -6.15 -34.53
N GLN E 756 56.52 -5.95 -33.78
CA GLN E 756 56.38 -6.53 -32.45
C GLN E 756 55.13 -7.41 -32.36
N PRO E 757 55.19 -8.51 -31.58
CA PRO E 757 54.00 -9.36 -31.41
C PRO E 757 52.91 -8.58 -30.66
N VAL E 758 51.66 -8.65 -31.14
CA VAL E 758 50.54 -7.87 -30.55
C VAL E 758 49.28 -8.70 -30.80
N SER E 759 48.39 -8.73 -29.82
CA SER E 759 47.05 -9.35 -29.95
C SER E 759 46.02 -8.27 -29.74
N GLY E 760 44.88 -8.43 -30.40
CA GLY E 760 43.75 -7.52 -30.27
C GLY E 760 43.21 -7.06 -31.62
N PRO E 761 42.25 -6.11 -31.61
CA PRO E 761 41.65 -5.50 -30.42
C PRO E 761 40.61 -6.45 -29.79
N ARG E 762 40.45 -6.38 -28.48
CA ARG E 762 39.47 -7.19 -27.80
C ARG E 762 38.53 -6.26 -27.02
N LEU E 763 37.22 -6.42 -27.20
CA LEU E 763 36.26 -5.57 -26.49
C LEU E 763 36.43 -5.74 -25.00
N GLU E 764 36.42 -4.61 -24.28
CA GLU E 764 36.32 -4.65 -22.83
C GLU E 764 35.25 -3.70 -22.28
N LEU E 765 34.44 -4.25 -21.38
CA LEU E 765 33.47 -3.47 -20.64
C LEU E 765 33.86 -3.37 -19.16
N TRP E 766 34.69 -4.28 -18.68
CA TRP E 766 35.04 -4.31 -17.26
C TRP E 766 36.07 -3.23 -16.97
N ARG E 767 35.98 -2.60 -15.81
CA ARG E 767 37.15 -1.90 -15.25
C ARG E 767 37.40 -2.38 -13.82
N ALA E 768 38.65 -2.26 -13.35
CA ALA E 768 38.97 -2.65 -12.01
C ALA E 768 38.22 -1.67 -11.09
N PRO E 769 37.18 -2.16 -10.34
CA PRO E 769 36.32 -1.22 -9.60
C PRO E 769 37.08 -0.34 -8.65
N THR E 770 36.73 0.95 -8.69
CA THR E 770 37.22 1.92 -7.72
C THR E 770 36.56 1.68 -6.36
N ASP E 771 37.10 2.29 -5.32
CA ASP E 771 36.45 2.24 -4.01
C ASP E 771 35.04 2.75 -4.10
N ASN E 772 34.81 3.80 -4.87
CA ASN E 772 33.44 4.29 -5.04
C ASN E 772 32.54 3.29 -5.81
N ASP E 773 33.11 2.57 -6.79
CA ASP E 773 32.35 1.57 -7.55
C ASP E 773 31.91 0.45 -6.60
N ARG E 774 32.62 0.27 -5.49
CA ARG E 774 32.28 -0.72 -4.47
C ARG E 774 31.35 -0.24 -3.34
N GLY E 775 31.04 1.05 -3.33
CA GLY E 775 30.23 1.62 -2.27
C GLY E 775 28.74 1.45 -2.48
N ALA E 776 28.00 1.39 -1.36
CA ALA E 776 26.53 1.23 -1.46
C ALA E 776 25.73 1.99 -0.39
N GLY E 777 26.37 2.95 0.31
CA GLY E 777 25.72 3.72 1.40
C GLY E 777 24.65 4.67 0.95
N PHE E 778 25.06 5.70 0.22
CA PHE E 778 24.09 6.47 -0.56
C PHE E 778 23.50 5.52 -1.56
N GLY E 779 22.31 5.85 -2.04
CA GLY E 779 21.68 5.12 -3.11
C GLY E 779 22.29 5.51 -4.43
N ALA E 780 21.85 4.81 -5.45
CA ALA E 780 22.28 5.05 -6.81
C ALA E 780 21.42 6.16 -7.40
N TYR E 781 22.02 6.98 -8.26
CA TYR E 781 21.24 8.02 -8.94
C TYR E 781 20.43 7.57 -10.16
N GLY E 782 20.79 6.44 -10.76
CA GLY E 782 20.16 6.02 -12.03
C GLY E 782 18.63 5.97 -12.06
N PRO E 783 18.02 5.20 -11.14
CA PRO E 783 16.56 4.93 -11.13
C PRO E 783 15.56 6.07 -10.88
N GLY E 784 16.01 7.27 -10.53
CA GLY E 784 15.05 8.34 -10.27
C GLY E 784 15.66 9.70 -10.48
N ASP E 785 14.83 10.74 -10.43
CA ASP E 785 15.30 12.09 -10.56
C ASP E 785 16.26 12.30 -9.38
N PRO E 786 17.54 12.65 -9.66
CA PRO E 786 18.50 12.81 -8.56
C PRO E 786 18.15 13.95 -7.58
N TRP E 787 17.24 14.84 -7.98
CA TRP E 787 16.85 15.95 -7.11
C TRP E 787 15.83 15.55 -6.06
N LEU E 788 15.22 14.39 -6.24
CA LEU E 788 14.25 13.87 -5.28
C LEU E 788 14.92 13.16 -4.09
N ASN E 789 14.16 12.89 -3.03
CA ASN E 789 14.67 12.16 -1.86
C ASN E 789 15.93 12.84 -1.26
N SER E 790 15.93 14.19 -1.25
CA SER E 790 17.05 14.96 -0.70
C SER E 790 18.36 14.62 -1.37
N GLY E 791 18.30 14.18 -2.64
CA GLY E 791 19.50 13.75 -3.36
C GLY E 791 20.21 12.51 -2.80
N ARG E 792 19.49 11.69 -2.04
CA ARG E 792 20.06 10.45 -1.49
C ARG E 792 19.96 9.26 -2.42
N GLY E 793 19.37 9.47 -3.61
CA GLY E 793 19.30 8.40 -4.59
C GLY E 793 18.30 7.32 -4.22
N VAL E 794 18.41 6.19 -4.90
CA VAL E 794 17.50 5.03 -4.71
C VAL E 794 18.34 3.91 -4.12
N PRO E 795 17.94 3.35 -2.95
CA PRO E 795 18.70 2.19 -2.41
C PRO E 795 19.02 1.12 -3.48
N ALA E 796 20.26 0.68 -3.52
CA ALA E 796 20.72 -0.15 -4.64
C ALA E 796 22.05 -0.81 -4.28
N PRO E 797 22.36 -1.97 -4.90
CA PRO E 797 23.66 -2.59 -4.67
C PRO E 797 24.79 -1.71 -5.24
N SER E 798 26.03 -2.04 -4.89
CA SER E 798 27.16 -1.30 -5.46
C SER E 798 27.23 -1.57 -6.97
N SER E 799 27.95 -0.70 -7.70
CA SER E 799 28.22 -0.93 -9.12
C SER E 799 28.99 -2.23 -9.32
N GLU E 800 29.96 -2.52 -8.46
CA GLU E 800 30.76 -3.72 -8.64
C GLU E 800 29.86 -4.96 -8.53
N ALA E 801 28.90 -4.94 -7.61
CA ALA E 801 27.98 -6.05 -7.40
C ALA E 801 27.17 -6.32 -8.66
N VAL E 802 26.63 -5.28 -9.28
CA VAL E 802 25.82 -5.50 -10.51
C VAL E 802 26.65 -5.90 -11.75
N TRP E 803 27.88 -5.37 -11.81
CA TRP E 803 28.80 -5.68 -12.89
C TRP E 803 29.23 -7.15 -12.84
N LYS E 804 29.61 -7.62 -11.65
CA LYS E 804 29.95 -9.04 -11.45
C LYS E 804 28.76 -9.96 -11.72
N GLN E 805 27.56 -9.55 -11.28
CA GLN E 805 26.35 -10.34 -11.51
C GLN E 805 26.00 -10.48 -13.01
N ALA E 806 26.22 -9.43 -13.79
CA ALA E 806 26.13 -9.42 -15.25
C ALA E 806 27.28 -10.15 -15.97
N GLY E 807 28.33 -10.54 -15.23
CA GLY E 807 29.47 -11.21 -15.85
C GLY E 807 30.35 -10.29 -16.70
N LEU E 808 30.31 -8.99 -16.42
CA LEU E 808 31.10 -8.03 -17.23
C LEU E 808 32.61 -8.29 -17.15
N ASP E 809 33.07 -8.88 -16.05
CA ASP E 809 34.50 -9.25 -15.91
C ASP E 809 34.95 -10.51 -16.68
N ARG E 810 34.01 -11.22 -17.30
CA ARG E 810 34.30 -12.53 -17.97
C ARG E 810 33.53 -12.62 -19.28
N LEU E 811 33.58 -11.54 -20.08
CA LEU E 811 33.01 -11.59 -21.42
C LEU E 811 33.81 -12.56 -22.28
N THR E 812 33.13 -13.35 -23.11
CA THR E 812 33.76 -14.28 -24.04
C THR E 812 33.64 -13.69 -25.43
N ARG E 813 34.61 -13.99 -26.30
CA ARG E 813 34.63 -13.50 -27.68
C ARG E 813 34.31 -14.62 -28.65
N ARG E 814 33.28 -14.46 -29.49
CA ARG E 814 32.96 -15.44 -30.49
C ARG E 814 33.06 -14.82 -31.88
N VAL E 815 33.80 -15.44 -32.79
CA VAL E 815 33.94 -14.91 -34.17
C VAL E 815 32.74 -15.33 -34.99
N GLU E 816 32.03 -14.37 -35.56
CA GLU E 816 30.90 -14.67 -36.39
C GLU E 816 31.40 -14.92 -37.81
N ASP E 817 32.25 -14.04 -38.31
CA ASP E 817 32.79 -14.20 -39.67
C ASP E 817 34.01 -13.33 -39.92
N VAL E 818 34.81 -13.74 -40.89
CA VAL E 818 36.02 -13.02 -41.30
C VAL E 818 36.01 -13.00 -42.84
N ALA E 819 36.28 -11.84 -43.44
CA ALA E 819 36.26 -11.74 -44.91
C ALA E 819 37.25 -10.72 -45.41
N ALA E 820 37.79 -10.95 -46.60
CA ALA E 820 38.66 -9.99 -47.26
C ALA E 820 37.86 -8.76 -47.69
N LEU E 821 38.50 -7.60 -47.64
CA LEU E 821 38.00 -6.42 -48.34
C LEU E 821 39.04 -6.08 -49.41
N PRO E 822 38.66 -5.27 -50.42
CA PRO E 822 39.74 -4.73 -51.28
C PRO E 822 40.75 -3.94 -50.43
N ASP E 823 42.02 -4.35 -50.40
CA ASP E 823 43.02 -3.75 -49.49
C ASP E 823 42.57 -3.69 -48.00
N GLY E 824 41.92 -4.75 -47.53
CA GLY E 824 41.55 -4.84 -46.12
C GLY E 824 40.97 -6.15 -45.67
N ILE E 825 40.45 -6.11 -44.45
CA ILE E 825 39.87 -7.27 -43.78
C ILE E 825 38.73 -6.78 -42.88
N ARG E 826 37.61 -7.50 -42.88
CA ARG E 826 36.51 -7.25 -41.96
C ARG E 826 36.36 -8.43 -41.02
N VAL E 827 36.31 -8.17 -39.71
CA VAL E 827 36.10 -9.23 -38.74
C VAL E 827 34.87 -8.86 -37.91
N ARG E 828 33.89 -9.76 -37.87
CA ARG E 828 32.71 -9.59 -37.04
C ARG E 828 32.73 -10.57 -35.87
N THR E 829 32.58 -10.03 -34.67
CA THR E 829 32.62 -10.82 -33.43
C THR E 829 31.41 -10.46 -32.58
N ARG E 830 31.15 -11.33 -31.60
CA ARG E 830 30.07 -11.13 -30.68
C ARG E 830 30.60 -11.49 -29.29
N TYR E 831 30.35 -10.61 -28.31
CA TYR E 831 30.84 -10.77 -26.94
C TYR E 831 29.66 -10.94 -25.98
N ALA E 832 29.82 -11.84 -25.03
CA ALA E 832 28.78 -12.21 -24.05
C ALA E 832 29.40 -13.03 -22.93
N ALA E 833 28.82 -12.90 -21.73
CA ALA E 833 29.21 -13.70 -20.58
C ALA E 833 28.49 -15.07 -20.63
N ALA E 834 29.15 -16.07 -20.09
CA ALA E 834 28.54 -17.36 -19.84
C ALA E 834 27.22 -17.16 -19.11
N ASP E 835 26.19 -17.87 -19.56
CA ASP E 835 24.90 -17.88 -18.86
C ASP E 835 24.12 -16.56 -18.99
N SER E 836 24.56 -15.66 -19.89
CA SER E 836 23.82 -14.45 -20.18
C SER E 836 23.13 -14.48 -21.55
N THR E 837 22.01 -13.79 -21.65
CA THR E 837 21.23 -13.66 -22.88
C THR E 837 21.59 -12.36 -23.64
N HIS E 838 22.37 -11.48 -22.99
CA HIS E 838 22.74 -10.17 -23.58
C HIS E 838 24.11 -10.27 -24.25
N SER E 839 24.33 -9.41 -25.24
CA SER E 839 25.56 -9.48 -26.01
C SER E 839 25.90 -8.12 -26.60
N VAL E 840 27.11 -8.03 -27.17
CA VAL E 840 27.55 -6.82 -27.85
C VAL E 840 28.22 -7.28 -29.14
N ALA E 841 27.69 -6.85 -30.28
CA ALA E 841 28.33 -7.16 -31.56
C ALA E 841 29.46 -6.17 -31.80
N VAL E 842 30.55 -6.64 -32.40
CA VAL E 842 31.66 -5.78 -32.72
C VAL E 842 32.07 -6.07 -34.16
N GLU E 843 32.32 -5.02 -34.94
CA GLU E 843 32.80 -5.16 -36.31
C GLU E 843 34.06 -4.32 -36.47
N GLU E 844 35.13 -4.94 -36.98
CA GLU E 844 36.37 -4.27 -37.29
C GLU E 844 36.51 -4.21 -38.81
N ASN E 845 36.72 -3.01 -39.36
CA ASN E 845 37.05 -2.84 -40.79
C ASN E 845 38.45 -2.25 -40.83
N TRP E 846 39.41 -3.11 -41.17
CA TRP E 846 40.79 -2.69 -41.41
C TRP E 846 40.94 -2.42 -42.90
N GLN E 847 41.34 -1.19 -43.27
CA GLN E 847 41.47 -0.85 -44.70
C GLN E 847 42.71 0.00 -44.90
N LEU E 848 43.44 -0.27 -45.97
CA LEU E 848 44.55 0.63 -46.38
C LEU E 848 43.97 1.75 -47.23
N ASP E 849 44.23 2.99 -46.85
CA ASP E 849 43.72 4.12 -47.58
C ASP E 849 44.85 5.11 -47.79
N GLY E 850 45.32 5.18 -49.03
CA GLY E 850 46.49 6.00 -49.36
C GLY E 850 47.71 5.65 -48.54
N GLY E 851 48.03 4.35 -48.47
CA GLY E 851 49.19 3.89 -47.71
C GLY E 851 49.05 3.86 -46.19
N GLU E 852 48.03 4.52 -45.64
CA GLU E 852 47.75 4.49 -44.19
C GLU E 852 46.84 3.32 -43.82
N LEU E 853 47.14 2.65 -42.71
CA LEU E 853 46.26 1.63 -42.15
C LEU E 853 45.16 2.28 -41.32
N CYS E 854 43.92 2.16 -41.79
CA CYS E 854 42.75 2.68 -41.09
C CYS E 854 42.01 1.54 -40.43
N LEU E 855 41.50 1.79 -39.22
CA LEU E 855 40.73 0.76 -38.52
C LEU E 855 39.50 1.39 -37.90
N ARG E 856 38.33 1.02 -38.43
CA ARG E 856 37.06 1.42 -37.82
C ARG E 856 36.47 0.23 -37.04
N ILE E 857 36.10 0.53 -35.79
CA ILE E 857 35.54 -0.49 -34.88
C ILE E 857 34.18 0.03 -34.45
N ASP E 858 33.12 -0.70 -34.84
CA ASP E 858 31.75 -0.36 -34.46
C ASP E 858 31.26 -1.35 -33.40
N ILE E 859 30.80 -0.82 -32.29
CA ILE E 859 30.39 -1.65 -31.14
C ILE E 859 28.87 -1.41 -30.98
N THR E 860 28.04 -2.46 -31.12
CA THR E 860 26.60 -2.31 -31.20
C THR E 860 25.93 -3.30 -30.22
N PRO E 861 25.62 -2.83 -29.01
CA PRO E 861 25.01 -3.72 -28.01
C PRO E 861 23.65 -4.21 -28.39
N SER E 862 23.32 -5.39 -27.85
CA SER E 862 21.96 -5.93 -27.89
C SER E 862 21.02 -5.03 -27.08
N ALA E 863 19.71 -5.28 -27.20
CA ALA E 863 18.68 -4.51 -26.50
C ALA E 863 18.57 -4.67 -24.97
N GLY E 864 18.93 -5.80 -24.40
CA GLY E 864 18.53 -5.94 -22.97
C GLY E 864 19.25 -5.18 -21.84
N TRP E 865 20.33 -4.47 -22.16
CA TRP E 865 21.29 -4.08 -21.15
C TRP E 865 20.74 -2.95 -20.25
N ASN E 866 20.69 -3.20 -18.96
CA ASN E 866 20.07 -2.24 -18.04
C ASN E 866 20.91 -2.05 -16.79
N LEU E 867 22.15 -1.60 -16.96
CA LEU E 867 23.03 -1.29 -15.82
C LEU E 867 24.05 -0.25 -16.29
N VAL E 868 24.60 0.51 -15.35
CA VAL E 868 25.82 1.26 -15.59
C VAL E 868 26.93 0.34 -16.13
N TRP E 869 27.62 0.76 -17.18
CA TRP E 869 28.81 0.10 -17.65
C TRP E 869 30.07 0.84 -17.16
N PRO E 870 31.13 0.10 -16.81
CA PRO E 870 32.35 0.72 -16.32
C PRO E 870 33.11 1.48 -17.43
N ARG E 871 33.18 0.90 -18.62
CA ARG E 871 33.90 1.51 -19.73
C ARG E 871 33.35 0.90 -21.02
N ILE E 872 33.65 1.54 -22.15
CA ILE E 872 33.50 0.91 -23.47
C ILE E 872 34.80 1.14 -24.23
N GLY E 873 35.56 0.08 -24.46
CA GLY E 873 36.87 0.25 -25.12
C GLY E 873 37.34 -1.06 -25.71
N VAL E 874 38.54 -1.03 -26.27
CA VAL E 874 39.20 -2.23 -26.75
C VAL E 874 40.58 -2.33 -26.12
N ARG E 875 41.02 -3.56 -25.89
CA ARG E 875 42.33 -3.86 -25.30
C ARG E 875 43.27 -4.47 -26.37
N TRP E 876 44.53 -4.02 -26.33
CA TRP E 876 45.63 -4.59 -27.15
C TRP E 876 46.66 -5.16 -26.19
N ASP E 877 47.16 -6.38 -26.49
CA ASP E 877 48.18 -7.04 -25.64
C ASP E 877 49.54 -6.85 -26.30
N LEU E 878 50.49 -6.25 -25.58
CA LEU E 878 51.74 -5.74 -26.15
C LEU E 878 52.93 -6.36 -25.42
N PRO E 879 54.16 -6.28 -25.98
CA PRO E 879 55.32 -6.76 -25.20
C PRO E 879 55.48 -5.95 -23.90
N THR E 880 56.07 -6.56 -22.88
CA THR E 880 56.27 -5.90 -21.58
C THR E 880 57.20 -4.71 -21.70
N ASP E 881 58.02 -4.66 -22.76
CA ASP E 881 58.93 -3.49 -22.91
C ASP E 881 58.28 -2.23 -23.46
N VAL E 882 57.00 -2.31 -23.79
CA VAL E 882 56.22 -1.09 -24.06
C VAL E 882 55.97 -0.40 -22.73
N ASP E 883 56.66 0.72 -22.52
CA ASP E 883 56.84 1.23 -21.14
C ASP E 883 56.54 2.71 -20.97
N GLY E 884 55.92 3.33 -21.95
CA GLY E 884 55.62 4.76 -21.82
C GLY E 884 54.78 5.23 -22.97
N ALA E 885 54.19 6.42 -22.86
CA ALA E 885 53.41 6.99 -23.92
C ALA E 885 53.55 8.53 -23.98
N ALA E 886 53.39 9.06 -25.18
CA ALA E 886 53.23 10.49 -25.41
C ALA E 886 51.87 10.65 -26.08
N TRP E 887 51.21 11.78 -25.89
CA TRP E 887 49.89 11.99 -26.51
C TRP E 887 49.63 13.48 -26.62
N PHE E 888 48.73 13.86 -27.53
CA PHE E 888 48.15 15.21 -27.52
C PHE E 888 46.69 15.05 -27.11
N GLY E 889 46.30 15.74 -26.04
CA GLY E 889 44.94 15.60 -25.46
C GLY E 889 44.95 16.06 -24.01
N ALA E 890 43.99 15.61 -23.19
CA ALA E 890 43.88 16.08 -21.82
C ALA E 890 44.96 15.50 -20.94
N GLY E 891 45.54 16.30 -20.06
CA GLY E 891 46.60 15.84 -19.16
C GLY E 891 47.10 16.98 -18.28
N PRO E 892 48.22 16.78 -17.57
CA PRO E 892 49.06 15.59 -17.73
C PRO E 892 48.60 14.33 -17.01
N ARG E 893 47.68 14.45 -16.05
CA ARG E 893 47.31 13.33 -15.19
C ARG E 893 46.04 12.64 -15.72
N GLU E 894 45.65 11.54 -15.08
CA GLU E 894 44.43 10.80 -15.43
C GLU E 894 43.22 11.72 -15.27
N SER E 895 42.22 11.56 -16.12
CA SER E 895 40.99 12.35 -15.97
C SER E 895 39.79 11.51 -16.36
N TYR E 896 38.63 11.82 -15.78
CA TYR E 896 37.37 11.06 -15.94
C TYR E 896 36.25 12.11 -16.11
N PRO E 897 35.07 11.69 -16.62
CA PRO E 897 34.02 12.69 -16.97
C PRO E 897 33.64 13.71 -15.89
N ASP E 898 33.59 13.32 -14.62
CA ASP E 898 33.28 14.26 -13.52
C ASP E 898 34.55 14.79 -12.84
N SER E 899 35.71 14.54 -13.46
CA SER E 899 37.00 15.02 -12.93
C SER E 899 37.94 15.51 -14.07
N MET E 900 37.58 16.64 -14.69
CA MET E 900 38.33 17.20 -15.83
C MET E 900 38.94 18.60 -15.60
N HIS E 901 38.66 19.22 -14.45
CA HIS E 901 39.08 20.62 -14.29
C HIS E 901 40.59 20.83 -14.31
N ALA E 902 41.35 19.91 -13.75
CA ALA E 902 42.83 20.11 -13.64
C ALA E 902 43.57 19.57 -14.88
N THR E 903 42.90 19.55 -16.03
CA THR E 903 43.52 19.08 -17.27
C THR E 903 43.77 20.27 -18.19
N MET E 904 44.78 20.13 -19.05
CA MET E 904 45.00 21.03 -20.16
C MET E 904 45.12 20.16 -21.39
N VAL E 905 44.58 20.62 -22.51
CA VAL E 905 44.84 20.05 -23.85
C VAL E 905 46.22 20.54 -24.32
N ALA E 906 47.20 19.62 -24.40
CA ALA E 906 48.58 19.95 -24.77
C ALA E 906 49.27 18.66 -25.15
N ARG E 907 50.56 18.78 -25.45
CA ARG E 907 51.42 17.62 -25.60
C ARG E 907 51.90 17.14 -24.23
N HIS E 908 51.75 15.83 -23.96
CA HIS E 908 52.13 15.22 -22.68
C HIS E 908 52.91 13.95 -22.90
N ALA E 909 53.67 13.54 -21.89
CA ALA E 909 54.40 12.26 -21.98
C ALA E 909 54.56 11.68 -20.59
N ALA E 910 54.50 10.36 -20.47
CA ALA E 910 54.66 9.71 -19.19
C ALA E 910 55.11 8.26 -19.35
N SER E 911 55.97 7.81 -18.44
CA SER E 911 56.27 6.40 -18.31
C SER E 911 55.10 5.67 -17.62
N LEU E 912 55.15 4.34 -17.56
CA LEU E 912 54.17 3.55 -16.81
C LEU E 912 53.93 4.03 -15.39
N GLU E 913 55.01 4.24 -14.62
CA GLU E 913 54.89 4.69 -13.22
C GLU E 913 54.31 6.11 -13.06
N GLU E 914 54.46 6.94 -14.09
CA GLU E 914 53.84 8.26 -14.05
C GLU E 914 52.40 8.21 -14.57
N LEU E 915 52.09 7.23 -15.43
CA LEU E 915 50.74 7.15 -15.97
C LEU E 915 49.73 6.74 -14.92
N ASN E 916 50.10 5.78 -14.07
CA ASN E 916 49.15 5.09 -13.19
C ASN E 916 49.43 5.43 -11.73
N VAL E 917 48.38 5.73 -10.98
CA VAL E 917 48.52 6.07 -9.55
C VAL E 917 48.53 4.79 -8.70
N PRO E 918 49.52 4.67 -7.79
CA PRO E 918 49.52 3.49 -6.93
C PRO E 918 48.57 3.60 -5.72
N TYR E 919 47.26 3.55 -5.99
CA TYR E 919 46.24 3.58 -4.93
C TYR E 919 46.47 2.37 -4.06
N ALA E 920 46.16 2.52 -2.77
CA ALA E 920 46.43 1.49 -1.77
C ALA E 920 45.80 0.15 -2.16
N ARG E 921 44.57 0.19 -2.67
CA ARG E 921 43.94 -0.99 -3.25
C ARG E 921 43.94 -0.80 -4.77
N PRO E 922 44.61 -1.69 -5.53
CA PRO E 922 44.64 -1.56 -6.98
C PRO E 922 43.24 -1.42 -7.60
N GLN E 923 43.09 -0.47 -8.52
CA GLN E 923 41.79 -0.18 -9.13
C GLN E 923 41.99 0.63 -10.40
N GLU E 924 40.90 0.96 -11.07
CA GLU E 924 40.95 1.80 -12.25
C GLU E 924 41.80 3.05 -11.95
N THR E 925 42.79 3.25 -12.81
CA THR E 925 43.66 4.42 -12.78
C THR E 925 44.26 4.64 -14.17
N GLY E 926 44.64 5.89 -14.48
CA GLY E 926 45.54 6.08 -15.61
C GLY E 926 44.88 6.49 -16.91
N HIS E 927 43.53 6.57 -16.95
CA HIS E 927 42.83 6.99 -18.17
C HIS E 927 43.21 8.42 -18.56
N ARG E 928 43.68 8.62 -19.79
CA ARG E 928 43.96 9.93 -20.36
C ARG E 928 42.87 10.21 -21.37
N SER E 929 42.11 11.29 -21.18
CA SER E 929 40.93 11.56 -22.01
C SER E 929 41.22 12.45 -23.21
N ASP E 930 40.30 12.45 -24.17
CA ASP E 930 40.25 13.46 -25.23
C ASP E 930 41.51 13.46 -26.07
N VAL E 931 41.93 12.25 -26.42
CA VAL E 931 43.14 12.02 -27.16
C VAL E 931 42.98 12.22 -28.69
N ARG E 932 43.81 13.09 -29.24
CA ARG E 932 44.00 13.25 -30.69
C ARG E 932 44.91 12.12 -31.27
N TRP E 933 46.03 11.87 -30.61
CA TRP E 933 46.95 10.82 -31.00
C TRP E 933 47.75 10.37 -29.80
N LEU E 934 48.26 9.13 -29.85
CA LEU E 934 49.19 8.63 -28.84
C LEU E 934 50.32 7.91 -29.53
N GLU E 935 51.45 7.91 -28.86
CA GLU E 935 52.61 7.23 -29.36
C GLU E 935 53.18 6.43 -28.22
N LEU E 936 53.26 5.14 -28.46
CA LEU E 936 53.80 4.20 -27.49
C LEU E 936 55.31 4.07 -27.68
N ASP E 937 56.01 4.12 -26.56
CA ASP E 937 57.45 4.02 -26.46
C ASP E 937 57.79 2.61 -25.99
N ARG E 938 58.88 2.07 -26.51
CA ARG E 938 59.33 0.74 -26.09
C ARG E 938 60.81 0.68 -25.97
N ALA E 939 61.23 0.19 -24.82
CA ALA E 939 62.62 0.26 -24.37
C ALA E 939 63.16 1.70 -24.62
N GLY E 940 62.43 2.70 -24.12
CA GLY E 940 62.87 4.11 -24.20
C GLY E 940 62.53 4.93 -25.45
N ALA E 941 62.31 4.26 -26.59
CA ALA E 941 62.17 4.90 -27.91
C ALA E 941 60.76 4.74 -28.52
N PRO E 942 60.30 5.75 -29.30
CA PRO E 942 59.01 5.65 -30.00
C PRO E 942 58.86 4.38 -30.85
N TRP E 943 57.73 3.69 -30.68
CA TRP E 943 57.47 2.47 -31.45
C TRP E 943 56.21 2.56 -32.35
N LEU E 944 55.05 2.85 -31.75
CA LEU E 944 53.77 2.82 -32.48
C LEU E 944 52.98 4.11 -32.29
N ARG E 945 52.45 4.65 -33.38
CA ARG E 945 51.58 5.80 -33.32
C ARG E 945 50.14 5.42 -33.65
N ILE E 946 49.18 5.83 -32.82
CA ILE E 946 47.75 5.71 -33.14
C ILE E 946 47.10 7.10 -33.20
N ASP E 947 46.55 7.43 -34.35
CA ASP E 947 45.78 8.66 -34.51
C ASP E 947 44.30 8.31 -34.34
N ALA E 948 43.55 9.13 -33.62
CA ALA E 948 42.13 8.87 -33.40
C ALA E 948 41.32 10.02 -33.96
N GLU E 949 40.27 9.70 -34.72
CA GLU E 949 39.41 10.71 -35.32
C GLU E 949 38.14 10.80 -34.47
N PRO E 950 37.55 12.01 -34.29
CA PRO E 950 36.35 12.09 -33.45
C PRO E 950 35.17 11.41 -34.13
N ASP E 951 34.20 10.92 -33.36
CA ASP E 951 33.05 10.20 -33.94
C ASP E 951 32.00 11.18 -34.47
N ALA E 952 30.86 10.67 -34.93
CA ALA E 952 29.80 11.54 -35.51
C ALA E 952 29.41 12.67 -34.56
N ALA E 953 29.45 12.40 -33.26
CA ALA E 953 29.07 13.41 -32.27
C ALA E 953 30.23 14.30 -31.77
N GLY E 954 31.41 14.18 -32.41
CA GLY E 954 32.58 14.97 -32.05
C GLY E 954 33.34 14.45 -30.83
N ARG E 955 33.00 13.24 -30.36
CA ARG E 955 33.62 12.69 -29.15
C ARG E 955 34.94 12.04 -29.51
N ARG E 956 35.97 12.24 -28.67
CA ARG E 956 37.30 11.65 -28.86
C ARG E 956 37.54 10.53 -27.84
N PRO E 957 38.31 9.49 -28.21
CA PRO E 957 38.55 8.45 -27.24
C PRO E 957 39.63 8.85 -26.25
N GLY E 958 39.90 7.93 -25.32
CA GLY E 958 40.98 8.06 -24.33
C GLY E 958 41.80 6.79 -24.37
N PHE E 959 42.86 6.72 -23.56
CA PHE E 959 43.65 5.51 -23.49
C PHE E 959 44.20 5.32 -22.09
N SER E 960 44.56 4.07 -21.77
CA SER E 960 45.32 3.71 -20.58
C SER E 960 46.36 2.70 -20.98
N LEU E 961 47.48 2.70 -20.27
CA LEU E 961 48.53 1.69 -20.50
C LEU E 961 48.79 1.05 -19.16
N ALA E 962 48.73 -0.29 -19.09
CA ALA E 962 48.86 -0.99 -17.83
C ALA E 962 49.78 -2.22 -17.94
N ARG E 963 50.30 -2.70 -16.81
CA ARG E 963 51.15 -3.90 -16.79
C ARG E 963 50.33 -5.19 -16.53
N HIS E 964 49.02 -5.02 -16.28
CA HIS E 964 48.12 -6.15 -15.98
C HIS E 964 46.75 -5.84 -16.55
N THR E 965 45.92 -6.87 -16.70
CA THR E 965 44.54 -6.63 -17.19
C THR E 965 43.68 -6.05 -16.09
N ALA E 966 42.55 -5.43 -16.45
CA ALA E 966 41.59 -4.90 -15.45
C ALA E 966 41.08 -6.04 -14.53
N GLN E 967 40.97 -7.25 -15.07
CA GLN E 967 40.61 -8.42 -14.23
C GLN E 967 41.69 -8.75 -13.19
N GLU E 968 42.95 -8.75 -13.59
CA GLU E 968 44.04 -9.06 -12.64
C GLU E 968 44.14 -8.00 -11.55
N ILE E 969 44.02 -6.74 -11.97
CA ILE E 969 44.10 -5.61 -11.02
C ILE E 969 42.94 -5.75 -10.02
N ALA E 970 41.75 -6.07 -10.51
CA ALA E 970 40.58 -6.16 -9.61
C ALA E 970 40.79 -7.24 -8.54
N ALA E 971 41.50 -8.31 -8.91
CA ALA E 971 41.79 -9.43 -8.01
C ALA E 971 42.83 -9.15 -6.92
N ALA E 972 43.64 -8.11 -7.08
CA ALA E 972 44.76 -7.88 -6.14
C ALA E 972 44.34 -6.94 -5.01
N GLY E 973 44.61 -7.34 -3.77
CA GLY E 973 44.28 -6.47 -2.61
C GLY E 973 45.33 -5.36 -2.42
N HIS E 974 46.57 -5.66 -2.77
CA HIS E 974 47.67 -4.72 -2.66
C HIS E 974 48.49 -4.81 -3.94
N PRO E 975 49.18 -3.73 -4.32
CA PRO E 975 50.10 -3.81 -5.49
C PRO E 975 51.07 -5.01 -5.46
N HIS E 976 51.63 -5.34 -4.29
CA HIS E 976 52.61 -6.42 -4.23
C HIS E 976 52.00 -7.81 -4.48
N GLU E 977 50.67 -7.91 -4.50
CA GLU E 977 50.02 -9.20 -4.79
C GLU E 977 49.77 -9.46 -6.29
N LEU E 978 50.14 -8.52 -7.14
CA LEU E 978 49.99 -8.71 -8.58
C LEU E 978 51.11 -9.61 -9.13
N PRO E 979 50.79 -10.53 -10.07
CA PRO E 979 51.83 -11.39 -10.63
C PRO E 979 52.88 -10.59 -11.42
N THR E 980 54.04 -11.19 -11.65
CA THR E 980 55.05 -10.54 -12.49
C THR E 980 54.40 -10.40 -13.91
N PRO E 981 54.48 -9.18 -14.53
CA PRO E 981 53.85 -8.93 -15.83
C PRO E 981 54.31 -9.87 -16.96
N SER E 982 53.38 -10.24 -17.82
CA SER E 982 53.70 -10.99 -19.06
C SER E 982 53.43 -10.17 -20.32
N HIS E 983 52.65 -9.11 -20.17
CA HIS E 983 52.37 -8.16 -21.27
C HIS E 983 52.28 -6.76 -20.70
N SER E 984 52.32 -5.79 -21.61
CA SER E 984 51.74 -4.48 -21.36
C SER E 984 50.41 -4.44 -22.09
N TYR E 985 49.44 -3.74 -21.50
CA TYR E 985 48.13 -3.68 -22.11
C TYR E 985 47.75 -2.23 -22.41
N LEU E 986 47.34 -1.99 -23.65
CA LEU E 986 46.78 -0.70 -24.06
C LEU E 986 45.28 -0.85 -24.15
N TYR E 987 44.55 -0.04 -23.37
CA TYR E 987 43.11 0.09 -23.51
C TYR E 987 42.82 1.38 -24.25
N VAL E 988 42.11 1.31 -25.37
CA VAL E 988 41.63 2.50 -26.03
C VAL E 988 40.14 2.60 -25.72
N ASP E 989 39.73 3.62 -24.96
CA ASP E 989 38.38 3.64 -24.43
C ASP E 989 37.55 4.69 -25.13
N ALA E 990 36.43 4.27 -25.73
CA ALA E 990 35.46 5.24 -26.23
C ALA E 990 34.83 5.97 -25.04
N ALA E 991 34.68 5.30 -23.90
CA ALA E 991 34.00 5.90 -22.75
C ALA E 991 34.44 5.30 -21.43
N GLN E 992 34.47 6.11 -20.37
CA GLN E 992 34.70 5.63 -19.01
C GLN E 992 33.56 6.19 -18.11
N HIS E 993 33.14 5.40 -17.12
CA HIS E 993 32.18 5.83 -16.13
C HIS E 993 32.87 6.89 -15.24
N GLY E 994 32.07 7.82 -14.74
CA GLY E 994 32.55 8.75 -13.76
C GLY E 994 32.99 8.13 -12.44
N LEU E 995 33.41 9.00 -11.52
CA LEU E 995 34.04 8.58 -10.29
C LEU E 995 33.08 8.72 -9.09
N GLY E 996 32.38 9.86 -9.02
CA GLY E 996 31.47 10.17 -7.88
C GLY E 996 32.18 10.09 -6.53
N SER E 997 31.46 9.75 -5.46
CA SER E 997 32.11 9.46 -4.18
C SER E 997 31.28 8.49 -3.33
N ARG E 998 30.72 7.47 -3.99
CA ARG E 998 29.78 6.58 -3.31
C ARG E 998 30.41 5.73 -2.19
N ALA E 999 31.74 5.65 -2.08
CA ALA E 999 32.29 4.95 -0.91
C ALA E 999 31.77 5.63 0.37
N CYS E 1000 31.52 6.94 0.29
CA CYS E 1000 30.86 7.64 1.40
C CYS E 1000 30.39 8.96 0.84
N GLY E 1001 29.18 8.98 0.28
CA GLY E 1001 28.70 10.18 -0.36
C GLY E 1001 27.93 9.86 -1.63
N PRO E 1002 27.57 10.91 -2.39
CA PRO E 1002 26.73 10.80 -3.59
C PRO E 1002 27.31 9.84 -4.63
N ASP E 1003 26.42 9.18 -5.36
CA ASP E 1003 26.78 8.42 -6.54
C ASP E 1003 27.28 9.41 -7.59
N VAL E 1004 27.86 8.89 -8.67
CA VAL E 1004 28.20 9.68 -9.86
C VAL E 1004 26.97 10.50 -10.34
N TRP E 1005 27.16 11.80 -10.51
CA TRP E 1005 26.06 12.68 -10.95
C TRP E 1005 25.67 12.21 -12.35
N PRO E 1006 24.35 12.10 -12.61
CA PRO E 1006 23.89 11.43 -13.86
C PRO E 1006 24.50 11.91 -15.17
N ASP E 1007 24.88 13.17 -15.22
CA ASP E 1007 25.50 13.72 -16.41
C ASP E 1007 26.83 13.04 -16.76
N PHE E 1008 27.43 12.36 -15.77
CA PHE E 1008 28.77 11.80 -15.93
C PHE E 1008 28.76 10.30 -15.80
N ALA E 1009 27.56 9.73 -15.74
CA ALA E 1009 27.41 8.29 -15.53
C ALA E 1009 27.31 7.57 -16.89
N LEU E 1010 28.01 6.44 -17.04
CA LEU E 1010 28.02 5.72 -18.32
C LEU E 1010 26.88 4.69 -18.36
N ARG E 1011 25.94 4.84 -19.30
CA ARG E 1011 24.96 3.79 -19.56
C ARG E 1011 25.18 3.18 -20.95
N PRO E 1012 24.67 1.96 -21.19
CA PRO E 1012 24.91 1.27 -22.46
C PRO E 1012 24.63 2.15 -23.66
N GLU E 1013 25.54 2.09 -24.64
CA GLU E 1013 25.43 2.88 -25.87
C GLU E 1013 26.31 2.20 -26.90
N ALA E 1014 25.95 2.41 -28.17
CA ALA E 1014 26.77 2.03 -29.28
C ALA E 1014 27.87 3.08 -29.47
N ARG E 1015 29.08 2.64 -29.81
CA ARG E 1015 30.22 3.57 -30.01
C ARG E 1015 31.06 3.09 -31.20
N THR E 1016 31.76 4.03 -31.81
CA THR E 1016 32.64 3.76 -32.93
C THR E 1016 34.00 4.34 -32.57
N LEU E 1017 35.05 3.57 -32.83
CA LEU E 1017 36.40 4.10 -32.76
C LEU E 1017 36.96 4.19 -34.17
N LYS E 1018 37.63 5.30 -34.49
CA LYS E 1018 38.17 5.50 -35.85
C LYS E 1018 39.65 5.78 -35.68
N LEU E 1019 40.49 4.80 -36.00
CA LEU E 1019 41.89 4.87 -35.67
C LEU E 1019 42.74 4.81 -36.96
N ARG E 1020 43.91 5.44 -36.94
CA ARG E 1020 44.95 5.17 -37.95
C ARG E 1020 46.20 4.74 -37.25
N ILE E 1021 46.80 3.63 -37.70
CA ILE E 1021 47.92 3.01 -36.99
C ILE E 1021 49.17 3.00 -37.86
N SER E 1022 50.27 3.54 -37.33
CA SER E 1022 51.54 3.60 -38.08
C SER E 1022 52.75 3.38 -37.17
N PRO E 1023 53.87 2.90 -37.75
CA PRO E 1023 55.13 2.89 -36.96
C PRO E 1023 55.49 4.34 -36.62
N ALA E 1024 56.04 4.59 -35.44
CA ALA E 1024 56.45 5.95 -35.10
C ALA E 1024 57.77 6.29 -35.74
N ALA F 5 -57.69 24.45 13.80
CA ALA F 5 -56.85 25.35 12.96
C ALA F 5 -55.74 24.55 12.24
N ASP F 6 -55.26 25.11 11.14
CA ASP F 6 -54.22 24.48 10.33
C ASP F 6 -52.85 25.08 10.71
N VAL F 7 -51.93 24.22 11.15
CA VAL F 7 -50.59 24.64 11.59
C VAL F 7 -49.48 24.23 10.60
N SER F 8 -49.88 23.93 9.37
CA SER F 8 -48.92 23.59 8.33
C SER F 8 -47.98 24.77 7.99
N TYR F 9 -48.36 25.99 8.38
CA TYR F 9 -47.48 27.13 8.17
C TYR F 9 -46.14 26.96 8.87
N LEU F 10 -46.12 26.24 9.99
CA LEU F 10 -44.91 26.13 10.79
C LEU F 10 -43.78 25.40 10.03
N THR F 11 -44.16 24.42 9.20
CA THR F 11 -43.19 23.56 8.51
C THR F 11 -43.21 23.72 6.99
N ASP F 12 -44.05 24.62 6.50
CA ASP F 12 -44.07 25.02 5.11
C ASP F 12 -42.68 25.50 4.60
N GLN F 13 -42.28 25.00 3.44
CA GLN F 13 -40.96 25.29 2.88
C GLN F 13 -40.98 26.50 1.92
N GLY F 14 -42.15 27.10 1.72
CA GLY F 14 -42.27 28.28 0.87
C GLY F 14 -41.86 29.60 1.54
N PRO F 15 -41.88 30.72 0.78
CA PRO F 15 -41.39 32.04 1.20
C PRO F 15 -42.18 32.78 2.30
N GLY F 16 -43.43 32.36 2.53
CA GLY F 16 -44.35 33.02 3.47
C GLY F 16 -45.71 33.09 2.79
N SER F 17 -46.70 33.68 3.44
CA SER F 17 -48.06 33.61 2.88
C SER F 17 -48.91 34.78 3.30
N GLY F 18 -50.10 34.87 2.70
CA GLY F 18 -51.05 35.91 3.03
C GLY F 18 -50.92 37.14 2.15
N ARG F 19 -51.20 38.30 2.74
CA ARG F 19 -51.33 39.55 2.01
C ARG F 19 -49.95 40.22 1.84
N ARG F 20 -49.02 39.50 1.18
CA ARG F 20 -47.64 39.97 1.06
C ARG F 20 -47.54 41.09 0.04
N VAL F 21 -46.73 42.09 0.36
CA VAL F 21 -46.44 43.19 -0.56
C VAL F 21 -45.13 42.90 -1.30
N PRO F 22 -45.04 43.21 -2.62
CA PRO F 22 -43.78 42.92 -3.33
C PRO F 22 -42.58 43.68 -2.74
N ALA F 23 -41.41 43.05 -2.78
CA ALA F 23 -40.22 43.54 -2.17
C ALA F 23 -39.79 44.86 -2.81
N ARG F 24 -39.27 45.77 -1.99
CA ARG F 24 -38.86 47.10 -2.45
C ARG F 24 -37.75 47.69 -1.56
N SER F 25 -37.20 48.85 -1.94
CA SER F 25 -36.16 49.51 -1.16
C SER F 25 -36.65 49.95 0.20
N TRP F 26 -35.74 49.97 1.19
CA TRP F 26 -35.98 50.71 2.42
C TRP F 26 -35.66 52.15 2.08
N LEU F 27 -36.67 53.02 2.15
CA LEU F 27 -36.53 54.42 1.64
C LEU F 27 -36.86 55.42 2.72
N HIS F 28 -36.23 56.59 2.68
CA HIS F 28 -36.64 57.72 3.51
C HIS F 28 -37.70 58.48 2.71
N SER F 29 -38.96 58.35 3.10
CA SER F 29 -40.05 58.99 2.38
C SER F 29 -40.74 59.91 3.36
N ASP F 30 -41.45 60.91 2.85
CA ASP F 30 -42.31 61.74 3.70
C ASP F 30 -43.74 61.21 3.85
N ALA F 31 -44.01 60.00 3.38
CA ALA F 31 -45.31 59.39 3.59
C ALA F 31 -45.70 59.30 5.07
N PRO F 32 -47.01 59.43 5.37
CA PRO F 32 -47.43 59.25 6.76
C PRO F 32 -47.07 57.85 7.31
N ALA F 33 -46.55 57.80 8.55
CA ALA F 33 -46.05 56.54 9.13
C ALA F 33 -46.10 56.57 10.64
N LEU F 34 -46.22 55.39 11.24
CA LEU F 34 -46.12 55.30 12.68
C LEU F 34 -45.34 54.07 13.14
N SER F 35 -44.64 54.22 14.25
CA SER F 35 -43.89 53.11 14.83
C SER F 35 -44.76 52.39 15.83
N LEU F 36 -44.77 51.06 15.72
CA LEU F 36 -45.45 50.24 16.70
C LEU F 36 -44.51 49.66 17.77
N ASN F 37 -43.25 50.09 17.77
CA ASN F 37 -42.31 49.73 18.83
C ASN F 37 -42.88 50.18 20.19
N GLY F 38 -42.55 49.48 21.26
CA GLY F 38 -42.97 49.90 22.60
C GLY F 38 -43.06 48.68 23.48
N ASP F 39 -43.81 48.77 24.57
CA ASP F 39 -44.09 47.61 25.40
C ASP F 39 -45.34 46.92 24.90
N TRP F 40 -45.24 45.65 24.53
CA TRP F 40 -46.41 44.92 24.06
C TRP F 40 -46.75 43.87 25.11
N ARG F 41 -48.04 43.53 25.25
CA ARG F 41 -48.49 42.39 26.04
C ARG F 41 -47.91 41.10 25.47
N PHE F 42 -47.38 40.26 26.35
CA PHE F 42 -46.58 39.11 25.92
C PHE F 42 -46.77 37.90 26.80
N ARG F 43 -46.88 36.73 26.18
CA ARG F 43 -46.68 35.49 26.92
C ARG F 43 -45.84 34.52 26.12
N LEU F 44 -45.12 33.66 26.83
CA LEU F 44 -44.34 32.59 26.23
C LEU F 44 -45.00 31.24 26.51
N LEU F 45 -45.28 30.51 25.42
CA LEU F 45 -45.68 29.10 25.50
C LEU F 45 -44.48 28.20 25.17
N PRO F 46 -44.43 27.00 25.78
CA PRO F 46 -43.33 26.06 25.56
C PRO F 46 -43.48 25.23 24.28
N ALA F 47 -44.64 25.31 23.63
CA ALA F 47 -44.90 24.62 22.38
C ALA F 47 -45.84 25.42 21.50
N ALA F 48 -45.90 25.05 20.21
CA ALA F 48 -46.70 25.75 19.24
C ALA F 48 -48.10 25.17 19.29
N PRO F 49 -49.10 26.01 19.65
CA PRO F 49 -50.49 25.57 19.72
C PRO F 49 -50.95 24.89 18.44
N GLY F 50 -51.73 23.82 18.55
CA GLY F 50 -52.30 23.17 17.39
C GLY F 50 -51.42 22.06 16.83
N THR F 51 -50.20 21.95 17.32
CA THR F 51 -49.35 20.85 16.86
C THR F 51 -49.70 19.57 17.65
N ALA F 52 -49.45 18.42 17.04
CA ALA F 52 -49.82 17.13 17.64
C ALA F 52 -49.24 16.91 19.03
N GLY F 53 -48.03 17.41 19.25
CA GLY F 53 -47.37 17.27 20.55
C GLY F 53 -47.59 18.44 21.49
N ALA F 54 -48.65 19.23 21.24
CA ALA F 54 -48.97 20.38 22.11
C ALA F 54 -50.46 20.42 22.48
N GLY F 55 -51.03 19.24 22.71
CA GLY F 55 -52.46 19.11 23.04
C GLY F 55 -52.96 19.92 24.24
N SER F 56 -52.10 20.12 25.25
CA SER F 56 -52.50 20.82 26.48
C SER F 56 -51.67 22.08 26.77
N VAL F 57 -51.18 22.75 25.72
CA VAL F 57 -50.34 23.93 25.91
C VAL F 57 -51.08 25.22 26.34
N LEU F 58 -52.34 25.36 25.93
CA LEU F 58 -53.12 26.58 26.15
C LEU F 58 -54.01 26.45 27.39
N PRO F 59 -54.38 27.60 28.01
CA PRO F 59 -55.34 27.56 29.12
C PRO F 59 -56.61 26.91 28.63
N SER F 60 -57.22 26.07 29.46
CA SER F 60 -58.50 25.42 29.13
C SER F 60 -59.52 26.47 28.68
N GLY F 61 -60.28 26.15 27.63
CA GLY F 61 -61.18 27.13 27.03
C GLY F 61 -60.61 27.91 25.85
N GLU F 62 -59.28 28.07 25.79
CA GLU F 62 -58.66 28.83 24.70
C GLU F 62 -58.53 27.98 23.44
N THR F 63 -59.06 28.53 22.35
CA THR F 63 -58.93 27.90 21.04
C THR F 63 -57.49 28.14 20.50
N VAL F 64 -57.07 27.27 19.60
CA VAL F 64 -55.73 27.32 19.01
C VAL F 64 -55.32 28.74 18.61
N GLU F 65 -56.15 29.43 17.84
CA GLU F 65 -55.86 30.81 17.44
C GLU F 65 -56.72 31.90 18.14
N GLY F 66 -57.21 31.57 19.35
CA GLY F 66 -58.07 32.48 20.15
C GLY F 66 -57.40 33.80 20.51
N VAL F 67 -56.07 33.76 20.64
CA VAL F 67 -55.28 34.93 20.99
C VAL F 67 -55.51 36.10 20.02
N ALA F 68 -55.90 35.81 18.79
CA ALA F 68 -56.03 36.81 17.73
C ALA F 68 -57.25 37.73 17.92
N ALA F 69 -58.24 37.23 18.66
CA ALA F 69 -59.57 37.85 18.73
C ALA F 69 -59.60 39.14 19.53
N GLU F 70 -60.34 40.11 19.02
CA GLU F 70 -60.48 41.41 19.69
C GLU F 70 -61.11 41.32 21.09
N SER F 71 -61.83 40.25 21.36
CA SER F 71 -62.48 40.07 22.65
C SER F 71 -61.57 39.39 23.68
N TYR F 72 -60.45 38.84 23.22
CA TYR F 72 -59.47 38.19 24.10
C TYR F 72 -59.01 39.07 25.27
N ASP F 73 -59.04 38.50 26.46
CA ASP F 73 -58.68 39.20 27.69
C ASP F 73 -57.23 38.92 28.11
N ASP F 74 -56.33 39.87 27.83
CA ASP F 74 -54.93 39.73 28.17
C ASP F 74 -54.53 40.65 29.32
N ALA F 75 -55.51 41.01 30.15
CA ALA F 75 -55.29 42.00 31.19
C ALA F 75 -54.24 41.54 32.20
N ALA F 76 -54.11 40.22 32.38
CA ALA F 76 -53.14 39.66 33.32
C ALA F 76 -51.75 39.38 32.73
N TRP F 77 -51.54 39.64 31.44
CA TRP F 77 -50.25 39.34 30.82
C TRP F 77 -49.10 40.27 31.19
N ASP F 78 -47.88 39.72 31.20
CA ASP F 78 -46.66 40.52 31.28
C ASP F 78 -46.59 41.42 30.04
N THR F 79 -45.66 42.38 30.02
CA THR F 79 -45.27 43.08 28.79
C THR F 79 -43.79 42.79 28.44
N LEU F 80 -43.43 43.04 27.20
CA LEU F 80 -42.08 42.84 26.70
C LEU F 80 -41.74 44.00 25.76
N PRO F 81 -40.53 44.58 25.85
CA PRO F 81 -40.17 45.61 24.88
C PRO F 81 -40.08 45.01 23.47
N VAL F 82 -40.54 45.79 22.49
CA VAL F 82 -40.39 45.47 21.07
C VAL F 82 -39.76 46.70 20.41
N PRO F 83 -38.58 46.57 19.77
CA PRO F 83 -37.81 45.35 19.51
C PRO F 83 -37.01 44.82 20.70
N SER F 84 -36.97 43.49 20.84
CA SER F 84 -36.01 42.81 21.71
C SER F 84 -36.04 41.30 21.42
N HIS F 85 -35.14 40.55 22.03
CA HIS F 85 -35.21 39.08 22.04
C HIS F 85 -35.76 38.68 23.38
N TRP F 86 -36.71 37.75 23.44
CA TRP F 86 -37.28 37.44 24.75
C TRP F 86 -36.32 36.69 25.67
N VAL F 87 -35.27 36.12 25.07
CA VAL F 87 -34.20 35.44 25.82
C VAL F 87 -33.10 36.39 26.32
N MET F 88 -33.27 37.69 26.08
CA MET F 88 -32.30 38.70 26.48
C MET F 88 -32.97 39.76 27.37
N GLY F 89 -32.24 40.18 28.40
CA GLY F 89 -32.67 41.30 29.25
C GLY F 89 -33.82 41.03 30.19
N GLN F 90 -34.08 39.76 30.49
CA GLN F 90 -35.21 39.40 31.34
C GLN F 90 -34.75 38.45 32.47
N ASP F 91 -33.44 38.46 32.71
CA ASP F 91 -32.78 37.56 33.67
C ASP F 91 -33.18 36.08 33.57
N GLY F 92 -33.27 35.58 32.34
CA GLY F 92 -33.69 34.17 32.10
C GLY F 92 -35.17 33.86 32.28
N LYS F 93 -36.02 34.89 32.50
CA LYS F 93 -37.44 34.66 32.75
C LYS F 93 -38.08 33.85 31.65
N TYR F 94 -37.73 34.16 30.39
CA TYR F 94 -38.29 33.41 29.26
C TYR F 94 -37.24 32.56 28.57
N GLY F 95 -36.38 31.91 29.36
CA GLY F 95 -35.30 31.12 28.80
C GLY F 95 -34.09 31.94 28.37
N ARG F 96 -33.15 31.25 27.73
CA ARG F 96 -31.80 31.78 27.56
C ARG F 96 -31.33 31.55 26.11
N PRO F 97 -30.30 32.29 25.67
CA PRO F 97 -29.65 32.04 24.40
C PRO F 97 -29.07 30.59 24.32
N ILE F 98 -28.96 30.06 23.10
CA ILE F 98 -28.27 28.78 22.82
C ILE F 98 -27.20 29.08 21.79
N TYR F 99 -25.96 28.70 22.08
CA TYR F 99 -24.90 28.88 21.07
C TYR F 99 -24.52 27.55 20.36
N THR F 100 -24.71 27.49 19.05
CA THR F 100 -24.07 26.41 18.29
C THR F 100 -23.32 27.01 17.10
N ASN F 101 -22.28 26.32 16.67
CA ASN F 101 -21.44 26.80 15.58
C ASN F 101 -21.99 26.21 14.28
N VAL F 102 -21.71 24.94 14.06
CA VAL F 102 -22.17 24.22 12.87
C VAL F 102 -23.41 23.37 13.21
N GLN F 103 -23.38 22.69 14.35
CA GLN F 103 -24.42 21.72 14.66
C GLN F 103 -25.80 22.38 14.82
N TYR F 104 -26.83 21.81 14.21
CA TYR F 104 -28.20 22.29 14.49
C TYR F 104 -28.55 21.89 15.93
N PRO F 105 -29.24 22.78 16.68
CA PRO F 105 -29.75 22.39 18.02
C PRO F 105 -31.03 21.53 17.97
N PHE F 106 -31.35 20.96 16.80
CA PHE F 106 -32.53 20.06 16.68
C PHE F 106 -32.15 18.96 15.68
N PRO F 107 -32.89 17.84 15.65
CA PRO F 107 -32.61 16.80 14.65
C PRO F 107 -32.65 17.32 13.23
N ILE F 108 -31.77 16.79 12.40
CA ILE F 108 -31.76 17.17 11.00
C ILE F 108 -32.81 16.32 10.33
N ASP F 109 -34.03 16.84 10.34
CA ASP F 109 -35.21 16.07 9.94
C ASP F 109 -36.14 17.01 9.12
N PRO F 110 -35.62 17.64 8.05
CA PRO F 110 -36.37 18.70 7.39
C PRO F 110 -37.69 18.22 6.80
N PRO F 111 -38.75 19.06 6.86
CA PRO F 111 -38.85 20.40 7.46
C PRO F 111 -39.32 20.45 8.92
N HIS F 112 -39.18 19.35 9.65
CA HIS F 112 -39.78 19.24 11.00
C HIS F 112 -38.94 19.86 12.08
N VAL F 113 -39.61 20.41 13.09
CA VAL F 113 -38.90 21.00 14.24
C VAL F 113 -39.36 20.38 15.54
N PRO F 114 -38.63 20.56 16.65
CA PRO F 114 -39.05 19.91 17.91
C PRO F 114 -40.41 20.37 18.47
N ASP F 115 -41.03 19.49 19.25
CA ASP F 115 -42.21 19.85 20.03
C ASP F 115 -41.90 20.94 21.07
N ALA F 116 -40.75 20.87 21.72
CA ALA F 116 -40.30 21.92 22.66
C ALA F 116 -39.89 23.08 21.77
N ASN F 117 -40.81 24.04 21.62
CA ASN F 117 -40.65 25.12 20.66
C ASN F 117 -41.16 26.41 21.27
N PRO F 118 -40.28 27.15 21.99
CA PRO F 118 -40.70 28.42 22.57
C PRO F 118 -41.48 29.27 21.56
N THR F 119 -42.69 29.64 21.94
CA THR F 119 -43.59 30.36 21.04
C THR F 119 -44.07 31.59 21.81
N GLY F 120 -43.82 32.79 21.28
CA GLY F 120 -44.20 34.01 22.00
C GLY F 120 -45.41 34.64 21.33
N ASP F 121 -46.42 34.98 22.12
CA ASP F 121 -47.60 35.71 21.64
C ASP F 121 -47.47 37.17 22.06
N PHE F 122 -47.62 38.06 21.10
CA PHE F 122 -47.43 39.50 21.30
C PHE F 122 -48.73 40.16 20.94
N ARG F 123 -49.21 41.09 21.79
CA ARG F 123 -50.45 41.84 21.51
C ARG F 123 -50.27 43.35 21.75
N ARG F 124 -50.75 44.13 20.79
CA ARG F 124 -50.47 45.57 20.72
C ARG F 124 -51.77 46.28 20.30
N ARG F 125 -52.18 47.29 21.06
CA ARG F 125 -53.24 48.20 20.61
C ARG F 125 -52.61 49.49 20.10
N PHE F 126 -53.26 50.14 19.15
CA PHE F 126 -52.72 51.36 18.56
C PHE F 126 -53.80 52.13 17.83
N ASP F 127 -53.57 53.45 17.67
CA ASP F 127 -54.50 54.36 16.98
C ASP F 127 -54.03 54.70 15.58
N VAL F 128 -54.98 54.70 14.65
CA VAL F 128 -54.73 55.13 13.28
C VAL F 128 -55.57 56.38 12.98
N PRO F 129 -54.92 57.49 12.51
CA PRO F 129 -55.63 58.72 12.14
C PRO F 129 -56.71 58.46 11.11
N ALA F 130 -57.89 59.06 11.34
CA ALA F 130 -58.99 59.01 10.37
C ALA F 130 -58.55 59.44 8.95
N GLN F 131 -57.60 60.37 8.87
CA GLN F 131 -57.12 60.88 7.59
C GLN F 131 -56.54 59.79 6.68
N TRP F 132 -55.99 58.74 7.30
CA TRP F 132 -55.38 57.60 6.56
C TRP F 132 -56.42 56.80 5.76
N PHE F 133 -57.69 57.08 6.03
CA PHE F 133 -58.79 56.40 5.35
C PHE F 133 -59.43 57.23 4.23
N GLU F 134 -58.98 58.47 4.08
CA GLU F 134 -59.42 59.32 2.97
C GLU F 134 -58.78 58.88 1.64
N SER F 135 -59.35 59.34 0.53
CA SER F 135 -58.92 58.93 -0.81
C SER F 135 -57.47 59.35 -1.16
N THR F 136 -56.88 60.23 -0.37
CA THR F 136 -55.50 60.64 -0.61
C THR F 136 -54.46 59.52 -0.28
N THR F 137 -54.93 58.47 0.41
CA THR F 137 -54.11 57.29 0.75
C THR F 137 -54.60 56.11 -0.09
N ALA F 138 -53.68 55.42 -0.76
CA ALA F 138 -54.05 54.31 -1.61
C ALA F 138 -54.09 52.99 -0.86
N ALA F 139 -53.22 52.85 0.16
CA ALA F 139 -53.00 51.54 0.80
C ALA F 139 -52.35 51.75 2.15
N LEU F 140 -52.57 50.81 3.05
CA LEU F 140 -51.90 50.82 4.36
C LEU F 140 -50.94 49.62 4.46
N THR F 141 -49.69 49.89 4.82
CA THR F 141 -48.67 48.83 4.84
C THR F 141 -48.13 48.60 6.24
N LEU F 142 -48.16 47.34 6.66
CA LEU F 142 -47.50 46.90 7.88
C LEU F 142 -46.14 46.26 7.54
N ARG F 143 -45.09 46.75 8.19
CA ARG F 143 -43.72 46.36 7.88
C ARG F 143 -43.03 45.77 9.12
N PHE F 144 -42.51 44.56 8.98
CA PHE F 144 -41.59 43.95 9.95
C PHE F 144 -40.19 43.94 9.36
N ASP F 145 -39.23 44.54 10.06
CA ASP F 145 -37.84 44.55 9.58
C ASP F 145 -37.01 43.34 10.06
N GLY F 146 -37.50 42.60 11.05
CA GLY F 146 -36.78 41.40 11.55
C GLY F 146 -37.49 40.67 12.69
N VAL F 147 -37.77 39.38 12.49
CA VAL F 147 -38.44 38.53 13.52
C VAL F 147 -37.84 37.12 13.44
N GLU F 148 -37.35 36.58 14.55
CA GLU F 148 -36.74 35.20 14.57
C GLU F 148 -37.65 34.20 15.31
N SER F 149 -38.11 33.10 14.68
CA SER F 149 -37.90 32.82 13.23
C SER F 149 -39.07 32.80 12.20
C SER F 149 -39.33 33.11 12.68
N ARG F 150 -40.23 32.31 12.58
N ARG F 150 -40.12 32.12 12.38
CA ARG F 150 -41.40 32.37 11.70
C ARG F 150 -42.53 32.93 12.56
N TYR F 151 -43.43 33.70 11.96
CA TYR F 151 -44.47 34.43 12.70
C TYR F 151 -45.76 34.56 11.92
N LYS F 152 -46.87 34.55 12.65
CA LYS F 152 -48.19 34.73 12.05
C LYS F 152 -48.80 35.99 12.61
N VAL F 153 -49.44 36.77 11.73
CA VAL F 153 -49.89 38.13 12.03
C VAL F 153 -51.41 38.19 11.88
N TRP F 154 -52.09 38.83 12.84
CA TRP F 154 -53.51 39.08 12.72
C TRP F 154 -53.78 40.54 13.07
N VAL F 155 -54.62 41.21 12.29
CA VAL F 155 -55.00 42.60 12.65
C VAL F 155 -56.52 42.64 12.84
N ASN F 156 -56.97 43.12 14.00
CA ASN F 156 -58.41 43.18 14.32
C ASN F 156 -59.09 41.81 14.14
N GLY F 157 -58.36 40.78 14.56
CA GLY F 157 -58.82 39.40 14.43
C GLY F 157 -58.75 38.76 13.06
N GLN F 158 -58.38 39.49 12.02
CA GLN F 158 -58.26 38.90 10.68
C GLN F 158 -56.81 38.45 10.42
N GLU F 159 -56.67 37.26 9.86
CA GLU F 159 -55.35 36.77 9.54
C GLU F 159 -54.79 37.55 8.38
N ILE F 160 -53.60 38.06 8.59
CA ILE F 160 -52.92 38.87 7.57
C ILE F 160 -51.92 38.03 6.79
N GLY F 161 -51.17 37.17 7.48
CA GLY F 161 -50.14 36.42 6.78
C GLY F 161 -49.10 35.82 7.67
N VAL F 162 -48.15 35.13 7.03
CA VAL F 162 -47.07 34.45 7.74
C VAL F 162 -45.74 34.90 7.11
N GLY F 163 -44.80 35.29 7.96
CA GLY F 163 -43.49 35.75 7.53
C GLY F 163 -42.35 34.80 7.90
N SER F 164 -41.35 34.76 7.04
CA SER F 164 -40.12 33.95 7.15
C SER F 164 -38.93 34.81 6.74
N GLY F 165 -37.71 34.39 7.06
CA GLY F 165 -36.50 35.12 6.67
C GLY F 165 -36.18 36.08 7.81
N SER F 166 -35.46 35.56 8.81
CA SER F 166 -35.43 36.19 10.13
C SER F 166 -34.79 37.59 10.12
N ARG F 167 -33.80 37.82 9.26
CA ARG F 167 -33.14 39.16 9.17
C ARG F 167 -33.53 39.93 7.89
N LEU F 168 -34.63 39.50 7.25
CA LEU F 168 -35.10 40.12 6.00
C LEU F 168 -36.38 40.87 6.30
N ALA F 169 -36.64 41.94 5.56
CA ALA F 169 -37.85 42.71 5.83
C ALA F 169 -39.06 42.10 5.11
N GLN F 170 -40.24 42.22 5.72
CA GLN F 170 -41.49 41.75 5.07
C GLN F 170 -42.59 42.78 5.27
N GLU F 171 -43.29 43.14 4.19
CA GLU F 171 -44.40 44.06 4.28
C GLU F 171 -45.69 43.33 3.96
N PHE F 172 -46.76 43.67 4.69
CA PHE F 172 -48.08 43.09 4.47
C PHE F 172 -49.09 44.21 4.15
N ASP F 173 -50.05 43.94 3.28
CA ASP F 173 -51.11 44.90 2.98
C ASP F 173 -52.22 44.77 4.03
N VAL F 174 -52.34 45.78 4.90
CA VAL F 174 -53.39 45.80 5.94
C VAL F 174 -54.54 46.81 5.65
N SER F 175 -54.63 47.27 4.41
CA SER F 175 -55.67 48.22 3.98
C SER F 175 -57.08 47.85 4.41
N ASP F 176 -57.45 46.58 4.30
CA ASP F 176 -58.83 46.16 4.57
C ASP F 176 -59.09 45.68 5.98
N ALA F 177 -58.07 45.63 6.84
CA ALA F 177 -58.25 45.14 8.20
C ALA F 177 -58.22 46.25 9.24
N LEU F 178 -57.58 47.36 8.93
CA LEU F 178 -57.51 48.49 9.85
C LEU F 178 -58.76 49.39 9.82
N ARG F 179 -58.98 50.15 10.89
CA ARG F 179 -60.08 51.11 10.95
C ARG F 179 -59.56 52.42 11.56
N ALA F 180 -60.30 53.51 11.35
CA ALA F 180 -59.98 54.77 12.06
C ALA F 180 -60.10 54.51 13.56
N GLY F 181 -59.20 55.10 14.33
CA GLY F 181 -59.20 54.95 15.78
C GLY F 181 -58.42 53.76 16.28
N SER F 182 -59.01 53.01 17.19
CA SER F 182 -58.30 51.97 17.95
C SER F 182 -58.27 50.62 17.21
N ASN F 183 -57.07 50.03 17.14
CA ASN F 183 -56.84 48.79 16.40
C ASN F 183 -56.04 47.80 17.24
N LEU F 184 -56.13 46.52 16.90
CA LEU F 184 -55.41 45.45 17.60
C LEU F 184 -54.46 44.75 16.62
N LEU F 185 -53.22 44.54 17.05
CA LEU F 185 -52.26 43.74 16.28
C LEU F 185 -51.80 42.60 17.19
N VAL F 186 -51.93 41.37 16.68
CA VAL F 186 -51.45 40.17 17.37
C VAL F 186 -50.46 39.45 16.45
N VAL F 187 -49.32 39.07 17.00
CA VAL F 187 -48.26 38.35 16.29
C VAL F 187 -47.86 37.15 17.15
N ARG F 188 -47.87 35.96 16.57
CA ARG F 188 -47.39 34.78 17.26
C ARG F 188 -46.06 34.39 16.61
N VAL F 189 -45.01 34.25 17.42
CA VAL F 189 -43.64 34.07 16.92
C VAL F 189 -43.07 32.75 17.45
N HIS F 190 -42.49 31.94 16.55
CA HIS F 190 -41.94 30.65 16.94
C HIS F 190 -40.44 30.68 16.93
N GLN F 191 -39.80 30.13 17.95
CA GLN F 191 -38.35 29.99 17.87
C GLN F 191 -37.92 29.10 16.68
N TRP F 192 -38.42 27.87 16.66
CA TRP F 192 -38.10 26.90 15.60
C TRP F 192 -39.20 26.83 14.54
N SER F 193 -38.79 26.71 13.28
CA SER F 193 -39.73 26.56 12.16
C SER F 193 -38.95 25.98 10.98
N ALA F 194 -39.60 25.69 9.85
CA ALA F 194 -38.85 25.20 8.68
C ALA F 194 -37.72 26.15 8.32
N ALA F 195 -37.94 27.46 8.54
CA ALA F 195 -36.93 28.45 8.21
C ALA F 195 -35.63 28.27 9.01
N SER F 196 -35.71 27.65 10.20
CA SER F 196 -34.52 27.42 11.04
C SER F 196 -33.45 26.59 10.30
N TYR F 197 -33.88 25.72 9.38
CA TYR F 197 -32.94 24.95 8.54
C TYR F 197 -32.07 25.82 7.63
N LEU F 198 -32.58 27.00 7.31
CA LEU F 198 -31.93 27.94 6.40
C LEU F 198 -31.10 28.96 7.15
N GLU F 199 -31.10 28.88 8.47
CA GLU F 199 -30.49 29.93 9.25
C GLU F 199 -29.53 29.37 10.29
N ASP F 200 -28.60 28.51 9.85
CA ASP F 200 -27.62 27.87 10.75
C ASP F 200 -26.32 28.71 10.94
N GLN F 201 -26.43 30.05 10.98
CA GLN F 201 -25.25 30.90 11.20
C GLN F 201 -24.55 30.57 12.53
N ASP F 202 -23.23 30.72 12.52
CA ASP F 202 -22.40 30.56 13.71
C ASP F 202 -22.61 31.71 14.68
N GLN F 203 -23.57 31.55 15.59
CA GLN F 203 -23.99 32.63 16.48
C GLN F 203 -25.02 32.14 17.50
N TRP F 204 -25.38 33.00 18.45
CA TRP F 204 -26.44 32.64 19.40
C TRP F 204 -27.77 32.53 18.68
N TRP F 205 -28.58 31.57 19.07
CA TRP F 205 -29.98 31.55 18.68
C TRP F 205 -30.78 32.40 19.66
N LEU F 206 -31.43 33.44 19.11
CA LEU F 206 -32.10 34.55 19.87
C LEU F 206 -33.48 34.87 19.27
N PRO F 207 -34.53 34.18 19.75
CA PRO F 207 -35.85 34.46 19.14
C PRO F 207 -36.50 35.80 19.58
N GLY F 208 -37.44 36.31 18.78
CA GLY F 208 -38.27 37.47 19.16
C GLY F 208 -38.39 38.49 18.04
N ILE F 209 -39.15 39.55 18.27
CA ILE F 209 -39.30 40.62 17.28
C ILE F 209 -38.20 41.63 17.58
N PHE F 210 -37.08 41.50 16.88
CA PHE F 210 -35.85 42.17 17.31
C PHE F 210 -35.51 43.40 16.46
N ARG F 211 -36.28 43.65 15.40
CA ARG F 211 -36.18 44.92 14.67
C ARG F 211 -37.57 45.55 14.58
N ASP F 212 -37.63 46.74 13.99
CA ASP F 212 -38.81 47.61 14.03
C ASP F 212 -40.09 47.01 13.47
N VAL F 213 -41.22 47.43 14.06
CA VAL F 213 -42.54 47.18 13.45
C VAL F 213 -43.15 48.55 13.16
N THR F 214 -43.53 48.79 11.90
CA THR F 214 -44.01 50.11 11.50
C THR F 214 -45.22 50.01 10.57
N LEU F 215 -46.00 51.08 10.53
CA LEU F 215 -47.13 51.22 9.59
C LEU F 215 -46.86 52.40 8.70
N GLN F 216 -47.16 52.28 7.41
CA GLN F 216 -47.02 53.38 6.48
C GLN F 216 -48.30 53.54 5.66
N ALA F 217 -48.74 54.78 5.49
CA ALA F 217 -49.89 55.08 4.63
C ALA F 217 -49.37 55.43 3.24
N ARG F 218 -49.53 54.50 2.33
CA ARG F 218 -49.11 54.69 0.93
C ARG F 218 -50.00 55.72 0.23
N PRO F 219 -49.43 56.89 -0.13
CA PRO F 219 -50.22 57.97 -0.75
C PRO F 219 -50.68 57.61 -2.15
N ALA F 220 -51.93 57.99 -2.49
CA ALA F 220 -52.41 57.87 -3.85
C ALA F 220 -51.54 58.76 -4.74
N GLY F 221 -51.09 58.24 -5.87
CA GLY F 221 -50.19 59.00 -6.72
C GLY F 221 -48.79 59.14 -6.12
N GLY F 222 -48.46 58.30 -5.14
CA GLY F 222 -47.11 58.28 -4.51
C GLY F 222 -46.11 57.47 -5.34
N ILE F 223 -44.89 57.32 -4.83
CA ILE F 223 -43.88 56.52 -5.51
C ILE F 223 -43.56 55.34 -4.56
N THR F 224 -43.87 54.13 -5.03
CA THR F 224 -43.69 52.91 -4.24
C THR F 224 -42.23 52.54 -4.04
N ASP F 225 -41.44 52.64 -5.10
CA ASP F 225 -40.02 52.27 -5.04
C ASP F 225 -39.29 53.12 -6.07
N ALA F 226 -38.00 53.36 -5.83
CA ALA F 226 -37.15 53.98 -6.80
C ALA F 226 -35.78 53.32 -6.65
N TRP F 227 -35.07 53.31 -7.76
CA TRP F 227 -33.68 52.92 -7.77
C TRP F 227 -32.92 53.93 -8.61
N LEU F 228 -32.09 54.72 -7.92
CA LEU F 228 -31.26 55.69 -8.58
C LEU F 228 -29.88 55.06 -8.71
N ARG F 229 -29.70 54.34 -9.80
CA ARG F 229 -28.51 53.55 -10.08
C ARG F 229 -27.44 54.50 -10.60
N THR F 230 -26.35 54.65 -9.88
CA THR F 230 -25.32 55.63 -10.29
C THR F 230 -24.09 54.95 -10.86
N GLY F 231 -23.26 55.75 -11.52
CA GLY F 231 -22.06 55.31 -12.17
C GLY F 231 -21.10 56.47 -12.26
N TRP F 232 -19.84 56.18 -12.51
CA TRP F 232 -18.84 57.25 -12.62
C TRP F 232 -17.73 56.78 -13.56
N SER F 233 -17.23 57.68 -14.39
CA SER F 233 -16.00 57.38 -15.14
C SER F 233 -15.10 58.60 -15.29
N ALA F 234 -13.80 58.35 -15.40
CA ALA F 234 -12.80 59.39 -15.30
C ALA F 234 -12.87 60.31 -16.50
N ARG F 235 -12.66 61.58 -16.22
CA ARG F 235 -12.72 62.63 -17.24
C ARG F 235 -11.66 63.67 -16.91
N SER F 236 -11.74 64.83 -17.55
CA SER F 236 -10.73 65.86 -17.39
C SER F 236 -10.65 66.40 -15.94
N GLY F 237 -11.75 66.95 -15.45
CA GLY F 237 -11.78 67.48 -14.08
C GLY F 237 -12.16 66.39 -13.09
N ALA F 238 -13.34 66.54 -12.50
CA ALA F 238 -13.81 65.63 -11.45
C ALA F 238 -14.24 64.26 -11.99
N GLY F 239 -14.61 64.21 -13.28
CA GLY F 239 -15.18 63.00 -13.90
C GLY F 239 -16.66 63.13 -14.19
N THR F 240 -17.23 62.12 -14.86
CA THR F 240 -18.62 62.14 -15.30
C THR F 240 -19.47 61.15 -14.50
N GLY F 241 -20.50 61.65 -13.83
CA GLY F 241 -21.47 60.80 -13.12
C GLY F 241 -22.67 60.47 -13.99
N THR F 242 -23.30 59.32 -13.77
CA THR F 242 -24.49 58.95 -14.53
C THR F 242 -25.52 58.46 -13.54
N ILE F 243 -26.80 58.72 -13.83
CA ILE F 243 -27.93 58.24 -13.04
C ILE F 243 -28.82 57.50 -14.02
N ASP F 244 -29.13 56.25 -13.68
CA ASP F 244 -30.02 55.43 -14.49
C ASP F 244 -31.23 55.13 -13.62
N PRO F 245 -32.27 56.00 -13.68
CA PRO F 245 -33.36 55.86 -12.72
C PRO F 245 -34.36 54.76 -13.08
N GLU F 246 -34.91 54.15 -12.04
CA GLU F 246 -36.06 53.26 -12.15
C GLU F 246 -37.13 53.74 -11.19
N ILE F 247 -38.32 54.02 -11.71
CA ILE F 247 -39.43 54.50 -10.89
C ILE F 247 -40.56 53.48 -10.89
N THR F 248 -40.93 53.04 -9.71
CA THR F 248 -42.03 52.12 -9.56
C THR F 248 -43.18 52.92 -8.97
N ALA F 249 -44.13 53.26 -9.84
CA ALA F 249 -45.23 54.15 -9.48
C ALA F 249 -46.41 53.96 -10.44
N ASP F 250 -47.62 54.14 -9.91
CA ASP F 250 -48.88 54.14 -10.67
C ASP F 250 -48.85 55.28 -11.71
N ALA F 251 -49.66 55.17 -12.77
CA ALA F 251 -49.75 56.25 -13.76
C ALA F 251 -50.16 57.61 -13.15
N THR F 252 -50.92 57.59 -12.05
CA THR F 252 -51.35 58.84 -11.36
C THR F 252 -50.22 59.64 -10.70
N ALA F 253 -49.08 58.99 -10.46
CA ALA F 253 -47.94 59.65 -9.80
C ALA F 253 -47.34 60.76 -10.65
N PHE F 254 -47.40 60.62 -11.97
CA PHE F 254 -46.73 61.54 -12.89
C PHE F 254 -47.48 62.89 -12.98
N PRO F 255 -46.75 64.02 -13.08
CA PRO F 255 -45.28 64.12 -13.24
C PRO F 255 -44.45 63.81 -11.99
N VAL F 256 -43.29 63.19 -12.24
CA VAL F 256 -42.32 62.88 -11.18
C VAL F 256 -41.03 63.67 -11.43
N THR F 257 -40.48 64.29 -10.38
CA THR F 257 -39.30 65.13 -10.53
C THR F 257 -38.09 64.54 -9.79
N LEU F 258 -36.97 64.49 -10.49
CA LEU F 258 -35.69 64.13 -9.90
C LEU F 258 -34.94 65.44 -9.67
N SER F 259 -34.54 65.65 -8.42
CA SER F 259 -33.79 66.83 -8.00
C SER F 259 -32.47 66.41 -7.40
N VAL F 260 -31.35 66.93 -7.92
CA VAL F 260 -30.05 66.80 -7.27
C VAL F 260 -29.47 68.22 -7.20
N PRO F 261 -29.85 68.99 -6.17
CA PRO F 261 -29.55 70.42 -6.10
C PRO F 261 -28.08 70.79 -6.33
N GLU F 262 -27.15 70.08 -5.68
CA GLU F 262 -25.73 70.40 -5.80
C GLU F 262 -25.23 70.30 -7.24
N LEU F 263 -25.81 69.39 -8.03
CA LEU F 263 -25.40 69.23 -9.42
C LEU F 263 -26.32 69.91 -10.43
N GLY F 264 -27.25 70.73 -9.94
CA GLY F 264 -28.13 71.50 -10.85
C GLY F 264 -29.13 70.66 -11.62
N VAL F 265 -29.42 69.46 -11.12
CA VAL F 265 -30.39 68.57 -11.74
C VAL F 265 -31.79 68.87 -11.22
N ASN F 266 -32.70 69.16 -12.15
CA ASN F 266 -34.11 69.21 -11.85
C ASN F 266 -34.89 68.74 -13.09
N VAL F 267 -35.10 67.43 -13.16
CA VAL F 267 -35.71 66.82 -14.34
C VAL F 267 -37.11 66.36 -14.01
N THR F 268 -38.09 66.78 -14.81
CA THR F 268 -39.47 66.32 -14.63
C THR F 268 -39.91 65.34 -15.72
N TRP F 269 -40.32 64.16 -15.28
CA TRP F 269 -40.80 63.13 -16.20
C TRP F 269 -42.31 63.17 -16.21
N LYS F 270 -42.86 63.45 -17.39
CA LYS F 270 -44.29 63.65 -17.46
C LYS F 270 -45.06 62.33 -17.63
N SER F 271 -44.35 61.26 -17.97
CA SER F 271 -44.92 59.93 -18.03
C SER F 271 -43.82 58.89 -17.76
N ALA F 272 -44.23 57.69 -17.40
CA ALA F 272 -43.31 56.57 -17.22
C ALA F 272 -42.31 56.46 -18.36
N GLU F 273 -42.78 56.70 -19.57
CA GLU F 273 -42.00 56.51 -20.79
C GLU F 273 -40.87 57.55 -20.92
N GLU F 274 -40.98 58.68 -20.22
CA GLU F 274 -39.94 59.71 -20.23
C GLU F 274 -38.76 59.44 -19.26
N VAL F 275 -38.96 58.60 -18.25
CA VAL F 275 -37.92 58.27 -17.28
C VAL F 275 -36.74 57.68 -18.07
N ALA F 276 -35.56 58.30 -17.93
CA ALA F 276 -34.40 57.95 -18.76
C ALA F 276 -33.05 58.29 -18.08
N PRO F 277 -31.94 57.62 -18.48
CA PRO F 277 -30.63 57.96 -17.89
C PRO F 277 -30.18 59.41 -18.14
N LEU F 278 -29.29 59.89 -17.29
CA LEU F 278 -28.70 61.22 -17.40
C LEU F 278 -27.22 61.08 -17.17
N ALA F 279 -26.45 61.91 -17.87
CA ALA F 279 -25.02 62.02 -17.67
C ALA F 279 -24.72 63.43 -17.15
N LEU F 280 -23.87 63.52 -16.11
CA LEU F 280 -23.61 64.76 -15.39
C LEU F 280 -22.09 65.02 -15.36
N GLU F 281 -21.65 66.18 -15.89
CA GLU F 281 -20.24 66.53 -15.88
C GLU F 281 -19.81 67.02 -14.51
N ASN F 282 -18.53 66.90 -14.19
CA ASN F 282 -17.96 67.40 -12.91
C ASN F 282 -18.55 66.80 -11.63
N VAL F 283 -18.61 65.47 -11.61
CA VAL F 283 -19.08 64.73 -10.43
C VAL F 283 -17.84 64.11 -9.73
N GLU F 284 -17.76 64.25 -8.41
CA GLU F 284 -16.72 63.60 -7.64
C GLU F 284 -17.21 62.19 -7.22
N PRO F 285 -16.33 61.17 -7.37
CA PRO F 285 -16.72 59.78 -7.12
C PRO F 285 -16.80 59.39 -5.65
N TRP F 286 -17.62 58.38 -5.38
CA TRP F 286 -17.72 57.76 -4.06
C TRP F 286 -16.71 56.60 -3.96
N SER F 287 -15.98 56.51 -2.84
CA SER F 287 -15.11 55.38 -2.50
C SER F 287 -15.09 55.26 -0.99
N ALA F 288 -14.58 54.14 -0.47
CA ALA F 288 -14.43 53.95 0.97
C ALA F 288 -13.56 55.04 1.59
N GLU F 289 -12.49 55.39 0.90
CA GLU F 289 -11.59 56.44 1.34
C GLU F 289 -12.20 57.85 1.28
N VAL F 290 -12.98 58.11 0.23
CA VAL F 290 -13.62 59.42 0.05
C VAL F 290 -15.11 59.22 -0.24
N PRO F 291 -15.89 59.01 0.81
CA PRO F 291 -17.30 58.68 0.61
C PRO F 291 -18.18 59.89 0.25
N ARG F 292 -17.87 60.51 -0.88
CA ARG F 292 -18.58 61.72 -1.35
C ARG F 292 -20.03 61.38 -1.72
N LEU F 293 -20.99 62.03 -1.06
CA LEU F 293 -22.41 61.81 -1.35
C LEU F 293 -23.09 63.11 -1.80
N TYR F 294 -24.05 62.99 -2.71
CA TYR F 294 -24.85 64.12 -3.16
C TYR F 294 -26.29 63.91 -2.74
N GLU F 295 -26.91 64.92 -2.14
CA GLU F 295 -28.32 64.87 -1.74
C GLU F 295 -29.22 64.88 -2.98
N ALA F 296 -30.22 64.01 -3.01
CA ALA F 296 -31.17 63.96 -4.14
C ALA F 296 -32.56 63.65 -3.64
N SER F 297 -33.58 63.90 -4.46
CA SER F 297 -34.90 63.37 -4.15
C SER F 297 -35.64 63.05 -5.43
N VAL F 298 -36.62 62.16 -5.32
CA VAL F 298 -37.57 61.92 -6.41
C VAL F 298 -38.94 62.13 -5.81
N SER F 299 -39.74 62.94 -6.49
CA SER F 299 -41.04 63.31 -5.93
C SER F 299 -42.14 63.43 -6.97
N SER F 300 -43.34 63.14 -6.49
CA SER F 300 -44.59 63.42 -7.17
C SER F 300 -45.29 64.41 -6.24
N ALA F 301 -46.44 64.94 -6.67
CA ALA F 301 -47.24 65.82 -5.80
C ALA F 301 -47.52 65.19 -4.44
N ALA F 302 -47.66 63.87 -4.40
CA ALA F 302 -48.16 63.21 -3.21
C ALA F 302 -47.06 62.68 -2.26
N GLU F 303 -45.83 62.50 -2.76
CA GLU F 303 -44.78 61.88 -1.95
C GLU F 303 -43.39 62.32 -2.39
N SER F 304 -42.47 62.48 -1.44
CA SER F 304 -41.09 62.76 -1.78
C SER F 304 -40.18 61.76 -1.08
N ILE F 305 -39.26 61.19 -1.84
CA ILE F 305 -38.30 60.22 -1.34
C ILE F 305 -36.90 60.88 -1.38
N SER F 306 -36.19 60.92 -0.27
CA SER F 306 -34.81 61.43 -0.32
C SER F 306 -33.75 60.32 -0.25
N VAL F 307 -32.75 60.47 -1.13
CA VAL F 307 -31.70 59.47 -1.35
C VAL F 307 -30.37 60.22 -1.36
N ARG F 308 -29.33 59.63 -0.77
CA ARG F 308 -27.99 60.17 -0.98
C ARG F 308 -27.24 59.37 -2.05
N LEU F 309 -26.77 60.08 -3.08
CA LEU F 309 -26.12 59.44 -4.22
C LEU F 309 -24.63 59.39 -4.03
N GLY F 310 -24.05 58.20 -4.15
CA GLY F 310 -22.60 58.05 -4.25
C GLY F 310 -22.37 57.59 -5.68
N PHE F 311 -21.61 58.35 -6.46
CA PHE F 311 -21.36 57.97 -7.86
C PHE F 311 -20.15 57.09 -7.97
N ARG F 312 -20.34 55.84 -8.38
CA ARG F 312 -19.25 54.87 -8.47
C ARG F 312 -19.64 53.71 -9.35
N THR F 313 -18.63 53.14 -10.03
CA THR F 313 -18.82 51.99 -10.97
C THR F 313 -17.93 50.80 -10.55
N VAL F 314 -18.56 49.67 -10.26
CA VAL F 314 -17.87 48.42 -9.98
C VAL F 314 -17.74 47.63 -11.31
N ARG F 315 -16.53 47.21 -11.66
CA ARG F 315 -16.31 46.41 -12.88
C ARG F 315 -15.25 45.36 -12.60
N ILE F 316 -15.53 44.13 -13.01
CA ILE F 316 -14.50 43.08 -13.07
C ILE F 316 -13.95 42.99 -14.48
N VAL F 317 -12.63 43.07 -14.59
CA VAL F 317 -11.96 42.97 -15.88
C VAL F 317 -10.94 41.85 -15.70
N GLY F 318 -11.24 40.68 -16.25
CA GLY F 318 -10.36 39.53 -16.07
C GLY F 318 -10.30 39.20 -14.59
N ASP F 319 -9.08 39.15 -14.03
CA ASP F 319 -8.94 38.80 -12.61
C ASP F 319 -8.85 40.01 -11.69
N GLN F 320 -9.29 41.18 -12.16
CA GLN F 320 -9.22 42.43 -11.36
C GLN F 320 -10.59 42.93 -10.98
N PHE F 321 -10.75 43.28 -9.70
CA PHE F 321 -11.97 43.84 -9.17
C PHE F 321 -11.74 45.34 -9.04
N LEU F 322 -12.37 46.09 -9.93
CA LEU F 322 -12.12 47.55 -10.01
C LEU F 322 -13.31 48.30 -9.48
N VAL F 323 -13.05 49.40 -8.76
CA VAL F 323 -14.11 50.40 -8.50
C VAL F 323 -13.53 51.73 -8.98
N ASN F 324 -14.30 52.44 -9.83
CA ASN F 324 -13.87 53.71 -10.42
C ASN F 324 -12.57 53.50 -11.19
N GLY F 325 -12.43 52.32 -11.81
CA GLY F 325 -11.28 52.06 -12.68
C GLY F 325 -10.01 51.59 -12.02
N ARG F 326 -10.02 51.41 -10.71
CA ARG F 326 -8.83 50.97 -9.99
C ARG F 326 -9.11 49.81 -9.05
N ARG F 327 -8.13 48.92 -8.94
CA ARG F 327 -8.24 47.72 -8.12
C ARG F 327 -8.48 48.06 -6.65
N VAL F 328 -9.46 47.37 -6.05
CA VAL F 328 -9.77 47.52 -4.66
C VAL F 328 -9.09 46.40 -3.85
N VAL F 329 -8.28 46.78 -2.87
CA VAL F 329 -7.84 45.79 -1.87
C VAL F 329 -8.73 45.93 -0.64
N PHE F 330 -9.36 44.82 -0.26
CA PHE F 330 -10.24 44.77 0.90
C PHE F 330 -9.44 44.44 2.16
N HIS F 331 -9.47 45.34 3.13
CA HIS F 331 -8.92 45.13 4.45
C HIS F 331 -10.15 45.10 5.34
N GLY F 332 -10.84 43.96 5.38
CA GLY F 332 -12.21 43.91 5.84
C GLY F 332 -12.36 43.16 7.15
N VAL F 333 -13.55 43.28 7.72
CA VAL F 333 -13.94 42.41 8.82
C VAL F 333 -15.30 41.80 8.57
N ASN F 334 -15.53 40.63 9.14
CA ASN F 334 -16.86 40.07 9.24
C ASN F 334 -17.53 40.66 10.47
N ARG F 335 -18.71 41.21 10.28
CA ARG F 335 -19.41 41.85 11.37
C ARG F 335 -20.91 41.57 11.36
N HIS F 336 -21.48 41.31 12.53
CA HIS F 336 -22.94 41.49 12.67
C HIS F 336 -23.29 42.20 13.95
N GLU F 337 -24.55 42.60 14.09
CA GLU F 337 -24.94 43.40 15.25
C GLU F 337 -24.83 42.53 16.47
N THR F 338 -24.24 43.11 17.50
CA THR F 338 -23.99 42.36 18.69
C THR F 338 -23.84 43.25 19.88
N HIS F 339 -24.48 42.84 20.96
CA HIS F 339 -24.41 43.55 22.20
C HIS F 339 -24.66 42.61 23.36
N PRO F 340 -23.82 42.68 24.39
CA PRO F 340 -23.92 41.76 25.54
C PRO F 340 -25.23 41.87 26.32
N ASP F 341 -25.92 43.00 26.14
CA ASP F 341 -27.17 43.23 26.86
C ASP F 341 -28.39 43.10 25.96
N ARG F 342 -28.29 43.53 24.72
CA ARG F 342 -29.49 43.55 23.86
C ARG F 342 -29.46 42.60 22.65
N GLY F 343 -28.37 41.86 22.46
CA GLY F 343 -28.30 40.87 21.39
C GLY F 343 -28.17 41.55 20.04
N ARG F 344 -29.07 41.24 19.12
CA ARG F 344 -28.94 41.73 17.74
C ARG F 344 -29.80 42.97 17.42
N VAL F 345 -30.28 43.65 18.47
CA VAL F 345 -31.14 44.84 18.35
C VAL F 345 -30.24 46.04 18.01
N PHE F 346 -30.63 46.79 16.98
CA PHE F 346 -29.80 47.86 16.45
C PHE F 346 -29.93 49.09 17.30
N ASP F 347 -28.82 49.81 17.48
CA ASP F 347 -28.85 51.10 18.16
C ASP F 347 -27.94 52.00 17.33
N GLU F 348 -28.48 53.09 16.76
CA GLU F 348 -27.69 53.90 15.82
C GLU F 348 -26.41 54.52 16.41
N ALA F 349 -26.51 55.04 17.63
CA ALA F 349 -25.36 55.61 18.32
C ALA F 349 -24.27 54.57 18.51
N GLY F 350 -24.67 53.37 18.96
CA GLY F 350 -23.73 52.28 19.20
C GLY F 350 -23.10 51.80 17.90
N ALA F 351 -23.90 51.76 16.82
CA ALA F 351 -23.40 51.36 15.50
C ALA F 351 -22.41 52.37 14.94
N ARG F 352 -22.70 53.67 15.09
CA ARG F 352 -21.77 54.73 14.68
C ARG F 352 -20.42 54.59 15.39
N GLU F 353 -20.44 54.42 16.71
CA GLU F 353 -19.22 54.21 17.51
C GLU F 353 -18.46 52.92 17.06
N ASP F 354 -19.20 51.85 16.76
CA ASP F 354 -18.63 50.57 16.31
C ASP F 354 -17.88 50.74 15.00
N LEU F 355 -18.52 51.41 14.03
CA LEU F 355 -17.90 51.66 12.74
C LEU F 355 -16.74 52.66 12.85
N ALA F 356 -16.82 53.62 13.78
CA ALA F 356 -15.72 54.53 14.04
C ALA F 356 -14.51 53.75 14.58
N LEU F 357 -14.76 52.77 15.43
CA LEU F 357 -13.65 51.96 15.99
C LEU F 357 -12.94 51.21 14.87
N MET F 358 -13.73 50.63 13.94
CA MET F 358 -13.17 49.94 12.75
C MET F 358 -12.25 50.84 11.93
N LYS F 359 -12.74 52.05 11.61
CA LYS F 359 -11.93 53.02 10.85
C LYS F 359 -10.61 53.37 11.55
N ARG F 360 -10.64 53.46 12.88
CA ARG F 360 -9.43 53.74 13.67
C ARG F 360 -8.39 52.61 13.64
N PHE F 361 -8.82 51.43 13.20
CA PHE F 361 -7.90 50.28 13.08
C PHE F 361 -7.69 49.85 11.60
N ASN F 362 -7.94 50.80 10.70
CA ASN F 362 -7.59 50.71 9.28
C ASN F 362 -8.49 49.76 8.48
N VAL F 363 -9.65 49.47 9.05
CA VAL F 363 -10.64 48.60 8.39
C VAL F 363 -11.29 49.42 7.27
N ASN F 364 -11.35 48.89 6.05
CA ASN F 364 -12.03 49.59 4.95
C ASN F 364 -13.25 48.90 4.35
N ALA F 365 -13.67 47.79 4.96
CA ALA F 365 -14.66 46.92 4.35
C ALA F 365 -15.35 46.07 5.40
N ILE F 366 -16.62 45.76 5.13
CA ILE F 366 -17.44 44.93 6.01
C ILE F 366 -18.19 43.88 5.19
N ARG F 367 -18.11 42.63 5.65
CA ARG F 367 -18.99 41.56 5.14
C ARG F 367 -20.04 41.34 6.22
N THR F 368 -21.32 41.36 5.80
CA THR F 368 -22.42 41.33 6.77
C THR F 368 -22.74 39.87 7.09
N SER F 369 -21.96 39.29 8.00
CA SER F 369 -22.02 37.85 8.19
C SER F 369 -23.17 37.44 9.12
N HIS F 370 -24.14 36.64 8.67
CA HIS F 370 -24.28 36.19 7.28
C HIS F 370 -25.74 36.41 6.92
N TYR F 371 -26.13 37.68 6.86
CA TYR F 371 -27.50 38.11 6.60
C TYR F 371 -27.44 39.63 6.56
N PRO F 372 -28.49 40.28 6.03
CA PRO F 372 -28.51 41.73 6.01
C PRO F 372 -28.57 42.33 7.42
N PRO F 373 -27.89 43.47 7.63
CA PRO F 373 -27.96 44.16 8.93
C PRO F 373 -29.27 45.00 9.01
N HIS F 374 -29.52 45.66 10.14
CA HIS F 374 -30.63 46.64 10.20
C HIS F 374 -30.38 47.64 9.06
N PRO F 375 -31.42 48.03 8.29
CA PRO F 375 -31.15 48.83 7.08
C PRO F 375 -30.49 50.18 7.33
N ARG F 376 -30.61 50.71 8.55
CA ARG F 376 -29.96 52.00 8.86
C ARG F 376 -28.45 51.85 8.83
N LEU F 377 -27.94 50.64 9.12
CA LEU F 377 -26.48 50.45 9.07
C LEU F 377 -25.86 50.82 7.74
N LEU F 378 -26.56 50.56 6.64
CA LEU F 378 -26.02 50.91 5.30
C LEU F 378 -25.90 52.42 5.04
N ASP F 379 -26.83 53.20 5.60
CA ASP F 379 -26.70 54.67 5.62
C ASP F 379 -25.37 55.07 6.28
N LEU F 380 -25.08 54.47 7.44
CA LEU F 380 -23.78 54.69 8.12
C LEU F 380 -22.59 54.29 7.24
N ALA F 381 -22.68 53.15 6.57
CA ALA F 381 -21.56 52.71 5.72
C ALA F 381 -21.35 53.65 4.53
N ASP F 382 -22.44 54.10 3.91
CA ASP F 382 -22.37 55.07 2.80
C ASP F 382 -21.67 56.37 3.25
N GLU F 383 -21.97 56.83 4.46
CA GLU F 383 -21.49 58.13 4.97
C GLU F 383 -20.04 58.02 5.45
N MET F 384 -19.73 56.93 6.14
CA MET F 384 -18.43 56.79 6.80
C MET F 384 -17.37 56.20 5.88
N GLY F 385 -17.81 55.43 4.89
CA GLY F 385 -16.92 54.92 3.86
C GLY F 385 -16.40 53.53 4.18
N PHE F 386 -17.19 52.54 3.82
CA PHE F 386 -16.72 51.14 3.81
C PHE F 386 -17.17 50.47 2.52
N TRP F 387 -16.36 49.56 2.00
CA TRP F 387 -16.81 48.67 0.94
C TRP F 387 -17.65 47.58 1.62
N VAL F 388 -18.86 47.32 1.12
CA VAL F 388 -19.71 46.31 1.78
C VAL F 388 -20.01 45.13 0.88
N ILE F 389 -19.85 43.93 1.44
CA ILE F 389 -20.37 42.72 0.82
C ILE F 389 -21.65 42.43 1.58
N LEU F 390 -22.78 42.62 0.92
CA LEU F 390 -24.09 42.45 1.56
C LEU F 390 -24.56 41.05 1.30
N GLU F 391 -24.70 40.30 2.39
CA GLU F 391 -24.94 38.88 2.28
C GLU F 391 -26.37 38.49 2.61
N CYS F 392 -26.95 37.65 1.76
CA CYS F 392 -28.32 37.16 1.98
C CYS F 392 -28.42 36.26 3.23
N ASP F 393 -29.61 36.18 3.82
CA ASP F 393 -29.85 35.37 5.00
C ASP F 393 -30.01 33.88 4.64
N LEU F 394 -28.88 33.18 4.54
CA LEU F 394 -28.93 31.72 4.23
C LEU F 394 -27.67 31.01 4.72
N GLU F 395 -27.85 29.95 5.52
CA GLU F 395 -26.74 29.09 5.91
C GLU F 395 -27.29 27.73 6.29
N THR F 396 -26.89 26.70 5.54
CA THR F 396 -27.39 25.33 5.78
C THR F 396 -26.24 24.40 6.20
N HIS F 397 -25.25 24.96 6.89
CA HIS F 397 -23.96 24.31 7.15
C HIS F 397 -24.07 22.93 7.84
N GLY F 398 -25.02 22.78 8.74
CA GLY F 398 -25.20 21.49 9.46
C GLY F 398 -25.54 20.32 8.54
N PHE F 399 -25.92 20.58 7.28
CA PHE F 399 -26.15 19.50 6.31
C PHE F 399 -24.86 18.85 5.79
N GLU F 400 -23.75 19.51 6.04
CA GLU F 400 -22.44 19.06 5.52
C GLU F 400 -22.03 17.66 6.02
N ALA F 401 -22.10 17.43 7.34
CA ALA F 401 -21.62 16.16 7.92
C ALA F 401 -22.31 14.98 7.28
N GLY F 402 -23.61 15.09 6.99
CA GLY F 402 -24.32 14.02 6.29
C GLY F 402 -24.16 13.97 4.77
N GLY F 403 -23.08 14.53 4.24
CA GLY F 403 -22.82 14.47 2.81
C GLY F 403 -23.79 15.32 1.99
N TRP F 404 -24.37 16.34 2.64
CA TRP F 404 -25.28 17.33 1.99
C TRP F 404 -26.58 16.73 1.52
N VAL F 405 -26.92 15.54 2.00
CA VAL F 405 -28.18 14.91 1.63
C VAL F 405 -29.36 15.74 2.18
N GLU F 406 -30.33 16.02 1.31
CA GLU F 406 -31.48 16.91 1.61
C GLU F 406 -31.10 18.40 1.90
N ASN F 407 -29.88 18.78 1.53
CA ASN F 407 -29.44 20.17 1.65
C ASN F 407 -30.46 21.06 0.92
N PRO F 408 -31.08 22.04 1.63
CA PRO F 408 -32.05 22.92 0.95
C PRO F 408 -31.54 23.60 -0.34
N SER F 409 -30.24 23.86 -0.42
CA SER F 409 -29.64 24.41 -1.64
C SER F 409 -29.86 23.61 -2.95
N ASP F 410 -30.14 22.30 -2.87
CA ASP F 410 -30.36 21.49 -4.11
C ASP F 410 -31.68 20.73 -4.11
N VAL F 411 -32.60 21.13 -3.22
CA VAL F 411 -33.92 20.49 -3.14
C VAL F 411 -35.00 21.42 -3.72
N PRO F 412 -35.72 20.99 -4.77
CA PRO F 412 -36.74 21.84 -5.43
C PRO F 412 -37.77 22.50 -4.49
N ALA F 413 -38.19 21.78 -3.44
CA ALA F 413 -39.20 22.29 -2.53
C ALA F 413 -38.77 23.61 -1.81
N TRP F 414 -37.47 23.85 -1.73
CA TRP F 414 -36.98 25.08 -1.09
C TRP F 414 -36.62 26.18 -2.09
N ARG F 415 -36.75 25.91 -3.39
CA ARG F 415 -36.21 26.84 -4.41
C ARG F 415 -36.88 28.23 -4.34
N ASP F 416 -38.20 28.26 -4.24
CA ASP F 416 -38.92 29.54 -4.18
C ASP F 416 -38.56 30.36 -2.94
N ALA F 417 -38.40 29.68 -1.81
CA ALA F 417 -37.98 30.32 -0.56
C ALA F 417 -36.61 30.96 -0.71
N LEU F 418 -35.67 30.26 -1.36
CA LEU F 418 -34.30 30.76 -1.49
C LEU F 418 -34.23 31.93 -2.46
N VAL F 419 -34.96 31.85 -3.57
CA VAL F 419 -34.96 32.96 -4.53
C VAL F 419 -35.65 34.20 -3.89
N ASP F 420 -36.76 33.97 -3.18
CA ASP F 420 -37.44 35.05 -2.41
C ASP F 420 -36.51 35.71 -1.39
N ARG F 421 -35.71 34.93 -0.68
CA ARG F 421 -34.71 35.56 0.21
C ARG F 421 -33.74 36.47 -0.55
N MET F 422 -33.22 36.01 -1.69
CA MET F 422 -32.30 36.82 -2.47
C MET F 422 -32.97 38.09 -2.98
N GLU F 423 -34.20 37.95 -3.46
CA GLU F 423 -34.93 39.10 -3.98
C GLU F 423 -35.14 40.15 -2.88
N ARG F 424 -35.55 39.69 -1.70
CA ARG F 424 -35.72 40.59 -0.56
C ARG F 424 -34.44 41.29 -0.11
N THR F 425 -33.32 40.58 -0.18
CA THR F 425 -31.99 41.13 0.16
C THR F 425 -31.59 42.24 -0.82
N VAL F 426 -31.70 41.94 -2.11
CA VAL F 426 -31.28 42.87 -3.14
C VAL F 426 -32.21 44.09 -3.16
N GLU F 427 -33.52 43.83 -3.15
CA GLU F 427 -34.50 44.92 -3.31
C GLU F 427 -34.37 45.91 -2.15
N ARG F 428 -34.22 45.42 -0.94
CA ARG F 428 -34.13 46.32 0.21
C ARG F 428 -32.99 47.32 0.07
N ASP F 429 -31.82 46.85 -0.35
CA ASP F 429 -30.57 47.65 -0.21
C ASP F 429 -29.94 48.13 -1.50
N LYS F 430 -30.62 47.92 -2.62
CA LYS F 430 -30.01 48.21 -3.94
C LYS F 430 -29.52 49.67 -4.15
N ASN F 431 -30.07 50.63 -3.39
CA ASN F 431 -29.67 52.05 -3.58
C ASN F 431 -28.35 52.49 -2.92
N HIS F 432 -27.74 51.62 -2.09
CA HIS F 432 -26.53 52.01 -1.36
C HIS F 432 -25.21 51.88 -2.14
N PRO F 433 -24.46 52.99 -2.31
CA PRO F 433 -23.20 52.93 -3.06
C PRO F 433 -22.14 52.09 -2.34
N SER F 434 -22.25 51.96 -1.01
CA SER F 434 -21.28 51.17 -0.24
C SER F 434 -21.26 49.69 -0.65
N ILE F 435 -22.40 49.20 -1.13
CA ILE F 435 -22.53 47.78 -1.43
C ILE F 435 -21.93 47.54 -2.81
N VAL F 436 -20.85 46.76 -2.85
CA VAL F 436 -20.14 46.52 -4.11
C VAL F 436 -20.18 45.05 -4.53
N MET F 437 -20.66 44.18 -3.62
CA MET F 437 -20.97 42.80 -4.02
C MET F 437 -22.22 42.28 -3.29
N TRP F 438 -23.00 41.43 -3.96
CA TRP F 438 -24.07 40.69 -3.28
C TRP F 438 -23.50 39.32 -2.94
N SER F 439 -23.79 38.79 -1.74
CA SER F 439 -23.37 37.43 -1.46
C SER F 439 -24.62 36.56 -1.25
N LEU F 440 -24.57 35.30 -1.71
CA LEU F 440 -25.74 34.39 -1.68
C LEU F 440 -26.06 33.84 -0.30
N GLY F 441 -25.08 33.88 0.59
CA GLY F 441 -25.22 33.24 1.89
C GLY F 441 -23.87 32.67 2.25
N ASN F 442 -23.85 31.70 3.16
CA ASN F 442 -22.57 31.20 3.70
C ASN F 442 -22.66 29.70 3.96
N GLU F 443 -21.60 28.99 3.59
CA GLU F 443 -21.46 27.59 3.96
C GLU F 443 -22.72 26.73 3.77
N SER F 444 -23.29 26.78 2.56
CA SER F 444 -24.55 26.08 2.28
C SER F 444 -24.37 25.02 1.16
N GLY F 445 -23.14 24.56 1.00
CA GLY F 445 -22.81 23.61 -0.04
C GLY F 445 -23.10 24.22 -1.39
N THR F 446 -23.53 23.40 -2.33
CA THR F 446 -23.86 23.93 -3.64
C THR F 446 -25.14 23.28 -4.17
N GLY F 447 -25.67 23.81 -5.27
CA GLY F 447 -26.94 23.31 -5.76
C GLY F 447 -27.57 24.25 -6.74
N SER F 448 -28.56 23.71 -7.45
CA SER F 448 -29.32 24.47 -8.46
C SER F 448 -29.98 25.71 -7.85
N ASN F 449 -30.48 25.60 -6.62
CA ASN F 449 -31.20 26.75 -6.02
C ASN F 449 -30.26 27.92 -5.78
N LEU F 450 -29.01 27.63 -5.38
CA LEU F 450 -27.99 28.69 -5.21
C LEU F 450 -27.67 29.32 -6.55
N ALA F 451 -27.52 28.49 -7.59
CA ALA F 451 -27.29 29.04 -8.91
C ALA F 451 -28.49 29.90 -9.38
N ALA F 452 -29.70 29.52 -8.98
CA ALA F 452 -30.92 30.29 -9.28
C ALA F 452 -30.92 31.66 -8.58
N MET F 453 -30.46 31.71 -7.32
CA MET F 453 -30.29 33.00 -6.62
C MET F 453 -29.29 33.91 -7.37
N ALA F 454 -28.17 33.35 -7.79
CA ALA F 454 -27.19 34.12 -8.55
C ALA F 454 -27.79 34.58 -9.89
N ALA F 455 -28.54 33.72 -10.58
CA ALA F 455 -29.14 34.08 -11.89
C ALA F 455 -30.13 35.23 -11.72
N TRP F 456 -30.90 35.17 -10.64
CA TRP F 456 -31.86 36.24 -10.36
C TRP F 456 -31.13 37.58 -10.07
N ALA F 457 -30.09 37.54 -9.22
CA ALA F 457 -29.30 38.74 -8.92
C ALA F 457 -28.65 39.32 -10.19
N HIS F 458 -28.13 38.45 -11.04
CA HIS F 458 -27.53 38.92 -12.30
C HIS F 458 -28.58 39.57 -13.18
N ALA F 459 -29.78 38.99 -13.25
CA ALA F 459 -30.87 39.56 -14.10
C ALA F 459 -31.36 40.89 -13.57
N ARG F 460 -31.40 41.01 -12.25
CA ARG F 460 -31.92 42.21 -11.62
C ARG F 460 -30.89 43.33 -11.60
N ASP F 461 -29.68 43.00 -11.15
CA ASP F 461 -28.68 44.03 -10.88
C ASP F 461 -27.34 43.68 -11.48
N SER F 462 -27.09 44.13 -12.70
CA SER F 462 -25.79 43.91 -13.34
C SER F 462 -24.68 44.85 -12.80
N SER F 463 -25.01 45.71 -11.83
CA SER F 463 -24.02 46.67 -11.29
C SER F 463 -23.08 46.11 -10.21
N ARG F 464 -23.40 44.92 -9.67
CA ARG F 464 -22.64 44.35 -8.57
C ARG F 464 -22.38 42.85 -8.78
N PRO F 465 -21.11 42.42 -8.67
CA PRO F 465 -20.73 41.01 -8.74
C PRO F 465 -21.37 40.16 -7.64
N VAL F 466 -21.54 38.88 -7.94
CA VAL F 466 -22.10 37.89 -7.00
C VAL F 466 -20.99 37.03 -6.41
N HIS F 467 -20.96 36.99 -5.08
CA HIS F 467 -19.97 36.30 -4.26
C HIS F 467 -20.68 35.09 -3.60
N TYR F 468 -20.03 33.93 -3.58
CA TYR F 468 -20.50 32.81 -2.75
C TYR F 468 -19.41 31.78 -2.59
N GLU F 469 -18.87 31.66 -1.36
CA GLU F 469 -17.69 30.83 -1.14
C GLU F 469 -17.95 29.31 -1.28
N GLY F 470 -19.19 28.86 -1.13
CA GLY F 470 -19.52 27.42 -1.29
C GLY F 470 -19.44 26.98 -2.76
N ASP F 471 -19.30 27.92 -3.69
CA ASP F 471 -19.20 27.61 -5.11
C ASP F 471 -17.75 27.27 -5.45
N TYR F 472 -17.25 26.17 -4.91
CA TYR F 472 -15.81 25.85 -5.00
C TYR F 472 -15.35 25.74 -6.44
N THR F 473 -16.20 25.21 -7.31
CA THR F 473 -15.82 25.00 -8.71
C THR F 473 -16.05 26.21 -9.63
N GLY F 474 -16.63 27.28 -9.09
CA GLY F 474 -16.91 28.51 -9.88
C GLY F 474 -18.00 28.33 -10.91
N ALA F 475 -19.07 27.63 -10.55
CA ALA F 475 -20.14 27.38 -11.53
C ALA F 475 -21.10 28.59 -11.70
N TYR F 476 -21.12 29.54 -10.76
CA TYR F 476 -22.15 30.59 -10.82
C TYR F 476 -21.79 31.90 -10.12
N THR F 477 -20.51 32.08 -9.78
CA THR F 477 -20.08 33.26 -9.03
C THR F 477 -19.09 34.06 -9.86
N ASP F 478 -19.00 35.35 -9.55
CA ASP F 478 -18.14 36.28 -10.30
C ASP F 478 -16.73 36.47 -9.72
N VAL F 479 -16.59 36.22 -8.43
CA VAL F 479 -15.29 36.27 -7.75
C VAL F 479 -15.03 34.91 -7.14
N TYR F 480 -13.75 34.58 -6.97
CA TYR F 480 -13.38 33.33 -6.35
C TYR F 480 -13.13 33.67 -4.88
N SER F 481 -13.91 33.05 -4.01
CA SER F 481 -13.85 33.36 -2.59
C SER F 481 -13.46 32.11 -1.85
N ARG F 482 -12.60 32.26 -0.84
CA ARG F 482 -12.24 31.13 0.02
C ARG F 482 -12.25 31.57 1.46
N MET F 483 -12.28 30.61 2.38
CA MET F 483 -12.09 30.90 3.78
C MET F 483 -10.95 30.07 4.34
N TYR F 484 -10.01 30.77 5.00
CA TYR F 484 -8.88 30.16 5.72
C TYR F 484 -8.00 29.32 4.79
N SER F 485 -7.92 29.70 3.54
CA SER F 485 -6.97 29.00 2.66
C SER F 485 -5.54 29.31 3.16
N SER F 486 -4.68 28.29 3.12
CA SER F 486 -3.37 28.37 3.77
C SER F 486 -2.49 29.33 2.98
N ILE F 487 -1.34 29.69 3.53
CA ILE F 487 -0.40 30.49 2.71
C ILE F 487 0.03 29.79 1.39
N PRO F 488 0.42 28.51 1.45
CA PRO F 488 0.76 27.84 0.19
C PRO F 488 -0.42 27.78 -0.81
N GLU F 489 -1.65 27.53 -0.35
CA GLU F 489 -2.74 27.43 -1.31
C GLU F 489 -3.10 28.79 -1.90
N THR F 490 -3.02 29.83 -1.07
CA THR F 490 -3.36 31.18 -1.54
C THR F 490 -2.30 31.68 -2.55
N ASP F 491 -1.03 31.32 -2.28
CA ASP F 491 0.07 31.59 -3.22
C ASP F 491 -0.19 30.93 -4.58
N SER F 492 -0.67 29.69 -4.53
CA SER F 492 -1.00 28.89 -5.72
C SER F 492 -2.13 29.54 -6.53
N ILE F 493 -3.07 30.13 -5.80
CA ILE F 493 -4.22 30.81 -6.41
C ILE F 493 -3.75 32.05 -7.16
N GLY F 494 -2.84 32.79 -6.55
CA GLY F 494 -2.43 34.10 -7.10
C GLY F 494 -1.45 34.02 -8.26
N ARG F 495 -0.58 33.02 -8.22
CA ARG F 495 0.48 32.94 -9.21
C ARG F 495 -0.05 32.42 -10.52
N ASN F 496 0.66 32.76 -11.60
CA ASN F 496 0.21 32.43 -12.94
C ASN F 496 0.92 31.24 -13.57
N ASP F 497 1.83 30.63 -12.80
CA ASP F 497 2.60 29.47 -13.29
C ASP F 497 2.23 28.16 -12.54
N SER F 498 0.99 28.05 -12.08
CA SER F 498 0.58 26.88 -11.28
C SER F 498 -0.73 26.31 -11.79
N HIS F 499 -0.74 25.00 -12.03
CA HIS F 499 -1.94 24.25 -12.40
C HIS F 499 -2.39 23.28 -11.29
N ALA F 500 -1.83 23.43 -10.08
CA ALA F 500 -2.22 22.65 -8.90
C ALA F 500 -3.72 22.71 -8.62
N LEU F 501 -4.28 21.62 -8.12
CA LEU F 501 -5.72 21.56 -7.91
C LEU F 501 -6.05 22.35 -6.64
N LEU F 502 -7.20 23.01 -6.69
CA LEU F 502 -7.72 23.83 -5.62
C LEU F 502 -8.83 23.06 -4.89
N LEU F 503 -9.23 23.56 -3.72
CA LEU F 503 -10.23 22.83 -2.92
C LEU F 503 -11.50 22.55 -3.71
N GLY F 504 -11.90 21.28 -3.74
CA GLY F 504 -13.17 20.90 -4.37
C GLY F 504 -13.21 20.84 -5.90
N CYS F 505 -12.04 21.01 -6.55
CA CYS F 505 -11.95 21.24 -7.98
C CYS F 505 -11.12 20.18 -8.69
N ASP F 506 -11.53 19.83 -9.91
CA ASP F 506 -10.55 19.17 -10.82
C ASP F 506 -9.65 20.21 -11.50
N SER F 507 -8.81 19.82 -12.47
CA SER F 507 -7.86 20.79 -13.06
C SER F 507 -8.50 21.90 -13.87
N ALA F 508 -9.60 21.60 -14.55
CA ALA F 508 -10.31 22.61 -15.36
C ALA F 508 -11.05 23.63 -14.47
N GLU F 509 -11.65 23.14 -13.38
CA GLU F 509 -12.32 24.02 -12.43
C GLU F 509 -11.30 24.90 -11.70
N SER F 510 -10.15 24.32 -11.35
CA SER F 510 -9.05 25.10 -10.74
C SER F 510 -8.59 26.19 -11.70
N ALA F 511 -8.43 25.87 -12.99
CA ALA F 511 -8.00 26.89 -13.96
C ALA F 511 -9.03 28.03 -14.09
N ARG F 512 -10.32 27.70 -14.14
CA ARG F 512 -11.26 28.80 -14.32
C ARG F 512 -11.40 29.68 -13.05
N GLN F 513 -11.18 29.10 -11.89
CA GLN F 513 -11.23 29.89 -10.65
C GLN F 513 -10.09 30.90 -10.64
N ARG F 514 -8.95 30.51 -11.25
CA ARG F 514 -7.79 31.40 -11.36
C ARG F 514 -7.93 32.51 -12.40
N THR F 515 -9.06 32.56 -13.08
CA THR F 515 -9.29 33.64 -14.04
C THR F 515 -10.06 34.81 -13.40
N LYS F 516 -10.47 34.68 -12.14
CA LYS F 516 -11.40 35.62 -11.49
C LYS F 516 -10.67 36.36 -10.38
N PRO F 517 -11.20 37.53 -9.97
CA PRO F 517 -10.58 38.12 -8.77
C PRO F 517 -10.76 37.21 -7.57
N PHE F 518 -9.76 37.19 -6.67
CA PHE F 518 -9.84 36.36 -5.46
C PHE F 518 -9.97 37.21 -4.20
N ILE F 519 -10.80 36.78 -3.27
CA ILE F 519 -10.85 37.38 -1.93
C ILE F 519 -10.97 36.25 -0.92
N LEU F 520 -10.43 36.47 0.28
CA LEU F 520 -10.71 35.61 1.40
C LEU F 520 -11.90 36.23 2.13
N CYS F 521 -13.03 35.53 2.12
CA CYS F 521 -14.21 36.02 2.84
C CYS F 521 -14.13 35.85 4.35
N GLU F 522 -13.25 34.94 4.81
CA GLU F 522 -12.91 34.75 6.21
C GLU F 522 -11.46 34.31 6.22
N TYR F 523 -10.67 34.95 7.07
CA TYR F 523 -9.30 34.50 7.26
C TYR F 523 -8.79 34.99 8.63
N VAL F 524 -7.61 34.48 9.01
CA VAL F 524 -6.94 34.81 10.25
C VAL F 524 -7.87 34.84 11.43
N HIS F 525 -8.51 33.69 11.65
CA HIS F 525 -9.43 33.47 12.75
C HIS F 525 -8.82 34.07 14.02
N ALA F 526 -9.50 35.07 14.60
CA ALA F 526 -8.92 35.91 15.67
C ALA F 526 -9.08 35.38 17.10
N MET F 527 -9.69 34.21 17.25
CA MET F 527 -10.06 33.66 18.55
C MET F 527 -8.87 33.56 19.55
N GLY F 528 -9.08 34.05 20.77
CA GLY F 528 -8.06 34.00 21.80
C GLY F 528 -6.81 34.82 21.48
N ASN F 529 -5.66 34.35 21.96
CA ASN F 529 -4.40 35.01 21.72
C ASN F 529 -3.95 34.67 20.30
N GLY F 530 -3.85 35.67 19.42
CA GLY F 530 -3.63 35.42 17.98
C GLY F 530 -4.46 36.41 17.18
N PRO F 531 -4.38 36.37 15.85
CA PRO F 531 -3.74 35.32 15.04
C PRO F 531 -2.33 35.68 14.57
N GLY F 532 -1.54 34.66 14.23
CA GLY F 532 -0.34 34.90 13.43
C GLY F 532 -0.69 34.87 11.94
N ALA F 533 0.32 35.14 11.11
CA ALA F 533 0.27 35.02 9.63
C ALA F 533 -0.36 36.18 8.86
N MET F 534 -0.92 37.18 9.54
CA MET F 534 -1.52 38.31 8.79
C MET F 534 -0.53 38.97 7.83
N ASP F 535 0.74 39.00 8.21
CA ASP F 535 1.79 39.62 7.39
C ASP F 535 2.12 38.74 6.18
N GLN F 536 2.00 37.42 6.32
CA GLN F 536 2.18 36.51 5.19
C GLN F 536 1.07 36.67 4.14
N TYR F 537 -0.18 36.78 4.61
CA TYR F 537 -1.29 37.01 3.68
C TYR F 537 -1.12 38.34 2.99
N GLU F 538 -0.67 39.35 3.72
CA GLU F 538 -0.54 40.69 3.16
C GLU F 538 0.59 40.76 2.11
N ALA F 539 1.66 40.02 2.36
CA ALA F 539 2.74 39.94 1.37
C ALA F 539 2.27 39.31 0.05
N LEU F 540 1.33 38.36 0.12
CA LEU F 540 0.75 37.77 -1.10
C LEU F 540 -0.04 38.80 -1.89
N VAL F 541 -0.80 39.62 -1.19
CA VAL F 541 -1.59 40.68 -1.82
C VAL F 541 -0.62 41.65 -2.50
N ASP F 542 0.49 41.95 -1.81
CA ASP F 542 1.55 42.79 -2.41
C ASP F 542 2.11 42.19 -3.72
N LYS F 543 2.19 40.88 -3.78
CA LYS F 543 2.91 40.20 -4.87
C LYS F 543 2.00 39.86 -6.08
N TYR F 544 0.73 39.55 -5.83
CA TYR F 544 -0.14 38.95 -6.87
C TYR F 544 -1.39 39.77 -7.07
N PRO F 545 -1.48 40.49 -8.20
CA PRO F 545 -2.65 41.36 -8.44
C PRO F 545 -4.01 40.66 -8.36
N ARG F 546 -4.02 39.36 -8.61
CA ARG F 546 -5.30 38.63 -8.58
C ARG F 546 -5.90 38.53 -7.17
N LEU F 547 -5.07 38.65 -6.14
CA LEU F 547 -5.49 38.54 -4.76
C LEU F 547 -5.91 39.92 -4.26
N HIS F 548 -7.14 40.02 -3.74
CA HIS F 548 -7.70 41.35 -3.41
C HIS F 548 -7.93 41.54 -1.88
N GLY F 549 -7.26 40.73 -1.07
CA GLY F 549 -7.29 40.95 0.35
C GLY F 549 -8.25 40.02 1.01
N GLY F 550 -8.87 40.45 2.08
CA GLY F 550 -9.61 39.50 2.89
C GLY F 550 -10.37 40.16 4.03
N PHE F 551 -11.29 39.38 4.59
CA PHE F 551 -12.16 39.80 5.71
C PHE F 551 -11.82 38.96 6.92
N VAL F 552 -11.28 39.63 7.94
CA VAL F 552 -10.96 38.95 9.21
C VAL F 552 -12.20 38.26 9.84
N TRP F 553 -12.06 37.02 10.36
CA TRP F 553 -13.10 36.41 11.23
C TRP F 553 -12.67 36.53 12.71
N GLU F 554 -13.36 37.33 13.54
CA GLU F 554 -14.41 38.32 13.14
C GLU F 554 -14.19 39.60 13.96
N TRP F 555 -15.10 40.57 13.80
CA TRP F 555 -14.96 41.86 14.48
C TRP F 555 -15.03 41.75 16.01
N ARG F 556 -16.10 41.19 16.57
CA ARG F 556 -16.31 41.20 18.01
C ARG F 556 -16.61 39.86 18.63
N ASP F 557 -16.11 39.63 19.85
CA ASP F 557 -16.60 38.56 20.74
C ASP F 557 -18.08 38.80 20.98
N HIS F 558 -18.84 37.74 21.16
CA HIS F 558 -20.28 37.84 21.45
C HIS F 558 -20.65 37.31 22.84
N GLY F 559 -19.95 37.79 23.87
CA GLY F 559 -20.30 37.40 25.23
C GLY F 559 -21.66 37.94 25.63
N ILE F 560 -22.37 37.20 26.47
CA ILE F 560 -23.66 37.64 26.98
C ILE F 560 -23.49 37.98 28.46
N ARG F 561 -23.76 39.22 28.81
CA ARG F 561 -23.58 39.65 30.21
C ARG F 561 -24.61 38.95 31.10
N THR F 562 -24.10 38.30 32.14
CA THR F 562 -24.93 37.54 33.09
C THR F 562 -24.21 37.52 34.45
N ARG F 563 -24.79 36.82 35.44
CA ARG F 563 -24.20 36.74 36.79
C ARG F 563 -24.17 35.31 37.29
N THR F 564 -23.10 34.99 38.02
CA THR F 564 -23.01 33.69 38.72
C THR F 564 -24.06 33.66 39.81
N ALA F 565 -24.44 32.45 40.23
CA ALA F 565 -25.44 32.26 41.29
C ALA F 565 -25.20 33.13 42.52
N GLU F 566 -23.95 33.52 42.76
CA GLU F 566 -23.63 34.43 43.88
C GLU F 566 -23.38 35.89 43.45
N GLY F 567 -23.91 36.27 42.28
CA GLY F 567 -23.99 37.68 41.88
C GLY F 567 -22.78 38.28 41.18
N MET F 568 -21.84 37.44 40.78
CA MET F 568 -20.64 37.88 40.08
C MET F 568 -20.97 38.06 38.60
N GLU F 569 -20.71 39.24 38.06
CA GLU F 569 -21.01 39.51 36.67
C GLU F 569 -19.92 38.97 35.73
N PHE F 570 -20.32 38.38 34.61
CA PHE F 570 -19.34 37.88 33.65
C PHE F 570 -19.94 37.83 32.24
N PHE F 571 -19.08 37.60 31.26
CA PHE F 571 -19.53 37.41 29.87
C PHE F 571 -19.64 35.93 29.59
N ALA F 572 -20.88 35.46 29.49
CA ALA F 572 -21.13 34.06 29.18
C ALA F 572 -20.83 33.68 27.73
N TYR F 573 -20.40 32.45 27.54
CA TYR F 573 -20.31 31.87 26.20
C TYR F 573 -21.05 30.54 26.12
N GLY F 574 -20.85 29.81 25.04
CA GLY F 574 -21.61 28.58 24.79
C GLY F 574 -21.51 27.59 25.92
N GLY F 575 -22.66 27.06 26.33
CA GLY F 575 -22.70 26.11 27.44
C GLY F 575 -23.00 26.74 28.80
N ASP F 576 -22.78 28.04 28.94
CA ASP F 576 -22.99 28.69 30.24
C ASP F 576 -24.48 28.81 30.60
N PHE F 577 -25.35 28.54 29.64
CA PHE F 577 -26.80 28.64 29.82
C PHE F 577 -27.47 27.25 29.75
N GLY F 578 -26.69 26.22 30.08
CA GLY F 578 -27.19 24.87 30.26
C GLY F 578 -27.57 24.21 28.95
N GLU F 579 -26.97 24.65 27.84
CA GLU F 579 -27.35 24.09 26.53
C GLU F 579 -27.06 22.60 26.48
N VAL F 580 -27.94 21.86 25.81
CA VAL F 580 -27.74 20.42 25.61
C VAL F 580 -26.61 20.17 24.62
N VAL F 581 -26.66 20.84 23.47
CA VAL F 581 -25.52 20.86 22.55
C VAL F 581 -25.09 22.32 22.35
N HIS F 582 -23.79 22.55 22.32
CA HIS F 582 -23.24 23.91 22.18
C HIS F 582 -21.80 23.84 21.71
N ASP F 583 -21.23 25.00 21.36
CA ASP F 583 -19.86 25.01 20.89
C ASP F 583 -18.98 25.95 21.72
N SER F 584 -19.30 26.02 23.00
CA SER F 584 -18.39 26.59 23.99
C SER F 584 -17.94 28.02 23.60
N ASN F 585 -16.63 28.30 23.67
CA ASN F 585 -16.12 29.66 23.48
C ASN F 585 -15.83 30.02 22.02
N PHE F 586 -16.27 29.20 21.08
CA PHE F 586 -16.15 29.61 19.68
C PHE F 586 -16.93 30.88 19.31
N VAL F 587 -17.88 31.29 20.14
CA VAL F 587 -18.64 32.55 19.94
C VAL F 587 -17.75 33.75 20.36
N MET F 588 -16.61 33.47 21.00
CA MET F 588 -15.68 34.52 21.42
C MET F 588 -14.47 34.55 20.48
N ASP F 589 -14.69 35.03 19.27
CA ASP F 589 -13.65 34.93 18.24
C ASP F 589 -13.34 36.26 17.59
N GLY F 590 -13.46 37.33 18.38
CA GLY F 590 -13.30 38.68 17.89
C GLY F 590 -11.93 39.34 18.03
N MET F 591 -11.70 40.30 17.15
CA MET F 591 -10.59 41.25 17.29
C MET F 591 -10.85 42.26 18.44
N VAL F 592 -12.11 42.42 18.80
CA VAL F 592 -12.53 43.34 19.86
C VAL F 592 -13.24 42.49 20.92
N LEU F 593 -12.89 42.68 22.19
CA LEU F 593 -13.54 41.96 23.30
C LEU F 593 -14.99 42.44 23.51
N SER F 594 -15.76 41.72 24.33
CA SER F 594 -17.19 42.05 24.47
C SER F 594 -17.44 43.44 25.02
N ASP F 595 -16.49 43.99 25.76
CA ASP F 595 -16.62 45.36 26.28
C ASP F 595 -16.05 46.43 25.33
N SER F 596 -15.82 46.07 24.08
CA SER F 596 -15.24 46.99 23.09
C SER F 596 -13.75 47.25 23.20
N THR F 597 -13.03 46.48 24.01
CA THR F 597 -11.57 46.65 24.10
C THR F 597 -10.91 45.98 22.88
N PRO F 598 -10.10 46.75 22.12
CA PRO F 598 -9.28 46.15 21.06
C PRO F 598 -8.22 45.19 21.62
N THR F 599 -8.06 44.04 20.98
CA THR F 599 -7.03 43.09 21.43
C THR F 599 -5.67 43.45 20.76
N PRO F 600 -4.55 42.88 21.26
CA PRO F 600 -3.26 43.05 20.56
C PRO F 600 -3.30 42.58 19.11
N GLY F 601 -4.12 41.57 18.79
CA GLY F 601 -4.23 41.10 17.42
C GLY F 601 -4.82 42.17 16.52
N LEU F 602 -5.67 43.04 17.07
CA LEU F 602 -6.22 44.11 16.26
C LEU F 602 -5.18 45.22 15.98
N TYR F 603 -4.34 45.54 16.95
CA TYR F 603 -3.24 46.48 16.66
C TYR F 603 -2.27 45.93 15.62
N GLU F 604 -2.07 44.62 15.67
CA GLU F 604 -1.19 43.92 14.69
C GLU F 604 -1.80 44.02 13.29
N PHE F 605 -3.09 43.69 13.16
CA PHE F 605 -3.85 43.88 11.90
C PHE F 605 -3.66 45.31 11.39
N LYS F 606 -3.95 46.29 12.25
CA LYS F 606 -3.89 47.72 11.87
C LYS F 606 -2.55 48.09 11.24
N GLN F 607 -1.47 47.66 11.87
CA GLN F 607 -0.11 47.99 11.39
C GLN F 607 0.13 47.36 10.04
N ILE F 608 -0.24 46.09 9.93
CA ILE F 608 0.00 45.34 8.71
C ILE F 608 -0.79 45.86 7.53
N VAL F 609 -2.01 46.33 7.76
CA VAL F 609 -2.80 46.82 6.63
C VAL F 609 -2.75 48.35 6.43
N SER F 610 -1.81 49.02 7.10
CA SER F 610 -1.70 50.48 7.01
C SER F 610 -1.67 50.94 5.54
N PRO F 611 -2.47 51.96 5.17
CA PRO F 611 -2.53 52.48 3.80
C PRO F 611 -1.27 53.23 3.36
N ILE F 612 -0.47 53.70 4.32
CA ILE F 612 0.79 54.36 4.03
C ILE F 612 1.89 53.45 4.57
N ARG F 613 2.60 52.79 3.66
CA ARG F 613 3.60 51.81 4.03
C ARG F 613 4.97 52.48 4.15
N LEU F 614 5.65 52.23 5.26
CA LEU F 614 6.91 52.93 5.53
C LEU F 614 8.05 51.95 5.65
N GLY F 615 9.22 52.36 5.17
CA GLY F 615 10.46 51.59 5.36
C GLY F 615 11.61 52.50 5.76
N LEU F 616 12.53 51.99 6.57
CA LEU F 616 13.70 52.78 6.97
C LEU F 616 14.99 52.05 6.66
N SER F 617 16.01 52.78 6.20
CA SER F 617 17.33 52.22 5.96
C SER F 617 18.37 53.31 6.19
N LEU F 618 19.62 52.91 6.47
CA LEU F 618 20.73 53.86 6.55
C LEU F 618 21.74 53.60 5.42
N PRO F 619 21.70 54.40 4.33
CA PRO F 619 22.67 54.18 3.24
C PRO F 619 24.07 54.52 3.74
N ALA F 620 25.08 53.79 3.23
CA ALA F 620 26.46 53.89 3.76
C ALA F 620 26.98 55.33 3.72
N GLY F 621 27.29 55.87 4.90
CA GLY F 621 27.72 57.27 5.06
C GLY F 621 26.61 58.29 4.83
N GLY F 622 25.37 57.82 4.73
CA GLY F 622 24.25 58.68 4.41
C GLY F 622 23.42 59.07 5.62
N LYS F 623 22.24 59.62 5.35
CA LYS F 623 21.31 59.99 6.39
C LYS F 623 20.22 58.93 6.49
N PRO F 624 19.49 58.88 7.61
CA PRO F 624 18.41 57.89 7.68
C PRO F 624 17.41 58.17 6.55
N THR F 625 17.12 57.14 5.78
CA THR F 625 16.28 57.27 4.60
C THR F 625 14.95 56.57 4.76
N LEU F 626 13.90 57.31 4.49
CA LEU F 626 12.53 56.86 4.68
C LEU F 626 11.92 56.58 3.33
N ALA F 627 11.45 55.37 3.14
CA ALA F 627 10.72 55.04 1.93
C ALA F 627 9.23 55.09 2.27
N VAL F 628 8.44 55.76 1.43
CA VAL F 628 7.01 55.91 1.70
C VAL F 628 6.25 55.48 0.45
N ALA F 629 5.26 54.59 0.63
CA ALA F 629 4.36 54.18 -0.46
C ALA F 629 2.93 54.46 -0.09
N ASN F 630 2.22 55.16 -0.97
CA ASN F 630 0.83 55.39 -0.75
C ASN F 630 0.09 54.22 -1.40
N LEU F 631 -0.46 53.33 -0.58
CA LEU F 631 -1.11 52.11 -1.10
C LEU F 631 -2.63 52.25 -1.18
N ARG F 632 -3.10 53.48 -1.05
CA ARG F 632 -4.55 53.75 -1.17
C ARG F 632 -5.09 53.48 -2.56
N HIS F 633 -6.40 53.31 -2.63
CA HIS F 633 -7.14 53.11 -3.86
C HIS F 633 -7.30 54.43 -4.65
N THR F 634 -7.58 55.52 -3.93
CA THR F 634 -7.94 56.80 -4.57
C THR F 634 -7.20 58.03 -3.97
N ALA F 635 -7.18 58.16 -2.65
CA ALA F 635 -6.80 59.43 -2.04
C ALA F 635 -5.29 59.61 -2.01
N ASP F 636 -4.84 60.84 -2.28
CA ASP F 636 -3.43 61.17 -2.11
C ASP F 636 -3.09 61.27 -0.63
N ALA F 637 -1.82 61.51 -0.29
CA ALA F 637 -1.44 61.52 1.13
C ALA F 637 -1.40 62.93 1.72
N SER F 638 -2.21 63.86 1.18
CA SER F 638 -2.25 65.24 1.67
C SER F 638 -2.76 65.36 3.11
N ASP F 639 -3.47 64.32 3.58
CA ASP F 639 -4.00 64.29 4.93
C ASP F 639 -3.00 63.76 5.97
N VAL F 640 -1.86 63.31 5.49
CA VAL F 640 -0.94 62.53 6.30
C VAL F 640 0.29 63.38 6.61
N VAL F 641 0.78 63.24 7.83
CA VAL F 641 2.09 63.76 8.16
C VAL F 641 2.92 62.63 8.78
N LEU F 642 4.23 62.67 8.51
CA LEU F 642 5.15 61.63 8.97
C LEU F 642 5.93 62.18 10.16
N ARG F 643 5.64 61.68 11.35
CA ARG F 643 6.27 62.18 12.55
C ARG F 643 7.39 61.25 12.94
N TRP F 644 8.56 61.80 13.26
CA TRP F 644 9.71 60.98 13.66
C TRP F 644 10.24 61.32 15.07
N ARG F 645 10.88 60.36 15.71
CA ARG F 645 11.64 60.68 16.92
C ARG F 645 12.77 59.68 17.03
N VAL F 646 13.87 60.13 17.61
CA VAL F 646 15.04 59.29 17.89
C VAL F 646 15.23 59.23 19.39
N GLU F 647 15.50 58.02 19.89
CA GLU F 647 15.55 57.80 21.32
C GLU F 647 16.85 57.14 21.65
N HIS F 648 17.43 57.54 22.78
CA HIS F 648 18.70 57.00 23.27
C HIS F 648 18.32 56.21 24.49
N ASP F 649 18.52 54.89 24.43
CA ASP F 649 18.05 53.99 25.48
C ASP F 649 16.59 54.26 25.91
N GLY F 650 15.72 54.61 24.96
CA GLY F 650 14.32 54.89 25.29
C GLY F 650 13.99 56.34 25.62
N ALA F 651 14.99 57.19 25.82
CA ALA F 651 14.72 58.59 26.17
C ALA F 651 14.73 59.43 24.88
N VAL F 652 13.70 60.26 24.64
CA VAL F 652 13.68 61.07 23.45
C VAL F 652 14.91 61.99 23.38
N ALA F 653 15.56 62.02 22.21
CA ALA F 653 16.72 62.87 21.97
C ALA F 653 16.36 63.98 21.01
N ALA F 654 15.50 63.66 20.04
CA ALA F 654 15.13 64.64 18.99
C ALA F 654 13.85 64.18 18.31
N SER F 655 13.13 65.09 17.67
CA SER F 655 11.94 64.71 16.92
C SER F 655 11.59 65.77 15.89
N GLY F 656 10.70 65.41 14.97
CA GLY F 656 10.25 66.32 13.93
C GLY F 656 9.15 65.68 13.11
N GLU F 657 8.83 66.33 11.99
CA GLU F 657 7.73 65.96 11.11
C GLU F 657 8.14 66.27 9.71
N VAL F 658 7.74 65.41 8.77
CA VAL F 658 7.91 65.66 7.33
C VAL F 658 6.60 65.39 6.58
N ALA F 659 6.46 66.04 5.42
CA ALA F 659 5.30 65.81 4.58
C ALA F 659 5.45 64.50 3.78
N ALA F 660 4.31 63.88 3.47
CA ALA F 660 4.30 62.71 2.58
C ALA F 660 4.14 63.21 1.13
N GLU F 661 5.25 63.59 0.51
CA GLU F 661 5.23 64.20 -0.83
C GLU F 661 5.88 63.35 -1.91
N GLY F 662 5.29 63.40 -3.11
CA GLY F 662 5.78 62.67 -4.27
C GLY F 662 6.35 63.59 -5.33
N SER F 663 6.31 63.16 -6.59
CA SER F 663 6.91 63.91 -7.70
C SER F 663 6.16 65.19 -8.13
N ASP F 664 4.87 65.29 -7.77
CA ASP F 664 4.04 66.46 -8.08
C ASP F 664 3.06 66.77 -6.95
N GLY F 665 3.56 67.37 -5.87
CA GLY F 665 2.73 67.60 -4.71
C GLY F 665 2.54 66.30 -3.90
N PRO F 666 1.42 66.20 -3.15
CA PRO F 666 1.24 65.08 -2.23
C PRO F 666 1.32 63.71 -2.93
N LEU F 667 1.86 62.72 -2.22
CA LEU F 667 2.07 61.38 -2.75
C LEU F 667 0.74 60.81 -3.21
N ARG F 668 0.65 60.52 -4.50
CA ARG F 668 -0.61 60.05 -5.08
C ARG F 668 -0.88 58.56 -4.72
N ALA F 669 -2.15 58.13 -4.79
CA ALA F 669 -2.48 56.69 -4.63
C ALA F 669 -1.66 55.88 -5.63
N GLY F 670 -0.94 54.89 -5.12
CA GLY F 670 -0.09 54.03 -5.94
C GLY F 670 1.32 54.54 -6.20
N GLU F 671 1.67 55.73 -5.68
CA GLU F 671 2.99 56.34 -5.89
C GLU F 671 3.90 56.05 -4.68
N SER F 672 5.20 55.96 -4.90
CA SER F 672 6.18 55.85 -3.80
C SER F 672 7.25 56.95 -3.89
N ALA F 673 7.87 57.25 -2.76
CA ALA F 673 8.88 58.29 -2.72
C ALA F 673 9.90 57.94 -1.64
N THR F 674 11.06 58.58 -1.68
CA THR F 674 12.04 58.44 -0.59
C THR F 674 12.37 59.82 -0.06
N ILE F 675 12.60 59.89 1.24
CA ILE F 675 12.80 61.15 1.96
C ILE F 675 14.02 60.97 2.87
N ALA F 676 15.04 61.81 2.71
CA ALA F 676 16.19 61.75 3.62
C ALA F 676 15.83 62.55 4.86
N LEU F 677 15.98 61.93 6.02
CA LEU F 677 15.69 62.60 7.28
C LEU F 677 16.95 63.31 7.80
N PRO F 678 16.82 64.18 8.83
CA PRO F 678 18.01 64.81 9.45
C PRO F 678 19.06 63.79 9.92
N ALA F 679 20.32 64.22 10.01
CA ALA F 679 21.36 63.39 10.63
C ALA F 679 20.95 63.02 12.03
N MET F 680 21.20 61.76 12.39
CA MET F 680 20.86 61.28 13.72
C MET F 680 22.05 60.49 14.28
N PRO F 681 23.14 61.21 14.65
CA PRO F 681 24.32 60.54 15.17
C PRO F 681 23.98 59.56 16.30
N ALA F 682 24.56 58.36 16.25
CA ALA F 682 24.40 57.38 17.33
C ALA F 682 24.91 57.91 18.67
N ALA F 683 24.18 57.63 19.73
CA ALA F 683 24.71 57.83 21.08
C ALA F 683 25.95 56.93 21.21
N PRO F 684 27.08 57.50 21.63
CA PRO F 684 28.31 56.71 21.77
C PRO F 684 28.14 55.46 22.62
N LEU F 685 27.25 55.52 23.60
CA LEU F 685 26.95 54.42 24.52
C LEU F 685 25.48 53.99 24.44
N GLY F 686 25.22 52.71 24.63
CA GLY F 686 23.85 52.21 24.61
C GLY F 686 23.25 52.19 23.22
N GLU F 687 21.92 52.19 23.17
CA GLU F 687 21.18 52.04 21.92
C GLU F 687 20.56 53.34 21.39
N THR F 688 20.45 53.41 20.07
CA THR F 688 19.80 54.52 19.41
C THR F 688 18.80 53.98 18.41
N TRP F 689 17.55 54.38 18.58
CA TRP F 689 16.45 53.92 17.71
C TRP F 689 15.67 55.08 17.13
N LEU F 690 15.40 54.98 15.83
CA LEU F 690 14.54 55.91 15.11
C LEU F 690 13.16 55.29 14.92
N THR F 691 12.10 56.06 15.24
CA THR F 691 10.75 55.62 14.99
C THR F 691 10.10 56.66 14.08
N VAL F 692 9.35 56.20 13.09
CA VAL F 692 8.56 57.12 12.24
C VAL F 692 7.14 56.60 12.24
N GLU F 693 6.17 57.50 12.47
CA GLU F 693 4.74 57.18 12.40
C GLU F 693 4.07 57.99 11.31
N ALA F 694 3.22 57.37 10.51
CA ALA F 694 2.33 58.10 9.62
C ALA F 694 1.06 58.38 10.42
N VAL F 695 0.68 59.66 10.49
CA VAL F 695 -0.51 60.03 11.24
C VAL F 695 -1.40 60.94 10.40
N LEU F 696 -2.67 60.99 10.75
CA LEU F 696 -3.61 61.91 10.11
C LEU F 696 -3.45 63.25 10.83
N ARG F 697 -3.12 64.29 10.07
CA ARG F 697 -2.92 65.62 10.64
C ARG F 697 -4.15 66.15 11.37
N ASP F 698 -5.29 66.12 10.70
CA ASP F 698 -6.50 66.73 11.24
C ASP F 698 -7.48 65.65 11.69
N ALA F 699 -8.40 66.04 12.59
CA ALA F 699 -9.47 65.18 13.09
C ALA F 699 -10.46 64.81 11.99
N THR F 700 -11.03 63.62 12.06
CA THR F 700 -12.07 63.19 11.11
C THR F 700 -13.31 63.03 11.99
N GLY F 701 -14.43 62.62 11.40
CA GLY F 701 -15.60 62.24 12.21
C GLY F 701 -15.33 61.10 13.18
N TRP F 702 -14.33 60.27 12.87
CA TRP F 702 -14.09 59.04 13.63
C TRP F 702 -12.78 58.95 14.42
N ALA F 703 -11.93 59.97 14.29
CA ALA F 703 -10.64 59.99 14.98
C ALA F 703 -10.21 61.44 15.32
N PRO F 704 -9.51 61.61 16.46
CA PRO F 704 -8.91 62.90 16.85
C PRO F 704 -7.74 63.25 15.94
N ALA F 705 -7.31 64.50 15.94
CA ALA F 705 -6.16 64.91 15.14
C ALA F 705 -4.96 64.11 15.62
N GLY F 706 -4.05 63.78 14.70
CA GLY F 706 -2.84 63.06 15.08
C GLY F 706 -3.02 61.55 15.21
N HIS F 707 -4.15 61.05 14.73
CA HIS F 707 -4.45 59.61 14.77
C HIS F 707 -3.39 58.81 14.00
N PRO F 708 -2.69 57.87 14.65
CA PRO F 708 -1.64 57.08 13.94
C PRO F 708 -2.21 56.03 12.97
N LEU F 709 -1.60 55.90 11.79
CA LEU F 709 -2.01 54.88 10.82
C LEU F 709 -1.08 53.64 10.90
N GLY F 710 0.21 53.89 11.08
CA GLY F 710 1.20 52.79 11.14
C GLY F 710 2.56 53.38 11.45
N ALA F 711 3.56 52.53 11.74
CA ALA F 711 4.87 53.03 12.18
C ALA F 711 5.96 52.08 11.71
N VAL F 712 7.20 52.56 11.71
CA VAL F 712 8.36 51.72 11.41
C VAL F 712 9.52 52.17 12.34
N GLN F 713 10.44 51.26 12.63
CA GLN F 713 11.66 51.61 13.38
C GLN F 713 12.93 51.27 12.62
N LEU F 714 14.05 51.92 13.00
CA LEU F 714 15.38 51.56 12.54
C LEU F 714 16.36 51.65 13.72
N ASP F 715 17.17 50.59 13.88
CA ASP F 715 18.19 50.57 14.89
C ASP F 715 19.41 51.30 14.33
N LEU F 716 19.80 52.39 15.00
CA LEU F 716 20.91 53.21 14.57
C LEU F 716 22.07 53.05 15.55
N SER F 717 21.99 52.05 16.44
CA SER F 717 22.92 51.93 17.56
C SER F 717 24.39 51.82 17.14
N ALA F 718 25.26 52.45 17.93
CA ALA F 718 26.70 52.23 17.88
C ALA F 718 26.99 50.74 18.16
N PRO F 719 28.13 50.21 17.62
CA PRO F 719 28.47 48.79 17.84
C PRO F 719 28.32 48.36 19.30
N ALA F 720 27.66 47.21 19.50
CA ALA F 720 27.39 46.71 20.84
C ALA F 720 28.69 46.44 21.63
N VAL F 721 28.75 46.91 22.88
CA VAL F 721 29.82 46.47 23.77
C VAL F 721 29.30 45.37 24.71
N PRO F 722 29.68 44.10 24.43
CA PRO F 722 29.14 42.99 25.22
C PRO F 722 29.67 43.06 26.64
N THR F 723 28.80 42.83 27.64
CA THR F 723 29.23 42.94 29.04
C THR F 723 30.20 41.82 29.39
N ARG F 724 30.97 42.04 30.45
CA ARG F 724 32.00 41.10 30.85
C ARG F 724 31.43 40.16 31.92
N SER F 725 31.19 38.91 31.55
CA SER F 725 30.66 37.91 32.48
C SER F 725 31.79 37.29 33.31
N PRO F 726 31.48 36.88 34.55
CA PRO F 726 32.44 36.15 35.36
C PRO F 726 32.92 34.85 34.71
N ARG F 727 34.23 34.57 34.82
CA ARG F 727 34.78 33.28 34.39
C ARG F 727 34.06 32.12 35.12
N PRO F 728 33.73 31.03 34.37
CA PRO F 728 33.13 29.86 35.06
C PRO F 728 34.06 29.36 36.17
N ALA F 729 33.50 28.98 37.31
CA ALA F 729 34.32 28.64 38.45
C ALA F 729 34.14 27.19 38.83
N THR F 730 35.21 26.57 39.30
CA THR F 730 35.15 25.21 39.79
C THR F 730 34.51 25.28 41.19
N PRO F 731 33.60 24.34 41.48
CA PRO F 731 32.96 24.32 42.80
C PRO F 731 33.94 24.02 43.93
N LEU F 732 33.72 24.66 45.07
CA LEU F 732 34.52 24.43 46.29
C LEU F 732 33.79 23.48 47.26
N ASP F 733 34.55 22.82 48.13
CA ASP F 733 33.95 22.12 49.27
C ASP F 733 33.60 23.15 50.35
N GLY F 734 32.73 22.78 51.29
CA GLY F 734 32.43 23.69 52.40
C GLY F 734 31.17 24.51 52.26
N ALA F 735 30.94 25.35 53.27
CA ALA F 735 29.67 26.01 53.51
C ALA F 735 29.19 26.90 52.35
N LEU F 736 27.91 26.80 52.05
CA LEU F 736 27.29 27.66 51.05
C LEU F 736 27.11 29.06 51.63
N PRO F 737 27.23 30.11 50.80
CA PRO F 737 26.98 31.46 51.26
C PRO F 737 25.51 31.64 51.62
N VAL F 738 25.27 32.36 52.70
CA VAL F 738 23.90 32.62 53.12
C VAL F 738 23.34 33.80 52.32
N SER F 739 24.20 34.72 51.93
CA SER F 739 23.75 35.86 51.15
C SER F 739 24.74 36.28 50.05
N LEU F 740 24.20 36.81 48.95
CA LEU F 740 24.98 37.22 47.78
C LEU F 740 24.32 38.47 47.22
N GLY F 741 24.91 39.63 47.52
CA GLY F 741 24.32 40.91 47.15
C GLY F 741 22.89 40.98 47.66
N PRO F 742 21.90 41.20 46.76
CA PRO F 742 20.51 41.34 47.23
C PRO F 742 19.77 40.01 47.45
N ALA F 743 20.44 38.87 47.24
CA ALA F 743 19.79 37.56 47.40
C ALA F 743 20.14 36.91 48.71
N THR F 744 19.16 36.25 49.35
CA THR F 744 19.42 35.43 50.52
C THR F 744 19.05 33.98 50.27
N PHE F 745 19.89 33.06 50.74
CA PHE F 745 19.73 31.62 50.53
C PHE F 745 19.62 30.85 51.83
N ASP F 746 18.83 29.78 51.81
CA ASP F 746 18.82 28.84 52.93
C ASP F 746 19.27 27.46 52.44
N ALA F 747 20.48 27.07 52.83
CA ALA F 747 21.09 25.81 52.37
C ALA F 747 20.98 25.70 50.86
N GLY F 748 21.29 26.79 50.15
CA GLY F 748 21.32 26.82 48.70
C GLY F 748 19.99 27.09 47.99
N THR F 749 18.90 27.22 48.77
CA THR F 749 17.58 27.58 48.22
C THR F 749 17.37 29.08 48.38
N LEU F 750 16.96 29.74 47.30
CA LEU F 750 16.72 31.17 47.35
C LEU F 750 15.49 31.44 48.20
N VAL F 751 15.64 32.34 49.17
CA VAL F 751 14.48 32.69 50.03
C VAL F 751 14.06 34.15 49.94
N SER F 752 14.96 35.05 49.53
CA SER F 752 14.56 36.43 49.37
C SER F 752 15.41 37.16 48.34
N LEU F 753 14.83 38.20 47.72
CA LEU F 753 15.55 39.11 46.87
C LEU F 753 15.16 40.49 47.30
N ALA F 754 16.16 41.37 47.48
CA ALA F 754 15.95 42.81 47.75
C ALA F 754 14.84 43.01 48.80
N GLY F 755 14.95 42.26 49.88
CA GLY F 755 14.09 42.46 51.07
C GLY F 755 12.72 41.81 51.02
N GLN F 756 12.43 41.05 49.97
CA GLN F 756 11.11 40.40 49.85
C GLN F 756 11.22 38.87 49.72
N PRO F 757 10.26 38.11 50.30
CA PRO F 757 10.30 36.66 50.14
C PRO F 757 10.09 36.30 48.67
N VAL F 758 10.99 35.46 48.14
CA VAL F 758 10.98 35.05 46.73
C VAL F 758 11.37 33.59 46.70
N SER F 759 10.72 32.78 45.86
CA SER F 759 11.22 31.47 45.50
C SER F 759 11.56 31.40 44.00
N GLY F 760 12.49 30.54 43.66
CA GLY F 760 12.89 30.35 42.27
C GLY F 760 14.39 30.31 42.12
N PRO F 761 14.87 30.25 40.89
CA PRO F 761 14.09 30.15 39.62
C PRO F 761 13.64 28.70 39.39
N ARG F 762 12.48 28.51 38.79
CA ARG F 762 12.01 27.16 38.55
C ARG F 762 11.76 26.99 37.05
N LEU F 763 12.34 25.98 36.42
CA LEU F 763 12.08 25.75 34.99
C LEU F 763 10.60 25.58 34.69
N GLU F 764 10.13 26.27 33.65
CA GLU F 764 8.80 25.99 33.14
C GLU F 764 8.81 25.81 31.64
N LEU F 765 8.15 24.73 31.21
CA LEU F 765 7.90 24.49 29.80
C LEU F 765 6.43 24.65 29.44
N TRP F 766 5.53 24.60 30.41
CA TRP F 766 4.08 24.67 30.14
C TRP F 766 3.66 26.12 29.94
N ARG F 767 2.75 26.39 29.00
CA ARG F 767 2.01 27.65 29.02
C ARG F 767 0.52 27.30 29.04
N ALA F 768 -0.31 28.22 29.53
CA ALA F 768 -1.76 28.02 29.50
C ALA F 768 -2.22 28.03 28.04
N PRO F 769 -2.68 26.86 27.51
CA PRO F 769 -2.88 26.76 26.07
C PRO F 769 -3.85 27.80 25.51
N THR F 770 -3.44 28.46 24.43
CA THR F 770 -4.30 29.39 23.68
C THR F 770 -5.41 28.59 23.01
N ASP F 771 -6.45 29.27 22.52
CA ASP F 771 -7.45 28.57 21.71
C ASP F 771 -6.87 27.87 20.49
N ASN F 772 -5.90 28.50 19.87
CA ASN F 772 -5.18 27.88 18.76
C ASN F 772 -4.36 26.64 19.18
N ASP F 773 -3.75 26.69 20.38
CA ASP F 773 -3.00 25.54 20.96
C ASP F 773 -3.95 24.35 21.16
N ARG F 774 -5.26 24.60 21.26
CA ARG F 774 -6.27 23.55 21.47
C ARG F 774 -6.96 23.12 20.18
N GLY F 775 -6.56 23.67 19.05
CA GLY F 775 -7.21 23.34 17.78
C GLY F 775 -6.58 22.18 17.05
N ALA F 776 -7.41 21.44 16.31
CA ALA F 776 -6.93 20.27 15.55
C ALA F 776 -7.55 20.05 14.17
N GLY F 777 -8.29 21.05 13.66
CA GLY F 777 -8.87 20.98 12.29
C GLY F 777 -7.90 20.92 11.11
N PHE F 778 -7.13 21.98 10.89
CA PHE F 778 -5.98 21.93 10.00
C PHE F 778 -4.97 20.99 10.63
N GLY F 779 -4.08 20.44 9.82
CA GLY F 779 -2.99 19.63 10.34
C GLY F 779 -1.90 20.47 10.99
N ALA F 780 -0.99 19.78 11.64
CA ALA F 780 0.23 20.37 12.17
C ALA F 780 1.23 20.56 11.04
N TYR F 781 2.03 21.64 11.11
CA TYR F 781 3.09 21.85 10.14
C TYR F 781 4.43 21.13 10.43
N GLY F 782 4.63 20.64 11.64
CA GLY F 782 5.94 19.99 11.97
C GLY F 782 6.43 18.86 11.05
N PRO F 783 5.64 17.80 10.90
CA PRO F 783 6.10 16.57 10.25
C PRO F 783 6.37 16.58 8.75
N GLY F 784 6.21 17.70 8.06
CA GLY F 784 6.48 17.70 6.61
C GLY F 784 6.74 19.09 6.09
N ASP F 785 7.11 19.18 4.82
CA ASP F 785 7.34 20.46 4.17
C ASP F 785 5.97 21.17 4.18
N PRO F 786 5.90 22.40 4.76
CA PRO F 786 4.58 23.05 4.87
C PRO F 786 3.97 23.40 3.52
N TRP F 787 4.75 23.37 2.45
CA TRP F 787 4.24 23.75 1.14
C TRP F 787 3.54 22.61 0.43
N LEU F 788 3.69 21.43 0.98
CA LEU F 788 3.01 20.26 0.48
C LEU F 788 1.54 20.19 0.92
N ASN F 789 0.78 19.32 0.26
CA ASN F 789 -0.60 19.03 0.64
C ASN F 789 -1.45 20.31 0.75
N SER F 790 -1.25 21.25 -0.18
CA SER F 790 -1.99 22.55 -0.24
C SER F 790 -1.82 23.34 1.05
N GLY F 791 -0.72 23.11 1.75
CA GLY F 791 -0.47 23.78 3.04
C GLY F 791 -1.45 23.41 4.16
N ARG F 792 -2.07 22.24 4.04
CA ARG F 792 -3.05 21.76 5.05
C ARG F 792 -2.38 20.99 6.20
N GLY F 793 -1.06 20.87 6.14
CA GLY F 793 -0.31 20.23 7.21
C GLY F 793 -0.50 18.73 7.20
N VAL F 794 -0.15 18.11 8.33
CA VAL F 794 -0.26 16.66 8.52
C VAL F 794 -1.29 16.45 9.62
N PRO F 795 -2.34 15.63 9.40
CA PRO F 795 -3.32 15.41 10.49
C PRO F 795 -2.66 15.00 11.80
N ALA F 796 -3.09 15.60 12.90
CA ALA F 796 -2.37 15.48 14.18
C ALA F 796 -3.24 15.99 15.32
N PRO F 797 -2.94 15.55 16.57
CA PRO F 797 -3.69 16.06 17.72
C PRO F 797 -3.37 17.54 17.93
N SER F 798 -4.15 18.20 18.77
CA SER F 798 -3.85 19.59 19.17
C SER F 798 -2.52 19.63 19.93
N SER F 799 -1.86 20.79 19.95
CA SER F 799 -0.65 20.95 20.76
C SER F 799 -0.97 20.69 22.23
N GLU F 800 -2.11 21.21 22.72
CA GLU F 800 -2.50 20.93 24.11
C GLU F 800 -2.53 19.42 24.44
N ALA F 801 -3.10 18.64 23.54
CA ALA F 801 -3.21 17.19 23.70
C ALA F 801 -1.82 16.56 23.86
N VAL F 802 -0.88 16.93 22.98
CA VAL F 802 0.46 16.34 23.05
C VAL F 802 1.25 16.87 24.26
N TRP F 803 1.00 18.12 24.65
CA TRP F 803 1.71 18.70 25.81
C TRP F 803 1.26 18.00 27.09
N LYS F 804 -0.02 17.71 27.18
CA LYS F 804 -0.58 17.08 28.36
C LYS F 804 -0.17 15.62 28.40
N GLN F 805 -0.08 14.99 27.23
CA GLN F 805 0.36 13.60 27.17
C GLN F 805 1.80 13.44 27.67
N ALA F 806 2.66 14.39 27.31
CA ALA F 806 4.05 14.45 27.72
C ALA F 806 4.23 14.91 29.19
N GLY F 807 3.16 15.33 29.85
CA GLY F 807 3.26 15.76 31.24
C GLY F 807 3.87 17.14 31.43
N LEU F 808 3.85 17.97 30.39
CA LEU F 808 4.54 19.26 30.46
C LEU F 808 3.97 20.21 31.51
N ASP F 809 2.70 20.00 31.85
CA ASP F 809 2.01 20.79 32.88
C ASP F 809 2.41 20.39 34.30
N ARG F 810 3.15 19.28 34.42
CA ARG F 810 3.43 18.70 35.74
C ARG F 810 4.88 18.26 35.89
N LEU F 811 5.81 19.11 35.46
CA LEU F 811 7.22 18.83 35.63
C LEU F 811 7.56 18.80 37.10
N THR F 812 8.47 17.89 37.50
CA THR F 812 9.01 17.89 38.86
C THR F 812 10.47 18.33 38.86
N ARG F 813 10.88 18.97 39.94
CA ARG F 813 12.24 19.51 40.10
C ARG F 813 12.99 18.61 41.07
N ARG F 814 14.13 18.06 40.62
CA ARG F 814 14.98 17.25 41.49
C ARG F 814 16.36 17.88 41.59
N VAL F 815 16.84 18.12 42.81
CA VAL F 815 18.16 18.70 43.01
C VAL F 815 19.25 17.63 42.91
N GLU F 816 20.15 17.80 41.96
CA GLU F 816 21.25 16.86 41.80
C GLU F 816 22.38 17.21 42.76
N ASP F 817 22.84 18.45 42.72
CA ASP F 817 23.86 18.98 43.65
C ASP F 817 23.83 20.49 43.89
N VAL F 818 24.40 20.91 45.04
CA VAL F 818 24.58 22.31 45.38
C VAL F 818 26.02 22.49 45.86
N ALA F 819 26.72 23.54 45.43
CA ALA F 819 28.12 23.74 45.83
C ALA F 819 28.41 25.22 45.89
N ALA F 820 29.28 25.61 46.82
CA ALA F 820 29.78 26.97 46.86
C ALA F 820 30.71 27.21 45.67
N LEU F 821 30.76 28.45 45.21
CA LEU F 821 31.78 28.93 44.31
C LEU F 821 32.52 30.04 45.07
N PRO F 822 33.69 30.47 44.57
CA PRO F 822 34.22 31.78 45.04
C PRO F 822 33.20 32.92 44.84
N ASP F 823 32.75 33.52 45.95
CA ASP F 823 31.60 34.45 45.91
C ASP F 823 30.44 33.99 45.02
N GLY F 824 29.97 32.77 45.25
CA GLY F 824 28.72 32.34 44.66
C GLY F 824 28.33 30.95 45.01
N ILE F 825 27.37 30.46 44.24
CA ILE F 825 26.76 29.18 44.50
C ILE F 825 26.35 28.56 43.17
N ARG F 826 26.59 27.27 43.03
CA ARG F 826 26.12 26.54 41.85
C ARG F 826 25.07 25.52 42.26
N VAL F 827 23.92 25.54 41.58
CA VAL F 827 22.87 24.56 41.82
C VAL F 827 22.56 23.82 40.52
N ARG F 828 22.62 22.50 40.56
CA ARG F 828 22.28 21.67 39.39
C ARG F 828 21.04 20.90 39.70
N THR F 829 20.08 20.96 38.78
CA THR F 829 18.77 20.34 38.95
C THR F 829 18.37 19.59 37.69
N ARG F 830 17.42 18.68 37.85
CA ARG F 830 16.87 17.92 36.74
C ARG F 830 15.34 17.94 36.81
N TYR F 831 14.70 18.27 35.69
CA TYR F 831 13.23 18.34 35.61
C TYR F 831 12.67 17.29 34.69
N ALA F 832 11.53 16.72 35.08
CA ALA F 832 10.91 15.61 34.37
C ALA F 832 9.49 15.38 34.90
N ALA F 833 8.60 14.91 34.04
CA ALA F 833 7.24 14.55 34.47
C ALA F 833 7.23 13.15 35.10
N ALA F 834 6.32 12.90 36.04
CA ALA F 834 6.11 11.50 36.50
C ALA F 834 5.84 10.58 35.30
N ASP F 835 6.40 9.38 35.35
CA ASP F 835 6.18 8.36 34.31
C ASP F 835 6.76 8.71 32.94
N SER F 836 7.68 9.68 32.88
CA SER F 836 8.37 10.00 31.61
C SER F 836 9.85 9.62 31.67
N THR F 837 10.42 9.23 30.54
CA THR F 837 11.85 8.90 30.47
C THR F 837 12.70 10.13 30.03
N HIS F 838 12.05 11.24 29.71
CA HIS F 838 12.75 12.42 29.19
C HIS F 838 12.96 13.40 30.34
N SER F 839 13.89 14.34 30.17
CA SER F 839 14.22 15.26 31.26
C SER F 839 14.89 16.50 30.71
N VAL F 840 15.03 17.50 31.57
CA VAL F 840 15.78 18.71 31.21
C VAL F 840 16.70 19.00 32.38
N ALA F 841 18.00 19.13 32.08
CA ALA F 841 18.97 19.50 33.13
C ALA F 841 19.09 21.01 33.18
N VAL F 842 19.24 21.58 34.38
CA VAL F 842 19.34 23.02 34.54
C VAL F 842 20.49 23.28 35.51
N GLU F 843 21.32 24.26 35.18
CA GLU F 843 22.39 24.67 36.07
C GLU F 843 22.31 26.16 36.29
N GLU F 844 22.36 26.56 37.57
CA GLU F 844 22.36 27.96 37.97
C GLU F 844 23.73 28.30 38.55
N ASN F 845 24.35 29.35 38.02
CA ASN F 845 25.61 29.85 38.55
C ASN F 845 25.37 31.28 39.01
N TRP F 846 25.24 31.44 40.33
CA TRP F 846 25.08 32.73 40.95
C TRP F 846 26.47 33.16 41.36
N GLN F 847 26.90 34.32 40.91
CA GLN F 847 28.26 34.79 41.18
C GLN F 847 28.22 36.30 41.37
N LEU F 848 28.95 36.79 42.36
CA LEU F 848 29.15 38.23 42.50
C LEU F 848 30.30 38.66 41.61
N ASP F 849 30.07 39.66 40.77
CA ASP F 849 31.07 40.16 39.82
C ASP F 849 31.07 41.67 39.95
N GLY F 850 32.15 42.22 40.55
CA GLY F 850 32.26 43.66 40.79
C GLY F 850 31.05 44.27 41.49
N GLY F 851 30.60 43.66 42.58
CA GLY F 851 29.43 44.13 43.33
C GLY F 851 28.08 43.65 42.79
N GLU F 852 28.02 43.35 41.49
CA GLU F 852 26.76 42.95 40.89
C GLU F 852 26.53 41.46 41.03
N LEU F 853 25.27 41.07 41.27
CA LEU F 853 24.92 39.67 41.35
C LEU F 853 24.57 39.19 39.93
N CYS F 854 25.37 38.27 39.41
CA CYS F 854 25.17 37.65 38.11
C CYS F 854 24.55 36.28 38.29
N LEU F 855 23.58 35.95 37.45
CA LEU F 855 22.99 34.65 37.46
C LEU F 855 22.97 34.13 36.02
N ARG F 856 23.72 33.06 35.78
CA ARG F 856 23.70 32.36 34.49
C ARG F 856 22.89 31.08 34.64
N ILE F 857 21.87 30.89 33.80
CA ILE F 857 21.05 29.67 33.88
C ILE F 857 21.18 28.91 32.56
N ASP F 858 21.77 27.71 32.61
CA ASP F 858 21.92 26.86 31.42
C ASP F 858 20.90 25.72 31.44
N ILE F 859 20.09 25.67 30.40
CA ILE F 859 19.02 24.70 30.27
C ILE F 859 19.42 23.72 29.15
N THR F 860 19.59 22.43 29.50
CA THR F 860 20.13 21.41 28.58
C THR F 860 19.22 20.16 28.56
N PRO F 861 18.25 20.11 27.62
CA PRO F 861 17.30 18.99 27.51
C PRO F 861 17.96 17.66 27.16
N SER F 862 17.38 16.54 27.60
CA SER F 862 17.82 15.23 27.13
C SER F 862 17.49 15.05 25.63
N ALA F 863 17.98 13.96 25.03
CA ALA F 863 17.74 13.64 23.62
C ALA F 863 16.38 13.33 22.99
C ALA F 863 16.35 13.04 23.81
N GLY F 864 15.47 12.67 23.70
N GLY F 864 15.61 12.78 22.75
CA GLY F 864 14.34 12.10 22.95
C GLY F 864 13.10 12.98 22.82
N TRP F 865 13.17 14.25 23.19
CA TRP F 865 11.98 15.11 23.11
C TRP F 865 11.56 15.34 21.66
N ASN F 866 10.34 15.03 21.32
CA ASN F 866 9.95 15.13 19.93
C ASN F 866 8.55 15.71 19.85
N LEU F 867 8.39 16.96 20.29
CA LEU F 867 7.13 17.70 20.18
C LEU F 867 7.45 19.18 20.28
N VAL F 868 6.52 20.03 19.88
CA VAL F 868 6.64 21.48 20.07
C VAL F 868 6.57 21.77 21.56
N TRP F 869 7.32 22.76 22.02
CA TRP F 869 7.27 23.16 23.42
C TRP F 869 6.53 24.51 23.49
N PRO F 870 5.67 24.70 24.51
CA PRO F 870 4.98 25.98 24.66
C PRO F 870 5.93 27.18 24.92
N ARG F 871 6.96 26.95 25.73
CA ARG F 871 7.89 27.98 26.13
C ARG F 871 9.13 27.32 26.73
N ILE F 872 10.20 28.09 26.81
CA ILE F 872 11.35 27.67 27.61
C ILE F 872 11.68 28.86 28.51
N GLY F 873 11.47 28.71 29.81
CA GLY F 873 11.72 29.84 30.71
C GLY F 873 11.83 29.41 32.15
N VAL F 874 11.98 30.40 33.04
CA VAL F 874 12.00 30.14 34.46
C VAL F 874 10.98 31.00 35.17
N ARG F 875 10.42 30.46 36.23
CA ARG F 875 9.41 31.17 37.00
C ARG F 875 9.98 31.55 38.37
N TRP F 876 9.57 32.73 38.85
CA TRP F 876 9.92 33.22 40.18
C TRP F 876 8.60 33.50 40.90
N ASP F 877 8.49 33.09 42.16
CA ASP F 877 7.26 33.25 42.95
C ASP F 877 7.46 34.44 43.89
N LEU F 878 6.64 35.47 43.72
CA LEU F 878 6.85 36.76 44.40
C LEU F 878 5.65 37.10 45.28
N PRO F 879 5.79 38.12 46.18
CA PRO F 879 4.61 38.61 46.94
C PRO F 879 3.53 39.14 46.00
N THR F 880 2.27 39.08 46.43
CA THR F 880 1.15 39.55 45.60
C THR F 880 1.18 41.04 45.34
N ASP F 881 1.87 41.82 46.17
CA ASP F 881 1.96 43.27 45.89
C ASP F 881 2.94 43.65 44.77
N VAL F 882 3.63 42.67 44.20
CA VAL F 882 4.36 42.92 42.95
C VAL F 882 3.32 43.01 41.83
N ASP F 883 3.12 44.22 41.31
CA ASP F 883 1.87 44.55 40.58
C ASP F 883 2.03 45.38 39.31
N GLY F 884 3.25 45.44 38.78
CA GLY F 884 3.53 46.18 37.55
C GLY F 884 4.99 46.06 37.16
N ALA F 885 5.29 46.48 35.94
CA ALA F 885 6.66 46.37 35.42
C ALA F 885 6.92 47.53 34.48
N ALA F 886 8.17 47.96 34.44
CA ALA F 886 8.68 48.82 33.38
C ALA F 886 9.79 48.03 32.69
N TRP F 887 9.98 48.25 31.39
CA TRP F 887 11.01 47.51 30.66
C TRP F 887 11.48 48.27 29.46
N PHE F 888 12.66 47.92 28.99
CA PHE F 888 13.13 48.45 27.72
C PHE F 888 13.21 47.23 26.81
N GLY F 889 12.43 47.25 25.74
CA GLY F 889 12.30 46.08 24.89
C GLY F 889 11.08 46.28 24.03
N ALA F 890 10.55 45.20 23.46
CA ALA F 890 9.40 45.29 22.54
C ALA F 890 8.08 45.60 23.30
N GLY F 891 7.27 46.50 22.74
CA GLY F 891 5.99 46.85 23.35
C GLY F 891 5.22 47.87 22.52
N PRO F 892 4.18 48.48 23.12
CA PRO F 892 3.88 48.30 24.54
C PRO F 892 3.07 47.07 24.91
N ARG F 893 2.47 46.38 23.94
CA ARG F 893 1.60 45.20 24.20
C ARG F 893 2.36 43.88 24.08
N GLU F 894 1.69 42.79 24.43
CA GLU F 894 2.26 41.44 24.34
C GLU F 894 2.67 41.19 22.90
N SER F 895 3.70 40.38 22.71
CA SER F 895 4.12 40.01 21.37
C SER F 895 4.71 38.61 21.37
N TYR F 896 4.57 37.92 20.23
CA TYR F 896 4.98 36.52 20.11
C TYR F 896 5.73 36.39 18.77
N PRO F 897 6.48 35.29 18.57
CA PRO F 897 7.32 35.25 17.36
C PRO F 897 6.63 35.52 16.00
N ASP F 898 5.40 35.07 15.84
CA ASP F 898 4.66 35.38 14.60
C ASP F 898 3.71 36.60 14.70
N SER F 899 3.87 37.39 15.78
CA SER F 899 3.08 38.60 15.96
C SER F 899 3.97 39.67 16.62
N MET F 900 4.90 40.20 15.84
CA MET F 900 5.82 41.29 16.25
C MET F 900 5.62 42.65 15.56
N HIS F 901 4.71 42.77 14.60
CA HIS F 901 4.73 43.96 13.73
C HIS F 901 4.34 45.24 14.45
N ALA F 902 3.43 45.13 15.40
CA ALA F 902 2.95 46.29 16.12
C ALA F 902 3.75 46.59 17.39
N THR F 903 5.02 46.19 17.44
CA THR F 903 5.83 46.46 18.61
C THR F 903 6.83 47.52 18.23
N MET F 904 7.31 48.26 19.23
CA MET F 904 8.47 49.14 19.08
C MET F 904 9.40 48.83 20.22
N VAL F 905 10.69 48.91 19.96
CA VAL F 905 11.72 48.86 20.99
C VAL F 905 11.83 50.25 21.64
N ALA F 906 11.45 50.30 22.91
CA ALA F 906 11.36 51.56 23.66
C ALA F 906 11.24 51.25 25.16
N ARG F 907 11.24 52.30 26.00
CA ARG F 907 10.85 52.14 27.41
C ARG F 907 9.33 52.10 27.52
N HIS F 908 8.83 51.09 28.23
CA HIS F 908 7.39 50.87 28.37
C HIS F 908 7.11 50.63 29.84
N ALA F 909 5.86 50.76 30.24
CA ALA F 909 5.51 50.42 31.63
C ALA F 909 4.04 50.07 31.70
N ALA F 910 3.69 49.08 32.50
CA ALA F 910 2.29 48.68 32.60
C ALA F 910 2.00 48.06 33.97
N SER F 911 0.78 48.25 34.45
CA SER F 911 0.32 47.54 35.65
C SER F 911 -0.01 46.12 35.25
N LEU F 912 -0.25 45.22 36.21
CA LEU F 912 -0.74 43.87 35.90
C LEU F 912 -1.95 43.79 34.97
N GLU F 913 -2.96 44.64 35.22
CA GLU F 913 -4.14 44.77 34.34
C GLU F 913 -3.83 45.22 32.93
N GLU F 914 -2.85 46.10 32.78
CA GLU F 914 -2.45 46.52 31.46
C GLU F 914 -1.57 45.48 30.78
N LEU F 915 -0.84 44.68 31.56
CA LEU F 915 0.06 43.71 30.96
C LEU F 915 -0.69 42.58 30.27
N ASN F 916 -1.75 42.11 30.93
CA ASN F 916 -2.41 40.85 30.57
C ASN F 916 -3.79 41.08 29.95
N VAL F 917 -4.12 40.38 28.87
CA VAL F 917 -5.41 40.61 28.19
C VAL F 917 -6.46 39.67 28.78
N PRO F 918 -7.65 40.19 29.17
CA PRO F 918 -8.66 39.29 29.73
C PRO F 918 -9.44 38.57 28.64
N TYR F 919 -8.79 37.60 27.98
CA TYR F 919 -9.45 36.78 26.98
C TYR F 919 -10.60 36.04 27.67
N ALA F 920 -11.68 35.76 26.91
CA ALA F 920 -12.90 35.13 27.48
C ALA F 920 -12.63 33.81 28.18
N ARG F 921 -11.75 32.99 27.60
CA ARG F 921 -11.26 31.78 28.24
C ARG F 921 -9.78 32.09 28.60
N PRO F 922 -9.44 32.05 29.89
CA PRO F 922 -8.09 32.37 30.34
C PRO F 922 -7.01 31.52 29.63
N GLN F 923 -5.93 32.17 29.24
CA GLN F 923 -4.90 31.50 28.41
C GLN F 923 -3.62 32.33 28.42
N GLU F 924 -2.57 31.81 27.78
CA GLU F 924 -1.31 32.55 27.60
C GLU F 924 -1.61 33.95 27.14
N THR F 925 -1.07 34.92 27.89
CA THR F 925 -1.17 36.33 27.58
C THR F 925 -0.02 37.07 28.27
N GLY F 926 0.35 38.23 27.75
CA GLY F 926 1.21 39.14 28.52
C GLY F 926 2.70 39.08 28.26
N HIS F 927 3.14 38.12 27.43
CA HIS F 927 4.57 37.99 27.12
C HIS F 927 5.12 39.26 26.45
N ARG F 928 6.15 39.86 27.07
CA ARG F 928 6.86 40.98 26.49
C ARG F 928 8.20 40.48 25.95
N SER F 929 8.42 40.64 24.65
CA SER F 929 9.62 40.15 23.92
C SER F 929 10.86 41.08 23.92
N ASP F 930 12.04 40.48 23.71
CA ASP F 930 13.27 41.23 23.37
C ASP F 930 13.65 42.25 24.43
N VAL F 931 13.67 41.79 25.66
CA VAL F 931 13.87 42.63 26.83
C VAL F 931 15.34 42.87 27.12
N ARG F 932 15.73 44.15 27.21
CA ARG F 932 17.07 44.55 27.70
C ARG F 932 17.12 44.51 29.24
N TRP F 933 16.09 45.06 29.86
CA TRP F 933 15.97 45.03 31.31
C TRP F 933 14.50 45.18 31.68
N LEU F 934 14.16 44.72 32.88
CA LEU F 934 12.85 44.92 33.45
C LEU F 934 13.03 45.38 34.89
N GLU F 935 12.09 46.20 35.34
CA GLU F 935 11.99 46.63 36.75
C GLU F 935 10.61 46.32 37.24
N LEU F 936 10.51 45.49 38.27
CA LEU F 936 9.22 45.14 38.86
C LEU F 936 8.87 46.16 39.94
N ASP F 937 7.62 46.65 39.92
CA ASP F 937 7.09 47.52 40.97
C ASP F 937 6.48 46.69 42.06
N ARG F 938 6.64 47.13 43.31
CA ARG F 938 5.93 46.55 44.42
C ARG F 938 5.06 47.67 44.97
N ALA F 939 3.75 47.46 44.96
CA ALA F 939 2.78 48.50 45.35
C ALA F 939 3.01 49.80 44.57
N GLY F 940 3.32 49.65 43.30
CA GLY F 940 3.45 50.79 42.42
C GLY F 940 4.78 51.52 42.53
N ALA F 941 5.73 51.04 43.33
CA ALA F 941 7.08 51.63 43.41
C ALA F 941 8.18 50.63 42.95
N PRO F 942 9.21 51.13 42.22
CA PRO F 942 10.30 50.26 41.74
C PRO F 942 10.98 49.44 42.86
N TRP F 943 11.10 48.13 42.65
CA TRP F 943 11.60 47.22 43.68
C TRP F 943 12.81 46.39 43.21
N LEU F 944 12.68 45.73 42.07
CA LEU F 944 13.73 44.84 41.61
C LEU F 944 14.03 45.14 40.16
N ARG F 945 15.32 45.18 39.83
CA ARG F 945 15.77 45.36 38.47
C ARG F 945 16.48 44.08 37.95
N ILE F 946 16.12 43.68 36.74
CA ILE F 946 16.80 42.54 36.15
C ILE F 946 17.28 43.00 34.80
N ASP F 947 18.59 42.92 34.59
CA ASP F 947 19.18 43.22 33.29
C ASP F 947 19.52 41.90 32.62
N ALA F 948 19.19 41.77 31.33
CA ALA F 948 19.45 40.54 30.61
C ALA F 948 20.43 40.77 29.48
N GLU F 949 21.42 39.90 29.38
CA GLU F 949 22.42 39.99 28.35
C GLU F 949 22.04 39.00 27.25
N PRO F 950 22.27 39.39 25.98
CA PRO F 950 21.99 38.50 24.85
C PRO F 950 22.83 37.22 24.93
N ASP F 951 22.28 36.10 24.47
CA ASP F 951 23.02 34.83 24.47
C ASP F 951 24.04 34.83 23.31
N ALA F 952 24.77 33.73 23.12
CA ALA F 952 25.79 33.69 22.05
C ALA F 952 25.23 34.06 20.69
N ALA F 953 24.00 33.65 20.41
CA ALA F 953 23.39 33.90 19.11
C ALA F 953 22.77 35.29 19.00
N GLY F 954 22.90 36.11 20.05
CA GLY F 954 22.34 37.46 20.02
C GLY F 954 20.87 37.52 20.45
N ARG F 955 20.34 36.39 20.94
CA ARG F 955 18.93 36.34 21.32
C ARG F 955 18.68 36.90 22.72
N ARG F 956 17.60 37.69 22.87
CA ARG F 956 17.26 38.31 24.15
C ARG F 956 16.00 37.66 24.75
N PRO F 957 15.87 37.58 26.10
CA PRO F 957 14.71 36.90 26.67
C PRO F 957 13.47 37.82 26.71
N GLY F 958 12.32 37.29 27.10
CA GLY F 958 11.11 38.10 27.33
C GLY F 958 10.64 37.83 28.75
N PHE F 959 9.59 38.51 29.18
CA PHE F 959 9.02 38.24 30.50
C PHE F 959 7.50 38.37 30.48
N SER F 960 6.87 37.77 31.49
CA SER F 960 5.44 37.91 31.76
C SER F 960 5.31 38.03 33.26
N LEU F 961 4.31 38.78 33.70
CA LEU F 961 4.00 38.85 35.14
C LEU F 961 2.52 38.47 35.30
N ALA F 962 2.21 37.51 36.16
CA ALA F 962 0.85 36.97 36.32
C ALA F 962 0.49 36.86 37.79
N ARG F 963 -0.80 36.81 38.09
CA ARG F 963 -1.32 36.62 39.46
C ARG F 963 -1.56 35.13 39.75
N HIS F 964 -1.37 34.30 38.72
CA HIS F 964 -1.60 32.88 38.82
C HIS F 964 -0.57 32.11 37.97
N THR F 965 -0.35 30.86 38.29
CA THR F 965 0.61 30.06 37.49
C THR F 965 -0.05 29.72 36.16
N ALA F 966 0.73 29.35 35.16
CA ALA F 966 0.16 28.90 33.87
C ALA F 966 -0.76 27.67 34.06
N GLN F 967 -0.48 26.83 35.06
CA GLN F 967 -1.33 25.65 35.36
C GLN F 967 -2.72 26.04 35.89
N GLU F 968 -2.78 27.00 36.81
CA GLU F 968 -4.06 27.51 37.33
C GLU F 968 -4.87 28.21 36.25
N ILE F 969 -4.20 28.98 35.41
CA ILE F 969 -4.89 29.70 34.32
C ILE F 969 -5.51 28.68 33.37
N ALA F 970 -4.75 27.65 33.02
CA ALA F 970 -5.22 26.63 32.09
C ALA F 970 -6.45 25.87 32.62
N ALA F 971 -6.54 25.72 33.94
CA ALA F 971 -7.67 25.05 34.57
C ALA F 971 -8.97 25.87 34.63
N ALA F 972 -8.92 27.19 34.45
CA ALA F 972 -10.11 28.05 34.62
C ALA F 972 -10.82 28.28 33.29
N GLY F 973 -12.14 28.06 33.27
CA GLY F 973 -12.97 28.34 32.09
C GLY F 973 -13.25 29.82 31.86
N HIS F 974 -13.32 30.60 32.93
CA HIS F 974 -13.59 32.03 32.86
C HIS F 974 -12.71 32.69 33.94
N PRO F 975 -12.35 33.96 33.76
CA PRO F 975 -11.53 34.67 34.77
C PRO F 975 -12.08 34.58 36.22
N HIS F 976 -13.39 34.73 36.39
CA HIS F 976 -13.99 34.68 37.74
C HIS F 976 -13.83 33.29 38.38
N GLU F 977 -13.39 32.28 37.62
CA GLU F 977 -13.17 30.96 38.19
C GLU F 977 -11.77 30.78 38.79
N LEU F 978 -10.90 31.79 38.65
CA LEU F 978 -9.53 31.69 39.17
C LEU F 978 -9.57 31.90 40.69
N PRO F 979 -8.73 31.14 41.45
CA PRO F 979 -8.70 31.30 42.90
C PRO F 979 -8.14 32.68 43.29
N THR F 980 -8.36 33.08 44.54
CA THR F 980 -7.71 34.28 45.09
C THR F 980 -6.18 34.11 44.99
N PRO F 981 -5.47 35.11 44.43
CA PRO F 981 -4.01 34.98 44.26
C PRO F 981 -3.24 34.81 45.57
N SER F 982 -2.27 33.92 45.57
CA SER F 982 -1.38 33.75 46.73
C SER F 982 0.03 34.27 46.45
N HIS F 983 0.37 34.45 45.16
CA HIS F 983 1.63 35.06 44.73
C HIS F 983 1.43 35.89 43.47
N SER F 984 2.45 36.67 43.14
CA SER F 984 2.62 37.17 41.78
C SER F 984 3.73 36.29 41.19
N TYR F 985 3.65 36.03 39.90
CA TYR F 985 4.61 35.12 39.27
C TYR F 985 5.29 35.85 38.13
N LEU F 986 6.62 35.88 38.16
CA LEU F 986 7.39 36.38 37.04
C LEU F 986 7.92 35.18 36.27
N TYR F 987 7.58 35.12 34.98
CA TYR F 987 8.22 34.19 34.06
C TYR F 987 9.25 34.95 33.22
N VAL F 988 10.48 34.44 33.17
CA VAL F 988 11.47 35.01 32.28
C VAL F 988 11.69 33.94 31.23
N ASP F 989 11.28 34.22 29.99
CA ASP F 989 11.25 33.19 28.94
C ASP F 989 12.39 33.39 27.94
N ALA F 990 13.18 32.35 27.73
CA ALA F 990 14.15 32.33 26.62
C ALA F 990 13.39 32.29 25.31
N ALA F 991 12.27 31.57 25.32
CA ALA F 991 11.49 31.34 24.10
C ALA F 991 10.02 31.13 24.39
N GLN F 992 9.18 31.56 23.47
CA GLN F 992 7.76 31.23 23.44
C GLN F 992 7.41 30.73 22.03
N HIS F 993 6.51 29.77 21.99
CA HIS F 993 5.94 29.23 20.75
C HIS F 993 5.06 30.30 20.09
N GLY F 994 4.95 30.24 18.76
CA GLY F 994 4.10 31.16 17.99
C GLY F 994 2.63 30.95 18.28
N LEU F 995 1.78 31.75 17.61
CA LEU F 995 0.32 31.74 17.83
C LEU F 995 -0.47 31.01 16.73
N GLY F 996 -0.14 31.27 15.47
CA GLY F 996 -0.84 30.64 14.32
C GLY F 996 -2.32 30.98 14.36
N SER F 997 -3.17 30.09 13.84
CA SER F 997 -4.60 30.27 13.93
C SER F 997 -5.30 28.91 13.83
N ARG F 998 -4.71 27.91 14.49
CA ARG F 998 -5.18 26.51 14.28
C ARG F 998 -6.57 26.21 14.88
N ALA F 999 -7.09 27.13 15.69
CA ALA F 999 -8.48 27.01 16.16
C ALA F 999 -9.38 26.92 14.91
N CYS F 1000 -8.98 27.63 13.85
CA CYS F 1000 -9.65 27.55 12.56
C CYS F 1000 -8.76 28.17 11.50
N GLY F 1001 -7.84 27.37 10.96
CA GLY F 1001 -6.87 27.87 10.04
C GLY F 1001 -5.52 27.19 10.23
N PRO F 1002 -4.49 27.69 9.55
CA PRO F 1002 -3.12 27.15 9.53
C PRO F 1002 -2.49 27.10 10.94
N ASP F 1003 -1.68 26.07 11.17
CA ASP F 1003 -0.85 25.94 12.37
C ASP F 1003 0.20 27.04 12.29
N VAL F 1004 0.91 27.26 13.39
CA VAL F 1004 2.03 28.21 13.45
C VAL F 1004 3.01 27.89 12.31
N TRP F 1005 3.36 28.92 11.55
CA TRP F 1005 4.25 28.76 10.40
C TRP F 1005 5.61 28.31 10.96
N PRO F 1006 6.27 27.29 10.35
CA PRO F 1006 7.46 26.65 11.00
C PRO F 1006 8.58 27.60 11.47
N ASP F 1007 8.75 28.72 10.79
CA ASP F 1007 9.76 29.69 11.19
C ASP F 1007 9.55 30.24 12.59
N PHE F 1008 8.33 30.06 13.13
CA PHE F 1008 7.94 30.73 14.39
C PHE F 1008 7.51 29.70 15.45
N ALA F 1009 7.68 28.42 15.11
CA ALA F 1009 7.29 27.33 15.98
C ALA F 1009 8.44 26.92 16.91
N LEU F 1010 8.13 26.63 18.18
CA LEU F 1010 9.19 26.35 19.14
C LEU F 1010 9.40 24.86 19.23
N ARG F 1011 10.59 24.39 18.87
CA ARG F 1011 10.96 22.99 19.07
C ARG F 1011 12.07 22.90 20.15
N PRO F 1012 12.23 21.73 20.79
CA PRO F 1012 13.20 21.63 21.89
C PRO F 1012 14.60 22.11 21.48
N GLU F 1013 15.19 22.89 22.37
CA GLU F 1013 16.53 23.47 22.17
C GLU F 1013 17.13 23.73 23.54
N ALA F 1014 18.46 23.82 23.58
CA ALA F 1014 19.12 24.23 24.81
C ALA F 1014 19.17 25.75 24.82
N ARG F 1015 18.96 26.37 25.97
CA ARG F 1015 19.00 27.83 26.03
C ARG F 1015 19.77 28.28 27.25
N THR F 1016 20.26 29.52 27.20
CA THR F 1016 20.92 30.11 28.35
C THR F 1016 20.32 31.48 28.68
N LEU F 1017 20.11 31.77 29.97
CA LEU F 1017 19.70 33.10 30.42
C LEU F 1017 20.86 33.71 31.20
N LYS F 1018 21.18 34.97 30.91
CA LYS F 1018 22.32 35.67 31.50
C LYS F 1018 21.75 36.90 32.14
N LEU F 1019 21.64 36.90 33.46
CA LEU F 1019 20.90 37.94 34.16
C LEU F 1019 21.82 38.59 35.20
N ARG F 1020 21.50 39.85 35.51
CA ARG F 1020 22.10 40.57 36.63
C ARG F 1020 20.97 41.17 37.42
N ILE F 1021 20.98 40.97 38.73
CA ILE F 1021 19.81 41.26 39.57
C ILE F 1021 20.21 42.29 40.61
N SER F 1022 19.45 43.37 40.69
CA SER F 1022 19.77 44.45 41.62
C SER F 1022 18.51 45.07 42.21
N PRO F 1023 18.62 45.66 43.43
CA PRO F 1023 17.54 46.51 43.95
C PRO F 1023 17.28 47.64 42.98
N ALA F 1024 16.01 47.97 42.72
CA ALA F 1024 15.70 48.95 41.71
C ALA F 1024 15.96 50.30 42.33
#